data_8IMJ
#
_entry.id   8IMJ
#
loop_
_entity.id
_entity.type
_entity.pdbx_description
1 polymer ApcE
2 polymer ApcA2
3 polymer ApcB3
4 polymer ApcB2
5 polymer ApcC2
6 non-polymer PHYCOCYANOBILIN
#
loop_
_entity_poly.entity_id
_entity_poly.type
_entity_poly.pdbx_seq_one_letter_code
_entity_poly.pdbx_strand_id
1 'polypeptide(L)'
;MPIKGTSGSNIARPRFYNTVMVETIEGANAEERYFNPGELSSMAGFFNDAQRRLAIVQILTTNAEAIVSRAAGRIFTGGS
PMAFSVQQANRQKDAEKERVSARVVQAESEQPIGNEVVIEDKGGFLERLKSFFSYGGAEVETPGFRPIPIAVYGPERMQK
SLRDLDWFLRYVNYSLVAGDSNMILLNCLGLREILEKACSIDATIVAVQEMRRAATGYLKSNDDKELVGSYFDVIIRSLN
ADKSDTPADVVRPSSPDRAGLVLPAIYALAGQSRPAFKMSRTLTSAEKERVVRAAYRQVFERDILAYGQSISYLDSKVKN
GEISVKEFIRLLGKSELYRKQFFEPFINSRVLELAFKHFLGRAPESRTEVQNYYSIVAAQGLGGLVDALVDGEEYGRIFG
EDTVPFIRDLGQEAQPSWNWGAAYSLYNYAAPRRKVPQFITLYADYVKPLPNQHPYGSGNDPLEIQFGAIFKSETKAPSA
RPAPIGKDVQRILIRSGNPITNERGNPAGGISDKTSLSPQIFKLTQDNRRIRGKSGKGSLITNAGAGSVEVNVQAVIRAA
YQQVFGRQLYEGQHLSVSEIKLENGEISVKEFVRDLATSEIFRKLYWQNFYVCKSIEYIHRRLLGRPTYGRDETNRYYDL
AFKKGFAGVVNAILDTMEYAEVFGDDVVPYERYVTPAGLNLRKLRAGTVPTLPSFEETPKFIEKGTAPDRALPQIRSAIN
QGVSKKRDQRKIFSTVGIQTSLASRTEFDALIRAAYRQVFERDMDSYRITEVFSVLETKLRNREITTKEFIQALASSDLY
RKQFFEPYPPTKNVELSLKHLLGRATKDQAELRKYNQIIATQGFKPFINAILDSKEYGEVFGDGTVPYNRYPTLPAANFP
NTEILYNQLTKQSAEVVVPSFKPVTSPRGMDMSQTPLMLQAMGDIAEAEQEVALQKPLFIQKGKALRGAEGDPYTIGTRR
SPKPIFWVPQGGTNPTEFQNVIRAAYRQVFERDVPDYQRLSYPESRLKNGEISMREFIRQLAESDLYRKQFYEPYPNTKV
IELLTKHFLGRAPQDQAEIQRYNRILAGKGLKVAIEEVLNSDEYTQLFGEDVVPFKRYPTLPTGTYLASVATNDEMIQQS
GSSYSPSYAGYSYPFS
;
0
2 'polypeptide(L)'
;MSVVTKAIVSADAEARYLSPGELDRIRGFVSSGERRLRVAQTLTESRERIIKQAGDQLFQKRPDLVSPGGNAYGAERTAS
CLRDLDYYLRLVTFGIVAGDVTPIEEIGVIGVKEMYRNLEVPLPGMVEAVKAMKSVATGLLSGDDSAEVGYYFDYLAGAL
A
;
A,B,C,D,E,N,O,P,Q,R,S,a,b,c,d,e,f,n,o,p,q,r,s
3 'polypeptide(L)'
;MQDVIGKVIAEYDTKGKYLDAAALDLLRSYFDSGDLRLKAAQAITANAEVIVRAASAKALHYTPVTKPGGNMYYARRYAS
CIRDLDYFLRYATYAMLADNTTLLDEYVLKGLTETYRALGVPLDISVRAINALKEVVAGQVGPKAGQEMAKYFDHLAKGL
G
;
G
4 'polypeptide(L)'
;MQDAITSVINTYDVQGKYFDTSAFDKLKAYYATGELRVRAAGTISANAATIIKEASAKLFSNQPDLVRPGGNAYTTRRYA
ACVRDMDYFLRYATYAMLAGDTSILDERVLNGLKETYNSLGVPISSTVQGIQAMKEVTGSLVGSGAAKEMGVYFDYLSSG
LS
;
H,I,J,K,L,T,U,V,W,X,Y,g,h,i,j,k,l,t,u,v,w,x,y
5 'polypeptide(L)' MTRLFKVTALIPSYKKVRGGRELQNTYFTKLVEYDRWFAEQQRIQKQGGKILSVKMVAGKPGLNTGVL M,Z,m,z
#
# COMPACT_ATOMS: atom_id res chain seq x y z
N PRO A 2 41.47 49.83 1.37
CA PRO A 2 41.51 49.71 -0.09
C PRO A 2 40.17 50.06 -0.74
N ILE A 3 40.20 50.46 -2.01
CA ILE A 3 39.00 50.77 -2.77
C ILE A 3 38.63 49.55 -3.58
N LYS A 4 37.33 49.23 -3.59
CA LYS A 4 36.87 48.07 -4.36
C LYS A 4 36.78 48.40 -5.85
N GLY A 5 36.49 49.66 -6.18
CA GLY A 5 36.35 50.07 -7.56
C GLY A 5 36.89 51.47 -7.78
N THR A 6 37.19 51.75 -9.05
CA THR A 6 37.68 53.06 -9.48
C THR A 6 36.84 53.57 -10.63
N SER A 7 36.66 54.88 -10.69
CA SER A 7 35.93 55.52 -11.78
C SER A 7 36.85 56.06 -12.87
N GLY A 8 38.13 56.24 -12.58
CA GLY A 8 39.06 56.83 -13.52
C GLY A 8 39.45 58.24 -13.15
N SER A 9 40.57 58.69 -13.70
CA SER A 9 41.10 60.02 -13.46
C SER A 9 41.21 60.78 -14.78
N ASN A 10 40.63 61.98 -14.80
CA ASN A 10 40.72 62.88 -15.93
C ASN A 10 41.84 63.90 -15.68
N ILE A 11 41.89 64.95 -16.49
CA ILE A 11 42.80 66.07 -16.28
C ILE A 11 41.93 67.29 -16.03
N ALA A 12 41.81 67.70 -14.77
CA ALA A 12 40.96 68.82 -14.43
C ALA A 12 41.61 70.15 -14.83
N ARG A 13 40.77 71.12 -15.19
CA ARG A 13 41.20 72.48 -15.50
C ARG A 13 40.57 73.43 -14.49
N PRO A 14 41.16 73.56 -13.31
CA PRO A 14 40.69 74.59 -12.38
C PRO A 14 41.01 75.97 -12.91
N ARG A 15 40.16 76.94 -12.55
CA ARG A 15 40.31 78.32 -13.01
C ARG A 15 41.00 79.11 -11.91
N PHE A 16 42.17 79.66 -12.23
CA PHE A 16 42.97 80.34 -11.22
C PHE A 16 42.48 81.77 -11.01
N TYR A 17 42.09 82.42 -12.09
CA TYR A 17 41.69 83.82 -12.17
C TYR A 17 41.23 84.04 -13.61
N ASN A 18 40.70 85.22 -13.89
CA ASN A 18 40.22 85.51 -15.24
C ASN A 18 41.05 86.59 -15.91
N THR A 19 41.34 86.37 -17.18
CA THR A 19 41.94 87.36 -18.05
C THR A 19 40.85 88.03 -18.88
N VAL A 20 41.13 89.23 -19.40
CA VAL A 20 40.18 89.90 -20.28
C VAL A 20 39.92 89.05 -21.53
N MET A 21 40.98 88.52 -22.13
CA MET A 21 40.82 87.73 -23.34
C MET A 21 40.05 86.44 -23.07
N VAL A 22 40.41 85.74 -22.00
CA VAL A 22 39.70 84.52 -21.64
C VAL A 22 38.25 84.83 -21.32
N GLU A 23 37.99 85.93 -20.62
CA GLU A 23 36.62 86.32 -20.32
C GLU A 23 35.82 86.55 -21.59
N THR A 24 36.38 87.29 -22.55
CA THR A 24 35.66 87.56 -23.80
C THR A 24 35.42 86.28 -24.58
N ILE A 25 36.43 85.43 -24.69
CA ILE A 25 36.29 84.20 -25.46
C ILE A 25 35.26 83.28 -24.83
N GLU A 26 35.28 83.16 -23.50
CA GLU A 26 34.32 82.28 -22.84
C GLU A 26 32.92 82.87 -22.86
N GLY A 27 32.80 84.19 -22.86
CA GLY A 27 31.49 84.79 -23.07
C GLY A 27 30.92 84.46 -24.44
N ALA A 28 31.77 84.50 -25.47
CA ALA A 28 31.33 84.07 -26.79
C ALA A 28 30.98 82.59 -26.81
N ASN A 29 31.79 81.76 -26.15
CA ASN A 29 31.63 80.31 -26.26
C ASN A 29 30.42 79.83 -25.47
N ALA A 30 30.11 80.48 -24.35
CA ALA A 30 28.99 80.05 -23.53
C ALA A 30 27.68 80.11 -24.30
N GLU A 31 27.54 81.11 -25.17
CA GLU A 31 26.39 81.21 -26.05
C GLU A 31 26.58 80.47 -27.36
N GLU A 32 27.70 79.76 -27.51
CA GLU A 32 27.99 78.97 -28.71
C GLU A 32 27.91 79.83 -29.97
N ARG A 33 28.55 81.00 -29.92
CA ARG A 33 28.42 81.99 -30.97
C ARG A 33 29.78 82.57 -31.34
N TYR A 34 29.75 83.46 -32.33
CA TYR A 34 30.93 84.21 -32.71
C TYR A 34 30.95 85.56 -32.00
N PHE A 35 31.96 86.36 -32.31
CA PHE A 35 32.17 87.61 -31.61
C PHE A 35 31.37 88.74 -32.23
N ASN A 36 30.66 89.47 -31.38
CA ASN A 36 29.91 90.65 -31.80
C ASN A 36 30.87 91.84 -31.93
N PRO A 37 30.44 92.92 -32.59
CA PRO A 37 31.35 94.07 -32.75
C PRO A 37 31.84 94.64 -31.44
N GLY A 38 31.03 94.59 -30.38
CA GLY A 38 31.48 95.08 -29.09
C GLY A 38 32.66 94.30 -28.54
N GLU A 39 32.59 92.97 -28.62
CA GLU A 39 33.69 92.14 -28.14
C GLU A 39 34.93 92.35 -28.99
N LEU A 40 34.76 92.47 -30.30
CA LEU A 40 35.90 92.72 -31.18
C LEU A 40 36.58 94.04 -30.84
N SER A 41 35.77 95.09 -30.64
CA SER A 41 36.32 96.40 -30.28
C SER A 41 37.03 96.34 -28.93
N SER A 42 36.44 95.63 -27.96
CA SER A 42 37.07 95.52 -26.66
C SER A 42 38.41 94.79 -26.74
N MET A 43 38.47 93.73 -27.54
CA MET A 43 39.72 93.00 -27.69
C MET A 43 40.77 93.85 -28.40
N ALA A 44 40.36 94.62 -29.42
CA ALA A 44 41.29 95.51 -30.08
C ALA A 44 41.83 96.57 -29.12
N GLY A 45 40.95 97.13 -28.29
CA GLY A 45 41.40 98.10 -27.31
C GLY A 45 42.33 97.49 -26.28
N PHE A 46 42.06 96.24 -25.89
CA PHE A 46 42.94 95.55 -24.96
C PHE A 46 44.33 95.36 -25.57
N PHE A 47 44.39 94.95 -26.84
CA PHE A 47 45.69 94.80 -27.49
C PHE A 47 46.38 96.16 -27.70
N ASN A 48 45.58 97.23 -27.79
CA ASN A 48 46.18 98.56 -27.91
C ASN A 48 46.80 99.01 -26.59
N ASP A 49 46.09 98.79 -25.49
CA ASP A 49 46.57 99.19 -24.17
C ASP A 49 47.59 98.22 -23.58
N ALA A 50 47.74 97.04 -24.18
CA ALA A 50 48.66 96.04 -23.65
C ALA A 50 50.09 96.54 -23.67
N GLN A 51 50.47 97.31 -24.69
CA GLN A 51 51.84 97.81 -24.76
C GLN A 51 52.13 98.79 -23.63
N ARG A 52 51.20 99.71 -23.36
CA ARG A 52 51.37 100.63 -22.24
C ARG A 52 51.46 99.87 -20.92
N ARG A 53 50.56 98.88 -20.73
CA ARG A 53 50.59 98.13 -19.48
C ARG A 53 51.87 97.32 -19.35
N LEU A 54 52.41 96.83 -20.47
CA LEU A 54 53.66 96.09 -20.41
C LEU A 54 54.83 96.99 -20.10
N ALA A 55 54.81 98.23 -20.60
CA ALA A 55 55.83 99.19 -20.21
C ALA A 55 55.75 99.46 -18.71
N ILE A 56 54.53 99.61 -18.19
CA ILE A 56 54.35 99.76 -16.74
C ILE A 56 54.96 98.58 -16.00
N VAL A 57 54.68 97.36 -16.48
CA VAL A 57 55.17 96.15 -15.83
C VAL A 57 56.69 96.10 -15.86
N GLN A 58 57.29 96.51 -16.98
CA GLN A 58 58.75 96.54 -17.08
C GLN A 58 59.34 97.52 -16.07
N ILE A 59 58.73 98.71 -15.96
CA ILE A 59 59.21 99.69 -14.98
C ILE A 59 59.13 99.12 -13.57
N LEU A 60 58.01 98.46 -13.25
CA LEU A 60 57.84 97.95 -11.89
C LEU A 60 58.76 96.77 -11.59
N THR A 61 59.02 95.92 -12.59
CA THR A 61 59.86 94.76 -12.33
C THR A 61 61.34 95.15 -12.27
N THR A 62 61.73 96.22 -12.97
CA THR A 62 63.10 96.70 -12.83
C THR A 62 63.34 97.24 -11.43
N ASN A 63 62.32 97.79 -10.80
CA ASN A 63 62.42 98.38 -9.47
C ASN A 63 61.72 97.54 -8.40
N ALA A 64 61.65 96.23 -8.58
CA ALA A 64 60.92 95.38 -7.64
C ALA A 64 61.61 95.32 -6.28
N GLU A 65 62.93 95.05 -6.29
CA GLU A 65 63.66 94.91 -5.04
C GLU A 65 63.63 96.22 -4.25
N ALA A 66 63.70 97.35 -4.94
CA ALA A 66 63.64 98.63 -4.26
C ALA A 66 62.34 98.79 -3.50
N ILE A 67 61.20 98.51 -4.15
CA ILE A 67 59.90 98.67 -3.51
C ILE A 67 59.75 97.71 -2.32
N VAL A 68 60.14 96.45 -2.52
CA VAL A 68 59.99 95.47 -1.45
C VAL A 68 60.86 95.83 -0.26
N SER A 69 62.12 96.19 -0.50
CA SER A 69 63.01 96.57 0.60
C SER A 69 62.53 97.84 1.28
N ARG A 70 61.97 98.77 0.51
CA ARG A 70 61.47 100.01 1.10
C ARG A 70 60.31 99.74 2.04
N ALA A 71 59.36 98.89 1.63
CA ALA A 71 58.27 98.52 2.53
C ALA A 71 58.80 97.79 3.76
N ALA A 72 59.72 96.84 3.56
CA ALA A 72 60.26 96.09 4.68
C ALA A 72 60.93 97.01 5.70
N GLY A 73 61.71 97.98 5.20
CA GLY A 73 62.33 98.94 6.10
C GLY A 73 61.32 99.83 6.78
N ARG A 74 60.26 100.21 6.07
CA ARG A 74 59.25 101.08 6.65
C ARG A 74 58.56 100.42 7.84
N ILE A 75 58.22 99.13 7.72
CA ILE A 75 57.44 98.48 8.78
C ILE A 75 58.27 97.65 9.75
N PHE A 76 59.39 97.10 9.32
CA PHE A 76 60.19 96.24 10.19
C PHE A 76 61.34 97.04 10.79
N THR A 77 61.91 96.48 11.86
CA THR A 77 62.93 97.10 12.71
C THR A 77 62.71 98.61 12.89
N PRO A 147 55.46 100.11 14.31
CA PRO A 147 56.85 99.70 14.13
C PRO A 147 57.16 98.37 14.82
N ILE A 148 57.24 97.31 14.04
CA ILE A 148 57.44 95.97 14.62
C ILE A 148 58.89 95.55 14.44
N PRO A 149 59.52 94.97 15.46
CA PRO A 149 60.94 94.63 15.36
C PRO A 149 61.18 93.37 14.53
N ILE A 150 62.35 93.33 13.89
CA ILE A 150 62.75 92.14 13.16
C ILE A 150 63.06 91.00 14.13
N ALA A 151 63.65 91.33 15.28
CA ALA A 151 64.15 90.30 16.19
C ALA A 151 63.02 89.49 16.80
N VAL A 152 61.87 90.12 17.08
CA VAL A 152 60.82 89.46 17.84
C VAL A 152 60.19 88.31 17.05
N TYR A 153 59.97 88.51 15.74
CA TYR A 153 59.38 87.45 14.94
C TYR A 153 60.31 86.26 14.78
N GLY A 154 61.55 86.51 14.37
CA GLY A 154 62.47 85.43 14.08
C GLY A 154 62.60 85.22 12.58
N PRO A 155 63.52 84.35 12.18
CA PRO A 155 63.78 84.16 10.74
C PRO A 155 62.58 83.69 9.95
N GLU A 156 61.74 82.82 10.52
CA GLU A 156 60.65 82.23 9.74
C GLU A 156 59.62 83.28 9.36
N ARG A 157 59.15 84.06 10.33
CA ARG A 157 58.13 85.06 10.04
C ARG A 157 58.68 86.20 9.19
N MET A 158 59.97 86.50 9.34
CA MET A 158 60.59 87.48 8.45
C MET A 158 60.64 86.98 7.00
N GLN A 159 60.99 85.71 6.80
CA GLN A 159 60.97 85.15 5.46
C GLN A 159 59.57 85.18 4.88
N LYS A 160 58.57 84.80 5.69
CA LYS A 160 57.19 84.85 5.24
C LYS A 160 56.79 86.27 4.85
N SER A 161 57.17 87.25 5.66
CA SER A 161 56.80 88.64 5.40
C SER A 161 57.43 89.14 4.11
N LEU A 162 58.72 88.87 3.92
CA LEU A 162 59.39 89.33 2.71
C LEU A 162 58.82 88.67 1.48
N ARG A 163 58.60 87.36 1.53
CA ARG A 163 58.04 86.67 0.36
C ARG A 163 56.61 87.13 0.11
N ASP A 164 55.90 87.57 1.16
CA ASP A 164 54.53 88.03 0.96
C ASP A 164 54.50 89.41 0.31
N LEU A 165 55.42 90.29 0.70
CA LEU A 165 55.50 91.58 0.02
C LEU A 165 55.89 91.40 -1.44
N ASP A 166 56.89 90.54 -1.69
CA ASP A 166 57.26 90.21 -3.06
C ASP A 166 56.08 89.58 -3.81
N TRP A 167 55.28 88.78 -3.11
CA TRP A 167 54.08 88.17 -3.67
C TRP A 167 53.07 89.23 -4.10
N PHE A 168 52.84 90.20 -3.23
CA PHE A 168 51.91 91.29 -3.56
C PHE A 168 52.36 92.01 -4.81
N LEU A 169 53.65 92.36 -4.90
CA LEU A 169 54.08 93.14 -6.05
C LEU A 169 54.11 92.28 -7.32
N ARG A 170 54.44 90.99 -7.18
CA ARG A 170 54.39 90.09 -8.33
C ARG A 170 52.97 89.97 -8.87
N TYR A 171 51.98 89.83 -7.98
CA TYR A 171 50.60 89.74 -8.46
C TYR A 171 50.12 91.07 -9.03
N VAL A 172 50.65 92.19 -8.53
CA VAL A 172 50.33 93.47 -9.17
C VAL A 172 50.84 93.48 -10.60
N ASN A 173 52.07 93.02 -10.81
CA ASN A 173 52.61 92.93 -12.17
C ASN A 173 51.78 92.00 -13.03
N TYR A 174 51.42 90.83 -12.50
CA TYR A 174 50.64 89.86 -13.24
C TYR A 174 49.28 90.43 -13.63
N SER A 175 48.64 91.15 -12.71
CA SER A 175 47.32 91.71 -12.99
C SER A 175 47.40 92.83 -14.01
N LEU A 176 48.45 93.65 -13.95
CA LEU A 176 48.66 94.64 -15.00
C LEU A 176 48.82 93.97 -16.36
N VAL A 177 49.49 92.82 -16.38
CA VAL A 177 49.59 92.07 -17.64
C VAL A 177 48.23 91.54 -18.09
N ALA A 178 47.49 90.93 -17.17
CA ALA A 178 46.28 90.20 -17.56
C ALA A 178 45.14 91.16 -17.90
N GLY A 179 45.26 92.42 -17.49
CA GLY A 179 44.18 93.37 -17.67
C GLY A 179 43.12 93.32 -16.59
N ASP A 180 43.32 92.53 -15.55
CA ASP A 180 42.36 92.39 -14.47
C ASP A 180 43.07 92.13 -13.15
N SER A 181 42.60 92.81 -12.10
CA SER A 181 43.08 92.60 -10.75
C SER A 181 42.27 91.52 -10.03
N ASN A 182 41.64 90.63 -10.79
CA ASN A 182 40.80 89.59 -10.19
C ASN A 182 41.62 88.63 -9.35
N MET A 183 42.83 88.31 -9.80
CA MET A 183 43.64 87.36 -9.05
C MET A 183 44.03 87.93 -7.69
N ILE A 184 44.43 89.20 -7.64
CA ILE A 184 44.71 89.83 -6.36
C ILE A 184 43.46 89.87 -5.51
N LEU A 185 42.34 90.26 -6.11
CA LEU A 185 41.08 90.32 -5.38
C LEU A 185 40.78 88.99 -4.70
N LEU A 186 40.60 87.93 -5.48
CA LEU A 186 40.22 86.64 -4.92
C LEU A 186 41.25 86.14 -3.92
N ASN A 187 42.55 86.33 -4.20
CA ASN A 187 43.55 85.85 -3.27
C ASN A 187 43.56 86.67 -1.99
N CYS A 188 42.92 87.84 -2.00
CA CYS A 188 42.85 88.64 -0.79
C CYS A 188 41.51 88.57 -0.07
N LEU A 189 40.46 87.96 -0.68
CA LEU A 189 39.21 87.80 0.06
C LEU A 189 39.36 86.92 1.30
N GLY A 190 40.40 86.10 1.36
CA GLY A 190 40.59 85.22 2.50
C GLY A 190 41.89 85.38 3.25
N LEU A 191 42.60 86.50 3.09
CA LEU A 191 43.96 86.58 3.60
C LEU A 191 44.00 87.02 5.06
N ARG A 192 43.10 87.91 5.47
CA ARG A 192 43.20 88.52 6.79
C ARG A 192 43.04 87.47 7.89
N GLU A 193 42.10 86.54 7.74
CA GLU A 193 41.89 85.52 8.76
C GLU A 193 43.10 84.61 8.89
N ILE A 194 43.77 84.33 7.78
CA ILE A 194 44.99 83.53 7.82
C ILE A 194 46.11 84.29 8.51
N LEU A 195 46.22 85.59 8.24
CA LEU A 195 47.35 86.36 8.74
C LEU A 195 47.20 86.72 10.21
N GLU A 196 45.97 86.95 10.67
CA GLU A 196 45.74 87.74 11.87
C GLU A 196 46.48 87.19 13.10
N LYS A 197 46.47 85.87 13.29
CA LYS A 197 47.02 85.31 14.52
C LYS A 197 48.52 85.54 14.63
N ALA A 198 49.26 85.37 13.54
CA ALA A 198 50.71 85.50 13.55
C ALA A 198 51.20 86.71 12.77
N CYS A 199 50.32 87.67 12.49
CA CYS A 199 50.69 88.84 11.71
C CYS A 199 49.86 90.03 12.19
N SER A 200 50.35 91.22 11.87
CA SER A 200 49.64 92.46 12.16
C SER A 200 49.00 92.96 10.87
N ILE A 201 47.66 93.06 10.89
CA ILE A 201 46.94 93.50 9.69
C ILE A 201 47.28 94.96 9.40
N ASP A 202 47.38 95.78 10.44
CA ASP A 202 47.73 97.19 10.24
C ASP A 202 49.11 97.33 9.61
N ALA A 203 50.06 96.49 10.03
CA ALA A 203 51.38 96.51 9.42
C ALA A 203 51.31 96.16 7.95
N THR A 204 50.49 95.16 7.59
CA THR A 204 50.34 94.79 6.18
C THR A 204 49.71 95.92 5.38
N ILE A 205 48.71 96.60 5.96
CA ILE A 205 48.09 97.72 5.26
C ILE A 205 49.11 98.83 5.03
N VAL A 206 49.92 99.13 6.05
CA VAL A 206 50.96 100.13 5.89
C VAL A 206 51.96 99.72 4.81
N ALA A 207 52.32 98.44 4.78
CA ALA A 207 53.27 97.96 3.78
C ALA A 207 52.71 98.10 2.38
N VAL A 208 51.44 97.74 2.19
CA VAL A 208 50.85 97.81 0.85
C VAL A 208 50.70 99.26 0.42
N GLN A 209 50.32 100.14 1.34
CA GLN A 209 50.25 101.56 1.01
C GLN A 209 51.62 102.12 0.65
N GLU A 210 52.66 101.70 1.38
CA GLU A 210 54.01 102.17 1.07
C GLU A 210 54.46 101.67 -0.30
N MET A 211 54.17 100.42 -0.62
CA MET A 211 54.49 99.90 -1.95
C MET A 211 53.70 100.63 -3.01
N ARG A 212 52.45 100.99 -2.73
CA ARG A 212 51.66 101.78 -3.66
C ARG A 212 52.34 103.12 -3.94
N ARG A 213 52.77 103.81 -2.88
CA ARG A 213 53.46 105.08 -3.06
C ARG A 213 54.74 104.91 -3.87
N ALA A 214 55.55 103.91 -3.52
CA ALA A 214 56.82 103.69 -4.23
C ALA A 214 56.57 103.39 -5.70
N ALA A 215 55.64 102.48 -6.00
CA ALA A 215 55.36 102.11 -7.39
C ALA A 215 54.80 103.30 -8.17
N THR A 216 53.89 104.06 -7.56
CA THR A 216 53.35 105.23 -8.21
C THR A 216 54.45 106.24 -8.52
N GLY A 217 55.47 106.31 -7.67
CA GLY A 217 56.56 107.25 -7.89
C GLY A 217 57.27 107.06 -9.22
N TYR A 218 57.54 105.79 -9.59
CA TYR A 218 58.37 105.54 -10.76
C TYR A 218 57.60 105.75 -12.07
N LEU A 219 56.28 105.62 -12.03
CA LEU A 219 55.51 105.57 -13.28
C LEU A 219 55.59 106.89 -14.04
N LYS A 220 55.40 108.01 -13.35
CA LYS A 220 55.47 109.34 -13.96
C LYS A 220 54.44 109.50 -15.10
N SER A 221 53.24 108.98 -14.89
CA SER A 221 52.13 109.16 -15.83
C SER A 221 50.82 109.00 -15.07
N ASN A 222 49.91 109.96 -15.25
CA ASN A 222 48.72 110.03 -14.40
C ASN A 222 47.85 108.78 -14.54
N ASP A 223 47.62 108.33 -15.77
CA ASP A 223 46.82 107.12 -15.98
C ASP A 223 47.52 105.91 -15.39
N ASP A 224 48.83 105.80 -15.60
CA ASP A 224 49.60 104.71 -15.01
C ASP A 224 49.52 104.73 -13.50
N LYS A 225 49.67 105.93 -12.91
CA LYS A 225 49.61 106.07 -11.46
C LYS A 225 48.24 105.63 -10.94
N GLU A 226 47.16 106.07 -11.60
CA GLU A 226 45.84 105.73 -11.11
C GLU A 226 45.56 104.23 -11.25
N LEU A 227 46.05 103.61 -12.34
CA LEU A 227 45.83 102.18 -12.53
C LEU A 227 46.55 101.37 -11.46
N VAL A 228 47.83 101.65 -11.24
CA VAL A 228 48.59 100.91 -10.22
C VAL A 228 48.04 101.22 -8.82
N GLY A 229 47.62 102.46 -8.60
CA GLY A 229 47.01 102.78 -7.32
C GLY A 229 45.73 102.01 -7.08
N SER A 230 44.93 101.79 -8.12
CA SER A 230 43.75 100.93 -7.98
C SER A 230 44.15 99.49 -7.71
N TYR A 231 45.20 99.00 -8.36
CA TYR A 231 45.59 97.61 -8.19
C TYR A 231 46.23 97.38 -6.83
N PHE A 232 46.58 98.45 -6.12
CA PHE A 232 46.98 98.29 -4.71
C PHE A 232 45.80 98.55 -3.78
N ASP A 233 44.94 99.49 -4.15
CA ASP A 233 43.75 99.77 -3.36
C ASP A 233 42.85 98.55 -3.27
N VAL A 234 42.93 97.65 -4.25
CA VAL A 234 42.19 96.39 -4.14
C VAL A 234 42.69 95.58 -2.96
N ILE A 235 44.01 95.55 -2.74
CA ILE A 235 44.56 94.84 -1.59
C ILE A 235 44.10 95.48 -0.29
N ILE A 236 44.25 96.81 -0.19
CA ILE A 236 43.80 97.48 1.04
C ILE A 236 42.32 97.24 1.26
N ARG A 237 41.51 97.33 0.20
CA ARG A 237 40.07 97.17 0.32
C ARG A 237 39.70 95.77 0.78
N SER A 238 40.38 94.75 0.27
CA SER A 238 40.07 93.38 0.68
C SER A 238 40.42 93.14 2.14
N LEU A 239 41.62 93.56 2.56
CA LEU A 239 41.98 93.37 3.96
C LEU A 239 41.08 94.20 4.88
N ASN A 240 40.58 95.34 4.41
CA ASN A 240 39.61 96.10 5.20
C ASN A 240 38.27 95.40 5.24
N ALA A 241 37.85 94.81 4.13
CA ALA A 241 36.55 94.16 4.06
C ALA A 241 36.51 92.93 4.95
N ASP A 242 37.65 92.26 5.13
CA ASP A 242 37.69 91.09 6.02
C ASP A 242 37.85 91.50 7.48
N LYS A 243 37.07 92.48 7.93
CA LYS A 243 37.10 92.84 9.35
C LYS A 243 36.31 91.85 10.18
N SER A 244 35.18 91.41 9.67
CA SER A 244 34.49 90.24 10.20
C SER A 244 35.19 89.00 9.65
N ASP A 245 34.57 87.84 9.79
CA ASP A 245 35.14 86.62 9.25
C ASP A 245 35.24 86.70 7.74
N THR A 246 35.93 85.71 7.16
CA THR A 246 36.00 85.59 5.72
C THR A 246 34.59 85.37 5.15
N PRO A 247 34.34 85.76 3.90
CA PRO A 247 33.00 85.59 3.34
C PRO A 247 32.55 84.14 3.39
N ALA A 248 31.27 83.94 3.67
CA ALA A 248 30.74 82.62 3.99
C ALA A 248 30.98 81.63 2.85
N ASP A 249 31.33 80.40 3.23
CA ASP A 249 31.59 79.37 2.24
C ASP A 249 30.28 78.80 1.71
N VAL A 250 30.24 78.56 0.40
CA VAL A 250 29.02 78.10 -0.23
C VAL A 250 28.82 76.61 0.07
N VAL A 251 27.62 76.26 0.54
CA VAL A 251 27.29 74.91 0.95
C VAL A 251 26.26 74.35 -0.01
N ARG A 252 26.55 73.17 -0.57
CA ARG A 252 25.58 72.49 -1.40
C ARG A 252 24.84 71.46 -0.56
N PRO A 253 23.52 71.56 -0.44
CA PRO A 253 22.77 70.59 0.35
C PRO A 253 22.57 69.29 -0.40
N SER A 254 22.36 68.22 0.35
CA SER A 254 22.21 66.90 -0.23
C SER A 254 21.11 66.15 0.49
N SER A 255 20.77 64.99 -0.05
CA SER A 255 19.82 64.08 0.55
C SER A 255 20.55 63.16 1.52
N PRO A 256 19.81 62.45 2.39
CA PRO A 256 20.47 61.53 3.32
C PRO A 256 21.27 60.43 2.64
N ASP A 257 21.17 60.28 1.32
CA ASP A 257 21.90 59.22 0.63
C ASP A 257 23.32 59.64 0.28
N ARG A 258 23.52 60.92 -0.05
CA ARG A 258 24.82 61.40 -0.49
C ARG A 258 25.34 62.49 0.44
N ALA A 259 26.63 62.77 0.33
CA ALA A 259 27.30 63.67 1.27
C ALA A 259 27.01 65.12 0.95
N GLY A 260 26.92 65.93 2.00
CA GLY A 260 26.79 67.38 1.85
C GLY A 260 28.16 68.02 1.81
N LEU A 261 28.32 68.97 0.90
CA LEU A 261 29.63 69.52 0.57
C LEU A 261 29.62 71.03 0.71
N VAL A 262 30.80 71.59 0.90
CA VAL A 262 31.01 73.03 1.09
C VAL A 262 32.06 73.48 0.09
N LEU A 263 31.89 74.68 -0.45
CA LEU A 263 32.89 75.27 -1.34
C LEU A 263 33.32 76.62 -0.80
N PRO A 264 34.62 76.87 -0.66
CA PRO A 264 35.07 78.20 -0.25
C PRO A 264 34.62 79.27 -1.22
N ALA A 265 34.23 80.42 -0.67
CA ALA A 265 33.78 81.53 -1.53
C ALA A 265 34.92 82.01 -2.42
N ILE A 266 36.16 81.85 -1.96
CA ILE A 266 37.32 82.20 -2.77
C ILE A 266 37.38 81.35 -4.04
N TYR A 267 36.96 80.09 -3.94
CA TYR A 267 37.12 79.15 -5.05
C TYR A 267 36.16 79.46 -6.19
N ALA A 268 34.96 79.94 -5.86
CA ALA A 268 33.95 80.15 -6.88
C ALA A 268 34.23 81.39 -7.72
N LEU A 269 34.66 82.48 -7.08
CA LEU A 269 34.72 83.79 -7.74
C LEU A 269 36.06 84.01 -8.44
N ALA A 270 36.44 83.02 -9.24
CA ALA A 270 37.63 83.11 -10.08
C ALA A 270 37.30 83.38 -11.54
N GLY A 271 36.05 83.72 -11.85
CA GLY A 271 35.66 84.06 -13.21
C GLY A 271 35.04 82.94 -14.01
N GLN A 272 35.08 81.71 -13.52
CA GLN A 272 34.55 80.57 -14.25
C GLN A 272 33.04 80.39 -14.09
N SER A 273 32.40 81.26 -13.32
CA SER A 273 30.97 81.13 -13.08
C SER A 273 30.19 81.19 -14.40
N ARG A 274 29.27 80.25 -14.57
CA ARG A 274 28.51 80.17 -15.80
C ARG A 274 27.49 81.30 -15.88
N PRO A 275 27.26 81.85 -17.07
CA PRO A 275 26.25 82.90 -17.21
C PRO A 275 24.84 82.32 -17.25
N ALA A 276 24.09 82.49 -16.17
CA ALA A 276 22.76 81.93 -16.08
C ALA A 276 21.82 82.61 -17.07
N PHE A 277 21.07 81.81 -17.81
CA PHE A 277 20.09 82.30 -18.76
C PHE A 277 18.74 82.34 -18.08
N LYS A 278 18.14 83.53 -18.01
CA LYS A 278 16.88 83.73 -17.31
C LYS A 278 15.89 84.43 -18.23
N MET A 279 14.62 84.02 -18.11
CA MET A 279 13.53 84.63 -18.87
C MET A 279 12.80 85.62 -17.97
N SER A 280 12.76 86.88 -18.37
CA SER A 280 12.06 87.91 -17.61
C SER A 280 10.66 88.16 -18.14
N ARG A 281 10.25 87.52 -19.23
CA ARG A 281 8.93 87.60 -19.85
C ARG A 281 8.72 88.96 -20.52
N THR A 282 9.64 89.91 -20.31
CA THR A 282 9.53 91.24 -20.89
C THR A 282 10.78 91.65 -21.64
N LEU A 283 11.75 90.75 -21.78
CA LEU A 283 12.96 91.06 -22.52
C LEU A 283 12.64 91.27 -24.00
N THR A 284 13.59 91.85 -24.72
CA THR A 284 13.43 91.92 -26.16
C THR A 284 13.58 90.53 -26.75
N SER A 285 13.02 90.35 -27.95
CA SER A 285 12.94 89.01 -28.53
C SER A 285 14.32 88.42 -28.77
N ALA A 286 15.35 89.24 -28.86
CA ALA A 286 16.69 88.73 -29.11
C ALA A 286 17.19 87.87 -27.96
N GLU A 287 17.15 88.41 -26.74
CA GLU A 287 17.66 87.62 -25.62
C GLU A 287 16.65 86.57 -25.18
N LYS A 288 15.38 86.76 -25.52
CA LYS A 288 14.42 85.66 -25.36
C LYS A 288 14.83 84.46 -26.21
N GLU A 289 15.14 84.71 -27.49
CA GLU A 289 15.64 83.64 -28.34
C GLU A 289 16.96 83.10 -27.83
N ARG A 290 17.79 83.97 -27.24
CA ARG A 290 19.05 83.52 -26.65
C ARG A 290 18.81 82.51 -25.54
N VAL A 291 17.86 82.79 -24.65
CA VAL A 291 17.53 81.86 -23.57
C VAL A 291 16.93 80.58 -24.13
N VAL A 292 16.09 80.68 -25.16
CA VAL A 292 15.51 79.50 -25.77
C VAL A 292 16.58 78.61 -26.37
N ARG A 293 17.54 79.21 -27.08
CA ARG A 293 18.64 78.44 -27.66
C ARG A 293 19.47 77.79 -26.57
N ALA A 294 19.69 78.50 -25.46
CA ALA A 294 20.44 77.91 -24.35
C ALA A 294 19.69 76.71 -23.77
N ALA A 295 18.37 76.81 -23.66
CA ALA A 295 17.59 75.69 -23.16
C ALA A 295 17.68 74.48 -24.09
N TYR A 296 17.62 74.72 -25.40
CA TYR A 296 17.77 73.63 -26.35
C TYR A 296 19.16 73.01 -26.26
N ARG A 297 20.18 73.84 -26.11
CA ARG A 297 21.55 73.33 -25.97
C ARG A 297 21.70 72.48 -24.73
N GLN A 298 21.07 72.89 -23.63
CA GLN A 298 21.21 72.13 -22.39
C GLN A 298 20.46 70.81 -22.46
N VAL A 299 19.22 70.82 -22.95
CA VAL A 299 18.42 69.61 -22.93
C VAL A 299 18.91 68.61 -23.97
N PHE A 300 19.28 69.08 -25.16
CA PHE A 300 19.64 68.19 -26.26
C PHE A 300 21.13 68.07 -26.47
N GLU A 301 21.95 68.63 -25.59
CA GLU A 301 23.41 68.62 -25.59
C GLU A 301 23.99 69.43 -26.74
N ARG A 302 23.17 69.97 -27.64
CA ARG A 302 23.64 70.83 -28.72
C ARG A 302 22.43 71.49 -29.34
N ASP A 303 22.67 72.62 -29.99
CA ASP A 303 21.58 73.33 -30.65
C ASP A 303 21.08 72.52 -31.83
N ILE A 304 19.90 71.92 -31.66
CA ILE A 304 19.30 71.10 -32.71
C ILE A 304 18.60 71.93 -33.78
N LEU A 305 18.68 73.26 -33.69
CA LEU A 305 18.24 74.10 -34.79
C LEU A 305 19.20 74.00 -35.97
N ALA A 306 20.39 73.43 -35.74
CA ALA A 306 21.29 73.13 -36.85
C ALA A 306 20.70 72.05 -37.75
N TYR A 307 19.74 71.28 -37.23
CA TYR A 307 18.97 70.35 -38.04
C TYR A 307 17.62 70.92 -38.45
N GLY A 308 17.34 72.17 -38.11
CA GLY A 308 16.02 72.72 -38.34
C GLY A 308 14.96 72.20 -37.41
N GLN A 309 15.34 71.49 -36.37
CA GLN A 309 14.40 70.84 -35.46
C GLN A 309 14.10 71.77 -34.29
N SER A 310 12.82 72.01 -34.04
CA SER A 310 12.38 72.80 -32.92
C SER A 310 10.92 72.50 -32.65
N ILE A 311 10.46 72.89 -31.47
CA ILE A 311 9.06 72.75 -31.11
C ILE A 311 8.51 74.17 -30.98
N SER A 312 7.88 74.65 -32.06
CA SER A 312 7.60 76.07 -32.19
C SER A 312 6.62 76.56 -31.15
N TYR A 313 5.57 75.78 -30.85
CA TYR A 313 4.55 76.26 -29.92
C TYR A 313 5.11 76.36 -28.51
N LEU A 314 6.00 75.44 -28.12
CA LEU A 314 6.64 75.54 -26.82
C LEU A 314 7.52 76.78 -26.74
N ASP A 315 8.25 77.09 -27.81
CA ASP A 315 9.07 78.29 -27.84
C ASP A 315 8.21 79.54 -27.72
N SER A 316 7.09 79.58 -28.45
CA SER A 316 6.19 80.72 -28.37
C SER A 316 5.62 80.87 -26.96
N LYS A 317 5.24 79.75 -26.33
CA LYS A 317 4.69 79.81 -24.99
C LYS A 317 5.71 80.31 -23.99
N VAL A 318 6.96 79.83 -24.08
CA VAL A 318 7.97 80.23 -23.11
C VAL A 318 8.37 81.69 -23.33
N LYS A 319 8.37 82.16 -24.58
CA LYS A 319 8.68 83.56 -24.83
C LYS A 319 7.55 84.47 -24.37
N ASN A 320 6.31 84.05 -24.57
CA ASN A 320 5.17 84.90 -24.22
C ASN A 320 4.98 84.99 -22.72
N GLY A 321 5.23 83.91 -22.00
CA GLY A 321 5.05 83.88 -20.57
C GLY A 321 3.94 82.99 -20.06
N GLU A 322 3.25 82.25 -20.95
CA GLU A 322 2.25 81.30 -20.47
C GLU A 322 2.88 80.23 -19.60
N ILE A 323 4.04 79.71 -20.03
CA ILE A 323 4.76 78.70 -19.29
C ILE A 323 6.13 79.25 -18.92
N SER A 324 6.61 78.85 -17.74
CA SER A 324 7.92 79.29 -17.28
C SER A 324 9.01 78.45 -17.94
N VAL A 325 10.26 78.79 -17.62
CA VAL A 325 11.38 78.05 -18.19
C VAL A 325 11.42 76.64 -17.63
N LYS A 326 10.99 76.47 -16.37
CA LYS A 326 10.90 75.12 -15.81
C LYS A 326 9.85 74.29 -16.53
N GLU A 327 8.67 74.87 -16.76
CA GLU A 327 7.64 74.19 -17.53
C GLU A 327 8.12 73.89 -18.94
N PHE A 328 8.82 74.85 -19.56
CA PHE A 328 9.36 74.65 -20.89
C PHE A 328 10.36 73.50 -20.92
N ILE A 329 11.24 73.42 -19.91
CA ILE A 329 12.22 72.35 -19.84
C ILE A 329 11.52 71.01 -19.68
N ARG A 330 10.50 70.94 -18.82
CA ARG A 330 9.83 69.67 -18.59
C ARG A 330 9.06 69.21 -19.83
N LEU A 331 8.39 70.15 -20.53
CA LEU A 331 7.67 69.77 -21.74
C LEU A 331 8.63 69.47 -22.87
N LEU A 332 9.82 70.05 -22.83
CA LEU A 332 10.84 69.81 -23.85
C LEU A 332 11.49 68.44 -23.65
N GLY A 333 11.61 68.02 -22.39
CA GLY A 333 12.24 66.75 -22.12
C GLY A 333 11.33 65.56 -22.38
N LYS A 334 10.02 65.75 -22.26
CA LYS A 334 9.08 64.69 -22.57
C LYS A 334 8.54 64.78 -23.98
N SER A 335 9.10 65.65 -24.81
CA SER A 335 8.65 65.80 -26.18
C SER A 335 9.03 64.58 -27.02
N GLU A 336 8.67 64.65 -28.30
CA GLU A 336 8.98 63.56 -29.22
C GLU A 336 10.45 63.59 -29.59
N LEU A 337 11.02 64.79 -29.74
CA LEU A 337 12.43 64.93 -30.07
C LEU A 337 13.31 64.28 -29.01
N TYR A 338 13.09 64.62 -27.74
CA TYR A 338 13.92 64.07 -26.69
C TYR A 338 13.77 62.56 -26.59
N ARG A 339 12.56 62.05 -26.79
CA ARG A 339 12.38 60.61 -26.82
C ARG A 339 13.19 59.99 -27.95
N LYS A 340 13.32 60.70 -29.07
CA LYS A 340 14.11 60.16 -30.17
C LYS A 340 15.61 60.15 -29.85
N GLN A 341 16.19 61.30 -29.49
CA GLN A 341 17.64 61.29 -29.31
C GLN A 341 18.08 60.59 -28.03
N PHE A 342 17.28 60.65 -26.97
CA PHE A 342 17.79 60.26 -25.66
C PHE A 342 16.94 59.24 -24.92
N PHE A 343 15.96 58.63 -25.56
CA PHE A 343 15.22 57.53 -24.94
C PHE A 343 15.30 56.25 -25.76
N GLU A 344 15.10 56.33 -27.07
CA GLU A 344 15.18 55.13 -27.92
C GLU A 344 16.54 54.46 -27.92
N PRO A 345 17.67 55.14 -28.12
CA PRO A 345 18.93 54.40 -28.32
C PRO A 345 19.49 53.79 -27.06
N PHE A 346 18.81 53.93 -25.92
CA PHE A 346 19.43 53.67 -24.64
C PHE A 346 18.53 52.77 -23.80
N ILE A 347 19.16 52.02 -22.89
CA ILE A 347 18.41 51.28 -21.89
C ILE A 347 18.07 52.24 -20.76
N ASN A 348 17.18 51.82 -19.85
CA ASN A 348 16.61 52.74 -18.88
C ASN A 348 17.68 53.33 -17.95
N SER A 349 18.76 52.58 -17.72
CA SER A 349 19.81 53.08 -16.84
C SER A 349 20.58 54.23 -17.47
N ARG A 350 20.97 54.08 -18.74
CA ARG A 350 21.66 55.15 -19.43
C ARG A 350 20.73 56.33 -19.67
N VAL A 351 19.45 56.06 -19.91
CA VAL A 351 18.45 57.12 -20.00
C VAL A 351 18.42 57.90 -18.70
N LEU A 352 18.43 57.20 -17.57
CA LEU A 352 18.47 57.85 -16.27
C LEU A 352 19.68 58.78 -16.15
N GLU A 353 20.87 58.27 -16.49
CA GLU A 353 22.08 59.06 -16.31
C GLU A 353 22.10 60.29 -17.20
N LEU A 354 21.74 60.12 -18.48
CA LEU A 354 21.73 61.26 -19.39
C LEU A 354 20.65 62.26 -19.01
N ALA A 355 19.54 61.79 -18.45
CA ALA A 355 18.50 62.71 -18.00
C ALA A 355 18.97 63.49 -16.79
N PHE A 356 19.69 62.84 -15.87
CA PHE A 356 20.34 63.59 -14.80
C PHE A 356 21.21 64.71 -15.35
N LYS A 357 22.07 64.38 -16.32
CA LYS A 357 22.94 65.40 -16.89
C LYS A 357 22.14 66.53 -17.54
N HIS A 358 21.04 66.20 -18.22
CA HIS A 358 20.35 67.20 -19.02
C HIS A 358 19.43 68.07 -18.19
N PHE A 359 18.81 67.52 -17.14
CA PHE A 359 17.80 68.27 -16.41
C PHE A 359 18.26 68.74 -15.04
N LEU A 360 19.25 68.10 -14.43
CA LEU A 360 19.80 68.58 -13.18
C LEU A 360 21.19 69.16 -13.34
N GLY A 361 21.81 68.97 -14.49
CA GLY A 361 23.16 69.46 -14.70
C GLY A 361 24.20 68.83 -13.81
N ARG A 362 24.02 67.57 -13.42
CA ARG A 362 25.00 66.88 -12.61
C ARG A 362 24.80 65.38 -12.78
N ALA A 363 25.81 64.64 -12.36
CA ALA A 363 25.79 63.19 -12.39
C ALA A 363 25.04 62.64 -11.19
N PRO A 364 24.51 61.42 -11.29
CA PRO A 364 23.96 60.76 -10.10
C PRO A 364 25.06 60.49 -9.09
N GLU A 365 24.74 60.68 -7.81
CA GLU A 365 25.74 60.69 -6.76
C GLU A 365 25.55 59.57 -5.74
N SER A 366 24.56 58.70 -5.93
CA SER A 366 24.29 57.67 -4.94
C SER A 366 23.69 56.46 -5.62
N ARG A 367 23.90 55.29 -5.01
CA ARG A 367 23.19 54.09 -5.43
C ARG A 367 21.71 54.22 -5.15
N THR A 368 21.35 54.86 -4.04
CA THR A 368 19.94 55.10 -3.73
C THR A 368 19.29 55.97 -4.79
N GLU A 369 20.05 56.95 -5.31
CA GLU A 369 19.47 57.89 -6.27
C GLU A 369 19.17 57.21 -7.60
N VAL A 370 20.15 56.46 -8.13
CA VAL A 370 19.91 55.72 -9.36
C VAL A 370 18.84 54.65 -9.15
N GLN A 371 18.81 54.06 -7.96
CA GLN A 371 17.78 53.08 -7.64
C GLN A 371 16.39 53.68 -7.71
N ASN A 372 16.17 54.80 -7.02
CA ASN A 372 14.86 55.43 -7.00
C ASN A 372 14.45 55.90 -8.38
N TYR A 373 15.37 56.53 -9.12
CA TYR A 373 14.98 57.05 -10.42
C TYR A 373 14.84 55.94 -11.45
N TYR A 374 15.53 54.81 -11.26
CA TYR A 374 15.26 53.66 -12.10
C TYR A 374 13.90 53.08 -11.81
N SER A 375 13.50 53.06 -10.54
CA SER A 375 12.13 52.64 -10.23
C SER A 375 11.13 53.55 -10.92
N ILE A 376 11.36 54.86 -10.85
CA ILE A 376 10.44 55.82 -11.46
C ILE A 376 10.37 55.61 -12.97
N VAL A 377 11.53 55.46 -13.64
CA VAL A 377 11.51 55.31 -15.08
C VAL A 377 10.89 53.97 -15.47
N ALA A 378 11.29 52.89 -14.80
CA ALA A 378 10.75 51.57 -15.10
C ALA A 378 9.24 51.54 -14.91
N ALA A 379 8.72 52.35 -13.98
CA ALA A 379 7.30 52.34 -13.74
C ALA A 379 6.54 53.23 -14.74
N GLN A 380 7.06 54.43 -15.02
CA GLN A 380 6.25 55.46 -15.65
C GLN A 380 6.79 55.98 -16.97
N GLY A 381 7.94 55.51 -17.45
CA GLY A 381 8.46 55.99 -18.70
C GLY A 381 9.16 57.35 -18.61
N LEU A 382 9.37 57.91 -19.80
CA LEU A 382 10.14 59.13 -19.95
C LEU A 382 9.44 60.31 -19.27
N GLY A 383 8.13 60.42 -19.43
CA GLY A 383 7.41 61.51 -18.79
C GLY A 383 7.54 61.48 -17.29
N GLY A 384 7.41 60.30 -16.69
CA GLY A 384 7.58 60.18 -15.26
C GLY A 384 8.98 60.50 -14.81
N LEU A 385 9.99 60.05 -15.56
CA LEU A 385 11.37 60.35 -15.18
C LEU A 385 11.64 61.84 -15.24
N VAL A 386 11.21 62.51 -16.31
CA VAL A 386 11.43 63.95 -16.42
C VAL A 386 10.66 64.70 -15.34
N ASP A 387 9.44 64.27 -15.05
CA ASP A 387 8.66 64.91 -14.00
C ASP A 387 9.34 64.77 -12.64
N ALA A 388 9.86 63.58 -12.34
CA ALA A 388 10.57 63.38 -11.09
C ALA A 388 11.80 64.26 -11.00
N LEU A 389 12.55 64.37 -12.09
CA LEU A 389 13.78 65.17 -12.07
C LEU A 389 13.46 66.66 -11.90
N VAL A 390 12.45 67.17 -12.61
CA VAL A 390 12.24 68.61 -12.66
C VAL A 390 11.39 69.08 -11.48
N ASP A 391 10.50 68.24 -11.00
CA ASP A 391 9.63 68.62 -9.88
C ASP A 391 10.31 68.42 -8.52
N GLY A 392 11.55 67.93 -8.50
CA GLY A 392 12.22 67.75 -7.24
C GLY A 392 12.59 69.05 -6.58
N GLU A 393 12.97 68.96 -5.31
CA GLU A 393 13.35 70.15 -4.56
C GLU A 393 14.67 70.71 -5.05
N GLU A 394 15.58 69.84 -5.49
CA GLU A 394 16.90 70.29 -5.92
C GLU A 394 16.80 71.18 -7.15
N TYR A 395 15.94 70.82 -8.11
CA TYR A 395 15.80 71.64 -9.31
C TYR A 395 15.26 73.02 -8.96
N GLY A 396 14.26 73.10 -8.09
CA GLY A 396 13.73 74.40 -7.71
C GLY A 396 14.72 75.23 -6.93
N ARG A 397 15.52 74.58 -6.08
CA ARG A 397 16.52 75.29 -5.31
C ARG A 397 17.64 75.83 -6.20
N ILE A 398 18.13 75.01 -7.12
CA ILE A 398 19.28 75.41 -7.92
C ILE A 398 18.87 76.35 -9.06
N PHE A 399 17.81 75.99 -9.77
CA PHE A 399 17.42 76.71 -10.98
C PHE A 399 16.17 77.55 -10.82
N GLY A 400 15.15 77.02 -10.17
CA GLY A 400 13.92 77.76 -10.03
C GLY A 400 13.09 77.73 -11.31
N GLU A 401 12.16 78.68 -11.38
CA GLU A 401 11.20 78.70 -12.47
C GLU A 401 11.79 79.32 -13.74
N ASP A 402 12.66 80.33 -13.60
CA ASP A 402 13.04 81.17 -14.72
C ASP A 402 14.44 80.92 -15.26
N THR A 403 15.20 80.01 -14.67
CA THR A 403 16.59 79.82 -15.06
C THR A 403 16.77 78.51 -15.80
N VAL A 404 17.50 78.56 -16.90
CA VAL A 404 17.84 77.35 -17.66
C VAL A 404 18.84 76.53 -16.86
N PRO A 405 18.73 75.20 -16.83
CA PRO A 405 19.74 74.38 -16.17
C PRO A 405 21.10 74.51 -16.83
N PHE A 406 22.15 74.36 -16.04
CA PHE A 406 23.52 74.39 -16.50
C PHE A 406 24.29 73.23 -15.86
N ILE A 407 25.45 72.93 -16.44
CA ILE A 407 26.31 71.88 -15.90
C ILE A 407 27.00 72.43 -14.67
N ARG A 408 26.86 71.73 -13.55
CA ARG A 408 27.42 72.15 -12.27
C ARG A 408 28.74 71.42 -12.02
N ASP A 409 29.71 71.70 -12.89
CA ASP A 409 31.01 71.06 -12.85
C ASP A 409 31.95 71.88 -11.98
N LEU A 410 33.26 71.61 -12.09
CA LEU A 410 34.25 72.22 -11.22
C LEU A 410 34.19 73.74 -11.27
N GLY A 411 34.28 74.35 -10.09
CA GLY A 411 34.21 75.79 -9.96
C GLY A 411 32.82 76.35 -9.77
N GLN A 412 31.80 75.71 -10.33
CA GLN A 412 30.44 76.19 -10.14
C GLN A 412 29.95 75.92 -8.72
N GLU A 413 30.24 74.73 -8.20
CA GLU A 413 29.88 74.39 -6.83
C GLU A 413 30.84 73.31 -6.36
N ALA A 414 30.61 72.82 -5.14
CA ALA A 414 31.46 71.78 -4.61
C ALA A 414 31.24 70.48 -5.37
N GLN A 415 32.33 69.79 -5.66
CA GLN A 415 32.29 68.61 -6.50
C GLN A 415 32.42 67.35 -5.68
N PRO A 416 31.56 66.35 -5.88
CA PRO A 416 31.76 65.07 -5.21
C PRO A 416 33.04 64.40 -5.69
N SER A 417 33.65 63.62 -4.80
CA SER A 417 34.87 62.91 -5.16
C SER A 417 34.57 61.47 -5.58
N TRP A 418 33.45 60.91 -5.11
CA TRP A 418 33.21 59.49 -5.28
C TRP A 418 32.78 59.15 -6.70
N ASN A 419 32.33 60.14 -7.46
CA ASN A 419 31.92 59.94 -8.84
C ASN A 419 32.71 60.82 -9.81
N TRP A 420 33.95 61.15 -9.47
CA TRP A 420 34.68 62.20 -10.20
C TRP A 420 34.88 61.82 -11.67
N GLY A 421 35.54 60.69 -11.92
CA GLY A 421 35.84 60.32 -13.28
C GLY A 421 34.60 60.03 -14.10
N ALA A 422 33.65 59.32 -13.52
CA ALA A 422 32.39 59.05 -14.23
C ALA A 422 31.63 60.35 -14.50
N ALA A 423 31.61 61.26 -13.53
CA ALA A 423 30.87 62.50 -13.74
C ALA A 423 31.49 63.33 -14.85
N TYR A 424 32.81 63.38 -14.92
CA TYR A 424 33.42 64.21 -15.94
C TYR A 424 33.52 63.49 -17.27
N SER A 425 33.28 62.17 -17.27
CA SER A 425 32.95 61.50 -18.52
C SER A 425 31.54 61.88 -18.97
N LEU A 426 30.64 62.09 -18.01
CA LEU A 426 29.26 62.44 -18.34
C LEU A 426 29.13 63.88 -18.82
N TYR A 427 29.87 64.80 -18.20
CA TYR A 427 29.86 66.19 -18.65
C TYR A 427 30.77 66.35 -19.86
N ASN A 428 30.49 65.55 -20.88
CA ASN A 428 31.28 65.54 -22.09
C ASN A 428 30.32 65.25 -23.25
N TYR A 429 30.58 65.91 -24.38
CA TYR A 429 29.68 65.75 -25.51
C TYR A 429 29.73 64.34 -26.11
N ALA A 430 30.68 63.53 -25.69
CA ALA A 430 30.74 62.13 -26.08
C ALA A 430 30.01 61.21 -25.13
N ALA A 431 29.30 61.75 -24.14
CA ALA A 431 28.53 60.91 -23.23
C ALA A 431 27.46 60.09 -23.93
N PRO A 432 26.68 60.62 -24.88
CA PRO A 432 25.73 59.75 -25.58
C PRO A 432 26.38 58.65 -26.38
N ARG A 433 27.67 58.77 -26.68
CA ARG A 433 28.34 57.75 -27.48
C ARG A 433 28.56 56.48 -26.68
N ARG A 434 28.47 56.57 -25.36
CA ARG A 434 28.57 55.40 -24.51
C ARG A 434 27.19 54.87 -24.16
N LYS A 435 26.93 53.61 -24.50
CA LYS A 435 25.63 53.00 -24.28
C LYS A 435 25.58 52.15 -23.02
N VAL A 436 26.71 51.71 -22.51
CA VAL A 436 26.73 50.97 -21.24
C VAL A 436 26.54 51.94 -20.09
N PRO A 437 25.61 51.70 -19.18
CA PRO A 437 25.49 52.57 -18.01
C PRO A 437 26.76 52.55 -17.17
N GLN A 438 27.05 53.68 -16.54
CA GLN A 438 28.32 53.84 -15.84
C GLN A 438 28.19 54.21 -14.37
N PHE A 439 26.99 54.57 -13.91
CA PHE A 439 26.86 54.98 -12.51
C PHE A 439 26.27 53.87 -11.66
N ILE A 440 25.28 53.14 -12.18
CA ILE A 440 24.82 51.95 -11.48
C ILE A 440 25.97 50.94 -11.34
N THR A 441 26.73 50.76 -12.42
CA THR A 441 27.87 49.86 -12.37
C THR A 441 28.91 50.34 -11.37
N LEU A 442 29.19 51.64 -11.36
CA LEU A 442 30.19 52.19 -10.44
C LEU A 442 29.77 52.01 -8.98
N TYR A 443 28.53 52.36 -8.68
CA TYR A 443 28.05 52.31 -7.29
C TYR A 443 27.84 50.89 -6.84
N ALA A 444 27.65 49.95 -7.77
CA ALA A 444 27.64 48.54 -7.40
C ALA A 444 29.05 48.02 -7.18
N ASP A 445 30.02 48.53 -7.95
CA ASP A 445 31.39 48.03 -7.82
C ASP A 445 32.06 48.55 -6.55
N TYR A 446 31.64 49.72 -6.07
CA TYR A 446 32.19 50.24 -4.82
C TYR A 446 31.93 49.31 -3.63
N VAL A 447 30.91 48.46 -3.71
CA VAL A 447 30.49 47.68 -2.54
C VAL A 447 30.71 46.18 -2.74
N LYS A 448 31.46 45.78 -3.75
CA LYS A 448 31.62 44.38 -4.10
C LYS A 448 33.09 44.07 -4.35
N PRO A 449 33.48 42.80 -4.24
CA PRO A 449 34.86 42.42 -4.52
C PRO A 449 35.25 42.70 -5.97
N LEU A 450 36.52 42.46 -6.26
CA LEU A 450 37.03 42.69 -7.60
C LEU A 450 36.33 41.76 -8.59
N PRO A 451 36.13 42.18 -9.82
CA PRO A 451 35.50 41.30 -10.81
C PRO A 451 36.50 40.31 -11.39
N ASN A 452 35.97 39.38 -12.17
CA ASN A 452 36.81 38.49 -12.98
C ASN A 452 37.17 39.29 -14.22
N GLN A 453 38.38 39.81 -14.25
CA GLN A 453 38.77 40.80 -15.24
C GLN A 453 40.27 40.72 -15.43
N HIS A 454 40.72 41.06 -16.63
CA HIS A 454 42.13 41.26 -16.85
C HIS A 454 42.62 42.42 -15.96
N PRO A 455 43.82 42.30 -15.39
CA PRO A 455 44.29 43.34 -14.47
C PRO A 455 44.43 44.72 -15.11
N TYR A 456 44.48 44.81 -16.43
CA TYR A 456 44.57 46.09 -17.12
C TYR A 456 43.25 46.52 -17.74
N GLY A 457 42.13 46.00 -17.25
CA GLY A 457 40.84 46.43 -17.73
C GLY A 457 40.10 45.38 -18.55
N SER A 458 38.81 45.61 -18.75
CA SER A 458 37.98 44.62 -19.45
C SER A 458 38.25 44.62 -20.95
N GLY A 459 38.82 45.71 -21.47
CA GLY A 459 39.17 45.76 -22.87
C GLY A 459 40.39 44.95 -23.25
N ASN A 460 41.09 44.40 -22.26
CA ASN A 460 42.27 43.58 -22.49
C ASN A 460 41.93 42.10 -22.60
N ASP A 461 40.65 41.74 -22.50
CA ASP A 461 40.24 40.35 -22.56
C ASP A 461 39.70 40.04 -23.94
N PRO A 462 40.31 39.13 -24.69
CA PRO A 462 39.78 38.77 -26.00
C PRO A 462 38.63 37.78 -25.89
N LEU A 463 37.75 37.82 -26.89
CA LEU A 463 36.71 36.80 -26.99
C LEU A 463 37.32 35.43 -27.18
N GLU A 464 36.86 34.48 -26.39
CA GLU A 464 37.36 33.11 -26.48
C GLU A 464 36.62 32.42 -27.62
N ILE A 465 37.02 32.75 -28.84
CA ILE A 465 36.52 32.13 -30.06
C ILE A 465 37.67 31.31 -30.65
N GLN A 466 37.36 30.58 -31.72
CA GLN A 466 38.37 29.68 -32.29
C GLN A 466 39.57 30.47 -32.82
N PHE A 467 39.32 31.52 -33.58
CA PHE A 467 40.38 32.37 -34.08
C PHE A 467 39.85 33.79 -34.19
N GLY A 468 40.76 34.76 -34.21
CA GLY A 468 40.36 36.12 -34.55
C GLY A 468 40.93 37.26 -33.73
N ALA A 469 41.16 37.07 -32.44
CA ALA A 469 41.70 38.11 -31.57
C ALA A 469 40.83 39.36 -31.57
N ILE A 470 39.62 39.22 -31.05
CA ILE A 470 38.65 40.30 -31.01
C ILE A 470 38.67 40.93 -29.62
N PHE A 471 38.93 42.23 -29.57
CA PHE A 471 38.98 42.98 -28.33
C PHE A 471 37.98 44.12 -28.36
N LYS A 472 37.54 44.54 -27.18
CA LYS A 472 36.78 45.77 -27.06
C LYS A 472 37.69 46.98 -27.28
N SER A 473 37.13 48.01 -27.91
CA SER A 473 37.87 49.23 -28.21
C SER A 473 37.40 50.35 -27.30
N GLU A 474 38.35 51.16 -26.80
CA GLU A 474 37.98 52.29 -25.96
C GLU A 474 37.19 53.34 -26.74
N THR A 475 37.30 53.32 -28.06
CA THR A 475 36.89 54.49 -28.82
C THR A 475 35.62 54.27 -29.62
N LYS A 476 35.41 53.06 -30.16
CA LYS A 476 34.18 52.80 -30.91
C LYS A 476 32.97 52.85 -29.99
N ALA A 477 33.09 52.29 -28.78
CA ALA A 477 32.08 52.43 -27.76
C ALA A 477 32.87 52.32 -26.46
N PRO A 478 32.90 53.38 -25.66
CA PRO A 478 33.83 53.39 -24.51
C PRO A 478 33.75 52.15 -23.64
N SER A 479 32.61 51.89 -23.01
CA SER A 479 32.31 50.63 -22.32
C SER A 479 33.49 50.13 -21.48
N ALA A 480 34.24 51.07 -20.92
CA ALA A 480 35.49 50.75 -20.24
C ALA A 480 35.27 50.72 -18.74
N ARG A 481 35.60 49.60 -18.11
CA ARG A 481 35.54 49.47 -16.67
C ARG A 481 36.94 49.26 -16.12
N PRO A 482 37.51 50.23 -15.41
CA PRO A 482 38.79 50.00 -14.74
C PRO A 482 38.59 49.40 -13.36
N ALA A 483 39.45 48.47 -12.97
CA ALA A 483 39.35 47.85 -11.66
C ALA A 483 40.68 47.95 -10.93
N PRO A 484 40.66 48.28 -9.64
CA PRO A 484 41.91 48.41 -8.87
C PRO A 484 42.53 47.06 -8.51
N ILE A 485 42.86 46.30 -9.54
CA ILE A 485 43.39 44.96 -9.36
C ILE A 485 44.87 45.07 -9.03
N GLY A 486 45.26 44.54 -7.88
CA GLY A 486 46.63 44.67 -7.42
C GLY A 486 47.57 43.70 -8.10
N LYS A 487 48.82 43.74 -7.64
CA LYS A 487 49.85 42.94 -8.28
C LYS A 487 49.81 41.49 -7.82
N ASP A 488 49.23 41.24 -6.64
CA ASP A 488 49.19 39.87 -6.13
C ASP A 488 47.83 39.22 -6.36
N VAL A 489 46.91 39.91 -7.03
CA VAL A 489 45.61 39.33 -7.32
C VAL A 489 45.79 38.16 -8.28
N GLN A 490 45.23 37.01 -7.92
CA GLN A 490 45.31 35.82 -8.74
C GLN A 490 43.93 35.56 -9.32
N ARG A 491 43.84 35.50 -10.65
CA ARG A 491 42.56 35.35 -11.29
C ARG A 491 42.00 33.95 -11.06
N ILE A 492 40.68 33.86 -11.03
CA ILE A 492 39.99 32.59 -10.89
C ILE A 492 39.64 32.09 -12.28
N LEU A 493 40.29 31.01 -12.69
CA LEU A 493 40.10 30.43 -14.01
C LEU A 493 39.29 29.14 -13.88
N ILE A 494 38.59 28.78 -14.94
CA ILE A 494 37.75 27.60 -14.96
C ILE A 494 38.41 26.55 -15.85
N ARG A 495 38.51 25.32 -15.35
CA ARG A 495 39.10 24.24 -16.12
C ARG A 495 38.25 23.89 -17.33
N SER A 496 38.92 23.66 -18.45
CA SER A 496 38.28 23.06 -19.62
C SER A 496 38.55 21.56 -19.52
N GLY A 497 37.85 20.90 -18.61
CA GLY A 497 38.13 19.51 -18.29
C GLY A 497 37.65 19.14 -16.90
N ASN A 498 38.33 18.21 -16.26
CA ASN A 498 37.95 17.76 -14.93
C ASN A 498 38.05 18.91 -13.93
N PRO A 499 36.97 19.27 -13.23
CA PRO A 499 37.02 20.43 -12.33
C PRO A 499 38.08 20.33 -11.25
N ILE A 500 38.32 19.13 -10.69
CA ILE A 500 39.27 19.00 -9.60
C ILE A 500 40.69 18.82 -10.09
N THR A 501 40.94 18.99 -11.38
CA THR A 501 42.29 19.06 -11.92
C THR A 501 42.81 20.48 -12.01
N ASN A 502 42.11 21.44 -11.41
CA ASN A 502 42.58 22.82 -11.41
C ASN A 502 43.84 22.97 -10.56
N GLU A 503 44.79 23.74 -11.08
CA GLU A 503 46.11 23.82 -10.45
C GLU A 503 46.04 24.49 -9.08
N ARG A 504 45.00 25.30 -8.85
CA ARG A 504 44.89 25.97 -7.57
C ARG A 504 44.69 24.98 -6.43
N GLY A 505 43.90 23.93 -6.66
CA GLY A 505 43.71 22.92 -5.64
C GLY A 505 44.62 21.72 -5.83
N ASN A 506 44.86 21.34 -7.07
CA ASN A 506 45.69 20.18 -7.38
C ASN A 506 46.91 20.65 -8.15
N PRO A 507 48.05 20.86 -7.49
CA PRO A 507 49.24 21.33 -8.23
C PRO A 507 49.73 20.35 -9.29
N ALA A 508 49.36 19.07 -9.17
CA ALA A 508 49.70 18.07 -10.16
C ALA A 508 48.57 17.82 -11.15
N GLY A 509 47.62 18.75 -11.29
CA GLY A 509 46.50 18.53 -12.16
C GLY A 509 46.84 18.63 -13.63
N GLY A 510 47.97 19.26 -13.94
CA GLY A 510 48.40 19.34 -15.33
C GLY A 510 48.81 17.99 -15.89
N ILE A 511 49.48 17.16 -15.09
CA ILE A 511 49.89 15.83 -15.52
C ILE A 511 48.86 14.78 -15.19
N SER A 512 47.66 15.18 -14.76
CA SER A 512 46.63 14.22 -14.41
C SER A 512 46.10 13.51 -15.66
N ASP A 513 45.50 12.34 -15.44
CA ASP A 513 44.93 11.59 -16.54
C ASP A 513 43.81 12.38 -17.20
N LYS A 514 43.76 12.31 -18.52
CA LYS A 514 42.76 13.08 -19.27
C LYS A 514 41.41 12.39 -19.17
N THR A 515 40.37 13.18 -18.92
CA THR A 515 39.02 12.68 -18.93
C THR A 515 38.39 12.95 -20.30
N SER A 516 37.12 12.60 -20.45
CA SER A 516 36.42 12.93 -21.68
C SER A 516 35.88 14.35 -21.65
N LEU A 517 36.06 15.05 -20.53
CA LEU A 517 35.72 16.47 -20.47
C LEU A 517 36.80 17.31 -21.13
N SER A 518 38.02 16.79 -21.18
CA SER A 518 39.15 17.54 -21.70
C SER A 518 39.13 17.52 -23.23
N PRO A 519 39.79 18.50 -23.86
CA PRO A 519 39.85 18.52 -25.32
C PRO A 519 40.65 17.35 -25.87
N GLN A 520 40.65 17.25 -27.20
CA GLN A 520 41.52 16.29 -27.86
C GLN A 520 42.97 16.68 -27.67
N ILE A 521 43.80 15.72 -27.30
CA ILE A 521 45.22 15.91 -27.11
C ILE A 521 45.94 15.28 -28.30
N PHE A 522 46.87 16.02 -28.89
CA PHE A 522 47.65 15.53 -30.02
C PHE A 522 49.10 15.41 -29.58
N LYS A 523 49.62 14.19 -29.64
CA LYS A 523 50.98 13.86 -29.25
C LYS A 523 51.67 13.16 -30.42
N LEU A 524 52.95 13.44 -30.62
CA LEU A 524 53.70 12.84 -31.72
C LEU A 524 54.67 11.81 -31.15
N THR A 525 54.32 10.54 -31.34
CA THR A 525 55.15 9.42 -30.92
C THR A 525 55.73 8.63 -32.08
N GLN A 526 55.65 9.14 -33.30
CA GLN A 526 55.99 8.38 -34.49
C GLN A 526 57.51 8.42 -34.71
N ASP A 527 58.22 7.55 -33.98
CA ASP A 527 59.61 7.17 -34.26
C ASP A 527 60.62 8.28 -33.97
N ASN A 528 60.14 9.51 -33.77
CA ASN A 528 60.95 10.65 -33.33
C ASN A 528 62.38 10.61 -33.88
N ARG A 529 62.51 10.36 -35.17
CA ARG A 529 63.82 10.14 -35.76
C ARG A 529 64.51 11.46 -36.09
N VAL A 549 53.50 8.39 -44.82
CA VAL A 549 53.14 7.03 -44.46
C VAL A 549 52.36 7.03 -43.15
N GLU A 550 52.55 8.07 -42.35
CA GLU A 550 51.86 8.23 -41.08
C GLU A 550 50.89 9.40 -41.19
N VAL A 551 49.63 9.16 -40.83
CA VAL A 551 48.63 10.23 -40.87
C VAL A 551 48.64 11.01 -39.56
N ASN A 552 49.20 10.42 -38.50
CA ASN A 552 49.25 11.10 -37.22
C ASN A 552 50.12 12.35 -37.29
N VAL A 553 51.17 12.32 -38.10
CA VAL A 553 52.02 13.50 -38.25
C VAL A 553 51.24 14.65 -38.86
N GLN A 554 50.45 14.37 -39.90
CA GLN A 554 49.65 15.42 -40.52
C GLN A 554 48.56 15.91 -39.57
N ALA A 555 47.98 14.99 -38.80
CA ALA A 555 47.00 15.39 -37.80
C ALA A 555 47.61 16.31 -36.76
N VAL A 556 48.84 15.99 -36.32
CA VAL A 556 49.52 16.83 -35.34
C VAL A 556 49.86 18.19 -35.92
N ILE A 557 50.26 18.22 -37.20
CA ILE A 557 50.54 19.49 -37.86
C ILE A 557 49.29 20.36 -37.90
N ARG A 558 48.16 19.76 -38.31
CA ARG A 558 46.92 20.51 -38.38
C ARG A 558 46.48 20.98 -37.00
N ALA A 559 46.66 20.14 -35.97
CA ALA A 559 46.33 20.55 -34.61
C ALA A 559 47.21 21.69 -34.15
N ALA A 560 48.49 21.68 -34.52
CA ALA A 560 49.38 22.77 -34.16
C ALA A 560 48.95 24.07 -34.82
N TYR A 561 48.56 24.02 -36.09
CA TYR A 561 48.03 25.21 -36.74
C TYR A 561 46.73 25.66 -36.10
N GLN A 562 45.91 24.70 -35.64
CA GLN A 562 44.62 25.04 -35.04
C GLN A 562 44.80 25.65 -33.65
N GLN A 563 45.90 25.32 -32.97
CA GLN A 563 46.12 25.90 -31.65
C GLN A 563 46.85 27.23 -31.75
N VAL A 564 47.93 27.28 -32.54
CA VAL A 564 48.72 28.50 -32.62
C VAL A 564 47.94 29.61 -33.29
N PHE A 565 47.31 29.33 -34.42
CA PHE A 565 46.59 30.35 -35.16
C PHE A 565 45.08 30.30 -34.97
N GLY A 566 44.54 29.23 -34.41
CA GLY A 566 43.11 29.07 -34.29
C GLY A 566 42.46 28.50 -35.53
N ARG A 567 43.19 28.40 -36.63
CA ARG A 567 42.64 28.00 -37.92
C ARG A 567 43.81 27.59 -38.82
N GLN A 568 43.47 26.91 -39.90
CA GLN A 568 44.46 26.65 -40.94
C GLN A 568 44.77 27.93 -41.69
N LEU A 569 46.02 28.03 -42.16
CA LEU A 569 46.42 29.17 -42.95
C LEU A 569 46.19 28.87 -44.44
N TYR A 570 46.35 29.91 -45.26
CA TYR A 570 46.28 29.73 -46.70
C TYR A 570 47.56 29.06 -47.20
N GLU A 571 47.51 28.52 -48.43
CA GLU A 571 48.59 27.65 -48.89
C GLU A 571 49.93 28.38 -48.94
N GLY A 572 49.92 29.67 -49.27
CA GLY A 572 51.17 30.39 -49.38
C GLY A 572 51.82 30.65 -48.03
N GLN A 573 51.08 30.42 -46.94
CA GLN A 573 51.54 30.84 -45.63
C GLN A 573 52.06 29.70 -44.79
N HIS A 574 52.12 28.49 -45.33
CA HIS A 574 52.51 27.33 -44.53
C HIS A 574 54.00 27.30 -44.28
N LEU A 575 54.37 26.90 -43.07
CA LEU A 575 55.77 26.73 -42.67
C LEU A 575 56.22 25.36 -43.15
N SER A 576 56.46 25.26 -44.45
CA SER A 576 56.68 23.96 -45.08
C SER A 576 57.98 23.31 -44.59
N VAL A 577 59.04 24.10 -44.43
CA VAL A 577 60.32 23.54 -44.01
C VAL A 577 60.20 22.97 -42.59
N SER A 578 59.54 23.70 -41.69
CA SER A 578 59.32 23.19 -40.34
C SER A 578 58.48 21.92 -40.37
N GLU A 579 57.47 21.88 -41.23
CA GLU A 579 56.66 20.67 -41.35
C GLU A 579 57.51 19.48 -41.77
N ILE A 580 58.35 19.67 -42.80
CA ILE A 580 59.21 18.60 -43.28
C ILE A 580 60.12 18.11 -42.17
N LYS A 581 60.74 19.05 -41.44
CA LYS A 581 61.55 18.67 -40.30
C LYS A 581 60.73 17.93 -39.26
N LEU A 582 59.42 18.19 -39.21
CA LEU A 582 58.58 17.51 -38.23
C LEU A 582 58.34 16.05 -38.61
N GLU A 583 57.99 15.75 -39.86
CA GLU A 583 57.77 14.32 -40.14
C GLU A 583 59.11 13.60 -40.23
N ASN A 584 60.17 14.31 -40.59
CA ASN A 584 61.48 13.69 -40.70
C ASN A 584 62.12 13.43 -39.34
N GLY A 585 61.67 14.09 -38.28
CA GLY A 585 62.13 13.82 -36.94
C GLY A 585 63.26 14.68 -36.43
N GLU A 586 63.68 15.71 -37.17
CA GLU A 586 64.76 16.56 -36.68
C GLU A 586 64.31 17.42 -35.51
N ILE A 587 63.08 17.90 -35.55
CA ILE A 587 62.55 18.78 -34.53
C ILE A 587 61.35 18.12 -33.88
N SER A 588 61.08 18.51 -32.64
CA SER A 588 59.94 17.99 -31.90
C SER A 588 58.71 18.86 -32.14
N VAL A 589 57.60 18.47 -31.51
CA VAL A 589 56.37 19.25 -31.63
C VAL A 589 56.54 20.63 -31.00
N LYS A 590 57.29 20.70 -29.91
CA LYS A 590 57.54 22.00 -29.28
C LYS A 590 58.30 22.93 -30.21
N GLU A 591 59.29 22.42 -30.93
CA GLU A 591 60.05 23.25 -31.85
C GLU A 591 59.19 23.65 -33.06
N PHE A 592 58.30 22.77 -33.49
CA PHE A 592 57.36 23.14 -34.55
C PHE A 592 56.44 24.27 -34.08
N VAL A 593 55.93 24.16 -32.85
CA VAL A 593 55.07 25.20 -32.30
C VAL A 593 55.84 26.51 -32.18
N ARG A 594 57.12 26.43 -31.80
CA ARG A 594 57.95 27.62 -31.71
C ARG A 594 58.16 28.25 -33.08
N ASP A 595 58.39 27.43 -34.11
CA ASP A 595 58.60 27.96 -35.46
C ASP A 595 57.31 28.59 -35.99
N LEU A 596 56.16 28.06 -35.58
CA LEU A 596 54.90 28.68 -35.94
C LEU A 596 54.69 30.00 -35.21
N ALA A 597 54.95 30.03 -33.91
CA ALA A 597 54.61 31.19 -33.10
C ALA A 597 55.60 32.33 -33.30
N THR A 598 56.83 32.02 -33.68
CA THR A 598 57.81 33.04 -34.02
C THR A 598 57.81 33.40 -35.50
N SER A 599 56.90 32.83 -36.28
CA SER A 599 56.86 33.10 -37.70
C SER A 599 56.38 34.52 -37.97
N GLU A 600 56.69 35.00 -39.17
CA GLU A 600 56.28 36.34 -39.57
C GLU A 600 54.77 36.44 -39.68
N ILE A 601 54.10 35.35 -40.07
CA ILE A 601 52.66 35.37 -40.20
C ILE A 601 51.99 35.52 -38.84
N PHE A 602 52.52 34.86 -37.81
CA PHE A 602 51.95 35.00 -36.47
C PHE A 602 52.19 36.41 -35.94
N ARG A 603 53.36 36.98 -36.22
CA ARG A 603 53.65 38.36 -35.85
C ARG A 603 52.69 39.33 -36.53
N LYS A 604 52.39 39.09 -37.81
CA LYS A 604 51.44 39.93 -38.52
C LYS A 604 50.04 39.79 -37.94
N LEU A 605 49.61 38.56 -37.66
CA LEU A 605 48.22 38.34 -37.28
C LEU A 605 47.94 38.80 -35.86
N TYR A 606 48.87 38.58 -34.93
CA TYR A 606 48.55 38.73 -33.52
C TYR A 606 49.50 39.64 -32.74
N TRP A 607 50.44 40.31 -33.38
CA TRP A 607 51.36 41.18 -32.65
C TRP A 607 51.29 42.62 -33.09
N GLN A 608 51.44 42.91 -34.39
CA GLN A 608 51.81 44.26 -34.82
C GLN A 608 50.62 45.20 -34.88
N ASN A 609 49.40 44.66 -34.85
CA ASN A 609 48.22 45.51 -34.95
C ASN A 609 47.50 45.69 -33.62
N PHE A 610 48.09 45.25 -32.52
CA PHE A 610 47.41 45.28 -31.24
C PHE A 610 48.24 46.00 -30.19
N TYR A 611 47.52 46.52 -29.21
CA TYR A 611 48.13 47.06 -28.00
C TYR A 611 48.97 45.97 -27.35
N VAL A 612 50.16 46.36 -26.84
CA VAL A 612 51.18 45.38 -26.51
C VAL A 612 50.67 44.35 -25.51
N CYS A 613 49.97 44.80 -24.48
CA CYS A 613 49.50 43.85 -23.47
C CYS A 613 48.34 43.00 -24.00
N LYS A 614 47.57 43.54 -24.95
CA LYS A 614 46.56 42.72 -25.61
C LYS A 614 47.22 41.58 -26.38
N SER A 615 48.28 41.87 -27.12
CA SER A 615 49.02 40.84 -27.83
C SER A 615 49.61 39.83 -26.85
N ILE A 616 50.14 40.31 -25.73
CA ILE A 616 50.72 39.40 -24.74
C ILE A 616 49.65 38.46 -24.20
N GLU A 617 48.48 38.99 -23.86
CA GLU A 617 47.40 38.17 -23.34
C GLU A 617 46.94 37.13 -24.36
N TYR A 618 46.71 37.56 -25.61
CA TYR A 618 46.25 36.63 -26.63
C TYR A 618 47.29 35.54 -26.89
N ILE A 619 48.55 35.93 -27.04
CA ILE A 619 49.61 34.95 -27.32
C ILE A 619 49.76 33.98 -26.17
N HIS A 620 49.65 34.47 -24.93
CA HIS A 620 49.68 33.60 -23.77
C HIS A 620 48.57 32.57 -23.83
N ARG A 621 47.36 33.00 -24.21
CA ARG A 621 46.26 32.06 -24.31
C ARG A 621 46.48 31.03 -25.40
N ARG A 622 47.09 31.44 -26.52
CA ARG A 622 47.34 30.49 -27.60
C ARG A 622 48.45 29.50 -27.26
N LEU A 623 49.42 29.92 -26.43
CA LEU A 623 50.60 29.10 -26.25
C LEU A 623 50.52 28.24 -25.00
N LEU A 624 50.03 28.80 -23.90
CA LEU A 624 49.88 28.04 -22.67
C LEU A 624 48.48 27.50 -22.47
N GLY A 625 47.54 27.87 -23.33
CA GLY A 625 46.19 27.37 -23.20
C GLY A 625 45.40 27.91 -22.03
N ARG A 626 45.79 29.06 -21.49
CA ARG A 626 45.06 29.64 -20.36
C ARG A 626 45.33 31.14 -20.32
N PRO A 627 44.38 31.91 -19.84
CA PRO A 627 44.65 33.33 -19.56
C PRO A 627 45.67 33.48 -18.46
N THR A 628 46.29 34.66 -18.42
CA THR A 628 47.25 34.96 -17.36
C THR A 628 46.55 35.09 -16.01
N TYR A 629 47.31 34.83 -14.95
CA TYR A 629 46.72 34.82 -13.62
C TYR A 629 46.65 36.21 -13.01
N GLY A 630 47.52 37.11 -13.44
CA GLY A 630 47.57 38.42 -12.82
C GLY A 630 48.77 39.20 -13.30
N ARG A 631 49.16 40.18 -12.48
CA ARG A 631 50.12 41.16 -12.93
C ARG A 631 51.56 40.67 -12.85
N ASP A 632 51.81 39.58 -12.12
CA ASP A 632 53.14 39.00 -12.15
C ASP A 632 53.49 38.53 -13.55
N GLU A 633 52.63 37.69 -14.13
CA GLU A 633 52.88 37.17 -15.47
C GLU A 633 52.82 38.27 -16.52
N THR A 634 51.79 39.12 -16.45
CA THR A 634 51.63 40.17 -17.45
C THR A 634 52.79 41.16 -17.39
N ASN A 635 53.27 41.47 -16.20
CA ASN A 635 54.39 42.39 -16.07
C ASN A 635 55.69 41.75 -16.53
N ARG A 636 55.88 40.46 -16.23
CA ARG A 636 57.07 39.78 -16.71
C ARG A 636 57.13 39.75 -18.23
N TYR A 637 56.01 39.43 -18.88
CA TYR A 637 56.00 39.37 -20.33
C TYR A 637 56.00 40.76 -20.93
N TYR A 638 55.49 41.75 -20.20
CA TYR A 638 55.55 43.14 -20.63
C TYR A 638 57.00 43.65 -20.64
N ASP A 639 57.77 43.29 -19.62
CA ASP A 639 59.18 43.65 -19.58
C ASP A 639 59.97 42.88 -20.63
N LEU A 640 59.58 41.63 -20.88
CA LEU A 640 60.21 40.88 -21.97
C LEU A 640 59.93 41.51 -23.32
N ALA A 641 58.71 42.04 -23.51
CA ALA A 641 58.46 42.84 -24.70
C ALA A 641 59.39 44.04 -24.76
N PHE A 642 59.42 44.81 -23.68
CA PHE A 642 60.27 46.00 -23.60
C PHE A 642 61.71 45.69 -23.99
N LYS A 643 62.24 44.56 -23.52
CA LYS A 643 63.66 44.29 -23.71
C LYS A 643 63.93 43.61 -25.04
N LYS A 644 63.18 42.55 -25.36
CA LYS A 644 63.53 41.66 -26.45
C LYS A 644 62.54 41.63 -27.58
N GLY A 645 61.34 42.20 -27.44
CA GLY A 645 60.39 42.18 -28.51
C GLY A 645 59.46 40.97 -28.51
N PHE A 646 58.82 40.81 -29.68
CA PHE A 646 57.85 39.75 -29.88
C PHE A 646 58.50 38.39 -29.75
N ALA A 647 59.67 38.21 -30.34
CA ALA A 647 60.38 36.93 -30.24
C ALA A 647 60.74 36.63 -28.78
N GLY A 648 61.17 37.65 -28.03
CA GLY A 648 61.46 37.45 -26.63
C GLY A 648 60.25 36.97 -25.86
N VAL A 649 59.11 37.63 -26.06
CA VAL A 649 57.88 37.22 -25.37
C VAL A 649 57.51 35.78 -25.71
N VAL A 650 57.49 35.47 -27.02
CA VAL A 650 57.05 34.14 -27.44
C VAL A 650 58.00 33.06 -26.95
N ASN A 651 59.31 33.30 -27.07
CA ASN A 651 60.27 32.30 -26.61
C ASN A 651 60.21 32.12 -25.10
N ALA A 652 59.97 33.20 -24.36
CA ALA A 652 59.87 33.08 -22.91
C ALA A 652 58.65 32.29 -22.49
N ILE A 653 57.51 32.52 -23.15
CA ILE A 653 56.31 31.74 -22.81
C ILE A 653 56.55 30.26 -23.06
N LEU A 654 57.21 29.92 -24.16
CA LEU A 654 57.47 28.52 -24.47
C LEU A 654 58.56 27.95 -23.57
N ASP A 655 59.39 28.81 -22.99
CA ASP A 655 60.48 28.32 -22.15
C ASP A 655 60.10 28.26 -20.68
N THR A 656 58.86 28.56 -20.33
CA THR A 656 58.43 28.42 -18.96
C THR A 656 58.42 26.96 -18.56
N MET A 657 58.60 26.70 -17.26
CA MET A 657 58.51 25.33 -16.79
C MET A 657 57.10 24.79 -16.96
N GLU A 658 56.09 25.62 -16.67
CA GLU A 658 54.71 25.17 -16.74
C GLU A 658 54.40 24.55 -18.09
N TYR A 659 54.85 25.20 -19.16
CA TYR A 659 54.75 24.59 -20.48
C TYR A 659 55.36 23.20 -20.47
N ALA A 660 56.55 23.06 -19.87
CA ALA A 660 57.26 21.79 -19.91
C ALA A 660 56.50 20.68 -19.18
N GLU A 661 55.85 20.99 -18.06
CA GLU A 661 55.05 19.94 -17.42
C GLU A 661 53.77 19.64 -18.18
N VAL A 662 53.11 20.66 -18.74
CA VAL A 662 51.83 20.39 -19.37
C VAL A 662 52.01 19.96 -20.82
N PHE A 663 52.89 20.65 -21.56
CA PHE A 663 53.22 20.27 -22.92
C PHE A 663 54.72 20.06 -23.03
N GLY A 664 55.14 18.81 -23.15
CA GLY A 664 56.54 18.53 -23.31
C GLY A 664 57.01 18.85 -24.71
N ASP A 665 57.87 18.01 -25.25
CA ASP A 665 58.31 18.20 -26.62
C ASP A 665 57.38 17.51 -27.61
N ASP A 666 56.42 16.73 -27.11
CA ASP A 666 55.72 15.78 -27.96
C ASP A 666 54.29 16.21 -28.24
N VAL A 667 53.68 16.96 -27.33
CA VAL A 667 52.26 17.23 -27.35
C VAL A 667 52.00 18.67 -27.77
N VAL A 668 51.06 18.86 -28.68
CA VAL A 668 50.60 20.20 -29.08
C VAL A 668 49.87 20.84 -27.91
N PRO A 669 50.01 22.15 -27.70
CA PRO A 669 49.22 22.81 -26.65
C PRO A 669 47.74 22.68 -26.92
N TYR A 670 46.97 22.75 -25.85
CA TYR A 670 45.52 22.75 -25.92
C TYR A 670 44.98 23.70 -24.86
N GLU A 671 43.70 24.04 -25.00
CA GLU A 671 43.08 24.93 -24.02
C GLU A 671 42.87 24.20 -22.71
N ARG A 672 43.42 24.75 -21.64
CA ARG A 672 43.27 24.17 -20.30
C ARG A 672 42.37 24.97 -19.39
N TYR A 673 42.28 26.28 -19.61
CA TYR A 673 41.47 27.15 -18.77
C TYR A 673 40.70 28.12 -19.64
N VAL A 674 39.55 28.55 -19.12
CA VAL A 674 38.74 29.59 -19.73
C VAL A 674 38.45 30.63 -18.66
N THR A 675 37.91 31.75 -19.09
CA THR A 675 37.37 32.72 -18.15
C THR A 675 35.86 32.56 -18.06
N PRO A 676 35.24 33.05 -16.98
CA PRO A 676 33.78 32.96 -16.89
C PRO A 676 33.06 33.62 -18.05
N ALA A 677 33.61 34.68 -18.64
CA ALA A 677 33.01 35.27 -19.82
C ALA A 677 33.08 34.32 -21.01
N GLY A 678 34.21 33.65 -21.20
CA GLY A 678 34.33 32.70 -22.29
C GLY A 678 33.42 31.51 -22.11
N LEU A 679 33.26 31.05 -20.87
CA LEU A 679 32.30 29.99 -20.60
C LEU A 679 30.88 30.46 -20.87
N ASN A 680 30.58 31.70 -20.49
CA ASN A 680 29.25 32.26 -20.71
C ASN A 680 28.92 32.37 -22.19
N LEU A 681 29.95 32.59 -23.03
CA LEU A 681 29.71 32.69 -24.46
C LEU A 681 29.12 31.40 -25.02
N ARG A 682 29.59 30.25 -24.53
CA ARG A 682 29.11 28.97 -25.05
C ARG A 682 27.86 28.50 -24.30
N LYS A 683 27.89 28.59 -22.97
CA LYS A 683 26.86 27.93 -22.17
C LYS A 683 25.55 28.69 -22.17
N LEU A 684 25.61 30.02 -22.26
CA LEU A 684 24.41 30.82 -22.08
C LEU A 684 23.60 31.03 -23.36
N ARG A 685 24.06 30.48 -24.49
CA ARG A 685 23.25 30.54 -25.70
C ARG A 685 21.97 29.73 -25.50
N ALA A 686 20.89 30.22 -26.10
CA ALA A 686 19.55 29.70 -25.78
C ALA A 686 19.45 28.19 -25.98
N GLY A 687 20.23 27.65 -26.92
CA GLY A 687 20.26 26.21 -27.10
C GLY A 687 20.92 25.48 -25.95
N THR A 688 22.04 26.02 -25.45
CA THR A 688 22.87 25.25 -24.52
C THR A 688 22.58 25.61 -23.07
N VAL A 689 21.64 26.52 -22.82
CA VAL A 689 21.29 26.83 -21.44
C VAL A 689 20.62 25.61 -20.81
N PRO A 690 20.95 25.24 -19.57
CA PRO A 690 20.27 24.09 -18.95
C PRO A 690 18.80 24.38 -18.73
N THR A 691 17.95 23.56 -19.34
CA THR A 691 16.51 23.74 -19.19
C THR A 691 16.08 23.39 -17.78
N LEU A 692 15.19 24.22 -17.23
CA LEU A 692 14.63 23.93 -15.92
C LEU A 692 13.79 22.66 -16.02
N PRO A 693 14.13 21.61 -15.25
CA PRO A 693 13.43 20.33 -15.44
C PRO A 693 11.93 20.40 -15.21
N SER A 694 11.48 20.77 -14.02
CA SER A 694 10.08 20.71 -13.63
C SER A 694 9.49 19.34 -13.88
N PHE A 695 10.02 18.35 -13.17
CA PHE A 695 9.51 16.99 -13.28
C PHE A 695 8.03 16.96 -12.91
N GLU A 696 7.24 16.30 -13.76
CA GLU A 696 5.79 16.18 -13.56
C GLU A 696 5.47 14.71 -13.35
N GLU A 697 5.29 14.32 -12.09
CA GLU A 697 5.01 12.93 -11.77
C GLU A 697 3.66 12.51 -12.34
N THR A 698 3.56 11.23 -12.68
CA THR A 698 2.31 10.70 -13.16
C THR A 698 1.26 10.79 -12.06
N PRO A 699 0.09 11.39 -12.34
CA PRO A 699 -0.92 11.57 -11.30
C PRO A 699 -1.39 10.24 -10.73
N LYS A 700 -1.75 10.27 -9.45
CA LYS A 700 -2.11 9.04 -8.75
C LYS A 700 -3.39 8.43 -9.31
N PHE A 701 -4.30 9.26 -9.79
CA PHE A 701 -5.58 8.74 -10.28
C PHE A 701 -5.40 7.96 -11.58
N ILE A 702 -4.25 8.13 -12.25
CA ILE A 702 -3.95 7.29 -13.41
C ILE A 702 -3.72 5.85 -12.98
N GLU A 703 -2.89 5.66 -11.95
CA GLU A 703 -2.58 4.30 -11.51
C GLU A 703 -3.71 3.71 -10.68
N LYS A 704 -4.55 4.56 -10.08
CA LYS A 704 -5.70 4.05 -9.34
C LYS A 704 -6.71 3.40 -10.28
N GLY A 705 -6.62 3.70 -11.57
CA GLY A 705 -7.51 3.14 -12.57
C GLY A 705 -6.86 2.21 -13.57
N THR A 706 -5.61 1.81 -13.36
CA THR A 706 -4.94 0.92 -14.31
C THR A 706 -5.46 -0.50 -14.16
N ALA A 707 -5.55 -1.19 -15.29
CA ALA A 707 -5.96 -2.58 -15.35
C ALA A 707 -4.72 -3.48 -15.46
N PRO A 708 -4.84 -4.75 -15.08
CA PRO A 708 -3.75 -5.69 -15.33
C PRO A 708 -3.50 -5.86 -16.82
N ASP A 709 -2.26 -6.17 -17.17
CA ASP A 709 -1.96 -6.45 -18.57
C ASP A 709 -2.71 -7.70 -19.02
N ARG A 710 -3.17 -7.69 -20.27
CA ARG A 710 -3.99 -8.76 -20.80
C ARG A 710 -3.66 -8.98 -22.27
N ALA A 711 -3.35 -10.22 -22.61
CA ALA A 711 -3.23 -10.58 -24.02
C ALA A 711 -4.62 -10.78 -24.61
N LEU A 712 -4.64 -11.17 -25.88
CA LEU A 712 -5.92 -11.35 -26.57
C LEU A 712 -6.84 -12.38 -25.91
N PRO A 713 -6.36 -13.56 -25.47
CA PRO A 713 -7.29 -14.50 -24.81
C PRO A 713 -7.99 -13.92 -23.59
N GLN A 714 -7.27 -13.15 -22.77
CA GLN A 714 -7.91 -12.59 -21.57
C GLN A 714 -8.77 -11.38 -21.90
N ILE A 715 -8.39 -10.61 -22.93
CA ILE A 715 -9.24 -9.50 -23.36
C ILE A 715 -10.58 -10.01 -23.85
N ARG A 716 -10.55 -11.06 -24.66
CA ARG A 716 -11.79 -11.64 -25.18
C ARG A 716 -12.69 -12.12 -24.05
N SER A 717 -12.10 -12.78 -23.05
CA SER A 717 -12.89 -13.28 -21.93
C SER A 717 -13.42 -12.13 -21.08
N ALA A 718 -12.63 -11.07 -20.91
CA ALA A 718 -13.07 -9.95 -20.09
C ALA A 718 -14.20 -9.19 -20.77
N ILE A 719 -14.23 -9.18 -22.10
CA ILE A 719 -15.33 -8.52 -22.80
C ILE A 719 -16.63 -9.29 -22.59
N ASN A 720 -16.56 -10.62 -22.56
CA ASN A 720 -17.74 -11.48 -22.62
C ASN A 720 -17.95 -12.29 -21.35
N GLN A 721 -17.85 -11.66 -20.18
CA GLN A 721 -17.81 -12.45 -18.95
C GLN A 721 -19.18 -12.56 -18.28
N GLY A 722 -19.83 -11.45 -18.01
CA GLY A 722 -21.00 -11.44 -17.14
C GLY A 722 -22.25 -11.98 -17.80
N VAL A 723 -23.39 -11.40 -17.43
CA VAL A 723 -24.65 -11.77 -18.06
C VAL A 723 -24.59 -11.40 -19.53
N SER A 724 -25.16 -12.26 -20.38
CA SER A 724 -25.08 -12.09 -21.81
C SER A 724 -25.65 -10.74 -22.25
N LYS A 725 -25.03 -10.17 -23.27
CA LYS A 725 -25.45 -8.87 -23.78
C LYS A 725 -26.83 -8.93 -24.43
N LYS A 726 -27.35 -10.13 -24.72
CA LYS A 726 -28.71 -10.24 -25.24
C LYS A 726 -29.74 -9.68 -24.27
N ARG A 727 -29.37 -9.57 -22.99
CA ARG A 727 -30.28 -9.04 -21.99
C ARG A 727 -30.66 -7.59 -22.30
N ASP A 728 -29.71 -6.82 -22.82
CA ASP A 728 -30.00 -5.44 -23.16
C ASP A 728 -30.05 -5.17 -24.66
N GLN A 729 -29.42 -6.03 -25.47
CA GLN A 729 -29.48 -5.90 -26.93
C GLN A 729 -30.71 -6.66 -27.45
N ARG A 730 -31.87 -6.13 -27.10
CA ARG A 730 -33.14 -6.76 -27.44
C ARG A 730 -34.22 -5.70 -27.37
N LYS A 731 -35.36 -6.00 -27.99
CA LYS A 731 -36.52 -5.12 -27.97
C LYS A 731 -37.66 -5.81 -27.24
N ILE A 732 -38.44 -5.03 -26.50
CA ILE A 732 -39.60 -5.51 -25.78
C ILE A 732 -40.82 -4.89 -26.41
N PHE A 733 -41.75 -5.72 -26.85
CA PHE A 733 -42.91 -5.29 -27.63
C PHE A 733 -44.13 -5.20 -26.72
N SER A 734 -44.72 -4.01 -26.66
CA SER A 734 -45.90 -3.80 -25.85
C SER A 734 -46.85 -2.88 -26.59
N THR A 735 -48.14 -3.07 -26.34
CA THR A 735 -49.20 -2.33 -27.02
C THR A 735 -49.39 -0.99 -26.30
N VAL A 736 -48.38 -0.13 -26.43
CA VAL A 736 -48.41 1.17 -25.75
C VAL A 736 -49.55 2.04 -26.29
N GLY A 737 -49.88 1.89 -27.57
CA GLY A 737 -50.92 2.71 -28.17
C GLY A 737 -52.29 2.06 -28.07
N ILE A 738 -53.27 2.83 -27.60
CA ILE A 738 -54.67 2.44 -27.63
C ILE A 738 -55.37 3.03 -28.86
N GLN A 739 -54.62 3.68 -29.73
CA GLN A 739 -55.17 4.29 -30.92
C GLN A 739 -55.75 3.23 -31.86
N THR A 740 -56.47 3.69 -32.88
CA THR A 740 -57.22 2.80 -33.75
C THR A 740 -56.29 1.97 -34.63
N SER A 741 -56.88 0.99 -35.31
CA SER A 741 -56.10 0.14 -36.21
C SER A 741 -55.66 0.90 -37.46
N LEU A 742 -56.29 2.04 -37.73
CA LEU A 742 -55.97 2.80 -38.94
C LEU A 742 -54.53 3.30 -38.92
N ALA A 743 -54.09 3.81 -37.79
CA ALA A 743 -52.74 4.36 -37.66
C ALA A 743 -51.85 3.41 -36.86
N SER A 744 -50.53 3.61 -37.02
CA SER A 744 -49.51 2.76 -36.40
C SER A 744 -49.74 1.29 -36.74
N ARG A 745 -50.11 1.04 -38.00
CA ARG A 745 -50.33 -0.33 -38.45
C ARG A 745 -49.05 -1.14 -38.43
N THR A 746 -47.94 -0.53 -38.87
CA THR A 746 -46.68 -1.28 -38.97
C THR A 746 -46.15 -1.68 -37.60
N GLU A 747 -46.21 -0.77 -36.62
CA GLU A 747 -45.82 -1.11 -35.26
C GLU A 747 -46.65 -2.26 -34.72
N PHE A 748 -47.95 -2.25 -35.02
CA PHE A 748 -48.83 -3.26 -34.46
C PHE A 748 -48.56 -4.63 -35.09
N ASP A 749 -48.31 -4.65 -36.41
CA ASP A 749 -47.93 -5.90 -37.06
C ASP A 749 -46.59 -6.40 -36.54
N ALA A 750 -45.66 -5.49 -36.25
CA ALA A 750 -44.41 -5.89 -35.64
C ALA A 750 -44.66 -6.55 -34.29
N LEU A 751 -45.58 -6.01 -33.51
CA LEU A 751 -45.95 -6.63 -32.24
C LEU A 751 -46.54 -8.02 -32.46
N ILE A 752 -47.40 -8.16 -33.47
CA ILE A 752 -48.01 -9.47 -33.76
C ILE A 752 -46.94 -10.50 -34.11
N ARG A 753 -45.99 -10.11 -34.96
CA ARG A 753 -44.96 -11.06 -35.38
C ARG A 753 -43.98 -11.36 -34.25
N ALA A 754 -43.73 -10.38 -33.38
CA ALA A 754 -42.94 -10.65 -32.19
C ALA A 754 -43.65 -11.65 -31.28
N ALA A 755 -44.97 -11.53 -31.15
CA ALA A 755 -45.72 -12.49 -30.36
C ALA A 755 -45.63 -13.88 -30.96
N TYR A 756 -45.71 -13.98 -32.29
CA TYR A 756 -45.51 -15.27 -32.94
C TYR A 756 -44.13 -15.85 -32.64
N ARG A 757 -43.11 -15.00 -32.72
CA ARG A 757 -41.75 -15.49 -32.50
C ARG A 757 -41.51 -15.87 -31.05
N GLN A 758 -42.28 -15.29 -30.13
CA GLN A 758 -42.12 -15.62 -28.72
C GLN A 758 -42.86 -16.88 -28.36
N VAL A 759 -44.05 -17.09 -28.95
CA VAL A 759 -44.84 -18.25 -28.58
C VAL A 759 -44.35 -19.49 -29.30
N PHE A 760 -43.97 -19.37 -30.57
CA PHE A 760 -43.59 -20.52 -31.37
C PHE A 760 -42.10 -20.60 -31.64
N GLU A 761 -41.30 -19.70 -31.06
CA GLU A 761 -39.86 -19.62 -31.06
C GLU A 761 -39.29 -19.16 -32.40
N ARG A 762 -40.08 -19.03 -33.45
CA ARG A 762 -39.60 -18.55 -34.72
C ARG A 762 -40.80 -18.19 -35.59
N ASP A 763 -40.51 -17.75 -36.82
CA ASP A 763 -41.56 -17.45 -37.77
C ASP A 763 -42.22 -18.72 -38.28
N MET A 764 -43.55 -18.70 -38.33
CA MET A 764 -44.36 -19.84 -38.70
C MET A 764 -45.16 -19.56 -39.96
N ASP A 765 -44.49 -19.00 -40.96
CA ASP A 765 -45.17 -18.63 -42.20
C ASP A 765 -45.54 -19.86 -43.02
N SER A 766 -44.69 -20.90 -42.99
CA SER A 766 -45.00 -22.12 -43.73
C SER A 766 -46.24 -22.80 -43.17
N TYR A 767 -46.53 -22.61 -41.90
CA TYR A 767 -47.74 -23.12 -41.27
C TYR A 767 -48.91 -22.18 -41.41
N ARG A 768 -48.79 -21.17 -42.28
CA ARG A 768 -49.82 -20.16 -42.55
C ARG A 768 -50.44 -19.66 -41.25
N ILE A 769 -49.57 -19.17 -40.36
CA ILE A 769 -50.00 -18.75 -39.03
C ILE A 769 -50.87 -17.49 -39.11
N THR A 770 -50.65 -16.66 -40.12
CA THR A 770 -51.39 -15.41 -40.23
C THR A 770 -52.87 -15.66 -40.53
N GLU A 771 -53.18 -16.62 -41.39
CA GLU A 771 -54.58 -16.84 -41.73
C GLU A 771 -55.29 -17.64 -40.64
N VAL A 772 -54.52 -18.47 -39.92
CA VAL A 772 -55.08 -19.19 -38.79
C VAL A 772 -55.57 -18.22 -37.72
N PHE A 773 -54.80 -17.17 -37.46
CA PHE A 773 -55.12 -16.21 -36.42
C PHE A 773 -55.59 -14.88 -37.00
N SER A 774 -56.20 -14.93 -38.18
CA SER A 774 -56.66 -13.70 -38.84
C SER A 774 -57.72 -12.98 -38.02
N VAL A 775 -58.75 -13.70 -37.59
CA VAL A 775 -59.80 -13.07 -36.78
C VAL A 775 -59.21 -12.54 -35.48
N LEU A 776 -58.29 -13.30 -34.88
CA LEU A 776 -57.64 -12.87 -33.66
C LEU A 776 -56.86 -11.58 -33.87
N GLU A 777 -56.11 -11.50 -34.97
CA GLU A 777 -55.37 -10.27 -35.29
C GLU A 777 -56.33 -9.12 -35.54
N THR A 778 -57.45 -9.39 -36.19
CA THR A 778 -58.45 -8.36 -36.42
C THR A 778 -58.99 -7.81 -35.11
N LYS A 779 -59.28 -8.69 -34.16
CA LYS A 779 -59.76 -8.26 -32.85
C LYS A 779 -58.69 -7.45 -32.12
N LEU A 780 -57.43 -7.85 -32.24
CA LEU A 780 -56.38 -7.14 -31.52
C LEU A 780 -56.10 -5.77 -32.17
N ARG A 781 -56.25 -5.66 -33.49
CA ARG A 781 -56.16 -4.35 -34.14
C ARG A 781 -57.27 -3.44 -33.69
N ASN A 782 -58.51 -3.95 -33.63
CA ASN A 782 -59.68 -3.17 -33.28
C ASN A 782 -59.74 -2.87 -31.79
N ARG A 783 -58.71 -3.28 -31.04
CA ARG A 783 -58.57 -3.09 -29.61
C ARG A 783 -59.71 -3.73 -28.82
N GLU A 784 -60.35 -4.74 -29.38
CA GLU A 784 -61.36 -5.48 -28.64
C GLU A 784 -60.72 -6.36 -27.57
N ILE A 785 -59.52 -6.87 -27.85
CA ILE A 785 -58.78 -7.70 -26.90
C ILE A 785 -57.41 -7.09 -26.68
N THR A 786 -56.78 -7.49 -25.57
CA THR A 786 -55.45 -7.01 -25.25
C THR A 786 -54.40 -8.03 -25.70
N THR A 787 -53.12 -7.67 -25.51
CA THR A 787 -52.02 -8.53 -25.93
C THR A 787 -52.06 -9.87 -25.21
N LYS A 788 -52.46 -9.87 -23.94
CA LYS A 788 -52.46 -11.10 -23.15
C LYS A 788 -53.42 -12.14 -23.74
N GLU A 789 -54.59 -11.71 -24.20
CA GLU A 789 -55.53 -12.64 -24.82
C GLU A 789 -55.06 -13.11 -26.18
N PHE A 790 -54.34 -12.26 -26.92
CA PHE A 790 -53.69 -12.72 -28.13
C PHE A 790 -52.70 -13.84 -27.83
N ILE A 791 -51.87 -13.64 -26.80
CA ILE A 791 -50.91 -14.65 -26.40
C ILE A 791 -51.62 -15.92 -25.94
N GLN A 792 -52.72 -15.76 -25.19
CA GLN A 792 -53.50 -16.89 -24.74
C GLN A 792 -54.09 -17.68 -25.90
N ALA A 793 -54.49 -16.99 -26.96
CA ALA A 793 -55.06 -17.71 -28.10
C ALA A 793 -53.99 -18.40 -28.91
N LEU A 794 -52.79 -17.82 -28.99
CA LEU A 794 -51.71 -18.53 -29.68
C LEU A 794 -51.21 -19.72 -28.88
N ALA A 795 -51.11 -19.58 -27.56
CA ALA A 795 -50.53 -20.64 -26.74
C ALA A 795 -51.51 -21.78 -26.50
N SER A 796 -52.80 -21.52 -26.68
CA SER A 796 -53.80 -22.57 -26.56
C SER A 796 -54.26 -23.09 -27.90
N SER A 797 -53.55 -22.73 -28.97
CA SER A 797 -53.92 -23.14 -30.32
C SER A 797 -53.53 -24.58 -30.59
N ASP A 798 -54.15 -25.15 -31.62
CA ASP A 798 -53.79 -26.49 -32.05
C ASP A 798 -52.36 -26.54 -32.59
N LEU A 799 -51.92 -25.46 -33.23
CA LEU A 799 -50.56 -25.39 -33.72
C LEU A 799 -49.55 -25.42 -32.58
N TYR A 800 -49.82 -24.67 -31.51
CA TYR A 800 -48.94 -24.72 -30.35
C TYR A 800 -48.93 -26.11 -29.73
N ARG A 801 -50.10 -26.75 -29.67
CA ARG A 801 -50.17 -28.08 -29.08
C ARG A 801 -49.36 -29.08 -29.89
N LYS A 802 -49.45 -29.02 -31.21
CA LYS A 802 -48.63 -29.91 -32.04
C LYS A 802 -47.15 -29.58 -31.91
N GLN A 803 -46.80 -28.30 -31.74
CA GLN A 803 -45.38 -27.95 -31.70
C GLN A 803 -44.74 -28.30 -30.37
N PHE A 804 -45.45 -28.10 -29.26
CA PHE A 804 -44.80 -28.14 -27.95
C PHE A 804 -45.50 -28.95 -26.89
N PHE A 805 -46.72 -29.45 -27.12
CA PHE A 805 -47.37 -30.26 -26.12
C PHE A 805 -47.37 -31.73 -26.49
N GLU A 806 -47.84 -32.07 -27.68
CA GLU A 806 -47.87 -33.43 -28.18
C GLU A 806 -46.49 -34.09 -28.21
N PRO A 807 -45.41 -33.43 -28.67
CA PRO A 807 -44.14 -34.15 -28.81
C PRO A 807 -43.43 -34.49 -27.51
N TYR A 808 -43.83 -33.93 -26.37
CA TYR A 808 -43.01 -33.98 -25.18
C TYR A 808 -43.77 -34.49 -23.97
N PRO A 809 -43.06 -35.06 -22.98
CA PRO A 809 -43.71 -35.46 -21.74
C PRO A 809 -44.16 -34.25 -20.94
N PRO A 810 -45.06 -34.45 -19.97
CA PRO A 810 -45.61 -33.30 -19.24
C PRO A 810 -44.58 -32.43 -18.54
N THR A 811 -43.48 -33.00 -18.04
CA THR A 811 -42.45 -32.16 -17.40
C THR A 811 -41.81 -31.20 -18.39
N LYS A 812 -41.41 -31.73 -19.56
CA LYS A 812 -40.91 -30.88 -20.63
C LYS A 812 -41.97 -29.90 -21.10
N ASN A 813 -43.25 -30.31 -21.07
CA ASN A 813 -44.33 -29.41 -21.44
C ASN A 813 -44.41 -28.23 -20.47
N VAL A 814 -44.28 -28.51 -19.18
CA VAL A 814 -44.29 -27.45 -18.17
C VAL A 814 -43.14 -26.49 -18.42
N GLU A 815 -41.94 -27.03 -18.64
CA GLU A 815 -40.79 -26.13 -18.76
C GLU A 815 -40.82 -25.34 -20.08
N LEU A 816 -41.30 -25.97 -21.17
CA LEU A 816 -41.40 -25.27 -22.44
C LEU A 816 -42.44 -24.16 -22.38
N SER A 817 -43.62 -24.46 -21.84
CA SER A 817 -44.66 -23.43 -21.80
C SER A 817 -44.30 -22.35 -20.80
N LEU A 818 -43.55 -22.68 -19.75
CA LEU A 818 -43.07 -21.64 -18.86
C LEU A 818 -42.02 -20.77 -19.54
N LYS A 819 -41.17 -21.36 -20.37
CA LYS A 819 -40.23 -20.55 -21.15
C LYS A 819 -40.97 -19.61 -22.09
N HIS A 820 -42.00 -20.11 -22.76
CA HIS A 820 -42.66 -19.31 -23.78
C HIS A 820 -43.56 -18.24 -23.16
N LEU A 821 -44.14 -18.51 -22.00
CA LEU A 821 -45.19 -17.62 -21.51
C LEU A 821 -44.76 -16.81 -20.29
N LEU A 822 -43.81 -17.29 -19.50
CA LEU A 822 -43.35 -16.56 -18.34
C LEU A 822 -41.92 -16.09 -18.45
N GLY A 823 -41.20 -16.50 -19.49
CA GLY A 823 -39.83 -16.07 -19.68
C GLY A 823 -38.81 -16.76 -18.81
N ARG A 824 -39.14 -17.90 -18.22
CA ARG A 824 -38.22 -18.57 -17.32
C ARG A 824 -38.50 -20.06 -17.30
N ALA A 825 -37.51 -20.81 -16.80
CA ALA A 825 -37.65 -22.25 -16.61
C ALA A 825 -38.54 -22.54 -15.42
N THR A 826 -38.92 -23.82 -15.29
CA THR A 826 -39.68 -24.25 -14.12
C THR A 826 -38.90 -23.92 -12.85
N LYS A 827 -39.62 -23.42 -11.85
CA LYS A 827 -38.99 -22.65 -10.79
C LYS A 827 -38.58 -23.55 -9.62
N ASP A 828 -39.51 -24.36 -9.13
CA ASP A 828 -39.24 -25.24 -8.02
C ASP A 828 -40.11 -26.48 -8.16
N GLN A 829 -40.05 -27.34 -7.14
CA GLN A 829 -40.82 -28.57 -7.18
C GLN A 829 -42.32 -28.32 -7.04
N ALA A 830 -42.69 -27.28 -6.27
CA ALA A 830 -44.10 -26.98 -6.09
C ALA A 830 -44.77 -26.60 -7.41
N GLU A 831 -44.09 -25.78 -8.23
CA GLU A 831 -44.62 -25.41 -9.52
C GLU A 831 -44.74 -26.62 -10.45
N LEU A 832 -43.75 -27.50 -10.43
CA LEU A 832 -43.82 -28.72 -11.21
C LEU A 832 -45.00 -29.59 -10.77
N ARG A 833 -45.21 -29.72 -9.47
CA ARG A 833 -46.36 -30.48 -8.98
C ARG A 833 -47.67 -29.85 -9.45
N LYS A 834 -47.78 -28.53 -9.33
CA LYS A 834 -49.02 -27.84 -9.65
C LYS A 834 -49.38 -28.01 -11.12
N TYR A 835 -48.41 -27.77 -12.01
CA TYR A 835 -48.70 -27.87 -13.43
C TYR A 835 -48.79 -29.31 -13.90
N ASN A 836 -48.05 -30.22 -13.26
CA ASN A 836 -48.20 -31.64 -13.56
C ASN A 836 -49.59 -32.13 -13.21
N GLN A 837 -50.11 -31.71 -12.05
CA GLN A 837 -51.46 -32.10 -11.66
C GLN A 837 -52.49 -31.54 -12.63
N ILE A 838 -52.32 -30.28 -13.05
CA ILE A 838 -53.26 -29.72 -14.01
C ILE A 838 -53.21 -30.46 -15.34
N ILE A 839 -52.01 -30.79 -15.81
CA ILE A 839 -51.89 -31.51 -17.08
C ILE A 839 -52.48 -32.91 -16.96
N ALA A 840 -52.32 -33.54 -15.80
CA ALA A 840 -52.80 -34.90 -15.61
C ALA A 840 -54.32 -34.96 -15.51
N THR A 841 -54.94 -33.94 -14.94
CA THR A 841 -56.37 -34.02 -14.64
C THR A 841 -57.24 -33.24 -15.61
N GLN A 842 -56.76 -32.12 -16.14
CA GLN A 842 -57.56 -31.28 -17.02
C GLN A 842 -57.00 -31.15 -18.42
N GLY A 843 -55.73 -31.42 -18.62
CA GLY A 843 -55.17 -31.37 -19.95
C GLY A 843 -54.45 -30.08 -20.28
N PHE A 844 -54.40 -29.81 -21.58
CA PHE A 844 -53.47 -28.83 -22.13
C PHE A 844 -53.97 -27.40 -21.97
N LYS A 845 -55.20 -27.14 -22.40
CA LYS A 845 -55.72 -25.77 -22.35
C LYS A 845 -55.86 -25.23 -20.92
N PRO A 846 -56.40 -25.98 -19.95
CA PRO A 846 -56.37 -25.47 -18.56
C PRO A 846 -54.97 -25.24 -18.05
N PHE A 847 -54.00 -26.04 -18.51
CA PHE A 847 -52.59 -25.82 -18.14
C PHE A 847 -52.09 -24.49 -18.67
N ILE A 848 -52.37 -24.18 -19.93
CA ILE A 848 -51.95 -22.92 -20.51
C ILE A 848 -52.61 -21.75 -19.79
N ASN A 849 -53.90 -21.87 -19.51
CA ASN A 849 -54.60 -20.77 -18.86
C ASN A 849 -54.20 -20.62 -17.40
N ALA A 850 -53.80 -21.71 -16.76
CA ALA A 850 -53.24 -21.62 -15.41
C ALA A 850 -51.92 -20.86 -15.41
N ILE A 851 -51.09 -21.10 -16.42
CA ILE A 851 -49.87 -20.30 -16.54
C ILE A 851 -50.22 -18.84 -16.79
N LEU A 852 -51.18 -18.58 -17.68
CA LEU A 852 -51.41 -17.22 -18.13
C LEU A 852 -52.24 -16.41 -17.14
N ASP A 853 -53.04 -17.08 -16.31
CA ASP A 853 -53.83 -16.38 -15.30
C ASP A 853 -53.12 -16.29 -13.96
N SER A 854 -51.89 -16.77 -13.88
CA SER A 854 -51.12 -16.68 -12.65
C SER A 854 -50.78 -15.22 -12.34
N LYS A 855 -50.57 -14.94 -11.06
CA LYS A 855 -50.23 -13.60 -10.64
C LYS A 855 -48.90 -13.14 -11.24
N GLU A 856 -47.98 -14.09 -11.45
CA GLU A 856 -46.65 -13.74 -11.95
C GLU A 856 -46.71 -13.13 -13.34
N TYR A 857 -47.54 -13.70 -14.22
CA TYR A 857 -47.70 -13.13 -15.55
C TYR A 857 -48.29 -11.73 -15.46
N GLY A 858 -49.27 -11.53 -14.59
CA GLY A 858 -49.88 -10.22 -14.45
C GLY A 858 -48.90 -9.17 -13.95
N GLU A 859 -48.02 -9.56 -13.03
CA GLU A 859 -47.06 -8.60 -12.51
C GLU A 859 -45.96 -8.31 -13.52
N VAL A 860 -45.48 -9.32 -14.23
CA VAL A 860 -44.33 -9.11 -15.11
C VAL A 860 -44.76 -8.51 -16.45
N PHE A 861 -45.74 -9.14 -17.11
CA PHE A 861 -46.11 -8.74 -18.46
C PHE A 861 -47.44 -8.00 -18.53
N GLY A 862 -48.26 -8.07 -17.49
CA GLY A 862 -49.54 -7.38 -17.51
C GLY A 862 -50.42 -7.85 -18.65
N ASP A 863 -51.02 -6.88 -19.35
CA ASP A 863 -51.93 -7.16 -20.45
C ASP A 863 -51.48 -6.60 -21.78
N GLY A 864 -50.29 -6.02 -21.87
CA GLY A 864 -49.91 -5.32 -23.09
C GLY A 864 -48.60 -5.71 -23.72
N THR A 865 -47.69 -6.34 -22.98
CA THR A 865 -46.36 -6.65 -23.48
C THR A 865 -46.25 -8.12 -23.83
N VAL A 866 -45.64 -8.40 -24.97
CA VAL A 866 -45.34 -9.79 -25.36
C VAL A 866 -44.26 -10.34 -24.43
N PRO A 867 -44.38 -11.57 -23.95
CA PRO A 867 -43.37 -12.12 -23.05
C PRO A 867 -41.99 -12.16 -23.67
N TYR A 868 -40.97 -12.24 -22.80
CA TYR A 868 -39.59 -12.24 -23.23
C TYR A 868 -38.77 -12.97 -22.18
N ASN A 869 -37.58 -13.40 -22.58
CA ASN A 869 -36.63 -13.97 -21.64
C ASN A 869 -36.36 -12.99 -20.51
N ARG A 870 -36.51 -13.46 -19.28
CA ARG A 870 -36.45 -12.58 -18.13
C ARG A 870 -35.08 -12.53 -17.47
N TYR A 871 -34.17 -13.43 -17.81
CA TYR A 871 -32.88 -13.55 -17.16
C TYR A 871 -33.05 -13.52 -15.64
N PRO A 872 -33.86 -14.40 -15.06
CA PRO A 872 -34.23 -14.26 -13.65
C PRO A 872 -33.04 -14.46 -12.74
N THR A 873 -32.88 -13.57 -11.77
CA THR A 873 -31.80 -13.72 -10.80
C THR A 873 -32.21 -14.67 -9.68
N LEU A 874 -33.48 -14.69 -9.33
CA LEU A 874 -34.03 -15.52 -8.28
C LEU A 874 -35.14 -16.39 -8.84
N PRO A 875 -35.39 -17.56 -8.25
CA PRO A 875 -34.63 -18.16 -7.14
C PRO A 875 -33.42 -18.95 -7.60
N ALA A 876 -32.90 -19.80 -6.73
CA ALA A 876 -31.74 -20.60 -7.06
C ALA A 876 -32.04 -21.53 -8.23
N ALA A 877 -31.09 -21.62 -9.16
CA ALA A 877 -31.08 -22.46 -10.36
C ALA A 877 -32.03 -21.97 -11.44
N ASN A 878 -32.84 -20.94 -11.19
CA ASN A 878 -33.70 -20.42 -12.25
C ASN A 878 -32.89 -19.82 -13.38
N PHE A 879 -31.85 -19.05 -13.05
CA PHE A 879 -31.04 -18.42 -14.08
C PHE A 879 -30.37 -19.41 -15.01
N PRO A 880 -29.63 -20.43 -14.52
CA PRO A 880 -28.95 -21.33 -15.48
C PRO A 880 -29.90 -22.20 -16.26
N ASN A 881 -30.97 -22.68 -15.64
CA ASN A 881 -31.97 -23.45 -16.37
C ASN A 881 -32.62 -22.61 -17.45
N THR A 882 -32.93 -21.35 -17.12
CA THR A 882 -33.50 -20.45 -18.12
C THR A 882 -32.52 -20.18 -19.24
N GLU A 883 -31.24 -20.04 -18.92
CA GLU A 883 -30.25 -19.78 -19.96
C GLU A 883 -30.07 -21.00 -20.85
N ILE A 884 -30.09 -22.19 -20.26
CA ILE A 884 -30.01 -23.42 -21.06
C ILE A 884 -31.20 -23.50 -22.00
N LEU A 885 -32.40 -23.21 -21.50
CA LEU A 885 -33.59 -23.26 -22.35
C LEU A 885 -33.52 -22.21 -23.46
N TYR A 886 -33.10 -21.00 -23.15
CA TYR A 886 -33.12 -19.92 -24.13
C TYR A 886 -31.90 -19.89 -25.02
N ASN A 887 -30.86 -20.66 -24.71
CA ASN A 887 -29.71 -20.80 -25.60
C ASN A 887 -29.89 -21.97 -26.55
N GLN A 888 -31.05 -22.60 -26.54
CA GLN A 888 -31.37 -23.72 -27.40
C GLN A 888 -32.19 -23.24 -28.59
N LEU A 889 -31.77 -23.66 -29.79
CA LEU A 889 -32.62 -23.47 -30.96
C LEU A 889 -33.80 -24.43 -30.89
N THR A 890 -34.82 -24.16 -31.70
CA THR A 890 -35.98 -25.01 -31.72
C THR A 890 -35.59 -26.42 -32.15
N LYS A 891 -36.11 -27.41 -31.43
CA LYS A 891 -35.83 -28.83 -31.67
C LYS A 891 -34.35 -29.16 -31.53
N GLN A 892 -33.61 -28.35 -30.79
CA GLN A 892 -32.21 -28.65 -30.54
C GLN A 892 -32.04 -29.95 -29.77
N SER A 893 -32.89 -30.16 -28.75
CA SER A 893 -32.81 -31.33 -27.91
C SER A 893 -34.19 -31.68 -27.40
N ALA A 894 -34.48 -32.97 -27.30
CA ALA A 894 -35.72 -33.45 -26.72
C ALA A 894 -35.58 -33.77 -25.23
N GLU A 895 -34.41 -33.57 -24.65
CA GLU A 895 -34.18 -33.93 -23.26
C GLU A 895 -34.82 -32.90 -22.33
N VAL A 896 -35.20 -33.37 -21.15
CA VAL A 896 -35.83 -32.53 -20.14
C VAL A 896 -34.73 -31.80 -19.37
N VAL A 897 -34.74 -30.48 -19.42
CA VAL A 897 -33.71 -29.69 -18.77
C VAL A 897 -33.85 -29.77 -17.25
N VAL A 898 -35.07 -29.64 -16.74
CA VAL A 898 -35.31 -29.74 -15.30
C VAL A 898 -36.26 -30.89 -15.05
N PRO A 899 -35.78 -32.13 -14.88
CA PRO A 899 -36.70 -33.25 -14.63
C PRO A 899 -37.46 -33.09 -13.33
N SER A 900 -36.76 -32.72 -12.27
CA SER A 900 -37.34 -32.42 -10.96
C SER A 900 -36.23 -31.80 -10.12
N PHE A 901 -36.57 -31.43 -8.90
CA PHE A 901 -35.62 -30.87 -7.96
C PHE A 901 -35.31 -31.90 -6.88
N LYS A 902 -34.03 -32.18 -6.70
CA LYS A 902 -33.62 -33.19 -5.73
C LYS A 902 -33.98 -32.71 -4.32
N PRO A 903 -34.67 -33.53 -3.54
CA PRO A 903 -35.14 -33.07 -2.22
C PRO A 903 -33.98 -32.81 -1.27
N VAL A 904 -34.17 -31.82 -0.40
CA VAL A 904 -33.23 -31.48 0.65
C VAL A 904 -33.76 -31.92 2.02
N THR A 905 -34.63 -32.93 2.04
CA THR A 905 -35.28 -33.32 3.29
C THR A 905 -34.27 -33.91 4.29
N SER A 906 -33.33 -34.72 3.81
CA SER A 906 -32.43 -35.39 4.73
C SER A 906 -30.99 -35.31 4.21
N PRO A 907 -30.08 -34.74 5.01
CA PRO A 907 -28.66 -34.81 4.66
C PRO A 907 -27.99 -36.01 5.31
N ARG A 908 -26.76 -36.32 4.90
CA ARG A 908 -26.00 -37.43 5.46
C ARG A 908 -24.89 -36.86 6.35
N GLY A 909 -25.04 -37.03 7.66
CA GLY A 909 -24.11 -36.44 8.60
C GLY A 909 -24.51 -35.01 8.97
N MET A 910 -23.69 -34.42 9.84
CA MET A 910 -23.91 -33.06 10.34
C MET A 910 -25.28 -32.93 11.01
N ASP A 911 -25.45 -33.68 12.10
CA ASP A 911 -26.71 -33.63 12.84
C ASP A 911 -26.93 -32.26 13.47
N MET A 912 -25.87 -31.48 13.63
CA MET A 912 -25.85 -30.14 14.23
C MET A 912 -26.19 -30.17 15.71
N SER A 913 -26.27 -31.36 16.32
CA SER A 913 -26.46 -31.48 17.75
C SER A 913 -25.19 -31.21 18.54
N GLN A 914 -24.02 -31.26 17.88
CA GLN A 914 -22.75 -30.91 18.50
C GLN A 914 -22.45 -29.43 18.41
N THR A 915 -23.34 -28.65 17.82
CA THR A 915 -23.16 -27.20 17.72
C THR A 915 -23.05 -26.60 19.12
N PRO A 916 -22.06 -25.74 19.36
CA PRO A 916 -21.87 -25.19 20.71
C PRO A 916 -23.08 -24.45 21.25
N LEU A 917 -23.85 -23.80 20.38
CA LEU A 917 -25.12 -23.20 20.82
C LEU A 917 -26.10 -24.27 21.30
N MET A 918 -26.26 -25.34 20.52
CA MET A 918 -27.13 -26.43 20.96
C MET A 918 -26.55 -27.10 22.21
N LEU A 919 -25.23 -27.20 22.30
CA LEU A 919 -24.60 -27.77 23.49
C LEU A 919 -24.91 -26.93 24.72
N GLN A 920 -24.88 -25.60 24.58
CA GLN A 920 -25.27 -24.73 25.67
C GLN A 920 -26.75 -24.91 26.01
N ALA A 921 -27.58 -25.19 25.00
CA ALA A 921 -28.99 -25.48 25.27
C ALA A 921 -29.15 -26.73 26.12
N MET A 922 -28.46 -27.81 25.76
CA MET A 922 -28.52 -29.01 26.61
C MET A 922 -27.91 -28.78 27.97
N GLY A 923 -26.95 -27.84 28.07
CA GLY A 923 -26.45 -27.47 29.37
C GLY A 923 -27.50 -26.79 30.24
N ASP A 924 -28.25 -25.87 29.64
CA ASP A 924 -29.20 -25.07 30.42
C ASP A 924 -30.45 -25.86 30.78
N ILE A 925 -30.88 -26.78 29.89
CA ILE A 925 -32.03 -27.59 30.24
C ILE A 925 -31.73 -28.49 31.44
N ALA A 926 -30.46 -28.89 31.58
CA ALA A 926 -30.06 -29.64 32.76
C ALA A 926 -30.23 -28.81 34.03
N GLU A 927 -29.86 -27.53 33.97
CA GLU A 927 -30.05 -26.66 35.13
C GLU A 927 -31.53 -26.48 35.45
N ALA A 928 -32.35 -26.34 34.40
CA ALA A 928 -33.80 -26.23 34.62
C ALA A 928 -34.35 -27.49 35.29
N GLU A 929 -33.92 -28.67 34.82
CA GLU A 929 -34.37 -29.91 35.44
C GLU A 929 -33.90 -30.02 36.88
N GLN A 930 -32.67 -29.59 37.15
CA GLN A 930 -32.17 -29.61 38.53
C GLN A 930 -33.01 -28.70 39.41
N GLU A 931 -33.34 -27.50 38.93
CA GLU A 931 -34.18 -26.60 39.72
C GLU A 931 -35.53 -27.24 40.01
N VAL A 932 -36.15 -27.84 38.99
CA VAL A 932 -37.44 -28.50 39.17
C VAL A 932 -37.31 -29.60 40.22
N ALA A 933 -36.19 -30.32 40.22
CA ALA A 933 -35.95 -31.32 41.27
C ALA A 933 -35.86 -30.67 42.64
N LEU A 934 -35.22 -29.50 42.72
CA LEU A 934 -35.08 -28.84 44.02
C LEU A 934 -36.39 -28.29 44.57
N GLN A 935 -37.35 -27.92 43.71
CA GLN A 935 -38.62 -27.45 44.28
C GLN A 935 -39.41 -28.60 44.93
N LYS A 936 -38.98 -29.84 44.71
CA LYS A 936 -39.61 -30.97 45.39
C LYS A 936 -39.29 -30.93 46.88
N PRO A 937 -40.12 -31.58 47.72
CA PRO A 937 -39.79 -31.65 49.14
C PRO A 937 -38.47 -32.35 49.37
N LEU A 938 -37.72 -31.87 50.37
CA LEU A 938 -36.36 -32.34 50.57
C LEU A 938 -36.32 -33.82 50.93
N PHE A 939 -37.29 -34.28 51.72
CA PHE A 939 -37.32 -35.70 52.07
C PHE A 939 -37.70 -36.55 50.87
N ILE A 940 -38.26 -35.93 49.83
CA ILE A 940 -38.47 -36.65 48.58
C ILE A 940 -37.19 -36.66 47.75
N GLN A 941 -36.44 -35.56 47.78
CA GLN A 941 -35.16 -35.52 47.07
C GLN A 941 -34.17 -36.50 47.66
N LYS A 942 -34.27 -36.77 48.96
CA LYS A 942 -33.26 -37.59 49.63
C LYS A 942 -33.51 -39.08 49.44
N GLY A 943 -34.64 -39.45 48.85
CA GLY A 943 -34.93 -40.85 48.60
C GLY A 943 -34.82 -41.30 47.17
N LYS A 944 -34.27 -40.48 46.28
CA LYS A 944 -34.29 -40.76 44.86
C LYS A 944 -33.21 -41.76 44.47
N ALA A 945 -33.58 -42.70 43.61
CA ALA A 945 -32.62 -43.67 43.11
C ALA A 945 -31.67 -42.99 42.11
N LEU A 946 -30.37 -43.26 42.27
CA LEU A 946 -29.35 -42.63 41.45
C LEU A 946 -28.71 -43.56 40.44
N ARG A 947 -28.85 -44.87 40.59
CA ARG A 947 -28.35 -45.83 39.61
C ARG A 947 -29.41 -46.22 38.60
N GLY A 948 -30.61 -45.62 38.67
CA GLY A 948 -31.64 -45.89 37.70
C GLY A 948 -32.21 -47.30 37.82
N ALA A 949 -32.75 -47.77 36.70
CA ALA A 949 -33.30 -49.12 36.65
C ALA A 949 -32.18 -50.16 36.70
N GLU A 950 -30.94 -49.74 36.48
CA GLU A 950 -29.79 -50.63 36.58
C GLU A 950 -29.23 -50.56 38.00
N GLY A 951 -30.09 -50.89 38.95
CA GLY A 951 -29.71 -50.93 40.34
C GLY A 951 -29.81 -52.33 40.89
N ASP A 952 -29.42 -52.47 42.15
CA ASP A 952 -29.37 -53.78 42.79
C ASP A 952 -30.65 -54.06 43.55
N PRO A 953 -31.44 -55.04 43.14
CA PRO A 953 -32.57 -55.47 43.97
C PRO A 953 -32.08 -56.24 45.18
N TYR A 954 -33.00 -56.48 46.12
CA TYR A 954 -32.59 -57.20 47.32
C TYR A 954 -32.19 -58.64 47.02
N THR A 955 -32.73 -59.21 45.94
CA THR A 955 -32.49 -60.63 45.67
C THR A 955 -31.00 -60.90 45.44
N ILE A 956 -30.28 -59.95 44.88
CA ILE A 956 -28.87 -60.15 44.61
C ILE A 956 -28.04 -59.70 45.80
N GLY A 957 -26.78 -60.14 45.83
CA GLY A 957 -25.90 -59.91 46.94
C GLY A 957 -25.31 -61.22 47.40
N THR A 958 -25.41 -61.49 48.70
CA THR A 958 -24.84 -62.72 49.24
C THR A 958 -25.89 -63.82 49.32
N ARG A 959 -25.42 -65.07 49.26
CA ARG A 959 -26.29 -66.23 49.29
C ARG A 959 -26.74 -66.54 50.71
N ARG A 960 -28.02 -66.87 50.85
CA ARG A 960 -28.63 -67.23 52.13
C ARG A 960 -28.74 -68.73 52.33
N SER A 961 -28.68 -69.10 53.60
CA SER A 961 -28.96 -70.46 54.02
C SER A 961 -30.46 -70.73 53.92
N PRO A 962 -30.86 -72.00 53.80
CA PRO A 962 -32.29 -72.32 53.81
C PRO A 962 -32.97 -71.76 55.05
N LYS A 963 -33.99 -70.95 54.83
CA LYS A 963 -34.76 -70.39 55.94
C LYS A 963 -35.44 -71.46 56.80
N PRO A 964 -36.09 -72.49 56.25
CA PRO A 964 -36.64 -73.54 57.12
C PRO A 964 -35.52 -74.33 57.77
N ILE A 965 -35.44 -74.26 59.09
CA ILE A 965 -34.47 -75.01 59.88
C ILE A 965 -35.17 -76.24 60.44
N PHE A 966 -34.59 -77.40 60.20
CA PHE A 966 -35.16 -78.66 60.65
C PHE A 966 -34.53 -79.08 61.97
N TRP A 967 -35.37 -79.41 62.94
CA TRP A 967 -34.89 -79.89 64.22
C TRP A 967 -35.90 -80.84 64.82
N VAL A 968 -35.41 -81.74 65.65
CA VAL A 968 -36.24 -82.71 66.37
C VAL A 968 -36.36 -82.24 67.81
N PRO A 969 -37.54 -81.81 68.25
CA PRO A 969 -37.68 -81.29 69.61
C PRO A 969 -37.71 -82.39 70.64
N GLN A 970 -37.12 -82.11 71.80
CA GLN A 970 -37.23 -83.02 72.93
C GLN A 970 -38.67 -83.01 73.46
N GLY A 971 -39.24 -84.19 73.59
CA GLY A 971 -40.64 -84.29 73.93
C GLY A 971 -41.49 -84.73 72.75
N GLY A 972 -42.77 -84.36 72.83
CA GLY A 972 -43.71 -84.83 71.83
C GLY A 972 -43.37 -84.31 70.44
N THR A 973 -43.63 -85.15 69.44
CA THR A 973 -43.33 -84.84 68.05
C THR A 973 -44.41 -85.43 67.15
N ASN A 974 -44.87 -84.63 66.20
CA ASN A 974 -45.87 -85.11 65.26
C ASN A 974 -45.23 -86.06 64.26
N PRO A 975 -45.97 -87.08 63.80
CA PRO A 975 -45.38 -88.04 62.85
C PRO A 975 -44.96 -87.42 61.53
N THR A 976 -45.77 -86.53 60.96
CA THR A 976 -45.40 -85.93 59.68
C THR A 976 -44.18 -85.02 59.81
N GLU A 977 -44.07 -84.31 60.94
CA GLU A 977 -42.92 -83.44 61.14
C GLU A 977 -41.66 -84.27 61.36
N PHE A 978 -41.80 -85.42 62.01
CA PHE A 978 -40.68 -86.34 62.17
C PHE A 978 -40.22 -86.90 60.83
N GLN A 979 -41.16 -87.30 59.97
CA GLN A 979 -40.78 -87.76 58.64
C GLN A 979 -40.12 -86.66 57.85
N ASN A 980 -40.60 -85.43 58.00
CA ASN A 980 -39.97 -84.28 57.35
C ASN A 980 -38.52 -84.11 57.80
N VAL A 981 -38.29 -84.18 59.11
CA VAL A 981 -36.93 -84.01 59.62
C VAL A 981 -36.02 -85.13 59.13
N ILE A 982 -36.54 -86.36 59.09
CA ILE A 982 -35.71 -87.49 58.66
C ILE A 982 -35.34 -87.35 57.19
N ARG A 983 -36.32 -86.97 56.36
CA ARG A 983 -36.04 -86.74 54.95
C ARG A 983 -35.05 -85.60 54.77
N ALA A 984 -35.18 -84.55 55.58
CA ALA A 984 -34.23 -83.45 55.53
C ALA A 984 -32.82 -83.90 55.86
N ALA A 985 -32.67 -84.77 56.87
CA ALA A 985 -31.36 -85.27 57.24
C ALA A 985 -30.74 -86.10 56.13
N TYR A 986 -31.53 -87.01 55.54
CA TYR A 986 -31.03 -87.81 54.43
C TYR A 986 -30.67 -86.92 53.25
N ARG A 987 -31.47 -85.89 53.02
CA ARG A 987 -31.23 -84.98 51.90
C ARG A 987 -29.92 -84.22 52.09
N GLN A 988 -29.66 -83.77 53.32
CA GLN A 988 -28.42 -83.04 53.60
C GLN A 988 -27.20 -83.95 53.47
N VAL A 989 -27.27 -85.16 54.02
CA VAL A 989 -26.05 -85.97 54.08
C VAL A 989 -25.79 -86.68 52.76
N PHE A 990 -26.84 -87.03 52.02
CA PHE A 990 -26.67 -87.78 50.77
C PHE A 990 -26.96 -86.96 49.53
N GLU A 991 -27.14 -85.65 49.67
CA GLU A 991 -27.32 -84.65 48.61
C GLU A 991 -28.64 -84.80 47.87
N ARG A 992 -29.44 -85.81 48.16
CA ARG A 992 -30.77 -85.90 47.56
C ARG A 992 -31.61 -86.88 48.37
N ASP A 993 -32.88 -86.95 48.02
CA ASP A 993 -33.80 -87.87 48.70
C ASP A 993 -33.33 -89.31 48.54
N VAL A 994 -33.47 -90.07 49.61
CA VAL A 994 -33.04 -91.47 49.64
C VAL A 994 -34.27 -92.37 49.64
N PRO A 995 -34.32 -93.37 48.77
CA PRO A 995 -35.48 -94.28 48.77
C PRO A 995 -35.59 -95.05 50.07
N ASP A 996 -36.79 -95.60 50.29
CA ASP A 996 -37.09 -96.23 51.56
C ASP A 996 -36.25 -97.48 51.79
N TYR A 997 -35.87 -98.18 50.72
CA TYR A 997 -35.10 -99.41 50.88
C TYR A 997 -33.63 -99.10 51.17
N GLN A 998 -33.21 -97.85 50.99
CA GLN A 998 -31.84 -97.47 51.31
C GLN A 998 -31.76 -96.73 52.64
N ARG A 999 -32.90 -96.42 53.23
CA ARG A 999 -32.94 -95.74 54.53
C ARG A 999 -32.53 -96.69 55.64
N LEU A 1000 -32.00 -96.12 56.72
CA LEU A 1000 -31.53 -96.89 57.86
C LEU A 1000 -32.61 -96.85 58.94
N SER A 1001 -33.33 -97.96 59.09
CA SER A 1001 -34.49 -97.97 59.97
C SER A 1001 -34.09 -98.01 61.44
N TYR A 1002 -32.95 -98.63 61.76
CA TYR A 1002 -32.52 -98.70 63.15
C TYR A 1002 -32.20 -97.33 63.74
N PRO A 1003 -31.38 -96.47 63.10
CA PRO A 1003 -31.23 -95.11 63.64
C PRO A 1003 -32.53 -94.34 63.67
N GLU A 1004 -33.42 -94.56 62.71
CA GLU A 1004 -34.70 -93.89 62.72
C GLU A 1004 -35.52 -94.26 63.95
N SER A 1005 -35.53 -95.55 64.31
CA SER A 1005 -36.24 -95.98 65.51
C SER A 1005 -35.58 -95.43 66.78
N ARG A 1006 -34.24 -95.46 66.84
CA ARG A 1006 -33.55 -94.87 68.00
C ARG A 1006 -33.79 -93.38 68.13
N LEU A 1007 -33.97 -92.67 67.01
CA LEU A 1007 -34.26 -91.25 67.08
C LEU A 1007 -35.71 -91.00 67.45
N LYS A 1008 -36.61 -91.86 66.99
CA LYS A 1008 -38.03 -91.70 67.29
C LYS A 1008 -38.34 -92.08 68.73
N ASN A 1009 -37.55 -92.99 69.31
CA ASN A 1009 -37.71 -93.32 70.71
C ASN A 1009 -37.04 -92.27 71.61
N GLY A 1010 -36.30 -91.34 71.02
CA GLY A 1010 -35.57 -90.35 71.80
C GLY A 1010 -34.27 -90.84 72.39
N GLU A 1011 -33.83 -92.04 72.03
CA GLU A 1011 -32.61 -92.58 72.63
C GLU A 1011 -31.38 -91.85 72.11
N ILE A 1012 -31.36 -91.50 70.83
CA ILE A 1012 -30.26 -90.75 70.24
C ILE A 1012 -30.79 -89.40 69.78
N SER A 1013 -29.88 -88.44 69.66
CA SER A 1013 -30.22 -87.11 69.19
C SER A 1013 -30.02 -87.02 67.68
N MET A 1014 -30.24 -85.83 67.14
CA MET A 1014 -30.04 -85.63 65.70
C MET A 1014 -28.56 -85.67 65.35
N ARG A 1015 -27.69 -85.21 66.25
CA ARG A 1015 -26.25 -85.34 66.01
C ARG A 1015 -25.86 -86.80 65.87
N GLU A 1016 -26.39 -87.67 66.75
CA GLU A 1016 -26.08 -89.09 66.65
C GLU A 1016 -26.71 -89.72 65.41
N PHE A 1017 -27.89 -89.25 65.02
CA PHE A 1017 -28.50 -89.76 63.79
C PHE A 1017 -27.67 -89.40 62.57
N ILE A 1018 -27.17 -88.17 62.53
CA ILE A 1018 -26.27 -87.74 61.45
C ILE A 1018 -25.01 -88.60 61.45
N ARG A 1019 -24.46 -88.88 62.63
CA ARG A 1019 -23.28 -89.73 62.70
C ARG A 1019 -23.57 -91.13 62.20
N GLN A 1020 -24.75 -91.66 62.52
CA GLN A 1020 -25.15 -92.97 62.01
C GLN A 1020 -25.20 -92.97 60.49
N LEU A 1021 -25.82 -91.93 59.91
CA LEU A 1021 -25.92 -91.84 58.46
C LEU A 1021 -24.54 -91.73 57.82
N ALA A 1022 -23.64 -90.95 58.43
CA ALA A 1022 -22.30 -90.77 57.88
C ALA A 1022 -21.50 -92.05 57.92
N GLU A 1023 -21.65 -92.84 58.98
CA GLU A 1023 -20.87 -94.05 59.17
C GLU A 1023 -21.47 -95.24 58.44
N SER A 1024 -22.56 -95.05 57.72
CA SER A 1024 -23.21 -96.12 57.00
C SER A 1024 -22.39 -96.52 55.78
N ASP A 1025 -22.72 -97.71 55.25
CA ASP A 1025 -22.07 -98.18 54.03
C ASP A 1025 -22.51 -97.36 52.83
N LEU A 1026 -23.72 -96.80 52.88
CA LEU A 1026 -24.20 -95.96 51.80
C LEU A 1026 -23.32 -94.72 51.63
N TYR A 1027 -23.00 -94.05 52.73
CA TYR A 1027 -22.15 -92.87 52.65
C TYR A 1027 -20.76 -93.23 52.13
N ARG A 1028 -20.19 -94.34 52.60
CA ARG A 1028 -18.87 -94.74 52.13
C ARG A 1028 -18.90 -95.05 50.64
N LYS A 1029 -19.97 -95.68 50.18
CA LYS A 1029 -20.06 -96.07 48.78
C LYS A 1029 -20.26 -94.85 47.88
N GLN A 1030 -20.92 -93.81 48.39
CA GLN A 1030 -21.25 -92.67 47.53
C GLN A 1030 -20.23 -91.54 47.63
N PHE A 1031 -19.55 -91.40 48.76
CA PHE A 1031 -18.79 -90.18 49.03
C PHE A 1031 -17.38 -90.43 49.56
N TYR A 1032 -16.96 -91.67 49.67
CA TYR A 1032 -15.56 -91.93 49.99
C TYR A 1032 -14.92 -92.76 48.88
N GLU A 1033 -15.59 -93.84 48.50
CA GLU A 1033 -15.05 -94.70 47.46
C GLU A 1033 -14.86 -94.00 46.11
N PRO A 1034 -15.79 -93.17 45.61
CA PRO A 1034 -15.58 -92.56 44.29
C PRO A 1034 -14.64 -91.37 44.22
N TYR A 1035 -13.91 -91.03 45.27
CA TYR A 1035 -13.13 -89.79 45.30
C TYR A 1035 -11.78 -90.00 45.94
N PRO A 1036 -10.81 -89.14 45.63
CA PRO A 1036 -9.59 -89.08 46.45
C PRO A 1036 -9.87 -88.46 47.81
N ASN A 1037 -8.94 -88.69 48.74
CA ASN A 1037 -9.15 -88.27 50.12
C ASN A 1037 -9.29 -86.76 50.24
N THR A 1038 -8.58 -86.01 49.40
CA THR A 1038 -8.69 -84.56 49.42
C THR A 1038 -10.09 -84.10 49.02
N LYS A 1039 -10.72 -84.80 48.08
CA LYS A 1039 -12.11 -84.51 47.76
C LYS A 1039 -13.04 -85.01 48.86
N VAL A 1040 -12.66 -86.10 49.53
CA VAL A 1040 -13.48 -86.65 50.61
C VAL A 1040 -13.58 -85.65 51.76
N ILE A 1041 -12.49 -84.93 52.05
CA ILE A 1041 -12.52 -83.92 53.10
C ILE A 1041 -13.51 -82.82 52.76
N GLU A 1042 -13.48 -82.36 51.51
CA GLU A 1042 -14.37 -81.30 51.06
C GLU A 1042 -15.83 -81.75 51.12
N LEU A 1043 -16.09 -83.01 50.75
CA LEU A 1043 -17.44 -83.55 50.89
C LEU A 1043 -17.87 -83.66 52.35
N LEU A 1044 -16.95 -84.04 53.23
CA LEU A 1044 -17.26 -84.10 54.66
C LEU A 1044 -17.69 -82.74 55.17
N THR A 1045 -16.89 -81.71 54.91
CA THR A 1045 -17.26 -80.37 55.34
C THR A 1045 -18.58 -79.93 54.71
N LYS A 1046 -18.80 -80.26 53.44
CA LYS A 1046 -20.06 -79.89 52.79
C LYS A 1046 -21.24 -80.52 53.49
N HIS A 1047 -21.16 -81.82 53.79
CA HIS A 1047 -22.34 -82.53 54.22
C HIS A 1047 -22.62 -82.31 55.70
N PHE A 1048 -21.58 -82.10 56.51
CA PHE A 1048 -21.81 -82.06 57.94
C PHE A 1048 -21.52 -80.71 58.57
N LEU A 1049 -20.92 -79.77 57.83
CA LEU A 1049 -20.81 -78.40 58.28
C LEU A 1049 -21.50 -77.43 57.34
N GLY A 1050 -21.98 -77.89 56.19
CA GLY A 1050 -22.63 -77.04 55.20
C GLY A 1050 -21.69 -76.02 54.62
N ARG A 1051 -20.48 -76.45 54.27
CA ARG A 1051 -19.37 -75.53 54.14
C ARG A 1051 -18.30 -76.11 53.23
N ALA A 1052 -17.46 -75.25 52.71
CA ALA A 1052 -16.21 -75.63 52.09
C ALA A 1052 -15.11 -75.67 53.15
N PRO A 1053 -14.00 -76.37 52.89
CA PRO A 1053 -12.88 -76.33 53.83
C PRO A 1053 -12.37 -74.90 54.02
N GLN A 1054 -12.12 -74.55 55.28
CA GLN A 1054 -11.79 -73.17 55.61
C GLN A 1054 -10.39 -72.79 55.16
N ASP A 1055 -9.42 -73.67 55.38
CA ASP A 1055 -8.02 -73.33 55.19
C ASP A 1055 -7.24 -74.60 54.91
N GLN A 1056 -5.95 -74.43 54.64
CA GLN A 1056 -5.09 -75.57 54.36
C GLN A 1056 -4.83 -76.40 55.61
N ALA A 1057 -4.92 -75.77 56.79
CA ALA A 1057 -4.72 -76.51 58.03
C ALA A 1057 -5.79 -77.57 58.22
N GLU A 1058 -7.04 -77.25 57.85
CA GLU A 1058 -8.11 -78.23 57.90
C GLU A 1058 -7.82 -79.41 56.98
N ILE A 1059 -7.34 -79.14 55.77
CA ILE A 1059 -6.97 -80.21 54.85
C ILE A 1059 -5.86 -81.05 55.42
N GLN A 1060 -4.84 -80.42 56.01
CA GLN A 1060 -3.73 -81.18 56.58
C GLN A 1060 -4.20 -82.09 57.71
N ARG A 1061 -5.02 -81.55 58.61
CA ARG A 1061 -5.52 -82.35 59.74
C ARG A 1061 -6.35 -83.52 59.26
N TYR A 1062 -7.28 -83.27 58.34
CA TYR A 1062 -8.17 -84.35 57.93
C TYR A 1062 -7.46 -85.34 57.03
N ASN A 1063 -6.47 -84.89 56.26
CA ASN A 1063 -5.65 -85.82 55.48
C ASN A 1063 -4.83 -86.73 56.39
N ARG A 1064 -4.27 -86.16 57.47
CA ARG A 1064 -3.56 -87.00 58.43
C ARG A 1064 -4.50 -88.02 59.06
N ILE A 1065 -5.71 -87.60 59.43
CA ILE A 1065 -6.68 -88.53 59.99
C ILE A 1065 -7.08 -89.61 58.98
N LEU A 1066 -7.31 -89.22 57.73
CA LEU A 1066 -7.76 -90.18 56.72
C LEU A 1066 -6.66 -91.17 56.37
N ALA A 1067 -5.41 -90.70 56.34
CA ALA A 1067 -4.29 -91.59 56.06
C ALA A 1067 -4.06 -92.57 57.21
N GLY A 1068 -4.25 -92.11 58.46
CA GLY A 1068 -3.93 -92.96 59.58
C GLY A 1068 -5.06 -93.90 59.98
N LYS A 1069 -6.26 -93.35 60.17
CA LYS A 1069 -7.33 -94.04 60.87
C LYS A 1069 -8.51 -94.43 60.00
N GLY A 1070 -8.77 -93.70 58.92
CA GLY A 1070 -9.88 -94.03 58.06
C GLY A 1070 -11.00 -93.02 58.09
N LEU A 1071 -12.14 -93.44 57.57
CA LEU A 1071 -13.27 -92.54 57.38
C LEU A 1071 -14.04 -92.28 58.67
N LYS A 1072 -14.19 -93.30 59.52
CA LYS A 1072 -14.98 -93.14 60.74
C LYS A 1072 -14.39 -92.09 61.67
N VAL A 1073 -13.06 -92.08 61.80
CA VAL A 1073 -12.41 -91.13 62.70
C VAL A 1073 -12.50 -89.71 62.13
N ALA A 1074 -12.40 -89.57 60.81
CA ALA A 1074 -12.63 -88.27 60.20
C ALA A 1074 -14.06 -87.79 60.41
N ILE A 1075 -15.03 -88.70 60.32
CA ILE A 1075 -16.42 -88.35 60.55
C ILE A 1075 -16.62 -87.88 61.98
N GLU A 1076 -16.05 -88.60 62.94
CA GLU A 1076 -16.21 -88.21 64.34
C GLU A 1076 -15.47 -86.92 64.64
N GLU A 1077 -14.39 -86.65 63.91
CA GLU A 1077 -13.70 -85.38 64.06
C GLU A 1077 -14.56 -84.22 63.58
N VAL A 1078 -15.21 -84.39 62.42
CA VAL A 1078 -16.10 -83.34 61.92
C VAL A 1078 -17.29 -83.15 62.85
N LEU A 1079 -17.81 -84.24 63.42
CA LEU A 1079 -19.06 -84.14 64.15
C LEU A 1079 -18.85 -83.73 65.60
N ASN A 1080 -17.68 -84.02 66.15
CA ASN A 1080 -17.36 -83.61 67.52
C ASN A 1080 -16.71 -82.24 67.57
N SER A 1081 -16.63 -81.54 66.44
CA SER A 1081 -15.98 -80.24 66.39
C SER A 1081 -16.80 -79.20 67.16
N ASP A 1082 -16.12 -78.15 67.59
CA ASP A 1082 -16.80 -77.06 68.26
C ASP A 1082 -17.70 -76.31 67.29
N GLU A 1083 -17.31 -76.24 66.03
CA GLU A 1083 -18.14 -75.57 65.03
C GLU A 1083 -19.48 -76.27 64.87
N TYR A 1084 -19.47 -77.61 64.84
CA TYR A 1084 -20.72 -78.33 64.72
C TYR A 1084 -21.64 -78.07 65.91
N THR A 1085 -21.10 -78.10 67.12
CA THR A 1085 -21.95 -77.92 68.29
C THR A 1085 -22.41 -76.48 68.43
N GLN A 1086 -21.69 -75.54 67.82
CA GLN A 1086 -22.13 -74.15 67.89
C GLN A 1086 -23.15 -73.82 66.81
N LEU A 1087 -23.12 -74.53 65.68
CA LEU A 1087 -24.07 -74.22 64.62
C LEU A 1087 -25.33 -75.06 64.74
N PHE A 1088 -25.18 -76.34 65.03
CA PHE A 1088 -26.30 -77.27 65.00
C PHE A 1088 -26.57 -77.92 66.34
N GLY A 1089 -25.63 -77.82 67.28
CA GLY A 1089 -25.87 -78.35 68.62
C GLY A 1089 -26.13 -79.83 68.56
N GLU A 1090 -27.24 -80.23 69.19
CA GLU A 1090 -27.59 -81.64 69.33
C GLU A 1090 -28.86 -82.02 68.60
N ASP A 1091 -29.61 -81.05 68.08
CA ASP A 1091 -30.97 -81.32 67.61
C ASP A 1091 -31.29 -80.75 66.24
N VAL A 1092 -30.39 -79.99 65.64
CA VAL A 1092 -30.66 -79.32 64.36
C VAL A 1092 -30.00 -80.09 63.24
N VAL A 1093 -30.75 -80.38 62.19
CA VAL A 1093 -30.14 -80.98 60.99
C VAL A 1093 -29.16 -80.00 60.39
N PRO A 1094 -27.94 -80.41 60.06
CA PRO A 1094 -27.01 -79.49 59.40
C PRO A 1094 -27.57 -78.98 58.08
N PHE A 1095 -27.18 -77.75 57.73
CA PHE A 1095 -27.72 -77.10 56.55
C PHE A 1095 -26.61 -76.34 55.84
N LYS A 1096 -26.90 -75.95 54.59
CA LYS A 1096 -25.95 -75.19 53.79
C LYS A 1096 -25.67 -73.83 54.43
N ARG A 1097 -24.39 -73.46 54.48
CA ARG A 1097 -23.96 -72.18 55.00
C ARG A 1097 -23.03 -71.53 54.00
N TYR A 1098 -22.94 -70.21 54.08
CA TYR A 1098 -22.04 -69.41 53.26
C TYR A 1098 -21.34 -68.45 54.22
N PRO A 1099 -20.32 -68.92 54.92
CA PRO A 1099 -19.73 -68.10 55.99
C PRO A 1099 -18.99 -66.89 55.44
N THR A 1100 -19.05 -65.79 56.19
CA THR A 1100 -18.37 -64.58 55.76
C THR A 1100 -16.86 -64.70 55.93
N LEU A 1101 -16.42 -65.40 56.96
CA LEU A 1101 -15.04 -65.59 57.32
C LEU A 1101 -14.70 -67.07 57.36
N PRO A 1102 -13.42 -67.45 57.18
CA PRO A 1102 -12.28 -66.63 56.77
C PRO A 1102 -12.30 -66.29 55.29
N THR A 1103 -11.24 -65.65 54.80
CA THR A 1103 -11.23 -65.17 53.42
C THR A 1103 -11.28 -66.34 52.45
N GLY A 1104 -12.04 -66.18 51.37
CA GLY A 1104 -12.21 -67.20 50.38
C GLY A 1104 -13.19 -68.30 50.73
N THR A 1105 -13.68 -68.33 51.97
CA THR A 1105 -14.56 -69.41 52.40
C THR A 1105 -15.97 -69.22 51.86
N TYR A 1106 -16.41 -67.99 51.69
CA TYR A 1106 -17.75 -67.76 51.15
C TYR A 1106 -17.85 -68.21 49.71
N LEU A 1107 -16.88 -67.82 48.88
CA LEU A 1107 -16.90 -68.19 47.47
C LEU A 1107 -16.73 -69.70 47.30
N ALA A 1108 -15.82 -70.29 48.07
CA ALA A 1108 -15.63 -71.72 48.03
C ALA A 1108 -16.89 -72.46 48.48
N SER A 1109 -17.58 -71.91 49.48
CA SER A 1109 -18.80 -72.55 49.96
C SER A 1109 -19.95 -72.41 48.96
N VAL A 1110 -19.99 -71.31 48.23
CA VAL A 1110 -20.97 -71.18 47.16
C VAL A 1110 -20.72 -72.25 46.09
N ALA A 1111 -19.46 -72.36 45.65
CA ALA A 1111 -19.14 -73.36 44.65
C ALA A 1111 -19.38 -74.78 45.15
N THR A 1112 -19.15 -74.99 46.45
CA THR A 1112 -19.36 -76.32 47.03
C THR A 1112 -20.83 -76.67 47.15
N ASN A 1113 -21.62 -75.82 47.80
CA ASN A 1113 -23.02 -76.14 48.01
C ASN A 1113 -23.80 -76.11 46.70
N ASP A 1114 -23.28 -75.41 45.70
CA ASP A 1114 -23.93 -75.43 44.38
C ASP A 1114 -23.64 -76.73 43.66
N GLU A 1115 -22.47 -77.32 43.91
CA GLU A 1115 -22.05 -78.49 43.14
C GLU A 1115 -22.91 -79.70 43.45
N MET A 1116 -23.50 -80.25 42.42
CA MET A 1116 -24.25 -81.50 42.49
C MET A 1116 -23.32 -82.68 42.28
N ILE A 1117 -23.85 -83.88 42.46
CA ILE A 1117 -23.04 -85.07 42.30
C ILE A 1117 -22.60 -85.20 40.85
N GLN A 1118 -21.33 -85.48 40.63
CA GLN A 1118 -20.74 -85.55 39.31
C GLN A 1118 -20.32 -86.95 38.91
N GLN A 1119 -20.37 -87.90 39.84
CA GLN A 1119 -19.83 -89.24 39.62
C GLN A 1119 -20.95 -90.24 39.44
N SER A 1120 -20.69 -91.23 38.57
CA SER A 1120 -21.64 -92.33 38.37
C SER A 1120 -21.85 -93.09 39.67
N GLY A 1121 -23.09 -93.51 39.90
CA GLY A 1121 -23.44 -94.09 41.18
C GLY A 1121 -22.94 -95.51 41.35
N SER A 1122 -22.53 -96.14 40.26
CA SER A 1122 -22.08 -97.52 40.30
C SER A 1122 -20.80 -97.67 39.48
N SER A 1123 -20.01 -98.67 39.85
CA SER A 1123 -18.85 -99.01 39.04
C SER A 1123 -19.20 -100.05 37.98
N TYR A 1124 -20.42 -100.58 38.03
CA TYR A 1124 -20.83 -101.59 37.07
C TYR A 1124 -21.62 -100.96 35.93
N SER A 1125 -21.41 -101.48 34.73
CA SER A 1125 -22.19 -101.12 33.54
C SER A 1125 -22.11 -99.63 33.21
N PRO A 1126 -20.99 -99.14 32.73
CA PRO A 1126 -20.89 -97.73 32.34
C PRO A 1126 -21.72 -97.43 31.09
N SER A 1127 -22.18 -96.20 30.99
CA SER A 1127 -22.87 -95.74 29.79
C SER A 1127 -21.90 -95.03 28.86
N TYR A 1128 -22.26 -94.98 27.58
CA TYR A 1128 -21.40 -94.44 26.55
C TYR A 1128 -22.20 -93.52 25.65
N ALA A 1129 -21.50 -92.57 25.04
CA ALA A 1129 -22.07 -91.68 24.04
C ALA A 1129 -22.10 -92.39 22.70
N GLY A 1130 -23.24 -92.37 22.04
CA GLY A 1130 -23.36 -93.02 20.74
C GLY A 1130 -24.82 -93.26 20.41
N TYR A 1131 -25.13 -93.06 19.13
CA TYR A 1131 -26.48 -93.19 18.63
C TYR A 1131 -26.63 -94.50 17.87
N SER A 1132 -27.85 -95.01 17.86
CA SER A 1132 -28.27 -96.08 16.96
C SER A 1132 -29.32 -95.52 16.02
N TYR A 1133 -29.04 -95.56 14.74
CA TYR A 1133 -29.87 -94.83 13.79
C TYR A 1133 -30.97 -95.72 13.24
N PRO A 1134 -32.24 -95.30 13.33
CA PRO A 1134 -33.39 -96.06 12.84
C PRO A 1134 -33.75 -95.72 11.39
N SER B 2 11.04 72.81 17.05
CA SER B 2 11.48 71.98 18.15
C SER B 2 11.63 70.52 17.73
N VAL B 3 11.68 69.63 18.71
CA VAL B 3 11.84 68.21 18.41
C VAL B 3 10.62 67.66 17.69
N VAL B 4 9.43 67.95 18.23
CA VAL B 4 8.21 67.46 17.60
C VAL B 4 8.01 68.12 16.23
N THR B 5 8.43 69.38 16.10
CA THR B 5 8.37 70.05 14.81
C THR B 5 9.23 69.34 13.77
N LYS B 6 10.47 68.98 14.15
CA LYS B 6 11.36 68.28 13.24
C LYS B 6 10.81 66.90 12.89
N ALA B 7 10.27 66.20 13.87
CA ALA B 7 9.70 64.88 13.61
C ALA B 7 8.52 64.98 12.65
N ILE B 8 7.65 65.97 12.85
CA ILE B 8 6.50 66.15 11.97
C ILE B 8 6.94 66.51 10.57
N VAL B 9 7.95 67.37 10.45
CA VAL B 9 8.46 67.75 9.13
C VAL B 9 9.04 66.53 8.42
N SER B 10 9.81 65.72 9.15
CA SER B 10 10.39 64.52 8.54
C SER B 10 9.31 63.55 8.11
N ALA B 11 8.28 63.36 8.92
CA ALA B 11 7.20 62.45 8.57
C ALA B 11 6.42 62.97 7.35
N ASP B 12 6.14 64.26 7.31
CA ASP B 12 5.37 64.83 6.21
C ASP B 12 6.19 64.91 4.93
N ALA B 13 7.51 64.87 5.06
CA ALA B 13 8.37 64.94 3.87
C ALA B 13 8.12 63.78 2.94
N GLU B 14 8.02 62.57 3.48
CA GLU B 14 7.68 61.38 2.69
C GLU B 14 6.23 60.95 2.87
N ALA B 15 5.37 61.82 3.41
CA ALA B 15 3.92 61.63 3.36
C ALA B 15 3.48 60.38 4.11
N ARG B 16 3.81 60.32 5.39
CA ARG B 16 3.45 59.19 6.24
C ARG B 16 3.21 59.67 7.65
N TYR B 17 2.63 58.78 8.46
CA TYR B 17 2.52 59.06 9.90
C TYR B 17 3.88 58.93 10.53
N LEU B 18 4.01 59.43 11.77
CA LEU B 18 5.31 59.42 12.42
C LEU B 18 5.79 57.99 12.67
N SER B 19 7.08 57.77 12.43
CA SER B 19 7.69 56.48 12.62
C SER B 19 7.74 56.16 14.11
N PRO B 20 7.82 54.88 14.48
CA PRO B 20 8.03 54.55 15.89
C PRO B 20 9.25 55.23 16.48
N GLY B 21 10.33 55.35 15.73
CA GLY B 21 11.51 56.05 16.24
C GLY B 21 11.26 57.52 16.52
N GLU B 22 10.48 58.18 15.66
CA GLU B 22 10.11 59.56 15.92
C GLU B 22 9.25 59.68 17.17
N LEU B 23 8.35 58.71 17.38
CA LEU B 23 7.55 58.71 18.60
C LEU B 23 8.43 58.52 19.83
N ASP B 24 9.44 57.65 19.73
CA ASP B 24 10.35 57.47 20.86
C ASP B 24 11.16 58.74 21.14
N ARG B 25 11.60 59.44 20.09
CA ARG B 25 12.37 60.66 20.33
C ARG B 25 11.47 61.74 20.92
N ILE B 26 10.20 61.77 20.53
CA ILE B 26 9.28 62.74 21.13
C ILE B 26 9.03 62.41 22.60
N ARG B 27 8.90 61.11 22.92
CA ARG B 27 8.78 60.73 24.32
C ARG B 27 10.01 61.11 25.12
N GLY B 28 11.20 60.89 24.54
CA GLY B 28 12.42 61.29 25.23
C GLY B 28 12.48 62.80 25.44
N PHE B 29 11.97 63.56 24.47
CA PHE B 29 11.93 65.01 24.61
C PHE B 29 10.98 65.45 25.72
N VAL B 30 9.75 64.94 25.72
CA VAL B 30 8.77 65.39 26.69
C VAL B 30 9.11 64.88 28.08
N SER B 31 9.77 63.72 28.16
CA SER B 31 10.12 63.16 29.47
C SER B 31 11.16 64.02 30.17
N SER B 32 12.02 64.69 29.41
CA SER B 32 13.04 65.57 29.95
C SER B 32 12.63 67.03 29.91
N GLY B 33 11.36 67.33 29.64
CA GLY B 33 10.94 68.71 29.53
C GLY B 33 11.04 69.48 30.83
N GLU B 34 10.77 68.81 31.95
CA GLU B 34 10.85 69.48 33.25
C GLU B 34 12.28 69.89 33.59
N ARG B 35 13.25 69.03 33.27
CA ARG B 35 14.65 69.39 33.51
C ARG B 35 15.09 70.53 32.61
N ARG B 36 14.62 70.53 31.36
CA ARG B 36 14.88 71.65 30.47
C ARG B 36 14.31 72.93 31.03
N LEU B 37 13.10 72.86 31.58
CA LEU B 37 12.47 74.05 32.17
C LEU B 37 13.22 74.51 33.42
N ARG B 38 13.80 73.57 34.18
CA ARG B 38 14.62 73.96 35.32
C ARG B 38 15.90 74.66 34.88
N VAL B 39 16.54 74.16 33.83
CA VAL B 39 17.68 74.85 33.24
C VAL B 39 17.27 76.24 32.78
N ALA B 40 16.07 76.35 32.20
CA ALA B 40 15.55 77.65 31.79
C ALA B 40 15.35 78.56 33.00
N GLN B 41 14.80 78.02 34.09
CA GLN B 41 14.76 78.76 35.35
C GLN B 41 16.11 79.39 35.63
N THR B 42 17.13 78.54 35.77
CA THR B 42 18.42 78.99 36.29
C THR B 42 19.07 79.99 35.34
N LEU B 43 19.01 79.74 34.03
CA LEU B 43 19.65 80.64 33.08
C LEU B 43 18.91 81.97 32.99
N THR B 44 17.58 81.94 33.02
CA THR B 44 16.81 83.18 32.89
C THR B 44 16.93 84.06 34.12
N GLU B 45 16.93 83.45 35.31
CA GLU B 45 16.92 84.24 36.54
C GLU B 45 18.19 85.07 36.69
N SER B 46 19.35 84.45 36.47
CA SER B 46 20.64 85.10 36.73
C SER B 46 21.24 85.73 35.48
N ARG B 47 20.42 86.14 34.51
CA ARG B 47 20.93 86.55 33.21
C ARG B 47 21.98 87.64 33.34
N GLU B 48 21.81 88.55 34.31
CA GLU B 48 22.73 89.68 34.46
C GLU B 48 24.13 89.21 34.80
N ARG B 49 24.24 88.20 35.67
CA ARG B 49 25.56 87.67 36.01
C ARG B 49 26.28 87.15 34.79
N ILE B 50 25.61 86.30 33.99
CA ILE B 50 26.23 85.76 32.79
C ILE B 50 26.65 86.87 31.86
N ILE B 51 25.74 87.81 31.59
CA ILE B 51 26.01 88.80 30.55
C ILE B 51 27.17 89.69 30.96
N LYS B 52 27.19 90.16 32.22
CA LYS B 52 28.23 91.09 32.63
C LYS B 52 29.58 90.39 32.77
N GLN B 53 29.59 89.18 33.37
CA GLN B 53 30.85 88.46 33.50
C GLN B 53 31.42 88.09 32.14
N ALA B 54 30.56 87.69 31.20
CA ALA B 54 31.02 87.38 29.86
C ALA B 54 31.57 88.61 29.16
N GLY B 55 30.91 89.76 29.32
CA GLY B 55 31.43 90.99 28.75
C GLY B 55 32.79 91.34 29.30
N ASP B 56 32.96 91.22 30.62
CA ASP B 56 34.26 91.50 31.23
C ASP B 56 35.33 90.55 30.72
N GLN B 57 35.03 89.25 30.65
CA GLN B 57 36.01 88.29 30.18
C GLN B 57 36.37 88.54 28.72
N LEU B 58 35.39 88.84 27.89
CA LEU B 58 35.67 89.15 26.48
C LEU B 58 36.54 90.38 26.33
N PHE B 59 36.22 91.45 27.07
CA PHE B 59 37.00 92.68 26.95
C PHE B 59 38.42 92.49 27.45
N GLN B 60 38.60 91.73 28.54
CA GLN B 60 39.95 91.43 29.01
C GLN B 60 40.72 90.60 28.00
N LYS B 61 40.05 89.59 27.41
CA LYS B 61 40.72 88.73 26.44
C LYS B 61 41.09 89.49 25.17
N ARG B 62 40.24 90.41 24.74
CA ARG B 62 40.44 91.16 23.49
C ARG B 62 40.35 92.64 23.79
N PRO B 63 41.41 93.22 24.35
CA PRO B 63 41.38 94.67 24.67
C PRO B 63 41.27 95.54 23.43
N ASP B 64 41.65 95.03 22.26
CA ASP B 64 41.59 95.84 21.04
C ASP B 64 40.15 96.18 20.67
N LEU B 65 39.19 95.40 21.14
CA LEU B 65 37.80 95.67 20.82
C LEU B 65 37.34 96.98 21.46
N VAL B 66 37.71 97.22 22.71
CA VAL B 66 37.35 98.46 23.40
C VAL B 66 38.36 99.57 23.17
N SER B 67 39.53 99.24 22.63
CA SER B 67 40.53 100.25 22.29
C SER B 67 40.02 101.15 21.17
N PRO B 68 40.47 102.39 21.10
CA PRO B 68 40.05 103.28 20.01
C PRO B 68 40.36 102.66 18.66
N GLY B 69 39.42 102.82 17.73
CA GLY B 69 39.49 102.15 16.45
C GLY B 69 38.89 100.77 16.42
N GLY B 70 38.49 100.23 17.56
CA GLY B 70 37.84 98.93 17.60
C GLY B 70 36.35 99.03 17.35
N ASN B 71 35.74 97.87 17.09
CA ASN B 71 34.31 97.85 16.79
C ASN B 71 33.48 98.17 18.03
N ALA B 72 33.95 97.74 19.20
CA ALA B 72 33.21 97.94 20.45
C ALA B 72 33.59 99.22 21.16
N TYR B 73 34.43 100.06 20.57
CA TYR B 73 34.88 101.29 21.22
C TYR B 73 33.72 102.27 21.35
N GLY B 74 33.54 102.80 22.55
CA GLY B 74 32.46 103.72 22.82
C GLY B 74 31.40 103.13 23.72
N ALA B 75 30.72 104.01 24.46
CA ALA B 75 29.69 103.55 25.39
C ALA B 75 28.49 102.95 24.67
N GLU B 76 28.03 103.60 23.59
CA GLU B 76 26.90 103.06 22.84
C GLU B 76 27.24 101.74 22.17
N ARG B 77 28.46 101.64 21.62
CA ARG B 77 28.86 100.39 20.98
C ARG B 77 29.04 99.27 21.99
N THR B 78 29.53 99.60 23.20
CA THR B 78 29.60 98.60 24.26
C THR B 78 28.20 98.17 24.69
N ALA B 79 27.25 99.10 24.74
CA ALA B 79 25.88 98.74 25.05
C ALA B 79 25.30 97.81 23.99
N SER B 80 25.63 98.06 22.72
CA SER B 80 25.20 97.18 21.65
C SER B 80 25.83 95.79 21.78
N CYS B 81 27.11 95.74 22.16
CA CYS B 81 27.75 94.48 22.49
C CYS B 81 26.98 93.71 23.56
N LEU B 82 26.65 94.38 24.64
CA LEU B 82 25.93 93.72 25.74
C LEU B 82 24.55 93.28 25.28
N ARG B 83 23.89 94.08 24.43
CA ARG B 83 22.57 93.71 23.93
C ARG B 83 22.65 92.49 23.02
N ASP B 84 23.71 92.40 22.21
CA ASP B 84 23.89 91.20 21.38
C ASP B 84 24.10 89.96 22.24
N LEU B 85 24.90 90.09 23.30
CA LEU B 85 25.08 88.96 24.21
C LEU B 85 23.75 88.58 24.87
N ASP B 86 22.94 89.57 25.22
CA ASP B 86 21.62 89.28 25.79
C ASP B 86 20.74 88.55 24.80
N TYR B 87 20.76 88.98 23.54
CA TYR B 87 20.00 88.29 22.50
C TYR B 87 20.42 86.82 22.39
N TYR B 88 21.72 86.57 22.36
CA TYR B 88 22.18 85.19 22.19
C TYR B 88 21.89 84.35 23.42
N LEU B 89 21.95 84.93 24.62
CA LEU B 89 21.54 84.21 25.81
C LEU B 89 20.07 83.83 25.77
N ARG B 90 19.22 84.77 25.35
CA ARG B 90 17.79 84.49 25.25
C ARG B 90 17.53 83.39 24.23
N LEU B 91 18.24 83.42 23.10
CA LEU B 91 18.07 82.38 22.09
C LEU B 91 18.55 81.03 22.59
N VAL B 92 19.63 81.02 23.37
CA VAL B 92 20.13 79.76 23.93
C VAL B 92 19.10 79.17 24.89
N THR B 93 18.47 80.02 25.71
CA THR B 93 17.41 79.53 26.58
C THR B 93 16.23 79.00 25.77
N PHE B 94 15.88 79.70 24.68
CA PHE B 94 14.81 79.23 23.81
C PHE B 94 15.13 77.84 23.24
N GLY B 95 16.36 77.65 22.79
CA GLY B 95 16.75 76.34 22.27
C GLY B 95 16.79 75.28 23.33
N ILE B 96 17.20 75.64 24.55
CA ILE B 96 17.17 74.70 25.67
C ILE B 96 15.75 74.22 25.89
N VAL B 97 14.78 75.15 25.89
CA VAL B 97 13.39 74.77 26.04
C VAL B 97 12.91 73.90 24.89
N ALA B 98 13.23 74.30 23.66
CA ALA B 98 12.66 73.62 22.50
C ALA B 98 13.26 72.24 22.30
N GLY B 99 14.39 71.96 22.93
CA GLY B 99 15.07 70.70 22.76
C GLY B 99 15.90 70.60 21.52
N ASP B 100 15.91 71.63 20.68
CA ASP B 100 16.75 71.69 19.50
C ASP B 100 17.28 73.11 19.36
N VAL B 101 18.26 73.28 18.49
CA VAL B 101 18.88 74.59 18.27
C VAL B 101 18.14 75.33 17.17
N THR B 102 16.98 74.81 16.78
CA THR B 102 16.19 75.50 15.75
C THR B 102 15.79 76.92 16.12
N PRO B 103 15.46 77.28 17.37
CA PRO B 103 15.22 78.70 17.64
C PRO B 103 16.45 79.54 17.43
N ILE B 104 17.60 79.10 17.96
CA ILE B 104 18.84 79.86 17.80
C ILE B 104 19.13 80.05 16.32
N GLU B 105 19.08 78.96 15.54
CA GLU B 105 19.40 79.04 14.12
C GLU B 105 18.45 79.99 13.40
N GLU B 106 17.15 79.75 13.55
CA GLU B 106 16.15 80.50 12.80
C GLU B 106 16.18 81.98 13.15
N ILE B 107 16.39 82.31 14.42
CA ILE B 107 16.37 83.71 14.83
C ILE B 107 17.68 84.39 14.45
N GLY B 108 18.80 83.89 14.96
CA GLY B 108 20.06 84.59 14.81
C GLY B 108 21.26 83.80 14.35
N VAL B 109 21.11 82.82 13.46
CA VAL B 109 22.24 82.14 12.85
C VAL B 109 22.19 82.22 11.33
N ILE B 110 21.03 82.01 10.74
CA ILE B 110 20.90 82.13 9.29
C ILE B 110 21.12 83.58 8.90
N GLY B 111 22.17 83.83 8.12
CA GLY B 111 22.52 85.17 7.74
C GLY B 111 23.27 85.98 8.78
N VAL B 112 23.82 85.32 9.81
CA VAL B 112 24.54 86.05 10.84
C VAL B 112 25.84 86.62 10.28
N LYS B 113 26.49 85.88 9.39
CA LYS B 113 27.78 86.33 8.86
C LYS B 113 27.61 87.57 7.99
N GLU B 114 26.55 87.61 7.18
CA GLU B 114 26.29 88.80 6.37
C GLU B 114 26.03 90.03 7.24
N MET B 115 25.20 89.86 8.27
CA MET B 115 24.90 90.98 9.17
C MET B 115 26.16 91.47 9.86
N TYR B 116 26.98 90.56 10.37
CA TYR B 116 28.17 90.98 11.10
C TYR B 116 29.26 91.49 10.17
N ARG B 117 29.22 91.11 8.89
CA ARG B 117 30.05 91.77 7.89
C ARG B 117 29.59 93.20 7.68
N ASN B 118 28.27 93.43 7.67
CA ASN B 118 27.76 94.78 7.56
C ASN B 118 28.14 95.62 8.78
N LEU B 119 28.29 94.98 9.95
CA LEU B 119 28.61 95.74 11.15
C LEU B 119 30.10 95.80 11.45
N GLU B 120 30.94 95.21 10.59
CA GLU B 120 32.37 94.96 10.86
C GLU B 120 32.60 94.20 12.16
N VAL B 121 31.61 93.48 12.67
CA VAL B 121 31.83 92.79 13.95
C VAL B 121 32.79 91.64 13.74
N PRO B 122 33.92 91.59 14.45
CA PRO B 122 34.83 90.45 14.31
C PRO B 122 34.22 89.19 14.90
N LEU B 123 34.02 88.19 14.04
CA LEU B 123 33.45 86.91 14.44
C LEU B 123 34.25 86.23 15.55
N PRO B 124 35.59 86.35 15.58
CA PRO B 124 36.30 85.91 16.79
C PRO B 124 35.82 86.58 18.06
N GLY B 125 35.36 87.84 17.97
CA GLY B 125 34.72 88.46 19.11
C GLY B 125 33.46 87.73 19.54
N MET B 126 32.61 87.37 18.58
CA MET B 126 31.49 86.48 18.86
C MET B 126 31.93 85.21 19.54
N VAL B 127 32.98 84.57 19.02
CA VAL B 127 33.38 83.27 19.53
C VAL B 127 33.85 83.38 20.98
N GLU B 128 34.67 84.39 21.27
CA GLU B 128 35.18 84.56 22.63
C GLU B 128 34.07 84.97 23.60
N ALA B 129 33.17 85.84 23.16
CA ALA B 129 32.06 86.22 24.02
C ALA B 129 31.17 85.03 24.33
N VAL B 130 30.87 84.21 23.32
CA VAL B 130 30.03 83.04 23.54
C VAL B 130 30.75 82.02 24.42
N LYS B 131 32.07 81.90 24.28
CA LYS B 131 32.82 80.99 25.14
C LYS B 131 32.80 81.47 26.59
N ALA B 132 32.90 82.77 26.81
CA ALA B 132 32.77 83.30 28.17
C ALA B 132 31.38 83.04 28.74
N MET B 133 30.35 83.27 27.92
CA MET B 133 28.98 82.97 28.35
C MET B 133 28.83 81.50 28.70
N LYS B 134 29.40 80.62 27.88
CA LYS B 134 29.33 79.18 28.13
C LYS B 134 30.04 78.82 29.42
N SER B 135 31.21 79.41 29.66
CA SER B 135 31.93 79.15 30.90
C SER B 135 31.10 79.53 32.11
N VAL B 136 30.51 80.73 32.10
CA VAL B 136 29.72 81.18 33.23
C VAL B 136 28.50 80.28 33.43
N ALA B 137 27.79 79.97 32.33
CA ALA B 137 26.57 79.18 32.43
C ALA B 137 26.87 77.77 32.91
N THR B 138 27.95 77.16 32.42
CA THR B 138 28.30 75.81 32.85
C THR B 138 28.78 75.80 34.29
N GLY B 139 29.44 76.89 34.72
CA GLY B 139 29.83 76.98 36.12
C GLY B 139 28.65 77.08 37.05
N LEU B 140 27.63 77.84 36.66
CA LEU B 140 26.48 78.02 37.55
C LEU B 140 25.54 76.82 37.53
N LEU B 141 25.76 75.88 36.62
CA LEU B 141 24.92 74.69 36.57
C LEU B 141 25.68 73.44 37.01
N SER B 142 24.93 72.39 37.30
CA SER B 142 25.51 71.12 37.67
C SER B 142 26.00 70.39 36.42
N GLY B 143 26.87 69.39 36.64
CA GLY B 143 27.57 68.76 35.53
C GLY B 143 26.64 68.17 34.49
N ASP B 144 25.62 67.42 34.93
CA ASP B 144 24.67 66.81 34.00
C ASP B 144 23.94 67.89 33.20
N ASP B 145 23.57 68.99 33.85
CA ASP B 145 22.97 70.10 33.13
C ASP B 145 24.01 70.90 32.37
N SER B 146 25.22 71.03 32.93
CA SER B 146 26.23 71.89 32.32
C SER B 146 26.65 71.37 30.96
N ALA B 147 26.82 70.05 30.82
CA ALA B 147 27.22 69.51 29.53
C ALA B 147 26.16 69.80 28.46
N GLU B 148 24.91 69.49 28.77
CA GLU B 148 23.83 69.69 27.80
C GLU B 148 23.68 71.15 27.43
N VAL B 149 23.78 72.05 28.41
CA VAL B 149 23.66 73.47 28.13
C VAL B 149 24.85 73.96 27.32
N GLY B 150 26.05 73.50 27.66
CA GLY B 150 27.23 73.93 26.94
C GLY B 150 27.23 73.44 25.51
N TYR B 151 26.47 72.36 25.22
CA TYR B 151 26.32 71.93 23.84
C TYR B 151 25.68 73.02 22.99
N TYR B 152 24.68 73.72 23.53
CA TYR B 152 24.01 74.77 22.76
C TYR B 152 24.93 75.96 22.53
N PHE B 153 25.67 76.38 23.56
CA PHE B 153 26.66 77.43 23.38
C PHE B 153 27.73 77.01 22.39
N ASP B 154 28.07 75.72 22.40
CA ASP B 154 29.05 75.18 21.47
C ASP B 154 28.55 75.29 20.03
N TYR B 155 27.28 74.93 19.81
CA TYR B 155 26.70 75.06 18.49
C TYR B 155 26.68 76.51 18.05
N LEU B 156 26.31 77.42 18.95
CA LEU B 156 26.28 78.84 18.60
C LEU B 156 27.67 79.35 18.23
N ALA B 157 28.69 78.96 19.00
CA ALA B 157 30.05 79.38 18.70
C ALA B 157 30.51 78.81 17.36
N GLY B 158 30.20 77.55 17.08
CA GLY B 158 30.56 76.98 15.79
C GLY B 158 29.86 77.67 14.64
N ALA B 159 28.59 78.05 14.84
CA ALA B 159 27.86 78.77 13.81
C ALA B 159 28.49 80.14 13.55
N LEU B 160 28.88 80.84 14.61
CA LEU B 160 29.58 82.11 14.44
C LEU B 160 30.94 81.92 13.80
N ALA B 161 31.65 80.87 14.21
CA ALA B 161 32.96 80.56 13.62
C ALA B 161 32.81 79.85 12.28
N SER C 2 19.57 53.03 11.26
CA SER C 2 19.46 53.12 12.71
C SER C 2 19.30 54.56 13.16
N VAL C 3 19.09 54.75 14.47
CA VAL C 3 18.96 56.09 15.01
C VAL C 3 20.25 56.87 14.82
N VAL C 4 21.38 56.25 15.11
CA VAL C 4 22.67 56.89 14.90
C VAL C 4 22.87 57.20 13.42
N THR C 5 22.51 56.26 12.56
CA THR C 5 22.62 56.49 11.12
C THR C 5 21.77 57.67 10.68
N LYS C 6 20.53 57.75 11.17
CA LYS C 6 19.66 58.86 10.79
C LYS C 6 20.22 60.19 11.24
N ALA C 7 20.69 60.26 12.50
CA ALA C 7 21.27 61.50 12.98
C ALA C 7 22.50 61.90 12.16
N ILE C 8 23.36 60.93 11.86
CA ILE C 8 24.58 61.21 11.12
C ILE C 8 24.26 61.71 9.71
N VAL C 9 23.31 61.07 9.04
CA VAL C 9 23.02 61.45 7.66
C VAL C 9 22.25 62.76 7.61
N SER C 10 21.45 63.05 8.64
CA SER C 10 20.78 64.34 8.70
C SER C 10 21.79 65.47 8.91
N ALA C 11 22.78 65.24 9.77
CA ALA C 11 23.86 66.22 9.91
C ALA C 11 24.68 66.34 8.64
N ASP C 12 24.95 65.21 7.99
CA ASP C 12 25.76 65.21 6.77
C ASP C 12 25.07 65.97 5.65
N ALA C 13 23.74 65.85 5.56
CA ALA C 13 23.00 66.54 4.50
C ALA C 13 23.20 68.05 4.59
N GLU C 14 23.30 68.58 5.80
CA GLU C 14 23.49 70.00 6.02
C GLU C 14 24.96 70.39 6.09
N ALA C 15 25.88 69.44 5.91
CA ALA C 15 27.32 69.68 5.94
C ALA C 15 27.75 70.31 7.27
N ARG C 16 27.28 69.72 8.36
CA ARG C 16 27.58 70.25 9.69
C ARG C 16 27.81 69.09 10.65
N TYR C 17 28.30 69.42 11.83
CA TYR C 17 28.39 68.44 12.90
C TYR C 17 27.02 68.26 13.55
N LEU C 18 26.87 67.17 14.30
CA LEU C 18 25.58 66.87 14.89
C LEU C 18 25.18 67.96 15.89
N SER C 19 23.93 68.40 15.80
CA SER C 19 23.39 69.40 16.70
C SER C 19 23.20 68.80 18.08
N PRO C 20 23.05 69.64 19.11
CA PRO C 20 22.78 69.10 20.45
C PRO C 20 21.55 68.21 20.50
N GLY C 21 20.54 68.50 19.68
CA GLY C 21 19.37 67.64 19.62
C GLY C 21 19.70 66.23 19.15
N GLU C 22 20.54 66.13 18.11
CA GLU C 22 20.90 64.81 17.59
C GLU C 22 21.78 64.04 18.57
N LEU C 23 22.70 64.72 19.24
CA LEU C 23 23.52 64.06 20.25
C LEU C 23 22.66 63.61 21.43
N ASP C 24 21.67 64.41 21.81
CA ASP C 24 20.75 64.01 22.86
C ASP C 24 19.92 62.81 22.43
N ARG C 25 19.53 62.79 21.15
CA ARG C 25 18.81 61.63 20.61
C ARG C 25 19.67 60.37 20.70
N ILE C 26 20.96 60.48 20.36
CA ILE C 26 21.84 59.33 20.46
C ILE C 26 22.02 58.90 21.91
N ARG C 27 22.11 59.87 22.82
CA ARG C 27 22.21 59.53 24.24
C ARG C 27 20.97 58.77 24.71
N GLY C 28 19.79 59.23 24.30
CA GLY C 28 18.58 58.52 24.65
C GLY C 28 18.53 57.12 24.07
N PHE C 29 19.01 56.98 22.83
CA PHE C 29 18.99 55.67 22.19
C PHE C 29 19.96 54.71 22.86
N VAL C 30 21.13 55.18 23.27
CA VAL C 30 22.10 54.29 23.90
C VAL C 30 21.74 54.05 25.36
N SER C 31 20.92 54.93 25.95
CA SER C 31 20.48 54.70 27.32
C SER C 31 19.50 53.54 27.40
N SER C 32 18.74 53.31 26.34
CA SER C 32 17.76 52.24 26.28
C SER C 32 18.32 50.97 25.67
N GLY C 33 19.64 50.86 25.53
CA GLY C 33 20.21 49.69 24.88
C GLY C 33 19.94 48.40 25.63
N GLU C 34 20.02 48.44 26.96
CA GLU C 34 19.80 47.22 27.74
C GLU C 34 18.36 46.75 27.64
N ARG C 35 17.40 47.68 27.69
CA ARG C 35 15.99 47.31 27.55
C ARG C 35 15.72 46.71 26.18
N ARG C 36 16.25 47.34 25.13
CA ARG C 36 16.06 46.83 23.78
C ARG C 36 16.68 45.45 23.62
N LEU C 37 17.87 45.25 24.19
CA LEU C 37 18.51 43.94 24.11
C LEU C 37 17.70 42.88 24.86
N ARG C 38 17.16 43.23 26.03
CA ARG C 38 16.33 42.28 26.76
C ARG C 38 15.07 41.92 25.97
N VAL C 39 14.43 42.92 25.37
CA VAL C 39 13.23 42.66 24.58
C VAL C 39 13.54 41.79 23.38
N ALA C 40 14.63 42.10 22.66
CA ALA C 40 15.00 41.31 21.49
C ALA C 40 15.37 39.89 21.89
N GLN C 41 16.05 39.71 23.02
CA GLN C 41 16.42 38.39 23.45
C GLN C 41 15.20 37.59 23.91
N THR C 42 14.21 38.27 24.48
CA THR C 42 12.97 37.60 24.83
C THR C 42 12.21 37.16 23.58
N LEU C 43 12.15 38.02 22.57
CA LEU C 43 11.48 37.65 21.33
C LEU C 43 12.20 36.52 20.62
N THR C 44 13.53 36.56 20.61
CA THR C 44 14.30 35.49 19.98
C THR C 44 14.16 34.18 20.73
N GLU C 45 14.16 34.24 22.06
CA GLU C 45 13.99 33.02 22.85
C GLU C 45 12.64 32.38 22.60
N SER C 46 11.63 33.19 22.28
CA SER C 46 10.26 32.72 22.12
C SER C 46 9.82 32.66 20.67
N ARG C 47 10.77 32.61 19.72
CA ARG C 47 10.39 32.64 18.31
C ARG C 47 9.52 31.46 17.93
N GLU C 48 9.87 30.25 18.38
CA GLU C 48 9.09 29.08 18.02
C GLU C 48 7.69 29.15 18.61
N ARG C 49 7.59 29.52 19.89
CA ARG C 49 6.29 29.64 20.54
C ARG C 49 5.44 30.71 19.89
N ILE C 50 6.03 31.88 19.61
CA ILE C 50 5.28 32.96 18.98
C ILE C 50 4.77 32.54 17.62
N ILE C 51 5.63 31.93 16.80
CA ILE C 51 5.20 31.54 15.46
C ILE C 51 4.11 30.48 15.53
N LYS C 52 4.28 29.47 16.39
CA LYS C 52 3.27 28.44 16.54
C LYS C 52 1.92 29.03 16.92
N GLN C 53 1.90 29.84 17.98
CA GLN C 53 0.63 30.34 18.48
C GLN C 53 0.00 31.34 17.53
N ALA C 54 0.80 32.22 16.92
CA ALA C 54 0.26 33.20 15.99
C ALA C 54 -0.27 32.54 14.73
N GLY C 55 0.43 31.51 14.23
CA GLY C 55 -0.09 30.77 13.10
C GLY C 55 -1.40 30.08 13.42
N ASP C 56 -1.50 29.52 14.63
CA ASP C 56 -2.77 28.92 15.05
C ASP C 56 -3.88 29.96 15.04
N GLN C 57 -3.65 31.13 15.65
CA GLN C 57 -4.68 32.16 15.68
C GLN C 57 -5.05 32.61 14.27
N LEU C 58 -4.06 32.81 13.41
CA LEU C 58 -4.34 33.24 12.05
C LEU C 58 -5.20 32.21 11.31
N PHE C 59 -4.90 30.93 11.49
CA PHE C 59 -5.62 29.91 10.73
C PHE C 59 -7.03 29.70 11.26
N GLN C 60 -7.24 29.78 12.58
CA GLN C 60 -8.60 29.70 13.09
C GLN C 60 -9.42 30.93 12.73
N LYS C 61 -8.80 32.12 12.75
CA LYS C 61 -9.55 33.32 12.42
C LYS C 61 -9.95 33.35 10.95
N ARG C 62 -9.09 32.86 10.07
CA ARG C 62 -9.35 32.85 8.63
C ARG C 62 -9.11 31.45 8.08
N PRO C 63 -10.09 30.54 8.23
CA PRO C 63 -9.92 29.19 7.67
C PRO C 63 -9.82 29.17 6.15
N ASP C 64 -10.22 30.24 5.48
CA ASP C 64 -10.22 30.25 4.02
C ASP C 64 -8.81 30.13 3.46
N LEU C 65 -7.80 30.59 4.20
CA LEU C 65 -6.44 30.51 3.70
C LEU C 65 -5.98 29.07 3.59
N VAL C 66 -6.42 28.21 4.52
CA VAL C 66 -5.98 26.82 4.53
C VAL C 66 -7.05 25.86 4.01
N SER C 67 -8.20 26.36 3.61
CA SER C 67 -9.20 25.53 2.98
C SER C 67 -8.80 25.22 1.54
N PRO C 68 -9.30 24.13 0.97
CA PRO C 68 -9.00 23.83 -0.43
C PRO C 68 -9.39 24.99 -1.34
N GLY C 69 -8.49 25.33 -2.26
CA GLY C 69 -8.63 26.52 -3.06
C GLY C 69 -8.02 27.76 -2.46
N GLY C 70 -7.56 27.69 -1.21
CA GLY C 70 -6.85 28.81 -0.61
C GLY C 70 -5.38 28.82 -0.94
N ASN C 71 -4.75 29.97 -0.71
CA ASN C 71 -3.35 30.12 -1.10
C ASN C 71 -2.45 29.32 -0.16
N ALA C 72 -2.80 29.24 1.11
CA ALA C 72 -1.98 28.53 2.09
C ALA C 72 -2.35 27.05 2.20
N TYR C 73 -3.26 26.56 1.37
CA TYR C 73 -3.67 25.17 1.41
C TYR C 73 -2.51 24.24 1.10
N GLY C 74 -2.36 23.21 1.91
CA GLY C 74 -1.30 22.24 1.73
C GLY C 74 -0.21 22.38 2.77
N ALA C 75 0.51 21.28 3.02
CA ALA C 75 1.55 21.29 4.03
C ALA C 75 2.71 22.21 3.63
N GLU C 76 3.12 22.17 2.36
CA GLU C 76 4.25 22.98 1.93
C GLU C 76 3.89 24.47 1.92
N ARG C 77 2.68 24.80 1.48
CA ARG C 77 2.29 26.20 1.46
C ARG C 77 2.05 26.73 2.89
N THR C 78 1.56 25.87 3.78
CA THR C 78 1.48 26.26 5.18
C THR C 78 2.86 26.47 5.79
N ALA C 79 3.82 25.63 5.42
CA ALA C 79 5.19 25.82 5.88
C ALA C 79 5.76 27.14 5.37
N SER C 80 5.49 27.49 4.11
CA SER C 80 5.92 28.78 3.58
C SER C 80 5.23 29.93 4.32
N CYS C 81 3.94 29.76 4.62
CA CYS C 81 3.20 30.73 5.41
C CYS C 81 3.87 31.00 6.74
N LEU C 82 4.24 29.95 7.46
CA LEU C 82 4.88 30.13 8.75
C LEU C 82 6.30 30.67 8.60
N ARG C 83 6.98 30.31 7.51
CA ARG C 83 8.32 30.83 7.27
C ARG C 83 8.29 32.34 7.05
N ASP C 84 7.25 32.84 6.38
CA ASP C 84 7.11 34.29 6.21
C ASP C 84 6.95 34.99 7.57
N LEU C 85 6.15 34.41 8.45
CA LEU C 85 5.97 34.98 9.78
C LEU C 85 7.29 34.95 10.56
N ASP C 86 8.07 33.89 10.41
CA ASP C 86 9.38 33.83 11.03
C ASP C 86 10.28 34.95 10.50
N TYR C 87 10.26 35.16 9.19
CA TYR C 87 11.01 36.27 8.58
C TYR C 87 10.64 37.59 9.22
N TYR C 88 9.34 37.85 9.35
CA TYR C 88 8.90 39.16 9.84
C TYR C 88 9.19 39.32 11.33
N LEU C 89 9.14 38.23 12.09
CA LEU C 89 9.55 38.31 13.49
C LEU C 89 11.04 38.64 13.62
N ARG C 90 11.86 38.02 12.78
CA ARG C 90 13.28 38.35 12.79
C ARG C 90 13.51 39.81 12.43
N LEU C 91 12.76 40.31 11.45
CA LEU C 91 12.86 41.72 11.08
C LEU C 91 12.44 42.63 12.23
N VAL C 92 11.42 42.22 12.99
CA VAL C 92 10.98 43.03 14.12
C VAL C 92 12.06 43.09 15.19
N THR C 93 12.73 41.96 15.45
CA THR C 93 13.85 41.98 16.39
C THR C 93 14.97 42.89 15.89
N PHE C 94 15.25 42.83 14.58
CA PHE C 94 16.24 43.74 13.99
C PHE C 94 15.86 45.20 14.23
N GLY C 95 14.59 45.53 14.02
CA GLY C 95 14.15 46.90 14.25
C GLY C 95 14.23 47.29 15.72
N ILE C 96 13.95 46.36 16.62
CA ILE C 96 14.06 46.64 18.05
C ILE C 96 15.50 47.00 18.42
N VAL C 97 16.46 46.21 17.96
CA VAL C 97 17.85 46.52 18.32
C VAL C 97 18.33 47.77 17.60
N ALA C 98 17.86 47.99 16.37
CA ALA C 98 18.31 49.16 15.62
C ALA C 98 17.68 50.44 16.15
N GLY C 99 16.57 50.32 16.86
CA GLY C 99 15.87 51.47 17.38
C GLY C 99 14.96 52.17 16.38
N ASP C 100 14.78 51.60 15.19
CA ASP C 100 13.91 52.18 14.18
C ASP C 100 13.49 51.09 13.22
N VAL C 101 12.53 51.43 12.35
CA VAL C 101 11.92 50.45 11.46
C VAL C 101 12.67 50.38 10.14
N THR C 102 13.87 50.95 10.11
CA THR C 102 14.65 50.92 8.88
C THR C 102 15.01 49.50 8.42
N PRO C 103 15.51 48.59 9.28
CA PRO C 103 15.78 47.23 8.79
C PRO C 103 14.55 46.53 8.26
N ILE C 104 13.41 46.66 8.95
CA ILE C 104 12.16 46.10 8.45
C ILE C 104 11.82 46.71 7.11
N GLU C 105 11.95 48.02 7.00
CA GLU C 105 11.60 48.74 5.78
C GLU C 105 12.45 48.30 4.61
N GLU C 106 13.74 48.03 4.84
CA GLU C 106 14.64 47.80 3.71
C GLU C 106 14.80 46.32 3.42
N ILE C 107 14.35 45.44 4.30
CA ILE C 107 14.40 44.01 3.98
C ILE C 107 13.02 43.50 3.58
N GLY C 108 11.99 43.85 4.31
CA GLY C 108 10.70 43.21 4.08
C GLY C 108 9.51 44.12 3.85
N VAL C 109 9.73 45.36 3.44
CA VAL C 109 8.61 46.26 3.16
C VAL C 109 8.67 46.88 1.76
N ILE C 110 9.84 47.04 1.17
CA ILE C 110 9.95 47.67 -0.15
C ILE C 110 9.64 46.63 -1.21
N GLY C 111 8.62 46.91 -2.02
CA GLY C 111 8.17 45.95 -3.01
C GLY C 111 7.39 44.78 -2.48
N VAL C 112 6.89 44.87 -1.24
CA VAL C 112 6.17 43.74 -0.65
C VAL C 112 4.84 43.53 -1.36
N LYS C 113 4.18 44.62 -1.76
CA LYS C 113 2.91 44.47 -2.45
C LYS C 113 3.08 43.78 -3.80
N GLU C 114 4.10 44.18 -4.56
CA GLU C 114 4.37 43.52 -5.83
C GLU C 114 4.77 42.07 -5.62
N MET C 115 5.60 41.80 -4.62
CA MET C 115 6.04 40.44 -4.35
C MET C 115 4.86 39.54 -4.02
N TYR C 116 3.95 40.01 -3.16
CA TYR C 116 2.84 39.17 -2.75
C TYR C 116 1.75 39.13 -3.82
N ARG C 117 1.72 40.13 -4.70
CA ARG C 117 0.86 40.04 -5.87
C ARG C 117 1.35 38.96 -6.82
N ASN C 118 2.66 38.84 -6.99
CA ASN C 118 3.21 37.78 -7.81
C ASN C 118 2.93 36.41 -7.21
N LEU C 119 2.84 36.34 -5.89
CA LEU C 119 2.62 35.09 -5.17
C LEU C 119 1.16 34.86 -4.81
N GLU C 120 0.24 35.70 -5.31
CA GLU C 120 -1.19 35.54 -5.08
C GLU C 120 -1.53 35.55 -3.59
N VAL C 121 -0.74 36.23 -2.79
CA VAL C 121 -0.89 36.24 -1.34
C VAL C 121 -1.84 37.37 -0.96
N PRO C 122 -2.96 37.09 -0.29
CA PRO C 122 -3.87 38.16 0.10
C PRO C 122 -3.26 39.02 1.20
N LEU C 123 -3.09 40.30 0.89
CA LEU C 123 -2.52 41.27 1.80
C LEU C 123 -3.35 41.40 3.09
N PRO C 124 -4.68 41.39 3.03
CA PRO C 124 -5.44 41.33 4.30
C PRO C 124 -5.09 40.13 5.17
N GLY C 125 -4.81 38.99 4.55
CA GLY C 125 -4.35 37.84 5.33
C GLY C 125 -3.03 38.11 6.01
N MET C 126 -2.10 38.78 5.30
CA MET C 126 -0.83 39.13 5.90
C MET C 126 -1.01 40.10 7.06
N VAL C 127 -1.93 41.05 6.91
CA VAL C 127 -2.20 42.00 7.99
C VAL C 127 -2.77 41.29 9.20
N GLU C 128 -3.70 40.36 8.97
CA GLU C 128 -4.23 39.58 10.08
C GLU C 128 -3.14 38.76 10.76
N ALA C 129 -2.23 38.19 9.96
CA ALA C 129 -1.14 37.41 10.52
C ALA C 129 -0.23 38.26 11.40
N VAL C 130 0.11 39.46 10.95
CA VAL C 130 1.01 40.30 11.73
C VAL C 130 0.31 40.85 12.97
N LYS C 131 -1.00 41.07 12.88
CA LYS C 131 -1.75 41.43 14.09
C LYS C 131 -1.76 40.28 15.09
N ALA C 132 -1.90 39.05 14.61
CA ALA C 132 -1.83 37.89 15.50
C ALA C 132 -0.46 37.79 16.15
N MET C 133 0.60 38.04 15.37
CA MET C 133 1.94 38.04 15.95
C MET C 133 2.11 39.14 16.98
N LYS C 134 1.57 40.32 16.70
CA LYS C 134 1.53 41.37 17.71
C LYS C 134 0.91 40.88 19.00
N SER C 135 -0.28 40.29 18.91
CA SER C 135 -0.98 39.85 20.11
C SER C 135 -0.17 38.81 20.87
N VAL C 136 0.34 37.81 20.16
CA VAL C 136 1.05 36.71 20.81
C VAL C 136 2.33 37.22 21.47
N ALA C 137 3.08 38.07 20.78
CA ALA C 137 4.33 38.58 21.33
C ALA C 137 4.07 39.52 22.51
N THR C 138 3.10 40.44 22.36
CA THR C 138 2.83 41.39 23.43
C THR C 138 2.26 40.69 24.66
N GLY C 139 1.68 39.51 24.48
CA GLY C 139 1.27 38.73 25.64
C GLY C 139 2.45 38.31 26.49
N LEU C 140 3.59 38.03 25.86
CA LEU C 140 4.76 37.56 26.59
C LEU C 140 5.47 38.71 27.30
N LEU C 141 5.46 39.90 26.71
CA LEU C 141 6.24 41.01 27.24
C LEU C 141 5.52 41.70 28.39
N SER C 142 6.28 42.49 29.14
CA SER C 142 5.73 43.32 30.19
C SER C 142 4.99 44.50 29.59
N GLY C 143 4.33 45.27 30.47
CA GLY C 143 3.51 46.37 30.01
C GLY C 143 4.30 47.45 29.29
N ASP C 144 5.48 47.78 29.80
CA ASP C 144 6.29 48.83 29.18
C ASP C 144 6.81 48.40 27.82
N ASP C 145 7.29 47.16 27.72
CA ASP C 145 7.89 46.68 26.48
C ASP C 145 6.81 46.28 25.46
N SER C 146 5.60 45.99 25.95
CA SER C 146 4.53 45.58 25.04
C SER C 146 4.21 46.67 24.05
N ALA C 147 4.09 47.92 24.51
CA ALA C 147 3.82 49.03 23.60
C ALA C 147 4.97 49.23 22.62
N GLU C 148 6.21 49.12 23.10
CA GLU C 148 7.36 49.33 22.23
C GLU C 148 7.38 48.32 21.10
N VAL C 149 7.13 47.04 21.39
CA VAL C 149 7.09 46.04 20.34
C VAL C 149 5.88 46.24 19.45
N GLY C 150 4.75 46.63 20.04
CA GLY C 150 3.54 46.82 19.27
C GLY C 150 3.65 47.95 18.28
N TYR C 151 4.50 48.94 18.55
CA TYR C 151 4.68 50.01 17.58
C TYR C 151 5.30 49.51 16.29
N TYR C 152 6.35 48.68 16.39
CA TYR C 152 6.93 48.10 15.19
C TYR C 152 5.95 47.15 14.50
N PHE C 153 5.19 46.38 15.29
CA PHE C 153 4.20 45.51 14.68
C PHE C 153 3.13 46.30 13.94
N ASP C 154 2.68 47.42 14.52
CA ASP C 154 1.67 48.25 13.87
C ASP C 154 2.22 48.91 12.62
N TYR C 155 3.48 49.35 12.67
CA TYR C 155 4.10 49.87 11.46
C TYR C 155 4.10 48.82 10.35
N LEU C 156 4.47 47.58 10.69
CA LEU C 156 4.53 46.54 9.67
C LEU C 156 3.15 46.22 9.13
N ALA C 157 2.14 46.22 10.01
CA ALA C 157 0.77 46.01 9.57
C ALA C 157 0.31 47.10 8.62
N GLY C 158 0.60 48.36 8.95
CA GLY C 158 0.22 49.46 8.07
C GLY C 158 0.95 49.41 6.75
N ALA C 159 2.21 48.96 6.77
CA ALA C 159 2.95 48.79 5.52
C ALA C 159 2.31 47.71 4.65
N LEU C 160 1.87 46.61 5.26
CA LEU C 160 1.21 45.57 4.48
C LEU C 160 -0.20 46.01 4.06
N ALA C 161 -0.88 46.77 4.90
CA ALA C 161 -2.24 47.22 4.60
C ALA C 161 -2.24 48.36 3.60
N SER D 2 -11.90 59.93 -28.01
CA SER D 2 -12.09 59.03 -29.15
C SER D 2 -10.82 58.95 -30.00
N VAL D 3 -10.92 58.25 -31.13
CA VAL D 3 -9.77 58.10 -32.03
C VAL D 3 -9.43 59.44 -32.66
N VAL D 4 -10.44 60.20 -33.07
CA VAL D 4 -10.18 61.52 -33.63
C VAL D 4 -9.58 62.44 -32.56
N THR D 5 -9.97 62.24 -31.29
CA THR D 5 -9.37 63.02 -30.21
C THR D 5 -7.86 62.80 -30.13
N LYS D 6 -7.43 61.54 -30.15
CA LYS D 6 -5.99 61.28 -30.05
C LYS D 6 -5.27 61.75 -31.30
N ALA D 7 -5.93 61.64 -32.47
CA ALA D 7 -5.33 62.19 -33.68
C ALA D 7 -5.11 63.69 -33.57
N ILE D 8 -6.12 64.42 -33.10
CA ILE D 8 -6.03 65.87 -32.99
C ILE D 8 -4.96 66.27 -31.98
N VAL D 9 -4.92 65.58 -30.83
CA VAL D 9 -3.94 65.96 -29.81
C VAL D 9 -2.52 65.64 -30.28
N SER D 10 -2.35 64.54 -31.04
CA SER D 10 -1.05 64.24 -31.60
C SER D 10 -0.63 65.30 -32.60
N ALA D 11 -1.57 65.77 -33.42
CA ALA D 11 -1.26 66.85 -34.36
C ALA D 11 -0.89 68.14 -33.62
N ASP D 12 -1.61 68.44 -32.53
CA ASP D 12 -1.31 69.63 -31.74
C ASP D 12 0.08 69.55 -31.11
N ALA D 13 0.44 68.37 -30.60
CA ALA D 13 1.73 68.22 -29.95
C ALA D 13 2.88 68.45 -30.91
N GLU D 14 2.61 68.38 -32.21
CA GLU D 14 3.62 68.64 -33.23
C GLU D 14 3.37 69.94 -33.98
N ALA D 15 2.28 70.65 -33.68
CA ALA D 15 1.98 71.96 -34.26
C ALA D 15 1.92 71.93 -35.78
N ARG D 16 1.22 70.94 -36.33
CA ARG D 16 0.94 70.89 -37.76
C ARG D 16 -0.28 70.02 -38.00
N TYR D 17 -0.69 69.95 -39.27
CA TYR D 17 -1.87 69.19 -39.63
C TYR D 17 -1.63 67.69 -39.50
N LEU D 18 -2.69 66.93 -39.76
CA LEU D 18 -2.65 65.49 -39.51
C LEU D 18 -1.63 64.80 -40.42
N SER D 19 -0.98 63.76 -39.88
CA SER D 19 -0.07 62.93 -40.64
C SER D 19 -0.87 62.02 -41.57
N PRO D 20 -0.23 61.46 -42.61
CA PRO D 20 -0.97 60.53 -43.48
C PRO D 20 -1.45 59.30 -42.73
N GLY D 21 -0.69 58.85 -41.74
CA GLY D 21 -1.18 57.79 -40.87
C GLY D 21 -2.43 58.18 -40.12
N GLU D 22 -2.44 59.39 -39.54
CA GLU D 22 -3.61 59.82 -38.78
C GLU D 22 -4.78 60.12 -39.71
N LEU D 23 -4.50 60.58 -40.94
CA LEU D 23 -5.55 60.72 -41.93
C LEU D 23 -6.17 59.37 -42.25
N ASP D 24 -5.33 58.36 -42.52
CA ASP D 24 -5.84 57.01 -42.72
C ASP D 24 -6.60 56.52 -41.50
N ARG D 25 -6.24 57.01 -40.32
CA ARG D 25 -6.79 56.44 -39.10
C ARG D 25 -8.17 57.01 -38.81
N ILE D 26 -8.36 58.32 -39.05
CA ILE D 26 -9.69 58.89 -39.04
C ILE D 26 -10.54 58.29 -40.16
N ARG D 27 -9.92 57.99 -41.31
CA ARG D 27 -10.65 57.29 -42.38
C ARG D 27 -11.14 55.92 -41.91
N GLY D 28 -10.27 55.14 -41.30
CA GLY D 28 -10.67 53.82 -40.83
C GLY D 28 -11.69 53.89 -39.72
N PHE D 29 -11.58 54.90 -38.86
CA PHE D 29 -12.57 55.07 -37.80
C PHE D 29 -13.95 55.37 -38.35
N VAL D 30 -14.04 56.28 -39.33
CA VAL D 30 -15.35 56.59 -39.89
C VAL D 30 -15.86 55.45 -40.74
N SER D 31 -14.95 54.66 -41.35
CA SER D 31 -15.38 53.55 -42.19
C SER D 31 -15.89 52.38 -41.34
N SER D 32 -15.32 52.20 -40.15
CA SER D 32 -15.72 51.14 -39.25
C SER D 32 -16.77 51.58 -38.24
N GLY D 33 -17.29 52.80 -38.37
CA GLY D 33 -18.20 53.32 -37.36
C GLY D 33 -19.54 52.58 -37.32
N GLU D 34 -20.05 52.18 -38.48
CA GLU D 34 -21.35 51.53 -38.52
C GLU D 34 -21.32 50.18 -37.80
N ARG D 35 -20.33 49.34 -38.12
CA ARG D 35 -20.18 48.05 -37.45
C ARG D 35 -20.01 48.25 -35.96
N ARG D 36 -19.15 49.20 -35.58
CA ARG D 36 -18.81 49.46 -34.19
C ARG D 36 -20.03 49.92 -33.39
N LEU D 37 -20.82 50.82 -33.96
CA LEU D 37 -22.01 51.30 -33.26
C LEU D 37 -23.08 50.21 -33.19
N ARG D 38 -23.14 49.35 -34.22
CA ARG D 38 -24.05 48.21 -34.13
C ARG D 38 -23.63 47.27 -32.99
N VAL D 39 -22.33 47.05 -32.82
CA VAL D 39 -21.85 46.22 -31.72
C VAL D 39 -22.24 46.84 -30.38
N ALA D 40 -22.03 48.14 -30.23
CA ALA D 40 -22.41 48.81 -28.99
C ALA D 40 -23.91 48.71 -28.74
N GLN D 41 -24.72 48.88 -29.78
CA GLN D 41 -26.15 48.63 -29.67
C GLN D 41 -26.42 47.23 -29.12
N THR D 42 -25.99 46.21 -29.85
CA THR D 42 -26.28 44.83 -29.46
C THR D 42 -25.86 44.55 -28.03
N LEU D 43 -24.77 45.17 -27.58
CA LEU D 43 -24.43 45.11 -26.16
C LEU D 43 -25.46 45.85 -25.31
N THR D 44 -26.01 46.94 -25.84
CA THR D 44 -26.91 47.78 -25.04
C THR D 44 -28.25 47.08 -24.77
N GLU D 45 -28.90 46.55 -25.80
CA GLU D 45 -30.20 45.92 -25.55
C GLU D 45 -30.07 44.65 -24.73
N SER D 46 -28.96 43.93 -24.86
CA SER D 46 -28.77 42.68 -24.14
C SER D 46 -28.03 42.85 -22.83
N ARG D 47 -28.07 44.05 -22.23
CA ARG D 47 -27.28 44.30 -21.03
C ARG D 47 -27.84 43.56 -19.82
N GLU D 48 -29.16 43.50 -19.68
CA GLU D 48 -29.77 42.89 -18.49
C GLU D 48 -29.44 41.40 -18.42
N ARG D 49 -29.49 40.72 -19.57
CA ARG D 49 -29.16 39.29 -19.57
C ARG D 49 -27.67 39.06 -19.42
N ILE D 50 -26.85 39.91 -20.04
CA ILE D 50 -25.40 39.76 -19.93
C ILE D 50 -24.94 39.90 -18.49
N ILE D 51 -25.43 40.94 -17.79
CA ILE D 51 -24.98 41.17 -16.42
C ILE D 51 -25.43 40.02 -15.52
N LYS D 52 -26.65 39.52 -15.69
CA LYS D 52 -27.13 38.45 -14.84
C LYS D 52 -26.36 37.15 -15.09
N GLN D 53 -26.14 36.80 -16.37
CA GLN D 53 -25.40 35.59 -16.67
C GLN D 53 -23.95 35.69 -16.17
N ALA D 54 -23.33 36.85 -16.34
CA ALA D 54 -21.95 37.02 -15.89
C ALA D 54 -21.86 36.97 -14.36
N GLY D 55 -22.82 37.57 -13.67
CA GLY D 55 -22.82 37.50 -12.21
C GLY D 55 -23.04 36.09 -11.69
N ASP D 56 -23.96 35.36 -12.31
CA ASP D 56 -24.17 33.96 -11.93
C ASP D 56 -22.91 33.13 -12.20
N GLN D 57 -22.24 33.39 -13.33
CA GLN D 57 -20.99 32.68 -13.61
C GLN D 57 -19.91 33.03 -12.60
N LEU D 58 -19.83 34.30 -12.20
CA LEU D 58 -18.86 34.71 -11.20
C LEU D 58 -19.11 34.02 -9.87
N PHE D 59 -20.37 33.98 -9.44
CA PHE D 59 -20.70 33.27 -8.20
C PHE D 59 -20.41 31.78 -8.34
N GLN D 60 -20.63 31.23 -9.53
CA GLN D 60 -20.37 29.81 -9.77
C GLN D 60 -18.88 29.51 -9.65
N LYS D 61 -18.03 30.40 -10.17
CA LYS D 61 -16.60 30.13 -10.23
C LYS D 61 -15.96 30.15 -8.84
N ARG D 62 -16.24 31.17 -8.05
CA ARG D 62 -15.56 31.39 -6.78
C ARG D 62 -16.51 31.10 -5.62
N PRO D 63 -16.37 29.96 -4.94
CA PRO D 63 -17.18 29.72 -3.74
C PRO D 63 -16.85 30.64 -2.58
N ASP D 64 -15.67 31.28 -2.61
CA ASP D 64 -15.23 32.08 -1.49
C ASP D 64 -16.02 33.39 -1.39
N LEU D 65 -16.28 34.03 -2.53
CA LEU D 65 -16.99 35.31 -2.49
C LEU D 65 -18.40 35.15 -1.94
N VAL D 66 -19.11 34.10 -2.38
CA VAL D 66 -20.48 33.88 -1.91
C VAL D 66 -20.48 33.43 -0.45
N SER D 67 -19.32 32.94 0.03
CA SER D 67 -19.22 32.47 1.41
C SER D 67 -19.28 33.65 2.37
N PRO D 68 -19.61 33.40 3.64
CA PRO D 68 -19.62 34.50 4.62
C PRO D 68 -18.25 35.14 4.76
N GLY D 69 -18.25 36.43 5.06
CA GLY D 69 -17.03 37.20 5.16
C GLY D 69 -16.50 37.72 3.83
N GLY D 70 -17.19 37.46 2.73
CA GLY D 70 -16.76 37.92 1.42
C GLY D 70 -17.59 39.09 0.95
N ASN D 71 -17.08 39.80 -0.05
CA ASN D 71 -17.77 40.99 -0.54
C ASN D 71 -18.86 40.62 -1.53
N ALA D 72 -19.24 39.35 -1.58
CA ALA D 72 -20.40 38.97 -2.40
C ALA D 72 -21.55 38.48 -1.53
N TYR D 73 -21.25 38.05 -0.30
CA TYR D 73 -22.29 37.63 0.63
C TYR D 73 -23.22 38.79 0.97
N GLY D 74 -24.51 38.52 0.91
CA GLY D 74 -25.53 39.51 1.18
C GLY D 74 -26.29 39.92 -0.06
N ALA D 75 -27.60 40.11 0.10
CA ALA D 75 -28.45 40.46 -1.04
C ALA D 75 -28.12 41.85 -1.58
N GLU D 76 -28.07 42.84 -0.69
CA GLU D 76 -27.73 44.19 -1.12
C GLU D 76 -26.29 44.26 -1.61
N ARG D 77 -25.40 43.49 -0.98
CA ARG D 77 -24.02 43.45 -1.42
C ARG D 77 -23.88 42.81 -2.80
N THR D 78 -24.66 41.75 -3.05
CA THR D 78 -24.74 41.18 -4.39
C THR D 78 -25.29 42.19 -5.39
N ALA D 79 -26.28 42.99 -4.97
CA ALA D 79 -26.81 44.04 -5.83
C ALA D 79 -25.74 45.06 -6.18
N SER D 80 -24.90 45.41 -5.20
CA SER D 80 -23.79 46.33 -5.47
C SER D 80 -22.78 45.72 -6.43
N CYS D 81 -22.50 44.43 -6.27
CA CYS D 81 -21.64 43.73 -7.23
C CYS D 81 -22.21 43.80 -8.64
N LEU D 82 -23.49 43.47 -8.79
CA LEU D 82 -24.11 43.49 -10.12
C LEU D 82 -24.19 44.92 -10.66
N ARG D 83 -24.30 45.91 -9.77
CA ARG D 83 -24.33 47.30 -10.21
C ARG D 83 -22.97 47.74 -10.73
N ASP D 84 -21.89 47.27 -10.10
CA ASP D 84 -20.57 47.52 -10.64
C ASP D 84 -20.40 46.84 -12.01
N LEU D 85 -20.91 45.63 -12.15
CA LEU D 85 -20.89 44.98 -13.47
C LEU D 85 -21.68 45.80 -14.49
N ASP D 86 -22.83 46.35 -14.07
CA ASP D 86 -23.64 47.17 -14.95
C ASP D 86 -22.88 48.42 -15.39
N TYR D 87 -22.22 49.10 -14.45
CA TYR D 87 -21.38 50.23 -14.82
C TYR D 87 -20.30 49.82 -15.80
N TYR D 88 -19.58 48.73 -15.52
CA TYR D 88 -18.46 48.36 -16.37
C TYR D 88 -18.92 47.99 -17.78
N LEU D 89 -20.08 47.35 -17.89
CA LEU D 89 -20.61 47.06 -19.23
C LEU D 89 -20.93 48.35 -19.99
N ARG D 90 -21.50 49.34 -19.30
CA ARG D 90 -21.78 50.61 -19.94
C ARG D 90 -20.49 51.28 -20.41
N LEU D 91 -19.44 51.20 -19.59
CA LEU D 91 -18.16 51.76 -19.99
C LEU D 91 -17.56 51.01 -21.18
N VAL D 92 -17.76 49.69 -21.23
CA VAL D 92 -17.28 48.93 -22.39
C VAL D 92 -18.02 49.36 -23.65
N THR D 93 -19.33 49.60 -23.54
CA THR D 93 -20.07 50.12 -24.70
C THR D 93 -19.55 51.50 -25.11
N PHE D 94 -19.29 52.37 -24.13
CA PHE D 94 -18.68 53.66 -24.41
C PHE D 94 -17.37 53.50 -25.15
N GLY D 95 -16.51 52.60 -24.67
CA GLY D 95 -15.20 52.42 -25.28
C GLY D 95 -15.29 51.86 -26.68
N ILE D 96 -16.25 50.95 -26.91
CA ILE D 96 -16.47 50.48 -28.27
C ILE D 96 -16.84 51.66 -29.16
N VAL D 97 -17.79 52.49 -28.73
CA VAL D 97 -18.24 53.60 -29.57
C VAL D 97 -17.09 54.54 -29.87
N ALA D 98 -16.31 54.91 -28.86
CA ALA D 98 -15.28 55.93 -29.04
C ALA D 98 -14.16 55.42 -29.93
N GLY D 99 -14.07 54.12 -30.13
CA GLY D 99 -12.99 53.53 -30.91
C GLY D 99 -11.70 53.37 -30.16
N ASP D 100 -11.67 53.73 -28.88
CA ASP D 100 -10.49 53.56 -28.04
C ASP D 100 -10.95 53.35 -26.60
N VAL D 101 -9.98 53.28 -25.69
CA VAL D 101 -10.28 52.93 -24.31
C VAL D 101 -10.22 54.12 -23.36
N THR D 102 -10.01 55.34 -23.87
CA THR D 102 -9.99 56.49 -22.98
C THR D 102 -11.31 56.73 -22.26
N PRO D 103 -12.50 56.55 -22.86
CA PRO D 103 -13.73 56.63 -22.04
C PRO D 103 -13.75 55.59 -20.94
N ILE D 104 -13.20 54.40 -21.22
CA ILE D 104 -13.06 53.38 -20.18
C ILE D 104 -12.01 53.80 -19.16
N GLU D 105 -10.89 54.37 -19.64
CA GLU D 105 -9.79 54.68 -18.74
C GLU D 105 -10.17 55.77 -17.74
N GLU D 106 -10.74 56.87 -18.23
CA GLU D 106 -10.96 58.01 -17.35
C GLU D 106 -12.23 57.84 -16.52
N ILE D 107 -13.00 56.78 -16.77
CA ILE D 107 -14.09 56.39 -15.89
C ILE D 107 -14.00 54.88 -15.65
N GLY D 108 -13.42 54.48 -14.53
CA GLY D 108 -13.38 53.10 -14.14
C GLY D 108 -12.03 52.41 -14.22
N VAL D 109 -10.98 53.11 -14.59
CA VAL D 109 -9.64 52.51 -14.62
C VAL D 109 -8.69 53.32 -13.75
N ILE D 110 -8.75 54.65 -13.87
CA ILE D 110 -7.85 55.50 -13.11
C ILE D 110 -8.23 55.46 -11.63
N GLY D 111 -7.29 55.02 -10.80
CA GLY D 111 -7.55 54.90 -9.38
C GLY D 111 -8.40 53.72 -8.97
N VAL D 112 -8.51 52.69 -9.82
CA VAL D 112 -9.37 51.56 -9.51
C VAL D 112 -8.82 50.76 -8.35
N LYS D 113 -7.49 50.61 -8.29
CA LYS D 113 -6.87 49.85 -7.22
C LYS D 113 -7.13 50.50 -5.87
N GLU D 114 -6.96 51.82 -5.78
CA GLU D 114 -7.21 52.52 -4.52
C GLU D 114 -8.68 52.47 -4.14
N MET D 115 -9.58 52.58 -5.13
CA MET D 115 -11.01 52.52 -4.83
C MET D 115 -11.42 51.16 -4.29
N TYR D 116 -10.90 50.08 -4.87
CA TYR D 116 -11.26 48.74 -4.38
C TYR D 116 -10.49 48.37 -3.11
N ARG D 117 -9.36 49.02 -2.84
CA ARG D 117 -8.76 48.87 -1.53
C ARG D 117 -9.58 49.60 -0.47
N ASN D 118 -10.13 50.76 -0.82
CA ASN D 118 -11.03 51.45 0.09
C ASN D 118 -12.30 50.63 0.32
N LEU D 119 -12.79 49.96 -0.73
CA LEU D 119 -13.99 49.15 -0.62
C LEU D 119 -13.69 47.77 -0.05
N GLU D 120 -12.41 47.40 0.00
CA GLU D 120 -11.92 46.08 0.43
C GLU D 120 -12.28 44.99 -0.56
N VAL D 121 -12.70 45.36 -1.77
CA VAL D 121 -13.11 44.38 -2.77
C VAL D 121 -11.88 43.66 -3.33
N PRO D 122 -11.89 42.33 -3.43
CA PRO D 122 -10.73 41.63 -4.00
C PRO D 122 -10.62 41.89 -5.50
N LEU D 123 -9.38 42.12 -5.94
CA LEU D 123 -9.06 42.45 -7.32
C LEU D 123 -9.04 41.20 -8.21
N PRO D 124 -8.58 40.05 -7.71
CA PRO D 124 -8.88 38.80 -8.43
C PRO D 124 -10.36 38.63 -8.70
N GLY D 125 -11.21 39.07 -7.78
CA GLY D 125 -12.63 39.13 -8.08
C GLY D 125 -12.93 39.96 -9.30
N MET D 126 -12.23 41.10 -9.44
CA MET D 126 -12.40 41.92 -10.65
C MET D 126 -12.02 41.17 -11.90
N VAL D 127 -10.83 40.55 -11.91
CA VAL D 127 -10.38 39.91 -13.15
C VAL D 127 -11.30 38.75 -13.51
N GLU D 128 -11.74 37.97 -12.52
CA GLU D 128 -12.65 36.88 -12.80
C GLU D 128 -14.00 37.39 -13.30
N ALA D 129 -14.51 38.47 -12.68
CA ALA D 129 -15.80 39.00 -13.11
C ALA D 129 -15.74 39.51 -14.54
N VAL D 130 -14.68 40.25 -14.89
CA VAL D 130 -14.61 40.81 -16.24
C VAL D 130 -14.35 39.70 -17.26
N LYS D 131 -13.63 38.64 -16.85
CA LYS D 131 -13.54 37.48 -17.71
C LYS D 131 -14.91 36.85 -17.93
N ALA D 132 -15.75 36.82 -16.88
CA ALA D 132 -17.10 36.31 -17.04
C ALA D 132 -17.92 37.16 -18.00
N MET D 133 -17.85 38.49 -17.88
CA MET D 133 -18.56 39.33 -18.85
C MET D 133 -18.03 39.12 -20.26
N LYS D 134 -16.71 38.98 -20.42
CA LYS D 134 -16.19 38.75 -21.76
C LYS D 134 -16.69 37.43 -22.33
N SER D 135 -16.70 36.38 -21.52
CA SER D 135 -17.18 35.08 -21.99
C SER D 135 -18.65 35.12 -22.37
N VAL D 136 -19.48 35.78 -21.55
CA VAL D 136 -20.91 35.83 -21.86
C VAL D 136 -21.17 36.74 -23.06
N ALA D 137 -20.35 37.77 -23.24
CA ALA D 137 -20.56 38.70 -24.35
C ALA D 137 -20.14 38.09 -25.68
N THR D 138 -19.02 37.38 -25.70
CA THR D 138 -18.56 36.78 -26.95
C THR D 138 -19.50 35.67 -27.41
N GLY D 139 -20.28 35.11 -26.49
CA GLY D 139 -21.16 34.01 -26.85
C GLY D 139 -22.29 34.43 -27.79
N LEU D 140 -23.17 35.30 -27.31
CA LEU D 140 -24.34 35.67 -28.10
C LEU D 140 -23.97 36.61 -29.24
N LEU D 141 -22.91 37.39 -29.08
CA LEU D 141 -22.54 38.39 -30.07
C LEU D 141 -21.79 37.73 -31.23
N SER D 142 -21.81 38.40 -32.38
CA SER D 142 -21.16 37.90 -33.58
C SER D 142 -19.65 37.83 -33.39
N GLY D 143 -19.02 36.93 -34.15
CA GLY D 143 -17.61 36.64 -33.94
C GLY D 143 -16.71 37.84 -34.20
N ASP D 144 -16.92 38.53 -35.32
CA ASP D 144 -16.11 39.71 -35.62
C ASP D 144 -16.35 40.81 -34.60
N ASP D 145 -17.61 41.00 -34.20
CA ASP D 145 -17.92 41.93 -33.12
C ASP D 145 -17.28 41.47 -31.81
N SER D 146 -17.38 40.17 -31.52
CA SER D 146 -16.84 39.64 -30.27
C SER D 146 -15.32 39.78 -30.22
N ALA D 147 -14.67 39.88 -31.38
CA ALA D 147 -13.23 40.07 -31.38
C ALA D 147 -12.85 41.39 -30.69
N GLU D 148 -13.44 42.50 -31.14
CA GLU D 148 -13.12 43.78 -30.52
C GLU D 148 -13.70 43.88 -29.12
N VAL D 149 -14.87 43.26 -28.89
CA VAL D 149 -15.43 43.28 -27.54
C VAL D 149 -14.51 42.56 -26.56
N GLY D 150 -13.98 41.40 -26.96
CA GLY D 150 -13.04 40.68 -26.13
C GLY D 150 -11.73 41.41 -25.95
N TYR D 151 -11.29 42.13 -26.99
CA TYR D 151 -10.09 42.96 -26.85
C TYR D 151 -10.30 44.04 -25.78
N TYR D 152 -11.45 44.69 -25.81
CA TYR D 152 -11.73 45.75 -24.83
C TYR D 152 -11.85 45.16 -23.43
N PHE D 153 -12.53 44.02 -23.30
CA PHE D 153 -12.64 43.38 -21.99
C PHE D 153 -11.29 42.89 -21.49
N ASP D 154 -10.42 42.44 -22.39
CA ASP D 154 -9.09 42.01 -22.00
C ASP D 154 -8.25 43.19 -21.53
N TYR D 155 -8.38 44.34 -22.22
CA TYR D 155 -7.70 45.54 -21.73
C TYR D 155 -8.19 45.92 -20.35
N LEU D 156 -9.51 45.85 -20.13
CA LEU D 156 -10.07 46.20 -18.83
C LEU D 156 -9.56 45.25 -17.75
N ALA D 157 -9.50 43.96 -18.07
CA ALA D 157 -8.98 42.98 -17.12
C ALA D 157 -7.52 43.23 -16.79
N GLY D 158 -6.71 43.53 -17.82
CA GLY D 158 -5.31 43.85 -17.57
C GLY D 158 -5.14 45.11 -16.74
N ALA D 159 -6.01 46.09 -16.95
CA ALA D 159 -6.00 47.28 -16.11
C ALA D 159 -6.32 46.93 -14.67
N LEU D 160 -7.31 46.05 -14.45
CA LEU D 160 -7.57 45.58 -13.10
C LEU D 160 -6.44 44.71 -12.58
N ALA D 161 -5.95 43.79 -13.41
CA ALA D 161 -4.90 42.87 -12.97
C ALA D 161 -3.52 43.32 -13.46
N SER E 2 7.59 53.70 -39.20
CA SER E 2 6.33 53.27 -39.78
C SER E 2 5.20 53.36 -38.77
N VAL E 3 4.01 52.90 -39.16
CA VAL E 3 2.87 52.90 -38.25
C VAL E 3 3.16 52.04 -37.03
N VAL E 4 3.69 50.83 -37.27
CA VAL E 4 4.02 49.93 -36.18
C VAL E 4 5.10 50.54 -35.30
N THR E 5 6.12 51.15 -35.90
CA THR E 5 7.20 51.76 -35.13
C THR E 5 6.67 52.89 -34.26
N LYS E 6 5.84 53.76 -34.82
CA LYS E 6 5.31 54.88 -34.03
C LYS E 6 4.45 54.37 -32.89
N ALA E 7 3.59 53.39 -33.16
CA ALA E 7 2.74 52.85 -32.11
C ALA E 7 3.57 52.23 -30.99
N ILE E 8 4.59 51.45 -31.36
CA ILE E 8 5.37 50.76 -30.34
C ILE E 8 6.20 51.73 -29.52
N VAL E 9 6.83 52.71 -30.17
CA VAL E 9 7.64 53.66 -29.41
C VAL E 9 6.75 54.53 -28.52
N SER E 10 5.56 54.87 -29.00
CA SER E 10 4.62 55.59 -28.15
C SER E 10 4.24 54.77 -26.93
N ALA E 11 3.95 53.48 -27.12
CA ALA E 11 3.64 52.62 -25.98
C ALA E 11 4.84 52.49 -25.05
N ASP E 12 6.04 52.48 -25.60
CA ASP E 12 7.26 52.33 -24.80
C ASP E 12 7.51 53.57 -23.96
N ALA E 13 7.12 54.74 -24.45
CA ALA E 13 7.41 55.97 -23.72
C ALA E 13 6.69 56.04 -22.39
N GLU E 14 5.60 55.29 -22.22
CA GLU E 14 4.92 55.21 -20.93
C GLU E 14 5.04 53.84 -20.26
N ALA E 15 5.97 53.00 -20.71
CA ALA E 15 6.24 51.71 -20.06
C ALA E 15 4.98 50.85 -19.95
N ARG E 16 4.29 50.65 -21.07
CA ARG E 16 3.04 49.91 -21.08
C ARG E 16 2.91 49.10 -22.36
N TYR E 17 2.01 48.12 -22.31
CA TYR E 17 1.65 47.35 -23.48
C TYR E 17 0.77 48.18 -24.41
N LEU E 18 0.77 47.82 -25.68
CA LEU E 18 -0.12 48.49 -26.63
C LEU E 18 -1.58 48.24 -26.26
N SER E 19 -2.36 49.30 -26.26
CA SER E 19 -3.79 49.24 -26.02
C SER E 19 -4.52 48.72 -27.25
N PRO E 20 -5.75 48.23 -27.07
CA PRO E 20 -6.49 47.71 -28.23
C PRO E 20 -6.69 48.74 -29.31
N GLY E 21 -6.66 50.03 -28.98
CA GLY E 21 -6.78 51.06 -30.01
C GLY E 21 -5.62 51.02 -31.00
N GLU E 22 -4.40 50.98 -30.48
CA GLU E 22 -3.26 50.92 -31.40
C GLU E 22 -3.03 49.51 -31.94
N LEU E 23 -3.63 48.51 -31.31
CA LEU E 23 -3.69 47.21 -31.98
C LEU E 23 -4.62 47.26 -33.20
N ASP E 24 -5.77 47.95 -33.09
CA ASP E 24 -6.60 48.21 -34.26
C ASP E 24 -5.83 49.04 -35.28
N ARG E 25 -5.02 49.98 -34.80
CA ARG E 25 -4.09 50.71 -35.66
C ARG E 25 -3.27 49.76 -36.52
N ILE E 26 -2.57 48.82 -35.89
CA ILE E 26 -1.70 47.91 -36.63
C ILE E 26 -2.52 47.04 -37.58
N ARG E 27 -3.68 46.58 -37.12
CA ARG E 27 -4.52 45.74 -37.97
C ARG E 27 -5.00 46.49 -39.21
N GLY E 28 -5.42 47.74 -39.05
CA GLY E 28 -5.83 48.52 -40.19
C GLY E 28 -4.69 48.80 -41.14
N PHE E 29 -3.49 49.07 -40.60
CA PHE E 29 -2.34 49.28 -41.46
C PHE E 29 -2.01 48.01 -42.26
N VAL E 30 -2.07 46.86 -41.60
CA VAL E 30 -1.72 45.59 -42.23
C VAL E 30 -2.75 45.22 -43.29
N SER E 31 -4.03 45.44 -43.01
CA SER E 31 -5.06 45.07 -43.97
C SER E 31 -4.98 45.92 -45.24
N SER E 32 -4.25 47.03 -45.18
CA SER E 32 -4.06 47.90 -46.33
C SER E 32 -2.70 47.72 -46.99
N GLY E 33 -1.99 46.64 -46.68
CA GLY E 33 -0.64 46.48 -47.18
C GLY E 33 -0.58 46.29 -48.70
N GLU E 34 -1.49 45.48 -49.23
CA GLU E 34 -1.41 45.14 -50.66
C GLU E 34 -1.64 46.36 -51.55
N ARG E 35 -2.55 47.25 -51.16
CA ARG E 35 -2.78 48.46 -51.94
C ARG E 35 -1.54 49.35 -51.93
N ARG E 36 -0.91 49.49 -50.77
CA ARG E 36 0.33 50.26 -50.69
C ARG E 36 1.42 49.65 -51.57
N LEU E 37 1.54 48.33 -51.54
CA LEU E 37 2.54 47.66 -52.37
C LEU E 37 2.26 47.88 -53.85
N ARG E 38 0.99 47.88 -54.24
CA ARG E 38 0.64 48.10 -55.64
C ARG E 38 0.95 49.54 -56.07
N VAL E 39 0.67 50.50 -55.20
CA VAL E 39 1.00 51.89 -55.51
C VAL E 39 2.51 52.05 -55.64
N ALA E 40 3.27 51.40 -54.76
CA ALA E 40 4.72 51.43 -54.88
C ALA E 40 5.19 50.78 -56.18
N GLN E 41 4.52 49.69 -56.58
CA GLN E 41 4.78 49.12 -57.91
C GLN E 41 4.63 50.18 -58.98
N THR E 42 3.50 50.89 -58.98
CA THR E 42 3.22 51.84 -60.04
C THR E 42 4.25 52.97 -60.06
N LEU E 43 4.61 53.48 -58.88
CA LEU E 43 5.58 54.57 -58.83
C LEU E 43 6.97 54.10 -59.24
N THR E 44 7.41 52.93 -58.76
CA THR E 44 8.75 52.44 -59.08
C THR E 44 8.89 52.12 -60.55
N GLU E 45 7.86 51.53 -61.16
CA GLU E 45 7.97 51.14 -62.56
C GLU E 45 7.97 52.36 -63.48
N SER E 46 7.37 53.46 -63.04
CA SER E 46 7.26 54.66 -63.85
C SER E 46 8.19 55.78 -63.40
N ARG E 47 9.29 55.47 -62.71
CA ARG E 47 10.15 56.51 -62.17
C ARG E 47 10.78 57.33 -63.30
N GLU E 48 11.23 56.66 -64.36
CA GLU E 48 11.95 57.36 -65.43
C GLU E 48 11.06 58.39 -66.12
N ARG E 49 9.82 58.02 -66.41
CA ARG E 49 8.90 58.98 -67.04
C ARG E 49 8.53 60.10 -66.08
N ILE E 50 8.31 59.76 -64.81
CA ILE E 50 7.90 60.77 -63.83
C ILE E 50 8.99 61.83 -63.67
N ILE E 51 10.25 61.40 -63.58
CA ILE E 51 11.33 62.37 -63.36
C ILE E 51 11.45 63.32 -64.54
N LYS E 52 11.42 62.79 -65.76
CA LYS E 52 11.53 63.65 -66.94
C LYS E 52 10.35 64.61 -67.03
N GLN E 53 9.13 64.11 -66.82
CA GLN E 53 7.96 64.98 -66.93
C GLN E 53 7.97 66.05 -65.85
N ALA E 54 8.35 65.68 -64.63
CA ALA E 54 8.44 66.66 -63.55
C ALA E 54 9.51 67.70 -63.83
N GLY E 55 10.65 67.29 -64.38
CA GLY E 55 11.67 68.24 -64.74
C GLY E 55 11.20 69.22 -65.80
N ASP E 56 10.53 68.73 -66.83
CA ASP E 56 10.00 69.61 -67.86
C ASP E 56 8.97 70.57 -67.29
N GLN E 57 8.05 70.08 -66.45
CA GLN E 57 7.03 70.95 -65.87
C GLN E 57 7.67 72.01 -64.98
N LEU E 58 8.64 71.62 -64.15
CA LEU E 58 9.32 72.57 -63.29
C LEU E 58 10.04 73.63 -64.10
N PHE E 59 10.72 73.22 -65.17
CA PHE E 59 11.55 74.15 -65.91
C PHE E 59 10.71 75.07 -66.80
N GLN E 60 9.55 74.61 -67.26
CA GLN E 60 8.67 75.50 -68.01
C GLN E 60 7.92 76.44 -67.07
N LYS E 61 7.58 75.98 -65.87
CA LYS E 61 6.91 76.85 -64.91
C LYS E 61 7.88 77.83 -64.28
N ARG E 62 9.14 77.42 -64.12
CA ARG E 62 10.17 78.25 -63.51
C ARG E 62 11.39 78.26 -64.42
N PRO E 63 11.34 78.98 -65.54
CA PRO E 63 12.48 78.99 -66.46
C PRO E 63 13.74 79.62 -65.88
N ASP E 64 13.62 80.39 -64.79
CA ASP E 64 14.76 81.10 -64.26
C ASP E 64 15.83 80.14 -63.73
N LEU E 65 15.41 78.98 -63.23
CA LEU E 65 16.39 78.03 -62.68
C LEU E 65 17.35 77.54 -63.75
N VAL E 66 16.84 77.26 -64.96
CA VAL E 66 17.69 76.87 -66.07
C VAL E 66 18.16 78.07 -66.89
N SER E 67 17.65 79.27 -66.60
CA SER E 67 18.09 80.46 -67.29
C SER E 67 19.52 80.80 -66.87
N PRO E 68 20.23 81.62 -67.66
CA PRO E 68 21.57 82.05 -67.26
C PRO E 68 21.54 82.70 -65.88
N GLY E 69 22.49 82.33 -65.04
CA GLY E 69 22.51 82.74 -63.66
C GLY E 69 21.63 81.92 -62.74
N GLY E 70 20.91 80.92 -63.28
CA GLY E 70 20.07 80.09 -62.45
C GLY E 70 20.83 78.96 -61.80
N ASN E 71 20.21 78.37 -60.77
CA ASN E 71 20.84 77.28 -60.05
C ASN E 71 21.02 76.04 -60.93
N ALA E 72 19.99 75.68 -61.69
CA ALA E 72 20.04 74.50 -62.54
C ALA E 72 20.67 74.77 -63.89
N TYR E 73 21.22 75.96 -64.10
CA TYR E 73 21.85 76.30 -65.37
C TYR E 73 23.03 75.38 -65.63
N GLY E 74 23.07 74.80 -66.83
CA GLY E 74 24.09 73.85 -67.19
C GLY E 74 23.59 72.42 -67.12
N ALA E 75 24.21 71.56 -67.93
CA ALA E 75 23.77 70.16 -67.99
C ALA E 75 24.03 69.43 -66.68
N GLU E 76 25.17 69.69 -66.04
CA GLU E 76 25.50 69.00 -64.81
C GLU E 76 24.57 69.41 -63.67
N ARG E 77 24.23 70.70 -63.60
CA ARG E 77 23.40 71.17 -62.51
C ARG E 77 21.94 70.74 -62.72
N THR E 78 21.51 70.70 -63.97
CA THR E 78 20.20 70.11 -64.29
C THR E 78 20.17 68.64 -63.94
N ALA E 79 21.26 67.92 -64.21
CA ALA E 79 21.33 66.51 -63.83
C ALA E 79 21.24 66.36 -62.31
N SER E 80 21.89 67.24 -61.57
CA SER E 80 21.79 67.21 -60.11
C SER E 80 20.36 67.47 -59.65
N CYS E 81 19.67 68.41 -60.30
CA CYS E 81 18.28 68.67 -59.97
C CYS E 81 17.39 67.45 -60.21
N LEU E 82 17.58 66.79 -61.36
CA LEU E 82 16.80 65.60 -61.65
C LEU E 82 17.14 64.47 -60.69
N ARG E 83 18.42 64.40 -60.27
CA ARG E 83 18.84 63.43 -59.26
C ARG E 83 18.12 63.68 -57.94
N ASP E 84 17.97 64.95 -57.55
CA ASP E 84 17.23 65.26 -56.34
C ASP E 84 15.77 64.86 -56.46
N LEU E 85 15.16 65.11 -57.61
CA LEU E 85 13.80 64.67 -57.84
C LEU E 85 13.68 63.15 -57.72
N ASP E 86 14.67 62.43 -58.26
CA ASP E 86 14.69 60.98 -58.14
C ASP E 86 14.78 60.54 -56.69
N TYR E 87 15.67 61.18 -55.92
CA TYR E 87 15.74 60.90 -54.48
C TYR E 87 14.39 61.06 -53.82
N TYR E 88 13.70 62.16 -54.09
CA TYR E 88 12.46 62.42 -53.36
C TYR E 88 11.34 61.50 -53.82
N LEU E 89 11.33 61.10 -55.09
CA LEU E 89 10.36 60.10 -55.53
C LEU E 89 10.59 58.77 -54.83
N ARG E 90 11.85 58.36 -54.71
CA ARG E 90 12.16 57.12 -53.98
C ARG E 90 11.73 57.22 -52.53
N LEU E 91 11.97 58.38 -51.91
CA LEU E 91 11.54 58.58 -50.53
C LEU E 91 10.02 58.53 -50.40
N VAL E 92 9.32 59.04 -51.41
CA VAL E 92 7.86 58.93 -51.41
C VAL E 92 7.42 57.48 -51.45
N THR E 93 8.08 56.67 -52.28
CA THR E 93 7.75 55.24 -52.31
C THR E 93 8.01 54.58 -50.96
N PHE E 94 9.13 54.93 -50.32
CA PHE E 94 9.41 54.42 -48.98
C PHE E 94 8.30 54.82 -48.00
N GLY E 95 7.85 56.07 -48.07
CA GLY E 95 6.79 56.51 -47.18
C GLY E 95 5.48 55.81 -47.45
N ILE E 96 5.19 55.52 -48.72
CA ILE E 96 3.96 54.82 -49.06
C ILE E 96 3.97 53.42 -48.47
N VAL E 97 5.08 52.70 -48.63
CA VAL E 97 5.12 51.34 -48.09
C VAL E 97 5.15 51.36 -46.56
N ALA E 98 5.77 52.39 -45.98
CA ALA E 98 5.88 52.44 -44.53
C ALA E 98 4.58 52.90 -43.87
N GLY E 99 3.69 53.51 -44.64
CA GLY E 99 2.44 54.00 -44.10
C GLY E 99 2.51 55.34 -43.43
N ASP E 100 3.67 55.99 -43.42
CA ASP E 100 3.81 57.31 -42.82
C ASP E 100 5.02 58.01 -43.43
N VAL E 101 5.24 59.24 -42.99
CA VAL E 101 6.27 60.11 -43.56
C VAL E 101 7.61 59.90 -42.85
N THR E 102 7.68 58.91 -41.98
CA THR E 102 8.91 58.69 -41.20
C THR E 102 10.14 58.47 -42.08
N PRO E 103 10.13 57.60 -43.11
CA PRO E 103 11.30 57.55 -43.99
C PRO E 103 11.60 58.88 -44.65
N ILE E 104 10.57 59.57 -45.14
CA ILE E 104 10.78 60.89 -45.71
C ILE E 104 11.36 61.82 -44.64
N GLU E 105 10.74 61.85 -43.46
CA GLU E 105 11.26 62.63 -42.35
C GLU E 105 12.77 62.42 -42.18
N GLU E 106 13.19 61.19 -41.89
CA GLU E 106 14.57 60.96 -41.48
C GLU E 106 15.55 61.16 -42.63
N ILE E 107 15.24 60.64 -43.82
CA ILE E 107 16.23 60.69 -44.89
C ILE E 107 16.24 62.06 -45.57
N GLY E 108 15.09 62.65 -45.84
CA GLY E 108 15.09 63.86 -46.63
C GLY E 108 14.40 65.08 -46.05
N VAL E 109 14.00 65.07 -44.77
CA VAL E 109 13.33 66.23 -44.20
C VAL E 109 14.14 66.89 -43.09
N ILE E 110 14.79 66.12 -42.22
CA ILE E 110 15.56 66.67 -41.12
C ILE E 110 16.84 67.26 -41.68
N GLY E 111 16.99 68.57 -41.56
CA GLY E 111 18.18 69.24 -42.06
C GLY E 111 18.17 69.52 -43.55
N VAL E 112 17.01 69.52 -44.20
CA VAL E 112 16.96 69.76 -45.63
C VAL E 112 17.13 71.24 -45.94
N LYS E 113 16.52 72.11 -45.13
CA LYS E 113 16.68 73.54 -45.33
C LYS E 113 18.14 73.94 -45.18
N GLU E 114 18.82 73.40 -44.18
CA GLU E 114 20.24 73.70 -44.00
C GLU E 114 21.07 73.14 -45.14
N MET E 115 20.73 71.94 -45.62
CA MET E 115 21.45 71.36 -46.75
C MET E 115 21.34 72.25 -47.98
N TYR E 116 20.13 72.70 -48.31
CA TYR E 116 19.96 73.48 -49.53
C TYR E 116 20.44 74.91 -49.35
N ARG E 117 20.42 75.42 -48.11
CA ARG E 117 20.96 76.74 -47.85
C ARG E 117 22.47 76.75 -48.01
N ASN E 118 23.13 75.68 -47.56
CA ASN E 118 24.55 75.52 -47.84
C ASN E 118 24.80 75.40 -49.33
N LEU E 119 23.90 74.73 -50.05
CA LEU E 119 24.02 74.49 -51.48
C LEU E 119 23.52 75.65 -52.31
N GLU E 120 23.04 76.72 -51.68
CA GLU E 120 22.48 77.87 -52.37
C GLU E 120 21.37 77.45 -53.33
N VAL E 121 20.41 76.69 -52.83
CA VAL E 121 19.30 76.17 -53.62
C VAL E 121 18.02 76.89 -53.18
N PRO E 122 17.25 77.45 -54.10
CA PRO E 122 15.99 78.12 -53.70
C PRO E 122 14.94 77.10 -53.30
N LEU E 123 14.54 77.17 -52.03
CA LEU E 123 13.49 76.32 -51.47
C LEU E 123 12.16 76.47 -52.21
N PRO E 124 11.76 77.67 -52.63
CA PRO E 124 10.57 77.75 -53.50
C PRO E 124 10.70 76.92 -54.76
N GLY E 125 11.89 76.83 -55.33
CA GLY E 125 12.10 75.94 -56.46
C GLY E 125 11.86 74.49 -56.09
N MET E 126 12.32 74.07 -54.92
CA MET E 126 12.06 72.71 -54.45
C MET E 126 10.57 72.47 -54.27
N VAL E 127 9.86 73.45 -53.73
CA VAL E 127 8.42 73.30 -53.52
C VAL E 127 7.71 73.15 -54.87
N GLU E 128 8.09 73.98 -55.84
CA GLU E 128 7.49 73.88 -57.17
C GLU E 128 7.79 72.54 -57.81
N ALA E 129 9.02 72.05 -57.68
CA ALA E 129 9.38 70.75 -58.22
C ALA E 129 8.58 69.64 -57.58
N VAL E 130 8.41 69.70 -56.26
CA VAL E 130 7.64 68.68 -55.55
C VAL E 130 6.19 68.70 -56.00
N LYS E 131 5.63 69.90 -56.17
CA LYS E 131 4.25 70.01 -56.65
C LYS E 131 4.10 69.43 -58.05
N ALA E 132 5.05 69.74 -58.94
CA ALA E 132 4.97 69.22 -60.30
C ALA E 132 5.07 67.69 -60.31
N MET E 133 6.00 67.14 -59.54
CA MET E 133 6.15 65.69 -59.51
C MET E 133 4.97 65.02 -58.84
N LYS E 134 4.34 65.71 -57.88
CA LYS E 134 3.11 65.23 -57.28
C LYS E 134 2.00 65.13 -58.32
N SER E 135 1.84 66.18 -59.13
CA SER E 135 0.82 66.16 -60.18
C SER E 135 1.09 65.03 -61.17
N VAL E 136 2.35 64.88 -61.58
CA VAL E 136 2.70 63.83 -62.53
C VAL E 136 2.38 62.45 -61.95
N ALA E 137 2.76 62.22 -60.69
CA ALA E 137 2.53 60.91 -60.09
C ALA E 137 1.05 60.63 -59.89
N THR E 138 0.29 61.62 -59.41
CA THR E 138 -1.13 61.42 -59.20
C THR E 138 -1.87 61.25 -60.52
N GLY E 139 -1.28 61.74 -61.62
CA GLY E 139 -1.86 61.47 -62.93
C GLY E 139 -1.90 59.98 -63.24
N LEU E 140 -0.87 59.25 -62.83
CA LEU E 140 -0.80 57.82 -63.15
C LEU E 140 -1.74 57.01 -62.29
N LEU E 141 -1.97 57.44 -61.05
CA LEU E 141 -2.72 56.61 -60.11
C LEU E 141 -4.20 56.93 -60.15
N SER E 142 -5.01 55.96 -59.73
CA SER E 142 -6.44 56.14 -59.60
C SER E 142 -6.75 57.10 -58.46
N GLY E 143 -8.01 57.53 -58.39
CA GLY E 143 -8.38 58.55 -57.43
C GLY E 143 -8.09 58.17 -55.99
N ASP E 144 -8.44 56.93 -55.61
CA ASP E 144 -8.20 56.50 -54.24
C ASP E 144 -6.72 56.47 -53.90
N ASP E 145 -5.89 56.00 -54.83
CA ASP E 145 -4.45 55.94 -54.59
C ASP E 145 -3.80 57.31 -54.80
N SER E 146 -4.32 58.10 -55.74
CA SER E 146 -3.78 59.43 -55.96
C SER E 146 -4.01 60.30 -54.74
N ALA E 147 -5.16 60.18 -54.09
CA ALA E 147 -5.41 60.94 -52.88
C ALA E 147 -4.42 60.58 -51.78
N GLU E 148 -4.06 59.31 -51.68
CA GLU E 148 -3.11 58.88 -50.65
C GLU E 148 -1.71 59.43 -50.94
N VAL E 149 -1.23 59.25 -52.17
CA VAL E 149 0.13 59.69 -52.48
C VAL E 149 0.23 61.22 -52.49
N GLY E 150 -0.88 61.89 -52.79
CA GLY E 150 -0.85 63.34 -52.83
C GLY E 150 -0.52 63.94 -51.48
N TYR E 151 -0.92 63.28 -50.40
CA TYR E 151 -0.62 63.86 -49.09
C TYR E 151 0.84 63.64 -48.72
N TYR E 152 1.43 62.53 -49.13
CA TYR E 152 2.87 62.38 -48.94
C TYR E 152 3.64 63.46 -49.68
N PHE E 153 3.24 63.73 -50.92
CA PHE E 153 3.87 64.80 -51.67
C PHE E 153 3.63 66.16 -51.02
N ASP E 154 2.42 66.35 -50.47
CA ASP E 154 2.09 67.60 -49.78
C ASP E 154 2.95 67.78 -48.54
N TYR E 155 3.17 66.70 -47.79
CA TYR E 155 4.05 66.78 -46.62
C TYR E 155 5.46 67.14 -47.04
N LEU E 156 5.94 66.55 -48.13
CA LEU E 156 7.27 66.91 -48.62
C LEU E 156 7.34 68.38 -48.99
N ALA E 157 6.33 68.88 -49.70
CA ALA E 157 6.31 70.29 -50.09
C ALA E 157 6.28 71.20 -48.88
N GLY E 158 5.46 70.85 -47.89
CA GLY E 158 5.39 71.66 -46.68
C GLY E 158 6.67 71.64 -45.88
N ALA E 159 7.34 70.49 -45.84
CA ALA E 159 8.62 70.40 -45.16
C ALA E 159 9.68 71.25 -45.84
N LEU E 160 9.71 71.24 -47.17
CA LEU E 160 10.60 72.14 -47.89
C LEU E 160 10.17 73.60 -47.77
N ALA E 161 8.98 73.88 -47.27
CA ALA E 161 8.52 75.24 -47.09
C ALA E 161 8.23 75.54 -45.63
N SER F 2 22.09 97.90 -27.61
CA SER F 2 23.44 98.41 -27.77
C SER F 2 24.46 97.54 -27.04
N VAL F 3 25.72 97.98 -27.04
CA VAL F 3 26.76 97.28 -26.30
C VAL F 3 26.48 97.36 -24.80
N VAL F 4 26.00 98.51 -24.34
CA VAL F 4 25.73 98.70 -22.92
C VAL F 4 24.67 97.73 -22.44
N THR F 5 23.60 97.55 -23.22
CA THR F 5 22.53 96.63 -22.83
C THR F 5 23.04 95.20 -22.74
N LYS F 6 23.86 94.78 -23.71
CA LYS F 6 24.42 93.43 -23.66
C LYS F 6 25.31 93.25 -22.44
N ALA F 7 26.14 94.26 -22.13
CA ALA F 7 27.00 94.17 -20.95
C ALA F 7 26.19 94.08 -19.68
N ILE F 8 25.12 94.89 -19.57
CA ILE F 8 24.28 94.86 -18.38
C ILE F 8 23.59 93.52 -18.24
N VAL F 9 23.10 92.96 -19.35
CA VAL F 9 22.46 91.65 -19.30
C VAL F 9 23.45 90.58 -18.87
N SER F 10 24.67 90.62 -19.41
CA SER F 10 25.68 89.65 -19.02
C SER F 10 26.03 89.77 -17.54
N ALA F 11 26.13 91.01 -17.03
CA ALA F 11 26.44 91.19 -15.62
C ALA F 11 25.29 90.72 -14.74
N ASP F 12 24.05 90.96 -15.16
CA ASP F 12 22.89 90.51 -14.39
C ASP F 12 22.78 88.99 -14.40
N ALA F 13 23.24 88.35 -15.48
CA ALA F 13 23.21 86.89 -15.53
C ALA F 13 24.03 86.27 -14.41
N GLU F 14 25.18 86.87 -14.11
CA GLU F 14 26.05 86.38 -13.05
C GLU F 14 25.82 87.08 -11.71
N ALA F 15 24.84 87.97 -11.64
CA ALA F 15 24.51 88.69 -10.41
C ALA F 15 25.73 89.43 -9.85
N ARG F 16 26.37 90.21 -10.70
CA ARG F 16 27.59 90.91 -10.32
C ARG F 16 27.65 92.25 -11.05
N TYR F 17 28.48 93.14 -10.52
CA TYR F 17 28.73 94.42 -11.18
C TYR F 17 29.47 94.19 -12.49
N LEU F 18 29.45 95.21 -13.35
CA LEU F 18 30.11 95.11 -14.64
C LEU F 18 31.61 94.94 -14.45
N SER F 19 32.17 93.95 -15.14
CA SER F 19 33.59 93.67 -15.04
C SER F 19 34.39 94.75 -15.75
N PRO F 20 35.67 94.91 -15.36
CA PRO F 20 36.51 95.90 -16.07
C PRO F 20 36.67 95.61 -17.55
N GLY F 21 36.62 94.35 -17.95
CA GLY F 21 36.57 94.06 -19.38
C GLY F 21 35.29 94.57 -20.02
N GLU F 22 34.16 94.35 -19.38
CA GLU F 22 32.91 94.92 -19.88
C GLU F 22 32.90 96.43 -19.71
N LEU F 23 33.53 96.93 -18.65
CA LEU F 23 33.62 98.36 -18.44
C LEU F 23 34.40 99.06 -19.55
N ASP F 24 35.57 98.54 -19.93
CA ASP F 24 36.32 99.21 -20.98
C ASP F 24 35.80 98.84 -22.35
N ARG F 25 34.99 97.78 -22.46
CA ARG F 25 34.17 97.61 -23.65
C ARG F 25 33.22 98.78 -23.82
N ILE F 26 32.52 99.16 -22.74
CA ILE F 26 31.63 100.32 -22.79
C ILE F 26 32.44 101.59 -23.03
N ARG F 27 33.65 101.66 -22.46
CA ARG F 27 34.50 102.83 -22.65
C ARG F 27 34.89 103.01 -24.12
N GLY F 28 35.29 101.91 -24.77
CA GLY F 28 35.57 101.98 -26.19
C GLY F 28 34.33 102.29 -27.01
N PHE F 29 33.18 101.78 -26.57
CA PHE F 29 31.93 102.04 -27.27
C PHE F 29 31.57 103.51 -27.25
N VAL F 30 31.74 104.17 -26.09
CA VAL F 30 31.37 105.57 -25.98
C VAL F 30 32.45 106.47 -26.57
N SER F 31 33.72 106.04 -26.49
CA SER F 31 34.80 106.83 -27.07
C SER F 31 34.73 106.82 -28.59
N SER F 32 34.15 105.78 -29.17
CA SER F 32 33.98 105.67 -30.61
C SER F 32 32.65 106.22 -31.10
N GLY F 33 31.89 106.87 -30.22
CA GLY F 33 30.55 107.31 -30.60
C GLY F 33 30.55 108.34 -31.71
N GLU F 34 31.47 109.30 -31.65
CA GLU F 34 31.50 110.35 -32.67
C GLU F 34 31.76 109.78 -34.05
N ARG F 35 32.73 108.87 -34.17
CA ARG F 35 33.01 108.26 -35.46
C ARG F 35 31.82 107.46 -35.98
N ARG F 36 31.17 106.71 -35.10
CA ARG F 36 30.04 105.89 -35.53
C ARG F 36 28.86 106.75 -35.97
N LEU F 37 28.60 107.85 -35.26
CA LEU F 37 27.53 108.75 -35.69
C LEU F 37 27.87 109.43 -37.00
N ARG F 38 29.13 109.84 -37.18
CA ARG F 38 29.54 110.43 -38.45
C ARG F 38 29.39 109.44 -39.59
N VAL F 39 29.73 108.17 -39.35
CA VAL F 39 29.52 107.12 -40.34
C VAL F 39 28.04 106.96 -40.66
N ALA F 40 27.20 106.95 -39.62
CA ALA F 40 25.77 106.75 -39.82
C ALA F 40 25.20 107.86 -40.69
N GLN F 41 25.62 109.11 -40.45
CA GLN F 41 25.21 110.19 -41.35
C GLN F 41 25.77 109.99 -42.75
N THR F 42 27.06 109.68 -42.87
CA THR F 42 27.68 109.50 -44.19
C THR F 42 26.89 108.50 -45.03
N LEU F 43 26.36 107.45 -44.39
CA LEU F 43 25.44 106.56 -45.09
C LEU F 43 24.15 107.28 -45.47
N THR F 44 23.72 108.25 -44.66
CA THR F 44 22.36 108.77 -44.79
C THR F 44 22.19 109.67 -46.01
N GLU F 45 23.14 110.57 -46.28
CA GLU F 45 22.94 111.49 -47.41
C GLU F 45 22.82 110.74 -48.73
N SER F 46 23.65 109.72 -48.92
CA SER F 46 23.69 108.97 -50.17
C SER F 46 22.71 107.81 -50.19
N ARG F 47 21.61 107.90 -49.44
CA ARG F 47 20.67 106.80 -49.36
C ARG F 47 20.12 106.41 -50.73
N GLU F 48 19.67 107.41 -51.50
CA GLU F 48 19.12 107.11 -52.82
C GLU F 48 20.20 106.56 -53.75
N ARG F 49 21.40 107.14 -53.68
CA ARG F 49 22.51 106.65 -54.52
C ARG F 49 22.85 105.21 -54.18
N ILE F 50 23.02 104.91 -52.89
CA ILE F 50 23.38 103.56 -52.49
C ILE F 50 22.29 102.59 -52.91
N ILE F 51 21.02 102.95 -52.69
CA ILE F 51 19.94 102.01 -52.98
C ILE F 51 19.83 101.75 -54.47
N LYS F 52 19.95 102.79 -55.30
CA LYS F 52 19.83 102.59 -56.74
C LYS F 52 21.01 101.79 -57.28
N GLN F 53 22.23 102.09 -56.82
CA GLN F 53 23.38 101.31 -57.29
C GLN F 53 23.30 99.86 -56.82
N ALA F 54 22.81 99.64 -55.60
CA ALA F 54 22.64 98.28 -55.11
C ALA F 54 21.60 97.53 -55.93
N GLY F 55 20.50 98.18 -56.30
CA GLY F 55 19.52 97.54 -57.15
C GLY F 55 20.09 97.20 -58.51
N ASP F 56 20.86 98.12 -59.10
CA ASP F 56 21.49 97.85 -60.39
C ASP F 56 22.42 96.64 -60.31
N GLN F 57 23.28 96.62 -59.28
CA GLN F 57 24.20 95.49 -59.13
C GLN F 57 23.43 94.20 -58.85
N LEU F 58 22.30 94.29 -58.15
CA LEU F 58 21.49 93.11 -57.88
C LEU F 58 20.90 92.53 -59.16
N PHE F 59 20.38 93.40 -60.03
CA PHE F 59 19.89 92.91 -61.32
C PHE F 59 21.02 92.33 -62.15
N GLN F 60 22.20 92.96 -62.12
CA GLN F 60 23.32 92.45 -62.90
C GLN F 60 23.77 91.08 -62.39
N LYS F 61 23.82 90.89 -61.07
CA LYS F 61 24.30 89.63 -60.52
C LYS F 61 23.28 88.51 -60.70
N ARG F 62 22.00 88.80 -60.48
CA ARG F 62 20.93 87.83 -60.61
C ARG F 62 19.90 88.34 -61.61
N PRO F 63 20.09 88.05 -62.90
CA PRO F 63 19.05 88.36 -63.88
C PRO F 63 17.74 87.63 -63.61
N ASP F 64 17.79 86.53 -62.87
CA ASP F 64 16.57 85.73 -62.63
C ASP F 64 15.49 86.55 -61.96
N LEU F 65 15.88 87.46 -61.06
CA LEU F 65 14.89 88.30 -60.39
C LEU F 65 14.16 89.20 -61.37
N VAL F 66 14.88 89.75 -62.35
CA VAL F 66 14.24 90.54 -63.40
C VAL F 66 13.82 89.68 -64.58
N SER F 67 14.25 88.42 -64.63
CA SER F 67 13.86 87.53 -65.71
C SER F 67 12.39 87.16 -65.61
N PRO F 68 11.77 86.77 -66.72
CA PRO F 68 10.37 86.32 -66.68
C PRO F 68 10.20 85.11 -65.75
N GLY F 69 9.10 85.12 -65.01
CA GLY F 69 8.82 84.08 -64.05
C GLY F 69 9.47 84.26 -62.69
N GLY F 70 10.27 85.30 -62.52
CA GLY F 70 10.90 85.52 -61.23
C GLY F 70 9.96 86.19 -60.24
N ASN F 71 10.36 86.17 -58.97
CA ASN F 71 9.53 86.77 -57.93
C ASN F 71 9.55 88.29 -58.03
N ALA F 72 10.67 88.85 -58.49
CA ALA F 72 10.83 90.29 -58.63
C ALA F 72 10.50 90.78 -60.04
N TYR F 73 10.10 89.88 -60.94
CA TYR F 73 9.78 90.27 -62.30
C TYR F 73 8.60 91.26 -62.31
N GLY F 74 8.70 92.25 -63.18
CA GLY F 74 7.67 93.28 -63.29
C GLY F 74 8.15 94.62 -62.78
N ALA F 75 7.50 95.67 -63.27
CA ALA F 75 7.86 97.03 -62.87
C ALA F 75 7.32 97.36 -61.48
N GLU F 76 6.18 96.79 -61.11
CA GLU F 76 5.59 97.10 -59.81
C GLU F 76 6.47 96.60 -58.66
N ARG F 77 7.24 95.54 -58.91
CA ARG F 77 8.09 94.98 -57.86
C ARG F 77 9.25 95.91 -57.55
N THR F 78 9.62 96.78 -58.49
CA THR F 78 10.77 97.65 -58.27
C THR F 78 10.49 98.69 -57.20
N ALA F 79 9.25 99.21 -57.15
CA ALA F 79 8.91 100.18 -56.12
C ALA F 79 9.09 99.58 -54.73
N SER F 80 8.69 98.33 -54.55
CA SER F 80 8.92 97.65 -53.28
C SER F 80 10.38 97.33 -53.07
N CYS F 81 11.12 97.00 -54.14
CA CYS F 81 12.54 96.67 -54.00
C CYS F 81 13.33 97.85 -53.46
N LEU F 82 13.16 99.02 -54.07
CA LEU F 82 13.89 100.21 -53.63
C LEU F 82 13.58 100.51 -52.16
N ARG F 83 12.30 100.41 -51.79
CA ARG F 83 11.87 100.68 -50.43
C ARG F 83 12.40 99.65 -49.44
N ASP F 84 12.49 98.37 -49.82
CA ASP F 84 12.99 97.36 -48.91
C ASP F 84 14.50 97.49 -48.71
N LEU F 85 15.22 97.78 -49.78
CA LEU F 85 16.64 98.08 -49.63
C LEU F 85 16.84 99.31 -48.76
N ASP F 86 15.91 100.28 -48.86
CA ASP F 86 15.95 101.44 -47.98
C ASP F 86 15.77 101.03 -46.53
N TYR F 87 14.80 100.16 -46.24
CA TYR F 87 14.64 99.66 -44.87
C TYR F 87 15.92 99.01 -44.37
N TYR F 88 16.54 98.16 -45.18
CA TYR F 88 17.70 97.43 -44.70
C TYR F 88 18.90 98.35 -44.50
N LEU F 89 19.05 99.37 -45.34
CA LEU F 89 20.09 100.36 -45.10
C LEU F 89 19.83 101.13 -43.81
N ARG F 90 18.56 101.48 -43.56
CA ARG F 90 18.20 102.15 -42.31
C ARG F 90 18.53 101.28 -41.10
N LEU F 91 18.23 99.98 -41.19
CA LEU F 91 18.57 99.07 -40.11
C LEU F 91 20.08 98.98 -39.92
N VAL F 92 20.84 99.01 -41.02
CA VAL F 92 22.29 98.98 -40.90
C VAL F 92 22.79 100.21 -40.16
N THR F 93 22.23 101.39 -40.47
CA THR F 93 22.63 102.60 -39.75
C THR F 93 22.25 102.53 -38.28
N PHE F 94 21.06 101.98 -37.99
CA PHE F 94 20.65 101.80 -36.60
C PHE F 94 21.61 100.89 -35.85
N GLY F 95 22.05 99.81 -36.50
CA GLY F 95 23.03 98.93 -35.87
C GLY F 95 24.37 99.61 -35.68
N ILE F 96 24.75 100.47 -36.64
CA ILE F 96 26.02 101.19 -36.53
C ILE F 96 26.00 102.11 -35.31
N VAL F 97 24.92 102.87 -35.13
CA VAL F 97 24.85 103.75 -33.97
C VAL F 97 24.70 102.94 -32.69
N ALA F 98 24.01 101.80 -32.76
CA ALA F 98 23.80 100.99 -31.57
C ALA F 98 25.08 100.32 -31.10
N GLY F 99 25.96 99.97 -32.03
CA GLY F 99 27.18 99.28 -31.69
C GLY F 99 27.10 97.77 -31.75
N ASP F 100 25.96 97.21 -32.13
CA ASP F 100 25.80 95.78 -32.29
C ASP F 100 24.73 95.50 -33.33
N VAL F 101 24.48 94.21 -33.57
CA VAL F 101 23.57 93.81 -34.65
C VAL F 101 22.14 93.64 -34.18
N THR F 102 21.85 93.93 -32.91
CA THR F 102 20.51 93.64 -32.39
C THR F 102 19.39 94.41 -33.07
N PRO F 103 19.43 95.74 -33.22
CA PRO F 103 18.27 96.42 -33.81
C PRO F 103 17.91 95.86 -35.17
N ILE F 104 18.94 95.57 -35.97
CA ILE F 104 18.74 94.86 -37.22
C ILE F 104 18.06 93.52 -36.95
N GLU F 105 18.51 92.81 -35.91
CA GLU F 105 17.95 91.49 -35.63
C GLU F 105 16.44 91.56 -35.41
N GLU F 106 15.99 92.30 -34.38
CA GLU F 106 14.55 92.39 -34.14
C GLU F 106 13.81 92.93 -35.36
N ILE F 107 14.27 94.05 -35.94
CA ILE F 107 13.42 94.72 -36.92
C ILE F 107 13.32 93.93 -38.22
N GLY F 108 14.43 93.38 -38.70
CA GLY F 108 14.39 92.78 -40.02
C GLY F 108 14.89 91.35 -40.16
N VAL F 109 15.39 90.74 -39.09
CA VAL F 109 15.95 89.40 -39.22
C VAL F 109 15.09 88.33 -38.55
N ILE F 110 14.58 88.58 -37.36
CA ILE F 110 13.73 87.61 -36.68
C ILE F 110 12.42 87.54 -37.45
N GLY F 111 12.21 86.45 -38.17
CA GLY F 111 11.01 86.29 -38.98
C GLY F 111 11.16 86.68 -40.43
N VAL F 112 12.37 87.00 -40.90
CA VAL F 112 12.53 87.30 -42.32
C VAL F 112 12.39 86.02 -43.14
N LYS F 113 12.87 84.89 -42.60
CA LYS F 113 12.76 83.63 -43.32
C LYS F 113 11.32 83.29 -43.65
N GLU F 114 10.43 83.37 -42.65
CA GLU F 114 9.02 83.13 -42.92
C GLU F 114 8.42 84.24 -43.77
N MET F 115 8.90 85.48 -43.60
CA MET F 115 8.32 86.60 -44.32
C MET F 115 8.55 86.47 -45.81
N TYR F 116 9.69 85.88 -46.19
CA TYR F 116 9.97 85.70 -47.61
C TYR F 116 9.55 84.31 -48.08
N ARG F 117 9.35 83.37 -47.14
CA ARG F 117 8.69 82.13 -47.47
C ARG F 117 7.24 82.39 -47.89
N ASN F 118 6.54 83.26 -47.18
CA ASN F 118 5.19 83.63 -47.54
C ASN F 118 5.17 84.30 -48.92
N LEU F 119 6.01 85.30 -49.13
CA LEU F 119 6.08 86.00 -50.39
C LEU F 119 6.86 85.24 -51.46
N GLU F 120 7.31 84.02 -51.16
CA GLU F 120 8.04 83.17 -52.11
C GLU F 120 9.28 83.88 -52.64
N VAL F 121 9.99 84.57 -51.77
CA VAL F 121 11.18 85.33 -52.12
C VAL F 121 12.40 84.47 -51.84
N PRO F 122 13.28 84.24 -52.82
CA PRO F 122 14.48 83.44 -52.55
C PRO F 122 15.47 84.20 -51.68
N LEU F 123 16.04 83.49 -50.71
CA LEU F 123 17.08 84.02 -49.82
C LEU F 123 18.32 84.46 -50.60
N PRO F 124 18.78 83.71 -51.60
CA PRO F 124 19.93 84.20 -52.38
C PRO F 124 19.73 85.58 -53.00
N GLY F 125 18.51 85.90 -53.44
CA GLY F 125 18.28 87.25 -53.92
C GLY F 125 18.56 88.29 -52.85
N MET F 126 18.09 88.04 -51.62
CA MET F 126 18.39 88.92 -50.50
C MET F 126 19.88 89.03 -50.25
N VAL F 127 20.61 87.91 -50.27
CA VAL F 127 22.01 87.99 -49.90
C VAL F 127 22.79 88.75 -50.96
N GLU F 128 22.44 88.56 -52.23
CA GLU F 128 23.13 89.30 -53.29
C GLU F 128 22.80 90.79 -53.22
N ALA F 129 21.55 91.13 -52.92
CA ALA F 129 21.18 92.55 -52.81
C ALA F 129 21.91 93.23 -51.66
N VAL F 130 21.98 92.58 -50.50
CA VAL F 130 22.65 93.20 -49.36
C VAL F 130 24.16 93.22 -49.59
N LYS F 131 24.69 92.25 -50.35
CA LYS F 131 26.09 92.31 -50.74
C LYS F 131 26.34 93.49 -51.67
N ALA F 132 25.37 93.81 -52.54
CA ALA F 132 25.47 94.98 -53.38
C ALA F 132 25.50 96.27 -52.54
N MET F 133 24.62 96.36 -51.53
CA MET F 133 24.69 97.53 -50.65
C MET F 133 26.02 97.59 -49.93
N LYS F 134 26.51 96.44 -49.47
CA LYS F 134 27.83 96.39 -48.83
C LYS F 134 28.90 96.96 -49.74
N SER F 135 28.94 96.51 -51.00
CA SER F 135 29.95 96.98 -51.92
C SER F 135 29.84 98.49 -52.14
N VAL F 136 28.61 98.98 -52.37
CA VAL F 136 28.43 100.41 -52.63
C VAL F 136 28.86 101.24 -51.42
N ALA F 137 28.38 100.88 -50.23
CA ALA F 137 28.72 101.64 -49.03
C ALA F 137 30.22 101.60 -48.75
N THR F 138 30.81 100.41 -48.77
CA THR F 138 32.24 100.29 -48.51
C THR F 138 33.05 101.06 -49.55
N GLY F 139 32.51 101.21 -50.75
CA GLY F 139 33.12 102.12 -51.71
C GLY F 139 33.02 103.57 -51.29
N LEU F 140 31.87 103.96 -50.72
CA LEU F 140 31.70 105.36 -50.34
C LEU F 140 32.49 105.72 -49.08
N LEU F 141 32.53 104.82 -48.11
CA LEU F 141 33.14 105.15 -46.83
C LEU F 141 34.66 104.99 -46.85
N SER F 142 35.29 105.52 -45.81
CA SER F 142 36.72 105.36 -45.63
C SER F 142 37.05 103.94 -45.18
N GLY F 143 38.32 103.56 -45.33
CA GLY F 143 38.71 102.19 -45.05
C GLY F 143 38.47 101.78 -43.61
N ASP F 144 38.84 102.64 -42.67
CA ASP F 144 38.63 102.32 -41.26
C ASP F 144 37.14 102.20 -40.94
N ASP F 145 36.33 103.09 -41.49
CA ASP F 145 34.89 103.00 -41.29
C ASP F 145 34.29 101.84 -42.07
N SER F 146 34.81 101.57 -43.27
CA SER F 146 34.30 100.47 -44.07
C SER F 146 34.53 99.14 -43.37
N ALA F 147 35.66 99.01 -42.67
CA ALA F 147 35.93 97.78 -41.93
C ALA F 147 34.87 97.52 -40.87
N GLU F 148 34.43 98.59 -40.19
CA GLU F 148 33.44 98.42 -39.13
C GLU F 148 32.05 98.16 -39.71
N VAL F 149 31.71 98.85 -40.80
CA VAL F 149 30.35 98.74 -41.35
C VAL F 149 30.17 97.44 -42.14
N GLY F 150 31.27 96.91 -42.69
CA GLY F 150 31.17 95.68 -43.46
C GLY F 150 30.66 94.53 -42.62
N TYR F 151 31.03 94.51 -41.34
CA TYR F 151 30.52 93.48 -40.44
C TYR F 151 29.01 93.46 -40.41
N TYR F 152 28.38 94.62 -40.19
CA TYR F 152 26.92 94.68 -40.18
C TYR F 152 26.35 94.25 -41.51
N PHE F 153 26.97 94.70 -42.60
CA PHE F 153 26.41 94.37 -43.91
C PHE F 153 26.45 92.88 -44.19
N ASP F 154 27.58 92.21 -43.98
CA ASP F 154 27.61 90.81 -44.35
C ASP F 154 27.00 89.95 -43.26
N TYR F 155 26.81 90.51 -42.05
CA TYR F 155 25.97 89.85 -41.07
C TYR F 155 24.53 89.80 -41.54
N LEU F 156 24.03 90.92 -42.08
CA LEU F 156 22.71 90.89 -42.69
C LEU F 156 22.67 89.88 -43.83
N ALA F 157 23.74 89.82 -44.62
CA ALA F 157 23.82 88.83 -45.70
C ALA F 157 23.70 87.41 -45.16
N GLY F 158 24.50 87.08 -44.15
CA GLY F 158 24.47 85.72 -43.62
C GLY F 158 23.16 85.38 -42.94
N ALA F 159 22.54 86.35 -42.26
CA ALA F 159 21.27 86.11 -41.61
C ALA F 159 20.16 85.90 -42.64
N LEU F 160 20.24 86.61 -43.76
CA LEU F 160 19.22 86.45 -44.81
C LEU F 160 19.27 85.05 -45.39
N ALA F 161 20.44 84.43 -45.42
CA ALA F 161 20.55 83.02 -45.73
C ALA F 161 21.08 82.28 -44.51
N MET G 1 14.15 95.51 -21.73
CA MET G 1 15.07 96.55 -21.31
C MET G 1 15.71 97.25 -22.50
N GLN G 2 15.77 98.58 -22.44
CA GLN G 2 16.36 99.39 -23.49
C GLN G 2 17.12 100.56 -22.87
N ASP G 3 18.12 101.05 -23.60
CA ASP G 3 18.82 102.26 -23.23
C ASP G 3 18.31 103.43 -24.08
N VAL G 4 18.97 104.59 -23.95
CA VAL G 4 18.59 105.74 -24.74
C VAL G 4 18.76 105.45 -26.23
N ILE G 5 19.83 104.74 -26.59
CA ILE G 5 20.04 104.36 -27.98
C ILE G 5 18.91 103.49 -28.48
N GLY G 6 18.59 102.43 -27.72
CA GLY G 6 17.47 101.58 -28.11
C GLY G 6 16.16 102.32 -28.15
N LYS G 7 15.97 103.26 -27.21
CA LYS G 7 14.74 104.04 -27.18
C LYS G 7 14.58 104.88 -28.44
N VAL G 8 15.63 105.62 -28.82
CA VAL G 8 15.52 106.48 -29.99
C VAL G 8 15.40 105.65 -31.26
N ILE G 9 16.11 104.52 -31.33
CA ILE G 9 15.95 103.63 -32.49
C ILE G 9 14.53 103.10 -32.57
N ALA G 10 13.93 102.76 -31.42
CA ALA G 10 12.55 102.29 -31.43
C ALA G 10 11.59 103.38 -31.91
N GLU G 11 11.78 104.61 -31.43
CA GLU G 11 10.90 105.70 -31.87
C GLU G 11 11.03 105.96 -33.36
N TYR G 12 12.26 105.99 -33.88
CA TYR G 12 12.43 106.29 -35.30
C TYR G 12 12.06 105.09 -36.17
N ASP G 13 12.06 103.88 -35.59
CA ASP G 13 11.53 102.73 -36.31
C ASP G 13 10.01 102.82 -36.42
N THR G 14 9.34 103.13 -35.30
CA THR G 14 7.89 103.27 -35.34
C THR G 14 7.45 104.39 -36.26
N LYS G 15 8.14 105.53 -36.21
CA LYS G 15 7.82 106.63 -37.12
C LYS G 15 8.29 106.31 -38.53
N GLY G 16 9.31 105.47 -38.65
CA GLY G 16 9.69 104.90 -39.94
C GLY G 16 10.69 105.67 -40.76
N LYS G 17 11.40 106.64 -40.17
CA LYS G 17 12.41 107.38 -40.91
C LYS G 17 13.78 107.18 -40.28
N TYR G 18 14.80 107.68 -40.97
CA TYR G 18 16.17 107.57 -40.51
C TYR G 18 16.41 108.46 -39.29
N LEU G 19 17.61 108.32 -38.72
CA LEU G 19 18.00 109.18 -37.60
C LEU G 19 18.34 110.57 -38.11
N ASP G 20 17.65 111.58 -37.59
CA ASP G 20 17.86 112.96 -38.01
C ASP G 20 18.89 113.64 -37.11
N ALA G 21 18.99 114.96 -37.26
CA ALA G 21 19.95 115.73 -36.46
C ALA G 21 19.63 115.67 -34.97
N ALA G 22 18.35 115.75 -34.61
CA ALA G 22 17.97 115.74 -33.20
C ALA G 22 18.34 114.41 -32.54
N ALA G 23 18.09 113.31 -33.23
CA ALA G 23 18.49 112.01 -32.72
C ALA G 23 20.00 111.95 -32.51
N LEU G 24 20.76 112.51 -33.46
CA LEU G 24 22.21 112.60 -33.31
C LEU G 24 22.58 113.41 -32.08
N ASP G 25 21.87 114.49 -31.82
CA ASP G 25 22.18 115.34 -30.67
C ASP G 25 21.94 114.60 -29.36
N LEU G 26 20.83 113.88 -29.27
CA LEU G 26 20.59 113.06 -28.07
C LEU G 26 21.65 111.98 -27.93
N LEU G 27 22.02 111.33 -29.03
CA LEU G 27 23.04 110.28 -28.96
C LEU G 27 24.39 110.85 -28.52
N ARG G 28 24.76 112.02 -29.03
CA ARG G 28 25.99 112.65 -28.58
C ARG G 28 25.91 113.04 -27.11
N SER G 29 24.75 113.55 -26.69
CA SER G 29 24.57 113.90 -25.27
C SER G 29 24.75 112.68 -24.38
N TYR G 30 24.38 111.50 -24.89
CA TYR G 30 24.63 110.29 -24.13
C TYR G 30 26.10 109.87 -24.20
N PHE G 31 26.72 110.00 -25.37
CA PHE G 31 28.07 109.48 -25.56
C PHE G 31 29.11 110.32 -24.82
N ASP G 32 29.01 111.65 -24.89
CA ASP G 32 30.02 112.48 -24.25
C ASP G 32 29.94 112.37 -22.74
N SER G 33 28.74 112.13 -22.21
CA SER G 33 28.54 111.90 -20.80
C SER G 33 28.97 110.51 -20.37
N GLY G 34 29.38 109.66 -21.33
CA GLY G 34 29.71 108.29 -21.01
C GLY G 34 30.85 108.17 -20.01
N ASP G 35 31.90 108.96 -20.19
CA ASP G 35 33.07 108.83 -19.33
C ASP G 35 32.72 109.09 -17.86
N LEU G 36 31.88 110.10 -17.61
CA LEU G 36 31.40 110.33 -16.25
C LEU G 36 30.63 109.12 -15.72
N ARG G 37 29.80 108.52 -16.58
CA ARG G 37 29.02 107.36 -16.14
C ARG G 37 29.91 106.19 -15.78
N LEU G 38 30.95 105.92 -16.57
CA LEU G 38 31.85 104.83 -16.23
C LEU G 38 32.70 105.13 -15.00
N LYS G 39 33.10 106.39 -14.82
CA LYS G 39 33.79 106.73 -13.58
C LYS G 39 32.90 106.49 -12.37
N ALA G 40 31.63 106.91 -12.45
CA ALA G 40 30.70 106.67 -11.36
C ALA G 40 30.48 105.18 -11.14
N ALA G 41 30.33 104.41 -12.23
CA ALA G 41 30.10 102.98 -12.11
C ALA G 41 31.28 102.28 -11.47
N GLN G 42 32.50 102.66 -11.85
CA GLN G 42 33.69 102.06 -11.25
C GLN G 42 33.79 102.44 -9.78
N ALA G 43 33.49 103.68 -9.44
CA ALA G 43 33.53 104.10 -8.04
C ALA G 43 32.53 103.33 -7.20
N ILE G 44 31.33 103.10 -7.73
CA ILE G 44 30.32 102.34 -6.99
C ILE G 44 30.73 100.88 -6.91
N THR G 45 31.28 100.33 -8.00
CA THR G 45 31.70 98.93 -7.99
C THR G 45 32.77 98.68 -6.94
N ALA G 46 33.75 99.58 -6.86
CA ALA G 46 34.82 99.39 -5.89
C ALA G 46 34.31 99.52 -4.46
N ASN G 47 33.38 100.45 -4.21
CA ASN G 47 32.96 100.79 -2.85
C ASN G 47 31.49 100.49 -2.59
N ALA G 48 30.93 99.47 -3.25
CA ALA G 48 29.51 99.15 -3.06
C ALA G 48 29.21 98.77 -1.63
N GLU G 49 30.05 97.91 -1.04
CA GLU G 49 29.80 97.46 0.32
C GLU G 49 29.80 98.62 1.31
N VAL G 50 30.74 99.56 1.15
CA VAL G 50 30.82 100.69 2.06
C VAL G 50 29.59 101.59 1.90
N ILE G 51 29.16 101.82 0.66
CA ILE G 51 27.98 102.65 0.43
C ILE G 51 26.76 102.03 1.09
N VAL G 52 26.52 100.74 0.84
CA VAL G 52 25.36 100.07 1.42
C VAL G 52 25.46 100.06 2.94
N ARG G 53 26.67 99.87 3.47
CA ARG G 53 26.85 99.83 4.91
C ARG G 53 26.52 101.17 5.55
N ALA G 54 27.05 102.26 5.00
CA ALA G 54 26.79 103.58 5.56
C ALA G 54 25.31 103.93 5.45
N ALA G 55 24.70 103.64 4.30
CA ALA G 55 23.28 103.93 4.12
C ALA G 55 22.43 103.15 5.11
N SER G 56 22.69 101.84 5.23
CA SER G 56 21.93 101.02 6.15
C SER G 56 22.12 101.51 7.58
N ALA G 57 23.36 101.84 7.95
CA ALA G 57 23.60 102.37 9.29
C ALA G 57 22.73 103.59 9.56
N LYS G 58 22.92 104.65 8.77
CA LYS G 58 22.28 105.92 9.06
C LYS G 58 20.76 105.83 8.95
N ALA G 59 20.26 104.90 8.12
CA ALA G 59 18.82 104.89 7.86
C ALA G 59 18.09 103.89 8.75
N LEU G 60 18.79 102.88 9.26
CA LEU G 60 18.11 101.74 9.84
C LEU G 60 18.65 101.28 11.18
N HIS G 61 19.93 101.51 11.50
CA HIS G 61 20.58 100.72 12.54
C HIS G 61 19.90 100.88 13.90
N TYR G 62 19.73 102.12 14.37
CA TYR G 62 19.18 102.34 15.70
C TYR G 62 17.72 102.75 15.67
N THR G 63 17.05 102.55 14.55
CA THR G 63 15.61 102.73 14.45
C THR G 63 14.91 101.48 15.01
N PRO G 64 13.62 101.59 15.34
CA PRO G 64 12.94 100.44 15.96
C PRO G 64 12.85 99.20 15.08
N VAL G 65 13.04 99.32 13.76
CA VAL G 65 12.87 98.16 12.89
C VAL G 65 13.88 97.08 13.21
N THR G 66 15.07 97.46 13.72
CA THR G 66 16.07 96.47 14.08
C THR G 66 15.71 95.76 15.38
N LYS G 67 15.06 96.48 16.30
CA LYS G 67 14.67 95.91 17.56
C LYS G 67 13.58 94.85 17.35
N PRO G 68 13.41 93.93 18.31
CA PRO G 68 12.40 92.88 18.15
C PRO G 68 11.01 93.46 17.94
N GLY G 69 10.22 92.79 17.11
CA GLY G 69 8.95 93.28 16.65
C GLY G 69 9.03 94.03 15.34
N GLY G 70 10.24 94.35 14.88
CA GLY G 70 10.39 95.02 13.60
C GLY G 70 10.68 94.05 12.48
N ASN G 71 10.51 94.54 11.25
CA ASN G 71 10.68 93.69 10.09
C ASN G 71 12.14 93.27 9.90
N MET G 72 13.07 94.09 10.39
CA MET G 72 14.48 93.80 10.20
C MET G 72 15.04 92.89 11.28
N TYR G 73 14.27 92.61 12.33
CA TYR G 73 14.81 91.85 13.46
C TYR G 73 14.90 90.37 13.14
N TYR G 74 16.05 89.98 12.61
CA TYR G 74 16.63 88.63 12.57
C TYR G 74 17.97 88.75 11.87
N ALA G 75 18.85 87.77 12.02
CA ALA G 75 20.04 87.73 11.18
C ALA G 75 19.64 87.56 9.72
N ARG G 76 18.69 86.66 9.45
CA ARG G 76 18.21 86.44 8.09
C ARG G 76 17.53 87.69 7.55
N ARG G 77 16.67 88.31 8.35
CA ARG G 77 15.94 89.48 7.87
C ARG G 77 16.85 90.68 7.68
N TYR G 78 17.81 90.89 8.58
CA TYR G 78 18.75 91.98 8.40
C TYR G 78 19.62 91.75 7.16
N ALA G 79 20.10 90.52 6.98
CA ALA G 79 20.87 90.21 5.79
C ALA G 79 20.04 90.40 4.53
N SER G 80 18.75 90.08 4.60
CA SER G 80 17.87 90.27 3.45
C SER G 80 17.70 91.74 3.13
N CYS G 81 17.59 92.59 4.16
CA CYS G 81 17.49 94.02 3.91
C CYS G 81 18.77 94.57 3.27
N ILE G 82 19.92 94.17 3.79
CA ILE G 82 21.19 94.60 3.18
C ILE G 82 21.27 94.09 1.75
N ARG G 83 20.77 92.87 1.51
CA ARG G 83 20.78 92.30 0.19
C ARG G 83 19.90 93.09 -0.77
N ASP G 84 18.73 93.54 -0.29
CA ASP G 84 17.86 94.37 -1.12
C ASP G 84 18.49 95.72 -1.41
N LEU G 85 19.19 96.29 -0.42
CA LEU G 85 19.91 97.53 -0.67
C LEU G 85 21.01 97.33 -1.72
N ASP G 86 21.67 96.18 -1.68
CA ASP G 86 22.62 95.82 -2.73
C ASP G 86 21.94 95.77 -4.08
N TYR G 87 20.75 95.16 -4.13
CA TYR G 87 19.95 95.14 -5.36
C TYR G 87 19.73 96.54 -5.88
N PHE G 88 19.25 97.43 -5.00
CA PHE G 88 18.94 98.79 -5.42
C PHE G 88 20.18 99.49 -5.96
N LEU G 89 21.30 99.37 -5.25
CA LEU G 89 22.52 100.03 -5.70
C LEU G 89 22.99 99.50 -7.05
N ARG G 90 23.05 98.17 -7.20
CA ARG G 90 23.53 97.57 -8.44
C ARG G 90 22.63 97.93 -9.61
N TYR G 91 21.31 97.87 -9.42
CA TYR G 91 20.41 98.12 -10.52
C TYR G 91 20.30 99.61 -10.83
N ALA G 92 20.51 100.47 -9.83
CA ALA G 92 20.62 101.89 -10.11
C ALA G 92 21.87 102.19 -10.93
N THR G 93 22.97 101.50 -10.63
CA THR G 93 24.18 101.65 -11.45
C THR G 93 23.92 101.17 -12.88
N TYR G 94 23.24 100.05 -13.03
CA TYR G 94 22.89 99.56 -14.36
C TYR G 94 22.03 100.56 -15.12
N ALA G 95 21.02 101.12 -14.45
CA ALA G 95 20.14 102.10 -15.10
C ALA G 95 20.90 103.35 -15.47
N MET G 96 21.81 103.79 -14.60
CA MET G 96 22.61 104.98 -14.88
C MET G 96 23.49 104.78 -16.10
N LEU G 97 24.12 103.61 -16.20
CA LEU G 97 24.92 103.30 -17.40
C LEU G 97 24.04 103.19 -18.64
N ALA G 98 22.84 102.65 -18.49
CA ALA G 98 21.92 102.56 -19.62
C ALA G 98 21.20 103.88 -19.86
N ASP G 99 21.25 104.79 -18.89
CA ASP G 99 20.62 106.11 -18.99
C ASP G 99 19.12 106.00 -19.19
N ASN G 100 18.49 104.95 -18.63
CA ASN G 100 17.06 104.78 -18.78
C ASN G 100 16.52 104.03 -17.57
N THR G 101 15.30 104.38 -17.18
CA THR G 101 14.67 103.84 -15.98
C THR G 101 13.81 102.61 -16.25
N THR G 102 13.66 102.19 -17.51
CA THR G 102 12.82 101.04 -17.79
C THR G 102 13.42 99.77 -17.19
N LEU G 103 14.74 99.71 -17.09
CA LEU G 103 15.38 98.60 -16.38
C LEU G 103 14.98 98.58 -14.91
N LEU G 104 14.98 99.74 -14.26
CA LEU G 104 14.56 99.80 -12.87
C LEU G 104 13.09 99.39 -12.71
N ASP G 105 12.25 99.84 -13.64
CA ASP G 105 10.83 99.52 -13.57
C ASP G 105 10.61 98.01 -13.75
N GLU G 106 11.36 97.38 -14.63
CA GLU G 106 11.06 96.01 -15.00
C GLU G 106 11.80 95.00 -14.11
N TYR G 107 13.13 95.09 -14.06
CA TYR G 107 13.89 94.09 -13.31
C TYR G 107 13.61 94.15 -11.82
N VAL G 108 13.33 95.34 -11.30
CA VAL G 108 13.22 95.54 -9.85
C VAL G 108 11.79 95.75 -9.39
N LEU G 109 10.99 96.56 -10.08
CA LEU G 109 9.67 96.95 -9.58
C LEU G 109 8.54 96.07 -10.10
N LYS G 110 8.84 95.00 -10.81
CA LYS G 110 7.79 94.12 -11.34
C LYS G 110 7.37 93.17 -10.23
N GLY G 111 6.23 93.47 -9.61
CA GLY G 111 5.71 92.65 -8.54
C GLY G 111 6.39 92.85 -7.19
N LEU G 112 7.30 93.81 -7.08
CA LEU G 112 7.99 94.03 -5.82
C LEU G 112 7.05 94.53 -4.74
N THR G 113 6.13 95.43 -5.09
CA THR G 113 5.24 95.99 -4.09
C THR G 113 4.33 94.90 -3.50
N GLU G 114 3.82 94.00 -4.34
CA GLU G 114 3.00 92.91 -3.83
C GLU G 114 3.79 91.96 -2.94
N THR G 115 5.04 91.69 -3.33
CA THR G 115 5.91 90.84 -2.51
C THR G 115 6.15 91.49 -1.16
N TYR G 116 6.40 92.79 -1.13
CA TYR G 116 6.65 93.47 0.14
C TYR G 116 5.39 93.50 1.00
N ARG G 117 4.22 93.70 0.38
CA ARG G 117 2.97 93.64 1.14
C ARG G 117 2.77 92.27 1.77
N ALA G 118 2.92 91.21 0.98
CA ALA G 118 2.70 89.86 1.49
C ALA G 118 3.71 89.49 2.57
N LEU G 119 4.98 89.86 2.37
CA LEU G 119 6.02 89.49 3.30
C LEU G 119 5.93 90.30 4.59
N GLY G 120 5.29 91.46 4.55
CA GLY G 120 5.26 92.35 5.69
C GLY G 120 6.29 93.45 5.67
N VAL G 121 6.96 93.66 4.55
CA VAL G 121 8.01 94.68 4.45
C VAL G 121 7.37 96.07 4.49
N PRO G 122 7.85 96.98 5.33
CA PRO G 122 7.31 98.35 5.32
C PRO G 122 7.84 99.11 4.12
N LEU G 123 6.94 99.77 3.40
CA LEU G 123 7.34 100.51 2.20
C LEU G 123 8.01 101.83 2.56
N ASP G 124 7.51 102.52 3.59
CA ASP G 124 8.06 103.82 3.94
C ASP G 124 9.51 103.70 4.42
N ILE G 125 9.81 102.68 5.22
CA ILE G 125 11.18 102.50 5.69
C ILE G 125 12.08 102.13 4.51
N SER G 126 11.56 101.38 3.55
CA SER G 126 12.31 101.10 2.34
C SER G 126 12.61 102.38 1.57
N VAL G 127 11.64 103.30 1.50
CA VAL G 127 11.87 104.58 0.83
C VAL G 127 12.96 105.37 1.55
N ARG G 128 12.93 105.37 2.89
CA ARG G 128 13.97 106.05 3.65
C ARG G 128 15.34 105.45 3.38
N ALA G 129 15.42 104.12 3.34
CA ALA G 129 16.70 103.46 3.08
C ALA G 129 17.20 103.78 1.68
N ILE G 130 16.32 103.76 0.68
CA ILE G 130 16.72 104.09 -0.69
C ILE G 130 17.20 105.52 -0.76
N ASN G 131 16.51 106.44 -0.09
CA ASN G 131 16.95 107.83 -0.07
C ASN G 131 18.34 107.96 0.54
N ALA G 132 18.54 107.37 1.72
CA ALA G 132 19.85 107.46 2.38
C ALA G 132 20.94 106.89 1.49
N LEU G 133 20.66 105.77 0.82
CA LEU G 133 21.59 105.24 -0.16
C LEU G 133 21.86 106.27 -1.26
N LYS G 134 20.84 107.03 -1.65
CA LYS G 134 21.04 108.05 -2.67
C LYS G 134 22.02 109.12 -2.22
N GLU G 135 21.87 109.65 -1.00
CA GLU G 135 22.83 110.67 -0.56
C GLU G 135 24.21 110.07 -0.35
N VAL G 136 24.30 108.83 0.10
CA VAL G 136 25.63 108.22 0.26
C VAL G 136 26.33 108.08 -1.10
N VAL G 137 25.59 107.63 -2.11
CA VAL G 137 26.16 107.51 -3.45
C VAL G 137 26.57 108.87 -3.98
N ALA G 138 25.73 109.89 -3.78
CA ALA G 138 26.07 111.22 -4.24
C ALA G 138 27.34 111.72 -3.58
N GLY G 139 27.45 111.54 -2.26
CA GLY G 139 28.65 111.96 -1.56
C GLY G 139 29.90 111.26 -2.06
N GLN G 140 29.80 109.96 -2.33
CA GLN G 140 31.00 109.24 -2.77
C GLN G 140 31.38 109.59 -4.20
N VAL G 141 30.39 109.77 -5.09
CA VAL G 141 30.69 109.93 -6.52
C VAL G 141 30.76 111.38 -6.97
N GLY G 142 30.50 112.33 -6.09
CA GLY G 142 30.59 113.73 -6.48
C GLY G 142 29.26 114.25 -6.97
N PRO G 143 29.13 115.57 -7.07
CA PRO G 143 27.82 116.16 -7.41
C PRO G 143 27.34 115.82 -8.81
N LYS G 144 28.23 115.81 -9.80
CA LYS G 144 27.80 115.62 -11.19
C LYS G 144 27.18 114.24 -11.38
N ALA G 145 27.87 113.19 -10.92
CA ALA G 145 27.32 111.85 -11.05
C ALA G 145 26.21 111.59 -10.03
N GLY G 146 26.28 112.26 -8.88
CA GLY G 146 25.24 112.10 -7.89
C GLY G 146 23.90 112.61 -8.37
N GLN G 147 23.89 113.71 -9.11
CA GLN G 147 22.65 114.22 -9.69
C GLN G 147 22.04 113.20 -10.64
N GLU G 148 22.87 112.58 -11.48
CA GLU G 148 22.36 111.56 -12.41
C GLU G 148 21.82 110.36 -11.66
N MET G 149 22.53 109.92 -10.63
CA MET G 149 22.11 108.70 -9.92
C MET G 149 20.90 108.96 -9.04
N ALA G 150 20.70 110.22 -8.65
CA ALA G 150 19.54 110.58 -7.84
C ALA G 150 18.25 110.37 -8.61
N LYS G 151 18.28 110.56 -9.93
CA LYS G 151 17.08 110.32 -10.73
C LYS G 151 16.63 108.88 -10.63
N TYR G 152 17.58 107.94 -10.72
CA TYR G 152 17.23 106.53 -10.68
C TYR G 152 16.85 106.09 -9.27
N PHE G 153 17.53 106.61 -8.25
CA PHE G 153 17.11 106.31 -6.89
C PHE G 153 15.72 106.86 -6.59
N ASP G 154 15.41 108.05 -7.12
CA ASP G 154 14.07 108.61 -6.93
C ASP G 154 13.03 107.81 -7.71
N HIS G 155 13.41 107.29 -8.88
CA HIS G 155 12.51 106.39 -9.60
C HIS G 155 12.20 105.15 -8.77
N LEU G 156 13.22 104.56 -8.15
CA LEU G 156 12.98 103.44 -7.24
C LEU G 156 12.05 103.85 -6.10
N ALA G 157 12.30 105.01 -5.51
CA ALA G 157 11.50 105.44 -4.37
C ALA G 157 10.04 105.63 -4.74
N LYS G 158 9.77 106.28 -5.88
CA LYS G 158 8.38 106.46 -6.29
C LYS G 158 7.76 105.15 -6.74
N GLY G 159 8.58 104.22 -7.24
CA GLY G 159 8.05 102.89 -7.55
C GLY G 159 7.56 102.16 -6.32
N LEU G 160 8.36 102.17 -5.26
CA LEU G 160 7.89 101.61 -3.99
C LEU G 160 6.83 102.50 -3.35
N GLY G 161 7.04 103.81 -3.37
CA GLY G 161 6.09 104.74 -2.79
C GLY G 161 4.98 105.11 -3.75
N MET H 1 3.93 77.10 10.50
CA MET H 1 4.28 75.73 10.90
C MET H 1 5.08 75.80 12.18
N GLN H 2 4.41 75.55 13.31
CA GLN H 2 5.02 75.69 14.62
C GLN H 2 4.19 74.93 15.65
N ASP H 3 4.85 74.39 16.66
CA ASP H 3 4.16 73.71 17.74
C ASP H 3 3.80 74.70 18.84
N ALA H 4 3.38 74.18 19.99
CA ALA H 4 3.11 75.03 21.14
C ALA H 4 4.38 75.70 21.64
N ILE H 5 5.47 74.94 21.74
CA ILE H 5 6.72 75.48 22.27
C ILE H 5 7.26 76.57 21.35
N THR H 6 7.30 76.31 20.04
CA THR H 6 7.80 77.34 19.13
C THR H 6 6.82 78.50 19.03
N SER H 7 5.52 78.25 19.26
CA SER H 7 4.56 79.35 19.26
C SER H 7 4.81 80.29 20.43
N VAL H 8 5.02 79.75 21.63
CA VAL H 8 5.29 80.61 22.78
C VAL H 8 6.66 81.26 22.65
N ILE H 9 7.63 80.54 22.07
CA ILE H 9 8.93 81.15 21.80
C ILE H 9 8.77 82.34 20.87
N ASN H 10 7.93 82.20 19.84
CA ASN H 10 7.71 83.30 18.91
C ASN H 10 7.03 84.48 19.58
N THR H 11 6.01 84.21 20.40
CA THR H 11 5.26 85.33 20.99
C THR H 11 6.07 86.03 22.06
N TYR H 12 7.05 85.34 22.65
CA TYR H 12 7.92 86.00 23.61
C TYR H 12 9.11 86.65 22.91
N ASP H 13 9.51 86.13 21.75
CA ASP H 13 10.64 86.67 21.03
C ASP H 13 10.26 87.98 20.34
N VAL H 14 9.05 88.02 19.76
CA VAL H 14 8.61 89.22 19.06
C VAL H 14 8.55 90.41 20.01
N GLN H 15 8.16 90.17 21.27
CA GLN H 15 8.15 91.24 22.25
C GLN H 15 9.56 91.61 22.69
N GLY H 16 10.54 90.75 22.37
CA GLY H 16 11.91 90.99 22.77
C GLY H 16 12.23 90.63 24.19
N LYS H 17 11.27 90.09 24.94
CA LYS H 17 11.46 89.80 26.35
C LYS H 17 11.81 88.33 26.56
N TYR H 18 12.33 88.04 27.75
CA TYR H 18 12.60 86.66 28.13
C TYR H 18 11.30 85.96 28.53
N PHE H 19 11.38 84.64 28.67
CA PHE H 19 10.25 83.88 29.20
C PHE H 19 9.88 84.34 30.61
N ASP H 20 8.59 84.48 30.86
CA ASP H 20 8.06 84.70 32.19
C ASP H 20 7.59 83.38 32.79
N THR H 21 7.04 83.46 34.00
CA THR H 21 6.57 82.26 34.68
C THR H 21 5.32 81.69 34.02
N SER H 22 4.47 82.57 33.46
CA SER H 22 3.28 82.10 32.76
C SER H 22 3.67 81.27 31.54
N ALA H 23 4.72 81.68 30.83
CA ALA H 23 5.23 80.88 29.73
C ALA H 23 5.64 79.50 30.21
N PHE H 24 6.34 79.44 31.35
CA PHE H 24 6.77 78.15 31.88
C PHE H 24 5.59 77.27 32.27
N ASP H 25 4.51 77.88 32.78
CA ASP H 25 3.31 77.11 33.08
C ASP H 25 2.68 76.56 31.81
N LYS H 26 2.59 77.40 30.77
CA LYS H 26 2.06 76.92 29.49
C LYS H 26 2.91 75.79 28.94
N LEU H 27 4.22 75.87 29.13
CA LEU H 27 5.13 74.83 28.67
C LEU H 27 4.94 73.53 29.45
N LYS H 28 4.80 73.63 30.77
CA LYS H 28 4.53 72.46 31.59
C LYS H 28 3.23 71.80 31.15
N ALA H 29 2.24 72.60 30.75
CA ALA H 29 1.00 72.01 30.26
C ALA H 29 1.24 71.09 29.07
N TYR H 30 1.97 71.57 28.06
CA TYR H 30 2.20 70.77 26.88
C TYR H 30 3.09 69.57 27.18
N TYR H 31 4.11 69.76 28.03
CA TYR H 31 4.96 68.63 28.40
C TYR H 31 4.16 67.56 29.15
N ALA H 32 3.16 67.99 29.91
CA ALA H 32 2.33 67.03 30.65
C ALA H 32 1.32 66.34 29.74
N THR H 33 0.92 67.00 28.66
CA THR H 33 0.02 66.37 27.70
C THR H 33 0.75 65.59 26.61
N GLY H 34 2.09 65.67 26.59
CA GLY H 34 2.84 65.04 25.51
C GLY H 34 2.65 63.55 25.39
N GLU H 35 2.65 62.83 26.51
CA GLU H 35 2.57 61.37 26.43
C GLU H 35 1.19 60.93 25.94
N LEU H 36 0.15 61.61 26.39
CA LEU H 36 -1.19 61.34 25.86
C LEU H 36 -1.26 61.63 24.38
N ARG H 37 -0.64 62.73 23.94
CA ARG H 37 -0.63 63.06 22.52
C ARG H 37 0.07 61.99 21.70
N VAL H 38 1.21 61.50 22.20
CA VAL H 38 1.97 60.50 21.45
C VAL H 38 1.21 59.17 21.41
N ARG H 39 0.56 58.82 22.52
CA ARG H 39 -0.24 57.59 22.55
C ARG H 39 -1.39 57.67 21.55
N ALA H 40 -2.09 58.80 21.51
CA ALA H 40 -3.16 58.97 20.54
C ALA H 40 -2.61 58.93 19.12
N ALA H 41 -1.44 59.52 18.89
CA ALA H 41 -0.84 59.49 17.58
C ALA H 41 -0.52 58.08 17.13
N GLY H 42 0.02 57.26 18.04
CA GLY H 42 0.28 55.87 17.70
C GLY H 42 -0.99 55.11 17.38
N THR H 43 -2.04 55.32 18.19
CA THR H 43 -3.32 54.67 17.91
C THR H 43 -3.84 55.05 16.53
N ILE H 44 -3.76 56.33 16.19
CA ILE H 44 -4.28 56.81 14.91
C ILE H 44 -3.44 56.29 13.76
N SER H 45 -2.12 56.22 13.94
CA SER H 45 -1.27 55.65 12.91
C SER H 45 -1.62 54.19 12.67
N ALA H 46 -1.90 53.45 13.74
CA ALA H 46 -2.28 52.05 13.59
C ALA H 46 -3.63 51.91 12.90
N ASN H 47 -4.58 52.79 13.22
CA ASN H 47 -5.96 52.63 12.76
C ASN H 47 -6.35 53.55 11.62
N ALA H 48 -5.37 54.19 10.96
CA ALA H 48 -5.70 55.15 9.91
C ALA H 48 -6.47 54.50 8.76
N ALA H 49 -6.05 53.31 8.33
CA ALA H 49 -6.74 52.64 7.24
C ALA H 49 -8.20 52.36 7.61
N THR H 50 -8.43 51.85 8.82
CA THR H 50 -9.79 51.56 9.27
C THR H 50 -10.62 52.84 9.39
N ILE H 51 -10.01 53.91 9.89
CA ILE H 51 -10.73 55.17 10.00
C ILE H 51 -11.16 55.66 8.62
N ILE H 52 -10.27 55.54 7.64
CA ILE H 52 -10.66 55.91 6.27
C ILE H 52 -11.78 55.01 5.78
N LYS H 53 -11.67 53.69 6.02
CA LYS H 53 -12.72 52.75 5.66
C LYS H 53 -14.07 53.28 6.13
N GLU H 54 -14.24 53.39 7.44
CA GLU H 54 -15.54 53.69 8.03
C GLU H 54 -15.97 55.12 7.75
N ALA H 55 -15.03 56.06 7.66
CA ALA H 55 -15.39 57.44 7.39
C ALA H 55 -15.96 57.59 5.99
N SER H 56 -15.28 57.00 5.00
CA SER H 56 -15.83 57.02 3.65
C SER H 56 -17.16 56.28 3.58
N ALA H 57 -17.26 55.14 4.27
CA ALA H 57 -18.52 54.39 4.26
C ALA H 57 -19.66 55.23 4.80
N LYS H 58 -19.46 55.88 5.95
CA LYS H 58 -20.53 56.67 6.55
C LYS H 58 -20.86 57.89 5.70
N LEU H 59 -19.83 58.53 5.13
CA LEU H 59 -20.08 59.72 4.31
C LEU H 59 -20.91 59.36 3.08
N PHE H 60 -20.58 58.23 2.43
CA PHE H 60 -21.33 57.84 1.24
C PHE H 60 -22.68 57.22 1.61
N SER H 61 -22.83 56.78 2.86
CA SER H 61 -24.12 56.27 3.30
C SER H 61 -25.11 57.41 3.54
N ASN H 62 -24.70 58.43 4.30
CA ASN H 62 -25.62 59.53 4.58
C ASN H 62 -25.97 60.30 3.32
N GLN H 63 -24.99 60.54 2.46
CA GLN H 63 -25.23 61.22 1.18
C GLN H 63 -25.09 60.22 0.06
N PRO H 64 -26.21 59.74 -0.53
CA PRO H 64 -26.08 58.71 -1.57
C PRO H 64 -25.80 59.28 -2.95
N ASP H 65 -26.16 60.54 -3.20
CA ASP H 65 -26.00 61.11 -4.54
C ASP H 65 -24.53 61.26 -4.92
N LEU H 66 -23.65 61.37 -3.92
CA LEU H 66 -22.23 61.60 -4.20
C LEU H 66 -21.64 60.44 -4.99
N VAL H 67 -21.94 59.20 -4.59
CA VAL H 67 -21.42 58.04 -5.31
C VAL H 67 -22.24 57.77 -6.56
N ARG H 68 -23.51 58.12 -6.55
CA ARG H 68 -24.36 57.93 -7.71
C ARG H 68 -23.98 58.91 -8.82
N PRO H 69 -24.35 58.60 -10.07
CA PRO H 69 -24.04 59.52 -11.17
C PRO H 69 -24.62 60.91 -10.95
N GLY H 70 -23.88 61.91 -11.41
CA GLY H 70 -24.22 63.29 -11.17
C GLY H 70 -23.71 63.86 -9.86
N GLY H 71 -23.01 63.05 -9.05
CA GLY H 71 -22.49 63.51 -7.79
C GLY H 71 -21.01 63.88 -7.88
N ASN H 72 -20.57 64.67 -6.90
CA ASN H 72 -19.20 65.17 -6.91
C ASN H 72 -18.22 64.12 -6.40
N ALA H 73 -18.64 62.86 -6.34
CA ALA H 73 -17.76 61.75 -6.09
C ALA H 73 -17.91 60.63 -7.11
N TYR H 74 -18.74 60.83 -8.13
CA TYR H 74 -19.05 59.76 -9.07
C TYR H 74 -17.97 59.65 -10.14
N THR H 75 -16.90 58.94 -9.81
CA THR H 75 -15.90 58.44 -10.77
C THR H 75 -14.90 57.64 -9.96
N THR H 76 -14.20 56.69 -10.58
CA THR H 76 -13.14 56.00 -9.88
C THR H 76 -12.01 56.96 -9.52
N ARG H 77 -11.61 57.80 -10.48
CA ARG H 77 -10.63 58.85 -10.19
C ARG H 77 -11.15 59.79 -9.11
N ARG H 78 -12.40 60.21 -9.21
CA ARG H 78 -12.94 61.20 -8.29
C ARG H 78 -13.17 60.58 -6.91
N TYR H 79 -13.58 59.32 -6.88
CA TYR H 79 -13.65 58.59 -5.61
C TYR H 79 -12.29 58.52 -4.94
N ALA H 80 -11.25 58.18 -5.71
CA ALA H 80 -9.90 58.12 -5.15
C ALA H 80 -9.46 59.49 -4.66
N ALA H 81 -9.82 60.55 -5.38
CA ALA H 81 -9.48 61.89 -4.94
C ALA H 81 -10.15 62.22 -3.61
N CYS H 82 -11.42 61.85 -3.46
CA CYS H 82 -12.11 62.11 -2.20
C CYS H 82 -11.46 61.36 -1.04
N VAL H 83 -11.17 60.07 -1.22
CA VAL H 83 -10.59 59.31 -0.13
C VAL H 83 -9.18 59.81 0.18
N ARG H 84 -8.44 60.24 -0.84
CA ARG H 84 -7.13 60.83 -0.61
C ARG H 84 -7.24 62.11 0.20
N ASP H 85 -8.23 62.95 -0.11
CA ASP H 85 -8.43 64.17 0.65
C ASP H 85 -8.72 63.85 2.12
N MET H 86 -9.59 62.87 2.37
CA MET H 86 -9.91 62.53 3.75
C MET H 86 -8.70 61.97 4.48
N ASP H 87 -7.89 61.16 3.79
CA ASP H 87 -6.68 60.62 4.41
C ASP H 87 -5.70 61.74 4.77
N TYR H 88 -5.52 62.70 3.86
CA TYR H 88 -4.63 63.82 4.15
C TYR H 88 -5.15 64.65 5.32
N PHE H 89 -6.47 64.87 5.37
CA PHE H 89 -7.05 65.60 6.49
C PHE H 89 -6.78 64.88 7.80
N LEU H 90 -6.97 63.57 7.82
CA LEU H 90 -6.70 62.81 9.04
C LEU H 90 -5.24 62.90 9.46
N ARG H 91 -4.32 62.73 8.50
CA ARG H 91 -2.91 62.76 8.83
C ARG H 91 -2.50 64.13 9.37
N TYR H 92 -2.99 65.20 8.75
CA TYR H 92 -2.61 66.54 9.21
C TYR H 92 -3.28 66.89 10.52
N ALA H 93 -4.48 66.34 10.78
CA ALA H 93 -5.09 66.51 12.09
C ALA H 93 -4.26 65.83 13.16
N THR H 94 -3.74 64.64 12.88
CA THR H 94 -2.84 63.98 13.83
C THR H 94 -1.55 64.77 14.02
N TYR H 95 -1.04 65.35 12.93
CA TYR H 95 0.14 66.21 13.04
C TYR H 95 -0.10 67.38 13.98
N ALA H 96 -1.22 68.09 13.78
CA ALA H 96 -1.55 69.22 14.64
C ALA H 96 -1.78 68.76 16.07
N MET H 97 -2.34 67.56 16.24
CA MET H 97 -2.49 66.97 17.56
C MET H 97 -1.15 66.84 18.26
N LEU H 98 -0.18 66.23 17.58
CA LEU H 98 1.14 66.05 18.20
C LEU H 98 1.81 67.40 18.46
N ALA H 99 1.73 68.32 17.50
CA ALA H 99 2.37 69.62 17.68
C ALA H 99 1.66 70.44 18.76
N GLY H 100 0.36 70.27 18.90
CA GLY H 100 -0.41 71.05 19.84
C GLY H 100 -0.88 72.39 19.31
N ASP H 101 -0.64 72.69 18.05
CA ASP H 101 -0.99 73.97 17.45
C ASP H 101 -1.66 73.73 16.11
N THR H 102 -2.53 74.67 15.73
CA THR H 102 -3.23 74.62 14.45
C THR H 102 -2.49 75.32 13.33
N SER H 103 -1.28 75.81 13.59
CA SER H 103 -0.53 76.54 12.57
C SER H 103 -0.23 75.65 11.38
N ILE H 104 0.08 74.38 11.63
CA ILE H 104 0.38 73.45 10.54
C ILE H 104 -0.84 73.28 9.64
N LEU H 105 -2.04 73.31 10.23
CA LEU H 105 -3.26 73.22 9.42
C LEU H 105 -3.36 74.39 8.45
N ASP H 106 -3.11 75.61 8.94
CA ASP H 106 -3.13 76.77 8.06
C ASP H 106 -2.05 76.69 6.99
N GLU H 107 -0.87 76.21 7.35
CA GLU H 107 0.28 76.35 6.47
C GLU H 107 0.34 75.21 5.44
N ARG H 108 -0.31 74.08 5.72
CA ARG H 108 -0.19 72.90 4.87
C ARG H 108 -1.51 72.29 4.43
N VAL H 109 -2.64 72.76 4.95
CA VAL H 109 -3.94 72.23 4.57
C VAL H 109 -4.84 73.31 4.00
N LEU H 110 -5.11 74.35 4.78
CA LEU H 110 -6.00 75.43 4.37
C LEU H 110 -5.30 76.42 3.44
N ASN H 111 -4.00 76.25 3.21
CA ASN H 111 -3.23 77.11 2.33
C ASN H 111 -3.64 76.79 0.89
N GLY H 112 -4.58 77.57 0.36
CA GLY H 112 -5.04 77.41 -1.00
C GLY H 112 -6.11 76.37 -1.21
N LEU H 113 -6.52 75.64 -0.16
CA LEU H 113 -7.54 74.62 -0.33
C LEU H 113 -8.92 75.22 -0.47
N LYS H 114 -9.20 76.30 0.27
CA LYS H 114 -10.52 76.92 0.21
C LYS H 114 -10.86 77.35 -1.20
N GLU H 115 -9.97 78.13 -1.83
CA GLU H 115 -10.25 78.63 -3.17
C GLU H 115 -10.09 77.53 -4.22
N THR H 116 -9.28 76.51 -3.95
CA THR H 116 -9.23 75.37 -4.85
C THR H 116 -10.57 74.66 -4.91
N TYR H 117 -11.17 74.38 -3.75
CA TYR H 117 -12.50 73.78 -3.72
C TYR H 117 -13.54 74.72 -4.32
N ASN H 118 -13.41 76.02 -4.06
CA ASN H 118 -14.36 76.99 -4.61
C ASN H 118 -14.34 76.97 -6.13
N SER H 119 -13.15 76.99 -6.72
CA SER H 119 -13.04 76.93 -8.18
C SER H 119 -13.52 75.59 -8.72
N LEU H 120 -13.18 74.50 -8.02
CA LEU H 120 -13.58 73.18 -8.50
C LEU H 120 -15.07 72.95 -8.34
N GLY H 121 -15.69 73.58 -7.35
CA GLY H 121 -17.09 73.37 -7.08
C GLY H 121 -17.40 72.36 -6.01
N VAL H 122 -16.40 71.93 -5.24
CA VAL H 122 -16.63 70.97 -4.15
C VAL H 122 -17.58 71.59 -3.13
N PRO H 123 -18.64 70.89 -2.72
CA PRO H 123 -19.55 71.47 -1.73
C PRO H 123 -18.88 71.56 -0.37
N ILE H 124 -18.99 72.74 0.26
CA ILE H 124 -18.42 72.95 1.58
C ILE H 124 -19.11 72.06 2.61
N SER H 125 -20.44 71.97 2.53
CA SER H 125 -21.19 71.26 3.54
C SER H 125 -20.81 69.78 3.61
N SER H 126 -20.64 69.15 2.45
CA SER H 126 -20.27 67.74 2.44
C SER H 126 -18.89 67.53 3.05
N THR H 127 -17.96 68.44 2.77
CA THR H 127 -16.62 68.34 3.35
C THR H 127 -16.66 68.49 4.86
N VAL H 128 -17.45 69.44 5.37
CA VAL H 128 -17.58 69.60 6.81
C VAL H 128 -18.21 68.36 7.42
N GLN H 129 -19.21 67.78 6.75
CA GLN H 129 -19.83 66.56 7.25
C GLN H 129 -18.83 65.42 7.30
N GLY H 130 -17.96 65.32 6.30
CA GLY H 130 -16.93 64.29 6.33
C GLY H 130 -15.92 64.49 7.45
N ILE H 131 -15.54 65.75 7.70
CA ILE H 131 -14.65 66.04 8.83
C ILE H 131 -15.31 65.60 10.13
N GLN H 132 -16.59 65.92 10.30
CA GLN H 132 -17.32 65.50 11.50
C GLN H 132 -17.37 63.98 11.61
N ALA H 133 -17.63 63.31 10.48
CA ALA H 133 -17.67 61.85 10.47
C ALA H 133 -16.35 61.26 10.93
N MET H 134 -15.22 61.81 10.46
CA MET H 134 -13.94 61.30 10.93
C MET H 134 -13.70 61.62 12.39
N LYS H 135 -14.09 62.82 12.83
CA LYS H 135 -13.75 63.23 14.20
C LYS H 135 -14.52 62.41 15.24
N GLU H 136 -15.82 62.18 15.01
CA GLU H 136 -16.62 61.57 16.06
C GLU H 136 -16.32 60.08 16.19
N VAL H 137 -15.73 59.49 15.15
CA VAL H 137 -15.30 58.10 15.27
C VAL H 137 -13.87 58.02 15.81
N THR H 138 -12.98 58.91 15.36
CA THR H 138 -11.61 58.89 15.85
C THR H 138 -11.56 59.14 17.34
N GLY H 139 -12.44 60.03 17.83
CA GLY H 139 -12.52 60.27 19.27
C GLY H 139 -12.89 59.02 20.04
N SER H 140 -13.70 58.15 19.43
CA SER H 140 -14.07 56.90 20.10
C SER H 140 -12.86 55.99 20.28
N LEU H 141 -12.00 55.91 19.26
CA LEU H 141 -10.82 55.04 19.37
C LEU H 141 -9.76 55.64 20.29
N VAL H 142 -9.50 56.94 20.17
CA VAL H 142 -8.39 57.55 20.89
C VAL H 142 -8.65 57.76 22.37
N GLY H 143 -9.89 57.60 22.83
CA GLY H 143 -10.24 57.90 24.20
C GLY H 143 -10.81 59.30 24.36
N SER H 144 -11.60 59.46 25.42
CA SER H 144 -12.32 60.72 25.61
C SER H 144 -11.38 61.91 25.77
N GLY H 145 -10.30 61.73 26.54
CA GLY H 145 -9.35 62.80 26.70
C GLY H 145 -8.71 63.23 25.39
N ALA H 146 -8.32 62.26 24.56
CA ALA H 146 -7.79 62.59 23.25
C ALA H 146 -8.91 62.95 22.28
N ALA H 147 -10.13 62.50 22.55
CA ALA H 147 -11.27 62.90 21.73
C ALA H 147 -11.50 64.39 21.79
N LYS H 148 -11.60 64.93 23.02
CA LYS H 148 -11.81 66.37 23.17
C LYS H 148 -10.65 67.16 22.57
N GLU H 149 -9.48 66.54 22.48
CA GLU H 149 -8.28 67.26 22.07
C GLU H 149 -8.10 67.20 20.55
N MET H 150 -8.63 66.16 19.90
CA MET H 150 -8.76 66.20 18.44
C MET H 150 -9.96 67.04 18.02
N GLY H 151 -10.89 67.29 18.93
CA GLY H 151 -12.04 68.11 18.58
C GLY H 151 -11.64 69.48 18.06
N VAL H 152 -10.67 70.11 18.72
CA VAL H 152 -10.27 71.46 18.33
C VAL H 152 -9.69 71.46 16.92
N TYR H 153 -8.87 70.47 16.59
CA TYR H 153 -8.24 70.48 15.28
C TYR H 153 -9.23 70.12 14.18
N PHE H 154 -10.13 69.17 14.43
CA PHE H 154 -11.11 68.80 13.42
C PHE H 154 -12.09 69.93 13.15
N ASP H 155 -12.63 70.57 14.20
CA ASP H 155 -13.56 71.66 13.92
C ASP H 155 -12.81 72.90 13.44
N TYR H 156 -11.50 73.00 13.72
CA TYR H 156 -10.70 74.02 13.06
C TYR H 156 -10.64 73.80 11.55
N LEU H 157 -10.42 72.55 11.13
CA LEU H 157 -10.44 72.26 9.70
C LEU H 157 -11.82 72.56 9.10
N SER H 158 -12.87 72.17 9.82
CA SER H 158 -14.24 72.42 9.34
C SER H 158 -14.50 73.91 9.19
N SER H 159 -14.12 74.71 10.19
CA SER H 159 -14.38 76.14 10.15
C SER H 159 -13.51 76.82 9.09
N GLY H 160 -12.28 76.34 8.92
CA GLY H 160 -11.42 76.91 7.89
C GLY H 160 -11.96 76.68 6.50
N LEU H 161 -12.39 75.45 6.21
CA LEU H 161 -12.96 75.18 4.89
C LEU H 161 -14.36 75.79 4.76
N SER H 162 -14.99 76.13 5.88
CA SER H 162 -16.30 76.75 5.86
C SER H 162 -16.22 78.17 5.33
N MET I 1 -10.00 69.16 -26.00
CA MET I 1 -10.05 67.92 -26.76
C MET I 1 -11.46 67.31 -26.73
N GLN I 2 -12.45 68.14 -26.98
CA GLN I 2 -13.85 67.74 -26.96
C GLN I 2 -14.29 67.32 -28.34
N ASP I 3 -15.06 66.24 -28.40
CA ASP I 3 -15.61 65.72 -29.64
C ASP I 3 -17.09 65.43 -29.45
N ALA I 4 -17.82 65.33 -30.57
CA ALA I 4 -19.23 64.95 -30.48
C ALA I 4 -19.39 63.55 -29.91
N ILE I 5 -18.55 62.62 -30.35
CA ILE I 5 -18.55 61.27 -29.80
C ILE I 5 -18.22 61.32 -28.31
N THR I 6 -17.21 62.10 -27.94
CA THR I 6 -16.87 62.26 -26.54
C THR I 6 -17.98 63.00 -25.80
N SER I 7 -18.62 63.97 -26.46
CA SER I 7 -19.67 64.75 -25.82
C SER I 7 -20.86 63.90 -25.45
N VAL I 8 -21.28 62.97 -26.33
CA VAL I 8 -22.45 62.15 -26.02
C VAL I 8 -22.15 61.23 -24.84
N ILE I 9 -20.94 60.67 -24.78
CA ILE I 9 -20.56 59.84 -23.65
C ILE I 9 -20.56 60.66 -22.37
N ASN I 10 -20.00 61.88 -22.42
CA ASN I 10 -19.98 62.71 -21.22
C ASN I 10 -21.40 63.04 -20.77
N THR I 11 -22.29 63.34 -21.71
CA THR I 11 -23.66 63.66 -21.34
C THR I 11 -24.37 62.47 -20.71
N TYR I 12 -24.25 61.29 -21.33
CA TYR I 12 -24.91 60.11 -20.77
C TYR I 12 -24.30 59.70 -19.44
N ASP I 13 -23.02 60.02 -19.23
CA ASP I 13 -22.38 59.63 -17.98
C ASP I 13 -22.72 60.59 -16.86
N VAL I 14 -22.85 61.89 -17.17
CA VAL I 14 -23.27 62.85 -16.16
C VAL I 14 -24.74 62.65 -15.80
N GLN I 15 -25.58 62.33 -16.80
CA GLN I 15 -26.97 62.03 -16.47
C GLN I 15 -27.20 60.55 -16.18
N GLY I 16 -26.16 59.73 -16.26
CA GLY I 16 -26.23 58.35 -15.79
C GLY I 16 -27.22 57.48 -16.51
N LYS I 17 -27.24 57.53 -17.84
CA LYS I 17 -28.13 56.71 -18.64
C LYS I 17 -27.37 56.00 -19.76
N TYR I 18 -27.90 54.86 -20.19
CA TYR I 18 -27.32 54.09 -21.27
C TYR I 18 -27.55 54.79 -22.62
N PHE I 19 -27.10 54.12 -23.68
CA PHE I 19 -27.31 54.62 -25.03
C PHE I 19 -28.80 54.73 -25.35
N ASP I 20 -29.15 55.77 -26.10
CA ASP I 20 -30.50 55.99 -26.58
C ASP I 20 -30.49 55.98 -28.10
N THR I 21 -31.68 56.08 -28.68
CA THR I 21 -31.78 56.10 -30.14
C THR I 21 -31.32 57.45 -30.70
N SER I 22 -31.46 58.52 -29.91
CA SER I 22 -30.97 59.82 -30.35
C SER I 22 -29.46 59.80 -30.52
N ALA I 23 -28.74 59.22 -29.56
CA ALA I 23 -27.30 59.07 -29.69
C ALA I 23 -26.94 58.17 -30.87
N PHE I 24 -27.71 57.11 -31.06
CA PHE I 24 -27.52 56.25 -32.22
C PHE I 24 -27.59 57.06 -33.52
N ASP I 25 -28.62 57.88 -33.66
CA ASP I 25 -28.80 58.67 -34.88
C ASP I 25 -27.69 59.70 -35.04
N LYS I 26 -27.30 60.38 -33.96
CA LYS I 26 -26.27 61.41 -34.09
C LYS I 26 -24.90 60.80 -34.33
N LEU I 27 -24.63 59.62 -33.78
CA LEU I 27 -23.37 58.94 -34.07
C LEU I 27 -23.33 58.46 -35.51
N LYS I 28 -24.45 57.95 -36.03
CA LYS I 28 -24.53 57.71 -37.47
C LYS I 28 -24.27 58.98 -38.27
N ALA I 29 -24.84 60.10 -37.84
CA ALA I 29 -24.63 61.35 -38.56
C ALA I 29 -23.15 61.73 -38.59
N TYR I 30 -22.48 61.64 -37.44
CA TYR I 30 -21.06 61.96 -37.38
C TYR I 30 -20.23 61.01 -38.24
N TYR I 31 -20.50 59.70 -38.13
CA TYR I 31 -19.75 58.72 -38.92
C TYR I 31 -19.95 58.94 -40.41
N ALA I 32 -21.18 59.22 -40.84
CA ALA I 32 -21.46 59.43 -42.25
C ALA I 32 -20.81 60.70 -42.75
N THR I 33 -20.88 61.78 -41.98
CA THR I 33 -20.20 63.01 -42.39
C THR I 33 -18.69 62.87 -42.29
N GLY I 34 -18.21 61.83 -41.61
CA GLY I 34 -16.79 61.70 -41.35
C GLY I 34 -15.95 61.68 -42.61
N GLU I 35 -16.41 61.00 -43.66
CA GLU I 35 -15.58 60.89 -44.87
C GLU I 35 -15.42 62.25 -45.56
N LEU I 36 -16.50 63.02 -45.65
CA LEU I 36 -16.39 64.36 -46.22
C LEU I 36 -15.56 65.25 -45.32
N ARG I 37 -15.62 65.04 -44.00
CA ARG I 37 -14.74 65.75 -43.09
C ARG I 37 -13.29 65.43 -43.39
N VAL I 38 -13.01 64.14 -43.67
CA VAL I 38 -11.65 63.72 -44.01
C VAL I 38 -11.17 64.43 -45.25
N ARG I 39 -11.99 64.41 -46.31
CA ARG I 39 -11.54 65.01 -47.56
C ARG I 39 -11.37 66.52 -47.43
N ALA I 40 -12.24 67.18 -46.67
CA ALA I 40 -12.09 68.61 -46.42
C ALA I 40 -10.79 68.89 -45.68
N ALA I 41 -10.49 68.12 -44.64
CA ALA I 41 -9.26 68.34 -43.88
C ALA I 41 -8.04 68.12 -44.75
N GLY I 42 -8.05 67.06 -45.57
CA GLY I 42 -6.93 66.81 -46.46
C GLY I 42 -6.73 67.91 -47.48
N THR I 43 -7.84 68.40 -48.07
CA THR I 43 -7.73 69.47 -49.05
C THR I 43 -7.22 70.75 -48.42
N ILE I 44 -7.66 71.07 -47.20
CA ILE I 44 -7.20 72.28 -46.54
C ILE I 44 -5.73 72.16 -46.17
N SER I 45 -5.33 71.02 -45.61
CA SER I 45 -3.92 70.81 -45.30
C SER I 45 -3.06 70.85 -46.57
N ALA I 46 -3.64 70.46 -47.70
CA ALA I 46 -2.94 70.55 -48.96
C ALA I 46 -2.64 72.00 -49.32
N ASN I 47 -3.60 72.89 -49.10
CA ASN I 47 -3.50 74.27 -49.54
C ASN I 47 -3.38 75.25 -48.38
N ALA I 48 -2.98 74.79 -47.20
CA ALA I 48 -2.91 75.68 -46.04
C ALA I 48 -1.96 76.84 -46.30
N ALA I 49 -0.77 76.55 -46.83
CA ALA I 49 0.18 77.61 -47.11
C ALA I 49 -0.37 78.57 -48.17
N THR I 50 -0.99 78.02 -49.21
CA THR I 50 -1.59 78.87 -50.24
C THR I 50 -2.75 79.69 -49.69
N ILE I 51 -3.56 79.08 -48.81
CA ILE I 51 -4.66 79.80 -48.19
C ILE I 51 -4.14 80.96 -47.38
N ILE I 52 -3.07 80.74 -46.60
CA ILE I 52 -2.49 81.81 -45.80
C ILE I 52 -1.91 82.89 -46.70
N LYS I 53 -1.23 82.48 -47.78
CA LYS I 53 -0.78 83.43 -48.80
C LYS I 53 -1.90 84.34 -49.25
N GLU I 54 -3.00 83.75 -49.74
CA GLU I 54 -4.07 84.56 -50.32
C GLU I 54 -4.72 85.44 -49.26
N ALA I 55 -4.95 84.90 -48.07
CA ALA I 55 -5.59 85.68 -47.01
C ALA I 55 -4.72 86.86 -46.60
N SER I 56 -3.41 86.63 -46.40
CA SER I 56 -2.52 87.72 -46.04
C SER I 56 -2.45 88.75 -47.14
N ALA I 57 -2.39 88.32 -48.40
CA ALA I 57 -2.36 89.26 -49.51
C ALA I 57 -3.60 90.12 -49.54
N LYS I 58 -4.78 89.50 -49.37
CA LYS I 58 -6.01 90.27 -49.37
C LYS I 58 -6.06 91.25 -48.20
N LEU I 59 -5.66 90.82 -47.01
CA LEU I 59 -5.70 91.71 -45.86
C LEU I 59 -4.75 92.88 -46.04
N PHE I 60 -3.54 92.62 -46.53
CA PHE I 60 -2.57 93.68 -46.66
C PHE I 60 -2.89 94.61 -47.82
N SER I 61 -3.63 94.10 -48.82
CA SER I 61 -4.11 94.97 -49.89
C SER I 61 -5.26 95.86 -49.41
N ASN I 62 -6.16 95.29 -48.61
CA ASN I 62 -7.29 96.08 -48.11
C ASN I 62 -6.82 97.22 -47.20
N GLN I 63 -5.89 96.92 -46.30
CA GLN I 63 -5.44 97.86 -45.27
C GLN I 63 -3.92 97.88 -45.14
N PRO I 64 -3.21 98.53 -46.07
CA PRO I 64 -1.74 98.44 -46.04
C PRO I 64 -1.11 99.10 -44.84
N ASP I 65 -1.88 99.85 -44.04
CA ASP I 65 -1.29 100.60 -42.94
C ASP I 65 -0.59 99.67 -41.94
N LEU I 66 -0.96 98.39 -41.93
CA LEU I 66 -0.31 97.44 -41.03
C LEU I 66 1.13 97.18 -41.42
N VAL I 67 1.38 96.91 -42.70
CA VAL I 67 2.73 96.54 -43.14
C VAL I 67 3.66 97.76 -43.12
N ARG I 68 3.15 98.93 -43.49
CA ARG I 68 3.96 100.14 -43.46
C ARG I 68 4.32 100.50 -42.02
N PRO I 69 5.40 101.25 -41.83
CA PRO I 69 5.84 101.60 -40.46
C PRO I 69 4.75 102.32 -39.69
N GLY I 70 4.69 102.03 -38.39
CA GLY I 70 3.61 102.49 -37.55
C GLY I 70 2.42 101.56 -37.49
N GLY I 71 2.45 100.45 -38.21
CA GLY I 71 1.40 99.46 -38.16
C GLY I 71 1.81 98.32 -37.24
N ASN I 72 0.80 97.54 -36.82
CA ASN I 72 1.08 96.45 -35.89
C ASN I 72 1.87 95.32 -36.56
N ALA I 73 1.85 95.27 -37.88
CA ALA I 73 2.54 94.22 -38.62
C ALA I 73 3.86 94.67 -39.22
N TYR I 74 4.35 95.86 -38.88
CA TYR I 74 5.61 96.35 -39.44
C TYR I 74 6.78 95.88 -38.57
N THR I 75 7.15 94.62 -38.78
CA THR I 75 8.41 94.04 -38.35
C THR I 75 8.42 92.61 -38.88
N THR I 76 9.60 92.11 -39.22
CA THR I 76 9.69 90.70 -39.61
C THR I 76 9.17 89.81 -38.48
N ARG I 77 9.47 90.16 -37.23
CA ARG I 77 8.91 89.44 -36.09
C ARG I 77 7.40 89.62 -36.02
N ARG I 78 6.93 90.85 -36.20
CA ARG I 78 5.51 91.11 -36.10
C ARG I 78 4.76 90.54 -37.30
N TYR I 79 5.39 90.55 -38.47
CA TYR I 79 4.81 89.87 -39.63
C TYR I 79 4.76 88.36 -39.40
N ALA I 80 5.79 87.81 -38.76
CA ALA I 80 5.78 86.39 -38.42
C ALA I 80 4.62 86.05 -37.51
N ALA I 81 4.40 86.88 -36.48
CA ALA I 81 3.25 86.67 -35.63
C ALA I 81 1.95 86.83 -36.40
N CYS I 82 1.92 87.77 -37.35
CA CYS I 82 0.73 88.00 -38.16
C CYS I 82 0.33 86.75 -38.93
N VAL I 83 1.29 86.13 -39.63
CA VAL I 83 0.96 84.97 -40.43
C VAL I 83 0.80 83.73 -39.55
N ARG I 84 1.50 83.68 -38.41
CA ARG I 84 1.34 82.58 -37.48
C ARG I 84 -0.06 82.54 -36.91
N ASP I 85 -0.63 83.71 -36.62
CA ASP I 85 -1.99 83.76 -36.10
C ASP I 85 -2.98 83.22 -37.11
N MET I 86 -2.83 83.59 -38.39
CA MET I 86 -3.71 83.06 -39.42
C MET I 86 -3.53 81.55 -39.58
N ASP I 87 -2.29 81.08 -39.53
CA ASP I 87 -2.06 79.64 -39.64
C ASP I 87 -2.71 78.90 -38.49
N TYR I 88 -2.61 79.46 -37.28
CA TYR I 88 -3.27 78.84 -36.12
C TYR I 88 -4.78 78.84 -36.28
N PHE I 89 -5.35 79.94 -36.77
CA PHE I 89 -6.80 79.98 -36.97
C PHE I 89 -7.24 78.91 -37.96
N LEU I 90 -6.52 78.78 -39.08
CA LEU I 90 -6.86 77.76 -40.07
C LEU I 90 -6.72 76.36 -39.48
N ARG I 91 -5.62 76.10 -38.79
CA ARG I 91 -5.38 74.77 -38.24
C ARG I 91 -6.42 74.38 -37.22
N TYR I 92 -6.79 75.32 -36.34
CA TYR I 92 -7.76 74.98 -35.30
C TYR I 92 -9.17 74.93 -35.87
N ALA I 93 -9.45 75.67 -36.94
CA ALA I 93 -10.71 75.50 -37.65
C ALA I 93 -10.81 74.10 -38.24
N THR I 94 -9.72 73.62 -38.84
CA THR I 94 -9.71 72.25 -39.34
C THR I 94 -9.86 71.24 -38.20
N TYR I 95 -9.22 71.51 -37.07
CA TYR I 95 -9.36 70.61 -35.91
C TYR I 95 -10.80 70.55 -35.43
N ALA I 96 -11.47 71.71 -35.37
CA ALA I 96 -12.87 71.72 -34.96
C ALA I 96 -13.74 71.01 -36.00
N MET I 97 -13.44 71.19 -37.28
CA MET I 97 -14.20 70.51 -38.33
C MET I 97 -14.08 69.01 -38.23
N LEU I 98 -12.86 68.50 -38.00
CA LEU I 98 -12.69 67.07 -37.79
C LEU I 98 -13.38 66.62 -36.51
N ALA I 99 -13.28 67.43 -35.45
CA ALA I 99 -13.92 67.09 -34.19
C ALA I 99 -15.43 67.13 -34.30
N GLY I 100 -15.96 68.08 -35.07
CA GLY I 100 -17.39 68.31 -35.14
C GLY I 100 -17.93 69.12 -33.99
N ASP I 101 -17.08 69.57 -33.07
CA ASP I 101 -17.50 70.37 -31.94
C ASP I 101 -16.63 71.61 -31.84
N THR I 102 -17.26 72.73 -31.48
CA THR I 102 -16.58 74.01 -31.38
C THR I 102 -15.96 74.25 -30.01
N SER I 103 -16.05 73.28 -29.10
CA SER I 103 -15.47 73.46 -27.76
C SER I 103 -13.96 73.58 -27.81
N ILE I 104 -13.33 72.92 -28.79
CA ILE I 104 -11.88 73.02 -28.93
C ILE I 104 -11.47 74.46 -29.22
N LEU I 105 -12.27 75.16 -30.02
CA LEU I 105 -11.99 76.56 -30.30
C LEU I 105 -12.05 77.39 -29.03
N ASP I 106 -13.11 77.23 -28.24
CA ASP I 106 -13.24 77.97 -26.99
C ASP I 106 -12.08 77.67 -26.05
N GLU I 107 -11.65 76.41 -26.02
CA GLU I 107 -10.66 76.00 -25.05
C GLU I 107 -9.25 76.45 -25.42
N ARG I 108 -8.93 76.49 -26.72
CA ARG I 108 -7.54 76.75 -27.09
C ARG I 108 -7.31 78.01 -27.93
N VAL I 109 -8.35 78.77 -28.29
CA VAL I 109 -8.12 79.97 -29.08
C VAL I 109 -8.80 81.17 -28.45
N LEU I 110 -10.11 81.08 -28.23
CA LEU I 110 -10.90 82.27 -27.97
C LEU I 110 -10.68 82.82 -26.57
N ASN I 111 -10.58 81.95 -25.56
CA ASN I 111 -10.52 82.43 -24.19
C ASN I 111 -9.22 83.20 -23.93
N GLY I 112 -9.37 84.43 -23.46
CA GLY I 112 -8.23 85.31 -23.21
C GLY I 112 -7.65 85.97 -24.43
N LEU I 113 -8.15 85.65 -25.63
CA LEU I 113 -7.55 86.20 -26.85
C LEU I 113 -7.83 87.70 -26.98
N LYS I 114 -9.04 88.13 -26.66
CA LYS I 114 -9.37 89.55 -26.76
C LYS I 114 -8.51 90.38 -25.83
N GLU I 115 -8.36 89.93 -24.59
CA GLU I 115 -7.55 90.66 -23.62
C GLU I 115 -6.08 90.68 -24.03
N THR I 116 -5.57 89.56 -24.53
CA THR I 116 -4.18 89.52 -24.97
C THR I 116 -3.95 90.47 -26.14
N TYR I 117 -4.85 90.47 -27.12
CA TYR I 117 -4.69 91.35 -28.27
C TYR I 117 -4.78 92.82 -27.84
N ASN I 118 -5.71 93.14 -26.94
CA ASN I 118 -5.81 94.51 -26.45
C ASN I 118 -4.55 94.93 -25.70
N SER I 119 -3.99 94.02 -24.89
CA SER I 119 -2.78 94.33 -24.15
C SER I 119 -1.60 94.56 -25.10
N LEU I 120 -1.48 93.74 -26.14
CA LEU I 120 -0.39 93.87 -27.09
C LEU I 120 -0.69 94.89 -28.18
N GLY I 121 -1.86 95.52 -28.17
CA GLY I 121 -2.21 96.50 -29.18
C GLY I 121 -2.66 95.90 -30.51
N VAL I 122 -2.96 94.62 -30.55
CA VAL I 122 -3.38 93.97 -31.79
C VAL I 122 -4.80 94.40 -32.13
N PRO I 123 -5.06 94.86 -33.35
CA PRO I 123 -6.44 95.24 -33.73
C PRO I 123 -7.35 94.02 -33.92
N ILE I 124 -8.48 94.01 -33.21
CA ILE I 124 -9.41 92.89 -33.31
C ILE I 124 -10.08 92.86 -34.68
N SER I 125 -10.58 94.01 -35.14
CA SER I 125 -11.34 94.06 -36.38
C SER I 125 -10.50 93.63 -37.56
N SER I 126 -9.21 94.00 -37.56
CA SER I 126 -8.32 93.55 -38.62
C SER I 126 -8.18 92.03 -38.63
N THR I 127 -8.09 91.43 -37.44
CA THR I 127 -8.02 89.97 -37.37
C THR I 127 -9.30 89.32 -37.86
N VAL I 128 -10.45 89.94 -37.56
CA VAL I 128 -11.72 89.42 -38.07
C VAL I 128 -11.75 89.51 -39.59
N GLN I 129 -11.26 90.61 -40.14
CA GLN I 129 -11.17 90.74 -41.59
C GLN I 129 -10.29 89.66 -42.19
N GLY I 130 -9.17 89.37 -41.53
CA GLY I 130 -8.31 88.28 -41.97
C GLY I 130 -9.01 86.94 -41.94
N ILE I 131 -9.78 86.68 -40.88
CA ILE I 131 -10.53 85.43 -40.78
C ILE I 131 -11.55 85.32 -41.91
N GLN I 132 -12.21 86.42 -42.24
CA GLN I 132 -13.17 86.42 -43.35
C GLN I 132 -12.46 86.14 -44.68
N ALA I 133 -11.31 86.78 -44.90
CA ALA I 133 -10.55 86.51 -46.11
C ALA I 133 -10.11 85.06 -46.18
N MET I 134 -9.76 84.47 -45.03
CA MET I 134 -9.42 83.07 -44.98
C MET I 134 -10.62 82.19 -45.32
N LYS I 135 -11.80 82.51 -44.76
CA LYS I 135 -12.93 81.63 -44.95
C LYS I 135 -13.40 81.64 -46.39
N GLU I 136 -13.31 82.79 -47.07
CA GLU I 136 -13.77 82.81 -48.45
C GLU I 136 -12.89 81.95 -49.36
N VAL I 137 -11.57 82.00 -49.20
CA VAL I 137 -10.71 81.14 -50.00
C VAL I 137 -10.88 79.67 -49.62
N THR I 138 -11.05 79.38 -48.33
CA THR I 138 -11.25 77.99 -47.92
C THR I 138 -12.54 77.43 -48.50
N GLY I 139 -13.61 78.21 -48.45
CA GLY I 139 -14.87 77.76 -49.02
C GLY I 139 -14.81 77.60 -50.53
N SER I 140 -14.07 78.48 -51.20
CA SER I 140 -13.87 78.31 -52.64
C SER I 140 -13.13 77.01 -52.94
N LEU I 141 -12.10 76.69 -52.15
CA LEU I 141 -11.30 75.51 -52.43
C LEU I 141 -12.06 74.22 -52.13
N VAL I 142 -12.70 74.13 -50.95
CA VAL I 142 -13.27 72.86 -50.51
C VAL I 142 -14.53 72.53 -51.31
N GLY I 143 -15.30 73.56 -51.69
CA GLY I 143 -16.60 73.35 -52.29
C GLY I 143 -17.72 73.59 -51.29
N SER I 144 -18.91 73.85 -51.84
CA SER I 144 -20.02 74.32 -51.02
C SER I 144 -20.38 73.34 -49.91
N GLY I 145 -20.33 72.04 -50.19
CA GLY I 145 -20.66 71.05 -49.18
C GLY I 145 -19.77 71.15 -47.95
N ALA I 146 -18.46 71.29 -48.17
CA ALA I 146 -17.56 71.47 -47.04
C ALA I 146 -17.45 72.95 -46.65
N ALA I 147 -17.77 73.85 -47.58
CA ALA I 147 -17.75 75.27 -47.27
C ALA I 147 -18.76 75.61 -46.19
N LYS I 148 -19.95 75.00 -46.26
CA LYS I 148 -20.96 75.25 -45.23
C LYS I 148 -20.46 74.82 -43.85
N GLU I 149 -19.78 73.68 -43.78
CA GLU I 149 -19.28 73.21 -42.49
C GLU I 149 -18.15 74.09 -41.98
N MET I 150 -17.22 74.48 -42.86
CA MET I 150 -16.13 75.35 -42.42
C MET I 150 -16.62 76.74 -42.06
N GLY I 151 -17.74 77.16 -42.64
CA GLY I 151 -18.23 78.51 -42.39
C GLY I 151 -18.62 78.75 -40.94
N VAL I 152 -19.23 77.75 -40.30
CA VAL I 152 -19.72 77.95 -38.94
C VAL I 152 -18.56 78.16 -37.97
N TYR I 153 -17.45 77.44 -38.16
CA TYR I 153 -16.31 77.63 -37.27
C TYR I 153 -15.66 79.00 -37.47
N PHE I 154 -15.46 79.41 -38.71
CA PHE I 154 -14.89 80.72 -38.96
C PHE I 154 -15.79 81.83 -38.42
N ASP I 155 -17.10 81.69 -38.61
CA ASP I 155 -18.03 82.65 -38.03
C ASP I 155 -17.96 82.64 -36.51
N TYR I 156 -17.74 81.47 -35.91
CA TYR I 156 -17.70 81.39 -34.46
C TYR I 156 -16.46 82.09 -33.91
N LEU I 157 -15.31 81.90 -34.56
CA LEU I 157 -14.12 82.66 -34.17
C LEU I 157 -14.32 84.15 -34.37
N SER I 158 -14.92 84.55 -35.49
CA SER I 158 -15.15 85.97 -35.73
C SER I 158 -16.06 86.58 -34.68
N SER I 159 -17.13 85.85 -34.31
CA SER I 159 -18.04 86.35 -33.28
C SER I 159 -17.36 86.40 -31.92
N GLY I 160 -16.56 85.39 -31.59
CA GLY I 160 -15.85 85.40 -30.32
C GLY I 160 -14.87 86.57 -30.22
N LEU I 161 -14.15 86.85 -31.30
CA LEU I 161 -13.22 87.98 -31.29
C LEU I 161 -13.96 89.29 -31.12
N SER I 162 -15.07 89.47 -31.82
CA SER I 162 -15.86 90.68 -31.72
C SER I 162 -16.59 90.74 -30.37
N MET J 1 25.96 54.34 4.08
CA MET J 1 26.75 54.07 5.27
C MET J 1 26.01 53.13 6.21
N GLN J 2 26.77 52.46 7.08
CA GLN J 2 26.18 51.59 8.10
C GLN J 2 27.00 51.70 9.37
N ASP J 3 26.31 51.60 10.50
CA ASP J 3 26.93 51.64 11.81
C ASP J 3 27.16 50.21 12.32
N ALA J 4 27.57 50.09 13.58
CA ALA J 4 27.83 48.78 14.16
C ALA J 4 26.54 47.96 14.25
N ILE J 5 25.45 48.57 14.69
CA ILE J 5 24.18 47.85 14.78
C ILE J 5 23.76 47.34 13.41
N THR J 6 23.83 48.21 12.39
CA THR J 6 23.45 47.82 11.05
C THR J 6 24.40 46.78 10.49
N SER J 7 25.68 46.86 10.84
CA SER J 7 26.64 45.84 10.42
C SER J 7 26.26 44.47 10.96
N VAL J 8 25.95 44.38 12.25
CA VAL J 8 25.55 43.11 12.83
C VAL J 8 24.24 42.62 12.21
N ILE J 9 23.30 43.53 12.00
CA ILE J 9 22.03 43.16 11.39
C ILE J 9 22.25 42.58 10.00
N ASN J 10 23.10 43.22 9.20
CA ASN J 10 23.38 42.71 7.86
C ASN J 10 24.05 41.34 7.91
N THR J 11 25.04 41.19 8.79
CA THR J 11 25.74 39.91 8.87
C THR J 11 24.79 38.78 9.26
N TYR J 12 23.82 39.07 10.13
CA TYR J 12 22.91 38.01 10.54
C TYR J 12 21.76 37.83 9.55
N ASP J 13 21.46 38.85 8.75
CA ASP J 13 20.38 38.74 7.79
C ASP J 13 20.82 37.99 6.54
N VAL J 14 22.07 38.18 6.11
CA VAL J 14 22.55 37.47 4.93
C VAL J 14 22.65 35.97 5.22
N GLN J 15 22.73 35.60 6.49
CA GLN J 15 22.77 34.21 6.91
C GLN J 15 21.40 33.67 7.29
N GLY J 16 20.37 34.51 7.28
CA GLY J 16 19.03 34.09 7.64
C GLY J 16 18.90 33.58 9.05
N LYS J 17 19.49 34.29 10.01
CA LYS J 17 19.54 33.83 11.39
C LYS J 17 19.09 34.94 12.34
N TYR J 18 18.56 34.53 13.48
CA TYR J 18 18.27 35.45 14.56
C TYR J 18 19.55 35.79 15.31
N PHE J 19 19.47 36.79 16.19
CA PHE J 19 20.64 37.15 16.97
C PHE J 19 20.94 36.08 18.01
N ASP J 20 22.19 35.61 18.00
CA ASP J 20 22.65 34.66 19.01
C ASP J 20 23.32 35.38 20.16
N THR J 21 23.99 34.63 21.04
CA THR J 21 24.68 35.25 22.18
C THR J 21 25.79 36.18 21.74
N SER J 22 26.57 35.79 20.72
CA SER J 22 27.64 36.64 20.24
C SER J 22 27.11 37.96 19.70
N ALA J 23 25.99 37.91 18.97
CA ALA J 23 25.41 39.13 18.43
C ALA J 23 25.01 40.09 19.54
N PHE J 24 24.32 39.58 20.57
CA PHE J 24 23.90 40.44 21.66
C PHE J 24 25.09 40.95 22.45
N ASP J 25 26.14 40.14 22.59
CA ASP J 25 27.34 40.61 23.26
C ASP J 25 27.97 41.77 22.50
N LYS J 26 28.06 41.65 21.17
CA LYS J 26 28.63 42.73 20.37
C LYS J 26 27.76 43.99 20.41
N LEU J 27 26.44 43.82 20.34
CA LEU J 27 25.55 44.97 20.44
C LEU J 27 25.67 45.66 21.79
N LYS J 28 25.76 44.87 22.86
CA LYS J 28 25.95 45.43 24.20
C LYS J 28 27.28 46.16 24.31
N ALA J 29 28.32 45.61 23.69
CA ALA J 29 29.62 46.29 23.69
C ALA J 29 29.52 47.64 22.99
N TYR J 30 28.81 47.70 21.86
CA TYR J 30 28.62 48.99 21.20
C TYR J 30 27.81 49.95 22.06
N TYR J 31 26.76 49.45 22.71
CA TYR J 31 25.89 50.30 23.52
C TYR J 31 26.64 50.85 24.73
N ALA J 32 27.58 50.09 25.26
CA ALA J 32 28.32 50.54 26.44
C ALA J 32 29.17 51.75 26.12
N THR J 33 29.66 51.85 24.88
CA THR J 33 30.56 52.92 24.49
C THR J 33 29.84 54.13 23.90
N GLY J 34 28.51 54.14 23.90
CA GLY J 34 27.79 55.21 23.22
C GLY J 34 28.00 56.58 23.85
N GLU J 35 27.93 56.65 25.17
CA GLU J 35 28.08 57.94 25.85
C GLU J 35 29.48 58.51 25.63
N LEU J 36 30.50 57.66 25.68
CA LEU J 36 31.86 58.11 25.38
C LEU J 36 31.95 58.64 23.96
N ARG J 37 31.33 57.97 23.00
CA ARG J 37 31.35 58.43 21.62
C ARG J 37 30.65 59.78 21.48
N VAL J 38 29.52 59.96 22.17
CA VAL J 38 28.80 61.24 22.09
C VAL J 38 29.62 62.36 22.70
N ARG J 39 30.26 62.09 23.85
CA ARG J 39 31.11 63.10 24.47
C ARG J 39 32.29 63.46 23.57
N ALA J 40 32.92 62.46 22.96
CA ALA J 40 34.03 62.73 22.05
C ALA J 40 33.57 63.55 20.85
N ALA J 41 32.40 63.21 20.30
CA ALA J 41 31.90 63.96 19.15
C ALA J 41 31.60 65.40 19.53
N GLY J 42 31.03 65.63 20.70
CA GLY J 42 30.80 66.99 21.15
C GLY J 42 32.10 67.75 21.36
N THR J 43 33.11 67.09 21.91
CA THR J 43 34.41 67.73 22.10
C THR J 43 35.05 68.09 20.77
N ILE J 44 34.91 67.22 19.76
CA ILE J 44 35.48 67.51 18.46
C ILE J 44 34.74 68.64 17.78
N SER J 45 33.41 68.65 17.88
CA SER J 45 32.64 69.76 17.33
C SER J 45 32.96 71.06 18.07
N ALA J 46 33.42 70.94 19.33
CA ALA J 46 33.85 72.13 20.07
C ALA J 46 35.07 72.78 19.43
N ASN J 47 36.06 71.97 19.07
CA ASN J 47 37.37 72.47 18.68
C ASN J 47 37.72 72.14 17.24
N ALA J 48 36.73 71.95 16.37
CA ALA J 48 37.02 71.54 15.00
C ALA J 48 37.89 72.56 14.29
N ALA J 49 37.52 73.84 14.36
CA ALA J 49 38.34 74.88 13.75
C ALA J 49 39.73 74.92 14.37
N THR J 50 39.81 74.77 15.69
CA THR J 50 41.11 74.71 16.34
C THR J 50 41.95 73.57 15.79
N ILE J 51 41.40 72.35 15.81
CA ILE J 51 42.14 71.18 15.34
C ILE J 51 42.62 71.39 13.91
N ILE J 52 41.78 72.00 13.08
CA ILE J 52 42.21 72.30 11.71
C ILE J 52 43.39 73.25 11.73
N LYS J 53 43.36 74.27 12.59
CA LYS J 53 44.46 75.22 12.65
C LYS J 53 45.78 74.54 13.02
N GLU J 54 45.80 73.79 14.13
CA GLU J 54 47.05 73.14 14.51
C GLU J 54 47.48 72.09 13.49
N ALA J 55 46.53 71.33 12.93
CA ALA J 55 46.91 70.30 11.96
C ALA J 55 47.53 70.93 10.72
N SER J 56 46.92 71.99 10.19
CA SER J 56 47.46 72.66 9.02
C SER J 56 48.81 73.31 9.33
N ALA J 57 48.95 73.91 10.51
CA ALA J 57 50.23 74.51 10.88
C ALA J 57 51.33 73.46 10.94
N LYS J 58 51.06 72.32 11.57
CA LYS J 58 52.06 71.25 11.67
C LYS J 58 52.39 70.69 10.30
N LEU J 59 51.38 70.49 9.45
CA LEU J 59 51.61 69.96 8.11
C LEU J 59 52.47 70.90 7.28
N PHE J 60 52.17 72.20 7.31
CA PHE J 60 52.90 73.13 6.46
C PHE J 60 54.26 73.46 7.04
N SER J 61 54.45 73.28 8.34
CA SER J 61 55.78 73.38 8.91
C SER J 61 56.65 72.21 8.48
N ASN J 62 56.13 71.00 8.57
CA ASN J 62 56.93 69.83 8.19
C ASN J 62 57.00 69.66 6.69
N GLN J 63 56.10 70.31 5.94
CA GLN J 63 56.08 70.28 4.48
C GLN J 63 56.06 71.72 3.98
N PRO J 64 57.19 72.41 4.01
CA PRO J 64 57.20 73.82 3.64
C PRO J 64 57.10 74.05 2.14
N ASP J 65 57.44 73.05 1.32
CA ASP J 65 57.36 73.23 -0.12
C ASP J 65 55.91 73.31 -0.60
N LEU J 66 54.96 72.92 0.25
CA LEU J 66 53.55 73.00 -0.12
C LEU J 66 53.12 74.44 -0.36
N VAL J 67 53.59 75.37 0.47
CA VAL J 67 53.17 76.76 0.37
C VAL J 67 54.12 77.62 -0.45
N ARG J 68 55.26 77.07 -0.86
CA ARG J 68 56.18 77.79 -1.75
C ARG J 68 55.68 77.69 -3.18
N PRO J 69 56.12 78.61 -4.05
CA PRO J 69 55.73 78.53 -5.46
C PRO J 69 56.10 77.17 -6.04
N GLY J 70 55.15 76.57 -6.76
CA GLY J 70 55.25 75.21 -7.22
C GLY J 70 54.57 74.20 -6.32
N GLY J 71 54.28 74.58 -5.08
CA GLY J 71 53.52 73.71 -4.20
C GLY J 71 52.02 73.83 -4.47
N ASN J 72 51.28 72.82 -4.03
CA ASN J 72 49.87 72.78 -4.37
C ASN J 72 49.04 73.58 -3.38
N ALA J 73 49.64 73.96 -2.25
CA ALA J 73 48.98 74.86 -1.33
C ALA J 73 49.40 76.32 -1.52
N TYR J 74 50.19 76.61 -2.55
CA TYR J 74 50.67 77.96 -2.75
C TYR J 74 49.61 78.79 -3.48
N THR J 75 48.65 79.29 -2.69
CA THR J 75 47.65 80.27 -3.10
C THR J 75 46.75 80.46 -1.88
N THR J 76 46.02 81.58 -1.79
CA THR J 76 44.99 81.64 -0.75
C THR J 76 43.79 80.78 -1.15
N ARG J 77 43.51 80.71 -2.44
CA ARG J 77 42.48 79.80 -2.96
C ARG J 77 42.84 78.35 -2.64
N ARG J 78 44.06 77.95 -2.99
CA ARG J 78 44.48 76.57 -2.75
C ARG J 78 44.63 76.28 -1.25
N TYR J 79 45.05 77.29 -0.48
CA TYR J 79 45.11 77.12 0.96
C TYR J 79 43.72 76.89 1.56
N ALA J 80 42.73 77.67 1.10
CA ALA J 80 41.36 77.49 1.58
C ALA J 80 40.81 76.13 1.16
N ALA J 81 41.12 75.69 -0.06
CA ALA J 81 40.68 74.38 -0.50
C ALA J 81 41.31 73.27 0.35
N CYS J 82 42.59 73.41 0.68
CA CYS J 82 43.25 72.41 1.52
C CYS J 82 42.63 72.35 2.91
N VAL J 83 42.37 73.52 3.51
CA VAL J 83 41.81 73.49 4.86
C VAL J 83 40.37 73.00 4.82
N ARG J 84 39.65 73.21 3.71
CA ARG J 84 38.32 72.65 3.60
C ARG J 84 38.37 71.12 3.45
N ASP J 85 39.37 70.61 2.74
CA ASP J 85 39.57 69.16 2.70
C ASP J 85 39.86 68.62 4.09
N MET J 86 40.65 69.35 4.86
CA MET J 86 40.93 68.96 6.24
C MET J 86 39.64 68.94 7.06
N ASP J 87 38.77 69.93 6.84
CA ASP J 87 37.46 69.96 7.48
C ASP J 87 36.66 68.72 7.12
N TYR J 88 36.64 68.36 5.84
CA TYR J 88 35.98 67.14 5.40
C TYR J 88 36.47 65.94 6.18
N PHE J 89 37.79 65.76 6.24
CA PHE J 89 38.35 64.58 6.89
C PHE J 89 37.96 64.54 8.36
N LEU J 90 38.06 65.67 9.05
CA LEU J 90 37.69 65.68 10.47
C LEU J 90 36.21 65.38 10.66
N ARG J 91 35.35 66.01 9.87
CA ARG J 91 33.92 65.79 10.03
C ARG J 91 33.55 64.34 9.79
N TYR J 92 34.09 63.73 8.74
CA TYR J 92 33.68 62.38 8.42
C TYR J 92 34.33 61.35 9.34
N ALA J 93 35.53 61.64 9.84
CA ALA J 93 36.10 60.77 10.86
C ALA J 93 35.29 60.83 12.15
N THR J 94 34.79 62.02 12.51
CA THR J 94 33.90 62.12 13.67
C THR J 94 32.60 61.35 13.43
N TYR J 95 32.04 61.45 12.22
CA TYR J 95 30.86 60.66 11.88
C TYR J 95 31.14 59.17 12.04
N ALA J 96 32.29 58.71 11.56
CA ALA J 96 32.63 57.29 11.66
C ALA J 96 32.80 56.87 13.12
N MET J 97 33.47 57.69 13.91
CA MET J 97 33.65 57.36 15.33
C MET J 97 32.32 57.28 16.04
N LEU J 98 31.42 58.23 15.75
CA LEU J 98 30.11 58.21 16.38
C LEU J 98 29.30 56.99 15.95
N ALA J 99 29.38 56.62 14.67
CA ALA J 99 28.66 55.45 14.19
C ALA J 99 29.27 54.17 14.74
N GLY J 100 30.59 54.13 14.91
CA GLY J 100 31.27 52.95 15.33
C GLY J 100 31.71 52.04 14.21
N ASP J 101 31.60 52.49 12.95
CA ASP J 101 31.99 51.70 11.80
C ASP J 101 32.70 52.60 10.80
N THR J 102 33.58 51.99 10.01
CA THR J 102 34.34 52.71 9.00
C THR J 102 33.64 52.74 7.64
N SER J 103 32.36 52.37 7.58
CA SER J 103 31.67 52.29 6.29
C SER J 103 31.45 53.67 5.70
N ILE J 104 31.05 54.65 6.53
CA ILE J 104 30.81 55.99 6.02
C ILE J 104 32.08 56.58 5.42
N LEU J 105 33.23 56.26 6.02
CA LEU J 105 34.49 56.74 5.47
C LEU J 105 34.70 56.22 4.05
N ASP J 106 34.60 54.90 3.86
CA ASP J 106 34.82 54.32 2.54
C ASP J 106 33.80 54.86 1.55
N GLU J 107 32.54 55.01 1.98
CA GLU J 107 31.49 55.39 1.06
C GLU J 107 31.62 56.85 0.61
N ARG J 108 31.87 57.77 1.54
CA ARG J 108 31.77 59.19 1.22
C ARG J 108 33.10 59.92 1.12
N VAL J 109 34.22 59.28 1.44
CA VAL J 109 35.51 59.97 1.37
C VAL J 109 36.47 59.19 0.49
N LEU J 110 36.72 57.93 0.86
CA LEU J 110 37.85 57.20 0.27
C LEU J 110 37.55 56.78 -1.16
N ASN J 111 36.31 56.42 -1.46
CA ASN J 111 35.94 56.03 -2.82
C ASN J 111 36.16 57.18 -3.78
N GLY J 112 37.03 56.98 -4.76
CA GLY J 112 37.27 57.97 -5.79
C GLY J 112 38.17 59.12 -5.41
N LEU J 113 38.75 59.11 -4.20
CA LEU J 113 39.55 60.25 -3.75
C LEU J 113 40.90 60.29 -4.43
N LYS J 114 41.55 59.12 -4.60
CA LYS J 114 42.86 59.11 -5.21
C LYS J 114 42.80 59.58 -6.65
N GLU J 115 41.77 59.18 -7.40
CA GLU J 115 41.63 59.65 -8.77
C GLU J 115 41.25 61.12 -8.82
N THR J 116 40.47 61.59 -7.85
CA THR J 116 40.15 63.00 -7.77
C THR J 116 41.42 63.84 -7.59
N TYR J 117 42.28 63.45 -6.65
CA TYR J 117 43.55 64.16 -6.46
C TYR J 117 44.50 63.99 -7.65
N ASN J 118 44.49 62.81 -8.28
CA ASN J 118 45.33 62.63 -9.47
C ASN J 118 44.92 63.57 -10.57
N SER J 119 43.60 63.76 -10.76
CA SER J 119 43.13 64.76 -11.71
C SER J 119 43.52 66.17 -11.28
N LEU J 120 43.38 66.46 -9.99
CA LEU J 120 43.64 67.82 -9.51
C LEU J 120 45.12 68.09 -9.31
N GLY J 121 45.93 67.05 -9.19
CA GLY J 121 47.33 67.20 -8.86
C GLY J 121 47.64 67.24 -7.38
N VAL J 122 46.67 66.93 -6.54
CA VAL J 122 46.88 67.01 -5.08
C VAL J 122 47.81 65.89 -4.64
N PRO J 123 48.82 66.19 -3.81
CA PRO J 123 49.70 65.12 -3.31
C PRO J 123 49.02 64.27 -2.25
N ILE J 124 48.93 62.96 -2.50
CA ILE J 124 48.25 62.07 -1.58
C ILE J 124 49.05 61.93 -0.28
N SER J 125 50.38 61.86 -0.39
CA SER J 125 51.21 61.67 0.79
C SER J 125 51.10 62.84 1.75
N SER J 126 51.07 64.07 1.22
CA SER J 126 50.92 65.24 2.07
C SER J 126 49.55 65.26 2.74
N THR J 127 48.52 64.79 2.04
CA THR J 127 47.20 64.69 2.65
C THR J 127 47.20 63.66 3.79
N VAL J 128 47.91 62.55 3.59
CA VAL J 128 48.04 61.56 4.66
C VAL J 128 48.76 62.16 5.85
N GLN J 129 49.80 62.96 5.60
CA GLN J 129 50.50 63.65 6.69
C GLN J 129 49.57 64.60 7.42
N GLY J 130 48.73 65.33 6.69
CA GLY J 130 47.77 66.21 7.33
C GLY J 130 46.76 65.45 8.19
N ILE J 131 46.30 64.30 7.69
CA ILE J 131 45.39 63.47 8.46
C ILE J 131 46.07 62.99 9.75
N GLN J 132 47.32 62.55 9.65
CA GLN J 132 48.04 62.12 10.85
C GLN J 132 48.18 63.27 11.83
N ALA J 133 48.57 64.45 11.35
CA ALA J 133 48.68 65.63 12.22
C ALA J 133 47.38 65.90 12.93
N MET J 134 46.26 65.86 12.19
CA MET J 134 44.94 65.96 12.79
C MET J 134 44.75 64.92 13.87
N LYS J 135 45.31 63.72 13.66
CA LYS J 135 45.17 62.66 14.67
C LYS J 135 45.87 63.03 15.98
N GLU J 136 47.14 63.46 15.91
CA GLU J 136 47.80 63.86 17.16
C GLU J 136 47.09 65.04 17.80
N VAL J 137 46.63 66.00 17.00
CA VAL J 137 45.96 67.16 17.57
C VAL J 137 44.67 66.75 18.28
N THR J 138 43.91 65.83 17.68
CA THR J 138 42.62 65.45 18.23
C THR J 138 42.78 64.58 19.47
N GLY J 139 43.81 63.74 19.50
CA GLY J 139 43.96 62.81 20.61
C GLY J 139 44.11 63.51 21.95
N SER J 140 44.93 64.56 21.99
CA SER J 140 45.13 65.30 23.24
C SER J 140 43.85 65.93 23.72
N LEU J 141 43.06 66.49 22.80
CA LEU J 141 41.83 67.16 23.19
C LEU J 141 40.78 66.17 23.67
N VAL J 142 40.77 64.95 23.10
CA VAL J 142 39.71 64.01 23.44
C VAL J 142 40.06 63.07 24.58
N GLY J 143 41.34 62.93 24.93
CA GLY J 143 41.70 62.02 26.01
C GLY J 143 42.10 60.65 25.49
N SER J 144 42.47 59.76 26.42
CA SER J 144 43.17 58.54 26.03
C SER J 144 42.28 57.57 25.26
N GLY J 145 41.18 57.11 25.88
CA GLY J 145 40.34 56.13 25.23
C GLY J 145 39.66 56.68 23.98
N ALA J 146 39.15 57.91 24.09
CA ALA J 146 38.57 58.56 22.93
C ALA J 146 39.61 58.77 21.83
N ALA J 147 40.88 58.92 22.20
CA ALA J 147 41.93 59.07 21.21
C ALA J 147 42.20 57.76 20.51
N LYS J 148 42.23 56.66 21.25
CA LYS J 148 42.36 55.35 20.62
C LYS J 148 41.23 55.11 19.62
N GLU J 149 39.98 55.30 20.08
CA GLU J 149 38.82 55.07 19.23
C GLU J 149 38.85 55.99 18.01
N MET J 150 39.15 57.27 18.22
CA MET J 150 39.10 58.25 17.15
C MET J 150 40.26 58.10 16.19
N GLY J 151 41.41 57.62 16.67
CA GLY J 151 42.55 57.43 15.81
C GLY J 151 42.45 56.17 14.99
N VAL J 152 41.61 55.21 15.42
CA VAL J 152 41.32 54.07 14.56
C VAL J 152 40.79 54.55 13.21
N TYR J 153 39.88 55.52 13.23
CA TYR J 153 39.26 55.98 11.99
C TYR J 153 40.20 56.88 11.20
N PHE J 154 41.05 57.65 11.88
CA PHE J 154 42.09 58.39 11.18
C PHE J 154 43.06 57.44 10.48
N ASP J 155 43.42 56.35 11.14
CA ASP J 155 44.27 55.34 10.52
C ASP J 155 43.59 54.70 9.33
N TYR J 156 42.27 54.46 9.44
CA TYR J 156 41.53 53.95 8.29
C TYR J 156 41.60 54.91 7.11
N LEU J 157 41.41 56.20 7.37
CA LEU J 157 41.50 57.18 6.29
C LEU J 157 42.89 57.19 5.66
N SER J 158 43.93 57.19 6.51
CA SER J 158 45.30 57.22 6.00
C SER J 158 45.61 55.98 5.17
N SER J 159 45.19 54.81 5.65
CA SER J 159 45.45 53.57 4.93
C SER J 159 44.68 53.54 3.61
N GLY J 160 43.46 54.06 3.60
CA GLY J 160 42.70 54.12 2.37
C GLY J 160 43.35 55.03 1.35
N LEU J 161 43.86 56.17 1.81
CA LEU J 161 44.60 57.05 0.91
C LEU J 161 45.96 56.46 0.55
N SER J 162 46.57 55.73 1.47
CA SER J 162 47.88 55.13 1.22
C SER J 162 47.80 54.01 0.19
N MET K 1 13.37 53.02 -33.07
CA MET K 1 13.88 51.69 -33.35
C MET K 1 13.87 51.39 -34.85
N GLN K 2 13.78 50.10 -35.19
CA GLN K 2 13.65 49.65 -36.57
C GLN K 2 12.74 48.43 -36.62
N ASP K 3 11.81 48.43 -37.57
CA ASP K 3 10.97 47.26 -37.81
C ASP K 3 11.30 46.66 -39.16
N ALA K 4 10.53 45.65 -39.54
CA ALA K 4 10.79 44.94 -40.78
C ALA K 4 10.70 45.86 -41.99
N ILE K 5 9.64 46.68 -42.06
CA ILE K 5 9.49 47.61 -43.16
C ILE K 5 10.62 48.63 -43.15
N THR K 6 10.94 49.18 -41.97
CA THR K 6 12.05 50.12 -41.87
C THR K 6 13.36 49.44 -42.18
N SER K 7 13.48 48.15 -41.85
CA SER K 7 14.69 47.41 -42.19
C SER K 7 14.89 47.34 -43.69
N VAL K 8 13.84 46.95 -44.42
CA VAL K 8 13.95 46.89 -45.88
C VAL K 8 14.20 48.26 -46.47
N ILE K 9 13.50 49.28 -45.95
CA ILE K 9 13.68 50.64 -46.45
C ILE K 9 15.13 51.09 -46.27
N ASN K 10 15.70 50.84 -45.09
CA ASN K 10 17.08 51.25 -44.83
C ASN K 10 18.06 50.49 -45.70
N THR K 11 17.85 49.18 -45.86
CA THR K 11 18.76 48.40 -46.70
C THR K 11 18.75 48.91 -48.14
N TYR K 12 17.58 49.29 -48.65
CA TYR K 12 17.51 49.76 -50.02
C TYR K 12 17.96 51.21 -50.14
N ASP K 13 17.84 51.97 -49.05
CA ASP K 13 18.21 53.39 -49.09
C ASP K 13 19.72 53.56 -49.03
N VAL K 14 20.39 52.73 -48.22
CA VAL K 14 21.85 52.77 -48.18
C VAL K 14 22.42 52.47 -49.56
N GLN K 15 21.80 51.54 -50.29
CA GLN K 15 22.24 51.25 -51.65
C GLN K 15 21.80 52.35 -52.61
N GLY K 16 20.81 53.16 -52.22
CA GLY K 16 20.24 54.14 -53.10
C GLY K 16 19.26 53.59 -54.10
N LYS K 17 18.82 52.34 -53.93
CA LYS K 17 18.01 51.68 -54.94
C LYS K 17 16.52 51.79 -54.64
N TYR K 18 15.72 51.72 -55.69
CA TYR K 18 14.29 51.60 -55.56
C TYR K 18 13.92 50.17 -55.17
N PHE K 19 12.68 50.00 -54.72
CA PHE K 19 12.22 48.67 -54.32
C PHE K 19 12.07 47.77 -55.55
N ASP K 20 12.49 46.52 -55.39
CA ASP K 20 12.34 45.51 -56.43
C ASP K 20 11.56 44.32 -55.88
N THR K 21 11.52 43.25 -56.66
CA THR K 21 10.63 42.13 -56.36
C THR K 21 10.96 41.48 -55.02
N SER K 22 12.25 41.36 -54.69
CA SER K 22 12.63 40.76 -53.42
C SER K 22 12.16 41.60 -52.24
N ALA K 23 12.35 42.92 -52.32
CA ALA K 23 11.91 43.80 -51.25
C ALA K 23 10.41 43.75 -51.09
N PHE K 24 9.68 43.75 -52.20
CA PHE K 24 8.22 43.68 -52.15
C PHE K 24 7.77 42.34 -51.57
N ASP K 25 8.51 41.28 -51.85
CA ASP K 25 8.19 39.98 -51.26
C ASP K 25 8.38 40.00 -49.75
N LYS K 26 9.46 40.62 -49.27
CA LYS K 26 9.67 40.72 -47.84
C LYS K 26 8.58 41.54 -47.17
N LEU K 27 8.20 42.67 -47.80
CA LEU K 27 7.12 43.48 -47.27
C LEU K 27 5.81 42.70 -47.24
N LYS K 28 5.54 41.94 -48.29
CA LYS K 28 4.32 41.13 -48.35
C LYS K 28 4.33 40.06 -47.26
N ALA K 29 5.49 39.47 -46.99
CA ALA K 29 5.57 38.50 -45.91
C ALA K 29 5.22 39.13 -44.56
N TYR K 30 5.78 40.32 -44.31
CA TYR K 30 5.44 40.99 -43.05
C TYR K 30 3.95 41.32 -42.98
N TYR K 31 3.38 41.81 -44.08
CA TYR K 31 1.97 42.15 -44.09
C TYR K 31 1.10 40.91 -43.92
N ALA K 32 1.56 39.77 -44.42
CA ALA K 32 0.84 38.51 -44.19
C ALA K 32 0.84 38.13 -42.72
N THR K 33 2.00 38.27 -42.06
CA THR K 33 2.08 37.84 -40.66
C THR K 33 1.56 38.88 -39.68
N GLY K 34 1.22 40.08 -40.15
CA GLY K 34 0.81 41.14 -39.24
C GLY K 34 -0.38 40.80 -38.37
N GLU K 35 -1.39 40.14 -38.94
CA GLU K 35 -2.59 39.83 -38.17
C GLU K 35 -2.28 38.84 -37.05
N LEU K 36 -1.48 37.82 -37.35
CA LEU K 36 -1.04 36.89 -36.31
C LEU K 36 -0.26 37.61 -35.23
N ARG K 37 0.63 38.52 -35.63
CA ARG K 37 1.41 39.27 -34.66
C ARG K 37 0.51 40.09 -33.75
N VAL K 38 -0.51 40.74 -34.31
CA VAL K 38 -1.40 41.56 -33.52
C VAL K 38 -2.20 40.71 -32.54
N ARG K 39 -2.70 39.55 -33.00
CA ARG K 39 -3.41 38.68 -32.08
C ARG K 39 -2.52 38.23 -30.94
N ALA K 40 -1.28 37.83 -31.25
CA ALA K 40 -0.37 37.37 -30.21
C ALA K 40 -0.06 38.50 -29.23
N ALA K 41 0.16 39.71 -29.73
CA ALA K 41 0.47 40.83 -28.86
C ALA K 41 -0.69 41.14 -27.92
N GLY K 42 -1.92 41.12 -28.44
CA GLY K 42 -3.08 41.35 -27.59
C GLY K 42 -3.23 40.26 -26.53
N THR K 43 -3.05 39.00 -26.92
CA THR K 43 -3.14 37.91 -25.96
C THR K 43 -2.09 38.04 -24.86
N ILE K 44 -0.85 38.40 -25.23
CA ILE K 44 0.21 38.56 -24.25
C ILE K 44 -0.10 39.73 -23.32
N SER K 45 -0.53 40.86 -23.88
CA SER K 45 -0.85 42.02 -23.05
C SER K 45 -1.98 41.71 -22.08
N ALA K 46 -2.90 40.83 -22.48
CA ALA K 46 -3.99 40.44 -21.58
C ALA K 46 -3.48 39.57 -20.45
N ASN K 47 -2.45 38.76 -20.71
CA ASN K 47 -2.00 37.73 -19.78
C ASN K 47 -0.57 37.91 -19.31
N ALA K 48 -0.04 39.15 -19.36
CA ALA K 48 1.36 39.35 -19.02
C ALA K 48 1.63 39.01 -17.56
N ALA K 49 0.76 39.47 -16.65
CA ALA K 49 0.96 39.19 -15.23
C ALA K 49 0.93 37.70 -14.96
N THR K 50 0.00 36.98 -15.60
CA THR K 50 -0.05 35.53 -15.45
C THR K 50 1.28 34.90 -15.87
N ILE K 51 1.73 35.19 -17.08
CA ILE K 51 2.96 34.58 -17.60
C ILE K 51 4.11 34.83 -16.65
N ILE K 52 4.21 36.06 -16.12
CA ILE K 52 5.26 36.37 -15.15
C ILE K 52 5.09 35.51 -13.90
N LYS K 53 3.85 35.29 -13.47
CA LYS K 53 3.62 34.48 -12.28
C LYS K 53 4.10 33.05 -12.46
N GLU K 54 3.68 32.36 -13.53
CA GLU K 54 4.15 30.99 -13.70
C GLU K 54 5.65 30.93 -13.97
N ALA K 55 6.20 31.88 -14.73
CA ALA K 55 7.64 31.84 -14.99
C ALA K 55 8.45 32.03 -13.71
N SER K 56 8.07 33.00 -12.88
CA SER K 56 8.75 33.19 -11.61
C SER K 56 8.59 32.00 -10.70
N ALA K 57 7.40 31.41 -10.66
CA ALA K 57 7.18 30.23 -9.83
C ALA K 57 8.07 29.09 -10.27
N LYS K 58 8.14 28.83 -11.58
CA LYS K 58 9.03 27.80 -12.09
C LYS K 58 10.48 28.07 -11.71
N LEU K 59 10.96 29.28 -11.94
CA LEU K 59 12.36 29.59 -11.70
C LEU K 59 12.71 29.45 -10.22
N PHE K 60 11.85 29.95 -9.34
CA PHE K 60 12.17 29.92 -7.91
C PHE K 60 11.83 28.58 -7.27
N SER K 61 11.10 27.73 -7.99
CA SER K 61 10.90 26.37 -7.50
C SER K 61 12.06 25.48 -7.88
N ASN K 62 12.59 25.65 -9.10
CA ASN K 62 13.72 24.85 -9.51
C ASN K 62 15.02 25.35 -8.88
N GLN K 63 15.08 26.64 -8.55
CA GLN K 63 16.25 27.24 -7.91
C GLN K 63 15.79 27.99 -6.68
N PRO K 64 15.41 27.28 -5.61
CA PRO K 64 14.95 27.98 -4.40
C PRO K 64 16.04 28.76 -3.71
N ASP K 65 17.30 28.47 -4.00
CA ASP K 65 18.41 29.20 -3.41
C ASP K 65 18.35 30.69 -3.72
N LEU K 66 17.76 31.05 -4.86
CA LEU K 66 17.71 32.45 -5.25
C LEU K 66 16.92 33.29 -4.27
N VAL K 67 15.93 32.69 -3.61
CA VAL K 67 15.05 33.44 -2.72
C VAL K 67 15.27 33.15 -1.25
N ARG K 68 16.20 32.27 -0.91
CA ARG K 68 16.60 32.12 0.48
C ARG K 68 17.63 33.17 0.85
N PRO K 69 17.85 33.41 2.14
CA PRO K 69 18.83 34.43 2.54
C PRO K 69 20.20 34.14 1.94
N GLY K 70 20.88 35.21 1.53
CA GLY K 70 22.11 35.11 0.78
C GLY K 70 21.92 35.02 -0.71
N GLY K 71 20.68 34.83 -1.18
CA GLY K 71 20.44 34.78 -2.60
C GLY K 71 20.24 36.14 -3.21
N ASN K 72 20.37 36.20 -4.54
CA ASN K 72 20.28 37.48 -5.22
C ASN K 72 18.86 38.03 -5.16
N ALA K 73 17.87 37.17 -5.14
CA ALA K 73 16.47 37.59 -5.06
C ALA K 73 15.95 37.66 -3.64
N TYR K 74 16.82 37.49 -2.64
CA TYR K 74 16.38 37.52 -1.25
C TYR K 74 16.29 38.95 -0.74
N THR K 75 15.10 39.53 -0.92
CA THR K 75 14.42 40.56 -0.12
C THR K 75 13.13 40.83 -0.86
N THR K 76 12.23 41.61 -0.27
CA THR K 76 11.08 42.04 -1.05
C THR K 76 11.50 42.96 -2.18
N ARG K 77 12.48 43.84 -1.92
CA ARG K 77 12.94 44.77 -2.95
C ARG K 77 13.60 44.03 -4.10
N ARG K 78 14.46 43.05 -3.78
CA ARG K 78 15.17 42.35 -4.84
C ARG K 78 14.25 41.39 -5.57
N TYR K 79 13.28 40.78 -4.88
CA TYR K 79 12.29 39.95 -5.55
C TYR K 79 11.46 40.79 -6.52
N ALA K 80 11.04 41.99 -6.07
CA ALA K 80 10.31 42.88 -6.95
C ALA K 80 11.16 43.31 -8.14
N ALA K 81 12.45 43.56 -7.92
CA ALA K 81 13.33 43.91 -9.02
C ALA K 81 13.42 42.77 -10.03
N CYS K 82 13.51 41.54 -9.53
CA CYS K 82 13.54 40.38 -10.43
C CYS K 82 12.27 40.28 -11.26
N VAL K 83 11.11 40.40 -10.63
CA VAL K 83 9.87 40.26 -11.39
C VAL K 83 9.69 41.42 -12.34
N ARG K 84 10.23 42.60 -11.98
CA ARG K 84 10.20 43.75 -12.89
C ARG K 84 11.08 43.50 -14.12
N ASP K 85 12.25 42.89 -13.91
CA ASP K 85 13.09 42.54 -15.05
C ASP K 85 12.38 41.54 -15.96
N MET K 86 11.72 40.55 -15.38
CA MET K 86 10.98 39.59 -16.20
C MET K 86 9.84 40.27 -16.95
N ASP K 87 9.16 41.22 -16.31
CA ASP K 87 8.10 41.96 -16.96
C ASP K 87 8.64 42.75 -18.15
N TYR K 88 9.81 43.37 -17.98
CA TYR K 88 10.39 44.12 -19.10
C TYR K 88 10.84 43.20 -20.23
N PHE K 89 11.41 42.05 -19.90
CA PHE K 89 11.75 41.09 -20.94
C PHE K 89 10.52 40.70 -21.74
N LEU K 90 9.41 40.41 -21.05
CA LEU K 90 8.18 40.03 -21.75
C LEU K 90 7.66 41.16 -22.62
N ARG K 91 7.65 42.38 -22.09
CA ARG K 91 7.11 43.50 -22.86
C ARG K 91 7.95 43.75 -24.11
N TYR K 92 9.26 43.66 -24.00
CA TYR K 92 10.08 43.97 -25.17
C TYR K 92 10.12 42.81 -26.15
N ALA K 93 9.93 41.58 -25.68
CA ALA K 93 9.71 40.49 -26.61
C ALA K 93 8.42 40.70 -27.40
N THR K 94 7.38 41.17 -26.73
CA THR K 94 6.14 41.51 -27.43
C THR K 94 6.36 42.64 -28.44
N TYR K 95 7.12 43.66 -28.05
CA TYR K 95 7.41 44.76 -28.96
C TYR K 95 8.15 44.27 -30.19
N ALA K 96 9.16 43.42 -29.98
CA ALA K 96 9.93 42.88 -31.10
C ALA K 96 9.07 42.01 -32.00
N MET K 97 8.17 41.21 -31.41
CA MET K 97 7.30 40.37 -32.21
C MET K 97 6.36 41.21 -33.06
N LEU K 98 5.80 42.28 -32.48
CA LEU K 98 4.97 43.18 -33.26
C LEU K 98 5.76 43.85 -34.38
N ALA K 99 6.97 44.30 -34.08
CA ALA K 99 7.76 45.01 -35.07
C ALA K 99 8.31 44.06 -36.13
N GLY K 100 8.56 42.82 -35.75
CA GLY K 100 9.18 41.87 -36.65
C GLY K 100 10.69 41.95 -36.72
N ASP K 101 11.31 42.81 -35.92
CA ASP K 101 12.76 42.96 -35.90
C ASP K 101 13.23 43.03 -34.46
N THR K 102 14.48 42.60 -34.24
CA THR K 102 15.08 42.57 -32.91
C THR K 102 15.86 43.83 -32.59
N SER K 103 15.69 44.90 -33.38
CA SER K 103 16.45 46.12 -33.15
C SER K 103 16.09 46.75 -31.81
N ILE K 104 14.80 46.80 -31.48
CA ILE K 104 14.40 47.36 -30.19
C ILE K 104 14.97 46.53 -29.06
N LEU K 105 15.04 45.21 -29.24
CA LEU K 105 15.63 44.37 -28.20
C LEU K 105 17.06 44.81 -27.89
N ASP K 106 17.90 44.90 -28.93
CA ASP K 106 19.25 45.40 -28.73
C ASP K 106 19.24 46.74 -28.03
N GLU K 107 18.63 47.75 -28.66
CA GLU K 107 18.78 49.13 -28.22
C GLU K 107 18.24 49.34 -26.81
N ARG K 108 17.08 48.78 -26.49
CA ARG K 108 16.40 49.10 -25.25
C ARG K 108 16.57 48.04 -24.17
N VAL K 109 17.21 46.91 -24.45
CA VAL K 109 17.43 45.91 -23.42
C VAL K 109 18.89 45.50 -23.38
N LEU K 110 19.44 45.09 -24.52
CA LEU K 110 20.67 44.30 -24.51
C LEU K 110 21.94 45.14 -24.54
N ASN K 111 21.84 46.44 -24.74
CA ASN K 111 23.02 47.30 -24.78
C ASN K 111 23.39 47.70 -23.36
N GLY K 112 24.42 47.07 -22.81
CA GLY K 112 24.87 47.36 -21.47
C GLY K 112 24.21 46.54 -20.38
N LEU K 113 23.37 45.57 -20.72
CA LEU K 113 22.68 44.80 -19.69
C LEU K 113 23.60 43.79 -19.03
N LYS K 114 24.45 43.11 -19.81
CA LYS K 114 25.34 42.12 -19.22
C LYS K 114 26.33 42.77 -18.28
N GLU K 115 26.83 43.96 -18.63
CA GLU K 115 27.69 44.70 -17.71
C GLU K 115 26.96 45.08 -16.44
N THR K 116 25.69 45.49 -16.56
CA THR K 116 24.92 45.86 -15.39
C THR K 116 24.71 44.68 -14.45
N TYR K 117 24.35 43.51 -14.99
CA TYR K 117 24.25 42.32 -14.14
C TYR K 117 25.60 41.87 -13.60
N ASN K 118 26.68 42.07 -14.35
CA ASN K 118 27.99 41.71 -13.83
C ASN K 118 28.37 42.58 -12.65
N SER K 119 28.06 43.87 -12.72
CA SER K 119 28.29 44.75 -11.58
C SER K 119 27.38 44.40 -10.42
N LEU K 120 26.11 44.09 -10.71
CA LEU K 120 25.13 43.89 -9.66
C LEU K 120 25.27 42.53 -8.99
N GLY K 121 25.94 41.59 -9.65
CA GLY K 121 26.01 40.23 -9.16
C GLY K 121 24.85 39.36 -9.57
N VAL K 122 24.07 39.77 -10.56
CA VAL K 122 22.89 39.00 -10.99
C VAL K 122 23.35 37.77 -11.78
N PRO K 123 22.88 36.57 -11.44
CA PRO K 123 23.23 35.37 -12.22
C PRO K 123 22.52 35.39 -13.56
N ILE K 124 23.28 35.56 -14.63
CA ILE K 124 22.68 35.71 -15.95
C ILE K 124 22.12 34.38 -16.43
N SER K 125 22.72 33.27 -16.00
CA SER K 125 22.20 31.96 -16.38
C SER K 125 20.78 31.75 -15.85
N SER K 126 20.55 32.15 -14.60
CA SER K 126 19.21 32.02 -14.03
C SER K 126 18.22 32.96 -14.71
N THR K 127 18.69 34.15 -15.09
CA THR K 127 17.84 35.06 -15.84
C THR K 127 17.43 34.46 -17.18
N VAL K 128 18.38 33.82 -17.86
CA VAL K 128 18.08 33.19 -19.14
C VAL K 128 17.11 32.04 -18.95
N GLN K 129 17.27 31.28 -17.86
CA GLN K 129 16.34 30.18 -17.58
C GLN K 129 14.93 30.72 -17.31
N GLY K 130 14.83 31.84 -16.61
CA GLY K 130 13.54 32.48 -16.44
C GLY K 130 12.94 32.97 -17.75
N ILE K 131 13.79 33.46 -18.65
CA ILE K 131 13.31 33.88 -19.97
C ILE K 131 12.79 32.68 -20.75
N GLN K 132 13.48 31.55 -20.66
CA GLN K 132 13.02 30.33 -21.32
C GLN K 132 11.69 29.86 -20.72
N ALA K 133 11.54 30.01 -19.40
CA ALA K 133 10.27 29.69 -18.75
C ALA K 133 9.16 30.59 -19.29
N MET K 134 9.42 31.89 -19.41
CA MET K 134 8.40 32.77 -20.00
C MET K 134 8.10 32.34 -21.42
N LYS K 135 9.10 31.89 -22.16
CA LYS K 135 8.86 31.44 -23.53
C LYS K 135 7.87 30.29 -23.56
N GLU K 136 8.09 29.26 -22.74
CA GLU K 136 7.21 28.10 -22.81
C GLU K 136 5.82 28.44 -22.28
N VAL K 137 5.74 29.31 -21.27
CA VAL K 137 4.43 29.69 -20.76
C VAL K 137 3.66 30.50 -21.81
N THR K 138 4.37 31.40 -22.51
CA THR K 138 3.71 32.22 -23.52
C THR K 138 3.24 31.40 -24.71
N GLY K 139 4.04 30.40 -25.10
CA GLY K 139 3.70 29.62 -26.28
C GLY K 139 2.37 28.90 -26.15
N SER K 140 2.12 28.33 -24.96
CA SER K 140 0.87 27.60 -24.75
C SER K 140 -0.34 28.50 -24.92
N LEU K 141 -0.26 29.74 -24.42
CA LEU K 141 -1.37 30.66 -24.56
C LEU K 141 -1.52 31.18 -25.98
N VAL K 142 -0.40 31.39 -26.68
CA VAL K 142 -0.48 32.08 -27.97
C VAL K 142 -0.71 31.13 -29.14
N GLY K 143 -0.43 29.84 -29.00
CA GLY K 143 -0.61 28.91 -30.10
C GLY K 143 0.69 28.61 -30.83
N SER K 144 0.60 27.77 -31.85
CA SER K 144 1.80 27.19 -32.45
C SER K 144 2.63 28.22 -33.20
N GLY K 145 2.06 28.86 -34.21
CA GLY K 145 2.83 29.83 -35.00
C GLY K 145 3.26 31.02 -34.18
N ALA K 146 2.36 31.54 -33.36
CA ALA K 146 2.71 32.66 -32.48
C ALA K 146 3.78 32.24 -31.49
N ALA K 147 3.79 30.97 -31.08
CA ALA K 147 4.81 30.48 -30.16
C ALA K 147 6.17 30.44 -30.84
N LYS K 148 6.21 29.97 -32.08
CA LYS K 148 7.48 29.98 -32.82
C LYS K 148 7.99 31.40 -32.99
N GLU K 149 7.09 32.32 -33.37
CA GLU K 149 7.48 33.71 -33.56
C GLU K 149 7.99 34.33 -32.26
N MET K 150 7.28 34.12 -31.15
CA MET K 150 7.70 34.68 -29.88
C MET K 150 8.99 34.03 -29.39
N GLY K 151 9.16 32.73 -29.66
CA GLY K 151 10.37 32.05 -29.25
C GLY K 151 11.59 32.55 -29.97
N VAL K 152 11.42 33.03 -31.20
CA VAL K 152 12.54 33.65 -31.89
C VAL K 152 13.11 34.80 -31.06
N TYR K 153 12.24 35.68 -30.56
CA TYR K 153 12.71 36.86 -29.85
C TYR K 153 13.11 36.54 -28.42
N PHE K 154 12.45 35.56 -27.79
CA PHE K 154 12.91 35.10 -26.49
C PHE K 154 14.31 34.51 -26.58
N ASP K 155 14.58 33.71 -27.62
CA ASP K 155 15.91 33.16 -27.80
C ASP K 155 16.91 34.25 -28.16
N TYR K 156 16.45 35.28 -28.88
CA TYR K 156 17.34 36.41 -29.15
C TYR K 156 17.76 37.10 -27.86
N LEU K 157 16.82 37.33 -26.95
CA LEU K 157 17.17 37.91 -25.65
C LEU K 157 18.14 37.01 -24.89
N SER K 158 17.85 35.72 -24.85
CA SER K 158 18.68 34.78 -24.11
C SER K 158 20.11 34.74 -24.66
N SER K 159 20.24 34.74 -25.99
CA SER K 159 21.57 34.71 -26.59
C SER K 159 22.27 36.06 -26.49
N GLY K 160 21.49 37.15 -26.43
CA GLY K 160 22.09 38.45 -26.22
C GLY K 160 22.68 38.61 -24.84
N LEU K 161 22.01 38.06 -23.83
CA LEU K 161 22.56 38.11 -22.48
C LEU K 161 23.83 37.26 -22.38
N SER K 162 23.99 36.29 -23.26
CA SER K 162 25.16 35.43 -23.28
C SER K 162 26.43 36.23 -23.54
N MET L 1 39.95 77.53 -19.63
CA MET L 1 40.92 77.57 -20.71
C MET L 1 42.12 78.43 -20.37
N GLN L 2 43.07 78.52 -21.29
CA GLN L 2 44.24 79.37 -21.13
C GLN L 2 44.46 80.18 -22.40
N ASP L 3 45.19 81.28 -22.24
CA ASP L 3 45.72 82.05 -23.35
C ASP L 3 47.23 82.17 -23.15
N ALA L 4 47.88 82.94 -24.03
CA ALA L 4 49.31 83.15 -23.87
C ALA L 4 49.61 83.86 -22.55
N ILE L 5 48.79 84.86 -22.21
CA ILE L 5 49.02 85.63 -20.99
C ILE L 5 48.95 84.74 -19.77
N THR L 6 47.90 83.91 -19.67
CA THR L 6 47.77 83.01 -18.54
C THR L 6 48.92 82.02 -18.48
N SER L 7 49.35 81.52 -19.64
CA SER L 7 50.46 80.58 -19.66
C SER L 7 51.73 81.20 -19.10
N VAL L 8 52.07 82.42 -19.54
CA VAL L 8 53.28 83.07 -19.04
C VAL L 8 53.14 83.38 -17.54
N ILE L 9 51.98 83.89 -17.14
CA ILE L 9 51.79 84.24 -15.73
C ILE L 9 51.95 83.00 -14.85
N ASN L 10 51.37 81.88 -15.26
CA ASN L 10 51.50 80.65 -14.48
C ASN L 10 52.93 80.13 -14.49
N THR L 11 53.60 80.21 -15.65
CA THR L 11 54.97 79.73 -15.76
C THR L 11 55.89 80.48 -14.81
N TYR L 12 55.65 81.78 -14.64
CA TYR L 12 56.53 82.55 -13.76
C TYR L 12 56.00 82.60 -12.33
N ASP L 13 54.74 82.23 -12.13
CA ASP L 13 54.21 82.15 -10.77
C ASP L 13 54.66 80.87 -10.09
N VAL L 14 54.70 79.75 -10.82
CA VAL L 14 55.17 78.50 -10.23
C VAL L 14 56.64 78.61 -9.88
N GLN L 15 57.41 79.35 -10.68
CA GLN L 15 58.81 79.62 -10.33
C GLN L 15 58.89 80.66 -9.21
N GLY L 16 57.88 81.51 -9.10
CA GLY L 16 57.84 82.51 -8.04
C GLY L 16 58.63 83.77 -8.33
N LYS L 17 58.91 84.09 -9.58
CA LYS L 17 59.78 85.19 -9.94
C LYS L 17 59.16 86.02 -11.06
N TYR L 18 59.60 87.27 -11.14
CA TYR L 18 59.04 88.23 -12.08
C TYR L 18 59.36 87.85 -13.51
N PHE L 19 58.78 88.62 -14.44
CA PHE L 19 59.01 88.38 -15.86
C PHE L 19 60.43 88.75 -16.25
N ASP L 20 61.09 87.84 -16.95
CA ASP L 20 62.41 88.09 -17.49
C ASP L 20 62.31 88.53 -18.95
N THR L 21 63.46 88.58 -19.63
CA THR L 21 63.48 89.03 -21.02
C THR L 21 62.65 88.13 -21.92
N SER L 22 62.74 86.81 -21.73
CA SER L 22 61.96 85.89 -22.54
C SER L 22 60.47 86.08 -22.34
N ALA L 23 60.06 86.35 -21.09
CA ALA L 23 58.65 86.61 -20.82
C ALA L 23 58.16 87.83 -21.59
N PHE L 24 58.87 88.95 -21.46
CA PHE L 24 58.45 90.17 -22.13
C PHE L 24 58.47 89.98 -23.65
N ASP L 25 59.42 89.19 -24.15
CA ASP L 25 59.44 88.89 -25.58
C ASP L 25 58.19 88.12 -26.00
N LYS L 26 57.80 87.12 -25.21
CA LYS L 26 56.58 86.37 -25.53
C LYS L 26 55.35 87.28 -25.53
N LEU L 27 55.22 88.12 -24.51
CA LEU L 27 54.08 89.02 -24.45
C LEU L 27 54.09 90.03 -25.59
N LYS L 28 55.27 90.55 -25.95
CA LYS L 28 55.34 91.51 -27.06
C LYS L 28 54.97 90.84 -28.38
N ALA L 29 55.43 89.61 -28.59
CA ALA L 29 55.04 88.88 -29.80
C ALA L 29 53.55 88.62 -29.83
N TYR L 30 52.97 88.26 -28.69
CA TYR L 30 51.54 88.01 -28.62
C TYR L 30 50.74 89.29 -28.89
N TYR L 31 51.21 90.42 -28.35
CA TYR L 31 50.48 91.68 -28.51
C TYR L 31 50.64 92.25 -29.92
N ALA L 32 51.79 91.98 -30.55
CA ALA L 32 52.06 92.55 -31.87
C ALA L 32 51.05 92.07 -32.90
N THR L 33 50.69 90.79 -32.86
CA THR L 33 49.71 90.23 -33.79
C THR L 33 48.28 90.40 -33.31
N GLY L 34 48.07 91.08 -32.19
CA GLY L 34 46.74 91.14 -31.60
C GLY L 34 45.72 91.80 -32.52
N GLU L 35 46.07 92.96 -33.08
CA GLU L 35 45.13 93.66 -33.95
C GLU L 35 44.87 92.88 -35.23
N LEU L 36 45.90 92.25 -35.79
CA LEU L 36 45.72 91.41 -36.96
C LEU L 36 44.80 90.23 -36.65
N ARG L 37 45.01 89.59 -35.50
CA ARG L 37 44.17 88.45 -35.13
C ARG L 37 42.73 88.89 -34.87
N VAL L 38 42.53 90.07 -34.27
CA VAL L 38 41.17 90.54 -34.03
C VAL L 38 40.48 90.89 -35.34
N ARG L 39 41.22 91.47 -36.29
CA ARG L 39 40.66 91.72 -37.61
C ARG L 39 40.25 90.42 -38.30
N ALA L 40 41.13 89.41 -38.22
CA ALA L 40 40.79 88.11 -38.81
C ALA L 40 39.60 87.48 -38.12
N ALA L 41 39.52 87.60 -36.80
CA ALA L 41 38.39 87.06 -36.06
C ALA L 41 37.09 87.75 -36.45
N GLY L 42 37.14 89.07 -36.64
CA GLY L 42 35.96 89.78 -37.11
C GLY L 42 35.54 89.33 -38.50
N THR L 43 36.52 89.13 -39.39
CA THR L 43 36.19 88.64 -40.73
C THR L 43 35.54 87.26 -40.67
N ILE L 44 36.10 86.35 -39.87
CA ILE L 44 35.56 85.00 -39.77
C ILE L 44 34.18 85.01 -39.13
N SER L 45 34.03 85.74 -38.03
CA SER L 45 32.74 85.86 -37.35
C SER L 45 31.69 86.44 -38.27
N ALA L 46 32.09 87.35 -39.15
CA ALA L 46 31.15 87.96 -40.07
C ALA L 46 30.80 87.02 -41.22
N ASN L 47 31.78 86.26 -41.72
CA ASN L 47 31.62 85.46 -42.92
C ASN L 47 31.82 83.96 -42.67
N ALA L 48 31.32 83.44 -41.55
CA ALA L 48 31.52 82.02 -41.26
C ALA L 48 30.73 81.14 -42.24
N ALA L 49 29.49 81.51 -42.54
CA ALA L 49 28.66 80.70 -43.41
C ALA L 49 29.26 80.57 -44.80
N THR L 50 29.82 81.67 -45.32
CA THR L 50 30.48 81.61 -46.62
C THR L 50 31.63 80.62 -46.59
N ILE L 51 32.51 80.72 -45.60
CA ILE L 51 33.65 79.81 -45.50
C ILE L 51 33.17 78.37 -45.44
N ILE L 52 32.09 78.12 -44.70
CA ILE L 52 31.52 76.77 -44.67
C ILE L 52 31.08 76.36 -46.07
N LYS L 53 30.48 77.27 -46.82
CA LYS L 53 30.00 76.94 -48.16
C LYS L 53 31.13 76.50 -49.06
N GLU L 54 32.19 77.31 -49.20
CA GLU L 54 33.27 76.88 -50.08
C GLU L 54 34.02 75.66 -49.53
N ALA L 55 34.21 75.58 -48.21
CA ALA L 55 34.91 74.42 -47.65
C ALA L 55 34.14 73.13 -47.94
N SER L 56 32.83 73.13 -47.71
CA SER L 56 32.02 71.96 -47.99
C SER L 56 31.97 71.65 -49.47
N ALA L 57 31.88 72.68 -50.31
CA ALA L 57 31.88 72.44 -51.75
C ALA L 57 33.16 71.76 -52.19
N LYS L 58 34.30 72.24 -51.72
CA LYS L 58 35.57 71.62 -52.08
C LYS L 58 35.66 70.20 -51.55
N LEU L 59 35.25 69.98 -50.30
CA LEU L 59 35.35 68.65 -49.71
C LEU L 59 34.48 67.64 -50.46
N PHE L 60 33.26 68.04 -50.82
CA PHE L 60 32.34 67.10 -51.44
C PHE L 60 32.56 67.00 -52.94
N SER L 61 33.28 67.95 -53.52
CA SER L 61 33.72 67.79 -54.90
C SER L 61 34.92 66.85 -54.98
N ASN L 62 35.82 66.93 -54.01
CA ASN L 62 36.99 66.05 -54.03
C ASN L 62 36.62 64.62 -53.65
N GLN L 63 35.61 64.46 -52.79
CA GLN L 63 35.15 63.14 -52.34
C GLN L 63 33.64 63.06 -52.52
N PRO L 64 33.17 62.84 -53.75
CA PRO L 64 31.71 62.76 -53.96
C PRO L 64 31.06 61.56 -53.28
N ASP L 65 31.85 60.55 -52.91
CA ASP L 65 31.29 59.36 -52.29
C ASP L 65 30.62 59.68 -50.96
N LEU L 66 31.03 60.77 -50.31
CA LEU L 66 30.49 61.11 -49.01
C LEU L 66 29.00 61.43 -49.09
N VAL L 67 28.59 62.16 -50.13
CA VAL L 67 27.20 62.58 -50.25
C VAL L 67 26.37 61.67 -51.14
N ARG L 68 26.97 60.66 -51.75
CA ARG L 68 26.18 59.67 -52.47
C ARG L 68 25.73 58.57 -51.53
N PRO L 69 24.68 57.83 -51.89
CA PRO L 69 24.18 56.79 -50.98
C PRO L 69 25.26 55.80 -50.61
N GLY L 70 25.27 55.41 -49.33
CA GLY L 70 26.36 54.65 -48.78
C GLY L 70 27.48 55.46 -48.19
N GLY L 71 27.42 56.78 -48.30
CA GLY L 71 28.42 57.66 -47.72
C GLY L 71 27.95 58.19 -46.38
N ASN L 72 28.90 58.62 -45.56
CA ASN L 72 28.55 59.06 -44.20
C ASN L 72 27.80 60.38 -44.22
N ALA L 73 27.93 61.16 -45.29
CA ALA L 73 27.19 62.40 -45.38
C ALA L 73 25.92 62.27 -46.22
N TYR L 74 25.50 61.04 -46.54
CA TYR L 74 24.29 60.86 -47.32
C TYR L 74 23.06 60.77 -46.43
N THR L 75 22.48 61.94 -46.15
CA THR L 75 21.09 62.25 -45.83
C THR L 75 21.05 63.75 -45.59
N THR L 76 19.86 64.33 -45.49
CA THR L 76 19.80 65.73 -45.10
C THR L 76 20.32 65.92 -43.69
N ARG L 77 19.97 64.99 -42.79
CA ARG L 77 20.44 65.08 -41.41
C ARG L 77 21.95 64.98 -41.32
N ARG L 78 22.56 64.04 -42.03
CA ARG L 78 23.99 63.83 -41.91
C ARG L 78 24.77 64.92 -42.64
N TYR L 79 24.22 65.45 -43.74
CA TYR L 79 24.84 66.61 -44.37
C TYR L 79 24.80 67.82 -43.45
N ALA L 80 23.66 68.05 -42.79
CA ALA L 80 23.56 69.16 -41.85
C ALA L 80 24.52 68.97 -40.69
N ALA L 81 24.67 67.74 -40.21
CA ALA L 81 25.61 67.46 -39.13
C ALA L 81 27.05 67.71 -39.58
N CYS L 82 27.38 67.33 -40.81
CA CYS L 82 28.71 67.57 -41.34
C CYS L 82 29.03 69.06 -41.38
N VAL L 83 28.12 69.86 -41.94
CA VAL L 83 28.40 71.29 -42.03
C VAL L 83 28.38 71.94 -40.66
N ARG L 84 27.60 71.38 -39.73
CA ARG L 84 27.60 71.85 -38.35
C ARG L 84 28.95 71.59 -37.68
N ASP L 85 29.51 70.40 -37.90
CA ASP L 85 30.84 70.11 -37.38
C ASP L 85 31.88 71.04 -37.96
N MET L 86 31.77 71.34 -39.25
CA MET L 86 32.70 72.27 -39.86
C MET L 86 32.58 73.66 -39.22
N ASP L 87 31.37 74.09 -38.92
CA ASP L 87 31.19 75.36 -38.23
C ASP L 87 31.81 75.32 -36.83
N TYR L 88 31.65 74.20 -36.13
CA TYR L 88 32.33 74.00 -34.85
C TYR L 88 33.83 74.21 -35.00
N PHE L 89 34.44 73.56 -35.99
CA PHE L 89 35.88 73.63 -36.16
C PHE L 89 36.32 75.05 -36.46
N LEU L 90 35.60 75.74 -37.33
CA LEU L 90 35.94 77.13 -37.65
C LEU L 90 35.86 78.02 -36.40
N ARG L 91 34.77 77.88 -35.64
CA ARG L 91 34.58 78.74 -34.48
C ARG L 91 35.65 78.48 -33.42
N TYR L 92 35.97 77.21 -33.17
CA TYR L 92 36.95 76.92 -32.13
C TYR L 92 38.36 77.28 -32.59
N ALA L 93 38.64 77.19 -33.89
CA ALA L 93 39.90 77.69 -34.40
C ALA L 93 40.00 79.20 -34.20
N THR L 94 38.89 79.92 -34.41
CA THR L 94 38.90 81.36 -34.17
C THR L 94 39.15 81.67 -32.69
N TYR L 95 38.49 80.91 -31.80
CA TYR L 95 38.73 81.06 -30.37
C TYR L 95 40.19 80.85 -30.03
N ALA L 96 40.78 79.78 -30.57
CA ALA L 96 42.18 79.47 -30.29
C ALA L 96 43.11 80.54 -30.83
N MET L 97 42.80 81.08 -32.01
CA MET L 97 43.62 82.14 -32.57
C MET L 97 43.60 83.37 -31.68
N LEU L 98 42.41 83.77 -31.23
CA LEU L 98 42.32 84.94 -30.37
C LEU L 98 43.00 84.69 -29.04
N ALA L 99 42.90 83.48 -28.50
CA ALA L 99 43.55 83.18 -27.24
C ALA L 99 45.07 83.09 -27.40
N GLY L 100 45.52 82.59 -28.55
CA GLY L 100 46.93 82.33 -28.72
C GLY L 100 47.39 81.03 -28.11
N ASP L 101 46.48 80.23 -27.58
CA ASP L 101 46.80 78.96 -26.95
C ASP L 101 45.86 77.88 -27.47
N THR L 102 46.40 76.67 -27.59
CA THR L 102 45.62 75.52 -28.03
C THR L 102 44.96 74.77 -26.88
N SER L 103 44.94 75.37 -25.69
CA SER L 103 44.32 74.71 -24.55
C SER L 103 42.82 74.55 -24.75
N ILE L 104 42.17 75.55 -25.35
CA ILE L 104 40.73 75.48 -25.54
C ILE L 104 40.37 74.36 -26.50
N LEU L 105 41.21 74.12 -27.51
CA LEU L 105 40.96 73.03 -28.43
C LEU L 105 41.01 71.69 -27.71
N ASP L 106 42.11 71.43 -26.98
CA ASP L 106 42.23 70.19 -26.22
C ASP L 106 41.07 70.02 -25.24
N GLU L 107 40.64 71.12 -24.63
CA GLU L 107 39.63 71.02 -23.59
C GLU L 107 38.25 70.75 -24.17
N ARG L 108 37.89 71.39 -25.27
CA ARG L 108 36.50 71.45 -25.68
C ARG L 108 36.22 70.92 -27.08
N VAL L 109 37.22 70.40 -27.80
CA VAL L 109 37.00 69.71 -29.06
C VAL L 109 37.65 68.34 -29.06
N LEU L 110 38.95 68.28 -28.78
CA LEU L 110 39.67 67.02 -28.88
C LEU L 110 39.25 66.04 -27.79
N ASN L 111 38.80 66.55 -26.66
CA ASN L 111 38.37 65.69 -25.56
C ASN L 111 37.04 65.04 -25.91
N GLY L 112 37.10 63.84 -26.48
CA GLY L 112 35.91 63.13 -26.90
C GLY L 112 35.63 63.15 -28.38
N LEU L 113 36.50 63.77 -29.19
CA LEU L 113 36.26 63.83 -30.62
C LEU L 113 36.47 62.47 -31.28
N LYS L 114 37.56 61.79 -30.93
CA LYS L 114 37.85 60.50 -31.54
C LYS L 114 36.81 59.47 -31.14
N GLU L 115 36.39 59.48 -29.87
CA GLU L 115 35.32 58.59 -29.43
C GLU L 115 34.05 58.83 -30.22
N THR L 116 33.68 60.10 -30.41
CA THR L 116 32.48 60.43 -31.17
C THR L 116 32.56 59.93 -32.60
N TYR L 117 33.66 60.22 -33.30
CA TYR L 117 33.72 59.86 -34.71
C TYR L 117 33.91 58.37 -34.92
N ASN L 118 34.54 57.66 -33.98
CA ASN L 118 34.65 56.22 -34.14
C ASN L 118 33.35 55.52 -33.76
N SER L 119 32.58 56.10 -32.83
CA SER L 119 31.27 55.54 -32.53
C SER L 119 30.30 55.78 -33.67
N LEU L 120 30.33 56.97 -34.27
CA LEU L 120 29.37 57.31 -35.30
C LEU L 120 29.77 56.77 -36.67
N GLY L 121 31.03 56.37 -36.83
CA GLY L 121 31.52 55.93 -38.11
C GLY L 121 31.98 57.03 -39.03
N VAL L 122 32.20 58.24 -38.52
CA VAL L 122 32.61 59.37 -39.37
C VAL L 122 34.01 59.12 -39.88
N PRO L 123 34.29 59.30 -41.18
CA PRO L 123 35.65 59.12 -41.69
C PRO L 123 36.55 60.24 -41.22
N ILE L 124 37.61 59.88 -40.49
CA ILE L 124 38.49 60.88 -39.90
C ILE L 124 39.32 61.58 -40.97
N SER L 125 39.80 60.81 -41.97
CA SER L 125 40.60 61.40 -43.04
C SER L 125 39.80 62.43 -43.83
N SER L 126 38.54 62.13 -44.10
CA SER L 126 37.70 63.09 -44.81
C SER L 126 37.46 64.34 -43.98
N THR L 127 37.34 64.19 -42.66
CA THR L 127 37.20 65.35 -41.80
C THR L 127 38.46 66.20 -41.82
N VAL L 128 39.62 65.55 -41.85
CA VAL L 128 40.88 66.30 -41.99
C VAL L 128 40.91 67.05 -43.31
N GLN L 129 40.45 66.40 -44.38
CA GLN L 129 40.40 67.07 -45.68
C GLN L 129 39.47 68.27 -45.66
N GLY L 130 38.32 68.14 -44.99
CA GLY L 130 37.42 69.26 -44.85
C GLY L 130 38.02 70.40 -44.05
N ILE L 131 38.77 70.07 -43.00
CA ILE L 131 39.44 71.10 -42.21
C ILE L 131 40.50 71.79 -43.04
N GLN L 132 41.24 71.05 -43.87
CA GLN L 132 42.22 71.66 -44.75
C GLN L 132 41.57 72.59 -45.78
N ALA L 133 40.43 72.17 -46.34
CA ALA L 133 39.72 73.03 -47.27
C ALA L 133 39.23 74.30 -46.58
N MET L 134 38.74 74.17 -45.35
CA MET L 134 38.36 75.34 -44.57
C MET L 134 39.55 76.25 -44.33
N LYS L 135 40.71 75.69 -44.01
CA LYS L 135 41.92 76.47 -43.87
C LYS L 135 42.21 77.27 -45.13
N GLU L 136 42.15 76.61 -46.28
CA GLU L 136 42.45 77.30 -47.54
C GLU L 136 41.48 78.44 -47.78
N VAL L 137 40.18 78.19 -47.58
CA VAL L 137 39.19 79.22 -47.85
C VAL L 137 39.36 80.40 -46.89
N THR L 138 39.54 80.12 -45.60
CA THR L 138 39.64 81.20 -44.63
C THR L 138 40.95 81.98 -44.82
N GLY L 139 42.01 81.30 -45.25
CA GLY L 139 43.24 82.01 -45.56
C GLY L 139 43.09 82.91 -46.77
N SER L 140 42.38 82.45 -47.80
CA SER L 140 42.11 83.30 -48.95
C SER L 140 41.24 84.48 -48.54
N LEU L 141 40.40 84.31 -47.51
CA LEU L 141 39.46 85.36 -47.14
C LEU L 141 40.11 86.40 -46.23
N VAL L 142 41.00 85.99 -45.31
CA VAL L 142 41.48 86.89 -44.27
C VAL L 142 42.90 87.39 -44.49
N GLY L 143 43.54 87.01 -45.59
CA GLY L 143 44.89 87.47 -45.86
C GLY L 143 45.95 86.53 -45.32
N SER L 144 47.12 86.56 -45.97
CA SER L 144 48.17 85.58 -45.68
C SER L 144 48.68 85.70 -44.26
N GLY L 145 48.86 86.93 -43.77
CA GLY L 145 49.38 87.11 -42.43
C GLY L 145 48.47 86.50 -41.37
N ALA L 146 47.17 86.70 -41.50
CA ALA L 146 46.22 86.03 -40.62
C ALA L 146 45.99 84.59 -41.06
N ALA L 147 46.30 84.28 -42.33
CA ALA L 147 46.16 82.91 -42.80
C ALA L 147 47.09 81.97 -42.05
N LYS L 148 48.33 82.40 -41.79
CA LYS L 148 49.25 81.56 -41.02
C LYS L 148 48.75 81.32 -39.61
N GLU L 149 48.19 82.37 -38.98
CA GLU L 149 47.71 82.25 -37.60
C GLU L 149 46.49 81.35 -37.54
N MET L 150 45.63 81.40 -38.55
CA MET L 150 44.55 80.41 -38.65
C MET L 150 45.09 79.01 -38.90
N GLY L 151 46.12 78.90 -39.74
CA GLY L 151 46.58 77.60 -40.17
C GLY L 151 47.25 76.83 -39.06
N VAL L 152 47.90 77.54 -38.13
CA VAL L 152 48.55 76.81 -37.03
C VAL L 152 47.52 76.05 -36.20
N TYR L 153 46.38 76.67 -35.91
CA TYR L 153 45.35 76.00 -35.11
C TYR L 153 44.55 75.01 -35.95
N PHE L 154 44.38 75.29 -37.24
CA PHE L 154 43.77 74.29 -38.12
C PHE L 154 44.62 73.03 -38.19
N ASP L 155 45.95 73.20 -38.27
CA ASP L 155 46.86 72.06 -38.24
C ASP L 155 46.82 71.37 -36.88
N TYR L 156 46.67 72.13 -35.80
CA TYR L 156 46.55 71.49 -34.50
C TYR L 156 45.32 70.58 -34.46
N LEU L 157 44.19 71.07 -34.96
CA LEU L 157 42.99 70.23 -35.02
C LEU L 157 43.20 69.03 -35.93
N SER L 158 43.81 69.23 -37.09
CA SER L 158 44.00 68.13 -38.04
C SER L 158 44.90 67.05 -37.45
N SER L 159 45.97 67.46 -36.75
CA SER L 159 46.85 66.50 -36.11
C SER L 159 46.16 65.81 -34.94
N GLY L 160 45.27 66.53 -34.24
CA GLY L 160 44.48 65.89 -33.21
C GLY L 160 43.58 64.79 -33.75
N LEU L 161 42.95 65.06 -34.89
CA LEU L 161 42.13 64.01 -35.51
C LEU L 161 42.99 62.88 -36.07
N SER L 162 44.04 63.22 -36.80
CA SER L 162 44.94 62.22 -37.36
C SER L 162 46.37 62.50 -36.95
N THR M 2 -12.49 70.26 -15.80
CA THR M 2 -11.32 70.30 -14.92
C THR M 2 -10.04 70.25 -15.75
N ARG M 3 -9.63 71.40 -16.29
CA ARG M 3 -8.50 71.40 -17.22
C ARG M 3 -7.27 72.04 -16.63
N LEU M 4 -7.37 73.31 -16.20
CA LEU M 4 -6.21 74.09 -15.78
C LEU M 4 -6.53 74.94 -14.56
N PHE M 5 -5.49 75.25 -13.79
CA PHE M 5 -5.58 76.14 -12.65
C PHE M 5 -4.63 77.31 -12.88
N LYS M 6 -5.10 78.53 -12.61
CA LYS M 6 -4.23 79.70 -12.60
C LYS M 6 -3.91 80.03 -11.15
N VAL M 7 -2.64 79.86 -10.77
CA VAL M 7 -2.22 79.91 -9.38
C VAL M 7 -1.24 81.06 -9.20
N THR M 8 -1.52 81.92 -8.23
CA THR M 8 -0.59 82.95 -7.79
C THR M 8 -0.17 82.61 -6.36
N ALA M 9 1.13 82.54 -6.12
CA ALA M 9 1.66 82.16 -4.83
C ALA M 9 2.99 82.85 -4.59
N LEU M 10 3.32 83.04 -3.31
CA LEU M 10 4.58 83.64 -2.89
C LEU M 10 5.30 82.68 -1.95
N ILE M 11 6.38 82.07 -2.44
CA ILE M 11 7.25 81.25 -1.61
C ILE M 11 8.44 82.12 -1.18
N PRO M 12 8.54 82.47 0.09
CA PRO M 12 9.71 83.22 0.58
C PRO M 12 10.89 82.28 0.75
N SER M 13 11.99 82.85 1.23
CA SER M 13 13.21 82.09 1.52
C SER M 13 13.47 82.15 3.01
N TYR M 14 13.54 80.99 3.65
CA TYR M 14 13.85 80.91 5.08
C TYR M 14 15.17 80.22 5.39
N LYS M 15 15.77 79.50 4.43
CA LYS M 15 16.95 78.71 4.75
C LYS M 15 18.24 79.49 4.58
N LYS M 16 18.24 80.52 3.73
CA LYS M 16 19.45 81.29 3.47
C LYS M 16 19.06 82.60 2.80
N VAL M 17 20.06 83.42 2.49
CA VAL M 17 19.89 84.67 1.76
C VAL M 17 20.56 84.52 0.40
N ARG M 18 19.80 84.77 -0.66
CA ARG M 18 20.24 84.51 -2.03
C ARG M 18 20.74 85.79 -2.68
N GLY M 19 21.90 85.71 -3.33
CA GLY M 19 22.49 86.89 -3.93
C GLY M 19 21.89 87.25 -5.28
N GLY M 20 21.50 86.25 -6.05
CA GLY M 20 20.88 86.48 -7.35
C GLY M 20 19.54 87.15 -7.22
N ARG M 21 18.82 87.35 -8.33
CA ARG M 21 17.54 88.05 -8.27
C ARG M 21 16.50 87.28 -7.45
N GLU M 22 16.05 86.13 -7.97
CA GLU M 22 14.96 85.35 -7.37
C GLU M 22 13.76 86.20 -6.98
N LEU M 23 13.46 87.27 -7.72
CA LEU M 23 12.21 87.99 -7.46
C LEU M 23 11.03 87.30 -8.11
N GLN M 24 11.16 86.91 -9.38
CA GLN M 24 10.09 86.19 -10.06
C GLN M 24 9.97 84.77 -9.55
N ASN M 25 11.04 84.23 -8.98
CA ASN M 25 10.95 82.90 -8.36
C ASN M 25 10.08 82.94 -7.11
N THR M 26 10.05 84.07 -6.40
CA THR M 26 9.25 84.17 -5.19
C THR M 26 7.79 84.43 -5.52
N TYR M 27 7.49 85.54 -6.17
CA TYR M 27 6.13 85.92 -6.52
C TYR M 27 5.92 85.62 -7.99
N PHE M 28 4.93 84.78 -8.29
CA PHE M 28 4.75 84.27 -9.64
C PHE M 28 3.32 83.82 -9.82
N THR M 29 2.91 83.73 -11.08
CA THR M 29 1.65 83.10 -11.47
C THR M 29 1.92 82.14 -12.61
N LYS M 30 1.54 80.87 -12.43
CA LYS M 30 1.63 79.91 -13.51
C LYS M 30 0.27 79.26 -13.74
N LEU M 31 0.16 78.61 -14.89
CA LEU M 31 -0.93 77.71 -15.20
C LEU M 31 -0.46 76.29 -14.92
N VAL M 32 -1.20 75.57 -14.07
CA VAL M 32 -0.81 74.22 -13.68
C VAL M 32 -1.89 73.25 -14.12
N GLU M 33 -1.47 72.12 -14.68
CA GLU M 33 -2.40 71.10 -15.12
C GLU M 33 -3.10 70.47 -13.92
N TYR M 34 -4.31 69.96 -14.17
CA TYR M 34 -5.12 69.40 -13.09
C TYR M 34 -4.42 68.22 -12.42
N ASP M 35 -3.87 67.31 -13.23
CA ASP M 35 -3.22 66.13 -12.66
C ASP M 35 -1.99 66.50 -11.86
N ARG M 36 -1.50 67.73 -11.99
CA ARG M 36 -0.29 68.15 -11.32
C ARG M 36 -0.54 69.12 -10.18
N TRP M 37 -1.76 69.64 -10.06
CA TRP M 37 -2.03 70.69 -9.08
C TRP M 37 -1.92 70.19 -7.65
N PHE M 38 -2.32 68.95 -7.37
CA PHE M 38 -2.20 68.45 -6.00
C PHE M 38 -0.74 68.44 -5.56
N ALA M 39 0.14 67.88 -6.38
CA ALA M 39 1.55 67.82 -6.05
C ALA M 39 2.16 69.23 -5.99
N GLU M 40 1.76 70.10 -6.91
CA GLU M 40 2.32 71.45 -6.91
C GLU M 40 1.90 72.24 -5.68
N GLN M 41 0.63 72.12 -5.29
CA GLN M 41 0.14 72.76 -4.08
C GLN M 41 0.84 72.22 -2.85
N GLN M 42 1.04 70.90 -2.80
CA GLN M 42 1.78 70.32 -1.68
C GLN M 42 3.20 70.86 -1.63
N ARG M 43 3.85 70.97 -2.79
CA ARG M 43 5.22 71.48 -2.81
C ARG M 43 5.28 72.92 -2.33
N ILE M 44 4.36 73.76 -2.80
CA ILE M 44 4.32 75.15 -2.37
C ILE M 44 4.11 75.21 -0.87
N GLN M 45 3.23 74.37 -0.34
CA GLN M 45 2.98 74.36 1.11
C GLN M 45 4.19 73.90 1.90
N LYS M 46 4.88 72.85 1.45
CA LYS M 46 6.08 72.40 2.15
C LYS M 46 7.17 73.45 2.12
N GLN M 47 7.25 74.23 1.04
CA GLN M 47 8.27 75.26 0.93
C GLN M 47 8.02 76.42 1.89
N GLY M 48 6.86 76.45 2.54
CA GLY M 48 6.50 77.55 3.40
C GLY M 48 5.77 78.67 2.69
N GLY M 49 5.59 78.57 1.38
CA GLY M 49 4.96 79.64 0.63
C GLY M 49 3.47 79.75 0.91
N LYS M 50 2.91 80.88 0.51
CA LYS M 50 1.49 81.16 0.64
C LYS M 50 0.85 81.17 -0.75
N ILE M 51 -0.22 80.39 -0.91
CA ILE M 51 -0.98 80.38 -2.15
C ILE M 51 -2.03 81.48 -2.06
N LEU M 52 -1.83 82.55 -2.83
CA LEU M 52 -2.67 83.72 -2.70
C LEU M 52 -4.08 83.48 -3.21
N SER M 53 -4.21 82.89 -4.40
CA SER M 53 -5.51 82.60 -4.96
C SER M 53 -5.34 81.66 -6.15
N VAL M 54 -6.34 80.81 -6.37
CA VAL M 54 -6.36 79.94 -7.55
C VAL M 54 -7.73 80.09 -8.20
N LYS M 55 -7.72 80.22 -9.53
CA LYS M 55 -8.94 80.29 -10.31
C LYS M 55 -8.95 79.17 -11.32
N MET M 56 -10.10 78.96 -11.95
CA MET M 56 -10.27 77.91 -12.94
C MET M 56 -10.18 78.55 -14.32
N VAL M 57 -9.31 78.02 -15.17
CA VAL M 57 -9.03 78.68 -16.45
C VAL M 57 -10.03 78.23 -17.50
N ALA M 58 -10.06 76.94 -17.81
CA ALA M 58 -10.94 76.43 -18.86
C ALA M 58 -12.22 75.85 -18.28
N SER N 2 65.96 15.84 0.88
CA SER N 2 65.94 16.49 2.18
C SER N 2 65.49 17.94 2.06
N VAL N 3 65.44 18.63 3.20
CA VAL N 3 65.08 20.04 3.19
C VAL N 3 66.10 20.86 2.42
N VAL N 4 67.38 20.54 2.60
CA VAL N 4 68.44 21.23 1.88
C VAL N 4 68.34 20.92 0.38
N THR N 5 67.92 19.71 0.02
CA THR N 5 67.66 19.40 -1.38
C THR N 5 66.58 20.30 -1.95
N LYS N 6 65.48 20.47 -1.20
CA LYS N 6 64.40 21.33 -1.65
C LYS N 6 64.86 22.76 -1.81
N ALA N 7 65.67 23.24 -0.86
CA ALA N 7 66.20 24.60 -0.95
C ALA N 7 67.08 24.75 -2.19
N ILE N 8 67.96 23.79 -2.45
CA ILE N 8 68.86 23.89 -3.58
C ILE N 8 68.09 23.87 -4.89
N VAL N 9 67.11 22.97 -5.01
CA VAL N 9 66.37 22.90 -6.27
C VAL N 9 65.48 24.13 -6.46
N SER N 10 64.92 24.65 -5.37
CA SER N 10 64.13 25.89 -5.48
C SER N 10 65.00 27.05 -5.92
N ALA N 11 66.22 27.14 -5.37
CA ALA N 11 67.15 28.19 -5.79
C ALA N 11 67.56 28.02 -7.24
N ASP N 12 67.87 26.78 -7.65
CA ASP N 12 68.44 26.56 -8.97
C ASP N 12 67.38 26.67 -10.05
N ALA N 13 66.11 26.42 -9.71
CA ALA N 13 65.03 26.58 -10.68
C ALA N 13 64.93 28.03 -11.15
N GLU N 14 65.01 28.97 -10.22
CA GLU N 14 65.01 30.39 -10.56
C GLU N 14 66.43 30.90 -10.84
N ALA N 15 67.44 30.07 -10.60
CA ALA N 15 68.84 30.36 -10.94
C ALA N 15 69.38 31.55 -10.15
N ARG N 16 69.37 31.44 -8.83
CA ARG N 16 69.92 32.46 -7.96
C ARG N 16 70.40 31.81 -6.67
N TYR N 17 71.20 32.55 -5.92
CA TYR N 17 71.68 32.07 -4.64
C TYR N 17 70.56 32.03 -3.62
N LEU N 18 70.74 31.20 -2.60
CA LEU N 18 69.71 31.05 -1.57
C LEU N 18 69.54 32.35 -0.79
N SER N 19 68.29 32.69 -0.52
CA SER N 19 67.95 33.89 0.23
C SER N 19 68.26 33.71 1.70
N PRO N 20 68.37 34.81 2.47
CA PRO N 20 68.64 34.66 3.91
C PRO N 20 67.61 33.82 4.63
N GLY N 21 66.33 33.92 4.26
CA GLY N 21 65.33 33.05 4.85
C GLY N 21 65.54 31.59 4.48
N GLU N 22 65.91 31.34 3.23
CA GLU N 22 66.20 29.98 2.81
C GLU N 22 67.39 29.42 3.58
N LEU N 23 68.41 30.24 3.81
CA LEU N 23 69.54 29.81 4.62
C LEU N 23 69.13 29.56 6.06
N ASP N 24 68.21 30.38 6.58
CA ASP N 24 67.70 30.19 7.93
C ASP N 24 66.97 28.86 8.05
N ARG N 25 66.23 28.47 7.02
CA ARG N 25 65.53 27.20 7.05
C ARG N 25 66.50 26.03 7.17
N ILE N 26 67.59 26.07 6.40
CA ILE N 26 68.61 25.03 6.51
C ILE N 26 69.29 25.08 7.87
N ARG N 27 69.47 26.28 8.41
CA ARG N 27 70.09 26.41 9.73
C ARG N 27 69.23 25.76 10.80
N GLY N 28 67.91 25.93 10.71
CA GLY N 28 67.03 25.23 11.64
C GLY N 28 67.02 23.73 11.42
N PHE N 29 67.08 23.31 10.15
CA PHE N 29 67.08 21.89 9.84
C PHE N 29 68.31 21.20 10.42
N VAL N 30 69.49 21.81 10.27
CA VAL N 30 70.70 21.19 10.79
C VAL N 30 70.70 21.20 12.31
N SER N 31 69.99 22.15 12.92
CA SER N 31 69.86 22.14 14.37
C SER N 31 68.97 20.99 14.84
N SER N 32 67.87 20.73 14.13
CA SER N 32 66.97 19.65 14.53
C SER N 32 67.51 18.28 14.09
N GLY N 33 68.56 18.27 13.28
CA GLY N 33 69.09 17.01 12.79
C GLY N 33 69.53 16.06 13.89
N GLU N 34 70.14 16.59 14.95
CA GLU N 34 70.62 15.71 16.02
C GLU N 34 69.48 14.97 16.70
N ARG N 35 68.40 15.70 17.05
CA ARG N 35 67.28 15.03 17.71
C ARG N 35 66.57 14.08 16.76
N ARG N 36 66.46 14.43 15.48
CA ARG N 36 65.84 13.50 14.53
C ARG N 36 66.68 12.24 14.36
N LEU N 37 68.01 12.38 14.40
CA LEU N 37 68.88 11.22 14.37
C LEU N 37 68.69 10.36 15.62
N ARG N 38 68.54 11.00 16.78
CA ARG N 38 68.20 10.26 17.99
C ARG N 38 66.95 9.43 17.79
N VAL N 39 65.89 10.06 17.28
CA VAL N 39 64.62 9.36 17.07
C VAL N 39 64.79 8.21 16.09
N ALA N 40 65.61 8.41 15.06
CA ALA N 40 65.88 7.33 14.12
C ALA N 40 66.55 6.15 14.79
N GLN N 41 67.53 6.42 15.67
CA GLN N 41 68.16 5.34 16.41
C GLN N 41 67.15 4.61 17.29
N THR N 42 66.17 5.33 17.84
CA THR N 42 65.14 4.69 18.64
C THR N 42 64.43 3.58 17.86
N LEU N 43 64.07 3.85 16.61
CA LEU N 43 63.47 2.80 15.78
C LEU N 43 64.51 1.79 15.35
N THR N 44 65.77 2.21 15.22
CA THR N 44 66.82 1.32 14.78
C THR N 44 67.06 0.17 15.76
N GLU N 45 67.12 0.49 17.05
CA GLU N 45 67.60 -0.51 18.01
C GLU N 45 66.68 -1.72 18.10
N SER N 46 65.37 -1.50 18.08
CA SER N 46 64.41 -2.56 18.40
C SER N 46 63.58 -2.99 17.19
N ARG N 47 64.06 -2.77 15.97
CA ARG N 47 63.23 -2.92 14.78
C ARG N 47 62.57 -4.30 14.71
N GLU N 48 63.24 -5.32 15.21
CA GLU N 48 62.67 -6.67 15.18
C GLU N 48 61.39 -6.73 16.01
N ARG N 49 61.37 -6.06 17.16
CA ARG N 49 60.16 -6.06 17.99
C ARG N 49 59.00 -5.40 17.27
N ILE N 50 59.25 -4.26 16.62
CA ILE N 50 58.20 -3.60 15.85
C ILE N 50 57.70 -4.53 14.73
N ILE N 51 58.61 -5.17 14.01
CA ILE N 51 58.21 -6.04 12.92
C ILE N 51 57.34 -7.19 13.44
N LYS N 52 57.78 -7.84 14.52
CA LYS N 52 57.06 -8.99 15.04
C LYS N 52 55.69 -8.61 15.58
N GLN N 53 55.61 -7.53 16.35
CA GLN N 53 54.33 -7.15 16.92
C GLN N 53 53.37 -6.71 15.83
N ALA N 54 53.86 -5.96 14.83
CA ALA N 54 53.01 -5.55 13.73
C ALA N 54 52.51 -6.75 12.93
N GLY N 55 53.37 -7.75 12.72
CA GLY N 55 52.94 -8.96 12.05
C GLY N 55 51.86 -9.69 12.81
N ASP N 56 52.03 -9.83 14.13
CA ASP N 56 51.01 -10.51 14.93
C ASP N 56 49.71 -9.72 14.93
N GLN N 57 49.79 -8.39 15.03
CA GLN N 57 48.61 -7.54 15.02
C GLN N 57 47.86 -7.68 13.69
N LEU N 58 48.58 -7.66 12.57
CA LEU N 58 47.93 -7.83 11.27
C LEU N 58 47.32 -9.21 11.15
N PHE N 59 48.02 -10.25 11.61
CA PHE N 59 47.53 -11.60 11.48
C PHE N 59 46.24 -11.82 12.28
N GLN N 60 46.18 -11.29 13.50
CA GLN N 60 44.98 -11.47 14.30
C GLN N 60 43.86 -10.55 13.83
N LYS N 61 44.20 -9.35 13.35
CA LYS N 61 43.18 -8.39 12.97
C LYS N 61 42.49 -8.81 11.67
N ARG N 62 43.26 -9.29 10.70
CA ARG N 62 42.74 -9.61 9.37
C ARG N 62 42.82 -11.12 9.15
N PRO N 63 41.72 -11.85 9.39
CA PRO N 63 41.82 -13.31 9.35
C PRO N 63 41.98 -13.89 7.95
N ASP N 64 41.41 -13.25 6.93
CA ASP N 64 41.37 -13.87 5.61
C ASP N 64 42.76 -14.03 5.01
N LEU N 65 43.67 -13.11 5.34
CA LEU N 65 45.03 -13.18 4.82
C LEU N 65 45.72 -14.48 5.27
N VAL N 66 45.52 -14.87 6.52
CA VAL N 66 46.20 -16.04 7.04
C VAL N 66 45.37 -17.30 6.79
N SER N 67 44.09 -17.13 6.49
CA SER N 67 43.22 -18.27 6.29
C SER N 67 43.59 -19.00 5.00
N PRO N 68 43.26 -20.29 4.89
CA PRO N 68 43.49 -21.00 3.63
C PRO N 68 42.76 -20.32 2.48
N GLY N 69 43.44 -20.23 1.35
CA GLY N 69 42.95 -19.43 0.25
C GLY N 69 43.23 -17.95 0.39
N GLY N 70 43.85 -17.53 1.49
CA GLY N 70 44.18 -16.13 1.67
C GLY N 70 45.48 -15.75 1.01
N ASN N 71 45.78 -14.46 1.05
CA ASN N 71 46.96 -13.96 0.36
C ASN N 71 48.23 -14.36 1.10
N ALA N 72 48.24 -14.26 2.43
CA ALA N 72 49.43 -14.53 3.23
C ALA N 72 49.62 -15.99 3.58
N TYR N 73 48.72 -16.87 3.15
CA TYR N 73 48.74 -18.25 3.58
C TYR N 73 50.04 -18.93 3.14
N GLY N 74 50.69 -19.61 4.07
CA GLY N 74 51.94 -20.29 3.81
C GLY N 74 53.09 -19.67 4.59
N ALA N 75 54.11 -20.49 4.85
CA ALA N 75 55.28 -20.02 5.59
C ALA N 75 56.09 -19.02 4.77
N GLU N 76 56.38 -19.35 3.52
CA GLU N 76 57.15 -18.44 2.67
C GLU N 76 56.37 -17.17 2.38
N ARG N 77 55.04 -17.28 2.28
CA ARG N 77 54.22 -16.09 2.08
C ARG N 77 54.29 -15.18 3.29
N THR N 78 54.26 -15.76 4.49
CA THR N 78 54.44 -14.98 5.71
C THR N 78 55.82 -14.34 5.76
N ALA N 79 56.85 -15.06 5.31
CA ALA N 79 58.19 -14.49 5.25
C ALA N 79 58.21 -13.27 4.33
N SER N 80 57.57 -13.37 3.18
CA SER N 80 57.49 -12.22 2.27
C SER N 80 56.74 -11.05 2.91
N CYS N 81 55.67 -11.36 3.65
CA CYS N 81 54.93 -10.31 4.35
C CYS N 81 55.83 -9.57 5.34
N LEU N 82 56.56 -10.32 6.16
CA LEU N 82 57.47 -9.71 7.13
C LEU N 82 58.56 -8.92 6.42
N ARG N 83 59.04 -9.43 5.29
CA ARG N 83 60.07 -8.74 4.51
C ARG N 83 59.56 -7.39 4.01
N ASP N 84 58.32 -7.34 3.54
CA ASP N 84 57.74 -6.06 3.11
C ASP N 84 57.60 -5.10 4.29
N LEU N 85 57.19 -5.63 5.45
CA LEU N 85 57.11 -4.79 6.64
C LEU N 85 58.47 -4.20 7.00
N ASP N 86 59.52 -5.02 6.91
CA ASP N 86 60.87 -4.54 7.18
C ASP N 86 61.28 -3.45 6.19
N TYR N 87 60.97 -3.65 4.91
CA TYR N 87 61.25 -2.62 3.91
C TYR N 87 60.61 -1.29 4.32
N TYR N 88 59.34 -1.32 4.71
CA TYR N 88 58.65 -0.07 4.97
C TYR N 88 59.13 0.58 6.26
N LEU N 89 59.49 -0.21 7.27
CA LEU N 89 60.06 0.38 8.48
C LEU N 89 61.38 1.08 8.17
N ARG N 90 62.23 0.42 7.38
CA ARG N 90 63.50 1.02 7.00
C ARG N 90 63.27 2.30 6.20
N LEU N 91 62.25 2.31 5.34
CA LEU N 91 61.92 3.51 4.58
C LEU N 91 61.46 4.64 5.48
N VAL N 92 60.68 4.33 6.52
CA VAL N 92 60.26 5.36 7.46
C VAL N 92 61.48 5.94 8.18
N THR N 93 62.43 5.09 8.56
CA THR N 93 63.65 5.59 9.19
C THR N 93 64.45 6.48 8.24
N PHE N 94 64.52 6.09 6.97
CA PHE N 94 65.14 6.95 5.95
C PHE N 94 64.48 8.31 5.91
N GLY N 95 63.14 8.33 5.94
CA GLY N 95 62.43 9.61 5.93
C GLY N 95 62.71 10.43 7.17
N ILE N 96 62.86 9.77 8.32
CA ILE N 96 63.14 10.48 9.56
C ILE N 96 64.51 11.15 9.49
N VAL N 97 65.54 10.41 9.07
CA VAL N 97 66.86 11.00 8.98
C VAL N 97 66.89 12.08 7.91
N ALA N 98 66.14 11.89 6.82
CA ALA N 98 66.17 12.85 5.73
C ALA N 98 65.59 14.21 6.16
N GLY N 99 64.68 14.20 7.12
CA GLY N 99 63.99 15.40 7.52
C GLY N 99 62.84 15.78 6.62
N ASP N 100 62.58 14.99 5.57
CA ASP N 100 61.47 15.25 4.66
C ASP N 100 60.90 13.90 4.26
N VAL N 101 59.81 13.95 3.47
CA VAL N 101 59.13 12.73 3.06
C VAL N 101 59.71 12.12 1.79
N THR N 102 60.63 12.83 1.11
CA THR N 102 61.00 12.44 -0.25
C THR N 102 61.42 10.98 -0.40
N PRO N 103 62.35 10.43 0.40
CA PRO N 103 62.75 9.03 0.18
C PRO N 103 61.58 8.08 0.22
N ILE N 104 60.56 8.38 1.03
CA ILE N 104 59.36 7.57 1.03
C ILE N 104 58.77 7.51 -0.37
N GLU N 105 58.62 8.66 -1.05
CA GLU N 105 58.18 8.60 -2.44
C GLU N 105 59.12 7.76 -3.29
N GLU N 106 60.37 8.20 -3.50
CA GLU N 106 61.10 7.56 -4.60
C GLU N 106 61.47 6.13 -4.28
N ILE N 107 61.22 5.66 -3.06
CA ILE N 107 61.53 4.27 -2.76
C ILE N 107 60.26 3.42 -2.73
N GLY N 108 59.24 3.85 -2.01
CA GLY N 108 58.05 3.02 -1.86
C GLY N 108 56.83 3.55 -2.57
N VAL N 109 56.63 4.86 -2.58
CA VAL N 109 55.33 5.39 -2.95
C VAL N 109 55.10 5.29 -4.46
N ILE N 110 56.09 5.67 -5.25
CA ILE N 110 55.90 5.76 -6.69
C ILE N 110 55.85 4.36 -7.30
N GLY N 111 54.75 4.07 -8.00
CA GLY N 111 54.54 2.78 -8.62
C GLY N 111 54.34 1.62 -7.66
N VAL N 112 53.60 1.85 -6.56
CA VAL N 112 53.40 0.78 -5.59
C VAL N 112 52.09 0.05 -5.85
N LYS N 113 51.06 0.78 -6.31
CA LYS N 113 49.75 0.16 -6.49
C LYS N 113 49.80 -0.95 -7.53
N GLU N 114 50.41 -0.69 -8.68
CA GLU N 114 50.57 -1.73 -9.69
C GLU N 114 51.49 -2.84 -9.21
N MET N 115 52.50 -2.48 -8.40
CA MET N 115 53.45 -3.46 -7.91
C MET N 115 52.78 -4.49 -6.99
N TYR N 116 51.86 -4.02 -6.13
CA TYR N 116 51.01 -4.95 -5.38
C TYR N 116 49.98 -5.64 -6.27
N ARG N 117 49.47 -4.95 -7.28
CA ARG N 117 48.49 -5.58 -8.17
C ARG N 117 49.08 -6.78 -8.88
N ASN N 118 50.38 -6.74 -9.17
CA ASN N 118 51.00 -7.90 -9.81
C ASN N 118 51.18 -9.06 -8.83
N LEU N 119 51.05 -8.79 -7.53
CA LEU N 119 51.27 -9.80 -6.50
C LEU N 119 49.97 -10.26 -5.84
N GLU N 120 48.82 -9.86 -6.37
CA GLU N 120 47.52 -10.17 -5.78
C GLU N 120 47.48 -9.76 -4.31
N VAL N 121 48.00 -8.57 -4.02
CA VAL N 121 48.09 -8.04 -2.67
C VAL N 121 47.04 -6.96 -2.50
N PRO N 122 46.02 -7.17 -1.67
CA PRO N 122 45.03 -6.12 -1.43
C PRO N 122 45.65 -4.89 -0.81
N LEU N 123 45.16 -3.73 -1.23
CA LEU N 123 45.57 -2.48 -0.61
C LEU N 123 45.21 -2.39 0.86
N PRO N 124 44.00 -2.78 1.32
CA PRO N 124 43.70 -2.67 2.75
C PRO N 124 44.65 -3.46 3.65
N GLY N 125 45.23 -4.55 3.15
CA GLY N 125 46.25 -5.24 3.91
C GLY N 125 47.41 -4.33 4.26
N MET N 126 47.91 -3.58 3.28
CA MET N 126 48.97 -2.60 3.53
C MET N 126 48.49 -1.42 4.37
N VAL N 127 47.25 -0.99 4.19
CA VAL N 127 46.77 0.11 5.03
C VAL N 127 46.76 -0.30 6.48
N GLU N 128 46.26 -1.51 6.78
CA GLU N 128 46.24 -2.00 8.15
C GLU N 128 47.65 -2.29 8.66
N ALA N 129 48.53 -2.78 7.78
CA ALA N 129 49.92 -2.99 8.19
C ALA N 129 50.57 -1.69 8.62
N VAL N 130 50.35 -0.62 7.86
CA VAL N 130 50.92 0.68 8.21
C VAL N 130 50.27 1.22 9.48
N LYS N 131 48.98 0.96 9.67
CA LYS N 131 48.33 1.41 10.91
C LYS N 131 48.92 0.72 12.12
N ALA N 132 49.09 -0.60 12.07
CA ALA N 132 49.71 -1.31 13.19
C ALA N 132 51.16 -0.87 13.37
N MET N 133 51.85 -0.61 12.26
CA MET N 133 53.24 -0.17 12.32
C MET N 133 53.35 1.17 13.04
N LYS N 134 52.47 2.11 12.69
CA LYS N 134 52.41 3.39 13.38
C LYS N 134 52.07 3.23 14.84
N SER N 135 51.09 2.37 15.15
CA SER N 135 50.68 2.18 16.54
C SER N 135 51.85 1.71 17.39
N VAL N 136 52.53 0.65 16.95
CA VAL N 136 53.66 0.12 17.72
C VAL N 136 54.82 1.10 17.75
N ALA N 137 55.07 1.82 16.64
CA ALA N 137 56.18 2.76 16.61
C ALA N 137 55.95 3.92 17.57
N THR N 138 54.72 4.47 17.58
CA THR N 138 54.42 5.58 18.47
C THR N 138 54.28 5.12 19.91
N GLY N 139 54.01 3.84 20.13
CA GLY N 139 54.03 3.31 21.49
C GLY N 139 55.41 3.43 22.12
N LEU N 140 56.46 3.20 21.33
CA LEU N 140 57.82 3.26 21.87
C LEU N 140 58.25 4.71 22.09
N LEU N 141 57.88 5.61 21.18
CA LEU N 141 58.40 6.97 21.22
C LEU N 141 57.59 7.85 22.18
N SER N 142 58.27 8.86 22.70
CA SER N 142 57.61 9.90 23.47
C SER N 142 56.77 10.77 22.54
N GLY N 143 55.84 11.52 23.14
CA GLY N 143 54.84 12.23 22.36
C GLY N 143 55.45 13.20 21.35
N ASP N 144 56.49 13.91 21.76
CA ASP N 144 57.14 14.86 20.85
C ASP N 144 57.72 14.14 19.64
N ASP N 145 58.39 13.01 19.87
CA ASP N 145 58.87 12.20 18.75
C ASP N 145 57.73 11.43 18.10
N SER N 146 56.73 11.05 18.90
CA SER N 146 55.61 10.27 18.39
C SER N 146 54.87 11.02 17.29
N ALA N 147 54.57 12.30 17.51
CA ALA N 147 53.85 13.07 16.50
C ALA N 147 54.70 13.24 15.24
N GLU N 148 56.00 13.52 15.41
CA GLU N 148 56.87 13.76 14.28
C GLU N 148 56.97 12.52 13.39
N VAL N 149 57.07 11.35 14.00
CA VAL N 149 57.21 10.12 13.22
C VAL N 149 55.84 9.65 12.71
N GLY N 150 54.78 9.93 13.47
CA GLY N 150 53.46 9.58 13.02
C GLY N 150 53.02 10.41 11.83
N TYR N 151 53.58 11.60 11.68
CA TYR N 151 53.36 12.36 10.45
C TYR N 151 53.86 11.58 9.24
N TYR N 152 55.04 10.99 9.33
CA TYR N 152 55.57 10.18 8.24
C TYR N 152 54.73 8.94 8.01
N PHE N 153 54.33 8.25 9.09
CA PHE N 153 53.47 7.08 8.92
C PHE N 153 52.13 7.44 8.29
N ASP N 154 51.52 8.54 8.72
CA ASP N 154 50.25 8.95 8.15
C ASP N 154 50.39 9.31 6.68
N TYR N 155 51.48 9.99 6.32
CA TYR N 155 51.71 10.30 4.91
C TYR N 155 51.88 9.03 4.10
N LEU N 156 52.63 8.06 4.62
CA LEU N 156 52.82 6.81 3.90
C LEU N 156 51.51 6.07 3.73
N ALA N 157 50.69 6.02 4.79
CA ALA N 157 49.40 5.34 4.70
C ALA N 157 48.48 6.02 3.71
N GLY N 158 48.43 7.35 3.73
CA GLY N 158 47.59 8.07 2.78
C GLY N 158 48.05 7.88 1.34
N ALA N 159 49.37 7.93 1.11
CA ALA N 159 49.88 7.72 -0.24
C ALA N 159 49.58 6.31 -0.73
N LEU N 160 49.75 5.31 0.14
CA LEU N 160 49.46 3.94 -0.25
C LEU N 160 47.97 3.74 -0.47
N ALA N 161 47.14 4.33 0.39
CA ALA N 161 45.69 4.21 0.26
C ALA N 161 45.16 5.27 -0.71
N SER O 2 57.65 39.11 4.71
CA SER O 2 57.45 38.65 6.08
C SER O 2 57.59 37.14 6.17
N VAL O 3 57.97 36.65 7.34
CA VAL O 3 58.13 35.21 7.53
C VAL O 3 56.79 34.50 7.38
N VAL O 4 55.74 35.05 8.01
CA VAL O 4 54.41 34.46 7.91
C VAL O 4 53.92 34.49 6.46
N THR O 5 54.09 35.62 5.79
CA THR O 5 53.67 35.73 4.40
C THR O 5 54.44 34.76 3.51
N LYS O 6 55.75 34.64 3.74
CA LYS O 6 56.54 33.70 2.97
C LYS O 6 56.06 32.27 3.16
N ALA O 7 55.81 31.87 4.41
CA ALA O 7 55.35 30.52 4.68
C ALA O 7 53.97 30.27 4.06
N ILE O 8 53.07 31.25 4.15
CA ILE O 8 51.74 31.10 3.59
C ILE O 8 51.81 30.98 2.07
N VAL O 9 52.65 31.79 1.44
CA VAL O 9 52.81 31.72 -0.01
C VAL O 9 53.39 30.37 -0.43
N SER O 10 54.40 29.90 0.29
CA SER O 10 54.97 28.59 -0.01
C SER O 10 53.94 27.49 0.14
N ALA O 11 53.14 27.55 1.22
CA ALA O 11 52.11 26.53 1.42
C ALA O 11 51.04 26.58 0.33
N ASP O 12 50.65 27.78 -0.06
CA ASP O 12 49.65 27.92 -1.13
C ASP O 12 50.21 27.43 -2.46
N ALA O 13 51.54 27.47 -2.61
CA ALA O 13 52.15 26.98 -3.85
C ALA O 13 51.85 25.50 -4.06
N GLU O 14 51.99 24.68 -3.03
CA GLU O 14 51.59 23.27 -3.11
C GLU O 14 50.15 23.04 -2.66
N ALA O 15 49.39 24.09 -2.40
CA ALA O 15 47.97 23.99 -2.08
C ALA O 15 47.74 23.11 -0.85
N ARG O 16 48.48 23.39 0.22
CA ARG O 16 48.40 22.62 1.45
C ARG O 16 48.40 23.55 2.64
N TYR O 17 47.92 23.04 3.76
CA TYR O 17 48.06 23.76 5.02
C TYR O 17 49.52 23.79 5.44
N LEU O 18 49.87 24.74 6.29
CA LEU O 18 51.25 24.88 6.71
C LEU O 18 51.68 23.67 7.53
N SER O 19 52.87 23.15 7.24
CA SER O 19 53.41 21.98 7.91
C SER O 19 53.89 22.34 9.31
N PRO O 20 54.08 21.35 10.19
CA PRO O 20 54.62 21.67 11.53
C PRO O 20 55.94 22.40 11.49
N GLY O 21 56.78 22.15 10.49
CA GLY O 21 58.00 22.90 10.37
C GLY O 21 57.75 24.39 10.13
N GLU O 22 56.87 24.71 9.20
CA GLU O 22 56.55 26.12 8.97
C GLU O 22 55.87 26.73 10.19
N LEU O 23 55.05 25.95 10.89
CA LEU O 23 54.37 26.47 12.07
C LEU O 23 55.34 26.78 13.20
N ASP O 24 56.32 25.90 13.45
CA ASP O 24 57.25 26.18 14.53
C ASP O 24 58.26 27.24 14.12
N ARG O 25 58.52 27.38 12.82
CA ARG O 25 59.27 28.52 12.33
C ARG O 25 58.54 29.83 12.63
N ILE O 26 57.23 29.85 12.39
CA ILE O 26 56.44 31.03 12.74
C ILE O 26 56.46 31.26 14.24
N ARG O 27 56.41 30.19 15.03
CA ARG O 27 56.48 30.34 16.48
C ARG O 27 57.79 30.98 16.91
N GLY O 28 58.91 30.52 16.33
CA GLY O 28 60.18 31.13 16.64
C GLY O 28 60.26 32.58 16.20
N PHE O 29 59.63 32.90 15.06
CA PHE O 29 59.63 34.28 14.59
C PHE O 29 58.81 35.18 15.52
N VAL O 30 57.66 34.69 15.98
CA VAL O 30 56.79 35.48 16.83
C VAL O 30 57.39 35.66 18.22
N SER O 31 58.01 34.60 18.76
CA SER O 31 58.63 34.71 20.07
C SER O 31 59.78 35.71 20.05
N SER O 32 60.57 35.69 18.99
CA SER O 32 61.73 36.57 18.85
C SER O 32 61.36 37.95 18.34
N GLY O 33 60.10 38.37 18.45
CA GLY O 33 59.72 39.69 17.97
C GLY O 33 60.35 40.80 18.78
N GLU O 34 60.34 40.67 20.11
CA GLU O 34 60.78 41.76 20.97
C GLU O 34 62.22 42.19 20.66
N ARG O 35 63.12 41.22 20.46
CA ARG O 35 64.49 41.56 20.12
C ARG O 35 64.57 42.24 18.76
N ARG O 36 63.73 41.83 17.82
CA ARG O 36 63.73 42.47 16.50
C ARG O 36 63.29 43.92 16.59
N LEU O 37 62.27 44.20 17.41
CA LEU O 37 61.85 45.58 17.62
C LEU O 37 62.92 46.40 18.33
N ARG O 38 63.64 45.81 19.28
CA ARG O 38 64.74 46.54 19.93
C ARG O 38 65.88 46.82 18.95
N VAL O 39 66.18 45.86 18.07
CA VAL O 39 67.19 46.09 17.05
C VAL O 39 66.74 47.21 16.11
N ALA O 40 65.46 47.23 15.77
CA ALA O 40 64.94 48.33 14.95
C ALA O 40 65.09 49.66 15.66
N GLN O 41 64.77 49.70 16.97
CA GLN O 41 65.11 50.86 17.79
C GLN O 41 66.55 51.31 17.53
N THR O 42 67.51 50.44 17.85
CA THR O 42 68.92 50.86 17.88
C THR O 42 69.33 51.52 16.58
N LEU O 43 68.91 50.97 15.43
CA LEU O 43 69.19 51.62 14.16
C LEU O 43 68.33 52.86 13.95
N THR O 44 67.21 52.96 14.69
CA THR O 44 66.36 54.14 14.52
C THR O 44 66.94 55.38 15.20
N GLU O 45 67.43 55.25 16.44
CA GLU O 45 67.99 56.44 17.09
C GLU O 45 69.36 56.80 16.56
N SER O 46 70.06 55.86 15.92
CA SER O 46 71.43 56.09 15.46
C SER O 46 71.48 56.71 14.07
N ARG O 47 70.44 57.46 13.73
CA ARG O 47 70.18 57.84 12.34
C ARG O 47 71.36 58.55 11.70
N GLU O 48 71.69 59.74 12.22
CA GLU O 48 72.69 60.58 11.58
C GLU O 48 74.06 59.96 11.70
N ARG O 49 74.31 59.23 12.78
CA ARG O 49 75.62 58.59 12.94
C ARG O 49 75.88 57.64 11.77
N ILE O 50 74.96 56.73 11.50
CA ILE O 50 75.13 55.80 10.40
C ILE O 50 75.18 56.54 9.07
N ILE O 51 74.25 57.48 8.86
CA ILE O 51 74.21 58.16 7.57
C ILE O 51 75.53 58.87 7.29
N LYS O 52 76.01 59.68 8.25
CA LYS O 52 77.20 60.49 8.03
C LYS O 52 78.43 59.61 7.92
N GLN O 53 78.59 58.63 8.81
CA GLN O 53 79.78 57.80 8.75
C GLN O 53 79.84 57.00 7.45
N ALA O 54 78.70 56.46 7.00
CA ALA O 54 78.69 55.73 5.74
C ALA O 54 79.01 56.65 4.56
N GLY O 55 78.44 57.86 4.57
CA GLY O 55 78.76 58.79 3.50
C GLY O 55 80.23 59.15 3.45
N ASP O 56 80.83 59.41 4.62
CA ASP O 56 82.26 59.73 4.65
C ASP O 56 83.10 58.56 4.20
N GLN O 57 82.79 57.34 4.66
CA GLN O 57 83.57 56.18 4.24
C GLN O 57 83.47 55.97 2.74
N LEU O 58 82.26 56.12 2.17
CA LEU O 58 82.11 55.98 0.73
C LEU O 58 82.91 57.04 -0.01
N PHE O 59 82.88 58.28 0.48
CA PHE O 59 83.54 59.37 -0.23
C PHE O 59 85.05 59.30 -0.07
N GLN O 60 85.55 58.62 0.96
CA GLN O 60 86.98 58.33 1.03
C GLN O 60 87.34 57.19 0.07
N LYS O 61 86.56 56.11 0.10
CA LYS O 61 86.81 55.02 -0.84
C LYS O 61 86.61 55.45 -2.28
N ARG O 62 85.57 56.24 -2.54
CA ARG O 62 85.25 56.72 -3.89
C ARG O 62 85.07 58.23 -3.85
N PRO O 63 86.17 58.99 -3.78
CA PRO O 63 86.04 60.45 -3.87
C PRO O 63 85.55 60.92 -5.22
N ASP O 64 85.64 60.05 -6.23
CA ASP O 64 85.26 60.42 -7.58
C ASP O 64 83.78 60.74 -7.70
N LEU O 65 82.95 60.20 -6.80
CA LEU O 65 81.55 60.55 -6.81
C LEU O 65 81.34 62.04 -6.54
N VAL O 66 82.10 62.59 -5.58
CA VAL O 66 82.02 64.01 -5.28
C VAL O 66 82.95 64.84 -6.16
N SER O 67 83.90 64.20 -6.84
CA SER O 67 84.80 64.90 -7.74
C SER O 67 84.02 65.45 -8.95
N PRO O 68 84.53 66.51 -9.58
CA PRO O 68 83.89 67.01 -10.80
C PRO O 68 83.75 65.92 -11.84
N GLY O 69 82.59 65.88 -12.49
CA GLY O 69 82.23 64.77 -13.34
C GLY O 69 81.58 63.62 -12.62
N GLY O 70 81.67 63.57 -11.30
CA GLY O 70 80.99 62.55 -10.54
C GLY O 70 79.51 62.82 -10.41
N ASN O 71 78.77 61.76 -10.06
CA ASN O 71 77.32 61.90 -9.97
C ASN O 71 76.92 62.63 -8.70
N ALA O 72 77.65 62.41 -7.62
CA ALA O 72 77.39 63.09 -6.35
C ALA O 72 78.08 64.45 -6.24
N TYR O 73 78.55 65.01 -7.35
CA TYR O 73 79.18 66.32 -7.32
C TYR O 73 78.16 67.40 -6.96
N GLY O 74 78.54 68.26 -6.05
CA GLY O 74 77.66 69.34 -5.65
C GLY O 74 76.95 69.04 -4.34
N ALA O 75 76.37 70.09 -3.75
CA ALA O 75 75.67 69.92 -2.48
C ALA O 75 74.36 69.17 -2.65
N GLU O 76 73.56 69.54 -3.65
CA GLU O 76 72.26 68.92 -3.84
C GLU O 76 72.38 67.44 -4.19
N ARG O 77 73.34 67.11 -5.05
CA ARG O 77 73.49 65.73 -5.49
C ARG O 77 74.03 64.85 -4.37
N THR O 78 74.94 65.40 -3.57
CA THR O 78 75.42 64.66 -2.39
C THR O 78 74.28 64.48 -1.37
N ALA O 79 73.42 65.49 -1.23
CA ALA O 79 72.25 65.36 -0.38
C ALA O 79 71.34 64.26 -0.89
N SER O 80 71.18 64.15 -2.21
CA SER O 80 70.38 63.07 -2.78
C SER O 80 71.02 61.71 -2.51
N CYS O 81 72.35 61.65 -2.60
CA CYS O 81 73.06 60.43 -2.21
C CYS O 81 72.75 60.02 -0.78
N LEU O 82 72.82 60.97 0.15
CA LEU O 82 72.55 60.64 1.55
C LEU O 82 71.08 60.31 1.76
N ARG O 83 70.20 60.92 0.96
CA ARG O 83 68.78 60.57 1.00
C ARG O 83 68.56 59.13 0.57
N ASP O 84 69.25 58.69 -0.48
CA ASP O 84 69.18 57.30 -0.90
C ASP O 84 69.68 56.38 0.20
N LEU O 85 70.77 56.76 0.87
CA LEU O 85 71.28 55.94 1.97
C LEU O 85 70.26 55.84 3.09
N ASP O 86 69.59 56.95 3.40
CA ASP O 86 68.54 56.94 4.43
C ASP O 86 67.40 56.03 4.01
N TYR O 87 67.01 56.07 2.73
CA TYR O 87 66.00 55.15 2.22
C TYR O 87 66.38 53.71 2.49
N TYR O 88 67.62 53.35 2.16
CA TYR O 88 68.00 51.95 2.28
C TYR O 88 68.16 51.52 3.73
N LEU O 89 68.57 52.45 4.61
CA LEU O 89 68.59 52.16 6.03
C LEU O 89 67.18 51.89 6.56
N ARG O 90 66.21 52.69 6.11
CA ARG O 90 64.82 52.46 6.50
C ARG O 90 64.34 51.11 5.99
N LEU O 91 64.71 50.76 4.76
CA LEU O 91 64.34 49.45 4.22
C LEU O 91 64.94 48.32 5.05
N VAL O 92 66.19 48.50 5.49
CA VAL O 92 66.83 47.47 6.31
C VAL O 92 66.09 47.30 7.62
N THR O 93 65.71 48.41 8.27
CA THR O 93 64.93 48.32 9.50
C THR O 93 63.59 47.63 9.26
N PHE O 94 62.94 47.94 8.14
CA PHE O 94 61.70 47.27 7.79
C PHE O 94 61.91 45.77 7.65
N GLY O 95 63.01 45.38 7.00
CA GLY O 95 63.33 43.96 6.91
C GLY O 95 63.54 43.33 8.27
N ILE O 96 64.23 44.04 9.16
CA ILE O 96 64.52 43.49 10.49
C ILE O 96 63.23 43.21 11.24
N VAL O 97 62.29 44.15 11.19
CA VAL O 97 61.01 43.89 11.87
C VAL O 97 60.23 42.80 11.13
N ALA O 98 60.37 42.72 9.81
CA ALA O 98 59.59 41.76 9.04
C ALA O 98 60.11 40.34 9.24
N GLY O 99 61.39 40.21 9.59
CA GLY O 99 62.01 38.91 9.67
C GLY O 99 62.45 38.33 8.36
N ASP O 100 62.33 39.08 7.27
CA ASP O 100 62.75 38.64 5.95
C ASP O 100 63.04 39.87 5.10
N VAL O 101 63.74 39.67 4.00
CA VAL O 101 64.22 40.78 3.17
C VAL O 101 63.15 41.18 2.16
N THR O 102 61.93 40.70 2.34
CA THR O 102 60.84 41.05 1.42
C THR O 102 60.58 42.55 1.33
N PRO O 103 60.48 43.31 2.43
CA PRO O 103 60.32 44.77 2.27
C PRO O 103 61.43 45.40 1.47
N ILE O 104 62.68 45.02 1.74
CA ILE O 104 63.81 45.57 1.00
C ILE O 104 63.67 45.27 -0.48
N GLU O 105 63.41 44.00 -0.81
CA GLU O 105 63.23 43.63 -2.22
C GLU O 105 62.13 44.45 -2.87
N GLU O 106 60.91 44.32 -2.36
CA GLU O 106 59.74 44.89 -3.04
C GLU O 106 59.82 46.40 -3.11
N ILE O 107 60.57 47.04 -2.20
CA ILE O 107 60.52 48.49 -2.13
C ILE O 107 61.69 49.12 -2.87
N GLY O 108 62.89 48.52 -2.76
CA GLY O 108 64.03 49.15 -3.39
C GLY O 108 65.00 48.25 -4.13
N VAL O 109 64.60 47.04 -4.52
CA VAL O 109 65.49 46.16 -5.28
C VAL O 109 64.99 45.83 -6.67
N ILE O 110 63.68 45.74 -6.88
CA ILE O 110 63.12 45.41 -8.18
C ILE O 110 63.17 46.66 -9.05
N GLY O 111 63.96 46.62 -10.11
CA GLY O 111 64.11 47.76 -10.98
C GLY O 111 65.10 48.80 -10.52
N VAL O 112 65.89 48.51 -9.48
CA VAL O 112 66.90 49.46 -9.02
C VAL O 112 67.96 49.65 -10.09
N LYS O 113 68.20 48.61 -10.90
CA LYS O 113 69.17 48.67 -11.97
C LYS O 113 68.76 49.72 -13.00
N GLU O 114 67.51 49.66 -13.47
CA GLU O 114 67.02 50.62 -14.45
C GLU O 114 66.90 52.01 -13.85
N MET O 115 66.49 52.11 -12.59
CA MET O 115 66.43 53.40 -11.92
C MET O 115 67.79 54.09 -11.91
N TYR O 116 68.81 53.38 -11.44
CA TYR O 116 70.12 54.01 -11.29
C TYR O 116 70.80 54.16 -12.65
N ARG O 117 70.37 53.39 -13.64
CA ARG O 117 70.79 53.65 -15.01
C ARG O 117 70.18 54.94 -15.54
N ASN O 118 68.92 55.20 -15.18
CA ASN O 118 68.29 56.45 -15.58
C ASN O 118 68.78 57.62 -14.74
N LEU O 119 69.52 57.34 -13.68
CA LEU O 119 70.10 58.45 -12.91
C LEU O 119 71.61 58.56 -13.09
N GLU O 120 72.20 57.74 -13.96
CA GLU O 120 73.66 57.53 -14.11
C GLU O 120 74.33 57.09 -12.82
N VAL O 121 73.58 56.62 -11.83
CA VAL O 121 74.23 56.28 -10.55
C VAL O 121 75.09 55.03 -10.74
N PRO O 122 76.36 55.06 -10.35
CA PRO O 122 77.19 53.86 -10.45
C PRO O 122 76.79 52.85 -9.38
N LEU O 123 76.37 51.67 -9.82
CA LEU O 123 75.99 50.58 -8.93
C LEU O 123 77.13 50.17 -8.01
N PRO O 124 78.39 50.08 -8.48
CA PRO O 124 79.49 49.82 -7.53
C PRO O 124 79.59 50.85 -6.42
N GLY O 125 79.32 52.13 -6.72
CA GLY O 125 79.31 53.13 -5.66
C GLY O 125 78.23 52.87 -4.62
N MET O 126 77.05 52.47 -5.09
CA MET O 126 75.98 52.11 -4.17
C MET O 126 76.37 50.91 -3.32
N VAL O 127 77.05 49.93 -3.92
CA VAL O 127 77.52 48.76 -3.18
C VAL O 127 78.52 49.18 -2.11
N GLU O 128 79.43 50.09 -2.45
CA GLU O 128 80.40 50.57 -1.47
C GLU O 128 79.69 51.29 -0.32
N ALA O 129 78.68 52.10 -0.64
CA ALA O 129 77.93 52.78 0.41
C ALA O 129 77.19 51.78 1.29
N VAL O 130 76.64 50.74 0.70
CA VAL O 130 75.95 49.70 1.47
C VAL O 130 76.92 49.00 2.40
N LYS O 131 78.14 48.71 1.92
CA LYS O 131 79.13 48.08 2.78
C LYS O 131 79.54 49.00 3.93
N ALA O 132 79.66 50.30 3.65
CA ALA O 132 79.95 51.26 4.71
C ALA O 132 78.86 51.25 5.78
N MET O 133 77.60 51.24 5.34
CA MET O 133 76.48 51.15 6.29
C MET O 133 76.51 49.85 7.07
N LYS O 134 76.84 48.74 6.39
CA LYS O 134 77.00 47.47 7.07
C LYS O 134 78.02 47.57 8.19
N SER O 135 79.19 48.16 7.89
CA SER O 135 80.23 48.30 8.91
C SER O 135 79.75 49.14 10.09
N VAL O 136 79.15 50.30 9.81
CA VAL O 136 78.70 51.16 10.89
C VAL O 136 77.63 50.47 11.74
N ALA O 137 76.63 49.87 11.08
CA ALA O 137 75.54 49.24 11.81
C ALA O 137 76.02 48.06 12.64
N THR O 138 76.93 47.26 12.10
CA THR O 138 77.50 46.16 12.87
C THR O 138 78.32 46.71 14.04
N GLY O 139 78.91 47.89 13.87
CA GLY O 139 79.55 48.54 15.00
C GLY O 139 78.57 48.91 16.10
N LEU O 140 77.41 49.44 15.71
CA LEU O 140 76.43 49.85 16.71
C LEU O 140 75.90 48.66 17.51
N LEU O 141 75.65 47.54 16.85
CA LEU O 141 75.00 46.42 17.52
C LEU O 141 76.04 45.44 18.08
N SER O 142 75.54 44.50 18.89
CA SER O 142 76.37 43.54 19.59
C SER O 142 75.91 42.12 19.30
N GLY O 143 76.84 41.25 18.95
CA GLY O 143 76.56 39.83 18.91
C GLY O 143 75.62 39.41 17.80
N ASP O 144 74.61 38.63 18.16
CA ASP O 144 73.72 38.03 17.15
C ASP O 144 72.92 39.09 16.41
N ASP O 145 72.58 40.19 17.07
CA ASP O 145 71.91 41.29 16.38
C ASP O 145 72.78 41.83 15.26
N SER O 146 74.08 41.98 15.52
CA SER O 146 75.01 42.43 14.50
C SER O 146 75.02 41.46 13.32
N ALA O 147 75.04 40.16 13.60
CA ALA O 147 75.05 39.16 12.52
C ALA O 147 73.77 39.22 11.70
N GLU O 148 72.62 39.36 12.36
CA GLU O 148 71.36 39.30 11.63
C GLU O 148 71.09 40.58 10.84
N VAL O 149 71.61 41.73 11.31
CA VAL O 149 71.51 42.93 10.48
C VAL O 149 72.56 42.91 9.38
N GLY O 150 73.71 42.29 9.65
CA GLY O 150 74.71 42.14 8.62
C GLY O 150 74.24 41.25 7.48
N TYR O 151 73.41 40.27 7.81
CA TYR O 151 72.80 39.44 6.76
C TYR O 151 71.97 40.29 5.82
N TYR O 152 71.20 41.24 6.37
CA TYR O 152 70.33 42.06 5.52
C TYR O 152 71.14 43.06 4.70
N PHE O 153 72.14 43.69 5.33
CA PHE O 153 73.00 44.60 4.58
C PHE O 153 73.75 43.84 3.50
N ASP O 154 74.17 42.62 3.80
CA ASP O 154 74.79 41.75 2.82
C ASP O 154 73.86 41.44 1.65
N TYR O 155 72.59 41.12 1.95
CA TYR O 155 71.64 40.87 0.88
C TYR O 155 71.47 42.10 0.00
N LEU O 156 71.37 43.27 0.61
CA LEU O 156 71.21 44.50 -0.17
C LEU O 156 72.43 44.76 -1.04
N ALA O 157 73.63 44.53 -0.50
CA ALA O 157 74.85 44.72 -1.28
C ALA O 157 74.90 43.75 -2.46
N GLY O 158 74.54 42.48 -2.23
CA GLY O 158 74.52 41.52 -3.32
C GLY O 158 73.48 41.85 -4.37
N ALA O 159 72.30 42.31 -3.95
CA ALA O 159 71.26 42.66 -4.90
C ALA O 159 71.66 43.86 -5.75
N LEU O 160 72.30 44.85 -5.15
CA LEU O 160 72.75 46.01 -5.91
C LEU O 160 73.92 45.68 -6.82
N ALA O 161 74.75 44.71 -6.42
CA ALA O 161 75.89 44.29 -7.23
C ALA O 161 75.43 43.38 -8.36
N SER P 2 75.96 40.87 -43.30
CA SER P 2 75.82 42.12 -44.02
C SER P 2 74.41 42.30 -44.57
N VAL P 3 74.26 43.24 -45.50
CA VAL P 3 72.95 43.44 -46.13
C VAL P 3 72.51 42.19 -46.86
N VAL P 4 73.43 41.57 -47.60
CA VAL P 4 73.10 40.34 -48.32
C VAL P 4 72.73 39.23 -47.34
N THR P 5 73.48 39.11 -46.25
CA THR P 5 73.17 38.09 -45.26
C THR P 5 71.80 38.32 -44.63
N LYS P 6 71.50 39.56 -44.27
CA LYS P 6 70.20 39.85 -43.67
C LYS P 6 69.06 39.57 -44.64
N ALA P 7 69.22 39.99 -45.90
CA ALA P 7 68.18 39.73 -46.89
C ALA P 7 67.99 38.24 -47.11
N ILE P 8 69.10 37.49 -47.18
CA ILE P 8 69.01 36.06 -47.44
C ILE P 8 68.34 35.34 -46.28
N VAL P 9 68.69 35.70 -45.03
CA VAL P 9 68.09 35.02 -43.90
C VAL P 9 66.62 35.41 -43.76
N SER P 10 66.27 36.67 -44.05
CA SER P 10 64.87 37.07 -43.99
C SER P 10 64.04 36.35 -45.04
N ALA P 11 64.60 36.17 -46.24
CA ALA P 11 63.88 35.44 -47.29
C ALA P 11 63.77 33.95 -46.95
N ASP P 12 64.83 33.38 -46.39
CA ASP P 12 64.82 31.95 -46.09
C ASP P 12 63.97 31.66 -44.85
N ALA P 13 63.66 32.70 -44.07
CA ALA P 13 62.76 32.51 -42.94
C ALA P 13 61.42 31.94 -43.38
N GLU P 14 60.89 32.44 -44.50
CA GLU P 14 59.70 31.89 -45.11
C GLU P 14 60.00 30.94 -46.26
N ALA P 15 61.27 30.54 -46.42
CA ALA P 15 61.69 29.59 -47.46
C ALA P 15 61.30 30.08 -48.85
N ARG P 16 61.55 31.36 -49.12
CA ARG P 16 61.16 31.98 -50.36
C ARG P 16 62.30 32.79 -50.95
N TYR P 17 62.21 33.07 -52.24
CA TYR P 17 63.20 33.89 -52.91
C TYR P 17 63.09 35.34 -52.46
N LEU P 18 64.16 36.10 -52.68
CA LEU P 18 64.18 37.47 -52.19
C LEU P 18 63.16 38.32 -52.92
N SER P 19 62.47 39.16 -52.16
CA SER P 19 61.49 40.08 -52.69
C SER P 19 62.19 41.17 -53.50
N PRO P 20 61.47 41.84 -54.40
CA PRO P 20 62.07 43.00 -55.07
C PRO P 20 62.53 44.08 -54.11
N GLY P 21 61.93 44.16 -52.92
CA GLY P 21 62.44 45.09 -51.92
C GLY P 21 63.82 44.71 -51.41
N GLU P 22 64.01 43.43 -51.10
CA GLU P 22 65.33 42.98 -50.63
C GLU P 22 66.36 43.04 -51.76
N LEU P 23 65.94 42.68 -52.98
CA LEU P 23 66.83 42.84 -54.12
C LEU P 23 67.22 44.30 -54.31
N ASP P 24 66.26 45.20 -54.10
CA ASP P 24 66.54 46.62 -54.28
C ASP P 24 67.47 47.15 -53.20
N ARG P 25 67.30 46.68 -51.96
CA ARG P 25 68.21 47.12 -50.90
C ARG P 25 69.62 46.59 -51.15
N ILE P 26 69.73 45.35 -51.64
CA ILE P 26 71.05 44.80 -51.97
C ILE P 26 71.67 45.57 -53.12
N ARG P 27 70.84 45.95 -54.10
CA ARG P 27 71.34 46.73 -55.24
C ARG P 27 71.82 48.10 -54.79
N GLY P 28 71.09 48.77 -53.90
CA GLY P 28 71.54 50.03 -53.36
C GLY P 28 72.80 49.88 -52.54
N PHE P 29 72.93 48.76 -51.82
CA PHE P 29 74.14 48.52 -51.04
C PHE P 29 75.36 48.36 -51.93
N VAL P 30 75.24 47.53 -52.97
CA VAL P 30 76.39 47.28 -53.84
C VAL P 30 76.67 48.51 -54.71
N SER P 31 75.64 49.31 -54.98
CA SER P 31 75.84 50.53 -55.77
C SER P 31 76.72 51.52 -55.03
N SER P 32 76.58 51.60 -53.71
CA SER P 32 77.30 52.56 -52.90
C SER P 32 78.57 51.98 -52.29
N GLY P 33 79.10 50.89 -52.84
CA GLY P 33 80.27 50.27 -52.24
C GLY P 33 81.51 51.14 -52.31
N GLU P 34 81.66 51.89 -53.40
CA GLU P 34 82.86 52.70 -53.57
C GLU P 34 82.94 53.81 -52.53
N ARG P 35 81.83 54.49 -52.26
CA ARG P 35 81.86 55.58 -51.29
C ARG P 35 82.13 55.06 -49.88
N ARG P 36 81.49 53.95 -49.50
CA ARG P 36 81.69 53.41 -48.17
C ARG P 36 83.09 52.83 -48.03
N LEU P 37 83.67 52.32 -49.11
CA LEU P 37 85.04 51.81 -49.03
C LEU P 37 86.05 52.94 -48.96
N ARG P 38 85.77 54.06 -49.62
CA ARG P 38 86.59 55.25 -49.41
C ARG P 38 86.47 55.75 -47.99
N VAL P 39 85.28 55.65 -47.40
CA VAL P 39 85.10 55.98 -45.99
C VAL P 39 85.96 55.07 -45.12
N ALA P 40 85.99 53.78 -45.44
CA ALA P 40 86.83 52.84 -44.69
C ALA P 40 88.31 53.20 -44.82
N GLN P 41 88.76 53.51 -46.03
CA GLN P 41 90.09 54.10 -46.22
C GLN P 41 90.33 55.26 -45.26
N THR P 42 89.47 56.27 -45.32
CA THR P 42 89.70 57.49 -44.56
C THR P 42 89.77 57.21 -43.08
N LEU P 43 88.90 56.33 -42.57
CA LEU P 43 88.90 56.03 -41.14
C LEU P 43 90.12 55.22 -40.73
N THR P 44 90.52 54.22 -41.52
CA THR P 44 91.62 53.36 -41.11
C THR P 44 92.96 54.07 -41.25
N GLU P 45 93.04 55.08 -42.13
CA GLU P 45 94.31 55.79 -42.28
C GLU P 45 94.59 56.70 -41.09
N SER P 46 93.55 57.26 -40.49
CA SER P 46 93.69 58.21 -39.39
C SER P 46 93.26 57.62 -38.04
N ARG P 47 93.59 56.36 -37.79
CA ARG P 47 93.14 55.71 -36.56
C ARG P 47 93.69 56.40 -35.32
N GLU P 48 95.02 56.56 -35.25
CA GLU P 48 95.65 57.06 -34.03
C GLU P 48 95.19 58.48 -33.71
N ARG P 49 95.04 59.32 -34.72
CA ARG P 49 94.58 60.69 -34.48
C ARG P 49 93.18 60.70 -33.87
N ILE P 50 92.24 60.00 -34.50
CA ILE P 50 90.88 59.98 -34.01
C ILE P 50 90.85 59.43 -32.59
N ILE P 51 91.60 58.36 -32.33
CA ILE P 51 91.62 57.75 -31.01
C ILE P 51 92.15 58.74 -29.97
N LYS P 52 93.22 59.46 -30.32
CA LYS P 52 93.84 60.39 -29.36
C LYS P 52 92.90 61.54 -29.04
N GLN P 53 92.35 62.20 -30.06
CA GLN P 53 91.42 63.30 -29.78
C GLN P 53 90.17 62.81 -29.07
N ALA P 54 89.71 61.59 -29.36
CA ALA P 54 88.55 61.06 -28.65
C ALA P 54 88.85 60.86 -27.17
N GLY P 55 90.03 60.31 -26.87
CA GLY P 55 90.42 60.16 -25.48
C GLY P 55 90.54 61.49 -24.76
N ASP P 56 91.13 62.49 -25.44
CA ASP P 56 91.26 63.81 -24.84
C ASP P 56 89.89 64.43 -24.56
N GLN P 57 88.97 64.31 -25.53
CA GLN P 57 87.63 64.85 -25.34
C GLN P 57 86.89 64.14 -24.21
N LEU P 58 87.06 62.83 -24.10
CA LEU P 58 86.47 62.10 -22.98
C LEU P 58 87.01 62.63 -21.66
N PHE P 59 88.34 62.74 -21.55
CA PHE P 59 88.95 63.11 -20.28
C PHE P 59 88.58 64.53 -19.88
N GLN P 60 88.44 65.43 -20.85
CA GLN P 60 88.04 66.79 -20.50
C GLN P 60 86.55 66.87 -20.21
N LYS P 61 85.74 66.07 -20.90
CA LYS P 61 84.30 66.06 -20.63
C LYS P 61 84.00 65.31 -19.33
N ARG P 62 84.76 64.26 -19.05
CA ARG P 62 84.59 63.47 -17.83
C ARG P 62 85.92 63.39 -17.10
N PRO P 63 86.31 64.46 -16.39
CA PRO P 63 87.51 64.36 -15.53
C PRO P 63 87.32 63.35 -14.41
N ASP P 64 86.09 62.89 -14.20
CA ASP P 64 85.79 61.94 -13.13
C ASP P 64 86.60 60.65 -13.29
N LEU P 65 86.67 60.12 -14.50
CA LEU P 65 87.24 58.79 -14.71
C LEU P 65 88.72 58.76 -14.38
N VAL P 66 89.47 59.80 -14.77
CA VAL P 66 90.92 59.76 -14.61
C VAL P 66 91.34 60.09 -13.17
N SER P 67 90.46 60.77 -12.42
CA SER P 67 90.79 61.13 -11.05
C SER P 67 90.89 59.88 -10.18
N PRO P 68 91.69 59.93 -9.11
CA PRO P 68 91.96 58.72 -8.32
C PRO P 68 90.69 58.12 -7.75
N GLY P 69 90.63 56.79 -7.76
CA GLY P 69 89.42 56.07 -7.43
C GLY P 69 88.52 55.75 -8.60
N GLY P 70 88.85 56.24 -9.79
CA GLY P 70 88.04 55.99 -10.95
C GLY P 70 88.45 54.73 -11.70
N ASN P 71 87.63 54.39 -12.70
CA ASN P 71 87.89 53.21 -13.50
C ASN P 71 89.12 53.41 -14.39
N ALA P 72 89.32 54.62 -14.90
CA ALA P 72 90.40 54.90 -15.83
C ALA P 72 91.63 55.51 -15.16
N TYR P 73 91.66 55.60 -13.83
CA TYR P 73 92.83 56.16 -13.15
C TYR P 73 94.04 55.24 -13.31
N GLY P 74 95.17 55.84 -13.66
CA GLY P 74 96.36 55.07 -13.93
C GLY P 74 96.70 55.06 -15.41
N ALA P 75 97.97 54.78 -15.73
CA ALA P 75 98.40 54.76 -17.12
C ALA P 75 97.91 53.50 -17.83
N GLU P 76 97.96 52.35 -17.14
CA GLU P 76 97.53 51.10 -17.76
C GLU P 76 96.04 51.12 -18.08
N ARG P 77 95.23 51.65 -17.16
CA ARG P 77 93.79 51.68 -17.39
C ARG P 77 93.42 52.68 -18.48
N THR P 78 94.15 53.79 -18.56
CA THR P 78 93.98 54.71 -19.68
C THR P 78 94.35 54.03 -21.00
N ALA P 79 95.42 53.23 -20.99
CA ALA P 79 95.79 52.49 -22.19
C ALA P 79 94.69 51.53 -22.60
N SER P 80 94.07 50.86 -21.63
CA SER P 80 92.94 49.98 -21.93
C SER P 80 91.76 50.75 -22.50
N CYS P 81 91.51 51.95 -21.97
CA CYS P 81 90.49 52.83 -22.51
C CYS P 81 90.73 53.12 -23.99
N LEU P 82 91.93 53.57 -24.33
CA LEU P 82 92.22 53.92 -25.71
C LEU P 82 92.22 52.67 -26.60
N ARG P 83 92.60 51.53 -26.03
CA ARG P 83 92.56 50.26 -26.74
C ARG P 83 91.13 49.87 -27.10
N ASP P 84 90.20 50.08 -26.17
CA ASP P 84 88.80 49.82 -26.46
C ASP P 84 88.28 50.76 -27.53
N LEU P 85 88.70 52.02 -27.49
CA LEU P 85 88.32 52.94 -28.56
C LEU P 85 88.83 52.46 -29.91
N ASP P 86 90.06 51.95 -29.95
CA ASP P 86 90.58 51.33 -31.17
C ASP P 86 89.68 50.19 -31.64
N TYR P 87 89.35 49.26 -30.74
CA TYR P 87 88.45 48.17 -31.08
C TYR P 87 87.16 48.69 -31.71
N TYR P 88 86.57 49.71 -31.09
CA TYR P 88 85.24 50.14 -31.51
C TYR P 88 85.29 50.88 -32.84
N LEU P 89 86.35 51.63 -33.11
CA LEU P 89 86.39 52.28 -34.42
C LEU P 89 86.64 51.24 -35.50
N ARG P 90 87.45 50.22 -35.19
CA ARG P 90 87.60 49.11 -36.14
C ARG P 90 86.26 48.45 -36.42
N LEU P 91 85.44 48.26 -35.38
CA LEU P 91 84.12 47.70 -35.59
C LEU P 91 83.23 48.61 -36.42
N VAL P 92 83.37 49.93 -36.24
CA VAL P 92 82.60 50.87 -37.04
C VAL P 92 82.97 50.74 -38.52
N THR P 93 84.27 50.63 -38.80
CA THR P 93 84.71 50.39 -40.17
C THR P 93 84.16 49.07 -40.71
N PHE P 94 84.13 48.04 -39.87
CA PHE P 94 83.56 46.76 -40.26
C PHE P 94 82.09 46.91 -40.66
N GLY P 95 81.33 47.66 -39.86
CA GLY P 95 79.94 47.88 -40.19
C GLY P 95 79.75 48.69 -41.45
N ILE P 96 80.63 49.67 -41.66
CA ILE P 96 80.53 50.50 -42.87
C ILE P 96 80.78 49.66 -44.13
N VAL P 97 81.82 48.81 -44.11
CA VAL P 97 82.06 47.99 -45.29
C VAL P 97 80.97 46.94 -45.45
N ALA P 98 80.43 46.44 -44.33
CA ALA P 98 79.37 45.43 -44.42
C ALA P 98 78.06 46.04 -44.88
N GLY P 99 77.82 47.31 -44.54
CA GLY P 99 76.55 47.95 -44.82
C GLY P 99 75.49 47.68 -43.77
N ASP P 100 75.77 46.78 -42.82
CA ASP P 100 74.89 46.48 -41.72
C ASP P 100 75.69 46.46 -40.43
N VAL P 101 74.98 46.60 -39.31
CA VAL P 101 75.63 46.62 -38.01
C VAL P 101 75.76 45.25 -37.39
N THR P 102 75.51 44.19 -38.16
CA THR P 102 75.68 42.84 -37.62
C THR P 102 77.09 42.54 -37.13
N PRO P 103 78.18 42.91 -37.83
CA PRO P 103 79.51 42.66 -37.24
C PRO P 103 79.70 43.43 -35.95
N ILE P 104 79.33 44.71 -35.92
CA ILE P 104 79.40 45.46 -34.67
C ILE P 104 78.57 44.77 -33.60
N GLU P 105 77.32 44.43 -33.94
CA GLU P 105 76.44 43.73 -33.01
C GLU P 105 77.16 42.54 -32.37
N GLU P 106 77.58 41.58 -33.18
CA GLU P 106 77.98 40.29 -32.63
C GLU P 106 79.47 40.26 -32.27
N ILE P 107 80.17 41.38 -32.44
CA ILE P 107 81.56 41.43 -31.97
C ILE P 107 81.67 42.29 -30.72
N GLY P 108 81.06 43.47 -30.72
CA GLY P 108 81.22 44.39 -29.62
C GLY P 108 79.95 44.80 -28.89
N VAL P 109 78.79 44.35 -29.36
CA VAL P 109 77.54 44.80 -28.74
C VAL P 109 76.90 43.69 -27.92
N ILE P 110 76.89 42.47 -28.45
CA ILE P 110 76.25 41.35 -27.76
C ILE P 110 77.05 41.02 -26.51
N GLY P 111 76.45 41.20 -25.35
CA GLY P 111 77.11 40.94 -24.09
C GLY P 111 78.01 42.06 -23.60
N VAL P 112 77.93 43.25 -24.19
CA VAL P 112 78.82 44.33 -23.78
C VAL P 112 78.41 44.88 -22.41
N LYS P 113 77.12 44.87 -22.11
CA LYS P 113 76.65 45.40 -20.83
C LYS P 113 77.22 44.62 -19.66
N GLU P 114 77.04 43.30 -19.67
CA GLU P 114 77.59 42.46 -18.60
C GLU P 114 79.12 42.52 -18.61
N MET P 115 79.71 42.75 -19.78
CA MET P 115 81.16 42.74 -19.90
C MET P 115 81.77 43.94 -19.21
N TYR P 116 81.22 45.13 -19.47
CA TYR P 116 81.71 46.32 -18.81
C TYR P 116 81.19 46.38 -17.37
N ARG P 117 80.23 45.53 -17.04
CA ARG P 117 79.92 45.28 -15.63
C ARG P 117 81.01 44.45 -14.97
N ASN P 118 81.59 43.51 -15.71
CA ASN P 118 82.65 42.68 -15.16
C ASN P 118 83.97 43.43 -15.12
N LEU P 119 84.04 44.57 -15.78
CA LEU P 119 85.23 45.40 -15.79
C LEU P 119 85.06 46.68 -14.97
N GLU P 120 83.89 46.88 -14.36
CA GLU P 120 83.58 48.07 -13.57
C GLU P 120 83.65 49.33 -14.43
N VAL P 121 83.38 49.19 -15.71
CA VAL P 121 83.50 50.27 -16.68
C VAL P 121 82.13 50.96 -16.79
N PRO P 122 82.02 52.25 -16.49
CA PRO P 122 80.73 52.93 -16.63
C PRO P 122 80.30 52.99 -18.08
N LEU P 123 79.02 52.72 -18.31
CA LEU P 123 78.44 52.79 -19.64
C LEU P 123 78.22 54.24 -20.10
N PRO P 124 77.88 55.17 -19.20
CA PRO P 124 77.93 56.58 -19.60
C PRO P 124 79.31 57.00 -20.07
N GLY P 125 80.37 56.48 -19.46
CA GLY P 125 81.69 56.71 -20.00
C GLY P 125 81.83 56.19 -21.41
N MET P 126 81.23 55.03 -21.69
CA MET P 126 81.30 54.46 -23.03
C MET P 126 80.57 55.33 -24.04
N VAL P 127 79.39 55.84 -23.68
CA VAL P 127 78.64 56.67 -24.62
C VAL P 127 79.35 57.99 -24.85
N GLU P 128 79.98 58.55 -23.81
CA GLU P 128 80.78 59.75 -24.00
C GLU P 128 81.97 59.47 -24.92
N ALA P 129 82.60 58.31 -24.75
CA ALA P 129 83.70 57.91 -25.63
C ALA P 129 83.25 57.85 -27.08
N VAL P 130 82.13 57.19 -27.35
CA VAL P 130 81.70 57.01 -28.73
C VAL P 130 81.22 58.33 -29.32
N LYS P 131 80.64 59.21 -28.49
CA LYS P 131 80.28 60.54 -28.98
C LYS P 131 81.52 61.35 -29.36
N ALA P 132 82.57 61.27 -28.53
CA ALA P 132 83.82 61.95 -28.88
C ALA P 132 84.40 61.38 -30.17
N MET P 133 84.35 60.06 -30.32
CA MET P 133 84.83 59.43 -31.55
C MET P 133 84.04 59.90 -32.76
N LYS P 134 82.71 59.97 -32.62
CA LYS P 134 81.87 60.50 -33.69
C LYS P 134 82.25 61.92 -34.06
N SER P 135 82.41 62.79 -33.06
CA SER P 135 82.74 64.17 -33.35
C SER P 135 84.07 64.27 -34.08
N VAL P 136 85.10 63.57 -33.59
CA VAL P 136 86.41 63.65 -34.20
C VAL P 136 86.38 63.11 -35.62
N ALA P 137 85.71 61.97 -35.84
CA ALA P 137 85.68 61.38 -37.17
C ALA P 137 84.88 62.24 -38.14
N THR P 138 83.71 62.72 -37.73
CA THR P 138 82.89 63.55 -38.60
C THR P 138 83.57 64.88 -38.91
N GLY P 139 84.42 65.36 -38.00
CA GLY P 139 85.18 66.56 -38.31
C GLY P 139 86.12 66.37 -39.47
N LEU P 140 86.70 65.17 -39.60
CA LEU P 140 87.68 64.92 -40.65
C LEU P 140 87.01 64.54 -41.95
N LEU P 141 85.91 63.79 -41.90
CA LEU P 141 85.29 63.27 -43.11
C LEU P 141 84.58 64.38 -43.88
N SER P 142 84.33 64.11 -45.15
CA SER P 142 83.59 65.03 -46.00
C SER P 142 82.11 65.05 -45.60
N GLY P 143 81.39 66.04 -46.12
CA GLY P 143 80.03 66.28 -45.67
C GLY P 143 79.11 65.08 -45.85
N ASP P 144 79.15 64.45 -47.03
CA ASP P 144 78.29 63.29 -47.27
C ASP P 144 78.77 62.07 -46.49
N ASP P 145 80.10 61.87 -46.44
CA ASP P 145 80.64 60.69 -45.77
C ASP P 145 80.54 60.81 -44.25
N SER P 146 80.62 62.05 -43.74
CA SER P 146 80.56 62.25 -42.29
C SER P 146 79.23 61.77 -41.74
N ALA P 147 78.13 62.05 -42.46
CA ALA P 147 76.82 61.57 -42.00
C ALA P 147 76.78 60.05 -41.96
N GLU P 148 77.31 59.39 -42.98
CA GLU P 148 77.26 57.92 -43.01
C GLU P 148 78.06 57.33 -41.86
N VAL P 149 79.24 57.89 -41.57
CA VAL P 149 79.98 57.44 -40.39
C VAL P 149 79.20 57.73 -39.12
N GLY P 150 78.52 58.88 -39.09
CA GLY P 150 77.82 59.29 -37.89
C GLY P 150 76.66 58.39 -37.54
N TYR P 151 75.97 57.86 -38.55
CA TYR P 151 74.86 56.95 -38.24
C TYR P 151 75.36 55.66 -37.58
N TYR P 152 76.48 55.10 -38.06
CA TYR P 152 77.02 53.93 -37.39
C TYR P 152 77.51 54.27 -35.97
N PHE P 153 78.13 55.44 -35.81
CA PHE P 153 78.56 55.83 -34.47
C PHE P 153 77.37 56.03 -33.53
N ASP P 154 76.27 56.58 -34.05
CA ASP P 154 75.05 56.73 -33.27
C ASP P 154 74.47 55.37 -32.90
N TYR P 155 74.49 54.42 -33.84
CA TYR P 155 74.06 53.07 -33.50
C TYR P 155 74.88 52.52 -32.34
N LEU P 156 76.20 52.68 -32.41
CA LEU P 156 77.05 52.18 -31.35
C LEU P 156 76.75 52.87 -30.02
N ALA P 157 76.53 54.18 -30.05
CA ALA P 157 76.20 54.91 -28.84
C ALA P 157 74.91 54.41 -28.22
N GLY P 158 73.88 54.21 -29.04
CA GLY P 158 72.63 53.66 -28.52
C GLY P 158 72.79 52.24 -28.03
N ALA P 159 73.71 51.48 -28.64
CA ALA P 159 73.93 50.10 -28.24
C ALA P 159 74.57 50.02 -26.86
N LEU P 160 75.61 50.81 -26.61
CA LEU P 160 76.28 50.75 -25.32
C LEU P 160 75.35 51.12 -24.18
N ALA P 161 74.64 52.23 -24.30
CA ALA P 161 73.77 52.69 -23.22
C ALA P 161 72.68 53.63 -23.74
N SER Q 2 54.94 49.39 -47.16
CA SER Q 2 55.98 50.02 -47.96
C SER Q 2 57.35 49.77 -47.37
N VAL Q 3 58.35 50.48 -47.90
CA VAL Q 3 59.69 50.39 -47.33
C VAL Q 3 59.70 50.90 -45.90
N VAL Q 4 59.04 52.04 -45.66
CA VAL Q 4 58.95 52.60 -44.32
C VAL Q 4 58.19 51.67 -43.40
N THR Q 5 57.05 51.15 -43.87
CA THR Q 5 56.25 50.23 -43.06
C THR Q 5 57.02 48.97 -42.72
N LYS Q 6 57.68 48.37 -43.72
CA LYS Q 6 58.42 47.15 -43.49
C LYS Q 6 59.58 47.37 -42.53
N ALA Q 7 60.31 48.47 -42.70
CA ALA Q 7 61.41 48.78 -41.79
C ALA Q 7 60.90 49.01 -40.37
N ILE Q 8 59.77 49.71 -40.23
CA ILE Q 8 59.25 50.01 -38.90
C ILE Q 8 58.77 48.74 -38.21
N VAL Q 9 58.10 47.84 -38.93
CA VAL Q 9 57.64 46.61 -38.30
C VAL Q 9 58.82 45.71 -37.97
N SER Q 10 59.82 45.65 -38.85
CA SER Q 10 61.01 44.86 -38.56
C SER Q 10 61.80 45.44 -37.39
N ALA Q 11 61.71 46.75 -37.17
CA ALA Q 11 62.32 47.34 -35.98
C ALA Q 11 61.51 47.03 -34.73
N ASP Q 12 60.19 47.15 -34.83
CA ASP Q 12 59.31 47.02 -33.66
C ASP Q 12 59.29 45.58 -33.15
N ALA Q 13 59.44 44.59 -34.04
CA ALA Q 13 59.36 43.20 -33.62
C ALA Q 13 60.46 42.84 -32.63
N GLU Q 14 61.61 43.51 -32.72
CA GLU Q 14 62.69 43.34 -31.76
C GLU Q 14 62.86 44.54 -30.83
N ALA Q 15 61.90 45.46 -30.80
CA ALA Q 15 61.84 46.51 -29.79
C ALA Q 15 63.08 47.40 -29.84
N ARG Q 16 63.38 47.94 -31.01
CA ARG Q 16 64.56 48.75 -31.20
C ARG Q 16 64.26 49.90 -32.16
N TYR Q 17 65.15 50.88 -32.17
CA TYR Q 17 65.11 51.92 -33.18
C TYR Q 17 65.72 51.40 -34.48
N LEU Q 18 65.39 52.06 -35.58
CA LEU Q 18 65.84 51.58 -36.88
C LEU Q 18 67.36 51.65 -36.98
N SER Q 19 67.94 50.58 -37.50
CA SER Q 19 69.39 50.47 -37.69
C SER Q 19 69.84 51.38 -38.82
N PRO Q 20 71.15 51.65 -38.91
CA PRO Q 20 71.63 52.51 -40.01
C PRO Q 20 71.28 51.99 -41.39
N GLY Q 21 71.27 50.66 -41.58
CA GLY Q 21 70.89 50.12 -42.88
C GLY Q 21 69.46 50.44 -43.25
N GLU Q 22 68.54 50.33 -42.30
CA GLU Q 22 67.14 50.64 -42.57
C GLU Q 22 66.94 52.11 -42.90
N LEU Q 23 67.63 53.00 -42.17
CA LEU Q 23 67.52 54.42 -42.46
C LEU Q 23 68.11 54.76 -43.83
N ASP Q 24 69.22 54.11 -44.19
CA ASP Q 24 69.80 54.31 -45.51
C ASP Q 24 68.86 53.81 -46.60
N ARG Q 25 68.19 52.69 -46.36
CA ARG Q 25 67.21 52.17 -47.30
C ARG Q 25 66.06 53.15 -47.49
N ILE Q 26 65.57 53.73 -46.39
CA ILE Q 26 64.49 54.72 -46.50
C ILE Q 26 64.98 55.95 -47.24
N ARG Q 27 66.24 56.33 -47.04
CA ARG Q 27 66.80 57.45 -47.78
C ARG Q 27 66.82 57.18 -49.27
N GLY Q 28 67.28 55.99 -49.66
CA GLY Q 28 67.26 55.64 -51.08
C GLY Q 28 65.86 55.66 -51.66
N PHE Q 29 64.89 55.16 -50.88
CA PHE Q 29 63.51 55.14 -51.35
C PHE Q 29 62.96 56.56 -51.54
N VAL Q 30 63.19 57.45 -50.58
CA VAL Q 30 62.66 58.80 -50.70
C VAL Q 30 63.43 59.60 -51.75
N SER Q 31 64.64 59.15 -52.08
CA SER Q 31 65.39 59.80 -53.16
C SER Q 31 64.89 59.33 -54.52
N SER Q 32 64.43 58.09 -54.62
CA SER Q 32 63.90 57.55 -55.87
C SER Q 32 62.40 57.79 -56.04
N GLY Q 33 61.76 58.42 -55.06
CA GLY Q 33 60.32 58.63 -55.13
C GLY Q 33 59.83 59.32 -56.40
N GLU Q 34 60.58 60.31 -56.88
CA GLU Q 34 60.10 61.08 -58.03
C GLU Q 34 60.06 60.23 -59.30
N ARG Q 35 61.11 59.43 -59.54
CA ARG Q 35 61.07 58.54 -60.69
C ARG Q 35 60.03 57.45 -60.50
N ARG Q 36 59.79 57.05 -59.25
CA ARG Q 36 58.72 56.09 -59.01
C ARG Q 36 57.36 56.66 -59.40
N LEU Q 37 57.12 57.93 -59.06
CA LEU Q 37 55.88 58.58 -59.48
C LEU Q 37 55.80 58.71 -60.99
N ARG Q 38 56.92 59.00 -61.65
CA ARG Q 38 56.91 59.08 -63.11
C ARG Q 38 56.54 57.74 -63.74
N VAL Q 39 57.10 56.65 -63.20
CA VAL Q 39 56.75 55.31 -63.69
C VAL Q 39 55.26 55.03 -63.46
N ALA Q 40 54.76 55.40 -62.28
CA ALA Q 40 53.35 55.21 -61.98
C ALA Q 40 52.47 55.99 -62.96
N GLN Q 41 52.83 57.24 -63.25
CA GLN Q 41 52.24 57.95 -64.38
C GLN Q 41 52.19 57.06 -65.61
N THR Q 42 53.35 56.78 -66.18
CA THR Q 42 53.42 56.22 -67.53
C THR Q 42 52.64 54.91 -67.61
N LEU Q 43 52.65 54.12 -66.54
CA LEU Q 43 51.78 52.94 -66.52
C LEU Q 43 50.32 53.33 -66.45
N THR Q 44 49.99 54.39 -65.69
CA THR Q 44 48.59 54.71 -65.43
C THR Q 44 47.87 55.24 -66.67
N GLU Q 45 48.48 56.20 -67.39
CA GLU Q 45 47.72 56.78 -68.52
C GLU Q 45 47.48 55.75 -69.62
N SER Q 46 48.45 54.89 -69.89
CA SER Q 46 48.40 54.06 -71.08
C SER Q 46 47.82 52.67 -70.82
N ARG Q 47 46.83 52.53 -69.93
CA ARG Q 47 46.53 51.19 -69.47
C ARG Q 47 45.43 50.52 -70.29
N GLU Q 48 44.53 51.30 -70.90
CA GLU Q 48 43.58 50.68 -71.82
C GLU Q 48 44.34 49.90 -72.88
N ARG Q 49 45.36 50.54 -73.46
CA ARG Q 49 46.25 49.85 -74.39
C ARG Q 49 46.79 48.58 -73.74
N ILE Q 50 47.51 48.72 -72.63
CA ILE Q 50 48.24 47.62 -72.02
C ILE Q 50 47.31 46.44 -71.76
N ILE Q 51 46.14 46.69 -71.20
CA ILE Q 51 45.17 45.62 -70.95
C ILE Q 51 44.76 44.95 -72.25
N LYS Q 52 44.49 45.74 -73.30
CA LYS Q 52 44.03 45.12 -74.54
C LYS Q 52 45.12 44.27 -75.17
N GLN Q 53 46.35 44.80 -75.28
CA GLN Q 53 47.42 44.01 -75.88
C GLN Q 53 47.77 42.80 -75.04
N ALA Q 54 47.77 42.94 -73.71
CA ALA Q 54 48.09 41.81 -72.85
C ALA Q 54 47.04 40.72 -72.96
N GLY Q 55 45.75 41.08 -72.97
CA GLY Q 55 44.72 40.08 -73.14
C GLY Q 55 44.79 39.40 -74.50
N ASP Q 56 45.03 40.17 -75.55
CA ASP Q 56 45.14 39.57 -76.88
C ASP Q 56 46.31 38.59 -76.93
N GLN Q 57 47.46 38.97 -76.38
CA GLN Q 57 48.62 38.08 -76.38
C GLN Q 57 48.37 36.84 -75.54
N LEU Q 58 47.70 37.00 -74.39
CA LEU Q 58 47.37 35.86 -73.55
C LEU Q 58 46.47 34.88 -74.27
N PHE Q 59 45.42 35.38 -74.93
CA PHE Q 59 44.47 34.48 -75.58
C PHE Q 59 45.06 33.90 -76.86
N GLN Q 60 46.07 34.56 -77.43
CA GLN Q 60 46.80 33.96 -78.54
C GLN Q 60 47.67 32.80 -78.06
N LYS Q 61 48.39 33.01 -76.96
CA LYS Q 61 49.33 31.98 -76.52
C LYS Q 61 48.61 30.84 -75.82
N ARG Q 62 47.45 31.10 -75.22
CA ARG Q 62 46.63 30.09 -74.57
C ARG Q 62 45.21 30.17 -75.12
N PRO Q 63 44.98 29.66 -76.33
CA PRO Q 63 43.62 29.69 -76.88
C PRO Q 63 42.63 28.84 -76.12
N ASP Q 64 43.10 27.90 -75.29
CA ASP Q 64 42.20 26.98 -74.61
C ASP Q 64 41.25 27.71 -73.66
N LEU Q 65 41.72 28.80 -73.05
CA LEU Q 65 40.89 29.52 -72.09
C LEU Q 65 39.65 30.10 -72.74
N VAL Q 66 39.76 30.53 -74.00
CA VAL Q 66 38.62 31.08 -74.71
C VAL Q 66 38.03 30.09 -75.70
N SER Q 67 38.49 28.84 -75.70
CA SER Q 67 37.84 27.77 -76.43
C SER Q 67 36.65 27.26 -75.63
N PRO Q 68 35.68 26.61 -76.30
CA PRO Q 68 34.52 26.09 -75.57
C PRO Q 68 34.95 25.14 -74.47
N GLY Q 69 34.32 25.29 -73.30
CA GLY Q 69 34.74 24.60 -72.11
C GLY Q 69 35.80 25.32 -71.31
N GLY Q 70 36.39 26.39 -71.87
CA GLY Q 70 37.40 27.12 -71.15
C GLY Q 70 36.83 28.05 -70.11
N ASN Q 71 37.70 28.53 -69.23
CA ASN Q 71 37.27 29.40 -68.13
C ASN Q 71 36.81 30.76 -68.65
N ALA Q 72 37.59 31.38 -69.51
CA ALA Q 72 37.28 32.71 -70.02
C ALA Q 72 36.45 32.68 -71.30
N TYR Q 73 35.82 31.55 -71.60
CA TYR Q 73 35.00 31.46 -72.80
C TYR Q 73 33.81 32.41 -72.71
N GLY Q 74 33.56 33.12 -73.79
CA GLY Q 74 32.46 34.07 -73.80
C GLY Q 74 32.92 35.49 -73.55
N ALA Q 75 32.08 36.43 -73.99
CA ALA Q 75 32.44 37.84 -73.86
C ALA Q 75 32.51 38.28 -72.41
N GLU Q 76 31.58 37.81 -71.57
CA GLU Q 76 31.49 38.31 -70.20
C GLU Q 76 32.63 37.78 -69.34
N ARG Q 77 32.96 36.50 -69.50
CA ARG Q 77 34.08 35.94 -68.74
C ARG Q 77 35.41 36.52 -69.21
N THR Q 78 35.53 36.80 -70.50
CA THR Q 78 36.70 37.53 -70.99
C THR Q 78 36.77 38.93 -70.40
N ALA Q 79 35.62 39.57 -70.23
CA ALA Q 79 35.59 40.88 -69.59
C ALA Q 79 36.04 40.79 -68.14
N SER Q 80 35.62 39.74 -67.43
CA SER Q 80 36.10 39.53 -66.06
C SER Q 80 37.60 39.28 -66.04
N CYS Q 81 38.11 38.55 -67.03
CA CYS Q 81 39.54 38.35 -67.18
C CYS Q 81 40.28 39.68 -67.31
N LEU Q 82 39.82 40.55 -68.19
CA LEU Q 82 40.50 41.83 -68.40
C LEU Q 82 40.33 42.72 -67.16
N ARG Q 83 39.22 42.57 -66.46
CA ARG Q 83 39.02 43.29 -65.20
C ARG Q 83 40.04 42.87 -64.15
N ASP Q 84 40.31 41.57 -64.06
CA ASP Q 84 41.35 41.09 -63.16
C ASP Q 84 42.71 41.63 -63.56
N LEU Q 85 42.99 41.68 -64.85
CA LEU Q 85 44.25 42.26 -65.32
C LEU Q 85 44.38 43.71 -64.90
N ASP Q 86 43.28 44.46 -65.02
CA ASP Q 86 43.28 45.86 -64.58
C ASP Q 86 43.53 45.96 -63.08
N TYR Q 87 42.88 45.10 -62.29
CA TYR Q 87 43.17 45.01 -60.86
C TYR Q 87 44.66 44.87 -60.61
N TYR Q 88 45.29 43.91 -61.29
CA TYR Q 88 46.66 43.59 -60.94
C TYR Q 88 47.64 44.66 -61.42
N LEU Q 89 47.33 45.34 -62.51
CA LEU Q 89 48.21 46.42 -62.94
C LEU Q 89 48.06 47.64 -62.03
N ARG Q 90 46.85 47.88 -61.52
CA ARG Q 90 46.69 48.91 -60.49
C ARG Q 90 47.50 48.57 -59.25
N LEU Q 91 47.47 47.30 -58.86
CA LEU Q 91 48.29 46.85 -57.73
C LEU Q 91 49.77 47.06 -58.03
N VAL Q 92 50.19 46.85 -59.28
CA VAL Q 92 51.59 47.04 -59.65
C VAL Q 92 52.00 48.49 -59.48
N THR Q 93 51.17 49.43 -59.93
CA THR Q 93 51.50 50.84 -59.69
C THR Q 93 51.51 51.18 -58.21
N PHE Q 94 50.59 50.58 -57.44
CA PHE Q 94 50.62 50.78 -55.98
C PHE Q 94 51.95 50.31 -55.41
N GLY Q 95 52.45 49.17 -55.88
CA GLY Q 95 53.73 48.68 -55.40
C GLY Q 95 54.88 49.57 -55.81
N ILE Q 96 54.82 50.11 -57.03
CA ILE Q 96 55.89 50.99 -57.50
C ILE Q 96 55.95 52.25 -56.65
N VAL Q 97 54.80 52.85 -56.34
CA VAL Q 97 54.83 54.03 -55.49
C VAL Q 97 55.24 53.66 -54.06
N ALA Q 98 54.84 52.48 -53.59
CA ALA Q 98 55.15 52.09 -52.22
C ALA Q 98 56.61 51.70 -52.07
N GLY Q 99 57.26 51.33 -53.16
CA GLY Q 99 58.64 50.89 -53.12
C GLY Q 99 58.82 49.45 -52.70
N ASP Q 100 57.74 48.73 -52.42
CA ASP Q 100 57.80 47.33 -52.07
C ASP Q 100 56.62 46.63 -52.73
N VAL Q 101 56.63 45.31 -52.65
CA VAL Q 101 55.55 44.51 -53.21
C VAL Q 101 54.48 44.31 -52.15
N THR Q 102 54.54 45.10 -51.08
CA THR Q 102 53.60 44.94 -49.99
C THR Q 102 52.15 45.17 -50.41
N PRO Q 103 51.75 46.34 -50.96
CA PRO Q 103 50.33 46.51 -51.31
C PRO Q 103 49.85 45.45 -52.28
N ILE Q 104 50.70 45.07 -53.23
CA ILE Q 104 50.38 43.93 -54.08
C ILE Q 104 50.13 42.70 -53.21
N GLU Q 105 51.00 42.46 -52.23
CA GLU Q 105 50.93 41.23 -51.45
C GLU Q 105 49.61 41.12 -50.69
N GLU Q 106 49.26 42.13 -49.89
CA GLU Q 106 47.99 42.04 -49.16
C GLU Q 106 46.77 42.12 -50.08
N ILE Q 107 46.77 43.03 -51.07
CA ILE Q 107 45.54 43.21 -51.83
C ILE Q 107 45.28 42.04 -52.77
N GLY Q 108 46.32 41.46 -53.36
CA GLY Q 108 46.09 40.44 -54.35
C GLY Q 108 46.98 39.21 -54.33
N VAL Q 109 47.63 38.89 -53.22
CA VAL Q 109 48.41 37.66 -53.15
C VAL Q 109 47.99 36.73 -52.03
N ILE Q 110 47.48 37.23 -50.92
CA ILE Q 110 47.04 36.37 -49.82
C ILE Q 110 45.70 35.78 -50.18
N GLY Q 111 45.62 34.45 -50.18
CA GLY Q 111 44.37 33.78 -50.50
C GLY Q 111 44.01 33.79 -51.97
N VAL Q 112 44.92 34.21 -52.84
CA VAL Q 112 44.60 34.28 -54.26
C VAL Q 112 44.40 32.88 -54.83
N LYS Q 113 45.14 31.89 -54.32
CA LYS Q 113 44.93 30.52 -54.75
C LYS Q 113 43.56 30.01 -54.28
N GLU Q 114 43.16 30.35 -53.06
CA GLU Q 114 41.82 30.01 -52.59
C GLU Q 114 40.75 30.62 -53.48
N MET Q 115 40.91 31.90 -53.82
CA MET Q 115 39.91 32.60 -54.62
C MET Q 115 39.83 32.06 -56.04
N TYR Q 116 40.97 31.81 -56.67
CA TYR Q 116 40.97 31.26 -58.02
C TYR Q 116 40.69 29.76 -58.04
N ARG Q 117 40.67 29.09 -56.89
CA ARG Q 117 40.09 27.76 -56.83
C ARG Q 117 38.58 27.84 -56.69
N ASN Q 118 38.08 28.80 -55.91
CA ASN Q 118 36.64 28.96 -55.76
C ASN Q 118 36.01 29.43 -57.07
N LEU Q 119 36.82 29.98 -57.97
CA LEU Q 119 36.36 30.36 -59.29
C LEU Q 119 36.87 29.43 -60.37
N GLU Q 120 37.73 28.46 -60.02
CA GLU Q 120 38.41 27.60 -60.99
C GLU Q 120 38.99 28.41 -62.14
N VAL Q 121 39.66 29.50 -61.80
CA VAL Q 121 40.53 30.21 -62.70
C VAL Q 121 41.87 29.49 -62.71
N PRO Q 122 42.37 29.04 -63.85
CA PRO Q 122 43.64 28.31 -63.86
C PRO Q 122 44.80 29.23 -63.56
N LEU Q 123 45.54 28.90 -62.50
CA LEU Q 123 46.70 29.70 -62.11
C LEU Q 123 47.76 29.82 -63.21
N PRO Q 124 48.08 28.77 -63.97
CA PRO Q 124 48.99 28.99 -65.11
C PRO Q 124 48.50 30.04 -66.08
N GLY Q 125 47.18 30.13 -66.31
CA GLY Q 125 46.66 31.20 -67.14
C GLY Q 125 46.89 32.57 -66.53
N MET Q 126 46.73 32.68 -65.21
CA MET Q 126 47.04 33.93 -64.52
C MET Q 126 48.50 34.31 -64.68
N VAL Q 127 49.39 33.33 -64.55
CA VAL Q 127 50.82 33.61 -64.68
C VAL Q 127 51.15 34.06 -66.10
N GLU Q 128 50.53 33.41 -67.10
CA GLU Q 128 50.75 33.80 -68.48
C GLU Q 128 50.24 35.21 -68.74
N ALA Q 129 49.08 35.56 -68.17
CA ALA Q 129 48.56 36.90 -68.29
C ALA Q 129 49.50 37.92 -67.64
N VAL Q 130 50.10 37.56 -66.51
CA VAL Q 130 51.02 38.48 -65.85
C VAL Q 130 52.27 38.69 -66.69
N LYS Q 131 52.80 37.62 -67.30
CA LYS Q 131 53.92 37.81 -68.21
C LYS Q 131 53.55 38.67 -69.41
N ALA Q 132 52.33 38.48 -69.93
CA ALA Q 132 51.89 39.31 -71.05
C ALA Q 132 51.82 40.78 -70.67
N MET Q 133 51.25 41.07 -69.49
CA MET Q 133 51.20 42.45 -69.02
C MET Q 133 52.60 43.01 -68.79
N LYS Q 134 53.50 42.18 -68.25
CA LYS Q 134 54.86 42.63 -68.03
C LYS Q 134 55.54 43.00 -69.34
N SER Q 135 55.41 42.14 -70.35
CA SER Q 135 56.02 42.44 -71.65
C SER Q 135 55.45 43.72 -72.25
N VAL Q 136 54.12 43.83 -72.25
CA VAL Q 136 53.49 45.02 -72.83
C VAL Q 136 53.93 46.27 -72.09
N ALA Q 137 53.93 46.24 -70.76
CA ALA Q 137 54.25 47.42 -69.97
C ALA Q 137 55.72 47.80 -70.10
N THR Q 138 56.62 46.82 -70.09
CA THR Q 138 58.03 47.12 -70.27
C THR Q 138 58.30 47.65 -71.68
N GLY Q 139 57.44 47.30 -72.63
CA GLY Q 139 57.55 47.90 -73.95
C GLY Q 139 57.36 49.40 -73.93
N LEU Q 140 56.53 49.91 -73.02
CA LEU Q 140 56.22 51.34 -73.00
C LEU Q 140 57.12 52.11 -72.05
N LEU Q 141 58.01 51.42 -71.35
CA LEU Q 141 58.93 52.11 -70.45
C LEU Q 141 60.37 52.00 -70.95
N SER Q 142 61.18 52.97 -70.52
CA SER Q 142 62.61 52.94 -70.80
C SER Q 142 63.30 51.91 -69.92
N GLY Q 143 64.58 51.65 -70.21
CA GLY Q 143 65.27 50.56 -69.57
C GLY Q 143 65.28 50.65 -68.05
N ASP Q 144 65.60 51.82 -67.52
CA ASP Q 144 65.60 52.00 -66.08
C ASP Q 144 64.22 51.79 -65.48
N ASP Q 145 63.19 52.32 -66.13
CA ASP Q 145 61.82 52.11 -65.67
C ASP Q 145 61.37 50.67 -65.97
N SER Q 146 61.82 50.12 -67.10
CA SER Q 146 61.41 48.77 -67.47
C SER Q 146 61.89 47.74 -66.46
N ALA Q 147 63.14 47.86 -66.01
CA ALA Q 147 63.66 46.92 -65.02
C ALA Q 147 62.85 47.00 -63.73
N GLU Q 148 62.57 48.22 -63.27
CA GLU Q 148 61.86 48.38 -62.01
C GLU Q 148 60.45 47.81 -62.09
N VAL Q 149 59.72 48.09 -63.16
CA VAL Q 149 58.37 47.52 -63.29
C VAL Q 149 58.45 46.01 -63.47
N GLY Q 150 59.52 45.54 -64.13
CA GLY Q 150 59.67 44.12 -64.33
C GLY Q 150 59.88 43.36 -63.04
N TYR Q 151 60.56 43.97 -62.06
CA TYR Q 151 60.70 43.29 -60.78
C TYR Q 151 59.35 43.03 -60.13
N TYR Q 152 58.46 44.02 -60.16
CA TYR Q 152 57.14 43.85 -59.55
C TYR Q 152 56.30 42.85 -60.32
N PHE Q 153 56.35 42.91 -61.65
CA PHE Q 153 55.64 41.92 -62.45
C PHE Q 153 56.19 40.52 -62.20
N ASP Q 154 57.50 40.38 -62.07
CA ASP Q 154 58.11 39.10 -61.78
C ASP Q 154 57.65 38.55 -60.43
N TYR Q 155 57.58 39.43 -59.42
CA TYR Q 155 57.06 38.99 -58.13
C TYR Q 155 55.63 38.50 -58.27
N LEU Q 156 54.80 39.24 -59.00
CA LEU Q 156 53.40 38.84 -59.16
C LEU Q 156 53.28 37.49 -59.86
N ALA Q 157 54.06 37.30 -60.93
CA ALA Q 157 54.00 36.04 -61.67
C ALA Q 157 54.49 34.88 -60.82
N GLY Q 158 55.58 35.07 -60.07
CA GLY Q 158 56.05 34.02 -59.20
C GLY Q 158 55.08 33.70 -58.09
N ALA Q 159 54.39 34.73 -57.57
CA ALA Q 159 53.41 34.51 -56.51
C ALA Q 159 52.21 33.73 -57.02
N LEU Q 160 51.77 34.01 -58.24
CA LEU Q 160 50.65 33.24 -58.79
C LEU Q 160 51.09 31.85 -59.21
N ALA Q 161 52.40 31.64 -59.40
CA ALA Q 161 52.92 30.34 -59.80
C ALA Q 161 52.98 29.39 -58.61
N SER R 2 44.45 -0.53 -43.81
CA SER R 2 43.29 -1.39 -43.73
C SER R 2 42.49 -1.12 -42.47
N VAL R 3 41.35 -1.82 -42.34
CA VAL R 3 40.53 -1.68 -41.14
C VAL R 3 41.30 -2.18 -39.91
N VAL R 4 42.01 -3.29 -40.06
CA VAL R 4 42.78 -3.85 -38.94
C VAL R 4 43.84 -2.85 -38.49
N THR R 5 44.54 -2.24 -39.45
CA THR R 5 45.54 -1.23 -39.12
C THR R 5 44.91 -0.05 -38.40
N LYS R 6 43.75 0.42 -38.87
CA LYS R 6 43.09 1.54 -38.23
C LYS R 6 42.73 1.22 -36.78
N ALA R 7 42.16 0.04 -36.54
CA ALA R 7 41.82 -0.36 -35.18
C ALA R 7 43.07 -0.46 -34.31
N ILE R 8 44.14 -1.05 -34.84
CA ILE R 8 45.34 -1.25 -34.05
C ILE R 8 45.98 0.10 -33.71
N VAL R 9 46.02 1.03 -34.65
CA VAL R 9 46.66 2.32 -34.37
C VAL R 9 45.80 3.13 -33.41
N SER R 10 44.47 3.04 -33.52
CA SER R 10 43.63 3.72 -32.53
C SER R 10 43.85 3.14 -31.14
N ALA R 11 43.91 1.81 -31.04
CA ALA R 11 44.18 1.17 -29.76
C ALA R 11 45.54 1.60 -29.20
N ASP R 12 46.56 1.62 -30.05
CA ASP R 12 47.90 1.96 -29.61
C ASP R 12 47.98 3.41 -29.15
N ALA R 13 47.32 4.32 -29.89
CA ALA R 13 47.27 5.71 -29.48
C ALA R 13 46.56 5.87 -28.14
N GLU R 14 45.47 5.14 -27.93
CA GLU R 14 44.82 5.16 -26.63
C GLU R 14 45.47 4.22 -25.63
N ALA R 15 46.47 3.45 -26.07
CA ALA R 15 47.30 2.64 -25.17
C ALA R 15 46.49 1.60 -24.40
N ARG R 16 45.70 0.81 -25.12
CA ARG R 16 44.99 -0.31 -24.52
C ARG R 16 44.65 -1.32 -25.60
N TYR R 17 44.23 -2.50 -25.16
CA TYR R 17 43.88 -3.56 -26.10
C TYR R 17 42.62 -3.21 -26.86
N LEU R 18 42.37 -3.98 -27.92
CA LEU R 18 41.18 -3.74 -28.73
C LEU R 18 39.92 -4.17 -27.98
N SER R 19 38.94 -3.27 -27.98
CA SER R 19 37.66 -3.51 -27.31
C SER R 19 36.81 -4.45 -28.14
N PRO R 20 35.77 -5.04 -27.53
CA PRO R 20 34.88 -5.92 -28.31
C PRO R 20 34.24 -5.25 -29.51
N GLY R 21 34.11 -3.92 -29.49
CA GLY R 21 33.51 -3.24 -30.62
C GLY R 21 34.35 -3.33 -31.88
N GLU R 22 35.61 -2.92 -31.81
CA GLU R 22 36.45 -3.01 -33.00
C GLU R 22 36.90 -4.45 -33.26
N LEU R 23 36.84 -5.32 -32.25
CA LEU R 23 36.97 -6.75 -32.55
C LEU R 23 35.83 -7.23 -33.43
N ASP R 24 34.60 -6.78 -33.14
CA ASP R 24 33.48 -7.09 -34.01
C ASP R 24 33.66 -6.44 -35.38
N ARG R 25 34.27 -5.26 -35.41
CA ARG R 25 34.62 -4.63 -36.68
C ARG R 25 35.54 -5.52 -37.50
N ILE R 26 36.57 -6.07 -36.86
CA ILE R 26 37.51 -6.95 -37.57
C ILE R 26 36.80 -8.20 -38.04
N ARG R 27 35.93 -8.77 -37.21
CA ARG R 27 35.18 -9.97 -37.62
C ARG R 27 34.29 -9.67 -38.83
N GLY R 28 33.61 -8.54 -38.80
CA GLY R 28 32.78 -8.16 -39.94
C GLY R 28 33.58 -7.91 -41.20
N PHE R 29 34.78 -7.33 -41.04
CA PHE R 29 35.62 -7.06 -42.20
C PHE R 29 36.14 -8.35 -42.82
N VAL R 30 36.59 -9.29 -41.98
CA VAL R 30 37.11 -10.55 -42.52
C VAL R 30 35.96 -11.42 -43.03
N SER R 31 34.74 -11.19 -42.54
CA SER R 31 33.60 -11.95 -43.02
C SER R 31 33.18 -11.50 -44.42
N SER R 32 33.51 -10.26 -44.79
CA SER R 32 33.10 -9.69 -46.06
C SER R 32 34.22 -9.67 -47.10
N GLY R 33 35.34 -10.35 -46.83
CA GLY R 33 36.49 -10.26 -47.71
C GLY R 33 36.21 -10.77 -49.12
N GLU R 34 35.49 -11.89 -49.23
CA GLU R 34 35.23 -12.47 -50.54
C GLU R 34 34.37 -11.55 -51.41
N ARG R 35 33.39 -10.87 -50.79
CA ARG R 35 32.60 -9.90 -51.53
C ARG R 35 33.46 -8.74 -52.02
N ARG R 36 34.39 -8.28 -51.19
CA ARG R 36 35.30 -7.23 -51.63
C ARG R 36 36.16 -7.70 -52.79
N LEU R 37 36.61 -8.96 -52.75
CA LEU R 37 37.44 -9.48 -53.83
C LEU R 37 36.65 -9.61 -55.13
N ARG R 38 35.39 -10.05 -55.04
CA ARG R 38 34.60 -10.18 -56.25
C ARG R 38 34.29 -8.80 -56.84
N VAL R 39 34.07 -7.80 -55.98
CA VAL R 39 33.89 -6.44 -56.46
C VAL R 39 35.17 -5.93 -57.12
N ALA R 40 36.32 -6.24 -56.52
CA ALA R 40 37.60 -5.82 -57.09
C ALA R 40 37.78 -6.42 -58.48
N GLN R 41 37.48 -7.70 -58.66
CA GLN R 41 37.46 -8.25 -60.02
C GLN R 41 36.49 -7.50 -60.92
N THR R 42 35.22 -7.41 -60.51
CA THR R 42 34.21 -6.84 -61.40
C THR R 42 34.64 -5.46 -61.90
N LEU R 43 35.38 -4.71 -61.07
CA LEU R 43 36.01 -3.50 -61.57
C LEU R 43 37.21 -3.81 -62.47
N THR R 44 37.94 -4.89 -62.16
CA THR R 44 39.19 -5.14 -62.86
C THR R 44 39.00 -5.58 -64.31
N GLU R 45 38.00 -6.43 -64.60
CA GLU R 45 37.80 -6.78 -66.00
C GLU R 45 37.38 -5.57 -66.82
N SER R 46 36.74 -4.58 -66.18
CA SER R 46 36.21 -3.43 -66.89
C SER R 46 37.15 -2.23 -66.85
N ARG R 47 38.46 -2.45 -66.79
CA ARG R 47 39.42 -1.36 -66.83
C ARG R 47 39.18 -0.45 -68.03
N GLU R 48 39.29 -1.02 -69.24
CA GLU R 48 39.28 -0.21 -70.44
C GLU R 48 37.94 0.52 -70.60
N ARG R 49 36.84 -0.18 -70.37
CA ARG R 49 35.53 0.43 -70.59
C ARG R 49 35.30 1.59 -69.62
N ILE R 50 35.61 1.39 -68.34
CA ILE R 50 35.46 2.45 -67.35
C ILE R 50 36.34 3.64 -67.71
N ILE R 51 37.62 3.39 -67.97
CA ILE R 51 38.57 4.47 -68.18
C ILE R 51 38.22 5.26 -69.44
N LYS R 52 37.90 4.56 -70.53
CA LYS R 52 37.63 5.25 -71.79
C LYS R 52 36.31 6.00 -71.74
N GLN R 53 35.28 5.41 -71.12
CA GLN R 53 34.02 6.14 -70.97
C GLN R 53 34.21 7.38 -70.10
N ALA R 54 35.00 7.27 -69.03
CA ALA R 54 35.24 8.42 -68.16
C ALA R 54 36.01 9.51 -68.89
N GLY R 55 37.03 9.13 -69.68
CA GLY R 55 37.75 10.12 -70.46
C GLY R 55 36.87 10.80 -71.49
N ASP R 56 35.99 10.03 -72.13
CA ASP R 56 35.07 10.61 -73.11
C ASP R 56 34.13 11.60 -72.43
N GLN R 57 33.61 11.26 -71.25
CA GLN R 57 32.73 12.19 -70.53
C GLN R 57 33.49 13.44 -70.10
N LEU R 58 34.73 13.27 -69.62
CA LEU R 58 35.53 14.42 -69.20
C LEU R 58 35.79 15.37 -70.35
N PHE R 59 36.13 14.84 -71.52
CA PHE R 59 36.42 15.70 -72.65
C PHE R 59 35.12 16.16 -73.33
N GLN R 60 34.00 15.56 -72.96
CA GLN R 60 32.70 16.11 -73.34
C GLN R 60 32.39 17.35 -72.51
N LYS R 61 32.66 17.29 -71.21
CA LYS R 61 32.42 18.46 -70.37
C LYS R 61 33.49 19.51 -70.57
N ARG R 62 34.73 19.10 -70.84
CA ARG R 62 35.87 20.01 -70.93
C ARG R 62 36.59 19.81 -72.25
N PRO R 63 36.03 20.28 -73.36
CA PRO R 63 36.75 20.21 -74.64
C PRO R 63 38.03 21.03 -74.65
N ASP R 64 38.13 22.02 -73.77
CA ASP R 64 39.33 22.85 -73.72
C ASP R 64 40.57 22.05 -73.34
N LEU R 65 40.38 21.00 -72.53
CA LEU R 65 41.53 20.22 -72.08
C LEU R 65 42.26 19.58 -73.26
N VAL R 66 41.51 19.00 -74.20
CA VAL R 66 42.12 18.41 -75.39
C VAL R 66 42.14 19.38 -76.56
N SER R 67 41.73 20.62 -76.36
CA SER R 67 41.89 21.66 -77.35
C SER R 67 43.35 22.09 -77.42
N PRO R 68 43.80 22.62 -78.55
CA PRO R 68 45.18 23.12 -78.62
C PRO R 68 45.48 24.11 -77.51
N GLY R 69 46.62 23.92 -76.85
CA GLY R 69 46.98 24.69 -75.69
C GLY R 69 46.56 24.08 -74.37
N GLY R 70 45.70 23.06 -74.38
CA GLY R 70 45.26 22.44 -73.16
C GLY R 70 46.27 21.44 -72.61
N ASN R 71 45.93 20.88 -71.46
CA ASN R 71 46.85 19.98 -70.78
C ASN R 71 46.90 18.61 -71.45
N ALA R 72 45.78 18.15 -71.99
CA ALA R 72 45.69 16.81 -72.57
C ALA R 72 45.67 16.85 -74.10
N TYR R 73 46.10 17.95 -74.71
CA TYR R 73 46.11 18.04 -76.16
C TYR R 73 47.16 17.10 -76.75
N GLY R 74 46.76 16.35 -77.76
CA GLY R 74 47.64 15.38 -78.37
C GLY R 74 47.37 13.96 -77.90
N ALA R 75 47.75 13.00 -78.74
CA ALA R 75 47.48 11.61 -78.44
C ALA R 75 48.27 11.13 -77.23
N GLU R 76 49.54 11.52 -77.13
CA GLU R 76 50.37 11.06 -76.01
C GLU R 76 49.87 11.62 -74.68
N ARG R 77 49.42 12.87 -74.66
CA ARG R 77 48.98 13.47 -73.41
C ARG R 77 47.61 12.92 -73.00
N THR R 78 46.76 12.61 -73.98
CA THR R 78 45.52 11.90 -73.67
C THR R 78 45.81 10.50 -73.14
N ALA R 79 46.84 9.85 -73.68
CA ALA R 79 47.25 8.56 -73.15
C ALA R 79 47.71 8.69 -71.70
N SER R 80 48.43 9.76 -71.38
CA SER R 80 48.84 9.99 -70.00
C SER R 80 47.63 10.27 -69.11
N CYS R 81 46.64 10.98 -69.63
CA CYS R 81 45.37 11.13 -68.94
C CYS R 81 44.75 9.77 -68.58
N LEU R 82 44.63 8.89 -69.58
CA LEU R 82 44.02 7.60 -69.35
C LEU R 82 44.86 6.74 -68.41
N ARG R 83 46.19 6.91 -68.45
CA ARG R 83 47.05 6.17 -67.54
C ARG R 83 46.91 6.65 -66.10
N ASP R 84 46.70 7.95 -65.91
CA ASP R 84 46.41 8.45 -64.57
C ASP R 84 45.09 7.89 -64.05
N LEU R 85 44.09 7.83 -64.94
CA LEU R 85 42.82 7.21 -64.55
C LEU R 85 43.01 5.74 -64.22
N ASP R 86 43.92 5.07 -64.93
CA ASP R 86 44.29 3.70 -64.61
C ASP R 86 44.87 3.59 -63.21
N TYR R 87 45.82 4.45 -62.88
CA TYR R 87 46.35 4.50 -61.51
C TYR R 87 45.23 4.64 -60.49
N TYR R 88 44.31 5.57 -60.71
CA TYR R 88 43.32 5.83 -59.68
C TYR R 88 42.29 4.70 -59.59
N LEU R 89 41.97 4.06 -60.71
CA LEU R 89 41.09 2.90 -60.65
C LEU R 89 41.75 1.75 -59.88
N ARG R 90 43.04 1.53 -60.12
CA ARG R 90 43.75 0.50 -59.37
C ARG R 90 43.79 0.83 -57.89
N LEU R 91 43.97 2.11 -57.56
CA LEU R 91 43.96 2.52 -56.16
C LEU R 91 42.59 2.30 -55.53
N VAL R 92 41.52 2.55 -56.29
CA VAL R 92 40.18 2.29 -55.77
C VAL R 92 39.99 0.80 -55.50
N THR R 93 40.50 -0.05 -56.39
CA THR R 93 40.45 -1.49 -56.14
C THR R 93 41.22 -1.85 -54.87
N PHE R 94 42.40 -1.27 -54.69
CA PHE R 94 43.18 -1.52 -53.49
C PHE R 94 42.41 -1.10 -52.25
N GLY R 95 41.74 0.04 -52.31
CA GLY R 95 40.96 0.50 -51.17
C GLY R 95 39.79 -0.41 -50.86
N ILE R 96 39.09 -0.88 -51.90
CA ILE R 96 37.98 -1.81 -51.69
C ILE R 96 38.46 -3.09 -51.02
N VAL R 97 39.59 -3.63 -51.49
CA VAL R 97 40.12 -4.84 -50.87
C VAL R 97 40.54 -4.57 -49.43
N ALA R 98 41.21 -3.45 -49.19
CA ALA R 98 41.76 -3.17 -47.87
C ALA R 98 40.67 -2.88 -46.85
N GLY R 99 39.50 -2.43 -47.30
CA GLY R 99 38.42 -2.09 -46.42
C GLY R 99 38.30 -0.62 -46.09
N ASP R 100 39.34 0.17 -46.36
CA ASP R 100 39.31 1.60 -46.13
C ASP R 100 40.09 2.28 -47.24
N VAL R 101 40.19 3.61 -47.14
CA VAL R 101 40.80 4.41 -48.19
C VAL R 101 42.31 4.55 -48.04
N THR R 102 42.91 3.91 -47.02
CA THR R 102 44.31 4.17 -46.71
C THR R 102 45.26 4.00 -47.89
N PRO R 103 45.22 2.90 -48.67
CA PRO R 103 46.10 2.85 -49.84
C PRO R 103 45.86 4.00 -50.81
N ILE R 104 44.61 4.43 -50.95
CA ILE R 104 44.30 5.49 -51.89
C ILE R 104 45.07 6.76 -51.54
N GLU R 105 45.00 7.21 -50.28
CA GLU R 105 45.75 8.43 -49.97
C GLU R 105 47.24 8.17 -50.02
N GLU R 106 47.71 7.08 -49.39
CA GLU R 106 49.15 6.90 -49.23
C GLU R 106 49.84 6.75 -50.57
N ILE R 107 49.10 6.39 -51.63
CA ILE R 107 49.74 6.20 -52.92
C ILE R 107 49.41 7.32 -53.89
N GLY R 108 48.21 7.90 -53.79
CA GLY R 108 47.83 8.86 -54.81
C GLY R 108 47.21 10.17 -54.35
N VAL R 109 47.05 10.39 -53.05
CA VAL R 109 46.44 11.65 -52.60
C VAL R 109 47.44 12.56 -51.89
N ILE R 110 48.37 12.01 -51.11
CA ILE R 110 49.35 12.82 -50.40
C ILE R 110 50.30 13.44 -51.42
N GLY R 111 50.31 14.77 -51.48
CA GLY R 111 51.16 15.48 -52.41
C GLY R 111 50.64 15.55 -53.82
N VAL R 112 49.38 15.20 -54.06
CA VAL R 112 48.85 15.19 -55.42
C VAL R 112 48.75 16.60 -55.97
N LYS R 113 48.45 17.58 -55.11
CA LYS R 113 48.34 18.95 -55.56
C LYS R 113 49.67 19.49 -56.06
N GLU R 114 50.76 19.22 -55.32
CA GLU R 114 52.07 19.66 -55.77
C GLU R 114 52.47 18.96 -57.06
N MET R 115 52.20 17.66 -57.17
CA MET R 115 52.50 16.94 -58.39
C MET R 115 51.78 17.54 -59.59
N TYR R 116 50.47 17.73 -59.48
CA TYR R 116 49.71 18.18 -60.64
C TYR R 116 49.97 19.66 -60.94
N ARG R 117 50.34 20.44 -59.92
CA ARG R 117 50.84 21.78 -60.19
C ARG R 117 52.14 21.74 -60.97
N ASN R 118 53.01 20.79 -60.64
CA ASN R 118 54.22 20.60 -61.42
C ASN R 118 53.89 20.17 -62.85
N LEU R 119 52.75 19.50 -63.03
CA LEU R 119 52.40 18.97 -64.35
C LEU R 119 51.41 19.83 -65.14
N GLU R 120 51.06 21.01 -64.65
CA GLU R 120 50.01 21.86 -65.24
C GLU R 120 48.67 21.15 -65.33
N VAL R 121 48.45 20.12 -64.53
CA VAL R 121 47.23 19.33 -64.59
C VAL R 121 46.16 20.02 -63.76
N PRO R 122 45.01 20.37 -64.34
CA PRO R 122 43.96 21.03 -63.56
C PRO R 122 43.21 20.04 -62.69
N LEU R 123 43.10 20.37 -61.41
CA LEU R 123 42.39 19.58 -60.42
C LEU R 123 40.91 19.42 -60.73
N PRO R 124 40.21 20.46 -61.20
CA PRO R 124 38.81 20.24 -61.63
C PRO R 124 38.68 19.16 -62.70
N GLY R 125 39.64 19.07 -63.62
CA GLY R 125 39.62 17.97 -64.57
C GLY R 125 39.73 16.63 -63.88
N MET R 126 40.59 16.54 -62.87
CA MET R 126 40.74 15.30 -62.11
C MET R 126 39.44 14.93 -61.40
N VAL R 127 38.78 15.90 -60.79
CA VAL R 127 37.56 15.58 -60.05
C VAL R 127 36.44 15.18 -61.01
N GLU R 128 36.36 15.84 -62.17
CA GLU R 128 35.37 15.44 -63.16
C GLU R 128 35.65 14.04 -63.68
N ALA R 129 36.93 13.72 -63.91
CA ALA R 129 37.29 12.38 -64.37
C ALA R 129 36.92 11.32 -63.35
N VAL R 130 37.20 11.57 -62.07
CA VAL R 130 36.94 10.55 -61.06
C VAL R 130 35.44 10.44 -60.79
N LYS R 131 34.69 11.54 -60.94
CA LYS R 131 33.24 11.46 -60.87
C LYS R 131 32.67 10.63 -62.02
N ALA R 132 33.22 10.81 -63.22
CA ALA R 132 32.81 9.97 -64.34
C ALA R 132 33.13 8.50 -64.09
N MET R 133 34.32 8.23 -63.54
CA MET R 133 34.66 6.84 -63.20
C MET R 133 33.73 6.28 -62.15
N LYS R 134 33.33 7.11 -61.17
CA LYS R 134 32.37 6.65 -60.18
C LYS R 134 31.04 6.29 -60.83
N SER R 135 30.53 7.16 -61.70
CA SER R 135 29.25 6.89 -62.34
C SER R 135 29.33 5.63 -63.20
N VAL R 136 30.44 5.43 -63.89
CA VAL R 136 30.60 4.24 -64.72
C VAL R 136 30.69 2.98 -63.84
N ALA R 137 31.47 3.05 -62.77
CA ALA R 137 31.75 1.86 -61.98
C ALA R 137 30.56 1.44 -61.13
N THR R 138 29.74 2.40 -60.71
CA THR R 138 28.56 2.05 -59.93
C THR R 138 27.54 1.30 -60.76
N GLY R 139 27.46 1.61 -62.06
CA GLY R 139 26.53 0.89 -62.92
C GLY R 139 26.87 -0.58 -63.06
N LEU R 140 28.15 -0.91 -62.97
CA LEU R 140 28.58 -2.29 -63.16
C LEU R 140 28.19 -3.15 -61.97
N LEU R 141 27.94 -2.54 -60.82
CA LEU R 141 27.71 -3.30 -59.60
C LEU R 141 26.27 -3.19 -59.12
N SER R 142 25.89 -4.11 -58.25
CA SER R 142 24.61 -4.03 -57.57
C SER R 142 24.65 -2.94 -56.50
N GLY R 143 23.48 -2.62 -55.96
CA GLY R 143 23.37 -1.49 -55.05
C GLY R 143 24.26 -1.61 -53.83
N ASP R 144 24.31 -2.80 -53.24
CA ASP R 144 25.13 -2.99 -52.04
C ASP R 144 26.61 -2.79 -52.34
N ASP R 145 27.07 -3.31 -53.48
CA ASP R 145 28.46 -3.07 -53.88
C ASP R 145 28.64 -1.64 -54.38
N SER R 146 27.64 -1.11 -55.08
CA SER R 146 27.74 0.22 -55.66
C SER R 146 27.93 1.28 -54.59
N ALA R 147 27.19 1.17 -53.47
CA ALA R 147 27.31 2.18 -52.42
C ALA R 147 28.72 2.24 -51.86
N GLU R 148 29.28 1.08 -51.52
CA GLU R 148 30.60 1.07 -50.90
C GLU R 148 31.67 1.53 -51.90
N VAL R 149 31.55 1.13 -53.16
CA VAL R 149 32.53 1.58 -54.15
C VAL R 149 32.41 3.09 -54.38
N GLY R 150 31.18 3.60 -54.40
CA GLY R 150 30.99 5.03 -54.52
C GLY R 150 31.55 5.80 -53.35
N TYR R 151 31.58 5.16 -52.17
CA TYR R 151 32.22 5.80 -51.02
C TYR R 151 33.70 6.07 -51.29
N TYR R 152 34.43 5.07 -51.80
CA TYR R 152 35.83 5.29 -52.14
C TYR R 152 35.96 6.32 -53.25
N PHE R 153 35.11 6.22 -54.27
CA PHE R 153 35.23 7.13 -55.41
C PHE R 153 34.97 8.58 -55.02
N ASP R 154 33.96 8.85 -54.19
CA ASP R 154 33.69 10.24 -53.87
C ASP R 154 34.62 10.74 -52.78
N TYR R 155 35.16 9.84 -51.95
CA TYR R 155 36.27 10.26 -51.11
C TYR R 155 37.44 10.73 -51.95
N LEU R 156 37.76 9.98 -53.02
CA LEU R 156 38.85 10.37 -53.91
C LEU R 156 38.53 11.69 -54.60
N ALA R 157 37.27 11.87 -55.02
CA ALA R 157 36.86 13.11 -55.67
C ALA R 157 37.02 14.30 -54.72
N GLY R 158 36.56 14.15 -53.47
CA GLY R 158 36.72 15.22 -52.51
C GLY R 158 38.18 15.51 -52.18
N ALA R 159 39.00 14.46 -52.10
CA ALA R 159 40.42 14.66 -51.83
C ALA R 159 41.11 15.38 -52.97
N LEU R 160 40.74 15.06 -54.21
CA LEU R 160 41.32 15.78 -55.35
C LEU R 160 40.86 17.22 -55.38
N ALA R 161 39.71 17.51 -54.79
CA ALA R 161 39.18 18.87 -54.75
C ALA R 161 39.58 19.57 -53.46
N SER S 2 29.22 9.36 -26.65
CA SER S 2 28.65 8.59 -27.74
C SER S 2 29.66 8.37 -28.84
N VAL S 3 29.39 7.38 -29.69
CA VAL S 3 30.27 7.13 -30.84
C VAL S 3 30.22 8.30 -31.81
N VAL S 4 29.01 8.82 -32.06
CA VAL S 4 28.85 9.97 -32.95
C VAL S 4 29.56 11.19 -32.39
N THR S 5 29.39 11.43 -31.08
CA THR S 5 30.04 12.57 -30.45
C THR S 5 31.55 12.48 -30.58
N LYS S 6 32.11 11.29 -30.33
CA LYS S 6 33.55 11.13 -30.39
C LYS S 6 34.08 11.27 -31.82
N ALA S 7 33.37 10.72 -32.80
CA ALA S 7 33.78 10.91 -34.19
C ALA S 7 33.73 12.38 -34.59
N ILE S 8 32.65 13.08 -34.24
CA ILE S 8 32.53 14.49 -34.59
C ILE S 8 33.61 15.30 -33.90
N VAL S 9 33.92 15.00 -32.65
CA VAL S 9 34.91 15.77 -31.91
C VAL S 9 36.30 15.54 -32.49
N SER S 10 36.59 14.30 -32.90
CA SER S 10 37.87 14.05 -33.56
C SER S 10 37.96 14.80 -34.88
N ALA S 11 36.89 14.80 -35.67
CA ALA S 11 36.93 15.50 -36.95
C ALA S 11 37.02 17.01 -36.76
N ASP S 12 36.35 17.54 -35.73
CA ASP S 12 36.35 18.98 -35.49
C ASP S 12 37.69 19.44 -34.94
N ALA S 13 38.33 18.62 -34.11
CA ALA S 13 39.65 18.96 -33.60
C ALA S 13 40.65 19.13 -34.74
N GLU S 14 40.50 18.35 -35.80
CA GLU S 14 41.39 18.43 -36.95
C GLU S 14 40.88 19.35 -38.03
N ALA S 15 39.71 20.00 -37.81
CA ALA S 15 39.12 20.93 -38.75
C ALA S 15 38.88 20.29 -40.12
N ARG S 16 38.33 19.08 -40.09
CA ARG S 16 38.08 18.31 -41.30
C ARG S 16 36.70 17.68 -41.21
N TYR S 17 36.16 17.32 -42.38
CA TYR S 17 34.95 16.53 -42.40
C TYR S 17 35.26 15.11 -41.93
N LEU S 18 34.21 14.38 -41.57
CA LEU S 18 34.39 12.99 -41.16
C LEU S 18 34.83 12.15 -42.34
N SER S 19 35.81 11.28 -42.10
CA SER S 19 36.37 10.40 -43.11
C SER S 19 35.47 9.19 -43.33
N PRO S 20 35.71 8.43 -44.41
CA PRO S 20 34.92 7.20 -44.62
C PRO S 20 34.99 6.22 -43.47
N GLY S 21 36.14 6.11 -42.79
CA GLY S 21 36.22 5.24 -41.63
C GLY S 21 35.33 5.69 -40.49
N GLU S 22 35.31 7.00 -40.21
CA GLU S 22 34.47 7.53 -39.14
C GLU S 22 33.00 7.35 -39.46
N LEU S 23 32.62 7.60 -40.71
CA LEU S 23 31.25 7.36 -41.12
C LEU S 23 30.90 5.88 -41.03
N ASP S 24 31.88 5.01 -41.30
CA ASP S 24 31.66 3.58 -41.15
C ASP S 24 31.42 3.20 -39.69
N ARG S 25 32.17 3.83 -38.78
CA ARG S 25 31.93 3.57 -37.37
C ARG S 25 30.52 3.99 -36.97
N ILE S 26 30.09 5.18 -37.42
CA ILE S 26 28.75 5.64 -37.11
C ILE S 26 27.70 4.72 -37.73
N ARG S 27 27.97 4.22 -38.93
CA ARG S 27 27.05 3.30 -39.59
C ARG S 27 26.88 2.02 -38.79
N GLY S 28 27.98 1.44 -38.34
CA GLY S 28 27.89 0.25 -37.50
C GLY S 28 27.19 0.52 -36.19
N PHE S 29 27.46 1.67 -35.58
CA PHE S 29 26.82 2.03 -34.32
C PHE S 29 25.30 2.15 -34.48
N VAL S 30 24.85 2.84 -35.52
CA VAL S 30 23.41 3.00 -35.71
C VAL S 30 22.77 1.67 -36.11
N SER S 31 23.52 0.80 -36.77
CA SER S 31 23.00 -0.53 -37.06
C SER S 31 22.78 -1.33 -35.78
N SER S 32 23.74 -1.26 -34.85
CA SER S 32 23.64 -2.02 -33.60
C SER S 32 22.74 -1.35 -32.57
N GLY S 33 22.28 -0.13 -32.84
CA GLY S 33 21.46 0.58 -31.89
C GLY S 33 20.21 -0.17 -31.46
N GLU S 34 19.63 -0.95 -32.38
CA GLU S 34 18.40 -1.66 -32.04
C GLU S 34 18.64 -2.69 -30.93
N ARG S 35 19.64 -3.55 -31.10
CA ARG S 35 19.90 -4.56 -30.07
C ARG S 35 20.46 -3.92 -28.80
N ARG S 36 21.17 -2.80 -28.93
CA ARG S 36 21.62 -2.15 -27.69
C ARG S 36 20.45 -1.55 -26.92
N LEU S 37 19.44 -1.04 -27.64
CA LEU S 37 18.23 -0.58 -26.96
C LEU S 37 17.50 -1.75 -26.30
N ARG S 38 17.45 -2.89 -26.97
CA ARG S 38 16.84 -4.08 -26.36
C ARG S 38 17.57 -4.48 -25.07
N VAL S 39 18.90 -4.46 -25.11
CA VAL S 39 19.68 -4.81 -23.93
C VAL S 39 19.40 -3.83 -22.80
N ALA S 40 19.40 -2.53 -23.12
CA ALA S 40 19.15 -1.53 -22.08
C ALA S 40 17.76 -1.67 -21.49
N GLN S 41 16.75 -1.95 -22.33
CA GLN S 41 15.40 -2.08 -21.83
C GLN S 41 15.25 -3.32 -20.96
N THR S 42 15.89 -4.42 -21.33
CA THR S 42 15.88 -5.61 -20.49
C THR S 42 16.53 -5.33 -19.14
N LEU S 43 17.67 -4.63 -19.16
CA LEU S 43 18.36 -4.30 -17.91
C LEU S 43 17.54 -3.33 -17.07
N THR S 44 16.77 -2.46 -17.71
CA THR S 44 15.93 -1.51 -16.99
C THR S 44 14.73 -2.19 -16.34
N GLU S 45 14.09 -3.12 -17.04
CA GLU S 45 12.89 -3.75 -16.49
C GLU S 45 13.22 -4.59 -15.27
N SER S 46 14.47 -5.06 -15.17
CA SER S 46 14.90 -5.93 -14.08
C SER S 46 15.64 -5.18 -12.98
N ARG S 47 15.46 -3.86 -12.89
CA ARG S 47 16.25 -3.08 -11.95
C ARG S 47 16.01 -3.51 -10.50
N GLU S 48 14.76 -3.69 -10.10
CA GLU S 48 14.49 -4.07 -8.73
C GLU S 48 15.12 -5.41 -8.38
N ARG S 49 14.95 -6.40 -9.24
CA ARG S 49 15.50 -7.73 -8.97
C ARG S 49 17.03 -7.69 -8.90
N ILE S 50 17.66 -7.00 -9.85
CA ILE S 50 19.12 -6.93 -9.86
C ILE S 50 19.64 -6.22 -8.62
N ILE S 51 19.05 -5.07 -8.29
CA ILE S 51 19.52 -4.31 -7.14
C ILE S 51 19.34 -5.10 -5.86
N LYS S 52 18.18 -5.73 -5.69
CA LYS S 52 17.95 -6.53 -4.49
C LYS S 52 18.93 -7.69 -4.38
N GLN S 53 19.07 -8.47 -5.44
CA GLN S 53 19.92 -9.65 -5.37
C GLN S 53 21.38 -9.26 -5.16
N ALA S 54 21.83 -8.19 -5.83
CA ALA S 54 23.19 -7.72 -5.64
C ALA S 54 23.41 -7.20 -4.22
N GLY S 55 22.42 -6.50 -3.66
CA GLY S 55 22.56 -6.02 -2.30
C GLY S 55 22.68 -7.14 -1.28
N ASP S 56 21.81 -8.15 -1.38
CA ASP S 56 21.94 -9.29 -0.48
C ASP S 56 23.25 -10.04 -0.69
N GLN S 57 23.67 -10.22 -1.94
CA GLN S 57 24.94 -10.90 -2.19
C GLN S 57 26.10 -10.14 -1.57
N LEU S 58 26.11 -8.81 -1.71
CA LEU S 58 27.18 -8.01 -1.14
C LEU S 58 27.17 -8.05 0.38
N PHE S 59 26.00 -7.87 0.99
CA PHE S 59 25.93 -7.80 2.44
C PHE S 59 26.24 -9.14 3.08
N GLN S 60 25.90 -10.24 2.41
CA GLN S 60 26.30 -11.54 2.93
C GLN S 60 27.78 -11.80 2.67
N LYS S 61 28.32 -11.22 1.60
CA LYS S 61 29.74 -11.40 1.30
C LYS S 61 30.62 -10.50 2.14
N ARG S 62 30.11 -9.33 2.53
CA ARG S 62 30.85 -8.37 3.35
C ARG S 62 29.95 -7.90 4.49
N PRO S 63 29.77 -8.75 5.51
CA PRO S 63 28.82 -8.38 6.59
C PRO S 63 29.23 -7.15 7.38
N ASP S 64 30.50 -6.77 7.33
CA ASP S 64 30.98 -5.68 8.19
C ASP S 64 30.43 -4.33 7.75
N LEU S 65 29.96 -4.22 6.51
CA LEU S 65 29.37 -2.96 6.06
C LEU S 65 28.05 -2.67 6.76
N VAL S 66 27.23 -3.70 6.95
CA VAL S 66 25.92 -3.49 7.58
C VAL S 66 25.90 -3.84 9.05
N SER S 67 27.01 -4.31 9.60
CA SER S 67 27.13 -4.54 11.03
C SER S 67 27.22 -3.20 11.76
N PRO S 68 26.93 -3.18 13.06
CA PRO S 68 27.07 -1.93 13.81
C PRO S 68 28.48 -1.39 13.71
N GLY S 69 28.60 -0.07 13.57
CA GLY S 69 29.87 0.54 13.29
C GLY S 69 30.28 0.51 11.84
N GLY S 70 29.51 -0.17 10.99
CA GLY S 70 29.78 -0.22 9.57
C GLY S 70 29.22 1.00 8.85
N ASN S 71 29.67 1.17 7.61
CA ASN S 71 29.27 2.36 6.85
C ASN S 71 27.78 2.36 6.55
N ALA S 72 27.22 1.21 6.20
CA ALA S 72 25.83 1.12 5.79
C ALA S 72 24.91 0.60 6.89
N TYR S 73 25.36 0.61 8.14
CA TYR S 73 24.54 0.10 9.23
C TYR S 73 23.31 0.99 9.44
N GLY S 74 22.16 0.36 9.59
CA GLY S 74 20.92 1.08 9.74
C GLY S 74 20.08 1.04 8.48
N ALA S 75 18.79 1.35 8.63
CA ALA S 75 17.88 1.32 7.49
C ALA S 75 18.21 2.41 6.49
N GLU S 76 18.45 3.62 6.96
CA GLU S 76 18.69 4.75 6.05
C GLU S 76 20.02 4.59 5.31
N ARG S 77 21.05 4.12 6.01
CA ARG S 77 22.35 3.98 5.35
C ARG S 77 22.37 2.81 4.38
N THR S 78 21.68 1.72 4.73
CA THR S 78 21.51 0.64 3.76
C THR S 78 20.73 1.10 2.55
N ALA S 79 19.70 1.92 2.77
CA ALA S 79 18.94 2.47 1.66
C ALA S 79 19.82 3.32 0.76
N SER S 80 20.70 4.12 1.35
CA SER S 80 21.63 4.92 0.57
C SER S 80 22.60 4.04 -0.22
N CYS S 81 23.06 2.96 0.40
CA CYS S 81 23.88 1.98 -0.31
C CYS S 81 23.17 1.44 -1.55
N LEU S 82 21.94 0.97 -1.37
CA LEU S 82 21.20 0.41 -2.50
C LEU S 82 20.86 1.49 -3.52
N ARG S 83 20.71 2.73 -3.08
CA ARG S 83 20.42 3.83 -4.00
C ARG S 83 21.63 4.16 -4.85
N ASP S 84 22.84 4.08 -4.28
CA ASP S 84 24.04 4.19 -5.10
C ASP S 84 24.12 3.07 -6.11
N LEU S 85 23.77 1.86 -5.68
CA LEU S 85 23.74 0.73 -6.62
C LEU S 85 22.78 1.02 -7.78
N ASP S 86 21.61 1.57 -7.48
CA ASP S 86 20.65 1.90 -8.52
C ASP S 86 21.16 3.01 -9.44
N TYR S 87 21.83 4.02 -8.86
CA TYR S 87 22.51 5.03 -9.67
C TYR S 87 23.43 4.39 -10.69
N TYR S 88 24.28 3.47 -10.23
CA TYR S 88 25.26 2.89 -11.15
C TYR S 88 24.62 1.96 -12.16
N LEU S 89 23.52 1.31 -11.79
CA LEU S 89 22.78 0.51 -12.77
C LEU S 89 22.21 1.39 -13.87
N ARG S 90 21.61 2.52 -13.50
CA ARG S 90 21.10 3.46 -14.49
C ARG S 90 22.23 3.98 -15.38
N LEU S 91 23.39 4.23 -14.79
CA LEU S 91 24.53 4.70 -15.57
C LEU S 91 24.99 3.63 -16.55
N VAL S 92 24.96 2.36 -16.14
CA VAL S 92 25.31 1.28 -17.06
C VAL S 92 24.32 1.24 -18.23
N THR S 93 23.03 1.41 -17.95
CA THR S 93 22.06 1.45 -19.06
C THR S 93 22.34 2.62 -19.99
N PHE S 94 22.69 3.78 -19.43
CA PHE S 94 23.05 4.94 -20.25
C PHE S 94 24.24 4.62 -21.14
N GLY S 95 25.25 3.94 -20.59
CA GLY S 95 26.38 3.53 -21.40
C GLY S 95 25.99 2.54 -22.47
N ILE S 96 25.05 1.65 -22.17
CA ILE S 96 24.55 0.70 -23.17
C ILE S 96 23.97 1.45 -24.35
N VAL S 97 23.09 2.42 -24.09
CA VAL S 97 22.44 3.11 -25.21
C VAL S 97 23.46 3.99 -25.94
N ALA S 98 24.40 4.59 -25.22
CA ALA S 98 25.30 5.56 -25.84
C ALA S 98 26.35 4.88 -26.72
N GLY S 99 26.67 3.64 -26.43
CA GLY S 99 27.70 2.95 -27.17
C GLY S 99 29.08 3.02 -26.59
N ASP S 100 29.26 3.70 -25.46
CA ASP S 100 30.55 3.77 -24.79
C ASP S 100 30.35 4.21 -23.35
N VAL S 101 31.46 4.31 -22.62
CA VAL S 101 31.42 4.51 -21.17
C VAL S 101 31.39 5.99 -20.82
N THR S 102 31.21 6.85 -21.82
CA THR S 102 31.22 8.28 -21.57
C THR S 102 30.15 8.74 -20.59
N PRO S 103 28.86 8.36 -20.72
CA PRO S 103 27.90 8.77 -19.69
C PRO S 103 28.28 8.28 -18.31
N ILE S 104 28.78 7.05 -18.22
CA ILE S 104 29.23 6.52 -16.94
C ILE S 104 30.34 7.38 -16.37
N GLU S 105 31.33 7.71 -17.20
CA GLU S 105 32.46 8.51 -16.72
C GLU S 105 31.99 9.87 -16.23
N GLU S 106 31.26 10.60 -17.08
CA GLU S 106 30.79 11.94 -16.71
C GLU S 106 29.97 11.93 -15.43
N ILE S 107 29.03 10.99 -15.31
CA ILE S 107 28.04 11.11 -14.24
C ILE S 107 28.53 10.47 -12.96
N GLY S 108 29.38 9.45 -13.04
CA GLY S 108 29.72 8.73 -11.84
C GLY S 108 31.15 8.23 -11.70
N VAL S 109 32.06 8.58 -12.61
CA VAL S 109 33.43 8.13 -12.48
C VAL S 109 34.40 9.27 -12.20
N ILE S 110 34.24 10.42 -12.85
CA ILE S 110 35.10 11.57 -12.59
C ILE S 110 34.85 12.05 -11.16
N GLY S 111 35.89 12.03 -10.34
CA GLY S 111 35.75 12.49 -8.98
C GLY S 111 35.14 11.50 -8.01
N VAL S 112 35.01 10.23 -8.39
CA VAL S 112 34.31 9.26 -7.55
C VAL S 112 35.10 8.97 -6.27
N LYS S 113 36.42 8.88 -6.37
CA LYS S 113 37.23 8.53 -5.20
C LYS S 113 37.19 9.61 -4.14
N GLU S 114 37.31 10.88 -4.55
CA GLU S 114 37.22 11.96 -3.57
C GLU S 114 35.85 12.03 -2.92
N MET S 115 34.79 11.81 -3.69
CA MET S 115 33.45 11.79 -3.12
C MET S 115 33.30 10.69 -2.08
N TYR S 116 33.67 9.46 -2.42
CA TYR S 116 33.50 8.37 -1.49
C TYR S 116 34.46 8.47 -0.32
N ARG S 117 35.59 9.16 -0.52
CA ARG S 117 36.50 9.45 0.59
C ARG S 117 35.90 10.46 1.54
N ASN S 118 35.14 11.43 1.01
CA ASN S 118 34.44 12.36 1.87
C ASN S 118 33.27 11.69 2.56
N LEU S 119 32.73 10.62 1.97
CA LEU S 119 31.61 9.89 2.56
C LEU S 119 32.05 8.74 3.45
N GLU S 120 33.36 8.50 3.60
CA GLU S 120 33.89 7.38 4.36
C GLU S 120 33.43 6.04 3.79
N VAL S 121 32.99 6.04 2.54
CA VAL S 121 32.50 4.84 1.87
C VAL S 121 33.71 4.05 1.38
N PRO S 122 33.88 2.79 1.77
CA PRO S 122 35.03 2.01 1.27
C PRO S 122 34.95 1.81 -0.22
N LEU S 123 36.10 1.91 -0.89
CA LEU S 123 36.19 1.68 -2.32
C LEU S 123 36.19 0.18 -2.65
N PRO S 124 36.88 -0.68 -1.88
CA PRO S 124 36.73 -2.12 -2.13
C PRO S 124 35.28 -2.60 -2.00
N GLY S 125 34.53 -2.04 -1.06
CA GLY S 125 33.11 -2.36 -0.98
C GLY S 125 32.37 -1.99 -2.25
N MET S 126 32.65 -0.81 -2.79
CA MET S 126 32.02 -0.40 -4.04
C MET S 126 32.40 -1.33 -5.18
N VAL S 127 33.67 -1.73 -5.23
CA VAL S 127 34.13 -2.59 -6.32
C VAL S 127 33.43 -3.94 -6.24
N GLU S 128 33.32 -4.50 -5.04
CA GLU S 128 32.64 -5.78 -4.90
C GLU S 128 31.15 -5.66 -5.19
N ALA S 129 30.55 -4.52 -4.82
CA ALA S 129 29.14 -4.30 -5.16
C ALA S 129 28.94 -4.25 -6.67
N VAL S 130 29.85 -3.57 -7.39
CA VAL S 130 29.76 -3.52 -8.84
C VAL S 130 29.96 -4.90 -9.45
N LYS S 131 30.87 -5.69 -8.87
CA LYS S 131 31.06 -7.05 -9.34
C LYS S 131 29.82 -7.90 -9.12
N ALA S 132 29.16 -7.74 -7.98
CA ALA S 132 27.92 -8.48 -7.72
C ALA S 132 26.82 -8.06 -8.68
N MET S 133 26.73 -6.75 -8.98
CA MET S 133 25.76 -6.30 -9.97
C MET S 133 26.04 -6.91 -11.33
N LYS S 134 27.32 -6.97 -11.73
CA LYS S 134 27.66 -7.58 -13.00
C LYS S 134 27.26 -9.04 -13.02
N SER S 135 27.56 -9.77 -11.94
CA SER S 135 27.19 -11.18 -11.88
C SER S 135 25.69 -11.36 -12.00
N VAL S 136 24.91 -10.60 -11.24
CA VAL S 136 23.46 -10.76 -11.26
C VAL S 136 22.90 -10.42 -12.64
N ALA S 137 23.29 -9.27 -13.19
CA ALA S 137 22.75 -8.85 -14.47
C ALA S 137 23.13 -9.80 -15.59
N THR S 138 24.39 -10.21 -15.65
CA THR S 138 24.82 -11.13 -16.70
C THR S 138 24.16 -12.49 -16.53
N GLY S 139 23.89 -12.89 -15.28
CA GLY S 139 23.17 -14.14 -15.07
C GLY S 139 21.74 -14.08 -15.56
N LEU S 140 21.08 -12.93 -15.40
CA LEU S 140 19.69 -12.82 -15.82
C LEU S 140 19.56 -12.74 -17.33
N LEU S 141 20.42 -11.95 -17.99
CA LEU S 141 20.26 -11.71 -19.41
C LEU S 141 21.09 -12.70 -20.24
N SER S 142 20.95 -12.60 -21.55
CA SER S 142 21.47 -13.59 -22.47
C SER S 142 23.00 -13.59 -22.49
N GLY S 143 23.56 -14.71 -22.96
CA GLY S 143 25.00 -14.83 -23.02
C GLY S 143 25.65 -13.88 -24.02
N ASP S 144 25.01 -13.70 -25.18
CA ASP S 144 25.55 -12.81 -26.20
C ASP S 144 25.58 -11.36 -25.71
N ASP S 145 24.54 -10.95 -25.00
CA ASP S 145 24.50 -9.59 -24.46
C ASP S 145 25.32 -9.48 -23.19
N SER S 146 25.67 -10.63 -22.60
CA SER S 146 26.42 -10.62 -21.36
C SER S 146 27.79 -9.99 -21.52
N ALA S 147 28.47 -10.29 -22.63
CA ALA S 147 29.78 -9.69 -22.86
C ALA S 147 29.68 -8.18 -23.02
N GLU S 148 28.68 -7.71 -23.77
CA GLU S 148 28.52 -6.27 -23.98
C GLU S 148 28.24 -5.55 -22.67
N VAL S 149 27.37 -6.12 -21.84
CA VAL S 149 27.05 -5.48 -20.56
C VAL S 149 28.24 -5.57 -19.61
N GLY S 150 28.93 -6.71 -19.61
CA GLY S 150 30.06 -6.88 -18.72
C GLY S 150 31.22 -5.97 -19.07
N TYR S 151 31.30 -5.54 -20.33
CA TYR S 151 32.33 -4.56 -20.69
C TYR S 151 32.18 -3.29 -19.87
N TYR S 152 30.98 -2.71 -19.86
CA TYR S 152 30.72 -1.52 -19.06
C TYR S 152 30.86 -1.80 -17.57
N PHE S 153 30.39 -2.97 -17.12
CA PHE S 153 30.52 -3.28 -15.70
C PHE S 153 31.99 -3.39 -15.27
N ASP S 154 32.84 -3.99 -16.10
CA ASP S 154 34.27 -4.07 -15.78
C ASP S 154 34.93 -2.71 -15.86
N TYR S 155 34.48 -1.86 -16.80
CA TYR S 155 34.99 -0.49 -16.80
C TYR S 155 34.69 0.20 -15.48
N LEU S 156 33.45 0.08 -15.00
CA LEU S 156 33.08 0.70 -13.73
C LEU S 156 33.88 0.11 -12.58
N ALA S 157 34.05 -1.22 -12.57
CA ALA S 157 34.78 -1.87 -11.50
C ALA S 157 36.23 -1.43 -11.47
N GLY S 158 36.86 -1.29 -12.64
CA GLY S 158 38.22 -0.77 -12.68
C GLY S 158 38.31 0.68 -12.28
N ALA S 159 37.31 1.48 -12.67
CA ALA S 159 37.32 2.91 -12.32
C ALA S 159 37.23 3.11 -10.82
N LEU S 160 36.36 2.36 -10.14
CA LEU S 160 36.24 2.51 -8.69
C LEU S 160 37.36 1.77 -7.96
N ALA S 161 38.17 1.01 -8.69
CA ALA S 161 39.30 0.33 -8.08
C ALA S 161 40.58 1.14 -8.27
N MET T 1 52.15 1.53 -40.00
CA MET T 1 52.59 0.15 -40.00
C MET T 1 51.89 -0.66 -41.08
N GLN T 2 52.32 -1.91 -41.27
CA GLN T 2 51.99 -2.69 -42.45
C GLN T 2 51.33 -4.01 -42.02
N ASP T 3 50.17 -4.30 -42.62
CA ASP T 3 49.44 -5.52 -42.34
C ASP T 3 49.69 -6.56 -43.42
N ALA T 4 49.02 -7.72 -43.27
CA ALA T 4 49.07 -8.74 -44.31
C ALA T 4 48.42 -8.24 -45.60
N ILE T 5 47.28 -7.58 -45.49
CA ILE T 5 46.61 -7.03 -46.66
C ILE T 5 47.43 -5.90 -47.27
N THR T 6 47.97 -5.02 -46.42
CA THR T 6 48.78 -3.92 -46.93
C THR T 6 50.06 -4.43 -47.57
N SER T 7 50.59 -5.56 -47.09
CA SER T 7 51.76 -6.15 -47.74
C SER T 7 51.45 -6.57 -49.17
N VAL T 8 50.30 -7.23 -49.37
CA VAL T 8 49.90 -7.62 -50.71
C VAL T 8 49.67 -6.39 -51.58
N ILE T 9 49.01 -5.37 -51.02
CA ILE T 9 48.77 -4.14 -51.77
C ILE T 9 50.09 -3.50 -52.18
N ASN T 10 51.06 -3.47 -51.28
CA ASN T 10 52.36 -2.89 -51.60
C ASN T 10 53.08 -3.69 -52.67
N THR T 11 53.04 -5.03 -52.57
CA THR T 11 53.72 -5.85 -53.57
C THR T 11 53.12 -5.65 -54.95
N TYR T 12 51.79 -5.45 -55.02
CA TYR T 12 51.18 -5.27 -56.33
C TYR T 12 51.27 -3.83 -56.80
N ASP T 13 51.43 -2.88 -55.88
CA ASP T 13 51.57 -1.48 -56.27
C ASP T 13 52.97 -1.20 -56.80
N VAL T 14 53.99 -1.84 -56.23
CA VAL T 14 55.34 -1.68 -56.75
C VAL T 14 55.43 -2.25 -58.15
N GLN T 15 54.76 -3.37 -58.41
CA GLN T 15 54.79 -3.96 -59.73
C GLN T 15 53.96 -3.16 -60.72
N GLY T 16 53.03 -2.35 -60.23
CA GLY T 16 52.11 -1.64 -61.10
C GLY T 16 50.96 -2.47 -61.60
N LYS T 17 50.77 -3.67 -61.07
CA LYS T 17 49.75 -4.58 -61.56
C LYS T 17 48.51 -4.53 -60.68
N TYR T 18 47.37 -4.80 -61.29
CA TYR T 18 46.15 -5.02 -60.54
C TYR T 18 46.24 -6.34 -59.77
N PHE T 19 45.28 -6.56 -58.88
CA PHE T 19 45.19 -7.85 -58.22
C PHE T 19 44.81 -8.96 -59.19
N ASP T 20 45.37 -10.14 -58.97
CA ASP T 20 45.11 -11.33 -59.75
C ASP T 20 44.74 -12.47 -58.81
N THR T 21 44.72 -13.69 -59.34
CA THR T 21 44.26 -14.85 -58.57
C THR T 21 45.18 -15.12 -57.37
N SER T 22 46.49 -15.02 -57.54
CA SER T 22 47.41 -15.32 -56.45
C SER T 22 47.26 -14.31 -55.31
N ALA T 23 47.06 -13.03 -55.66
CA ALA T 23 46.77 -12.02 -54.65
C ALA T 23 45.54 -12.42 -53.83
N PHE T 24 44.52 -12.94 -54.50
CA PHE T 24 43.32 -13.36 -53.78
C PHE T 24 43.58 -14.61 -52.96
N ASP T 25 44.47 -15.49 -53.42
CA ASP T 25 44.86 -16.61 -52.58
C ASP T 25 45.43 -16.12 -51.25
N LYS T 26 46.38 -15.19 -51.31
CA LYS T 26 46.98 -14.65 -50.09
C LYS T 26 45.94 -13.92 -49.23
N LEU T 27 45.11 -13.09 -49.87
CA LEU T 27 44.12 -12.32 -49.12
C LEU T 27 43.08 -13.22 -48.46
N LYS T 28 42.62 -14.25 -49.17
CA LYS T 28 41.66 -15.19 -48.60
C LYS T 28 42.30 -16.02 -47.49
N ALA T 29 43.60 -16.32 -47.62
CA ALA T 29 44.28 -16.98 -46.51
C ALA T 29 44.25 -16.11 -45.26
N TYR T 30 44.53 -14.82 -45.41
CA TYR T 30 44.47 -13.94 -44.25
C TYR T 30 43.04 -13.84 -43.71
N TYR T 31 42.06 -13.72 -44.60
CA TYR T 31 40.66 -13.61 -44.17
C TYR T 31 40.22 -14.86 -43.41
N ALA T 32 40.66 -16.03 -43.87
CA ALA T 32 40.34 -17.27 -43.17
C ALA T 32 40.98 -17.31 -41.80
N THR T 33 42.24 -16.89 -41.69
CA THR T 33 42.88 -16.89 -40.38
C THR T 33 42.32 -15.80 -39.46
N GLY T 34 41.61 -14.82 -40.04
CA GLY T 34 41.18 -13.67 -39.26
C GLY T 34 40.29 -14.01 -38.07
N GLU T 35 39.39 -14.99 -38.24
CA GLU T 35 38.51 -15.37 -37.14
C GLU T 35 39.31 -15.92 -35.97
N LEU T 36 40.27 -16.81 -36.25
CA LEU T 36 41.13 -17.32 -35.19
C LEU T 36 41.93 -16.21 -34.55
N ARG T 37 42.44 -15.27 -35.36
CA ARG T 37 43.23 -14.17 -34.80
C ARG T 37 42.40 -13.31 -33.86
N VAL T 38 41.18 -12.96 -34.26
CA VAL T 38 40.36 -12.08 -33.42
C VAL T 38 39.93 -12.82 -32.16
N ARG T 39 39.63 -14.11 -32.26
CA ARG T 39 39.31 -14.89 -31.07
C ARG T 39 40.48 -14.92 -30.10
N ALA T 40 41.68 -15.18 -30.61
CA ALA T 40 42.87 -15.20 -29.74
C ALA T 40 43.12 -13.82 -29.14
N ALA T 41 42.95 -12.76 -29.92
CA ALA T 41 43.19 -11.42 -29.41
C ALA T 41 42.21 -11.06 -28.30
N GLY T 42 40.93 -11.43 -28.47
CA GLY T 42 39.98 -11.21 -27.41
C GLY T 42 40.31 -11.99 -26.15
N THR T 43 40.71 -13.25 -26.31
CA THR T 43 41.09 -14.05 -25.16
C THR T 43 42.28 -13.44 -24.42
N ILE T 44 43.27 -12.96 -25.18
CA ILE T 44 44.47 -12.40 -24.56
C ILE T 44 44.16 -11.07 -23.89
N SER T 45 43.32 -10.25 -24.53
CA SER T 45 42.93 -8.98 -23.93
C SER T 45 42.16 -9.21 -22.62
N ALA T 46 41.28 -10.21 -22.60
CA ALA T 46 40.50 -10.47 -21.40
C ALA T 46 41.39 -10.90 -20.24
N ASN T 47 42.39 -11.73 -20.51
CA ASN T 47 43.20 -12.33 -19.46
C ASN T 47 44.59 -11.73 -19.33
N ALA T 48 44.86 -10.62 -20.06
CA ALA T 48 46.22 -10.09 -20.13
C ALA T 48 46.82 -9.89 -18.74
N ALA T 49 46.01 -9.44 -17.79
CA ALA T 49 46.48 -9.30 -16.41
C ALA T 49 47.01 -10.63 -15.89
N THR T 50 46.31 -11.74 -16.17
CA THR T 50 46.73 -13.04 -15.65
C THR T 50 48.03 -13.52 -16.29
N ILE T 51 48.17 -13.33 -17.60
CA ILE T 51 49.43 -13.68 -18.25
C ILE T 51 50.57 -12.90 -17.62
N ILE T 52 50.37 -11.60 -17.39
CA ILE T 52 51.39 -10.81 -16.73
C ILE T 52 51.68 -11.39 -15.35
N LYS T 53 50.62 -11.71 -14.60
CA LYS T 53 50.77 -12.21 -13.24
C LYS T 53 51.74 -13.37 -13.22
N GLU T 54 51.37 -14.44 -13.92
CA GLU T 54 52.10 -15.69 -13.80
C GLU T 54 53.46 -15.61 -14.48
N ALA T 55 53.56 -14.93 -15.62
CA ALA T 55 54.85 -14.80 -16.30
C ALA T 55 55.85 -14.06 -15.42
N SER T 56 55.46 -12.90 -14.86
CA SER T 56 56.37 -12.18 -13.98
C SER T 56 56.69 -13.01 -12.74
N ALA T 57 55.69 -13.71 -12.20
CA ALA T 57 55.91 -14.52 -11.01
C ALA T 57 57.00 -15.56 -11.24
N LYS T 58 56.88 -16.34 -12.33
CA LYS T 58 57.86 -17.41 -12.50
C LYS T 58 59.20 -16.86 -13.00
N LEU T 59 59.19 -15.75 -13.73
CA LEU T 59 60.45 -15.10 -14.09
C LEU T 59 61.22 -14.70 -12.83
N PHE T 60 60.53 -14.10 -11.87
CA PHE T 60 61.21 -13.68 -10.64
C PHE T 60 61.58 -14.89 -9.78
N SER T 61 60.79 -15.96 -9.84
CA SER T 61 61.19 -17.17 -9.12
C SER T 61 62.49 -17.74 -9.68
N ASN T 62 62.63 -17.77 -11.01
CA ASN T 62 63.86 -18.27 -11.60
C ASN T 62 65.06 -17.38 -11.28
N GLN T 63 64.86 -16.06 -11.28
CA GLN T 63 65.92 -15.09 -11.07
C GLN T 63 65.52 -14.15 -9.94
N PRO T 64 65.64 -14.59 -8.69
CA PRO T 64 65.17 -13.76 -7.57
C PRO T 64 66.00 -12.50 -7.34
N ASP T 65 67.20 -12.41 -7.89
CA ASP T 65 68.08 -11.29 -7.55
C ASP T 65 67.54 -9.97 -8.07
N LEU T 66 66.64 -10.01 -9.06
CA LEU T 66 66.07 -8.78 -9.60
C LEU T 66 65.28 -8.02 -8.53
N VAL T 67 64.47 -8.72 -7.74
CA VAL T 67 63.57 -8.03 -6.82
C VAL T 67 64.27 -7.74 -5.50
N ARG T 68 65.27 -8.55 -5.13
CA ARG T 68 66.03 -8.29 -3.93
C ARG T 68 66.86 -7.02 -4.09
N PRO T 69 67.17 -6.33 -2.99
CA PRO T 69 67.95 -5.09 -3.09
C PRO T 69 69.28 -5.30 -3.79
N GLY T 70 69.67 -4.32 -4.59
CA GLY T 70 70.78 -4.46 -5.49
C GLY T 70 70.42 -4.98 -6.86
N GLY T 71 69.18 -5.42 -7.06
CA GLY T 71 68.73 -5.85 -8.37
C GLY T 71 67.97 -4.76 -9.11
N ASN T 72 67.96 -4.89 -10.44
CA ASN T 72 67.35 -3.86 -11.27
C ASN T 72 65.87 -3.69 -10.97
N ALA T 73 65.18 -4.79 -10.66
CA ALA T 73 63.76 -4.69 -10.36
C ALA T 73 63.51 -4.16 -8.96
N TYR T 74 64.54 -4.03 -8.13
CA TYR T 74 64.33 -3.60 -6.75
C TYR T 74 64.01 -2.11 -6.69
N THR T 75 62.71 -1.80 -6.78
CA THR T 75 62.10 -0.55 -6.35
C THR T 75 60.62 -0.70 -6.66
N THR T 76 59.76 0.11 -6.06
CA THR T 76 58.37 0.12 -6.49
C THR T 76 58.24 0.70 -7.89
N ARG T 77 58.96 1.78 -8.17
CA ARG T 77 58.98 2.34 -9.52
C ARG T 77 59.61 1.37 -10.51
N ARG T 78 60.71 0.73 -10.11
CA ARG T 78 61.37 -0.19 -11.03
C ARG T 78 60.55 -1.44 -11.26
N TYR T 79 59.87 -1.94 -10.22
CA TYR T 79 58.96 -3.06 -10.42
C TYR T 79 57.79 -2.67 -11.33
N ALA T 80 57.25 -1.47 -11.13
CA ALA T 80 56.18 -0.98 -11.99
C ALA T 80 56.63 -0.90 -13.44
N ALA T 81 57.84 -0.39 -13.66
CA ALA T 81 58.37 -0.33 -15.01
C ALA T 81 58.61 -1.72 -15.58
N CYS T 82 59.07 -2.65 -14.74
CA CYS T 82 59.31 -4.01 -15.20
C CYS T 82 58.03 -4.66 -15.68
N VAL T 83 56.94 -4.48 -14.95
CA VAL T 83 55.68 -5.09 -15.36
C VAL T 83 55.06 -4.31 -16.52
N ARG T 84 55.34 -3.01 -16.59
CA ARG T 84 54.83 -2.21 -17.70
C ARG T 84 55.50 -2.60 -19.02
N ASP T 85 56.78 -2.96 -18.96
CA ASP T 85 57.45 -3.46 -20.17
C ASP T 85 56.83 -4.76 -20.65
N MET T 86 56.50 -5.66 -19.71
CA MET T 86 55.83 -6.90 -20.08
C MET T 86 54.45 -6.63 -20.67
N ASP T 87 53.74 -5.64 -20.11
CA ASP T 87 52.47 -5.24 -20.70
C ASP T 87 52.67 -4.74 -22.13
N TYR T 88 53.71 -3.93 -22.35
CA TYR T 88 54.07 -3.52 -23.71
C TYR T 88 54.23 -4.72 -24.62
N PHE T 89 55.03 -5.70 -24.19
CA PHE T 89 55.31 -6.84 -25.05
C PHE T 89 54.05 -7.64 -25.36
N LEU T 90 53.22 -7.88 -24.35
CA LEU T 90 51.98 -8.62 -24.60
C LEU T 90 51.06 -7.86 -25.54
N ARG T 91 50.86 -6.57 -25.30
CA ARG T 91 49.93 -5.80 -26.11
C ARG T 91 50.41 -5.70 -27.55
N TYR T 92 51.71 -5.50 -27.76
CA TYR T 92 52.20 -5.37 -29.13
C TYR T 92 52.28 -6.72 -29.82
N ALA T 93 52.49 -7.80 -29.06
CA ALA T 93 52.40 -9.13 -29.66
C ALA T 93 50.98 -9.41 -30.12
N THR T 94 49.98 -8.99 -29.32
CA THR T 94 48.60 -9.10 -29.75
C THR T 94 48.34 -8.27 -31.00
N TYR T 95 48.88 -7.05 -31.04
CA TYR T 95 48.76 -6.21 -32.23
C TYR T 95 49.33 -6.91 -33.45
N ALA T 96 50.54 -7.46 -33.33
CA ALA T 96 51.19 -8.11 -34.46
C ALA T 96 50.41 -9.34 -34.90
N MET T 97 49.93 -10.13 -33.95
CA MET T 97 49.16 -11.32 -34.30
C MET T 97 47.88 -10.95 -35.02
N LEU T 98 47.17 -9.92 -34.55
CA LEU T 98 45.92 -9.53 -35.19
C LEU T 98 46.18 -8.92 -36.56
N ALA T 99 47.30 -8.21 -36.71
CA ALA T 99 47.66 -7.67 -38.02
C ALA T 99 48.21 -8.75 -38.93
N GLY T 100 48.79 -9.80 -38.36
CA GLY T 100 49.39 -10.86 -39.13
C GLY T 100 50.78 -10.56 -39.67
N ASP T 101 51.38 -9.45 -39.26
CA ASP T 101 52.70 -9.07 -39.73
C ASP T 101 53.52 -8.53 -38.56
N THR T 102 54.84 -8.63 -38.67
CA THR T 102 55.74 -8.24 -37.59
C THR T 102 56.29 -6.83 -37.74
N SER T 103 55.78 -6.04 -38.67
CA SER T 103 56.33 -4.70 -38.89
C SER T 103 56.18 -3.82 -37.67
N ILE T 104 55.02 -3.90 -37.00
CA ILE T 104 54.76 -3.04 -35.86
C ILE T 104 55.75 -3.31 -34.73
N LEU T 105 56.18 -4.56 -34.60
CA LEU T 105 57.18 -4.90 -33.59
C LEU T 105 58.50 -4.18 -33.84
N ASP T 106 58.91 -4.11 -35.12
CA ASP T 106 60.11 -3.35 -35.45
C ASP T 106 59.92 -1.86 -35.22
N GLU T 107 58.83 -1.30 -35.73
CA GLU T 107 58.67 0.15 -35.72
C GLU T 107 58.49 0.69 -34.31
N ARG T 108 57.71 0.01 -33.48
CA ARG T 108 57.27 0.59 -32.22
C ARG T 108 58.00 0.03 -31.01
N VAL T 109 58.36 -1.26 -31.03
CA VAL T 109 58.98 -1.86 -29.85
C VAL T 109 60.50 -1.95 -30.01
N LEU T 110 60.96 -2.67 -31.04
CA LEU T 110 62.37 -2.98 -31.21
C LEU T 110 63.22 -1.80 -31.65
N ASN T 111 62.60 -0.68 -32.00
CA ASN T 111 63.32 0.46 -32.57
C ASN T 111 64.10 1.15 -31.45
N GLY T 112 65.37 0.79 -31.31
CA GLY T 112 66.23 1.41 -30.33
C GLY T 112 66.10 0.87 -28.92
N LEU T 113 65.35 -0.23 -28.73
CA LEU T 113 65.17 -0.77 -27.39
C LEU T 113 66.47 -1.33 -26.84
N LYS T 114 67.27 -1.97 -27.70
CA LYS T 114 68.57 -2.50 -27.27
C LYS T 114 69.42 -1.42 -26.62
N GLU T 115 69.60 -0.29 -27.31
CA GLU T 115 70.49 0.74 -26.79
C GLU T 115 69.93 1.37 -25.52
N THR T 116 68.61 1.58 -25.47
CA THR T 116 68.01 2.20 -24.30
C THR T 116 68.14 1.31 -23.08
N TYR T 117 67.89 0.00 -23.23
CA TYR T 117 68.10 -0.91 -22.10
C TYR T 117 69.57 -0.96 -21.69
N ASN T 118 70.48 -1.04 -22.67
CA ASN T 118 71.90 -1.14 -22.34
C ASN T 118 72.39 0.11 -21.63
N SER T 119 71.83 1.27 -21.98
CA SER T 119 72.18 2.50 -21.29
C SER T 119 71.57 2.53 -19.89
N LEU T 120 70.30 2.12 -19.76
CA LEU T 120 69.65 2.13 -18.46
C LEU T 120 70.16 1.01 -17.56
N GLY T 121 70.89 0.04 -18.12
CA GLY T 121 71.37 -1.10 -17.36
C GLY T 121 70.39 -2.25 -17.28
N VAL T 122 69.27 -2.18 -17.99
CA VAL T 122 68.28 -3.26 -17.95
C VAL T 122 68.89 -4.52 -18.55
N PRO T 123 68.77 -5.68 -17.90
CA PRO T 123 69.36 -6.91 -18.45
C PRO T 123 68.53 -7.42 -19.61
N ILE T 124 69.16 -7.63 -20.76
CA ILE T 124 68.46 -8.11 -21.94
C ILE T 124 68.02 -9.55 -21.75
N SER T 125 68.91 -10.39 -21.22
CA SER T 125 68.61 -11.81 -21.13
C SER T 125 67.40 -12.07 -20.25
N SER T 126 67.33 -11.38 -19.11
CA SER T 126 66.20 -11.56 -18.20
C SER T 126 64.89 -11.18 -18.88
N THR T 127 64.90 -10.11 -19.68
CA THR T 127 63.73 -9.78 -20.48
C THR T 127 63.41 -10.90 -21.47
N VAL T 128 64.45 -11.58 -21.98
CA VAL T 128 64.21 -12.67 -22.91
C VAL T 128 63.48 -13.82 -22.21
N GLN T 129 63.93 -14.22 -21.01
CA GLN T 129 63.18 -15.27 -20.31
C GLN T 129 61.81 -14.77 -19.89
N GLY T 130 61.66 -13.47 -19.62
CA GLY T 130 60.33 -12.94 -19.35
C GLY T 130 59.40 -13.12 -20.53
N ILE T 131 59.87 -12.82 -21.74
CA ILE T 131 59.06 -13.01 -22.94
C ILE T 131 58.78 -14.49 -23.16
N GLN T 132 59.75 -15.35 -22.87
CA GLN T 132 59.51 -16.78 -22.99
C GLN T 132 58.44 -17.27 -22.01
N ALA T 133 58.47 -16.75 -20.78
CA ALA T 133 57.43 -17.08 -19.82
C ALA T 133 56.07 -16.60 -20.33
N MET T 134 56.03 -15.41 -20.90
CA MET T 134 54.79 -14.87 -21.44
C MET T 134 54.25 -15.74 -22.57
N LYS T 135 55.13 -16.19 -23.48
CA LYS T 135 54.66 -17.00 -24.60
C LYS T 135 54.19 -18.37 -24.12
N GLU T 136 54.86 -18.93 -23.10
CA GLU T 136 54.39 -20.18 -22.52
C GLU T 136 53.01 -20.03 -21.91
N VAL T 137 52.79 -18.94 -21.16
CA VAL T 137 51.49 -18.72 -20.54
C VAL T 137 50.41 -18.55 -21.60
N THR T 138 50.69 -17.75 -22.63
CA THR T 138 49.70 -17.54 -23.68
C THR T 138 49.42 -18.82 -24.44
N GLY T 139 50.44 -19.63 -24.70
CA GLY T 139 50.23 -20.90 -25.36
C GLY T 139 49.35 -21.81 -24.55
N SER T 140 49.54 -21.83 -23.22
CA SER T 140 48.63 -22.59 -22.37
C SER T 140 47.21 -22.04 -22.45
N LEU T 141 47.07 -20.71 -22.44
CA LEU T 141 45.74 -20.11 -22.26
C LEU T 141 44.90 -20.20 -23.53
N VAL T 142 45.46 -19.83 -24.68
CA VAL T 142 44.66 -19.61 -25.88
C VAL T 142 44.51 -20.86 -26.75
N GLY T 143 45.13 -21.96 -26.37
CA GLY T 143 45.07 -23.17 -27.17
C GLY T 143 46.20 -23.23 -28.19
N SER T 144 46.48 -24.47 -28.63
CA SER T 144 47.64 -24.71 -29.50
C SER T 144 47.50 -23.97 -30.82
N GLY T 145 46.29 -23.90 -31.38
CA GLY T 145 46.10 -23.27 -32.67
C GLY T 145 46.53 -21.82 -32.67
N ALA T 146 46.19 -21.07 -31.62
CA ALA T 146 46.63 -19.69 -31.52
C ALA T 146 47.99 -19.60 -30.83
N ALA T 147 48.38 -20.66 -30.10
CA ALA T 147 49.70 -20.69 -29.50
C ALA T 147 50.78 -20.66 -30.56
N LYS T 148 50.62 -21.46 -31.62
CA LYS T 148 51.63 -21.49 -32.68
C LYS T 148 51.70 -20.16 -33.41
N GLU T 149 50.60 -19.40 -33.41
CA GLU T 149 50.60 -18.11 -34.08
C GLU T 149 51.26 -17.03 -33.23
N MET T 150 50.98 -17.03 -31.92
CA MET T 150 51.62 -16.05 -31.06
C MET T 150 53.08 -16.38 -30.80
N GLY T 151 53.46 -17.65 -30.99
CA GLY T 151 54.84 -18.04 -30.77
C GLY T 151 55.80 -17.34 -31.71
N VAL T 152 55.40 -17.16 -32.97
CA VAL T 152 56.30 -16.53 -33.94
C VAL T 152 56.57 -15.09 -33.54
N TYR T 153 55.55 -14.37 -33.08
CA TYR T 153 55.74 -12.97 -32.70
C TYR T 153 56.52 -12.84 -31.41
N PHE T 154 56.27 -13.72 -30.44
CA PHE T 154 57.07 -13.69 -29.22
C PHE T 154 58.53 -14.02 -29.51
N ASP T 155 58.77 -15.00 -30.38
CA ASP T 155 60.14 -15.33 -30.77
C ASP T 155 60.77 -14.18 -31.53
N TYR T 156 59.97 -13.45 -32.32
CA TYR T 156 60.48 -12.28 -33.01
C TYR T 156 60.94 -11.22 -32.03
N LEU T 157 60.14 -10.96 -31.00
CA LEU T 157 60.55 -10.01 -29.97
C LEU T 157 61.82 -10.46 -29.27
N SER T 158 61.88 -11.74 -28.89
CA SER T 158 63.06 -12.25 -28.19
C SER T 158 64.30 -12.15 -29.07
N SER T 159 64.18 -12.51 -30.36
CA SER T 159 65.32 -12.43 -31.26
C SER T 159 65.74 -10.99 -31.49
N GLY T 160 64.78 -10.06 -31.53
CA GLY T 160 65.13 -8.65 -31.61
C GLY T 160 65.93 -8.20 -30.40
N LEU T 161 65.53 -8.65 -29.21
CA LEU T 161 66.37 -8.41 -28.04
C LEU T 161 67.63 -9.27 -28.07
N SER T 162 67.55 -10.44 -28.70
CA SER T 162 68.72 -11.32 -28.80
C SER T 162 69.76 -10.77 -29.75
N MET U 1 69.65 15.16 -7.81
CA MET U 1 70.88 15.27 -7.04
C MET U 1 70.76 14.52 -5.72
N GLN U 2 71.83 14.56 -4.93
CA GLN U 2 71.87 13.94 -3.62
C GLN U 2 72.55 14.88 -2.63
N ASP U 3 72.19 14.74 -1.36
CA ASP U 3 72.94 15.38 -0.29
C ASP U 3 73.72 14.34 0.49
N ALA U 4 74.50 14.80 1.46
CA ALA U 4 75.20 13.88 2.36
C ALA U 4 74.21 13.01 3.10
N ILE U 5 73.01 13.54 3.36
CA ILE U 5 71.96 12.74 3.98
C ILE U 5 71.42 11.71 3.01
N THR U 6 71.16 12.12 1.76
CA THR U 6 70.55 11.23 0.79
C THR U 6 71.55 10.18 0.28
N SER U 7 72.84 10.53 0.28
CA SER U 7 73.86 9.62 -0.24
C SER U 7 73.93 8.34 0.59
N VAL U 8 73.94 8.46 1.92
CA VAL U 8 74.03 7.28 2.76
C VAL U 8 72.76 6.43 2.63
N ILE U 9 71.61 7.08 2.47
CA ILE U 9 70.36 6.35 2.25
C ILE U 9 70.46 5.53 0.98
N ASN U 10 70.96 6.12 -0.11
CA ASN U 10 71.10 5.36 -1.35
C ASN U 10 72.11 4.23 -1.19
N THR U 11 73.21 4.47 -0.48
CA THR U 11 74.21 3.42 -0.30
C THR U 11 73.63 2.25 0.49
N TYR U 12 72.73 2.52 1.43
CA TYR U 12 72.09 1.42 2.15
C TYR U 12 71.02 0.73 1.31
N ASP U 13 70.35 1.48 0.42
CA ASP U 13 69.43 0.84 -0.51
C ASP U 13 70.15 -0.12 -1.44
N VAL U 14 71.32 0.27 -1.95
CA VAL U 14 72.01 -0.55 -2.94
C VAL U 14 72.37 -1.91 -2.36
N GLN U 15 72.92 -1.93 -1.15
CA GLN U 15 73.29 -3.19 -0.51
C GLN U 15 72.15 -3.78 0.31
N GLY U 16 71.04 -3.08 0.46
CA GLY U 16 69.92 -3.60 1.23
C GLY U 16 70.23 -3.80 2.69
N LYS U 17 70.92 -2.85 3.31
CA LYS U 17 71.27 -2.90 4.72
C LYS U 17 70.63 -1.72 5.45
N TYR U 18 70.28 -1.96 6.71
CA TYR U 18 69.62 -0.95 7.52
C TYR U 18 70.67 -0.04 8.18
N PHE U 19 70.20 0.96 8.92
CA PHE U 19 71.09 1.86 9.63
C PHE U 19 72.14 1.12 10.46
N ASP U 20 73.33 1.71 10.52
CA ASP U 20 74.41 1.31 11.40
C ASP U 20 75.00 2.56 12.03
N THR U 21 75.78 2.36 13.10
CA THR U 21 76.32 3.49 13.84
C THR U 21 77.20 4.39 12.97
N SER U 22 77.88 3.79 11.98
CA SER U 22 78.75 4.58 11.11
C SER U 22 77.97 5.63 10.34
N ALA U 23 76.79 5.27 9.82
CA ALA U 23 75.97 6.24 9.12
C ALA U 23 75.53 7.36 10.05
N PHE U 24 75.20 7.02 11.30
CA PHE U 24 74.79 8.05 12.26
C PHE U 24 75.95 8.99 12.54
N ASP U 25 77.17 8.45 12.62
CA ASP U 25 78.35 9.30 12.82
C ASP U 25 78.56 10.22 11.63
N LYS U 26 78.39 9.71 10.41
CA LYS U 26 78.51 10.55 9.22
C LYS U 26 77.47 11.65 9.22
N LEU U 27 76.23 11.31 9.59
CA LEU U 27 75.17 12.31 9.67
C LEU U 27 75.50 13.36 10.71
N LYS U 28 76.03 12.95 11.87
CA LYS U 28 76.45 13.91 12.88
C LYS U 28 77.53 14.83 12.36
N ALA U 29 78.51 14.29 11.61
CA ALA U 29 79.57 15.11 11.07
C ALA U 29 79.01 16.16 10.12
N TYR U 30 78.13 15.75 9.21
CA TYR U 30 77.51 16.72 8.30
C TYR U 30 76.70 17.75 9.07
N TYR U 31 75.96 17.31 10.09
CA TYR U 31 75.07 18.22 10.79
C TYR U 31 75.87 19.24 11.60
N ALA U 32 77.05 18.83 12.08
CA ALA U 32 77.95 19.76 12.77
C ALA U 32 78.56 20.76 11.79
N THR U 33 78.98 20.28 10.61
CA THR U 33 79.52 21.20 9.62
C THR U 33 78.44 22.06 8.96
N GLY U 34 77.18 21.77 9.22
CA GLY U 34 76.09 22.51 8.56
C GLY U 34 76.14 24.00 8.79
N GLU U 35 76.38 24.43 10.03
CA GLU U 35 76.40 25.87 10.31
C GLU U 35 77.52 26.58 9.55
N LEU U 36 78.72 25.97 9.54
CA LEU U 36 79.81 26.50 8.72
C LEU U 36 79.40 26.57 7.26
N ARG U 37 78.71 25.53 6.76
CA ARG U 37 78.28 25.52 5.37
C ARG U 37 77.33 26.67 5.07
N VAL U 38 76.35 26.90 5.96
CA VAL U 38 75.38 27.97 5.73
C VAL U 38 76.04 29.33 5.74
N ARG U 39 76.95 29.56 6.71
CA ARG U 39 77.61 30.85 6.77
C ARG U 39 78.51 31.06 5.55
N ALA U 40 79.21 30.01 5.11
CA ALA U 40 80.02 30.12 3.91
C ALA U 40 79.17 30.40 2.68
N ALA U 41 78.00 29.75 2.58
CA ALA U 41 77.12 30.00 1.43
C ALA U 41 76.59 31.42 1.43
N GLY U 42 76.26 31.95 2.62
CA GLY U 42 75.89 33.34 2.71
C GLY U 42 77.00 34.27 2.26
N THR U 43 78.24 33.95 2.64
CA THR U 43 79.38 34.74 2.18
C THR U 43 79.53 34.66 0.67
N ILE U 44 79.32 33.48 0.08
CA ILE U 44 79.37 33.34 -1.37
C ILE U 44 78.31 34.23 -2.02
N SER U 45 77.09 34.19 -1.49
CA SER U 45 76.02 35.05 -1.99
C SER U 45 76.39 36.52 -1.83
N ALA U 46 77.22 36.84 -0.84
CA ALA U 46 77.69 38.21 -0.64
C ALA U 46 78.49 38.70 -1.83
N ASN U 47 79.55 37.96 -2.19
CA ASN U 47 80.59 38.48 -3.06
C ASN U 47 80.73 37.69 -4.35
N ALA U 48 79.66 37.02 -4.78
CA ALA U 48 79.73 36.28 -6.04
C ALA U 48 80.14 37.20 -7.19
N ALA U 49 79.54 38.38 -7.26
CA ALA U 49 79.93 39.34 -8.29
C ALA U 49 81.40 39.72 -8.17
N THR U 50 81.85 40.06 -6.95
CA THR U 50 83.23 40.45 -6.77
C THR U 50 84.19 39.26 -6.87
N ILE U 51 83.75 38.07 -6.45
CA ILE U 51 84.59 36.90 -6.61
C ILE U 51 84.86 36.63 -8.08
N ILE U 52 83.82 36.68 -8.91
CA ILE U 52 84.01 36.46 -10.34
C ILE U 52 84.77 37.63 -10.96
N LYS U 53 84.52 38.85 -10.49
CA LYS U 53 85.34 40.00 -10.82
C LYS U 53 86.83 39.65 -10.71
N GLU U 54 87.26 39.29 -9.49
CA GLU U 54 88.67 39.04 -9.23
C GLU U 54 89.18 37.83 -9.99
N ALA U 55 88.39 36.75 -10.05
CA ALA U 55 88.86 35.54 -10.71
C ALA U 55 89.03 35.75 -12.20
N SER U 56 88.08 36.42 -12.85
CA SER U 56 88.22 36.74 -14.27
C SER U 56 89.41 37.66 -14.50
N ALA U 57 89.59 38.67 -13.64
CA ALA U 57 90.73 39.57 -13.79
C ALA U 57 92.04 38.80 -13.70
N LYS U 58 92.16 37.91 -12.71
CA LYS U 58 93.37 37.12 -12.55
C LYS U 58 93.60 36.19 -13.74
N LEU U 59 92.54 35.53 -14.22
CA LEU U 59 92.69 34.60 -15.33
C LEU U 59 93.12 35.32 -16.60
N PHE U 60 92.53 36.50 -16.86
CA PHE U 60 92.86 37.21 -18.10
C PHE U 60 94.18 37.94 -17.98
N SER U 61 94.63 38.23 -16.75
CA SER U 61 95.98 38.75 -16.57
C SER U 61 97.03 37.66 -16.80
N ASN U 62 96.81 36.48 -16.21
CA ASN U 62 97.78 35.40 -16.36
C ASN U 62 97.86 34.91 -17.81
N GLN U 63 96.72 34.84 -18.49
CA GLN U 63 96.67 34.40 -19.88
C GLN U 63 95.93 35.45 -20.70
N PRO U 64 96.59 36.55 -21.10
CA PRO U 64 95.93 37.58 -21.89
C PRO U 64 95.48 37.13 -23.26
N ASP U 65 96.01 36.03 -23.78
CA ASP U 65 95.70 35.61 -25.15
C ASP U 65 94.21 35.40 -25.34
N LEU U 66 93.49 35.05 -24.27
CA LEU U 66 92.05 34.82 -24.39
C LEU U 66 91.31 36.08 -24.81
N VAL U 67 91.69 37.22 -24.25
CA VAL U 67 90.93 38.45 -24.51
C VAL U 67 91.48 39.19 -25.72
N ARG U 68 92.74 38.95 -26.08
CA ARG U 68 93.28 39.50 -27.30
C ARG U 68 92.67 38.82 -28.52
N PRO U 69 92.67 39.49 -29.68
CA PRO U 69 92.11 38.87 -30.89
C PRO U 69 92.77 37.54 -31.19
N GLY U 70 91.94 36.58 -31.61
CA GLY U 70 92.37 35.22 -31.81
C GLY U 70 92.13 34.31 -30.62
N GLY U 71 91.94 34.87 -29.43
CA GLY U 71 91.62 34.05 -28.28
C GLY U 71 90.15 33.69 -28.23
N ASN U 72 89.84 32.64 -27.48
CA ASN U 72 88.46 32.16 -27.44
C ASN U 72 87.57 33.14 -26.69
N ALA U 73 88.12 33.82 -25.69
CA ALA U 73 87.33 34.81 -24.96
C ALA U 73 87.32 36.17 -25.63
N TYR U 74 87.81 36.28 -26.87
CA TYR U 74 87.84 37.57 -27.53
C TYR U 74 86.56 37.82 -28.31
N THR U 75 85.61 38.48 -27.65
CA THR U 75 84.50 39.28 -28.16
C THR U 75 83.77 39.78 -26.93
N THR U 76 82.78 40.64 -27.08
CA THR U 76 81.87 40.88 -25.97
C THR U 76 81.04 39.63 -25.69
N ARG U 77 80.65 38.90 -26.74
CA ARG U 77 79.79 37.74 -26.59
C ARG U 77 80.51 36.58 -25.92
N ARG U 78 81.73 36.26 -26.37
CA ARG U 78 82.44 35.12 -25.79
C ARG U 78 82.98 35.46 -24.41
N TYR U 79 83.32 36.72 -24.17
CA TYR U 79 83.63 37.15 -22.81
C TYR U 79 82.41 36.99 -21.91
N ALA U 80 81.23 37.32 -22.43
CA ALA U 80 79.99 37.07 -21.70
C ALA U 80 79.84 35.60 -21.37
N ALA U 81 80.08 34.74 -22.35
CA ALA U 81 79.96 33.30 -22.12
C ALA U 81 80.93 32.84 -21.05
N CYS U 82 82.17 33.34 -21.07
CA CYS U 82 83.15 32.95 -20.07
C CYS U 82 82.74 33.40 -18.68
N VAL U 83 82.30 34.65 -18.54
CA VAL U 83 81.93 35.16 -17.23
C VAL U 83 80.69 34.45 -16.71
N ARG U 84 79.74 34.15 -17.59
CA ARG U 84 78.55 33.41 -17.19
C ARG U 84 78.90 32.00 -16.75
N ASP U 85 79.82 31.35 -17.47
CA ASP U 85 80.27 30.02 -17.04
C ASP U 85 80.92 30.10 -15.67
N MET U 86 81.72 31.14 -15.43
CA MET U 86 82.35 31.31 -14.13
C MET U 86 81.32 31.49 -13.04
N ASP U 87 80.28 32.30 -13.30
CA ASP U 87 79.20 32.51 -12.35
C ASP U 87 78.51 31.19 -12.01
N TYR U 88 78.18 30.41 -13.04
CA TYR U 88 77.49 29.15 -12.82
C TYR U 88 78.37 28.17 -12.05
N PHE U 89 79.66 28.13 -12.37
CA PHE U 89 80.59 27.29 -11.63
C PHE U 89 80.59 27.65 -10.15
N LEU U 90 80.69 28.95 -9.84
CA LEU U 90 80.71 29.37 -8.44
C LEU U 90 79.41 29.01 -7.74
N ARG U 91 78.27 29.27 -8.38
CA ARG U 91 76.99 29.00 -7.75
C ARG U 91 76.78 27.51 -7.52
N TYR U 92 77.20 26.68 -8.47
CA TYR U 92 77.00 25.24 -8.32
C TYR U 92 77.98 24.66 -7.30
N ALA U 93 79.18 25.22 -7.20
CA ALA U 93 80.08 24.84 -6.12
C ALA U 93 79.48 25.19 -4.77
N THR U 94 78.82 26.34 -4.68
CA THR U 94 78.14 26.72 -3.45
C THR U 94 77.01 25.76 -3.13
N TYR U 95 76.24 25.36 -4.15
CA TYR U 95 75.18 24.37 -3.94
C TYR U 95 75.76 23.06 -3.43
N ALA U 96 76.85 22.60 -4.02
CA ALA U 96 77.48 21.37 -3.58
C ALA U 96 78.00 21.49 -2.16
N MET U 97 78.56 22.65 -1.81
CA MET U 97 79.08 22.87 -0.47
C MET U 97 77.96 22.83 0.56
N LEU U 98 76.82 23.45 0.25
CA LEU U 98 75.66 23.32 1.13
C LEU U 98 75.20 21.87 1.20
N ALA U 99 75.22 21.17 0.07
CA ALA U 99 74.73 19.81 0.01
C ALA U 99 75.60 18.86 0.82
N GLY U 100 76.91 18.98 0.71
CA GLY U 100 77.83 18.08 1.37
C GLY U 100 78.51 17.07 0.49
N ASP U 101 78.04 16.86 -0.74
CA ASP U 101 78.72 15.98 -1.68
C ASP U 101 78.71 16.58 -3.07
N THR U 102 79.34 15.87 -4.01
CA THR U 102 79.52 16.33 -5.37
C THR U 102 78.49 15.77 -6.35
N SER U 103 77.34 15.30 -5.85
CA SER U 103 76.32 14.77 -6.75
C SER U 103 75.76 15.85 -7.67
N ILE U 104 75.49 17.03 -7.13
CA ILE U 104 74.96 18.10 -7.97
C ILE U 104 75.98 18.50 -9.02
N LEU U 105 77.27 18.44 -8.68
CA LEU U 105 78.29 18.79 -9.64
C LEU U 105 78.26 17.86 -10.85
N ASP U 106 78.50 16.57 -10.66
CA ASP U 106 78.58 15.68 -11.81
C ASP U 106 77.22 15.46 -12.45
N GLU U 107 76.14 15.90 -11.78
CA GLU U 107 74.81 15.74 -12.37
C GLU U 107 74.40 16.96 -13.18
N ARG U 108 74.83 18.16 -12.80
CA ARG U 108 74.29 19.38 -13.38
C ARG U 108 75.34 20.35 -13.89
N VAL U 109 76.63 20.01 -13.82
CA VAL U 109 77.68 20.85 -14.38
C VAL U 109 78.50 20.01 -15.34
N LEU U 110 79.10 18.94 -14.82
CA LEU U 110 79.97 18.11 -15.64
C LEU U 110 79.17 17.27 -16.63
N ASN U 111 77.85 17.26 -16.48
CA ASN U 111 77.00 16.47 -17.35
C ASN U 111 76.94 17.10 -18.73
N GLY U 112 77.77 16.61 -19.65
CA GLY U 112 77.83 17.13 -21.00
C GLY U 112 78.72 18.34 -21.19
N LEU U 113 79.35 18.84 -20.14
CA LEU U 113 80.17 20.05 -20.27
C LEU U 113 81.50 19.76 -20.96
N LYS U 114 82.13 18.63 -20.63
CA LYS U 114 83.43 18.31 -21.21
C LYS U 114 83.35 18.26 -22.73
N GLU U 115 82.39 17.50 -23.27
CA GLU U 115 82.29 17.37 -24.72
C GLU U 115 81.71 18.63 -25.36
N THR U 116 80.95 19.42 -24.60
CA THR U 116 80.50 20.71 -25.13
C THR U 116 81.67 21.66 -25.34
N TYR U 117 82.56 21.76 -24.35
CA TYR U 117 83.77 22.56 -24.53
C TYR U 117 84.66 21.99 -25.63
N ASN U 118 84.74 20.66 -25.72
CA ASN U 118 85.55 20.06 -26.78
C ASN U 118 85.01 20.41 -28.16
N SER U 119 83.69 20.36 -28.32
CA SER U 119 83.08 20.71 -29.60
C SER U 119 83.26 22.19 -29.91
N LEU U 120 83.09 23.05 -28.91
CA LEU U 120 83.20 24.48 -29.15
C LEU U 120 84.66 24.95 -29.18
N GLY U 121 85.59 24.04 -28.88
CA GLY U 121 86.99 24.39 -28.88
C GLY U 121 87.47 25.16 -27.66
N VAL U 122 86.71 25.12 -26.57
CA VAL U 122 87.08 25.87 -25.36
C VAL U 122 88.39 25.33 -24.81
N PRO U 123 89.37 26.19 -24.48
CA PRO U 123 90.59 25.71 -23.84
C PRO U 123 90.30 25.20 -22.43
N ILE U 124 90.47 23.90 -22.24
CA ILE U 124 90.12 23.29 -20.95
C ILE U 124 91.09 23.73 -19.87
N SER U 125 92.37 23.93 -20.23
CA SER U 125 93.36 24.34 -19.23
C SER U 125 93.03 25.73 -18.70
N SER U 126 92.60 26.64 -19.57
CA SER U 126 92.20 27.96 -19.12
C SER U 126 90.98 27.89 -18.21
N THR U 127 90.05 26.97 -18.50
CA THR U 127 88.90 26.80 -17.62
C THR U 127 89.32 26.29 -16.24
N VAL U 128 90.28 25.36 -16.21
CA VAL U 128 90.79 24.89 -14.93
C VAL U 128 91.48 26.03 -14.17
N GLN U 129 92.21 26.88 -14.89
CA GLN U 129 92.85 28.02 -14.25
C GLN U 129 91.82 29.00 -13.70
N GLY U 130 90.72 29.20 -14.42
CA GLY U 130 89.66 30.04 -13.91
C GLY U 130 89.01 29.48 -12.65
N ILE U 131 88.81 28.16 -12.63
CA ILE U 131 88.28 27.52 -11.42
C ILE U 131 89.24 27.68 -10.27
N GLN U 132 90.55 27.55 -10.54
CA GLN U 132 91.56 27.75 -9.50
C GLN U 132 91.52 29.18 -8.98
N ALA U 133 91.37 30.15 -9.88
CA ALA U 133 91.28 31.55 -9.46
C ALA U 133 90.06 31.79 -8.59
N MET U 134 88.91 31.23 -8.99
CA MET U 134 87.72 31.35 -8.14
C MET U 134 87.96 30.73 -6.78
N LYS U 135 88.60 29.56 -6.74
CA LYS U 135 88.83 28.91 -5.45
C LYS U 135 89.71 29.78 -4.55
N GLU U 136 90.78 30.36 -5.09
CA GLU U 136 91.65 31.19 -4.29
C GLU U 136 90.91 32.43 -3.80
N VAL U 137 90.22 33.12 -4.70
CA VAL U 137 89.53 34.36 -4.33
C VAL U 137 88.46 34.09 -3.29
N THR U 138 87.71 32.99 -3.43
CA THR U 138 86.65 32.72 -2.47
C THR U 138 87.22 32.23 -1.14
N GLY U 139 88.32 31.48 -1.17
CA GLY U 139 88.92 31.03 0.07
C GLY U 139 89.53 32.17 0.84
N SER U 140 89.86 33.26 0.16
CA SER U 140 90.28 34.47 0.86
C SER U 140 89.17 35.00 1.76
N LEU U 141 87.92 34.92 1.31
CA LEU U 141 86.83 35.60 2.02
C LEU U 141 86.08 34.66 2.95
N VAL U 142 85.91 33.39 2.57
CA VAL U 142 84.98 32.52 3.30
C VAL U 142 85.57 32.05 4.61
N GLY U 143 86.89 32.06 4.73
CA GLY U 143 87.57 31.59 5.92
C GLY U 143 88.22 30.23 5.72
N SER U 144 89.13 29.91 6.64
CA SER U 144 90.02 28.76 6.46
C SER U 144 89.23 27.45 6.31
N GLY U 145 88.33 27.17 7.26
CA GLY U 145 87.53 25.95 7.13
C GLY U 145 86.61 25.99 5.93
N ALA U 146 85.98 27.14 5.70
CA ALA U 146 85.13 27.29 4.52
C ALA U 146 85.95 27.24 3.24
N ALA U 147 87.18 27.76 3.27
CA ALA U 147 88.06 27.61 2.13
C ALA U 147 88.35 26.14 1.86
N LYS U 148 88.64 25.38 2.91
CA LYS U 148 88.95 23.97 2.74
C LYS U 148 87.75 23.20 2.19
N GLU U 149 86.54 23.55 2.64
CA GLU U 149 85.37 22.84 2.13
C GLU U 149 85.06 23.22 0.69
N MET U 150 85.15 24.50 0.33
CA MET U 150 84.98 24.89 -1.06
C MET U 150 86.06 24.28 -1.95
N GLY U 151 87.23 23.98 -1.35
CA GLY U 151 88.34 23.47 -2.14
C GLY U 151 88.04 22.14 -2.78
N VAL U 152 87.43 21.21 -2.03
CA VAL U 152 87.18 19.89 -2.57
C VAL U 152 86.24 19.96 -3.77
N TYR U 153 85.26 20.86 -3.71
CA TYR U 153 84.32 20.98 -4.83
C TYR U 153 84.97 21.65 -6.02
N PHE U 154 85.80 22.68 -5.79
CA PHE U 154 86.49 23.29 -6.93
C PHE U 154 87.46 22.31 -7.58
N ASP U 155 88.15 21.48 -6.78
CA ASP U 155 89.00 20.46 -7.38
C ASP U 155 88.18 19.39 -8.08
N TYR U 156 86.98 19.10 -7.58
CA TYR U 156 86.12 18.16 -8.29
C TYR U 156 85.76 18.70 -9.67
N LEU U 157 85.41 19.98 -9.75
CA LEU U 157 85.14 20.59 -11.05
C LEU U 157 86.37 20.55 -11.95
N SER U 158 87.54 20.89 -11.38
CA SER U 158 88.76 20.92 -12.19
C SER U 158 89.10 19.54 -12.73
N SER U 159 88.96 18.51 -11.90
CA SER U 159 89.29 17.15 -12.33
C SER U 159 88.26 16.62 -13.32
N GLY U 160 86.98 16.97 -13.12
CA GLY U 160 85.95 16.53 -14.06
C GLY U 160 86.12 17.16 -15.43
N LEU U 161 86.41 18.46 -15.47
CA LEU U 161 86.60 19.12 -16.76
C LEU U 161 87.91 18.70 -17.40
N SER U 162 88.95 18.44 -16.61
CA SER U 162 90.23 17.99 -17.15
C SER U 162 90.11 16.56 -17.66
N MET V 1 75.51 31.67 -41.46
CA MET V 1 75.77 31.74 -42.90
C MET V 1 76.55 33.03 -43.21
N GLN V 2 77.65 32.88 -43.96
CA GLN V 2 78.68 33.90 -44.07
C GLN V 2 78.96 34.22 -45.53
N ASP V 3 79.03 35.51 -45.86
CA ASP V 3 79.33 35.96 -47.21
C ASP V 3 80.80 36.42 -47.32
N ALA V 4 81.14 36.99 -48.49
CA ALA V 4 82.50 37.45 -48.71
C ALA V 4 82.86 38.63 -47.82
N ILE V 5 81.95 39.60 -47.70
CA ILE V 5 82.15 40.72 -46.79
C ILE V 5 82.41 40.20 -45.38
N THR V 6 81.54 39.30 -44.91
CA THR V 6 81.69 38.78 -43.57
C THR V 6 82.91 37.86 -43.48
N SER V 7 83.31 37.24 -44.59
CA SER V 7 84.51 36.42 -44.56
C SER V 7 85.75 37.26 -44.32
N VAL V 8 85.91 38.36 -45.05
CA VAL V 8 87.08 39.21 -44.85
C VAL V 8 87.01 39.88 -43.47
N ILE V 9 85.80 40.23 -43.02
CA ILE V 9 85.66 40.77 -41.68
C ILE V 9 86.11 39.76 -40.64
N ASN V 10 85.74 38.49 -40.83
CA ASN V 10 86.15 37.43 -39.92
C ASN V 10 87.66 37.27 -39.89
N THR V 11 88.29 37.27 -41.07
CA THR V 11 89.75 37.14 -41.12
C THR V 11 90.43 38.29 -40.39
N TYR V 12 89.99 39.51 -40.64
CA TYR V 12 90.64 40.67 -40.05
C TYR V 12 90.23 40.88 -38.61
N ASP V 13 89.22 40.13 -38.15
CA ASP V 13 88.85 40.17 -36.74
C ASP V 13 89.65 39.14 -35.94
N VAL V 14 89.75 37.92 -36.47
CA VAL V 14 90.55 36.90 -35.78
C VAL V 14 92.01 37.29 -35.78
N GLN V 15 92.48 37.94 -36.85
CA GLN V 15 93.82 38.50 -36.83
C GLN V 15 93.89 39.74 -35.94
N GLY V 16 92.76 40.43 -35.78
CA GLY V 16 92.72 41.62 -34.96
C GLY V 16 93.35 42.83 -35.57
N LYS V 17 93.69 42.78 -36.85
CA LYS V 17 94.38 43.86 -37.53
C LYS V 17 93.40 44.66 -38.37
N TYR V 18 93.92 45.61 -39.12
CA TYR V 18 93.08 46.53 -39.87
C TYR V 18 92.89 46.00 -41.28
N PHE V 19 91.96 46.61 -42.01
CA PHE V 19 91.90 46.36 -43.45
C PHE V 19 93.12 46.93 -44.15
N ASP V 20 93.68 46.12 -45.04
CA ASP V 20 94.77 46.52 -45.93
C ASP V 20 94.26 46.56 -47.36
N THR V 21 95.12 46.98 -48.28
CA THR V 21 94.70 47.20 -49.66
C THR V 21 94.15 45.94 -50.30
N SER V 22 94.66 44.78 -49.90
CA SER V 22 94.16 43.51 -50.44
C SER V 22 92.69 43.31 -50.07
N ALA V 23 92.31 43.64 -48.84
CA ALA V 23 90.91 43.54 -48.43
C ALA V 23 90.03 44.44 -49.28
N PHE V 24 90.47 45.68 -49.50
CA PHE V 24 89.68 46.61 -50.30
C PHE V 24 89.57 46.15 -51.74
N ASP V 25 90.62 45.52 -52.26
CA ASP V 25 90.56 44.98 -53.61
C ASP V 25 89.56 43.83 -53.70
N LYS V 26 89.56 42.96 -52.69
CA LYS V 26 88.57 41.88 -52.65
C LYS V 26 87.16 42.44 -52.56
N LEU V 27 87.00 43.53 -51.82
CA LEU V 27 85.68 44.13 -51.67
C LEU V 27 85.22 44.78 -52.98
N LYS V 28 86.16 45.40 -53.71
CA LYS V 28 85.89 45.79 -55.09
C LYS V 28 85.43 44.62 -55.93
N ALA V 29 86.12 43.48 -55.81
CA ALA V 29 85.75 42.30 -56.60
C ALA V 29 84.33 41.86 -56.28
N TYR V 30 83.94 41.93 -55.01
CA TYR V 30 82.57 41.58 -54.64
C TYR V 30 81.57 42.58 -55.22
N TYR V 31 81.81 43.87 -55.00
CA TYR V 31 80.82 44.88 -55.34
C TYR V 31 80.65 45.03 -56.85
N ALA V 32 81.70 44.72 -57.62
CA ALA V 32 81.62 44.86 -59.07
C ALA V 32 80.57 43.92 -59.65
N THR V 33 80.59 42.65 -59.25
CA THR V 33 79.66 41.66 -59.78
C THR V 33 78.44 41.43 -58.90
N GLY V 34 78.31 42.17 -57.79
CA GLY V 34 77.07 42.11 -57.04
C GLY V 34 75.85 42.50 -57.87
N GLU V 35 76.04 43.44 -58.79
CA GLU V 35 74.94 43.89 -59.64
C GLU V 35 74.47 42.76 -60.56
N LEU V 36 75.43 42.04 -61.17
CA LEU V 36 75.09 40.88 -61.97
C LEU V 36 74.42 39.81 -61.12
N ARG V 37 74.89 39.64 -59.89
CA ARG V 37 74.25 38.69 -58.98
C ARG V 37 72.80 39.06 -58.74
N VAL V 38 72.52 40.34 -58.51
CA VAL V 38 71.15 40.78 -58.26
C VAL V 38 70.28 40.54 -59.49
N ARG V 39 70.81 40.84 -60.68
CA ARG V 39 70.05 40.57 -61.90
C ARG V 39 69.71 39.10 -62.03
N ALA V 40 70.70 38.23 -61.84
CA ALA V 40 70.48 36.80 -61.99
C ALA V 40 69.46 36.28 -60.99
N ALA V 41 69.58 36.72 -59.73
CA ALA V 41 68.63 36.27 -58.72
C ALA V 41 67.22 36.77 -59.03
N GLY V 42 67.10 38.00 -59.53
CA GLY V 42 65.80 38.51 -59.91
C GLY V 42 65.16 37.72 -61.03
N THR V 43 65.95 37.35 -62.05
CA THR V 43 65.41 36.52 -63.11
C THR V 43 65.01 35.14 -62.60
N ILE V 44 65.84 34.55 -61.73
CA ILE V 44 65.59 33.19 -61.29
C ILE V 44 64.37 33.12 -60.38
N SER V 45 64.14 34.16 -59.58
CA SER V 45 63.02 34.13 -58.63
C SER V 45 61.69 33.93 -59.33
N ALA V 46 61.46 34.66 -60.43
CA ALA V 46 60.19 34.53 -61.13
C ALA V 46 60.13 33.23 -61.93
N ASN V 47 61.26 32.78 -62.46
CA ASN V 47 61.31 31.61 -63.32
C ASN V 47 61.64 30.34 -62.55
N ALA V 48 61.74 30.40 -61.21
CA ALA V 48 62.09 29.22 -60.44
C ALA V 48 61.06 28.12 -60.63
N ALA V 49 59.77 28.47 -60.59
CA ALA V 49 58.74 27.49 -60.82
C ALA V 49 58.91 26.83 -62.17
N THR V 50 59.07 27.64 -63.23
CA THR V 50 59.25 27.10 -64.58
C THR V 50 60.54 26.29 -64.69
N ILE V 51 61.63 26.79 -64.10
CA ILE V 51 62.88 26.04 -64.14
C ILE V 51 62.66 24.64 -63.60
N ILE V 52 62.00 24.53 -62.44
CA ILE V 52 61.70 23.21 -61.89
C ILE V 52 60.74 22.45 -62.81
N LYS V 53 59.80 23.17 -63.45
CA LYS V 53 58.82 22.52 -64.32
C LYS V 53 59.53 21.69 -65.38
N GLU V 54 60.26 22.33 -66.28
CA GLU V 54 60.88 21.52 -67.34
C GLU V 54 62.16 20.82 -66.89
N ALA V 55 62.77 21.22 -65.76
CA ALA V 55 63.89 20.44 -65.27
C ALA V 55 63.43 19.04 -64.83
N SER V 56 62.36 18.98 -64.03
CA SER V 56 61.78 17.69 -63.68
C SER V 56 61.22 16.99 -64.90
N ALA V 57 60.61 17.74 -65.82
CA ALA V 57 60.08 17.12 -67.02
C ALA V 57 61.16 16.39 -67.80
N LYS V 58 62.33 17.01 -67.95
CA LYS V 58 63.40 16.37 -68.69
C LYS V 58 64.05 15.24 -67.90
N LEU V 59 64.19 15.43 -66.58
CA LEU V 59 64.74 14.37 -65.74
C LEU V 59 63.88 13.11 -65.81
N PHE V 60 62.57 13.27 -65.93
CA PHE V 60 61.68 12.12 -65.96
C PHE V 60 61.51 11.59 -67.38
N SER V 61 61.67 12.46 -68.38
CA SER V 61 61.66 11.98 -69.77
C SER V 61 62.88 11.11 -70.06
N ASN V 62 64.04 11.52 -69.56
CA ASN V 62 65.26 10.74 -69.81
C ASN V 62 65.27 9.45 -69.00
N GLN V 63 64.64 9.46 -67.81
CA GLN V 63 64.59 8.30 -66.93
C GLN V 63 63.15 8.04 -66.53
N PRO V 64 62.35 7.48 -67.43
CA PRO V 64 60.94 7.20 -67.10
C PRO V 64 60.77 6.14 -66.02
N ASP V 65 61.85 5.46 -65.61
CA ASP V 65 61.72 4.43 -64.59
C ASP V 65 61.33 5.00 -63.24
N LEU V 66 61.80 6.22 -62.92
CA LEU V 66 61.50 6.82 -61.63
C LEU V 66 60.01 7.06 -61.45
N VAL V 67 59.35 7.57 -62.48
CA VAL V 67 57.94 7.91 -62.36
C VAL V 67 57.07 6.66 -62.50
N ARG V 68 57.51 5.70 -63.32
CA ARG V 68 56.77 4.46 -63.48
C ARG V 68 56.84 3.64 -62.19
N PRO V 69 55.86 2.77 -61.96
CA PRO V 69 55.85 1.98 -60.72
C PRO V 69 57.13 1.18 -60.56
N GLY V 70 57.61 1.09 -59.32
CA GLY V 70 58.91 0.54 -59.02
C GLY V 70 60.02 1.55 -58.94
N GLY V 71 59.83 2.75 -59.50
CA GLY V 71 60.82 3.79 -59.36
C GLY V 71 60.67 4.54 -58.05
N ASN V 72 61.76 5.21 -57.65
CA ASN V 72 61.75 5.93 -56.39
C ASN V 72 60.84 7.15 -56.44
N ALA V 73 60.59 7.67 -57.65
CA ALA V 73 59.69 8.82 -57.78
C ALA V 73 58.24 8.40 -57.96
N TYR V 74 57.95 7.10 -57.94
CA TYR V 74 56.58 6.66 -58.14
C TYR V 74 55.78 6.70 -56.85
N THR V 75 55.13 7.85 -56.63
CA THR V 75 53.90 8.09 -55.88
C THR V 75 53.66 9.59 -55.95
N THR V 76 52.46 10.03 -55.59
CA THR V 76 52.25 11.47 -55.47
C THR V 76 53.15 12.06 -54.40
N ARG V 77 53.30 11.36 -53.27
CA ARG V 77 54.13 11.84 -52.17
C ARG V 77 55.59 11.92 -52.59
N ARG V 78 56.11 10.87 -53.22
CA ARG V 78 57.54 10.86 -53.56
C ARG V 78 57.83 11.74 -54.77
N TYR V 79 56.90 11.83 -55.71
CA TYR V 79 57.08 12.81 -56.80
C TYR V 79 57.12 14.23 -56.24
N ALA V 80 56.23 14.54 -55.30
CA ALA V 80 56.24 15.84 -54.66
C ALA V 80 57.56 16.06 -53.92
N ALA V 81 58.06 15.05 -53.23
CA ALA V 81 59.35 15.17 -52.55
C ALA V 81 60.48 15.42 -53.52
N CYS V 82 60.44 14.75 -54.69
CA CYS V 82 61.46 14.96 -55.70
C CYS V 82 61.46 16.39 -56.21
N VAL V 83 60.30 16.89 -56.63
CA VAL V 83 60.27 18.26 -57.15
C VAL V 83 60.57 19.26 -56.04
N ARG V 84 60.23 18.92 -54.79
CA ARG V 84 60.58 19.77 -53.66
C ARG V 84 62.09 19.85 -53.47
N ASP V 85 62.78 18.71 -53.62
CA ASP V 85 64.24 18.72 -53.58
C ASP V 85 64.80 19.57 -54.72
N MET V 86 64.18 19.48 -55.89
CA MET V 86 64.62 20.30 -57.02
C MET V 86 64.52 21.79 -56.68
N ASP V 87 63.40 22.19 -56.09
CA ASP V 87 63.22 23.57 -55.65
C ASP V 87 64.23 23.96 -54.58
N TYR V 88 64.50 23.06 -53.64
CA TYR V 88 65.49 23.35 -52.60
C TYR V 88 66.85 23.61 -53.21
N PHE V 89 67.27 22.75 -54.14
CA PHE V 89 68.55 22.95 -54.81
C PHE V 89 68.59 24.29 -55.53
N LEU V 90 67.54 24.61 -56.29
CA LEU V 90 67.52 25.87 -57.03
C LEU V 90 67.61 27.06 -56.09
N ARG V 91 66.80 27.08 -55.04
CA ARG V 91 66.73 28.25 -54.17
C ARG V 91 68.00 28.42 -53.33
N TYR V 92 68.59 27.32 -52.87
CA TYR V 92 69.81 27.45 -52.09
C TYR V 92 71.00 27.79 -52.97
N ALA V 93 71.02 27.30 -54.21
CA ALA V 93 72.04 27.74 -55.16
C ALA V 93 71.89 29.23 -55.46
N THR V 94 70.64 29.71 -55.54
CA THR V 94 70.42 31.14 -55.72
C THR V 94 70.95 31.94 -54.53
N TYR V 95 70.71 31.44 -53.32
CA TYR V 95 71.24 32.10 -52.13
C TYR V 95 72.76 32.16 -52.17
N ALA V 96 73.39 31.03 -52.52
CA ALA V 96 74.85 30.98 -52.59
C ALA V 96 75.39 31.94 -53.66
N MET V 97 74.71 31.99 -54.81
CA MET V 97 75.12 32.89 -55.87
C MET V 97 75.03 34.34 -55.43
N LEU V 98 73.93 34.71 -54.76
CA LEU V 98 73.76 36.09 -54.33
C LEU V 98 74.77 36.45 -53.24
N ALA V 99 75.06 35.51 -52.34
CA ALA V 99 76.01 35.80 -51.28
C ALA V 99 77.45 35.73 -51.78
N GLY V 100 77.68 35.08 -52.91
CA GLY V 100 79.01 34.90 -53.43
C GLY V 100 79.83 33.86 -52.70
N ASP V 101 79.22 33.08 -51.81
CA ASP V 101 79.92 32.10 -50.99
C ASP V 101 79.25 30.74 -51.13
N THR V 102 80.06 29.69 -51.20
CA THR V 102 79.57 28.32 -51.24
C THR V 102 79.35 27.74 -49.85
N SER V 103 79.55 28.54 -48.80
CA SER V 103 79.47 28.02 -47.44
C SER V 103 78.07 27.54 -47.10
N ILE V 104 77.05 28.25 -47.57
CA ILE V 104 75.68 27.93 -47.19
C ILE V 104 75.29 26.55 -47.70
N LEU V 105 75.76 26.19 -48.90
CA LEU V 105 75.48 24.85 -49.44
C LEU V 105 76.07 23.77 -48.54
N ASP V 106 77.32 23.94 -48.11
CA ASP V 106 77.93 22.98 -47.21
C ASP V 106 77.19 22.93 -45.88
N GLU V 107 76.77 24.09 -45.37
CA GLU V 107 76.13 24.14 -44.06
C GLU V 107 74.79 23.42 -44.07
N ARG V 108 73.95 23.66 -45.08
CA ARG V 108 72.55 23.25 -45.00
C ARG V 108 72.15 22.26 -46.08
N VAL V 109 72.70 22.36 -47.29
CA VAL V 109 72.28 21.44 -48.34
C VAL V 109 73.12 20.16 -48.30
N LEU V 110 74.44 20.29 -48.24
CA LEU V 110 75.35 19.18 -48.42
C LEU V 110 75.74 18.50 -47.11
N ASN V 111 75.00 18.72 -46.04
CA ASN V 111 75.30 18.09 -44.75
C ASN V 111 74.60 16.74 -44.68
N GLY V 112 75.36 15.66 -44.90
CA GLY V 112 74.82 14.32 -44.82
C GLY V 112 73.85 13.96 -45.92
N LEU V 113 73.80 14.74 -47.00
CA LEU V 113 72.85 14.47 -48.08
C LEU V 113 73.13 13.13 -48.75
N LYS V 114 74.40 12.83 -48.99
CA LYS V 114 74.76 11.61 -49.71
C LYS V 114 74.33 10.37 -48.93
N GLU V 115 74.72 10.28 -47.67
CA GLU V 115 74.38 9.11 -46.86
C GLU V 115 72.88 9.01 -46.65
N THR V 116 72.19 10.14 -46.54
CA THR V 116 70.73 10.12 -46.41
C THR V 116 70.08 9.57 -47.67
N TYR V 117 70.56 9.98 -48.85
CA TYR V 117 69.98 9.46 -50.09
C TYR V 117 70.24 7.97 -50.24
N ASN V 118 71.45 7.51 -49.90
CA ASN V 118 71.67 6.06 -49.95
C ASN V 118 70.80 5.34 -48.93
N SER V 119 70.57 5.95 -47.76
CA SER V 119 69.71 5.35 -46.76
C SER V 119 68.28 5.19 -47.27
N LEU V 120 67.75 6.20 -47.94
CA LEU V 120 66.38 6.17 -48.41
C LEU V 120 66.22 5.63 -49.82
N GLY V 121 67.30 5.20 -50.46
CA GLY V 121 67.19 4.67 -51.80
C GLY V 121 67.13 5.70 -52.90
N VAL V 122 67.43 6.96 -52.59
CA VAL V 122 67.43 7.99 -53.64
C VAL V 122 68.65 7.79 -54.53
N PRO V 123 68.47 7.66 -55.84
CA PRO V 123 69.62 7.50 -56.74
C PRO V 123 70.42 8.79 -56.84
N ILE V 124 71.70 8.71 -56.46
CA ILE V 124 72.57 9.89 -56.50
C ILE V 124 72.78 10.35 -57.94
N SER V 125 73.01 9.40 -58.85
CA SER V 125 73.28 9.75 -60.25
C SER V 125 72.10 10.49 -60.86
N SER V 126 70.88 10.00 -60.63
CA SER V 126 69.70 10.65 -61.20
C SER V 126 69.48 12.02 -60.60
N THR V 127 69.75 12.18 -59.30
CA THR V 127 69.63 13.50 -58.68
C THR V 127 70.63 14.48 -59.25
N VAL V 128 71.86 14.01 -59.51
CA VAL V 128 72.86 14.87 -60.15
C VAL V 128 72.44 15.22 -61.57
N GLN V 129 71.80 14.28 -62.27
CA GLN V 129 71.25 14.60 -63.59
C GLN V 129 70.18 15.67 -63.50
N GLY V 130 69.35 15.61 -62.47
CA GLY V 130 68.37 16.67 -62.25
C GLY V 130 69.01 18.01 -61.96
N ILE V 131 70.10 18.00 -61.19
CA ILE V 131 70.84 19.24 -60.91
C ILE V 131 71.40 19.80 -62.21
N GLN V 132 71.94 18.95 -63.07
CA GLN V 132 72.44 19.40 -64.37
C GLN V 132 71.32 19.96 -65.22
N ALA V 133 70.14 19.33 -65.17
CA ALA V 133 68.98 19.84 -65.90
C ALA V 133 68.61 21.23 -65.44
N MET V 134 68.56 21.45 -64.12
CA MET V 134 68.31 22.80 -63.61
C MET V 134 69.39 23.76 -64.04
N LYS V 135 70.65 23.33 -64.00
CA LYS V 135 71.74 24.23 -64.37
C LYS V 135 71.58 24.73 -65.80
N GLU V 136 71.35 23.81 -66.75
CA GLU V 136 71.28 24.23 -68.13
C GLU V 136 69.99 24.97 -68.43
N VAL V 137 68.87 24.56 -67.84
CA VAL V 137 67.63 25.30 -68.04
C VAL V 137 67.75 26.72 -67.52
N THR V 138 68.36 26.89 -66.35
CA THR V 138 68.55 28.23 -65.78
C THR V 138 69.50 29.05 -66.64
N GLY V 139 70.62 28.45 -67.08
CA GLY V 139 71.57 29.19 -67.90
C GLY V 139 70.99 29.58 -69.24
N SER V 140 69.97 28.85 -69.70
CA SER V 140 69.30 29.22 -70.94
C SER V 140 68.62 30.58 -70.82
N LEU V 141 68.16 30.93 -69.61
CA LEU V 141 67.34 32.13 -69.47
C LEU V 141 68.13 33.29 -68.83
N VAL V 142 69.02 32.99 -67.88
CA VAL V 142 69.68 34.06 -67.14
C VAL V 142 70.62 34.84 -68.05
N GLY V 143 71.26 34.17 -69.00
CA GLY V 143 72.29 34.78 -69.81
C GLY V 143 73.67 34.29 -69.40
N SER V 144 74.60 34.33 -70.36
CA SER V 144 75.87 33.63 -70.22
C SER V 144 76.66 34.13 -69.01
N GLY V 145 76.70 35.45 -68.80
CA GLY V 145 77.40 35.99 -67.65
C GLY V 145 76.84 35.48 -66.34
N ALA V 146 75.51 35.46 -66.23
CA ALA V 146 74.88 34.86 -65.06
C ALA V 146 74.90 33.34 -65.13
N ALA V 147 74.91 32.79 -66.36
CA ALA V 147 74.90 31.34 -66.52
C ALA V 147 76.14 30.70 -65.92
N LYS V 148 77.31 31.29 -66.15
CA LYS V 148 78.54 30.74 -65.57
C LYS V 148 78.53 30.86 -64.05
N GLU V 149 78.10 32.00 -63.53
CA GLU V 149 78.12 32.23 -62.09
C GLU V 149 77.13 31.32 -61.38
N MET V 150 76.08 30.90 -62.06
CA MET V 150 75.15 29.96 -61.46
C MET V 150 75.59 28.51 -61.69
N GLY V 151 76.27 28.26 -62.81
CA GLY V 151 76.73 26.92 -63.08
C GLY V 151 77.86 26.50 -62.17
N VAL V 152 78.63 27.47 -61.67
CA VAL V 152 79.68 27.11 -60.71
C VAL V 152 79.06 26.54 -59.44
N TYR V 153 77.96 27.14 -58.96
CA TYR V 153 77.32 26.63 -57.75
C TYR V 153 76.55 25.34 -58.03
N PHE V 154 75.93 25.23 -59.20
CA PHE V 154 75.26 23.97 -59.54
C PHE V 154 76.27 22.82 -59.64
N ASP V 155 77.44 23.10 -60.22
CA ASP V 155 78.48 22.08 -60.31
C ASP V 155 79.06 21.78 -58.93
N TYR V 156 79.11 22.79 -58.05
CA TYR V 156 79.51 22.53 -56.68
C TYR V 156 78.55 21.56 -56.01
N LEU V 157 77.25 21.79 -56.21
CA LEU V 157 76.25 20.85 -55.67
C LEU V 157 76.43 19.45 -56.26
N SER V 158 76.58 19.36 -57.58
CA SER V 158 76.70 18.06 -58.23
C SER V 158 77.94 17.31 -57.74
N SER V 159 79.07 18.01 -57.60
CA SER V 159 80.28 17.38 -57.10
C SER V 159 80.12 17.00 -55.62
N GLY V 160 79.34 17.78 -54.87
CA GLY V 160 79.05 17.40 -53.50
C GLY V 160 78.30 16.08 -53.42
N LEU V 161 77.28 15.91 -54.28
CA LEU V 161 76.60 14.62 -54.34
C LEU V 161 77.51 13.54 -54.92
N SER V 162 78.27 13.87 -55.96
CA SER V 162 79.11 12.88 -56.62
C SER V 162 80.56 13.34 -56.74
N MET W 1 48.29 39.68 -0.93
CA MET W 1 48.81 39.14 0.32
C MET W 1 49.65 40.13 1.12
N GLN W 2 49.13 40.50 2.29
CA GLN W 2 49.89 41.23 3.30
C GLN W 2 49.37 40.84 4.67
N ASP W 3 50.28 40.62 5.60
CA ASP W 3 49.89 40.35 6.98
C ASP W 3 49.87 41.66 7.78
N ALA W 4 49.74 41.54 9.10
CA ALA W 4 49.73 42.73 9.95
C ALA W 4 51.08 43.44 9.92
N ILE W 5 52.17 42.67 9.98
CA ILE W 5 53.50 43.27 9.93
C ILE W 5 53.70 44.00 8.62
N THR W 6 53.33 43.37 7.50
CA THR W 6 53.49 44.01 6.19
C THR W 6 52.60 45.24 6.09
N SER W 7 51.41 45.19 6.68
CA SER W 7 50.53 46.36 6.65
C SER W 7 51.16 47.53 7.39
N VAL W 8 51.75 47.26 8.56
CA VAL W 8 52.45 48.33 9.29
C VAL W 8 53.62 48.86 8.47
N ILE W 9 54.39 47.97 7.87
CA ILE W 9 55.53 48.38 7.07
C ILE W 9 55.09 49.27 5.91
N ASN W 10 53.99 48.92 5.26
CA ASN W 10 53.53 49.72 4.12
C ASN W 10 52.95 51.06 4.57
N THR W 11 52.22 51.07 5.68
CA THR W 11 51.64 52.34 6.12
C THR W 11 52.71 53.27 6.67
N TYR W 12 53.89 52.74 6.98
CA TYR W 12 54.99 53.62 7.36
C TYR W 12 55.87 53.97 6.17
N ASP W 13 55.92 53.11 5.15
CA ASP W 13 56.68 53.45 3.95
C ASP W 13 55.96 54.50 3.12
N VAL W 14 54.64 54.45 3.07
CA VAL W 14 53.90 55.46 2.32
C VAL W 14 54.13 56.84 2.91
N GLN W 15 54.20 56.92 4.24
CA GLN W 15 54.50 58.20 4.88
C GLN W 15 55.97 58.57 4.70
N GLY W 16 56.83 57.58 4.50
CA GLY W 16 58.25 57.81 4.49
C GLY W 16 58.86 57.91 5.87
N LYS W 17 58.05 57.76 6.92
CA LYS W 17 58.53 57.86 8.29
C LYS W 17 59.14 56.56 8.76
N TYR W 18 60.10 56.65 9.67
CA TYR W 18 60.61 55.45 10.30
C TYR W 18 59.60 54.91 11.30
N PHE W 19 59.93 53.77 11.88
CA PHE W 19 59.09 53.22 12.93
C PHE W 19 59.18 54.06 14.19
N ASP W 20 58.02 54.28 14.82
CA ASP W 20 57.92 54.92 16.12
C ASP W 20 57.13 54.01 17.04
N THR W 21 56.76 54.53 18.21
CA THR W 21 56.24 53.68 19.27
C THR W 21 54.95 52.97 18.87
N SER W 22 54.07 53.67 18.13
CA SER W 22 52.78 53.09 17.78
C SER W 22 52.94 51.84 16.91
N ALA W 23 53.84 51.89 15.93
CA ALA W 23 54.07 50.73 15.08
C ALA W 23 54.56 49.55 15.91
N PHE W 24 55.50 49.81 16.81
CA PHE W 24 56.00 48.75 17.68
C PHE W 24 54.88 48.19 18.55
N ASP W 25 53.95 49.04 18.97
CA ASP W 25 52.80 48.56 19.74
C ASP W 25 51.94 47.61 18.92
N LYS W 26 51.63 47.97 17.67
CA LYS W 26 50.80 47.09 16.84
C LYS W 26 51.51 45.77 16.56
N LEU W 27 52.80 45.84 16.28
CA LEU W 27 53.58 44.62 16.05
C LEU W 27 53.59 43.76 17.30
N LYS W 28 53.74 44.37 18.48
CA LYS W 28 53.73 43.62 19.73
C LYS W 28 52.39 42.95 19.95
N ALA W 29 51.29 43.62 19.60
CA ALA W 29 49.98 42.99 19.71
C ALA W 29 49.88 41.77 18.80
N TYR W 30 50.40 41.89 17.57
CA TYR W 30 50.37 40.75 16.66
C TYR W 30 51.18 39.58 17.22
N TYR W 31 52.36 39.86 17.77
CA TYR W 31 53.14 38.77 18.38
C TYR W 31 52.44 38.22 19.62
N ALA W 32 51.66 39.05 20.31
CA ALA W 32 50.92 38.57 21.46
C ALA W 32 49.88 37.54 21.05
N THR W 33 49.18 37.79 19.94
CA THR W 33 48.18 36.84 19.47
C THR W 33 48.76 35.73 18.59
N GLY W 34 50.06 35.80 18.27
CA GLY W 34 50.65 34.83 17.37
C GLY W 34 50.59 33.39 17.86
N GLU W 35 50.76 33.18 19.17
CA GLU W 35 50.71 31.81 19.68
C GLU W 35 49.34 31.20 19.52
N LEU W 36 48.29 31.95 19.86
CA LEU W 36 46.92 31.52 19.60
C LEU W 36 46.72 31.21 18.13
N ARG W 37 47.22 32.07 17.25
CA ARG W 37 47.03 31.85 15.82
C ARG W 37 47.72 30.57 15.36
N VAL W 38 48.94 30.32 15.84
CA VAL W 38 49.66 29.13 15.40
C VAL W 38 48.99 27.87 15.91
N ARG W 39 48.52 27.88 17.17
CA ARG W 39 47.83 26.70 17.67
C ARG W 39 46.54 26.43 16.90
N ALA W 40 45.79 27.49 16.60
CA ALA W 40 44.56 27.30 15.84
C ALA W 40 44.84 26.76 14.45
N ALA W 41 45.87 27.30 13.79
CA ALA W 41 46.22 26.83 12.45
C ALA W 41 46.66 25.38 12.47
N GLY W 42 47.46 24.99 13.46
CA GLY W 42 47.88 23.60 13.54
C GLY W 42 46.72 22.66 13.80
N THR W 43 45.80 23.06 14.68
CA THR W 43 44.62 22.24 14.93
C THR W 43 43.76 22.10 13.68
N ILE W 44 43.55 23.19 12.95
CA ILE W 44 42.73 23.13 11.74
C ILE W 44 43.40 22.26 10.68
N SER W 45 44.72 22.39 10.53
CA SER W 45 45.43 21.55 9.57
C SER W 45 45.33 20.08 9.95
N ALA W 46 45.41 19.77 11.25
CA ALA W 46 45.36 18.39 11.68
C ALA W 46 44.01 17.75 11.39
N ASN W 47 42.94 18.54 11.37
CA ASN W 47 41.60 18.03 11.21
C ASN W 47 40.85 18.62 10.03
N ALA W 48 41.55 18.95 8.93
CA ALA W 48 40.87 19.56 7.79
C ALA W 48 39.86 18.61 7.17
N ALA W 49 40.24 17.36 6.95
CA ALA W 49 39.33 16.40 6.32
C ALA W 49 38.10 16.18 7.18
N THR W 50 38.28 16.05 8.49
CA THR W 50 37.14 15.90 9.38
C THR W 50 36.21 17.09 9.30
N ILE W 51 36.76 18.30 9.36
CA ILE W 51 35.93 19.50 9.31
C ILE W 51 35.13 19.54 8.02
N ILE W 52 35.78 19.23 6.89
CA ILE W 52 35.06 19.20 5.63
C ILE W 52 33.94 18.16 5.67
N LYS W 53 34.20 17.01 6.31
CA LYS W 53 33.20 15.95 6.35
C LYS W 53 31.96 16.37 7.12
N GLU W 54 32.10 16.86 8.35
CA GLU W 54 30.87 17.29 9.05
C GLU W 54 30.24 18.50 8.39
N ALA W 55 31.04 19.43 7.84
CA ALA W 55 30.44 20.61 7.23
C ALA W 55 29.61 20.24 6.00
N SER W 56 30.15 19.37 5.15
CA SER W 56 29.40 18.94 3.97
C SER W 56 28.21 18.07 4.35
N ALA W 57 28.37 17.21 5.37
CA ALA W 57 27.24 16.41 5.83
C ALA W 57 26.11 17.30 6.33
N LYS W 58 26.44 18.33 7.11
CA LYS W 58 25.42 19.25 7.61
C LYS W 58 24.76 20.00 6.48
N LEU W 59 25.55 20.49 5.51
CA LEU W 59 24.97 21.26 4.41
C LEU W 59 24.05 20.39 3.57
N PHE W 60 24.45 19.15 3.27
CA PHE W 60 23.63 18.31 2.41
C PHE W 60 22.45 17.71 3.16
N SER W 61 22.54 17.61 4.48
CA SER W 61 21.37 17.23 5.27
C SER W 61 20.36 18.36 5.34
N ASN W 62 20.84 19.59 5.48
CA ASN W 62 19.93 20.73 5.54
C ASN W 62 19.32 21.03 4.18
N GLN W 63 20.04 20.75 3.10
CA GLN W 63 19.58 21.00 1.73
C GLN W 63 19.77 19.73 0.92
N PRO W 64 18.90 18.73 1.10
CA PRO W 64 19.10 17.45 0.42
C PRO W 64 19.01 17.52 -1.09
N ASP W 65 18.32 18.53 -1.63
CA ASP W 65 18.15 18.63 -3.08
C ASP W 65 19.47 18.87 -3.79
N LEU W 66 20.49 19.35 -3.07
CA LEU W 66 21.78 19.64 -3.70
C LEU W 66 22.40 18.40 -4.30
N VAL W 67 22.39 17.29 -3.55
CA VAL W 67 23.02 16.06 -4.00
C VAL W 67 22.06 15.12 -4.73
N ARG W 68 20.77 15.45 -4.75
CA ARG W 68 19.81 14.70 -5.54
C ARG W 68 19.86 15.14 -6.99
N PRO W 69 19.36 14.31 -7.91
CA PRO W 69 19.33 14.72 -9.32
C PRO W 69 18.64 16.05 -9.52
N GLY W 70 19.23 16.88 -10.37
CA GLY W 70 18.78 18.25 -10.54
C GLY W 70 19.40 19.24 -9.60
N GLY W 71 20.24 18.80 -8.66
CA GLY W 71 20.97 19.68 -7.78
C GLY W 71 22.36 19.92 -8.35
N ASN W 72 22.98 21.03 -7.93
CA ASN W 72 24.27 21.39 -8.52
C ASN W 72 25.39 20.48 -8.04
N ALA W 73 25.18 19.78 -6.94
CA ALA W 73 26.16 18.80 -6.47
C ALA W 73 25.76 17.37 -6.80
N TYR W 74 24.89 17.17 -7.78
CA TYR W 74 24.57 15.81 -8.21
C TYR W 74 25.47 15.38 -9.35
N THR W 75 26.63 14.85 -8.98
CA THR W 75 27.49 14.01 -9.81
C THR W 75 28.69 13.72 -8.93
N THR W 76 29.43 12.65 -9.18
CA THR W 76 30.70 12.48 -8.49
C THR W 76 31.63 13.64 -8.80
N ARG W 77 31.63 14.08 -10.06
CA ARG W 77 32.40 15.23 -10.49
C ARG W 77 32.01 16.49 -9.71
N ARG W 78 30.72 16.81 -9.67
CA ARG W 78 30.29 18.05 -9.05
C ARG W 78 30.35 17.97 -7.53
N TYR W 79 30.09 16.79 -6.97
CA TYR W 79 30.29 16.61 -5.54
C TYR W 79 31.76 16.82 -5.17
N ALA W 80 32.67 16.27 -5.97
CA ALA W 80 34.09 16.45 -5.71
C ALA W 80 34.50 17.91 -5.84
N ALA W 81 33.98 18.59 -6.86
CA ALA W 81 34.24 20.02 -7.00
C ALA W 81 33.71 20.81 -5.81
N CYS W 82 32.56 20.41 -5.29
CA CYS W 82 31.98 21.07 -4.12
C CYS W 82 32.86 20.91 -2.88
N VAL W 83 33.31 19.70 -2.59
CA VAL W 83 34.13 19.50 -1.40
C VAL W 83 35.51 20.13 -1.61
N ARG W 84 35.95 20.21 -2.87
CA ARG W 84 37.17 20.94 -3.20
C ARG W 84 37.02 22.42 -2.88
N ASP W 85 35.88 23.00 -3.22
CA ASP W 85 35.65 24.42 -2.92
C ASP W 85 35.60 24.64 -1.41
N MET W 86 34.99 23.70 -0.69
CA MET W 86 34.95 23.80 0.75
C MET W 86 36.36 23.77 1.34
N ASP W 87 37.22 22.91 0.79
CA ASP W 87 38.62 22.86 1.20
C ASP W 87 39.33 24.18 0.90
N TYR W 88 39.10 24.76 -0.28
CA TYR W 88 39.58 26.11 -0.57
C TYR W 88 39.22 27.08 0.55
N PHE W 89 37.93 27.14 0.90
CA PHE W 89 37.49 28.13 1.87
C PHE W 89 38.16 27.92 3.22
N LEU W 90 38.22 26.66 3.68
CA LEU W 90 38.88 26.39 4.95
C LEU W 90 40.35 26.78 4.92
N ARG W 91 41.07 26.38 3.87
CA ARG W 91 42.51 26.64 3.82
C ARG W 91 42.81 28.13 3.76
N TYR W 92 42.05 28.87 2.96
CA TYR W 92 42.34 30.30 2.84
C TYR W 92 41.87 31.07 4.06
N ALA W 93 40.83 30.60 4.75
CA ALA W 93 40.48 31.19 6.03
C ALA W 93 41.59 30.97 7.04
N THR W 94 42.19 29.79 7.03
CA THR W 94 43.33 29.54 7.91
C THR W 94 44.51 30.44 7.56
N TYR W 95 44.77 30.62 6.27
CA TYR W 95 45.81 31.56 5.84
C TYR W 95 45.53 32.96 6.38
N ALA W 96 44.31 33.45 6.20
CA ALA W 96 43.98 34.81 6.62
C ALA W 96 44.08 34.96 8.14
N MET W 97 43.64 33.94 8.88
CA MET W 97 43.76 33.97 10.33
C MET W 97 45.22 33.98 10.76
N LEU W 98 46.05 33.19 10.08
CA LEU W 98 47.46 33.12 10.44
C LEU W 98 48.17 34.41 10.09
N ALA W 99 47.69 35.12 9.08
CA ALA W 99 48.28 36.40 8.71
C ALA W 99 47.71 37.54 9.54
N GLY W 100 46.52 37.34 10.11
CA GLY W 100 45.85 38.40 10.83
C GLY W 100 45.25 39.47 9.96
N ASP W 101 45.14 39.24 8.66
CA ASP W 101 44.63 40.22 7.72
C ASP W 101 43.74 39.54 6.69
N THR W 102 42.62 40.19 6.38
CA THR W 102 41.67 39.69 5.40
C THR W 102 42.09 39.99 3.97
N SER W 103 43.32 40.45 3.76
CA SER W 103 43.76 40.82 2.42
C SER W 103 43.78 39.62 1.48
N ILE W 104 44.21 38.46 1.97
CA ILE W 104 44.37 37.30 1.11
C ILE W 104 43.01 36.84 0.59
N LEU W 105 41.95 37.02 1.39
CA LEU W 105 40.63 36.63 0.93
C LEU W 105 40.19 37.46 -0.27
N ASP W 106 40.26 38.79 -0.15
CA ASP W 106 39.96 39.66 -1.29
C ASP W 106 40.91 39.40 -2.44
N GLU W 107 42.08 38.86 -2.13
CA GLU W 107 43.21 38.97 -3.05
C GLU W 107 43.27 37.72 -3.93
N ARG W 108 42.87 36.58 -3.38
CA ARG W 108 42.97 35.27 -4.03
C ARG W 108 41.69 34.45 -3.98
N VAL W 109 40.65 34.89 -3.29
CA VAL W 109 39.46 34.07 -3.07
C VAL W 109 38.21 34.76 -3.58
N LEU W 110 37.95 35.98 -3.14
CA LEU W 110 36.70 36.65 -3.42
C LEU W 110 36.71 37.42 -4.74
N ASN W 111 37.85 37.52 -5.41
CA ASN W 111 37.96 38.28 -6.65
C ASN W 111 37.39 37.45 -7.78
N GLY W 112 36.34 37.97 -8.43
CA GLY W 112 35.71 37.27 -9.52
C GLY W 112 35.06 35.95 -9.15
N LEU W 113 34.81 35.71 -7.86
CA LEU W 113 34.18 34.47 -7.45
C LEU W 113 32.69 34.49 -7.75
N LYS W 114 32.04 35.64 -7.56
CA LYS W 114 30.62 35.75 -7.88
C LYS W 114 30.37 35.52 -9.36
N GLU W 115 31.18 36.12 -10.23
CA GLU W 115 31.02 35.90 -11.66
C GLU W 115 31.30 34.46 -12.04
N THR W 116 32.32 33.86 -11.43
CA THR W 116 32.64 32.46 -11.71
C THR W 116 31.49 31.54 -11.34
N TYR W 117 30.98 31.66 -10.11
CA TYR W 117 29.87 30.81 -9.69
C TYR W 117 28.61 31.08 -10.50
N ASN W 118 28.36 32.33 -10.87
CA ASN W 118 27.17 32.63 -11.65
C ASN W 118 27.29 32.07 -13.06
N SER W 119 28.51 32.01 -13.60
CA SER W 119 28.69 31.39 -14.91
C SER W 119 28.58 29.87 -14.80
N LEU W 120 29.03 29.30 -13.68
CA LEU W 120 28.94 27.86 -13.50
C LEU W 120 27.51 27.44 -13.19
N GLY W 121 26.76 28.29 -12.50
CA GLY W 121 25.46 27.94 -11.98
C GLY W 121 25.44 27.55 -10.53
N VAL W 122 26.56 27.72 -9.82
CA VAL W 122 26.65 27.31 -8.43
C VAL W 122 25.74 28.18 -7.57
N PRO W 123 24.91 27.60 -6.70
CA PRO W 123 24.10 28.41 -5.77
C PRO W 123 25.00 29.15 -4.78
N ILE W 124 24.90 30.47 -4.78
CA ILE W 124 25.71 31.29 -3.88
C ILE W 124 25.26 31.11 -2.44
N SER W 125 23.94 31.12 -2.22
CA SER W 125 23.41 31.00 -0.86
C SER W 125 23.82 29.68 -0.22
N SER W 126 23.79 28.59 -0.99
CA SER W 126 24.16 27.30 -0.44
C SER W 126 25.66 27.23 -0.14
N THR W 127 26.48 27.90 -0.94
CA THR W 127 27.90 28.00 -0.63
C THR W 127 28.13 28.77 0.67
N VAL W 128 27.37 29.84 0.87
CA VAL W 128 27.45 30.58 2.13
C VAL W 128 27.03 29.70 3.30
N GLN W 129 25.98 28.90 3.10
CA GLN W 129 25.55 27.97 4.14
C GLN W 129 26.63 26.93 4.44
N GLY W 130 27.31 26.44 3.41
CA GLY W 130 28.43 25.55 3.64
C GLY W 130 29.54 26.22 4.43
N ILE W 131 29.82 27.48 4.14
CA ILE W 131 30.84 28.22 4.88
C ILE W 131 30.43 28.37 6.34
N GLN W 132 29.15 28.65 6.60
CA GLN W 132 28.69 28.80 7.98
C GLN W 132 28.73 27.47 8.73
N ALA W 133 28.38 26.37 8.06
CA ALA W 133 28.50 25.06 8.68
C ALA W 133 29.95 24.75 9.00
N MET W 134 30.86 25.11 8.09
CA MET W 134 32.29 24.93 8.31
C MET W 134 32.76 25.76 9.50
N LYS W 135 32.23 26.98 9.62
CA LYS W 135 32.52 27.82 10.79
C LYS W 135 32.11 27.13 12.08
N GLU W 136 30.88 26.61 12.12
CA GLU W 136 30.40 25.95 13.33
C GLU W 136 31.24 24.74 13.67
N VAL W 137 31.60 23.94 12.67
CA VAL W 137 32.44 22.77 12.92
C VAL W 137 33.83 23.19 13.42
N THR W 138 34.43 24.19 12.79
CA THR W 138 35.78 24.59 13.14
C THR W 138 35.85 25.18 14.54
N GLY W 139 34.80 25.90 14.96
CA GLY W 139 34.84 26.55 16.26
C GLY W 139 34.97 25.57 17.41
N SER W 140 34.22 24.47 17.37
CA SER W 140 34.26 23.50 18.46
C SER W 140 35.64 22.86 18.58
N LEU W 141 36.31 22.64 17.45
CA LEU W 141 37.65 22.04 17.50
C LEU W 141 38.68 23.05 17.97
N VAL W 142 38.56 24.32 17.58
CA VAL W 142 39.61 25.28 17.91
C VAL W 142 39.42 25.95 19.26
N GLY W 143 38.26 25.83 19.88
CA GLY W 143 38.02 26.46 21.17
C GLY W 143 37.43 27.84 21.02
N SER W 144 37.08 28.44 22.16
CA SER W 144 36.28 29.66 22.14
C SER W 144 37.02 30.83 21.50
N GLY W 145 38.23 31.12 21.97
CA GLY W 145 38.96 32.27 21.46
C GLY W 145 39.37 32.11 20.00
N ALA W 146 39.89 30.94 19.65
CA ALA W 146 40.27 30.70 18.27
C ALA W 146 39.05 30.68 17.36
N ALA W 147 37.89 30.26 17.89
CA ALA W 147 36.66 30.32 17.11
C ALA W 147 36.25 31.76 16.87
N LYS W 148 36.34 32.61 17.89
CA LYS W 148 36.03 34.02 17.71
C LYS W 148 36.97 34.65 16.69
N GLU W 149 38.23 34.20 16.67
CA GLU W 149 39.17 34.71 15.68
C GLU W 149 38.83 34.23 14.27
N MET W 150 38.57 32.94 14.09
CA MET W 150 38.27 32.40 12.76
C MET W 150 36.92 32.89 12.25
N GLY W 151 36.04 33.28 13.16
CA GLY W 151 34.71 33.70 12.77
C GLY W 151 34.72 34.96 11.94
N VAL W 152 35.65 35.87 12.21
CA VAL W 152 35.70 37.11 11.44
C VAL W 152 36.04 36.82 9.98
N TYR W 153 36.93 35.84 9.75
CA TYR W 153 37.29 35.50 8.38
C TYR W 153 36.20 34.69 7.68
N PHE W 154 35.56 33.77 8.41
CA PHE W 154 34.42 33.07 7.81
C PHE W 154 33.29 34.03 7.47
N ASP W 155 32.98 34.97 8.37
CA ASP W 155 31.96 35.97 8.11
C ASP W 155 32.38 36.89 6.97
N TYR W 156 33.68 37.17 6.87
CA TYR W 156 34.17 37.95 5.75
C TYR W 156 33.90 37.25 4.42
N LEU W 157 34.18 35.95 4.36
CA LEU W 157 33.88 35.21 3.14
C LEU W 157 32.39 35.19 2.84
N SER W 158 31.58 34.96 3.87
CA SER W 158 30.14 34.89 3.67
C SER W 158 29.56 36.22 3.20
N SER W 159 30.07 37.33 3.74
CA SER W 159 29.60 38.65 3.33
C SER W 159 30.14 39.01 1.94
N GLY W 160 31.34 38.54 1.62
CA GLY W 160 31.86 38.80 0.29
C GLY W 160 31.07 38.08 -0.79
N LEU W 161 30.68 36.83 -0.52
CA LEU W 161 29.83 36.12 -1.48
C LEU W 161 28.43 36.72 -1.51
N SER W 162 27.83 36.94 -0.35
CA SER W 162 26.51 37.55 -0.29
C SER W 162 26.61 39.07 -0.34
N MET X 1 50.31 48.10 -39.58
CA MET X 1 50.09 49.52 -39.36
C MET X 1 49.96 50.26 -40.70
N GLN X 2 50.07 51.59 -40.67
CA GLN X 2 49.78 52.41 -41.82
C GLN X 2 50.67 53.65 -41.82
N ASP X 3 51.23 53.96 -42.98
CA ASP X 3 51.98 55.19 -43.16
C ASP X 3 51.28 56.03 -44.23
N ALA X 4 51.90 57.16 -44.58
CA ALA X 4 51.29 58.06 -45.54
C ALA X 4 51.12 57.40 -46.90
N ILE X 5 52.16 56.72 -47.38
CA ILE X 5 52.08 56.03 -48.67
C ILE X 5 50.98 54.99 -48.64
N THR X 6 50.98 54.14 -47.61
CA THR X 6 49.96 53.11 -47.48
C THR X 6 48.58 53.72 -47.29
N SER X 7 48.50 54.87 -46.61
CA SER X 7 47.22 55.53 -46.45
C SER X 7 46.64 55.93 -47.80
N VAL X 8 47.44 56.57 -48.65
CA VAL X 8 46.97 56.97 -49.97
C VAL X 8 46.60 55.74 -50.79
N ILE X 9 47.43 54.70 -50.72
CA ILE X 9 47.18 53.48 -51.47
C ILE X 9 45.86 52.85 -51.05
N ASN X 10 45.61 52.77 -49.75
CA ASN X 10 44.36 52.17 -49.28
C ASN X 10 43.16 53.03 -49.67
N THR X 11 43.28 54.35 -49.60
CA THR X 11 42.15 55.19 -50.01
C THR X 11 41.79 54.91 -51.46
N TYR X 12 42.79 54.85 -52.33
CA TYR X 12 42.51 54.65 -53.75
C TYR X 12 42.11 53.21 -54.04
N ASP X 13 42.52 52.28 -53.18
CA ASP X 13 42.12 50.89 -53.36
C ASP X 13 40.67 50.67 -52.97
N VAL X 14 40.23 51.28 -51.86
CA VAL X 14 38.82 51.20 -51.48
C VAL X 14 37.95 51.94 -52.47
N GLN X 15 38.44 53.05 -53.03
CA GLN X 15 37.67 53.66 -54.09
C GLN X 15 37.73 52.88 -55.40
N GLY X 16 38.63 51.91 -55.50
CA GLY X 16 38.85 51.24 -56.77
C GLY X 16 39.34 52.19 -57.84
N LYS X 17 39.88 53.33 -57.42
CA LYS X 17 40.18 54.44 -58.30
C LYS X 17 41.67 54.39 -58.63
N TYR X 18 42.09 55.28 -59.51
CA TYR X 18 43.46 55.30 -59.95
C TYR X 18 44.19 56.47 -59.31
N PHE X 19 45.52 56.37 -59.26
CA PHE X 19 46.29 57.49 -58.74
C PHE X 19 46.13 58.70 -59.66
N ASP X 20 45.50 59.74 -59.11
CA ASP X 20 45.27 61.00 -59.79
C ASP X 20 46.33 62.01 -59.37
N THR X 21 46.12 63.26 -59.78
CA THR X 21 47.09 64.31 -59.45
C THR X 21 47.18 64.53 -57.95
N SER X 22 46.05 64.47 -57.24
CA SER X 22 46.07 64.69 -55.80
C SER X 22 46.89 63.62 -55.09
N ALA X 23 46.73 62.36 -55.49
CA ALA X 23 47.50 61.28 -54.89
C ALA X 23 48.99 61.49 -55.08
N PHE X 24 49.39 61.83 -56.30
CA PHE X 24 50.81 62.05 -56.57
C PHE X 24 51.33 63.28 -55.84
N ASP X 25 50.47 64.27 -55.62
CA ASP X 25 50.85 65.42 -54.80
C ASP X 25 51.15 64.99 -53.36
N LYS X 26 50.29 64.16 -52.78
CA LYS X 26 50.53 63.68 -51.43
C LYS X 26 51.79 62.81 -51.35
N LEU X 27 52.00 61.97 -52.36
CA LEU X 27 53.20 61.15 -52.40
C LEU X 27 54.45 62.01 -52.50
N LYS X 28 54.39 63.06 -53.32
CA LYS X 28 55.51 64.00 -53.43
C LYS X 28 55.76 64.70 -52.11
N ALA X 29 54.70 65.07 -51.40
CA ALA X 29 54.88 65.71 -50.10
C ALA X 29 55.62 64.78 -49.13
N TYR X 30 55.20 63.51 -49.08
CA TYR X 30 55.88 62.59 -48.18
C TYR X 30 57.33 62.38 -48.58
N TYR X 31 57.60 62.21 -49.88
CA TYR X 31 58.98 62.02 -50.31
C TYR X 31 59.83 63.25 -50.03
N ALA X 32 59.22 64.44 -50.13
CA ALA X 32 59.94 65.66 -49.79
C ALA X 32 60.30 65.70 -48.31
N THR X 33 59.39 65.26 -47.45
CA THR X 33 59.65 65.30 -46.01
C THR X 33 60.50 64.13 -45.53
N GLY X 34 60.71 63.12 -46.39
CA GLY X 34 61.35 61.90 -45.96
C GLY X 34 62.75 62.07 -45.38
N GLU X 35 63.58 62.89 -46.02
CA GLU X 35 64.96 63.03 -45.54
C GLU X 35 65.01 63.68 -44.17
N LEU X 36 64.17 64.70 -43.94
CA LEU X 36 64.05 65.29 -42.62
C LEU X 36 63.59 64.26 -41.60
N ARG X 37 62.60 63.44 -41.99
CA ARG X 37 62.12 62.42 -41.07
C ARG X 37 63.22 61.42 -40.71
N VAL X 38 64.02 61.02 -41.70
CA VAL X 38 65.07 60.03 -41.44
C VAL X 38 66.17 60.62 -40.57
N ARG X 39 66.54 61.87 -40.83
CA ARG X 39 67.54 62.52 -39.99
C ARG X 39 67.06 62.64 -38.55
N ALA X 40 65.80 63.04 -38.36
CA ALA X 40 65.24 63.13 -37.02
C ALA X 40 65.21 61.77 -36.34
N ALA X 41 64.84 60.72 -37.09
CA ALA X 41 64.79 59.38 -36.51
C ALA X 41 66.17 58.94 -36.05
N GLY X 42 67.19 59.17 -36.87
CA GLY X 42 68.54 58.80 -36.47
C GLY X 42 69.01 59.59 -35.25
N THR X 43 68.73 60.88 -35.23
CA THR X 43 69.13 61.70 -34.08
C THR X 43 68.46 61.21 -32.80
N ILE X 44 67.16 60.90 -32.87
CA ILE X 44 66.43 60.46 -31.70
C ILE X 44 66.90 59.08 -31.25
N SER X 45 67.26 58.21 -32.21
CA SER X 45 67.85 56.93 -31.85
C SER X 45 69.17 57.12 -31.14
N ALA X 46 69.96 58.10 -31.57
CA ALA X 46 71.25 58.35 -30.93
C ALA X 46 71.08 58.79 -29.48
N ASN X 47 70.10 59.64 -29.21
CA ASN X 47 69.99 60.32 -27.93
C ASN X 47 68.78 59.86 -27.11
N ALA X 48 68.25 58.66 -27.39
CA ALA X 48 67.02 58.23 -26.72
C ALA X 48 67.21 58.13 -25.21
N ALA X 49 68.31 57.54 -24.77
CA ALA X 49 68.60 57.46 -23.35
C ALA X 49 68.71 58.85 -22.74
N THR X 50 69.37 59.78 -23.44
CA THR X 50 69.49 61.14 -22.96
C THR X 50 68.13 61.83 -22.86
N ILE X 51 67.26 61.61 -23.86
CA ILE X 51 65.94 62.23 -23.84
C ILE X 51 65.13 61.71 -22.66
N ILE X 52 65.15 60.40 -22.42
CA ILE X 52 64.43 59.84 -21.29
C ILE X 52 65.02 60.38 -19.99
N LYS X 53 66.35 60.42 -19.91
CA LYS X 53 67.07 61.00 -18.78
C LYS X 53 66.51 62.37 -18.42
N GLU X 54 66.57 63.30 -19.37
CA GLU X 54 66.21 64.68 -19.11
C GLU X 54 64.72 64.84 -18.87
N ALA X 55 63.88 64.16 -19.65
CA ALA X 55 62.45 64.30 -19.48
C ALA X 55 62.00 63.77 -18.12
N SER X 56 62.54 62.63 -17.69
CA SER X 56 62.23 62.11 -16.38
C SER X 56 62.69 63.07 -15.29
N ALA X 57 63.91 63.59 -15.41
CA ALA X 57 64.41 64.51 -14.39
C ALA X 57 63.53 65.75 -14.30
N LYS X 58 63.13 66.30 -15.44
CA LYS X 58 62.32 67.52 -15.42
C LYS X 58 60.92 67.25 -14.87
N LEU X 59 60.30 66.14 -15.29
CA LEU X 59 58.97 65.82 -14.79
C LEU X 59 58.99 65.62 -13.28
N PHE X 60 60.03 64.96 -12.77
CA PHE X 60 60.08 64.72 -11.33
C PHE X 60 60.54 65.97 -10.58
N SER X 61 61.13 66.93 -11.28
CA SER X 61 61.45 68.21 -10.65
C SER X 61 60.22 69.11 -10.56
N ASN X 62 59.40 69.12 -11.61
CA ASN X 62 58.18 69.93 -11.58
C ASN X 62 57.17 69.35 -10.61
N GLN X 63 57.10 68.03 -10.50
CA GLN X 63 56.15 67.33 -9.65
C GLN X 63 56.92 66.35 -8.78
N PRO X 64 57.56 66.84 -7.72
CA PRO X 64 58.42 65.95 -6.91
C PRO X 64 57.64 64.99 -6.04
N ASP X 65 56.31 65.12 -5.98
CA ASP X 65 55.51 64.20 -5.17
C ASP X 65 55.59 62.77 -5.71
N LEU X 66 55.83 62.63 -7.02
CA LEU X 66 55.83 61.31 -7.64
C LEU X 66 56.94 60.43 -7.07
N VAL X 67 58.10 61.02 -6.78
CA VAL X 67 59.25 60.21 -6.38
C VAL X 67 59.40 60.14 -4.87
N ARG X 68 58.76 61.07 -4.15
CA ARG X 68 58.74 60.95 -2.70
C ARG X 68 57.81 59.82 -2.27
N PRO X 69 58.00 59.29 -1.06
CA PRO X 69 57.13 58.20 -0.59
C PRO X 69 55.66 58.58 -0.66
N GLY X 70 54.85 57.61 -1.08
CA GLY X 70 53.45 57.85 -1.34
C GLY X 70 53.13 58.28 -2.76
N GLY X 71 54.14 58.45 -3.60
CA GLY X 71 53.93 58.82 -4.99
C GLY X 71 53.79 57.61 -5.88
N ASN X 72 53.19 57.81 -7.06
CA ASN X 72 53.01 56.70 -7.98
C ASN X 72 54.35 56.21 -8.52
N ALA X 73 55.35 57.07 -8.58
CA ALA X 73 56.66 56.65 -9.02
C ALA X 73 57.61 56.33 -7.87
N TYR X 74 57.10 56.25 -6.64
CA TYR X 74 57.97 55.92 -5.51
C TYR X 74 58.04 54.43 -5.29
N THR X 75 59.02 53.80 -5.93
CA THR X 75 59.77 52.59 -5.58
C THR X 75 60.73 52.39 -6.73
N THR X 76 61.70 51.47 -6.60
CA THR X 76 62.51 51.14 -7.75
C THR X 76 61.65 50.52 -8.86
N ARG X 77 60.69 49.69 -8.47
CA ARG X 77 59.80 49.06 -9.44
C ARG X 77 58.97 50.08 -10.20
N ARG X 78 58.35 51.01 -9.48
CA ARG X 78 57.43 51.95 -10.11
C ARG X 78 58.19 53.02 -10.88
N TYR X 79 59.36 53.42 -10.39
CA TYR X 79 60.21 54.34 -11.14
C TYR X 79 60.67 53.69 -12.45
N ALA X 80 61.09 52.43 -12.39
CA ALA X 80 61.52 51.75 -13.60
C ALA X 80 60.34 51.56 -14.56
N ALA X 81 59.13 51.36 -14.03
CA ALA X 81 57.95 51.28 -14.87
C ALA X 81 57.69 52.61 -15.58
N CYS X 82 57.84 53.71 -14.85
CA CYS X 82 57.68 55.03 -15.47
C CYS X 82 58.70 55.23 -16.59
N VAL X 83 59.95 54.85 -16.35
CA VAL X 83 60.98 55.01 -17.37
C VAL X 83 60.70 54.13 -18.58
N ARG X 84 60.21 52.91 -18.34
CA ARG X 84 59.86 52.00 -19.42
C ARG X 84 58.72 52.56 -20.28
N ASP X 85 57.70 53.13 -19.63
CA ASP X 85 56.60 53.73 -20.38
C ASP X 85 57.08 54.91 -21.21
N MET X 86 57.95 55.75 -20.64
CA MET X 86 58.47 56.88 -21.40
C MET X 86 59.32 56.43 -22.56
N ASP X 87 60.06 55.33 -22.40
CA ASP X 87 60.87 54.81 -23.50
C ASP X 87 59.99 54.29 -24.63
N TYR X 88 58.92 53.54 -24.31
CA TYR X 88 57.89 53.27 -25.31
C TYR X 88 57.38 54.53 -25.99
N PHE X 89 57.02 55.55 -25.22
CA PHE X 89 56.43 56.73 -25.84
C PHE X 89 57.38 57.35 -26.84
N LEU X 90 58.66 57.45 -26.48
CA LEU X 90 59.64 58.02 -27.39
C LEU X 90 59.81 57.15 -28.64
N ARG X 91 59.97 55.84 -28.45
CA ARG X 91 60.20 54.96 -29.60
C ARG X 91 59.01 54.96 -30.55
N TYR X 92 57.79 54.95 -30.03
CA TYR X 92 56.63 54.86 -30.89
C TYR X 92 56.29 56.20 -31.52
N ALA X 93 56.57 57.30 -30.83
CA ALA X 93 56.48 58.60 -31.48
C ALA X 93 57.47 58.71 -32.62
N THR X 94 58.68 58.16 -32.43
CA THR X 94 59.66 58.15 -33.52
C THR X 94 59.19 57.31 -34.69
N TYR X 95 58.59 56.14 -34.41
CA TYR X 95 58.01 55.33 -35.46
C TYR X 95 56.95 56.10 -36.24
N ALA X 96 56.03 56.75 -35.52
CA ALA X 96 54.96 57.49 -36.18
C ALA X 96 55.50 58.66 -36.98
N MET X 97 56.52 59.34 -36.47
CA MET X 97 57.12 60.45 -37.20
C MET X 97 57.79 59.98 -38.47
N LEU X 98 58.51 58.86 -38.41
CA LEU X 98 59.16 58.34 -39.59
C LEU X 98 58.13 57.84 -40.60
N ALA X 99 57.03 57.27 -40.12
CA ALA X 99 55.99 56.79 -41.03
C ALA X 99 55.18 57.96 -41.61
N GLY X 100 55.06 59.05 -40.87
CA GLY X 100 54.19 60.13 -41.27
C GLY X 100 52.73 59.91 -40.94
N ASP X 101 52.41 58.92 -40.10
CA ASP X 101 51.03 58.58 -39.76
C ASP X 101 50.97 58.17 -38.30
N THR X 102 49.83 58.42 -37.67
CA THR X 102 49.62 58.11 -36.26
C THR X 102 48.83 56.83 -36.04
N SER X 103 48.62 56.02 -37.07
CA SER X 103 47.89 54.77 -36.89
C SER X 103 48.63 53.83 -35.96
N ILE X 104 49.96 53.79 -36.07
CA ILE X 104 50.75 52.95 -35.17
C ILE X 104 50.57 53.38 -33.73
N LEU X 105 50.56 54.70 -33.49
CA LEU X 105 50.32 55.18 -32.13
C LEU X 105 48.98 54.69 -31.61
N ASP X 106 47.90 54.93 -32.37
CA ASP X 106 46.58 54.43 -32.00
C ASP X 106 46.65 52.96 -31.60
N GLU X 107 47.01 52.09 -32.54
CA GLU X 107 46.77 50.66 -32.33
C GLU X 107 47.75 50.08 -31.31
N ARG X 108 48.98 50.57 -31.27
CA ARG X 108 49.98 49.93 -30.42
C ARG X 108 50.01 50.52 -29.02
N VAL X 109 49.57 51.77 -28.85
CA VAL X 109 49.71 52.47 -27.59
C VAL X 109 48.35 52.91 -27.03
N LEU X 110 47.56 53.60 -27.84
CA LEU X 110 46.45 54.36 -27.27
C LEU X 110 45.20 53.50 -27.11
N ASN X 111 45.17 52.35 -27.77
CA ASN X 111 44.03 51.46 -27.67
C ASN X 111 44.14 50.62 -26.40
N GLY X 112 43.63 51.14 -25.29
CA GLY X 112 43.70 50.45 -24.02
C GLY X 112 44.58 51.09 -22.98
N LEU X 113 45.20 52.23 -23.28
CA LEU X 113 46.11 52.84 -22.32
C LEU X 113 45.36 53.55 -21.20
N LYS X 114 44.27 54.26 -21.52
CA LYS X 114 43.50 54.93 -20.48
C LYS X 114 43.01 53.95 -19.44
N GLU X 115 42.46 52.82 -19.87
CA GLU X 115 41.91 51.86 -18.92
C GLU X 115 43.01 51.18 -18.12
N THR X 116 44.14 50.92 -18.75
CA THR X 116 45.28 50.38 -18.02
C THR X 116 45.74 51.34 -16.92
N TYR X 117 45.86 52.62 -17.25
CA TYR X 117 46.31 53.59 -16.27
C TYR X 117 45.28 53.81 -15.18
N ASN X 118 43.99 53.79 -15.54
CA ASN X 118 42.94 53.97 -14.54
C ASN X 118 42.86 52.77 -13.61
N SER X 119 43.13 51.58 -14.11
CA SER X 119 43.14 50.40 -13.25
C SER X 119 44.40 50.36 -12.39
N LEU X 120 45.50 50.89 -12.88
CA LEU X 120 46.74 50.85 -12.14
C LEU X 120 46.81 51.94 -11.08
N GLY X 121 45.96 52.95 -11.19
CA GLY X 121 46.06 54.12 -10.36
C GLY X 121 47.06 55.15 -10.85
N VAL X 122 47.57 54.99 -12.07
CA VAL X 122 48.57 55.89 -12.63
C VAL X 122 47.93 57.24 -12.92
N PRO X 123 48.51 58.35 -12.47
CA PRO X 123 47.97 59.68 -12.83
C PRO X 123 48.16 59.94 -14.32
N ILE X 124 47.12 60.44 -14.97
CA ILE X 124 47.18 60.66 -16.41
C ILE X 124 47.62 62.09 -16.71
N SER X 125 47.28 63.02 -15.83
CA SER X 125 47.79 64.39 -15.97
C SER X 125 49.30 64.41 -15.92
N SER X 126 49.90 63.68 -14.96
CA SER X 126 51.34 63.63 -14.85
C SER X 126 51.98 62.92 -16.03
N THR X 127 51.30 61.91 -16.58
CA THR X 127 51.83 61.24 -17.75
C THR X 127 51.84 62.15 -18.96
N VAL X 128 50.78 62.96 -19.12
CA VAL X 128 50.75 63.95 -20.19
C VAL X 128 51.85 64.97 -19.99
N GLN X 129 52.10 65.36 -18.73
CA GLN X 129 53.21 66.27 -18.44
C GLN X 129 54.55 65.66 -18.83
N GLY X 130 54.72 64.36 -18.57
CA GLY X 130 55.95 63.70 -18.98
C GLY X 130 56.11 63.62 -20.49
N ILE X 131 54.99 63.42 -21.20
CA ILE X 131 55.04 63.42 -22.66
C ILE X 131 55.43 64.80 -23.18
N GLN X 132 54.89 65.86 -22.59
CA GLN X 132 55.28 67.21 -22.99
C GLN X 132 56.74 67.48 -22.66
N ALA X 133 57.23 66.91 -21.55
CA ALA X 133 58.63 67.01 -21.22
C ALA X 133 59.50 66.40 -22.31
N MET X 134 59.19 65.16 -22.70
CA MET X 134 59.91 64.53 -23.81
C MET X 134 59.78 65.37 -25.07
N LYS X 135 58.61 65.96 -25.29
CA LYS X 135 58.38 66.75 -26.50
C LYS X 135 59.37 67.90 -26.59
N GLU X 136 59.45 68.73 -25.55
CA GLU X 136 60.27 69.93 -25.68
C GLU X 136 61.74 69.61 -25.40
N VAL X 137 62.03 68.44 -24.83
CA VAL X 137 63.42 68.03 -24.72
C VAL X 137 63.96 67.57 -26.06
N THR X 138 63.19 66.74 -26.78
CA THR X 138 63.64 66.27 -28.09
C THR X 138 63.56 67.37 -29.13
N GLY X 139 62.72 68.39 -28.91
CA GLY X 139 62.67 69.51 -29.83
C GLY X 139 63.99 70.24 -29.94
N SER X 140 64.70 70.38 -28.82
CA SER X 140 66.00 71.02 -28.85
C SER X 140 67.02 70.17 -29.61
N LEU X 141 66.95 68.86 -29.45
CA LEU X 141 67.97 67.99 -30.03
C LEU X 141 67.77 67.81 -31.53
N VAL X 142 66.52 67.75 -31.99
CA VAL X 142 66.29 67.45 -33.40
C VAL X 142 66.37 68.71 -34.25
N GLY X 143 66.15 69.87 -33.63
CA GLY X 143 66.11 71.11 -34.37
C GLY X 143 64.69 71.55 -34.67
N SER X 144 64.54 72.83 -34.97
CA SER X 144 63.22 73.44 -35.10
C SER X 144 62.39 72.76 -36.18
N GLY X 145 62.99 72.52 -37.35
CA GLY X 145 62.25 71.87 -38.42
C GLY X 145 61.78 70.48 -38.07
N ALA X 146 62.66 69.68 -37.46
CA ALA X 146 62.26 68.33 -37.05
C ALA X 146 61.41 68.37 -35.79
N ALA X 147 61.60 69.41 -34.96
CA ALA X 147 60.75 69.56 -33.77
C ALA X 147 59.31 69.80 -34.16
N LYS X 148 59.08 70.63 -35.18
CA LYS X 148 57.72 70.89 -35.64
C LYS X 148 57.06 69.60 -36.13
N GLU X 149 57.85 68.65 -36.61
CA GLU X 149 57.30 67.40 -37.11
C GLU X 149 57.03 66.42 -35.97
N MET X 150 57.98 66.27 -35.04
CA MET X 150 57.79 65.31 -33.95
C MET X 150 56.76 65.82 -32.93
N GLY X 151 56.53 67.13 -32.90
CA GLY X 151 55.61 67.68 -31.93
C GLY X 151 54.18 67.22 -32.15
N VAL X 152 53.78 67.03 -33.41
CA VAL X 152 52.41 66.63 -33.67
C VAL X 152 52.17 65.21 -33.15
N TYR X 153 53.17 64.35 -33.23
CA TYR X 153 53.02 62.99 -32.71
C TYR X 153 53.05 62.98 -31.19
N PHE X 154 53.88 63.82 -30.57
CA PHE X 154 53.81 63.94 -29.12
C PHE X 154 52.46 64.48 -28.66
N ASP X 155 51.92 65.47 -29.37
CA ASP X 155 50.60 65.99 -29.02
C ASP X 155 49.51 64.96 -29.29
N TYR X 156 49.70 64.12 -30.30
CA TYR X 156 48.75 63.03 -30.53
C TYR X 156 48.73 62.07 -29.36
N LEU X 157 49.91 61.68 -28.87
CA LEU X 157 49.97 60.83 -27.69
C LEU X 157 49.29 61.51 -26.49
N SER X 158 49.58 62.79 -26.29
CA SER X 158 49.01 63.50 -25.15
C SER X 158 47.49 63.57 -25.25
N SER X 159 46.97 63.87 -26.44
CA SER X 159 45.52 63.97 -26.62
C SER X 159 44.86 62.60 -26.49
N GLY X 160 45.56 61.55 -26.91
CA GLY X 160 45.04 60.21 -26.71
C GLY X 160 44.96 59.84 -25.24
N LEU X 161 45.93 60.28 -24.44
CA LEU X 161 45.87 60.02 -23.01
C LEU X 161 44.85 60.93 -22.33
N SER X 162 44.74 62.17 -22.77
CA SER X 162 43.83 63.12 -22.15
C SER X 162 42.43 63.01 -22.74
N MET Y 1 30.76 18.29 -26.79
CA MET Y 1 29.49 18.59 -27.43
C MET Y 1 28.42 17.58 -27.03
N GLN Y 2 27.19 17.81 -27.48
CA GLN Y 2 26.03 17.02 -27.09
C GLN Y 2 25.28 16.61 -28.35
N ASP Y 3 25.02 15.32 -28.51
CA ASP Y 3 24.22 14.83 -29.61
C ASP Y 3 22.85 14.37 -29.10
N ALA Y 4 22.06 13.79 -30.01
CA ALA Y 4 20.69 13.39 -29.65
C ALA Y 4 20.69 12.35 -28.54
N ILE Y 5 21.56 11.33 -28.66
CA ILE Y 5 21.64 10.30 -27.62
C ILE Y 5 22.03 10.92 -26.29
N THR Y 6 23.06 11.76 -26.30
CA THR Y 6 23.52 12.39 -25.06
C THR Y 6 22.49 13.39 -24.54
N SER Y 7 21.74 14.04 -25.44
CA SER Y 7 20.67 14.92 -25.00
C SER Y 7 19.61 14.15 -24.23
N VAL Y 8 19.19 12.99 -24.75
CA VAL Y 8 18.21 12.18 -24.03
C VAL Y 8 18.79 11.67 -22.72
N ILE Y 9 20.04 11.21 -22.75
CA ILE Y 9 20.68 10.69 -21.54
C ILE Y 9 20.72 11.77 -20.47
N ASN Y 10 21.08 12.99 -20.83
CA ASN Y 10 21.16 14.08 -19.86
C ASN Y 10 19.79 14.47 -19.35
N THR Y 11 18.79 14.55 -20.24
CA THR Y 11 17.48 14.96 -19.79
C THR Y 11 16.85 13.93 -18.87
N TYR Y 12 17.27 12.66 -18.97
CA TYR Y 12 16.78 11.67 -18.03
C TYR Y 12 17.63 11.63 -16.76
N ASP Y 13 18.94 11.86 -16.90
CA ASP Y 13 19.82 11.84 -15.74
C ASP Y 13 19.50 12.97 -14.78
N VAL Y 14 19.18 14.16 -15.30
CA VAL Y 14 18.82 15.27 -14.43
C VAL Y 14 17.53 14.96 -13.68
N GLN Y 15 16.64 14.19 -14.30
CA GLN Y 15 15.42 13.79 -13.62
C GLN Y 15 15.67 12.67 -12.62
N GLY Y 16 16.77 11.95 -12.78
CA GLY Y 16 17.04 10.79 -11.97
C GLY Y 16 16.29 9.55 -12.39
N LYS Y 17 15.70 9.55 -13.58
CA LYS Y 17 14.83 8.47 -14.03
C LYS Y 17 15.57 7.54 -14.99
N TYR Y 18 15.14 6.29 -15.00
CA TYR Y 18 15.57 5.34 -16.02
C TYR Y 18 14.85 5.65 -17.33
N PHE Y 19 15.29 4.99 -18.39
CA PHE Y 19 14.64 5.18 -19.68
C PHE Y 19 13.24 4.55 -19.67
N ASP Y 20 12.25 5.36 -20.04
CA ASP Y 20 10.88 4.90 -20.17
C ASP Y 20 10.55 4.72 -21.65
N THR Y 21 9.27 4.52 -21.95
CA THR Y 21 8.85 4.31 -23.33
C THR Y 21 9.16 5.51 -24.21
N SER Y 22 8.96 6.72 -23.68
CA SER Y 22 9.25 7.91 -24.47
C SER Y 22 10.73 8.03 -24.80
N ALA Y 23 11.59 7.70 -23.83
CA ALA Y 23 13.03 7.73 -24.07
C ALA Y 23 13.42 6.76 -25.18
N PHE Y 24 12.92 5.53 -25.11
CA PHE Y 24 13.27 4.54 -26.11
C PHE Y 24 12.70 4.91 -27.46
N ASP Y 25 11.54 5.59 -27.48
CA ASP Y 25 11.00 6.09 -28.73
C ASP Y 25 11.91 7.14 -29.34
N LYS Y 26 12.43 8.07 -28.52
CA LYS Y 26 13.35 9.08 -29.04
C LYS Y 26 14.63 8.43 -29.56
N LEU Y 27 15.16 7.46 -28.83
CA LEU Y 27 16.36 6.77 -29.26
C LEU Y 27 16.13 6.03 -30.57
N LYS Y 28 14.97 5.38 -30.71
CA LYS Y 28 14.62 4.70 -31.94
C LYS Y 28 14.51 5.69 -33.10
N ALA Y 29 13.89 6.84 -32.85
CA ALA Y 29 13.75 7.85 -33.89
C ALA Y 29 15.11 8.34 -34.36
N TYR Y 30 16.07 8.46 -33.44
CA TYR Y 30 17.40 8.84 -33.86
C TYR Y 30 18.07 7.73 -34.66
N TYR Y 31 18.03 6.50 -34.14
CA TYR Y 31 18.74 5.40 -34.81
C TYR Y 31 18.17 5.10 -36.19
N ALA Y 32 16.88 5.38 -36.38
CA ALA Y 32 16.26 5.10 -37.68
C ALA Y 32 16.80 6.00 -38.77
N THR Y 33 17.17 7.23 -38.43
CA THR Y 33 17.64 8.21 -39.40
C THR Y 33 19.16 8.21 -39.54
N GLY Y 34 19.86 7.28 -38.91
CA GLY Y 34 21.31 7.29 -38.94
C GLY Y 34 21.88 7.07 -40.33
N GLU Y 35 21.28 6.15 -41.09
CA GLU Y 35 21.76 5.88 -42.44
C GLU Y 35 21.63 7.11 -43.33
N LEU Y 36 20.48 7.79 -43.23
CA LEU Y 36 20.29 9.03 -43.99
C LEU Y 36 21.33 10.07 -43.61
N ARG Y 37 21.57 10.25 -42.32
CA ARG Y 37 22.55 11.23 -41.87
C ARG Y 37 23.94 10.92 -42.38
N VAL Y 38 24.35 9.65 -42.29
CA VAL Y 38 25.69 9.26 -42.73
C VAL Y 38 25.84 9.44 -44.24
N ARG Y 39 24.81 9.04 -45.01
CA ARG Y 39 24.87 9.22 -46.45
C ARG Y 39 24.96 10.70 -46.83
N ALA Y 40 24.15 11.54 -46.18
CA ALA Y 40 24.19 12.97 -46.47
C ALA Y 40 25.54 13.57 -46.09
N ALA Y 41 26.09 13.17 -44.94
CA ALA Y 41 27.38 13.68 -44.53
C ALA Y 41 28.47 13.28 -45.52
N GLY Y 42 28.43 12.05 -46.02
CA GLY Y 42 29.38 11.64 -47.04
C GLY Y 42 29.26 12.47 -48.31
N THR Y 43 28.02 12.67 -48.77
CA THR Y 43 27.81 13.48 -49.97
C THR Y 43 28.32 14.91 -49.78
N ILE Y 44 28.02 15.51 -48.63
CA ILE Y 44 28.44 16.89 -48.38
C ILE Y 44 29.96 16.98 -48.27
N SER Y 45 30.58 16.01 -47.60
CA SER Y 45 32.04 16.00 -47.51
C SER Y 45 32.67 15.90 -48.89
N ALA Y 46 32.11 15.07 -49.77
CA ALA Y 46 32.72 14.88 -51.08
C ALA Y 46 32.43 16.05 -52.00
N ASN Y 47 31.39 16.84 -51.70
CA ASN Y 47 30.99 17.94 -52.56
C ASN Y 47 31.08 19.30 -51.87
N ALA Y 48 31.88 19.39 -50.79
CA ALA Y 48 31.94 20.64 -50.03
C ALA Y 48 32.45 21.79 -50.88
N ALA Y 49 33.51 21.56 -51.66
CA ALA Y 49 34.06 22.62 -52.49
C ALA Y 49 33.07 23.08 -53.54
N THR Y 50 32.32 22.14 -54.14
CA THR Y 50 31.30 22.51 -55.11
C THR Y 50 30.18 23.32 -54.47
N ILE Y 51 29.77 22.93 -53.26
CA ILE Y 51 28.73 23.69 -52.54
C ILE Y 51 29.22 25.10 -52.28
N ILE Y 52 30.47 25.25 -51.83
CA ILE Y 52 31.00 26.58 -51.56
C ILE Y 52 31.08 27.40 -52.85
N LYS Y 53 31.58 26.78 -53.93
CA LYS Y 53 31.50 27.40 -55.25
C LYS Y 53 30.13 27.99 -55.53
N GLU Y 54 29.10 27.14 -55.50
CA GLU Y 54 27.81 27.57 -56.01
C GLU Y 54 27.17 28.59 -55.09
N ALA Y 55 27.31 28.41 -53.78
CA ALA Y 55 26.76 29.39 -52.83
C ALA Y 55 27.47 30.74 -52.95
N SER Y 56 28.80 30.74 -53.07
CA SER Y 56 29.53 31.98 -53.23
C SER Y 56 29.16 32.68 -54.54
N ALA Y 57 29.05 31.91 -55.63
CA ALA Y 57 28.69 32.51 -56.90
C ALA Y 57 27.30 33.11 -56.85
N LYS Y 58 26.34 32.41 -56.23
CA LYS Y 58 25.00 32.95 -56.10
C LYS Y 58 24.99 34.21 -55.24
N LEU Y 59 25.71 34.19 -54.12
CA LEU Y 59 25.72 35.34 -53.21
C LEU Y 59 26.36 36.55 -53.86
N PHE Y 60 27.46 36.36 -54.60
CA PHE Y 60 28.14 37.48 -55.22
C PHE Y 60 27.50 37.86 -56.55
N SER Y 61 26.54 37.05 -57.01
CA SER Y 61 25.72 37.49 -58.14
C SER Y 61 24.56 38.34 -57.66
N ASN Y 62 23.93 37.98 -56.55
CA ASN Y 62 22.87 38.82 -55.99
C ASN Y 62 23.44 40.10 -55.42
N GLN Y 63 24.63 40.04 -54.81
CA GLN Y 63 25.28 41.21 -54.21
C GLN Y 63 26.69 41.32 -54.75
N PRO Y 64 26.84 41.83 -55.98
CA PRO Y 64 28.18 41.94 -56.56
C PRO Y 64 29.04 43.01 -55.91
N ASP Y 65 28.45 43.89 -55.11
CA ASP Y 65 29.22 44.94 -54.47
C ASP Y 65 30.08 44.40 -53.33
N LEU Y 66 29.83 43.17 -52.88
CA LEU Y 66 30.62 42.59 -51.81
C LEU Y 66 32.06 42.33 -52.26
N VAL Y 67 32.24 41.91 -53.52
CA VAL Y 67 33.56 41.56 -54.01
C VAL Y 67 34.17 42.65 -54.87
N ARG Y 68 33.47 43.74 -55.09
CA ARG Y 68 33.98 44.90 -55.80
C ARG Y 68 34.60 45.88 -54.82
N PRO Y 69 35.46 46.80 -55.30
CA PRO Y 69 36.13 47.74 -54.40
C PRO Y 69 35.15 48.44 -53.47
N GLY Y 70 35.52 48.53 -52.21
CA GLY Y 70 34.64 49.02 -51.17
C GLY Y 70 33.77 47.98 -50.52
N GLY Y 71 33.80 46.74 -51.00
CA GLY Y 71 33.05 45.66 -50.41
C GLY Y 71 33.86 44.92 -49.36
N ASN Y 72 33.14 44.25 -48.45
CA ASN Y 72 33.82 43.55 -47.36
C ASN Y 72 34.66 42.39 -47.87
N ALA Y 73 34.23 41.77 -48.97
CA ALA Y 73 34.98 40.68 -49.57
C ALA Y 73 35.85 41.13 -50.74
N TYR Y 74 36.11 42.43 -50.86
CA TYR Y 74 37.03 42.90 -51.88
C TYR Y 74 38.47 42.88 -51.39
N THR Y 75 39.13 41.76 -51.64
CA THR Y 75 40.55 41.55 -51.87
C THR Y 75 40.70 40.05 -52.05
N THR Y 76 41.89 39.56 -52.38
CA THR Y 76 42.08 38.12 -52.34
C THR Y 76 42.04 37.62 -50.89
N ARG Y 77 42.60 38.40 -49.97
CA ARG Y 77 42.60 38.01 -48.56
C ARG Y 77 41.19 37.93 -48.00
N ARG Y 78 40.38 38.96 -48.25
CA ARG Y 78 39.05 39.01 -47.66
C ARG Y 78 38.09 38.07 -48.39
N TYR Y 79 38.28 37.88 -49.70
CA TYR Y 79 37.50 36.86 -50.40
C TYR Y 79 37.84 35.47 -49.86
N ALA Y 80 39.12 35.21 -49.60
CA ALA Y 80 39.52 33.95 -49.00
C ALA Y 80 38.90 33.78 -47.62
N ALA Y 81 38.87 34.85 -46.83
CA ALA Y 81 38.23 34.79 -45.51
C ALA Y 81 36.75 34.50 -45.63
N CYS Y 82 36.09 35.09 -46.63
CA CYS Y 82 34.67 34.82 -46.87
C CYS Y 82 34.42 33.35 -47.19
N VAL Y 83 35.16 32.79 -48.16
CA VAL Y 83 34.91 31.41 -48.54
C VAL Y 83 35.33 30.47 -47.42
N ARG Y 84 36.32 30.86 -46.63
CA ARG Y 84 36.71 30.06 -45.46
C ARG Y 84 35.60 30.04 -44.41
N ASP Y 85 34.96 31.19 -44.16
CA ASP Y 85 33.86 31.22 -43.21
C ASP Y 85 32.70 30.38 -43.71
N MET Y 86 32.42 30.43 -45.01
CA MET Y 86 31.37 29.60 -45.58
C MET Y 86 31.70 28.12 -45.42
N ASP Y 87 32.96 27.74 -45.63
CA ASP Y 87 33.37 26.36 -45.44
C ASP Y 87 33.18 25.94 -43.98
N TYR Y 88 33.50 26.83 -43.05
CA TYR Y 88 33.28 26.54 -41.63
C TYR Y 88 31.81 26.29 -41.35
N PHE Y 89 30.94 27.13 -41.89
CA PHE Y 89 29.51 26.96 -41.69
C PHE Y 89 29.03 25.63 -42.25
N LEU Y 90 29.49 25.26 -43.45
CA LEU Y 90 29.10 23.97 -44.02
C LEU Y 90 29.58 22.81 -43.17
N ARG Y 91 30.84 22.85 -42.73
CA ARG Y 91 31.39 21.76 -41.94
C ARG Y 91 30.62 21.59 -40.63
N TYR Y 92 30.30 22.69 -39.97
CA TYR Y 92 29.63 22.57 -38.67
C TYR Y 92 28.15 22.24 -38.83
N ALA Y 93 27.53 22.66 -39.94
CA ALA Y 93 26.18 22.20 -40.21
C ALA Y 93 26.15 20.70 -40.44
N THR Y 94 27.15 20.16 -41.14
CA THR Y 94 27.25 18.72 -41.29
C THR Y 94 27.45 18.03 -39.95
N TYR Y 95 28.29 18.60 -39.08
CA TYR Y 95 28.46 18.03 -37.75
C TYR Y 95 27.14 18.02 -36.98
N ALA Y 96 26.41 19.13 -37.02
CA ALA Y 96 25.14 19.22 -36.29
C ALA Y 96 24.11 18.27 -36.87
N MET Y 97 24.19 18.00 -38.17
CA MET Y 97 23.27 17.06 -38.80
C MET Y 97 23.60 15.63 -38.39
N LEU Y 98 24.87 15.27 -38.36
CA LEU Y 98 25.24 13.94 -37.86
C LEU Y 98 24.84 13.77 -36.40
N ALA Y 99 25.09 14.78 -35.57
CA ALA Y 99 24.82 14.66 -34.15
C ALA Y 99 23.32 14.55 -33.87
N GLY Y 100 22.50 15.15 -34.72
CA GLY Y 100 21.10 15.30 -34.43
C GLY Y 100 20.79 16.42 -33.46
N ASP Y 101 21.76 17.28 -33.17
CA ASP Y 101 21.62 18.32 -32.17
C ASP Y 101 22.30 19.58 -32.69
N THR Y 102 21.82 20.73 -32.22
CA THR Y 102 22.37 22.02 -32.58
C THR Y 102 23.38 22.54 -31.55
N SER Y 103 23.77 21.71 -30.59
CA SER Y 103 24.64 22.17 -29.51
C SER Y 103 26.00 22.61 -30.02
N ILE Y 104 26.58 21.87 -30.97
CA ILE Y 104 27.92 22.20 -31.45
C ILE Y 104 27.90 23.52 -32.18
N LEU Y 105 26.77 23.87 -32.81
CA LEU Y 105 26.63 25.18 -33.41
C LEU Y 105 26.70 26.28 -32.36
N ASP Y 106 26.15 26.02 -31.17
CA ASP Y 106 26.15 27.02 -30.12
C ASP Y 106 27.52 27.12 -29.44
N GLU Y 107 28.24 26.01 -29.34
CA GLU Y 107 29.46 26.02 -28.54
C GLU Y 107 30.75 25.97 -29.36
N ARG Y 108 30.67 26.00 -30.69
CA ARG Y 108 31.86 26.14 -31.51
C ARG Y 108 31.76 27.17 -32.61
N VAL Y 109 30.56 27.67 -32.92
CA VAL Y 109 30.34 28.56 -34.05
C VAL Y 109 29.69 29.87 -33.61
N LEU Y 110 28.49 29.79 -33.05
CA LEU Y 110 27.67 30.97 -32.80
C LEU Y 110 28.05 31.70 -31.52
N ASN Y 111 28.96 31.17 -30.72
CA ASN Y 111 29.36 31.81 -29.48
C ASN Y 111 30.20 33.04 -29.82
N GLY Y 112 29.62 34.21 -29.67
CA GLY Y 112 30.32 35.45 -29.95
C GLY Y 112 30.53 35.75 -31.41
N LEU Y 113 29.89 34.99 -32.31
CA LEU Y 113 30.07 35.22 -33.74
C LEU Y 113 29.43 36.53 -34.17
N LYS Y 114 28.24 36.84 -33.63
CA LYS Y 114 27.56 38.07 -34.02
C LYS Y 114 28.37 39.29 -33.60
N GLU Y 115 28.93 39.27 -32.39
CA GLU Y 115 29.70 40.42 -31.92
C GLU Y 115 31.03 40.49 -32.65
N THR Y 116 31.61 39.35 -32.98
CA THR Y 116 32.83 39.33 -33.79
C THR Y 116 32.60 39.96 -35.15
N TYR Y 117 31.50 39.60 -35.82
CA TYR Y 117 31.20 40.18 -37.11
C TYR Y 117 30.86 41.67 -36.99
N ASN Y 118 30.20 42.07 -35.91
CA ASN Y 118 29.96 43.50 -35.69
C ASN Y 118 31.26 44.26 -35.52
N SER Y 119 32.20 43.68 -34.77
CA SER Y 119 33.51 44.31 -34.60
C SER Y 119 34.26 44.41 -35.91
N LEU Y 120 34.17 43.38 -36.74
CA LEU Y 120 34.98 43.34 -37.96
C LEU Y 120 34.36 44.17 -39.08
N GLY Y 121 33.09 44.53 -38.94
CA GLY Y 121 32.37 45.15 -40.02
C GLY Y 121 31.82 44.19 -41.05
N VAL Y 122 31.81 42.90 -40.76
CA VAL Y 122 31.23 41.91 -41.67
C VAL Y 122 29.73 42.08 -41.72
N PRO Y 123 29.13 42.23 -42.91
CA PRO Y 123 27.67 42.38 -43.00
C PRO Y 123 26.96 41.09 -42.64
N ILE Y 124 26.13 41.15 -41.60
CA ILE Y 124 25.47 39.94 -41.10
C ILE Y 124 24.42 39.46 -42.09
N SER Y 125 23.68 40.39 -42.71
CA SER Y 125 22.63 40.00 -43.65
C SER Y 125 23.21 39.25 -44.84
N SER Y 126 24.35 39.71 -45.36
CA SER Y 126 24.97 39.04 -46.49
C SER Y 126 25.47 37.65 -46.10
N THR Y 127 25.96 37.50 -44.88
CA THR Y 127 26.40 36.18 -44.43
C THR Y 127 25.22 35.23 -44.25
N VAL Y 128 24.09 35.74 -43.76
CA VAL Y 128 22.88 34.94 -43.69
C VAL Y 128 22.43 34.53 -45.07
N GLN Y 129 22.53 35.43 -46.05
CA GLN Y 129 22.17 35.10 -47.42
C GLN Y 129 23.10 34.03 -47.99
N GLY Y 130 24.39 34.10 -47.67
CA GLY Y 130 25.30 33.06 -48.09
C GLY Y 130 24.99 31.72 -47.47
N ILE Y 131 24.58 31.72 -46.20
CA ILE Y 131 24.17 30.48 -45.55
C ILE Y 131 22.92 29.92 -46.22
N GLN Y 132 21.97 30.78 -46.56
CA GLN Y 132 20.80 30.31 -47.30
C GLN Y 132 21.21 29.71 -48.62
N ALA Y 133 22.12 30.35 -49.35
CA ALA Y 133 22.57 29.84 -50.64
C ALA Y 133 23.22 28.47 -50.48
N MET Y 134 24.05 28.30 -49.46
CA MET Y 134 24.55 26.96 -49.15
C MET Y 134 23.40 25.99 -48.90
N LYS Y 135 22.33 26.47 -48.29
CA LYS Y 135 21.20 25.58 -48.00
C LYS Y 135 20.54 25.09 -49.29
N GLU Y 136 20.25 25.99 -50.24
CA GLU Y 136 19.67 25.51 -51.49
C GLU Y 136 20.63 24.59 -52.24
N VAL Y 137 21.92 24.95 -52.28
CA VAL Y 137 22.85 24.16 -53.07
C VAL Y 137 23.02 22.77 -52.45
N THR Y 138 23.02 22.68 -51.11
CA THR Y 138 23.17 21.39 -50.46
C THR Y 138 21.90 20.55 -50.60
N GLY Y 139 20.73 21.19 -50.57
CA GLY Y 139 19.48 20.44 -50.66
C GLY Y 139 19.36 19.67 -51.96
N SER Y 140 19.85 20.25 -53.05
CA SER Y 140 19.84 19.54 -54.33
C SER Y 140 20.70 18.29 -54.28
N LEU Y 141 21.88 18.39 -53.66
CA LEU Y 141 22.82 17.27 -53.68
C LEU Y 141 22.39 16.15 -52.75
N VAL Y 142 21.90 16.49 -51.56
CA VAL Y 142 21.69 15.45 -50.55
C VAL Y 142 20.38 14.70 -50.79
N GLY Y 143 19.38 15.37 -51.36
CA GLY Y 143 18.07 14.79 -51.49
C GLY Y 143 17.10 15.32 -50.43
N SER Y 144 15.81 15.19 -50.74
CA SER Y 144 14.79 15.87 -49.95
C SER Y 144 14.81 15.45 -48.49
N GLY Y 145 14.91 14.15 -48.23
CA GLY Y 145 14.94 13.69 -46.85
C GLY Y 145 16.10 14.25 -46.06
N ALA Y 146 17.27 14.34 -46.70
CA ALA Y 146 18.42 14.93 -46.04
C ALA Y 146 18.42 16.45 -46.19
N ALA Y 147 17.76 16.96 -47.23
CA ALA Y 147 17.66 18.41 -47.39
C ALA Y 147 16.88 19.02 -46.23
N LYS Y 148 15.80 18.37 -45.81
CA LYS Y 148 15.04 18.88 -44.67
C LYS Y 148 15.88 18.88 -43.40
N GLU Y 149 16.69 17.83 -43.20
CA GLU Y 149 17.55 17.77 -42.02
C GLU Y 149 18.59 18.89 -42.06
N MET Y 150 19.24 19.11 -43.20
CA MET Y 150 20.22 20.18 -43.29
C MET Y 150 19.56 21.55 -43.15
N GLY Y 151 18.29 21.65 -43.55
CA GLY Y 151 17.62 22.94 -43.50
C GLY Y 151 17.47 23.47 -42.09
N VAL Y 152 17.18 22.59 -41.14
CA VAL Y 152 16.96 23.07 -39.77
C VAL Y 152 18.26 23.60 -39.17
N TYR Y 153 19.39 22.97 -39.49
CA TYR Y 153 20.66 23.42 -38.96
C TYR Y 153 21.16 24.69 -39.67
N PHE Y 154 20.93 24.78 -40.98
CA PHE Y 154 21.24 26.02 -41.68
C PHE Y 154 20.39 27.16 -41.15
N ASP Y 155 19.12 26.90 -40.84
CA ASP Y 155 18.25 27.93 -40.28
C ASP Y 155 18.67 28.27 -38.86
N TYR Y 156 19.18 27.30 -38.11
CA TYR Y 156 19.71 27.60 -36.78
C TYR Y 156 20.89 28.55 -36.86
N LEU Y 157 21.83 28.30 -37.78
CA LEU Y 157 22.93 29.23 -37.96
C LEU Y 157 22.45 30.60 -38.41
N SER Y 158 21.51 30.63 -39.35
CA SER Y 158 21.01 31.91 -39.85
C SER Y 158 20.33 32.71 -38.74
N SER Y 159 19.57 32.03 -37.87
CA SER Y 159 18.93 32.73 -36.76
C SER Y 159 19.95 33.14 -35.70
N GLY Y 160 21.04 32.38 -35.58
CA GLY Y 160 22.09 32.78 -34.67
C GLY Y 160 22.76 34.06 -35.10
N LEU Y 161 23.10 34.18 -36.38
CA LEU Y 161 23.66 35.44 -36.87
C LEU Y 161 22.62 36.55 -36.86
N SER Y 162 21.40 36.26 -37.28
CA SER Y 162 20.35 37.27 -37.33
C SER Y 162 19.87 37.63 -35.93
N THR Z 2 79.37 28.27 -35.31
CA THR Z 2 78.65 27.73 -34.16
C THR Z 2 77.15 27.96 -34.31
N ARG Z 3 76.47 27.06 -35.03
CA ARG Z 3 75.05 27.19 -35.25
C ARG Z 3 74.22 26.05 -34.65
N LEU Z 4 74.50 24.81 -35.02
CA LEU Z 4 73.64 23.68 -34.63
C LEU Z 4 74.46 22.63 -33.90
N PHE Z 5 73.96 22.22 -32.73
CA PHE Z 5 74.53 21.12 -31.97
C PHE Z 5 73.75 19.84 -32.25
N LYS Z 6 74.46 18.72 -32.23
CA LYS Z 6 73.84 17.41 -32.32
C LYS Z 6 73.98 16.73 -30.97
N VAL Z 7 72.87 16.60 -30.26
CA VAL Z 7 72.88 16.15 -28.87
C VAL Z 7 72.11 14.84 -28.75
N THR Z 8 72.75 13.85 -28.14
CA THR Z 8 72.09 12.61 -27.77
C THR Z 8 72.11 12.48 -26.26
N ALA Z 9 71.00 12.02 -25.69
CA ALA Z 9 70.85 12.00 -24.24
C ALA Z 9 69.89 10.91 -23.82
N LEU Z 10 69.97 10.53 -22.55
CA LEU Z 10 69.06 9.58 -21.93
C LEU Z 10 68.37 10.29 -20.77
N ILE Z 11 67.05 10.34 -20.80
CA ILE Z 11 66.26 10.96 -19.76
C ILE Z 11 65.32 9.92 -19.17
N PRO Z 12 65.70 9.26 -18.08
CA PRO Z 12 64.79 8.36 -17.39
C PRO Z 12 63.66 9.13 -16.73
N SER Z 13 62.64 8.39 -16.30
CA SER Z 13 61.49 8.97 -15.62
C SER Z 13 61.59 8.67 -14.13
N TYR Z 14 61.48 9.71 -13.30
CA TYR Z 14 61.63 9.57 -11.87
C TYR Z 14 60.41 10.02 -11.08
N LYS Z 15 59.40 10.59 -11.72
CA LYS Z 15 58.23 11.11 -11.03
C LYS Z 15 56.98 10.29 -11.24
N LYS Z 16 56.92 9.46 -12.28
CA LYS Z 16 55.70 8.74 -12.61
C LYS Z 16 56.04 7.43 -13.28
N VAL Z 17 55.02 6.59 -13.41
CA VAL Z 17 55.05 5.39 -14.25
C VAL Z 17 53.88 5.51 -15.21
N ARG Z 18 54.18 5.65 -16.50
CA ARG Z 18 53.19 5.98 -17.51
C ARG Z 18 53.17 4.91 -18.60
N GLY Z 19 51.95 4.55 -19.01
CA GLY Z 19 51.71 3.39 -19.84
C GLY Z 19 51.68 3.58 -21.34
N GLY Z 20 51.80 4.82 -21.83
CA GLY Z 20 51.87 5.03 -23.26
C GLY Z 20 53.24 4.71 -23.81
N ARG Z 21 53.45 5.02 -25.08
CA ARG Z 21 54.77 4.83 -25.67
C ARG Z 21 55.60 6.09 -25.47
N GLU Z 22 56.74 5.91 -24.80
CA GLU Z 22 57.59 7.03 -24.41
C GLU Z 22 59.07 6.69 -24.58
N LEU Z 23 59.39 5.60 -25.28
CA LEU Z 23 60.76 5.28 -25.64
C LEU Z 23 61.43 6.41 -26.41
N GLN Z 24 60.65 7.13 -27.22
CA GLN Z 24 61.20 8.25 -27.98
C GLN Z 24 61.52 9.43 -27.07
N ASN Z 25 60.82 9.56 -25.95
CA ASN Z 25 61.06 10.69 -25.06
C ASN Z 25 62.30 10.49 -24.20
N THR Z 26 62.59 9.25 -23.79
CA THR Z 26 63.73 9.01 -22.91
C THR Z 26 65.05 9.16 -23.67
N TYR Z 27 65.26 8.35 -24.69
CA TYR Z 27 66.48 8.40 -25.49
C TYR Z 27 66.16 9.00 -26.84
N PHE Z 28 66.89 10.04 -27.22
CA PHE Z 28 66.61 10.76 -28.44
C PHE Z 28 67.85 11.53 -28.86
N THR Z 29 68.04 11.64 -30.17
CA THR Z 29 69.07 12.50 -30.74
C THR Z 29 68.37 13.61 -31.51
N LYS Z 30 68.72 14.86 -31.22
CA LYS Z 30 68.05 15.99 -31.82
C LYS Z 30 69.06 17.10 -32.07
N LEU Z 31 68.68 18.03 -32.92
CA LEU Z 31 69.52 19.18 -33.26
C LEU Z 31 69.01 20.41 -32.52
N VAL Z 32 69.88 21.04 -31.75
CA VAL Z 32 69.54 22.21 -30.96
C VAL Z 32 70.38 23.38 -31.44
N GLU Z 33 69.74 24.55 -31.50
CA GLU Z 33 70.43 25.76 -31.87
C GLU Z 33 71.42 26.16 -30.78
N TYR Z 34 72.45 26.91 -31.17
CA TYR Z 34 73.44 27.37 -30.21
C TYR Z 34 72.80 28.22 -29.12
N ASP Z 35 71.97 29.17 -29.52
CA ASP Z 35 71.31 30.02 -28.53
C ASP Z 35 70.35 29.23 -27.67
N ARG Z 36 69.80 28.15 -28.19
CA ARG Z 36 68.91 27.28 -27.43
C ARG Z 36 69.66 26.27 -26.57
N TRP Z 37 70.94 26.03 -26.83
CA TRP Z 37 71.59 24.85 -26.27
C TRP Z 37 71.91 25.00 -24.80
N PHE Z 38 72.26 26.21 -24.34
CA PHE Z 38 72.51 26.36 -22.91
C PHE Z 38 71.26 26.04 -22.10
N ALA Z 39 70.12 26.60 -22.52
CA ALA Z 39 68.87 26.32 -21.82
C ALA Z 39 68.45 24.87 -21.98
N GLU Z 40 68.67 24.28 -23.16
CA GLU Z 40 68.34 22.88 -23.36
C GLU Z 40 69.16 21.97 -22.46
N GLN Z 41 70.46 22.23 -22.36
CA GLN Z 41 71.32 21.46 -21.48
C GLN Z 41 70.91 21.62 -20.03
N GLN Z 42 70.59 22.85 -19.63
CA GLN Z 42 70.11 23.06 -18.27
C GLN Z 42 68.84 22.26 -18.00
N ARG Z 43 67.88 22.31 -18.93
CA ARG Z 43 66.62 21.60 -18.75
C ARG Z 43 66.83 20.09 -18.70
N ILE Z 44 67.73 19.57 -19.52
CA ILE Z 44 68.04 18.14 -19.48
C ILE Z 44 68.64 17.77 -18.14
N GLN Z 45 69.55 18.60 -17.63
CA GLN Z 45 70.18 18.30 -16.35
C GLN Z 45 69.19 18.43 -15.19
N LYS Z 46 68.18 19.30 -15.33
CA LYS Z 46 67.16 19.42 -14.30
C LYS Z 46 66.41 18.11 -14.12
N GLN Z 47 66.06 17.46 -15.23
CA GLN Z 47 65.23 16.26 -15.23
C GLN Z 47 65.98 15.02 -14.84
N GLY Z 48 67.27 15.11 -14.57
CA GLY Z 48 68.06 13.93 -14.26
C GLY Z 48 68.55 13.17 -15.46
N GLY Z 49 68.61 13.80 -16.63
CA GLY Z 49 69.10 13.13 -17.81
C GLY Z 49 70.62 13.09 -17.87
N LYS Z 50 71.13 12.17 -18.66
CA LYS Z 50 72.55 12.01 -18.91
C LYS Z 50 72.84 12.39 -20.36
N ILE Z 51 73.79 13.29 -20.56
CA ILE Z 51 74.17 13.77 -21.88
C ILE Z 51 75.34 12.94 -22.36
N LEU Z 52 75.16 12.23 -23.47
CA LEU Z 52 76.15 11.28 -23.97
C LEU Z 52 77.15 11.92 -24.92
N SER Z 53 76.69 12.67 -25.93
CA SER Z 53 77.61 13.29 -26.87
C SER Z 53 76.99 14.55 -27.43
N VAL Z 54 77.83 15.55 -27.68
CA VAL Z 54 77.43 16.81 -28.30
C VAL Z 54 78.42 17.11 -29.42
N LYS Z 55 77.92 17.46 -30.60
CA LYS Z 55 78.76 17.76 -31.75
C LYS Z 55 78.24 19.00 -32.47
N MET Z 56 79.18 19.82 -32.93
CA MET Z 56 78.88 20.97 -33.77
C MET Z 56 78.55 20.48 -35.17
N VAL Z 57 77.47 20.99 -35.75
CA VAL Z 57 77.01 20.47 -37.03
C VAL Z 57 77.03 21.54 -38.13
N ALA Z 58 76.20 22.56 -37.96
CA ALA Z 58 75.98 23.51 -39.06
C ALA Z 58 77.08 24.56 -39.13
N GLY Z 59 77.24 25.34 -38.06
CA GLY Z 59 78.24 26.38 -38.04
C GLY Z 59 79.65 25.83 -37.85
N LYS Z 60 80.60 26.75 -37.82
CA LYS Z 60 82.00 26.42 -37.66
C LYS Z 60 82.48 26.91 -36.29
N PRO Z 61 83.20 26.08 -35.54
CA PRO Z 61 83.67 26.52 -34.23
C PRO Z 61 84.64 27.69 -34.34
N GLY Z 62 84.57 28.58 -33.34
CA GLY Z 62 85.46 29.72 -33.30
C GLY Z 62 85.29 30.72 -34.42
N LEU Z 63 84.06 31.03 -34.79
CA LEU Z 63 83.78 32.06 -35.79
C LEU Z 63 83.54 33.40 -35.09
N ASN Z 64 84.40 34.37 -35.37
CA ASN Z 64 84.23 35.70 -34.79
C ASN Z 64 83.05 36.42 -35.42
N THR Z 65 82.71 36.07 -36.65
CA THR Z 65 81.57 36.64 -37.37
C THR Z 65 80.74 35.53 -38.00
N GLY Z 66 79.58 35.91 -38.53
CA GLY Z 66 78.73 34.98 -39.25
C GLY Z 66 77.92 34.04 -38.38
N VAL Z 67 77.93 34.24 -37.07
CA VAL Z 67 77.19 33.36 -36.16
C VAL Z 67 75.85 34.00 -35.82
N SER AA 2 -52.36 -3.09 7.69
CA SER AA 2 -51.62 -3.56 8.86
C SER AA 2 -51.39 -5.07 8.80
N VAL AA 3 -51.02 -5.65 9.93
CA VAL AA 3 -50.72 -7.07 9.99
C VAL AA 3 -51.96 -7.89 9.65
N VAL AA 4 -53.13 -7.47 10.15
CA VAL AA 4 -54.37 -8.15 9.82
C VAL AA 4 -54.65 -8.08 8.32
N THR AA 5 -54.45 -6.91 7.73
CA THR AA 5 -54.66 -6.75 6.29
C THR AA 5 -53.70 -7.61 5.49
N LYS AA 6 -52.42 -7.63 5.90
CA LYS AA 6 -51.45 -8.44 5.18
C LYS AA 6 -51.79 -9.92 5.27
N ALA AA 7 -52.22 -10.37 6.44
CA ALA AA 7 -52.63 -11.76 6.60
C ALA AA 7 -53.84 -12.09 5.73
N ILE AA 8 -54.84 -11.20 5.71
CA ILE AA 8 -56.03 -11.43 4.93
C ILE AA 8 -55.69 -11.50 3.45
N VAL AA 9 -54.83 -10.60 2.98
CA VAL AA 9 -54.43 -10.62 1.57
C VAL AA 9 -53.65 -11.89 1.26
N SER AA 10 -52.76 -12.30 2.16
CA SER AA 10 -52.00 -13.53 1.94
C SER AA 10 -52.91 -14.74 1.82
N ALA AA 11 -53.96 -14.81 2.66
CA ALA AA 11 -54.89 -15.93 2.57
C ALA AA 11 -55.74 -15.83 1.32
N ASP AA 12 -56.20 -14.64 0.95
CA ASP AA 12 -57.01 -14.47 -0.24
C ASP AA 12 -56.20 -14.77 -1.50
N ALA AA 13 -54.87 -14.73 -1.40
CA ALA AA 13 -54.04 -15.15 -2.52
C ALA AA 13 -54.28 -16.61 -2.86
N GLU AA 14 -54.38 -17.46 -1.84
CA GLU AA 14 -54.67 -18.88 -2.03
C GLU AA 14 -56.15 -19.22 -1.86
N ALA AA 15 -57.02 -18.21 -1.69
CA ALA AA 15 -58.45 -18.41 -1.55
C ALA AA 15 -58.77 -19.40 -0.42
N ARG AA 16 -58.31 -19.08 0.78
CA ARG AA 16 -58.51 -19.92 1.93
C ARG AA 16 -58.75 -19.08 3.18
N TYR AA 17 -59.39 -19.69 4.16
CA TYR AA 17 -59.50 -19.07 5.47
C TYR AA 17 -58.15 -19.07 6.16
N LEU AA 18 -58.02 -18.22 7.18
CA LEU AA 18 -56.74 -18.13 7.88
C LEU AA 18 -56.42 -19.41 8.64
N SER AA 19 -55.16 -19.79 8.61
CA SER AA 19 -54.66 -20.94 9.35
C SER AA 19 -54.72 -20.65 10.85
N PRO AA 20 -54.74 -21.70 11.68
CA PRO AA 20 -54.66 -21.45 13.13
C PRO AA 20 -53.43 -20.67 13.54
N GLY AA 21 -52.29 -20.90 12.89
CA GLY AA 21 -51.11 -20.10 13.19
C GLY AA 21 -51.26 -18.65 12.78
N GLU AA 22 -51.95 -18.41 11.66
CA GLU AA 22 -52.18 -17.04 11.22
C GLU AA 22 -53.12 -16.31 12.17
N LEU AA 23 -54.14 -17.01 12.67
CA LEU AA 23 -55.01 -16.43 13.69
C LEU AA 23 -54.25 -16.19 15.00
N ASP AA 24 -53.29 -17.06 15.31
CA ASP AA 24 -52.44 -16.81 16.48
C ASP AA 24 -51.58 -15.57 16.29
N ARG AA 25 -51.08 -15.37 15.07
CA ARG AA 25 -50.34 -14.15 14.76
C ARG AA 25 -51.20 -12.92 14.96
N ILE AA 26 -52.45 -12.98 14.49
CA ILE AA 26 -53.36 -11.85 14.69
C ILE AA 26 -53.67 -11.65 16.18
N ARG AA 27 -53.76 -12.75 16.94
CA ARG AA 27 -53.97 -12.63 18.38
C ARG AA 27 -52.80 -11.90 19.04
N GLY AA 28 -51.57 -12.26 18.66
CA GLY AA 28 -50.42 -11.54 19.19
C GLY AA 28 -50.41 -10.07 18.81
N PHE AA 29 -50.81 -9.78 17.57
CA PHE AA 29 -50.89 -8.38 17.14
C PHE AA 29 -51.89 -7.60 17.97
N VAL AA 30 -53.09 -8.15 18.19
CA VAL AA 30 -54.10 -7.42 18.94
C VAL AA 30 -53.76 -7.41 20.42
N SER AA 31 -52.86 -8.30 20.85
CA SER AA 31 -52.37 -8.24 22.22
C SER AA 31 -51.37 -7.11 22.40
N SER AA 32 -50.50 -6.90 21.40
CA SER AA 32 -49.54 -5.80 21.46
C SER AA 32 -50.15 -4.45 21.07
N GLY AA 33 -51.40 -4.45 20.59
CA GLY AA 33 -52.02 -3.22 20.15
C GLY AA 33 -52.05 -2.13 21.20
N GLU AA 34 -52.33 -2.50 22.45
CA GLU AA 34 -52.45 -1.49 23.49
C GLU AA 34 -51.11 -0.81 23.78
N ARG AA 35 -50.03 -1.58 23.92
CA ARG AA 35 -48.74 -0.95 24.15
C ARG AA 35 -48.33 -0.09 22.96
N ARG AA 36 -48.64 -0.54 21.74
CA ARG AA 36 -48.40 0.31 20.57
C ARG AA 36 -49.18 1.60 20.68
N LEU AA 37 -50.41 1.53 21.18
CA LEU AA 37 -51.23 2.73 21.31
C LEU AA 37 -50.64 3.70 22.32
N ARG AA 38 -50.14 3.19 23.45
CA ARG AA 38 -49.47 4.08 24.41
C ARG AA 38 -48.22 4.71 23.79
N VAL AA 39 -47.44 3.94 23.04
CA VAL AA 39 -46.24 4.50 22.43
C VAL AA 39 -46.60 5.63 21.46
N ALA AA 40 -47.61 5.40 20.63
CA ALA AA 40 -48.02 6.43 19.67
C ALA AA 40 -48.65 7.63 20.38
N GLN AA 41 -49.37 7.39 21.47
CA GLN AA 41 -49.87 8.50 22.28
C GLN AA 41 -48.73 9.36 22.79
N THR AA 42 -47.68 8.73 23.32
CA THR AA 42 -46.55 9.49 23.82
C THR AA 42 -45.87 10.28 22.71
N LEU AA 43 -45.74 9.67 21.52
CA LEU AA 43 -45.12 10.40 20.42
C LEU AA 43 -45.99 11.56 19.95
N THR AA 44 -47.30 11.39 19.91
CA THR AA 44 -48.17 12.44 19.38
C THR AA 44 -48.33 13.59 20.38
N GLU AA 45 -48.23 13.30 21.67
CA GLU AA 45 -48.28 14.37 22.67
C GLU AA 45 -47.10 15.32 22.53
N SER AA 46 -45.90 14.80 22.31
CA SER AA 46 -44.69 15.60 22.29
C SER AA 46 -44.24 15.95 20.88
N ARG AA 47 -45.18 16.17 19.96
CA ARG AA 47 -44.80 16.41 18.57
C ARG AA 47 -44.14 17.77 18.39
N GLU AA 48 -44.60 18.79 19.11
CA GLU AA 48 -44.04 20.13 18.95
C GLU AA 48 -42.58 20.17 19.34
N ARG AA 49 -42.24 19.61 20.50
CA ARG AA 49 -40.85 19.62 20.94
C ARG AA 49 -39.99 18.75 20.04
N ILE AA 50 -40.52 17.63 19.56
CA ILE AA 50 -39.77 16.80 18.63
C ILE AA 50 -39.43 17.58 17.36
N ILE AA 51 -40.41 18.27 16.80
CA ILE AA 51 -40.16 19.01 15.56
C ILE AA 51 -39.16 20.14 15.81
N LYS AA 52 -39.33 20.87 16.91
CA LYS AA 52 -38.41 21.98 17.20
C LYS AA 52 -36.98 21.48 17.36
N GLN AA 53 -36.78 20.46 18.20
CA GLN AA 53 -35.43 19.96 18.45
C GLN AA 53 -34.83 19.35 17.19
N ALA AA 54 -35.62 18.58 16.44
CA ALA AA 54 -35.10 17.96 15.23
C ALA AA 54 -34.70 19.00 14.20
N GLY AA 55 -35.53 20.04 14.00
CA GLY AA 55 -35.18 21.07 13.06
C GLY AA 55 -33.94 21.84 13.47
N ASP AA 56 -33.84 22.19 14.77
CA ASP AA 56 -32.66 22.89 15.24
C ASP AA 56 -31.41 22.06 15.05
N GLN AA 57 -31.47 20.78 15.44
CA GLN AA 57 -30.31 19.90 15.29
C GLN AA 57 -29.91 19.74 13.83
N LEU AA 58 -30.90 19.59 12.95
CA LEU AA 58 -30.62 19.48 11.52
C LEU AA 58 -29.93 20.73 11.00
N PHE AA 59 -30.46 21.91 11.35
CA PHE AA 59 -29.92 23.14 10.77
C PHE AA 59 -28.53 23.45 11.34
N GLN AA 60 -28.25 23.03 12.57
CA GLN AA 60 -26.89 23.18 13.09
C GLN AA 60 -25.94 22.18 12.44
N LYS AA 61 -26.39 20.95 12.20
CA LYS AA 61 -25.53 19.99 11.52
C LYS AA 61 -25.33 20.36 10.04
N ARG AA 62 -26.36 20.92 9.41
CA ARG AA 62 -26.33 21.21 7.97
C ARG AA 62 -26.67 22.68 7.78
N PRO AA 63 -25.73 23.59 8.07
CA PRO AA 63 -26.04 25.02 7.96
C PRO AA 63 -26.32 25.47 6.54
N ASP AA 64 -25.79 24.75 5.55
CA ASP AA 64 -25.93 25.18 4.16
C ASP AA 64 -27.39 25.16 3.70
N LEU AA 65 -28.22 24.32 4.33
CA LEU AA 65 -29.63 24.26 3.96
C LEU AA 65 -30.32 25.60 4.19
N VAL AA 66 -30.08 26.22 5.36
CA VAL AA 66 -30.68 27.50 5.68
C VAL AA 66 -29.78 28.68 5.37
N SER AA 67 -28.53 28.42 5.00
CA SER AA 67 -27.63 29.47 4.55
C SER AA 67 -28.10 29.98 3.18
N PRO AA 68 -27.73 31.21 2.81
CA PRO AA 68 -28.07 31.70 1.47
C PRO AA 68 -27.57 30.76 0.38
N GLY AA 69 -28.41 30.53 -0.61
CA GLY AA 69 -28.14 29.56 -1.65
C GLY AA 69 -28.66 28.17 -1.36
N GLY AA 70 -29.00 27.87 -0.10
CA GLY AA 70 -29.57 26.59 0.23
C GLY AA 70 -31.05 26.52 -0.04
N ASN AA 71 -31.57 25.30 -0.08
CA ASN AA 71 -32.99 25.12 -0.41
C ASN AA 71 -33.87 25.59 0.75
N ALA AA 72 -33.41 25.42 1.98
CA ALA AA 72 -34.22 25.72 3.15
C ALA AA 72 -34.09 27.17 3.61
N TYR AA 73 -33.29 27.99 2.91
CA TYR AA 73 -33.16 29.39 3.29
C TYR AA 73 -34.47 30.13 3.06
N GLY AA 74 -34.80 31.02 3.99
CA GLY AA 74 -36.03 31.76 3.97
C GLY AA 74 -37.00 31.29 5.03
N ALA AA 75 -37.80 32.24 5.52
CA ALA AA 75 -38.77 31.91 6.57
C ALA AA 75 -39.81 30.92 6.06
N GLU AA 76 -40.39 31.18 4.89
CA GLU AA 76 -41.40 30.28 4.34
C GLU AA 76 -40.81 28.92 3.99
N ARG AA 77 -39.58 28.91 3.48
CA ARG AA 77 -38.96 27.63 3.12
C ARG AA 77 -38.59 26.83 4.37
N THR AA 78 -38.14 27.50 5.42
CA THR AA 78 -37.91 26.80 6.69
C THR AA 78 -39.21 26.26 7.27
N ALA AA 79 -40.30 27.03 7.13
CA ALA AA 79 -41.61 26.55 7.55
C ALA AA 79 -42.01 25.30 6.77
N SER AA 80 -41.74 25.29 5.45
CA SER AA 80 -42.04 24.12 4.64
C SER AA 80 -41.21 22.91 5.07
N CYS AA 81 -39.93 23.15 5.40
CA CYS AA 81 -39.09 22.07 5.92
C CYS AA 81 -39.66 21.47 7.20
N LEU AA 82 -40.02 22.32 8.16
CA LEU AA 82 -40.55 21.82 9.42
C LEU AA 82 -41.91 21.16 9.22
N ARG AA 83 -42.67 21.64 8.23
CA ARG AA 83 -43.94 21.00 7.89
C ARG AA 83 -43.72 19.60 7.35
N ASP AA 84 -42.69 19.42 6.53
CA ASP AA 84 -42.34 18.08 6.06
C ASP AA 84 -41.96 17.17 7.22
N LEU AA 85 -41.20 17.72 8.17
CA LEU AA 85 -40.88 16.95 9.37
C LEU AA 85 -42.15 16.56 10.12
N ASP AA 86 -43.11 17.47 10.20
CA ASP AA 86 -44.39 17.16 10.87
C ASP AA 86 -45.13 16.04 10.15
N TYR AA 87 -45.19 16.11 8.81
CA TYR AA 87 -45.75 15.01 8.03
C TYR AA 87 -45.11 13.69 8.40
N TYR AA 88 -43.78 13.65 8.43
CA TYR AA 88 -43.12 12.36 8.62
C TYR AA 88 -43.29 11.86 10.04
N LEU AA 89 -43.42 12.77 11.02
CA LEU AA 89 -43.72 12.33 12.37
C LEU AA 89 -45.12 11.73 12.47
N ARG AA 90 -46.09 12.37 11.81
CA ARG AA 90 -47.44 11.82 11.79
C ARG AA 90 -47.45 10.44 11.14
N LEU AA 91 -46.70 10.28 10.06
CA LEU AA 91 -46.62 8.98 9.39
C LEU AA 91 -45.97 7.94 10.27
N VAL AA 92 -44.95 8.33 11.04
CA VAL AA 92 -44.32 7.39 11.96
C VAL AA 92 -45.31 6.92 13.02
N THR AA 93 -46.12 7.84 13.54
CA THR AA 93 -47.15 7.44 14.50
C THR AA 93 -48.15 6.48 13.86
N PHE AA 94 -48.56 6.76 12.62
CA PHE AA 94 -49.45 5.85 11.91
C PHE AA 94 -48.83 4.47 11.77
N GLY AA 95 -47.56 4.40 11.40
CA GLY AA 95 -46.90 3.12 11.26
C GLY AA 95 -46.79 2.39 12.58
N ILE AA 96 -46.58 3.13 13.67
CA ILE AA 96 -46.48 2.50 14.99
C ILE AA 96 -47.81 1.87 15.38
N VAL AA 97 -48.92 2.59 15.19
CA VAL AA 97 -50.20 1.98 15.53
C VAL AA 97 -50.52 0.81 14.60
N ALA AA 98 -50.11 0.90 13.33
CA ALA AA 98 -50.43 -0.17 12.39
C ALA AA 98 -49.54 -1.38 12.62
N GLY AA 99 -48.40 -1.20 13.26
CA GLY AA 99 -47.46 -2.27 13.48
C GLY AA 99 -46.56 -2.59 12.31
N ASP AA 100 -46.69 -1.86 11.20
CA ASP AA 100 -45.87 -2.10 10.02
C ASP AA 100 -45.62 -0.77 9.32
N VAL AA 101 -44.72 -0.82 8.34
CA VAL AA 101 -44.28 0.39 7.64
C VAL AA 101 -45.19 0.66 6.46
N THR AA 102 -46.30 -0.07 6.36
CA THR AA 102 -47.17 0.08 5.20
C THR AA 102 -47.82 1.46 5.10
N PRO AA 103 -48.45 2.03 6.14
CA PRO AA 103 -48.92 3.42 5.99
C PRO AA 103 -47.79 4.39 5.71
N ILE AA 104 -46.64 4.21 6.35
CA ILE AA 104 -45.51 5.10 6.10
C ILE AA 104 -45.16 5.09 4.62
N GLU AA 105 -45.03 3.89 4.03
CA GLU AA 105 -44.65 3.84 2.62
C GLU AA 105 -45.75 4.41 1.73
N GLU AA 106 -47.01 4.07 1.98
CA GLU AA 106 -48.03 4.40 0.99
C GLU AA 106 -48.56 5.81 1.17
N ILE AA 107 -48.08 6.55 2.18
CA ILE AA 107 -48.25 7.99 2.12
C ILE AA 107 -46.96 8.71 1.75
N GLY AA 108 -45.80 8.29 2.24
CA GLY AA 108 -44.63 9.13 2.06
C GLY AA 108 -43.35 8.51 1.55
N VAL AA 109 -43.40 7.33 0.93
CA VAL AA 109 -42.18 6.72 0.41
C VAL AA 109 -42.23 6.44 -1.08
N ILE AA 110 -43.39 6.16 -1.65
CA ILE AA 110 -43.50 5.89 -3.07
C ILE AA 110 -43.49 7.22 -3.82
N GLY AA 111 -42.50 7.40 -4.69
CA GLY AA 111 -42.37 8.64 -5.41
C GLY AA 111 -41.74 9.78 -4.64
N VAL AA 112 -41.14 9.48 -3.48
CA VAL AA 112 -40.55 10.54 -2.67
C VAL AA 112 -39.30 11.11 -3.34
N LYS AA 113 -38.52 10.25 -4.01
CA LYS AA 113 -37.33 10.73 -4.70
C LYS AA 113 -37.71 11.63 -5.87
N GLU AA 114 -38.74 11.26 -6.64
CA GLU AA 114 -39.18 12.11 -7.74
C GLU AA 114 -39.72 13.43 -7.23
N MET AA 115 -40.51 13.41 -6.16
CA MET AA 115 -41.04 14.65 -5.60
C MET AA 115 -39.92 15.56 -5.14
N TYR AA 116 -38.95 15.03 -4.41
CA TYR AA 116 -37.90 15.88 -3.87
C TYR AA 116 -36.91 16.27 -4.97
N ARG AA 117 -36.85 15.50 -6.05
CA ARG AA 117 -36.11 15.93 -7.22
C ARG AA 117 -36.77 17.12 -7.90
N ASN AA 118 -38.10 17.09 -7.99
CA ASN AA 118 -38.83 18.25 -8.51
C ASN AA 118 -38.71 19.44 -7.57
N LEU AA 119 -38.47 19.20 -6.29
CA LEU AA 119 -38.41 20.27 -5.32
C LEU AA 119 -37.00 20.74 -4.98
N GLU AA 120 -35.98 20.25 -5.69
CA GLU AA 120 -34.57 20.58 -5.44
C GLU AA 120 -34.13 20.18 -4.04
N VAL AA 121 -34.96 19.44 -3.32
CA VAL AA 121 -34.70 19.08 -1.92
C VAL AA 121 -33.60 18.03 -1.89
N PRO AA 122 -32.49 18.28 -1.19
CA PRO AA 122 -31.42 17.29 -1.13
C PRO AA 122 -31.80 16.09 -0.29
N LEU AA 123 -31.62 14.90 -0.84
CA LEU AA 123 -31.93 13.67 -0.11
C LEU AA 123 -31.08 13.49 1.14
N PRO AA 124 -29.76 13.71 1.13
CA PRO AA 124 -29.00 13.58 2.38
C PRO AA 124 -29.49 14.52 3.48
N GLY AA 125 -30.00 15.69 3.11
CA GLY AA 125 -30.64 16.55 4.10
C GLY AA 125 -31.85 15.90 4.73
N MET AA 126 -32.68 15.24 3.93
CA MET AA 126 -33.83 14.52 4.46
C MET AA 126 -33.39 13.38 5.37
N VAL AA 127 -32.34 12.65 4.96
CA VAL AA 127 -31.84 11.56 5.79
C VAL AA 127 -31.35 12.09 7.14
N GLU AA 128 -30.60 13.19 7.13
CA GLU AA 128 -30.12 13.76 8.38
C GLU AA 128 -31.28 14.28 9.23
N ALA AA 129 -32.30 14.86 8.60
CA ALA AA 129 -33.48 15.30 9.33
C ALA AA 129 -34.14 14.13 10.03
N VAL AA 130 -34.31 13.01 9.32
CA VAL AA 130 -34.94 11.85 9.92
C VAL AA 130 -34.06 11.27 11.04
N LYS AA 131 -32.74 11.31 10.87
CA LYS AA 131 -31.86 10.81 11.91
C LYS AA 131 -31.94 11.66 13.18
N ALA AA 132 -31.88 12.97 13.04
CA ALA AA 132 -31.99 13.85 14.21
C ALA AA 132 -33.35 13.69 14.88
N MET AA 133 -34.39 13.54 14.06
CA MET AA 133 -35.74 13.34 14.55
C MET AA 133 -35.84 12.02 15.33
N LYS AA 134 -35.20 10.96 14.82
CA LYS AA 134 -35.13 9.71 15.56
C LYS AA 134 -34.41 9.88 16.89
N SER AA 135 -33.30 10.61 16.88
CA SER AA 135 -32.55 10.81 18.12
C SER AA 135 -33.42 11.50 19.16
N VAL AA 136 -34.13 12.56 18.77
CA VAL AA 136 -34.99 13.26 19.72
C VAL AA 136 -36.12 12.35 20.20
N ALA AA 137 -36.79 11.67 19.28
CA ALA AA 137 -37.92 10.84 19.65
C ALA AA 137 -37.51 9.72 20.59
N THR AA 138 -36.38 9.06 20.30
CA THR AA 138 -35.91 7.99 21.17
C THR AA 138 -35.43 8.54 22.51
N GLY AA 139 -34.92 9.78 22.52
CA GLY AA 139 -34.58 10.40 23.78
C GLY AA 139 -35.79 10.61 24.67
N LEU AA 140 -36.92 11.00 24.07
CA LEU AA 140 -38.12 11.23 24.87
C LEU AA 140 -38.75 9.93 25.34
N LEU AA 141 -38.53 8.84 24.62
CA LEU AA 141 -39.15 7.57 24.98
C LEU AA 141 -38.24 6.73 25.87
N SER AA 142 -38.83 5.70 26.47
CA SER AA 142 -38.12 4.79 27.36
C SER AA 142 -37.28 3.80 26.56
N GLY AA 143 -36.60 2.91 27.28
CA GLY AA 143 -35.72 1.96 26.63
C GLY AA 143 -36.45 0.97 25.75
N ASP AA 144 -37.58 0.45 26.22
CA ASP AA 144 -38.31 -0.54 25.45
C ASP AA 144 -38.92 0.06 24.19
N ASP AA 145 -39.54 1.24 24.32
CA ASP AA 145 -40.24 1.84 23.19
C ASP AA 145 -39.26 2.31 22.11
N SER AA 146 -38.04 2.65 22.53
CA SER AA 146 -37.07 3.26 21.63
C SER AA 146 -36.73 2.35 20.46
N ALA AA 147 -36.62 1.03 20.72
CA ALA AA 147 -36.23 0.12 19.66
C ALA AA 147 -37.23 0.12 18.51
N GLU AA 148 -38.51 -0.11 18.82
CA GLU AA 148 -39.48 -0.19 17.74
C GLU AA 148 -39.76 1.18 17.13
N VAL AA 149 -39.67 2.24 17.93
CA VAL AA 149 -39.89 3.57 17.34
C VAL AA 149 -38.75 3.93 16.40
N GLY AA 150 -37.51 3.62 16.79
CA GLY AA 150 -36.39 3.87 15.89
C GLY AA 150 -36.41 2.96 14.68
N TYR AA 151 -37.10 1.84 14.78
CA TYR AA 151 -37.22 0.96 13.61
C TYR AA 151 -37.88 1.68 12.43
N TYR AA 152 -39.03 2.33 12.66
CA TYR AA 152 -39.71 3.00 11.57
C TYR AA 152 -38.92 4.19 11.05
N PHE AA 153 -38.26 4.92 11.96
CA PHE AA 153 -37.40 6.02 11.51
C PHE AA 153 -36.26 5.52 10.65
N ASP AA 154 -35.65 4.40 11.04
CA ASP AA 154 -34.57 3.82 10.23
C ASP AA 154 -35.09 3.37 8.88
N TYR AA 155 -36.29 2.79 8.84
CA TYR AA 155 -36.88 2.43 7.57
C TYR AA 155 -37.10 3.65 6.68
N LEU AA 156 -37.61 4.74 7.26
CA LEU AA 156 -37.84 5.96 6.50
C LEU AA 156 -36.53 6.55 5.99
N ALA AA 157 -35.50 6.56 6.83
CA ALA AA 157 -34.21 7.07 6.40
C ALA AA 157 -33.62 6.23 5.28
N GLY AA 158 -33.76 4.90 5.37
CA GLY AA 158 -33.31 4.04 4.29
C GLY AA 158 -34.09 4.27 3.01
N ALA AA 159 -35.38 4.56 3.14
CA ALA AA 159 -36.19 4.89 1.97
C ALA AA 159 -35.70 6.17 1.32
N LEU AA 160 -35.36 7.18 2.12
CA LEU AA 160 -34.83 8.42 1.57
C LEU AA 160 -33.40 8.24 1.09
N ALA AA 161 -32.69 7.23 1.60
CA ALA AA 161 -31.32 6.98 1.19
C ALA AA 161 -31.25 5.79 0.25
N SER BA 2 -43.47 -25.10 10.32
CA SER BA 2 -43.27 -24.45 11.61
C SER BA 2 -43.56 -22.95 11.52
N VAL BA 3 -43.76 -22.32 12.68
CA VAL BA 3 -43.98 -20.87 12.71
C VAL BA 3 -42.76 -20.13 12.17
N VAL BA 4 -41.57 -20.58 12.58
CA VAL BA 4 -40.34 -19.98 12.09
C VAL BA 4 -40.22 -20.16 10.58
N THR BA 5 -40.56 -21.35 10.10
CA THR BA 5 -40.53 -21.60 8.67
C THR BA 5 -41.49 -20.70 7.91
N LYS BA 6 -42.71 -20.52 8.43
CA LYS BA 6 -43.67 -19.66 7.76
C LYS BA 6 -43.18 -18.22 7.73
N ALA BA 7 -42.62 -17.74 8.84
CA ALA BA 7 -42.09 -16.38 8.87
C ALA BA 7 -40.96 -16.21 7.88
N ILE BA 8 -40.04 -17.16 7.82
CA ILE BA 8 -38.91 -17.06 6.90
C ILE BA 8 -39.39 -17.11 5.46
N VAL BA 9 -40.37 -17.97 5.16
CA VAL BA 9 -40.87 -18.09 3.79
C VAL BA 9 -41.57 -16.81 3.36
N SER BA 10 -42.38 -16.23 4.25
CA SER BA 10 -43.05 -14.97 3.92
C SER BA 10 -42.03 -13.86 3.72
N ALA BA 11 -41.00 -13.80 4.57
CA ALA BA 11 -39.95 -12.80 4.39
C ALA BA 11 -39.22 -13.00 3.06
N ASP BA 12 -38.97 -14.26 2.70
CA ASP BA 12 -38.23 -14.55 1.48
C ASP BA 12 -39.03 -14.19 0.24
N ALA BA 13 -40.35 -14.39 0.29
CA ALA BA 13 -41.19 -13.98 -0.83
C ALA BA 13 -41.04 -12.49 -1.11
N GLU BA 14 -40.86 -11.70 -0.06
CA GLU BA 14 -40.66 -10.26 -0.19
C GLU BA 14 -39.20 -9.87 -0.24
N ALA BA 15 -38.28 -10.85 -0.25
CA ALA BA 15 -36.85 -10.61 -0.37
C ALA BA 15 -36.35 -9.62 0.67
N ARG BA 16 -36.72 -9.85 1.93
CA ARG BA 16 -36.37 -8.95 3.02
C ARG BA 16 -35.98 -9.77 4.25
N TYR BA 17 -35.38 -9.09 5.21
CA TYR BA 17 -35.17 -9.68 6.52
C TYR BA 17 -36.49 -9.67 7.29
N LEU BA 18 -36.55 -10.49 8.34
CA LEU BA 18 -37.76 -10.55 9.14
C LEU BA 18 -37.94 -9.26 9.93
N SER BA 19 -39.16 -8.73 9.90
CA SER BA 19 -39.50 -7.52 10.62
C SER BA 19 -39.55 -7.79 12.11
N PRO BA 20 -39.46 -6.74 12.93
CA PRO BA 20 -39.57 -6.96 14.38
C PRO BA 20 -40.88 -7.58 14.79
N GLY BA 21 -41.93 -7.44 13.99
CA GLY BA 21 -43.16 -8.15 14.25
C GLY BA 21 -43.01 -9.65 14.13
N GLU BA 22 -42.34 -10.12 13.08
CA GLU BA 22 -42.12 -11.55 12.92
C GLU BA 22 -41.15 -12.07 13.97
N LEU BA 23 -40.14 -11.28 14.34
CA LEU BA 23 -39.24 -11.70 15.40
C LEU BA 23 -39.97 -11.79 16.74
N ASP BA 24 -40.89 -10.87 16.99
CA ASP BA 24 -41.70 -10.94 18.21
C ASP BA 24 -42.60 -12.17 18.18
N ARG BA 25 -43.15 -12.50 17.01
CA ARG BA 25 -43.96 -13.71 16.87
C ARG BA 25 -43.12 -14.95 17.17
N ILE BA 26 -41.88 -14.98 16.67
CA ILE BA 26 -41.00 -16.11 16.96
C ILE BA 26 -40.67 -16.17 18.44
N ARG BA 27 -40.43 -15.03 19.08
CA ARG BA 27 -40.18 -15.05 20.53
C ARG BA 27 -41.39 -15.59 21.28
N GLY BA 28 -42.59 -15.20 20.86
CA GLY BA 28 -43.79 -15.72 21.53
C GLY BA 28 -43.94 -17.21 21.38
N PHE BA 29 -43.72 -17.72 20.16
CA PHE BA 29 -43.83 -19.17 19.95
C PHE BA 29 -42.76 -19.92 20.75
N VAL BA 30 -41.53 -19.41 20.75
CA VAL BA 30 -40.45 -20.05 21.49
C VAL BA 30 -40.72 -19.99 22.99
N SER BA 31 -41.46 -18.98 23.44
CA SER BA 31 -41.84 -18.92 24.85
C SER BA 31 -42.98 -19.89 25.16
N SER BA 32 -43.85 -20.16 24.19
CA SER BA 32 -44.95 -21.11 24.38
C SER BA 32 -44.54 -22.55 24.09
N GLY BA 33 -43.30 -22.76 23.69
CA GLY BA 33 -42.84 -24.10 23.32
C GLY BA 33 -43.01 -25.14 24.42
N GLU BA 34 -42.72 -24.77 25.67
CA GLU BA 34 -42.79 -25.77 26.74
C GLU BA 34 -44.23 -26.19 27.03
N ARG BA 35 -45.17 -25.24 26.97
CA ARG BA 35 -46.58 -25.60 27.11
C ARG BA 35 -47.02 -26.47 25.94
N ARG BA 36 -46.54 -26.17 24.74
CA ARG BA 36 -46.87 -27.00 23.59
C ARG BA 36 -46.34 -28.42 23.77
N LEU BA 37 -45.13 -28.54 24.30
CA LEU BA 37 -44.55 -29.87 24.53
C LEU BA 37 -45.32 -30.63 25.59
N ARG BA 38 -45.78 -29.94 26.64
CA ARG BA 38 -46.61 -30.58 27.64
C ARG BA 38 -47.89 -31.12 27.03
N VAL BA 39 -48.55 -30.32 26.19
CA VAL BA 39 -49.77 -30.77 25.53
C VAL BA 39 -49.49 -31.96 24.63
N ALA BA 40 -48.40 -31.90 23.86
CA ALA BA 40 -48.08 -33.01 22.97
C ALA BA 40 -47.80 -34.29 23.73
N GLN BA 41 -47.07 -34.19 24.84
CA GLN BA 41 -46.84 -35.36 25.69
C GLN BA 41 -48.14 -35.91 26.26
N THR BA 42 -49.03 -35.02 26.70
CA THR BA 42 -50.29 -35.48 27.27
C THR BA 42 -51.13 -36.23 26.23
N LEU BA 43 -51.18 -35.71 25.00
CA LEU BA 43 -51.90 -36.40 23.95
C LEU BA 43 -51.22 -37.71 23.57
N THR BA 44 -49.90 -37.71 23.50
CA THR BA 44 -49.16 -38.92 23.11
C THR BA 44 -49.34 -40.04 24.12
N GLU BA 45 -49.38 -39.71 25.41
CA GLU BA 45 -49.51 -40.75 26.42
C GLU BA 45 -50.90 -41.39 26.38
N SER BA 46 -51.92 -40.63 26.03
CA SER BA 46 -53.28 -41.15 25.88
C SER BA 46 -53.57 -41.59 24.45
N ARG BA 47 -52.55 -41.98 23.70
CA ARG BA 47 -52.72 -42.45 22.33
C ARG BA 47 -53.85 -43.46 22.21
N GLU BA 48 -53.70 -44.61 22.87
CA GLU BA 48 -54.63 -45.72 22.68
C GLU BA 48 -56.02 -45.39 23.19
N ARG BA 49 -56.11 -44.69 24.32
CA ARG BA 49 -57.42 -44.31 24.85
C ARG BA 49 -58.15 -43.38 23.89
N ILE BA 50 -57.44 -42.39 23.35
CA ILE BA 50 -58.07 -41.45 22.42
C ILE BA 50 -58.55 -42.18 21.18
N ILE BA 51 -57.70 -43.05 20.60
CA ILE BA 51 -58.08 -43.75 19.39
C ILE BA 51 -59.28 -44.66 19.64
N LYS BA 52 -59.26 -45.39 20.75
CA LYS BA 52 -60.35 -46.33 21.05
C LYS BA 52 -61.66 -45.59 21.25
N GLN BA 53 -61.66 -44.55 22.09
CA GLN BA 53 -62.89 -43.82 22.35
C GLN BA 53 -63.40 -43.11 21.10
N ALA BA 54 -62.49 -42.53 20.31
CA ALA BA 54 -62.92 -41.85 19.10
C ALA BA 54 -63.53 -42.82 18.09
N GLY BA 55 -62.92 -44.01 17.96
CA GLY BA 55 -63.51 -45.02 17.10
C GLY BA 55 -64.89 -45.44 17.58
N ASP BA 56 -65.04 -45.62 18.90
CA ASP BA 56 -66.35 -45.98 19.44
C ASP BA 56 -67.40 -44.93 19.10
N GLN BA 57 -67.10 -43.66 19.37
CA GLN BA 57 -68.06 -42.60 19.09
C GLN BA 57 -68.35 -42.49 17.60
N LEU BA 58 -67.33 -42.64 16.76
CA LEU BA 58 -67.55 -42.58 15.32
C LEU BA 58 -68.46 -43.70 14.84
N PHE BA 59 -68.23 -44.92 15.32
CA PHE BA 59 -69.00 -46.06 14.82
C PHE BA 59 -70.41 -46.06 15.39
N GLN BA 60 -70.61 -45.48 16.58
CA GLN BA 60 -71.99 -45.35 17.07
C GLN BA 60 -72.72 -44.21 16.36
N LYS BA 61 -71.98 -43.16 16.00
CA LYS BA 61 -72.61 -42.04 15.29
C LYS BA 61 -72.87 -42.39 13.83
N ARG BA 62 -72.02 -43.22 13.23
CA ARG BA 62 -72.17 -43.67 11.86
C ARG BA 62 -72.12 -45.19 11.86
N PRO BA 63 -73.21 -45.86 12.23
CA PRO BA 63 -73.21 -47.33 12.23
C PRO BA 63 -73.03 -47.93 10.86
N ASP BA 64 -73.36 -47.18 9.81
CA ASP BA 64 -73.32 -47.74 8.45
C ASP BA 64 -71.89 -47.97 7.98
N LEU BA 65 -70.92 -47.29 8.61
CA LEU BA 65 -69.53 -47.46 8.20
C LEU BA 65 -69.04 -48.89 8.45
N VAL BA 66 -69.40 -49.46 9.59
CA VAL BA 66 -69.07 -50.86 9.87
C VAL BA 66 -70.23 -51.80 9.56
N SER BA 67 -71.34 -51.29 9.05
CA SER BA 67 -72.45 -52.10 8.59
C SER BA 67 -72.08 -52.73 7.26
N PRO BA 68 -72.73 -53.83 6.87
CA PRO BA 68 -72.43 -54.43 5.56
C PRO BA 68 -72.67 -53.45 4.43
N GLY BA 69 -71.78 -53.48 3.45
CA GLY BA 69 -71.78 -52.48 2.39
C GLY BA 69 -71.03 -51.21 2.73
N GLY BA 70 -70.39 -51.15 3.90
CA GLY BA 70 -69.66 -49.97 4.31
C GLY BA 70 -68.17 -50.15 4.05
N ASN BA 71 -67.45 -49.03 4.06
CA ASN BA 71 -66.02 -49.08 3.76
C ASN BA 71 -65.23 -49.70 4.92
N ALA BA 72 -65.77 -49.63 6.13
CA ALA BA 72 -65.08 -50.17 7.30
C ALA BA 72 -65.64 -51.50 7.77
N TYR BA 73 -66.46 -52.16 6.94
CA TYR BA 73 -67.03 -53.45 7.29
C TYR BA 73 -65.91 -54.47 7.55
N GLY BA 74 -65.99 -55.16 8.69
CA GLY BA 74 -65.04 -56.22 8.99
C GLY BA 74 -63.97 -55.79 9.97
N ALA BA 75 -63.24 -56.78 10.47
CA ALA BA 75 -62.24 -56.52 11.50
C ALA BA 75 -61.03 -55.79 10.95
N GLU BA 76 -60.52 -56.23 9.79
CA GLU BA 76 -59.29 -55.65 9.27
C GLU BA 76 -59.50 -54.24 8.74
N ARG BA 77 -60.67 -53.97 8.16
CA ARG BA 77 -60.93 -52.61 7.69
C ARG BA 77 -61.16 -51.67 8.87
N THR BA 78 -61.75 -52.15 9.95
CA THR BA 78 -61.84 -51.35 11.17
C THR BA 78 -60.46 -51.09 11.76
N ALA BA 79 -59.58 -52.09 11.72
CA ALA BA 79 -58.21 -51.89 12.19
C ALA BA 79 -57.49 -50.85 11.35
N SER BA 80 -57.71 -50.86 10.02
CA SER BA 80 -57.13 -49.84 9.17
C SER BA 80 -57.72 -48.46 9.47
N CYS BA 81 -59.01 -48.41 9.75
CA CYS BA 81 -59.66 -47.16 10.17
C CYS BA 81 -58.99 -46.58 11.42
N LEU BA 82 -58.76 -47.43 12.42
CA LEU BA 82 -58.13 -46.97 13.65
C LEU BA 82 -56.69 -46.59 13.42
N ARG BA 83 -56.01 -47.27 12.49
CA ARG BA 83 -54.66 -46.89 12.11
C ARG BA 83 -54.65 -45.51 11.47
N ASP BA 84 -55.64 -45.20 10.63
CA ASP BA 84 -55.73 -43.87 10.04
C ASP BA 84 -55.94 -42.80 11.12
N LEU BA 85 -56.81 -43.10 12.09
CA LEU BA 85 -57.02 -42.18 13.20
C LEU BA 85 -55.72 -41.96 13.98
N ASP BA 86 -54.95 -43.03 14.18
CA ASP BA 86 -53.69 -42.92 14.90
C ASP BA 86 -52.68 -42.08 14.12
N TYR BA 87 -52.62 -42.26 12.80
CA TYR BA 87 -51.82 -41.36 11.96
C TYR BA 87 -52.17 -39.92 12.22
N TYR BA 88 -53.46 -39.60 12.16
CA TYR BA 88 -53.86 -38.21 12.27
C TYR BA 88 -53.64 -37.66 13.69
N LEU BA 89 -53.74 -38.51 14.70
CA LEU BA 89 -53.39 -38.07 16.06
C LEU BA 89 -51.91 -37.72 16.15
N ARG BA 90 -51.05 -38.57 15.59
CA ARG BA 90 -49.62 -38.26 15.56
C ARG BA 90 -49.37 -36.96 14.82
N LEU BA 91 -50.07 -36.74 13.72
CA LEU BA 91 -49.93 -35.50 12.97
C LEU BA 91 -50.38 -34.30 13.78
N VAL BA 92 -51.44 -34.45 14.58
CA VAL BA 92 -51.91 -33.35 15.41
C VAL BA 92 -50.86 -33.00 16.46
N THR BA 93 -50.22 -34.00 17.06
CA THR BA 93 -49.15 -33.70 18.00
C THR BA 93 -47.97 -33.00 17.31
N PHE BA 94 -47.64 -33.45 16.10
CA PHE BA 94 -46.63 -32.75 15.31
C PHE BA 94 -47.01 -31.29 15.07
N GLY BA 95 -48.27 -31.05 14.74
CA GLY BA 95 -48.72 -29.69 14.51
C GLY BA 95 -48.69 -28.85 15.78
N ILE BA 96 -48.99 -29.46 16.92
CA ILE BA 96 -48.93 -28.75 18.19
C ILE BA 96 -47.52 -28.28 18.47
N VAL BA 97 -46.53 -29.17 18.32
CA VAL BA 97 -45.16 -28.75 18.59
C VAL BA 97 -44.69 -27.76 17.53
N ALA BA 98 -45.18 -27.90 16.29
CA ALA BA 98 -44.75 -27.00 15.23
C ALA BA 98 -45.34 -25.60 15.42
N GLY BA 99 -46.42 -25.49 16.19
CA GLY BA 99 -47.09 -24.23 16.37
C GLY BA 99 -47.98 -23.81 15.21
N ASP BA 100 -48.15 -24.68 14.21
CA ASP BA 100 -49.04 -24.41 13.09
C ASP BA 100 -49.34 -25.72 12.38
N VAL BA 101 -50.17 -25.64 11.35
CA VAL BA 101 -50.76 -26.83 10.74
C VAL BA 101 -49.97 -27.27 9.53
N THR BA 102 -48.76 -26.73 9.35
CA THR BA 102 -47.96 -27.13 8.20
C THR BA 102 -47.68 -28.63 8.16
N PRO BA 103 -47.03 -29.24 9.16
CA PRO BA 103 -46.72 -30.68 9.03
C PRO BA 103 -47.96 -31.52 8.80
N ILE BA 104 -49.06 -31.17 9.47
CA ILE BA 104 -50.35 -31.81 9.18
C ILE BA 104 -50.66 -31.70 7.71
N GLU BA 105 -50.36 -30.54 7.10
CA GLU BA 105 -50.72 -30.34 5.71
C GLU BA 105 -49.86 -31.17 4.76
N GLU BA 106 -48.52 -31.16 4.92
CA GLU BA 106 -47.76 -31.91 3.92
C GLU BA 106 -47.74 -33.41 4.20
N ILE BA 107 -48.20 -33.84 5.38
CA ILE BA 107 -48.22 -35.28 5.61
C ILE BA 107 -49.61 -35.85 5.35
N GLY BA 108 -50.67 -35.14 5.72
CA GLY BA 108 -51.98 -35.75 5.69
C GLY BA 108 -53.09 -35.01 4.98
N VAL BA 109 -52.83 -33.83 4.42
CA VAL BA 109 -53.89 -33.04 3.81
C VAL BA 109 -53.72 -32.86 2.31
N ILE BA 110 -52.50 -32.76 1.80
CA ILE BA 110 -52.27 -32.62 0.37
C ILE BA 110 -52.51 -33.97 -0.29
N GLY BA 111 -53.44 -34.02 -1.23
CA GLY BA 111 -53.73 -35.25 -1.94
C GLY BA 111 -54.56 -36.25 -1.19
N VAL BA 112 -55.09 -35.90 -0.01
CA VAL BA 112 -55.89 -36.85 0.75
C VAL BA 112 -57.20 -37.14 0.04
N LYS BA 113 -57.68 -36.18 -0.74
CA LYS BA 113 -58.93 -36.36 -1.48
C LYS BA 113 -58.78 -37.46 -2.52
N GLU BA 114 -57.73 -37.37 -3.34
CA GLU BA 114 -57.44 -38.41 -4.33
C GLU BA 114 -57.13 -39.74 -3.66
N MET BA 115 -56.37 -39.72 -2.58
CA MET BA 115 -56.04 -40.97 -1.89
C MET BA 115 -57.29 -41.68 -1.42
N TYR BA 116 -58.17 -40.99 -0.69
CA TYR BA 116 -59.34 -41.65 -0.14
C TYR BA 116 -60.36 -41.96 -1.23
N ARG BA 117 -60.32 -41.21 -2.34
CA ARG BA 117 -61.12 -41.59 -3.50
C ARG BA 117 -60.67 -42.92 -4.07
N ASN BA 118 -59.35 -43.10 -4.21
CA ASN BA 118 -58.81 -44.37 -4.69
C ASN BA 118 -59.09 -45.49 -3.70
N LEU BA 119 -59.21 -45.15 -2.42
CA LEU BA 119 -59.55 -46.11 -1.39
C LEU BA 119 -61.04 -46.24 -1.16
N GLU BA 120 -61.86 -45.56 -1.96
CA GLU BA 120 -63.31 -45.44 -1.75
C GLU BA 120 -63.69 -45.27 -0.28
N VAL BA 121 -62.90 -44.47 0.43
CA VAL BA 121 -63.17 -44.11 1.81
C VAL BA 121 -64.03 -42.86 1.83
N PRO BA 122 -65.18 -42.86 2.50
CA PRO BA 122 -66.01 -41.64 2.54
C PRO BA 122 -65.35 -40.56 3.39
N LEU BA 123 -65.14 -39.40 2.78
CA LEU BA 123 -64.60 -38.20 3.41
C LEU BA 123 -65.47 -37.70 4.55
N PRO BA 124 -66.82 -37.65 4.40
CA PRO BA 124 -67.63 -37.26 5.56
C PRO BA 124 -67.37 -38.11 6.78
N GLY BA 125 -67.31 -39.43 6.62
CA GLY BA 125 -67.02 -40.30 7.75
C GLY BA 125 -65.68 -39.97 8.38
N MET BA 126 -64.70 -39.60 7.55
CA MET BA 126 -63.43 -39.07 8.07
C MET BA 126 -63.66 -37.83 8.92
N VAL BA 127 -64.61 -36.99 8.52
CA VAL BA 127 -64.87 -35.76 9.26
C VAL BA 127 -65.48 -36.06 10.62
N GLU BA 128 -66.48 -36.95 10.68
CA GLU BA 128 -66.98 -37.33 12.01
C GLU BA 128 -65.91 -38.04 12.83
N ALA BA 129 -65.01 -38.79 12.17
CA ALA BA 129 -63.92 -39.43 12.91
C ALA BA 129 -63.02 -38.39 13.57
N VAL BA 130 -62.65 -37.34 12.83
CA VAL BA 130 -61.76 -36.34 13.41
C VAL BA 130 -62.49 -35.50 14.44
N LYS BA 131 -63.80 -35.34 14.30
CA LYS BA 131 -64.55 -34.63 15.33
C LYS BA 131 -64.66 -35.45 16.61
N ALA BA 132 -64.81 -36.77 16.48
CA ALA BA 132 -64.79 -37.64 17.65
C ALA BA 132 -63.42 -37.59 18.33
N MET BA 133 -62.35 -37.59 17.53
CA MET BA 133 -61.02 -37.39 18.09
C MET BA 133 -60.93 -36.06 18.81
N LYS BA 134 -61.48 -35.00 18.22
CA LYS BA 134 -61.49 -33.70 18.88
C LYS BA 134 -62.13 -33.78 20.26
N SER BA 135 -63.34 -34.34 20.32
CA SER BA 135 -64.02 -34.45 21.61
C SER BA 135 -63.17 -35.20 22.62
N VAL BA 136 -62.70 -36.40 22.24
CA VAL BA 136 -61.97 -37.24 23.18
C VAL BA 136 -60.69 -36.54 23.64
N ALA BA 137 -59.92 -35.98 22.72
CA ALA BA 137 -58.63 -35.41 23.06
C ALA BA 137 -58.78 -34.14 23.88
N THR BA 138 -59.73 -33.28 23.51
CA THR BA 138 -59.95 -32.06 24.27
C THR BA 138 -60.55 -32.36 25.65
N GLY BA 139 -61.13 -33.55 25.82
CA GLY BA 139 -61.65 -33.92 27.11
C GLY BA 139 -60.57 -34.15 28.16
N LEU BA 140 -59.37 -34.54 27.72
CA LEU BA 140 -58.31 -34.86 28.67
C LEU BA 140 -57.41 -33.66 28.95
N LEU BA 141 -57.69 -32.52 28.31
CA LEU BA 141 -56.86 -31.35 28.52
C LEU BA 141 -57.64 -30.26 29.26
N SER BA 142 -56.89 -29.35 29.87
CA SER BA 142 -57.47 -28.16 30.44
C SER BA 142 -58.03 -27.27 29.33
N GLY BA 143 -58.95 -26.40 29.72
CA GLY BA 143 -59.67 -25.61 28.72
C GLY BA 143 -58.75 -24.81 27.82
N ASP BA 144 -57.73 -24.19 28.42
CA ASP BA 144 -56.80 -23.39 27.62
C ASP BA 144 -56.11 -24.24 26.56
N ASP BA 145 -55.50 -25.36 26.98
CA ASP BA 145 -54.83 -26.24 26.03
C ASP BA 145 -55.84 -26.89 25.08
N SER BA 146 -57.04 -27.20 25.58
CA SER BA 146 -58.10 -27.70 24.74
C SER BA 146 -58.39 -26.74 23.58
N ALA BA 147 -58.23 -25.44 23.82
CA ALA BA 147 -58.48 -24.48 22.76
C ALA BA 147 -57.53 -24.66 21.58
N GLU BA 148 -56.21 -24.66 21.84
CA GLU BA 148 -55.28 -24.81 20.72
C GLU BA 148 -55.40 -26.19 20.08
N VAL BA 149 -55.64 -27.23 20.87
CA VAL BA 149 -55.74 -28.56 20.28
C VAL BA 149 -56.97 -28.66 19.39
N GLY BA 150 -58.10 -28.10 19.85
CA GLY BA 150 -59.29 -28.08 19.01
C GLY BA 150 -59.09 -27.25 17.77
N TYR BA 151 -58.19 -26.25 17.83
CA TYR BA 151 -57.87 -25.49 16.62
C TYR BA 151 -57.27 -26.39 15.55
N TYR BA 152 -56.32 -27.24 15.92
CA TYR BA 152 -55.70 -28.12 14.94
C TYR BA 152 -56.69 -29.18 14.46
N PHE BA 153 -57.51 -29.68 15.38
CA PHE BA 153 -58.52 -30.66 14.98
C PHE BA 153 -59.54 -30.05 14.03
N ASP BA 154 -59.89 -28.77 14.24
CA ASP BA 154 -60.80 -28.09 13.33
C ASP BA 154 -60.16 -27.84 11.98
N TYR BA 155 -58.87 -27.50 11.96
CA TYR BA 155 -58.20 -27.39 10.67
C TYR BA 155 -58.25 -28.70 9.92
N LEU BA 156 -58.01 -29.81 10.62
CA LEU BA 156 -58.07 -31.12 9.99
C LEU BA 156 -59.46 -31.43 9.48
N ALA BA 157 -60.48 -31.13 10.28
CA ALA BA 157 -61.86 -31.42 9.88
C ALA BA 157 -62.26 -30.59 8.67
N GLY BA 158 -61.85 -29.32 8.63
CA GLY BA 158 -62.16 -28.50 7.48
C GLY BA 158 -61.38 -28.89 6.24
N ALA BA 159 -60.16 -29.38 6.44
CA ALA BA 159 -59.33 -29.81 5.32
C ALA BA 159 -59.90 -31.08 4.69
N LEU BA 160 -60.40 -32.00 5.52
CA LEU BA 160 -61.00 -33.21 4.99
C LEU BA 160 -62.37 -32.94 4.40
N ALA BA 161 -63.11 -31.99 4.96
CA ALA BA 161 -64.42 -31.64 4.44
C ALA BA 161 -64.31 -30.69 3.27
N SER CA 2 -73.09 -31.24 -30.38
CA SER CA 2 -73.21 -32.49 -31.12
C SER CA 2 -71.99 -32.74 -31.99
N VAL CA 3 -72.10 -33.66 -32.94
CA VAL CA 3 -71.01 -33.90 -33.89
C VAL CA 3 -70.78 -32.65 -34.72
N VAL CA 4 -71.86 -32.02 -35.19
CA VAL CA 4 -71.75 -30.87 -36.08
C VAL CA 4 -71.13 -29.69 -35.34
N THR CA 5 -71.57 -29.43 -34.11
CA THR CA 5 -71.01 -28.32 -33.34
C THR CA 5 -69.54 -28.54 -33.06
N LYS CA 6 -69.16 -29.76 -32.69
CA LYS CA 6 -67.76 -30.04 -32.38
C LYS CA 6 -66.88 -29.89 -33.62
N ALA CA 7 -67.35 -30.38 -34.77
CA ALA CA 7 -66.59 -30.20 -36.00
C ALA CA 7 -66.48 -28.74 -36.39
N ILE CA 8 -67.55 -27.97 -36.24
CA ILE CA 8 -67.53 -26.55 -36.61
C ILE CA 8 -66.58 -25.78 -35.71
N VAL CA 9 -66.62 -26.01 -34.40
CA VAL CA 9 -65.73 -25.28 -33.51
C VAL CA 9 -64.28 -25.69 -33.75
N SER CA 10 -64.04 -26.97 -34.08
CA SER CA 10 -62.69 -27.38 -34.43
C SER CA 10 -62.19 -26.65 -35.67
N ALA CA 11 -63.03 -26.56 -36.71
CA ALA CA 11 -62.60 -25.89 -37.94
C ALA CA 11 -62.47 -24.39 -37.74
N ASP CA 12 -63.28 -23.81 -36.85
CA ASP CA 12 -63.19 -22.38 -36.59
C ASP CA 12 -61.99 -22.04 -35.71
N ALA CA 13 -61.48 -23.02 -34.96
CA ALA CA 13 -60.30 -22.78 -34.16
C ALA CA 13 -59.11 -22.38 -35.03
N GLU CA 14 -58.91 -23.09 -36.15
CA GLU CA 14 -57.84 -22.76 -37.07
C GLU CA 14 -58.33 -22.05 -38.33
N ALA CA 15 -59.48 -21.39 -38.27
CA ALA CA 15 -59.94 -20.45 -39.30
C ALA CA 15 -59.98 -21.08 -40.69
N ARG CA 16 -60.59 -22.25 -40.80
CA ARG CA 16 -60.65 -22.98 -42.06
C ARG CA 16 -62.06 -23.54 -42.27
N TYR CA 17 -62.28 -24.04 -43.48
CA TYR CA 17 -63.46 -24.83 -43.76
C TYR CA 17 -63.27 -26.24 -43.21
N LEU CA 18 -64.36 -26.99 -43.13
CA LEU CA 18 -64.28 -28.35 -42.61
C LEU CA 18 -63.47 -29.24 -43.54
N SER CA 19 -62.62 -30.06 -42.95
CA SER CA 19 -61.77 -30.98 -43.70
C SER CA 19 -62.59 -32.15 -44.21
N PRO CA 20 -62.06 -32.92 -45.17
CA PRO CA 20 -62.80 -34.11 -45.62
C PRO CA 20 -63.11 -35.09 -44.51
N GLY CA 21 -62.23 -35.22 -43.52
CA GLY CA 21 -62.53 -36.09 -42.39
C GLY CA 21 -63.69 -35.58 -41.56
N GLU CA 22 -63.74 -34.27 -41.33
CA GLU CA 22 -64.86 -33.68 -40.60
C GLU CA 22 -66.17 -33.87 -41.34
N LEU CA 23 -66.16 -33.64 -42.66
CA LEU CA 23 -67.37 -33.88 -43.45
C LEU CA 23 -67.76 -35.35 -43.44
N ASP CA 24 -66.77 -36.24 -43.46
CA ASP CA 24 -67.06 -37.67 -43.39
C ASP CA 24 -67.72 -38.03 -42.07
N ARG CA 25 -67.24 -37.46 -40.97
CA ARG CA 25 -67.84 -37.79 -39.67
C ARG CA 25 -69.23 -37.17 -39.54
N ILE CA 26 -69.45 -35.99 -40.15
CA ILE CA 26 -70.79 -35.42 -40.17
C ILE CA 26 -71.74 -36.32 -40.95
N ARG CA 27 -71.28 -36.82 -42.11
CA ARG CA 27 -72.10 -37.72 -42.91
C ARG CA 27 -72.40 -39.01 -42.15
N GLY CA 28 -71.39 -39.57 -41.48
CA GLY CA 28 -71.63 -40.76 -40.68
C GLY CA 28 -72.64 -40.52 -39.58
N PHE CA 29 -72.60 -39.33 -38.96
CA PHE CA 29 -73.55 -39.01 -37.92
C PHE CA 29 -74.97 -38.89 -38.47
N VAL CA 30 -75.14 -38.18 -39.59
CA VAL CA 30 -76.49 -37.96 -40.10
C VAL CA 30 -77.06 -39.24 -40.68
N SER CA 31 -76.20 -40.11 -41.24
CA SER CA 31 -76.68 -41.37 -41.79
C SER CA 31 -77.27 -42.26 -40.70
N SER CA 32 -76.65 -42.27 -39.53
CA SER CA 32 -77.10 -43.08 -38.41
C SER CA 32 -78.17 -42.40 -37.57
N GLY CA 33 -78.72 -41.28 -38.04
CA GLY CA 33 -79.63 -40.51 -37.22
C GLY CA 33 -80.92 -41.25 -36.89
N GLU CA 34 -81.49 -41.95 -37.86
CA GLU CA 34 -82.74 -42.65 -37.62
C GLU CA 34 -82.59 -43.77 -36.60
N ARG CA 35 -81.46 -44.48 -36.64
CA ARG CA 35 -81.23 -45.56 -35.68
C ARG CA 35 -81.11 -45.03 -34.26
N ARG CA 36 -80.24 -44.05 -34.04
CA ARG CA 36 -80.09 -43.48 -32.71
C ARG CA 36 -81.38 -42.80 -32.27
N LEU CA 37 -82.17 -42.34 -33.22
CA LEU CA 37 -83.41 -41.65 -32.87
C LEU CA 37 -84.46 -42.65 -32.40
N ARG CA 38 -84.53 -43.82 -33.04
CA ARG CA 38 -85.44 -44.85 -32.54
C ARG CA 38 -84.94 -45.46 -31.24
N VAL CA 39 -83.62 -45.46 -31.04
CA VAL CA 39 -83.08 -45.83 -29.74
C VAL CA 39 -83.56 -44.85 -28.67
N ALA CA 40 -83.53 -43.56 -28.99
CA ALA CA 40 -84.05 -42.56 -28.07
C ALA CA 40 -85.54 -42.76 -27.81
N GLN CA 41 -86.31 -43.08 -28.86
CA GLN CA 41 -87.67 -43.56 -28.67
C GLN CA 41 -87.73 -44.59 -27.56
N THR CA 42 -87.08 -45.73 -27.79
CA THR CA 42 -87.20 -46.88 -26.90
C THR CA 42 -86.84 -46.52 -25.47
N LEU CA 43 -85.78 -45.74 -25.29
CA LEU CA 43 -85.41 -45.31 -23.94
C LEU CA 43 -86.41 -44.30 -23.39
N THR CA 44 -87.17 -43.63 -24.25
CA THR CA 44 -88.04 -42.56 -23.78
C THR CA 44 -89.39 -43.09 -23.31
N GLU CA 45 -90.03 -43.97 -24.09
CA GLU CA 45 -91.32 -44.47 -23.63
C GLU CA 45 -91.17 -45.37 -22.40
N SER CA 46 -90.01 -45.96 -22.20
CA SER CA 46 -89.78 -46.85 -21.07
C SER CA 46 -89.00 -46.20 -19.94
N ARG CA 47 -89.24 -44.92 -19.67
CA ARG CA 47 -88.48 -44.24 -18.61
C ARG CA 47 -88.82 -44.81 -17.23
N GLU CA 48 -90.10 -45.03 -16.96
CA GLU CA 48 -90.52 -45.38 -15.60
C GLU CA 48 -90.06 -46.78 -15.21
N ARG CA 49 -90.20 -47.75 -16.12
CA ARG CA 49 -89.74 -49.10 -15.83
C ARG CA 49 -88.26 -49.09 -15.49
N ILE CA 50 -87.47 -48.37 -16.29
CA ILE CA 50 -86.02 -48.33 -16.09
C ILE CA 50 -85.70 -47.66 -14.76
N ILE CA 51 -86.37 -46.53 -14.46
CA ILE CA 51 -86.07 -45.81 -13.22
C ILE CA 51 -86.35 -46.69 -12.01
N LYS CA 52 -87.50 -47.34 -11.99
CA LYS CA 52 -87.86 -48.13 -10.80
C LYS CA 52 -86.99 -49.38 -10.69
N GLN CA 53 -86.70 -50.05 -11.82
CA GLN CA 53 -85.83 -51.22 -11.76
C GLN CA 53 -84.42 -50.84 -11.31
N ALA CA 54 -83.90 -49.73 -11.82
CA ALA CA 54 -82.57 -49.28 -11.43
C ALA CA 54 -82.53 -48.91 -9.97
N GLY CA 55 -83.59 -48.28 -9.46
CA GLY CA 55 -83.63 -47.98 -8.04
C GLY CA 55 -83.66 -49.23 -7.18
N ASP CA 56 -84.45 -50.23 -7.60
CA ASP CA 56 -84.48 -51.49 -6.87
C ASP CA 56 -83.09 -52.13 -6.85
N GLN CA 57 -82.45 -52.21 -8.02
CA GLN CA 57 -81.12 -52.81 -8.10
C GLN CA 57 -80.10 -52.04 -7.27
N LEU CA 58 -80.19 -50.70 -7.29
CA LEU CA 58 -79.34 -49.87 -6.45
C LEU CA 58 -79.48 -50.26 -4.99
N PHE CA 59 -80.70 -50.12 -4.45
CA PHE CA 59 -80.92 -50.35 -3.03
C PHE CA 59 -80.55 -51.78 -2.63
N GLN CA 60 -80.71 -52.74 -3.54
CA GLN CA 60 -80.28 -54.10 -3.24
C GLN CA 60 -78.76 -54.20 -3.17
N LYS CA 61 -78.04 -53.58 -4.10
CA LYS CA 61 -76.59 -53.72 -4.12
C LYS CA 61 -75.94 -52.97 -2.96
N ARG CA 62 -76.37 -51.74 -2.69
CA ARG CA 62 -75.86 -50.96 -1.57
C ARG CA 62 -77.01 -50.61 -0.64
N PRO CA 63 -77.14 -51.28 0.50
CA PRO CA 63 -78.25 -51.00 1.42
C PRO CA 63 -77.96 -49.90 2.43
N ASP CA 64 -76.73 -49.41 2.51
CA ASP CA 64 -76.42 -48.35 3.47
C ASP CA 64 -77.19 -47.07 3.15
N LEU CA 65 -77.38 -46.77 1.87
CA LEU CA 65 -78.02 -45.52 1.49
C LEU CA 65 -79.45 -45.44 2.00
N VAL CA 66 -80.18 -46.57 1.97
CA VAL CA 66 -81.50 -46.62 2.57
C VAL CA 66 -81.48 -47.04 4.03
N SER CA 67 -80.29 -47.18 4.61
CA SER CA 67 -80.14 -47.55 6.01
C SER CA 67 -79.92 -46.32 6.87
N PRO CA 68 -80.07 -46.43 8.19
CA PRO CA 68 -79.79 -45.28 9.06
C PRO CA 68 -78.37 -44.77 8.85
N GLY CA 69 -78.24 -43.45 8.74
CA GLY CA 69 -77.01 -42.83 8.31
C GLY CA 69 -76.83 -42.76 6.82
N GLY CA 70 -77.76 -43.32 6.04
CA GLY CA 70 -77.63 -43.30 4.60
C GLY CA 70 -78.21 -42.04 3.99
N ASN CA 71 -77.72 -41.71 2.80
CA ASN CA 71 -78.10 -40.45 2.16
C ASN CA 71 -79.54 -40.48 1.67
N ALA CA 72 -80.06 -41.66 1.32
CA ALA CA 72 -81.41 -41.80 0.81
C ALA CA 72 -82.42 -42.23 1.87
N TYR CA 73 -82.03 -42.21 3.14
CA TYR CA 73 -82.93 -42.63 4.22
C TYR CA 73 -84.20 -41.80 4.21
N GLY CA 74 -85.34 -42.48 4.20
CA GLY CA 74 -86.63 -41.81 4.17
C GLY CA 74 -87.26 -41.81 2.79
N ALA CA 75 -88.55 -41.47 2.76
CA ALA CA 75 -89.30 -41.52 1.52
C ALA CA 75 -88.94 -40.38 0.58
N GLU CA 76 -88.81 -39.16 1.10
CA GLU CA 76 -88.58 -38.01 0.24
C GLU CA 76 -87.19 -38.06 -0.38
N ARG CA 77 -86.19 -38.48 0.39
CA ARG CA 77 -84.83 -38.58 -0.16
C ARG CA 77 -84.76 -39.66 -1.22
N THR CA 78 -85.47 -40.77 -1.03
CA THR CA 78 -85.51 -41.81 -2.05
C THR CA 78 -86.22 -41.32 -3.32
N ALA CA 79 -87.29 -40.54 -3.15
CA ALA CA 79 -87.96 -39.97 -4.31
C ALA CA 79 -87.03 -39.05 -5.08
N SER CA 80 -86.26 -38.21 -4.36
CA SER CA 80 -85.28 -37.36 -5.03
C SER CA 80 -84.18 -38.18 -5.68
N CYS CA 81 -83.82 -39.31 -5.07
CA CYS CA 81 -82.83 -40.20 -5.66
C CYS CA 81 -83.31 -40.73 -7.02
N LEU CA 82 -84.54 -41.21 -7.08
CA LEU CA 82 -85.08 -41.66 -8.36
C LEU CA 82 -85.28 -40.51 -9.33
N ARG CA 83 -85.54 -39.31 -8.81
CA ARG CA 83 -85.64 -38.12 -9.65
C ARG CA 83 -84.32 -37.83 -10.35
N ASP CA 84 -83.20 -38.01 -9.64
CA ASP CA 84 -81.90 -37.80 -10.24
C ASP CA 84 -81.62 -38.83 -11.34
N LEU CA 85 -82.05 -40.07 -11.11
CA LEU CA 85 -81.94 -41.09 -12.14
C LEU CA 85 -82.75 -40.72 -13.38
N ASP CA 86 -83.96 -40.18 -13.18
CA ASP CA 86 -84.75 -39.74 -14.31
C ASP CA 86 -84.05 -38.62 -15.07
N TYR CA 87 -83.47 -37.66 -14.34
CA TYR CA 87 -82.65 -36.62 -14.94
C TYR CA 87 -81.58 -37.23 -15.85
N TYR CA 88 -80.83 -38.20 -15.31
CA TYR CA 88 -79.67 -38.70 -16.04
C TYR CA 88 -80.10 -39.56 -17.23
N LEU CA 89 -81.24 -40.24 -17.13
CA LEU CA 89 -81.73 -40.98 -18.29
C LEU CA 89 -82.14 -40.03 -19.40
N ARG CA 90 -82.76 -38.90 -19.04
CA ARG CA 90 -83.07 -37.89 -20.05
C ARG CA 90 -81.79 -37.34 -20.69
N LEU CA 91 -80.76 -37.11 -19.88
CA LEU CA 91 -79.49 -36.64 -20.43
C LEU CA 91 -78.87 -37.68 -21.36
N VAL CA 92 -79.00 -38.96 -21.03
CA VAL CA 92 -78.51 -40.01 -21.92
C VAL CA 92 -79.25 -39.99 -23.26
N THR CA 93 -80.57 -39.78 -23.23
CA THR CA 93 -81.31 -39.70 -24.49
C THR CA 93 -80.83 -38.51 -25.32
N PHE CA 94 -80.59 -37.36 -24.67
CA PHE CA 94 -80.06 -36.21 -25.38
C PHE CA 94 -78.70 -36.52 -26.00
N GLY CA 95 -77.84 -37.20 -25.25
CA GLY CA 95 -76.53 -37.57 -25.77
C GLY CA 95 -76.61 -38.52 -26.95
N ILE CA 96 -77.55 -39.47 -26.89
CA ILE CA 96 -77.72 -40.40 -28.00
C ILE CA 96 -78.15 -39.65 -29.26
N VAL CA 97 -79.12 -38.74 -29.15
CA VAL CA 97 -79.55 -38.03 -30.35
C VAL CA 97 -78.45 -37.10 -30.86
N ALA CA 98 -77.69 -36.49 -29.95
CA ALA CA 98 -76.68 -35.54 -30.38
C ALA CA 98 -75.50 -36.23 -31.07
N GLY CA 99 -75.28 -37.50 -30.77
CA GLY CA 99 -74.11 -38.20 -31.26
C GLY CA 99 -72.86 -38.00 -30.43
N ASP CA 100 -72.94 -37.22 -29.36
CA ASP CA 100 -71.84 -37.03 -28.42
C ASP CA 100 -72.39 -36.92 -27.01
N VAL CA 101 -71.50 -36.70 -26.06
CA VAL CA 101 -71.90 -36.63 -24.66
C VAL CA 101 -72.00 -35.17 -24.24
N THR CA 102 -71.82 -34.26 -25.20
CA THR CA 102 -71.73 -32.84 -24.88
C THR CA 102 -72.91 -32.31 -24.05
N PRO CA 103 -74.17 -32.61 -24.38
CA PRO CA 103 -75.25 -32.23 -23.46
C PRO CA 103 -75.09 -32.84 -22.08
N ILE CA 104 -74.54 -34.05 -22.00
CA ILE CA 104 -74.35 -34.68 -20.70
C ILE CA 104 -73.37 -33.88 -19.83
N GLU CA 105 -72.20 -33.50 -20.36
CA GLU CA 105 -71.37 -32.59 -19.57
C GLU CA 105 -72.15 -31.32 -19.21
N GLU CA 106 -72.66 -30.62 -20.23
CA GLU CA 106 -73.14 -29.27 -20.03
C GLU CA 106 -74.29 -29.21 -19.04
N ILE CA 107 -75.08 -30.29 -18.95
CA ILE CA 107 -76.22 -30.24 -18.05
C ILE CA 107 -75.91 -30.92 -16.73
N GLY CA 108 -75.31 -32.11 -16.76
CA GLY CA 108 -75.19 -32.88 -15.54
C GLY CA 108 -73.84 -33.46 -15.19
N VAL CA 109 -72.75 -33.04 -15.82
CA VAL CA 109 -71.43 -33.57 -15.47
C VAL CA 109 -70.50 -32.48 -14.99
N ILE CA 110 -70.43 -31.35 -15.70
CA ILE CA 110 -69.61 -30.24 -15.23
C ILE CA 110 -70.17 -29.76 -13.90
N GLY CA 111 -69.36 -29.84 -12.85
CA GLY CA 111 -69.76 -29.41 -11.53
C GLY CA 111 -70.51 -30.41 -10.70
N VAL CA 112 -70.71 -31.63 -11.22
CA VAL CA 112 -71.50 -32.63 -10.49
C VAL CA 112 -70.82 -33.02 -9.19
N LYS CA 113 -69.48 -33.04 -9.19
CA LYS CA 113 -68.74 -33.45 -8.01
C LYS CA 113 -69.06 -32.55 -6.83
N GLU CA 114 -68.93 -31.23 -7.02
CA GLU CA 114 -69.17 -30.32 -5.90
C GLU CA 114 -70.64 -30.17 -5.60
N MET CA 115 -71.52 -30.40 -6.59
CA MET CA 115 -72.95 -30.40 -6.29
C MET CA 115 -73.33 -31.53 -5.36
N TYR CA 116 -72.90 -32.76 -5.69
CA TYR CA 116 -73.25 -33.89 -4.83
C TYR CA 116 -72.51 -33.82 -3.52
N ARG CA 117 -71.28 -33.31 -3.52
CA ARG CA 117 -70.57 -33.07 -2.27
C ARG CA 117 -71.34 -32.08 -1.41
N ASN CA 118 -71.99 -31.09 -2.04
CA ASN CA 118 -72.86 -30.17 -1.31
C ASN CA 118 -74.13 -30.86 -0.82
N LEU CA 119 -74.52 -31.96 -1.47
CA LEU CA 119 -75.73 -32.66 -1.05
C LEU CA 119 -75.47 -33.84 -0.12
N GLU CA 120 -74.24 -34.09 0.30
CA GLU CA 120 -73.87 -35.32 1.03
C GLU CA 120 -74.26 -36.57 0.25
N VAL CA 121 -74.05 -36.56 -1.05
CA VAL CA 121 -74.40 -37.69 -1.91
C VAL CA 121 -73.11 -38.42 -2.29
N PRO CA 122 -72.97 -39.70 -1.97
CA PRO CA 122 -71.74 -40.42 -2.27
C PRO CA 122 -71.65 -40.78 -3.75
N LEU CA 123 -70.54 -40.38 -4.38
CA LEU CA 123 -70.34 -40.69 -5.79
C LEU CA 123 -70.31 -42.18 -6.10
N PRO CA 124 -69.74 -43.05 -5.27
CA PRO CA 124 -69.88 -44.49 -5.54
C PRO CA 124 -71.32 -44.94 -5.65
N GLY CA 125 -72.22 -44.37 -4.86
CA GLY CA 125 -73.63 -44.66 -5.03
C GLY CA 125 -74.17 -44.21 -6.36
N MET CA 126 -73.69 -43.06 -6.86
CA MET CA 126 -74.10 -42.59 -8.18
C MET CA 126 -73.61 -43.54 -9.27
N VAL CA 127 -72.37 -44.03 -9.13
CA VAL CA 127 -71.84 -45.00 -10.09
C VAL CA 127 -72.67 -46.27 -10.07
N GLU CA 128 -73.04 -46.74 -8.87
CA GLU CA 128 -73.90 -47.91 -8.78
C GLU CA 128 -75.24 -47.66 -9.44
N ALA CA 129 -75.80 -46.47 -9.24
CA ALA CA 129 -77.08 -46.11 -9.85
C ALA CA 129 -76.99 -46.14 -11.37
N VAL CA 130 -75.95 -45.54 -11.93
CA VAL CA 130 -75.87 -45.45 -13.38
C VAL CA 130 -75.54 -46.80 -14.00
N LYS CA 131 -74.79 -47.64 -13.28
CA LYS CA 131 -74.56 -48.98 -13.79
C LYS CA 131 -75.83 -49.83 -13.76
N ALA CA 132 -76.63 -49.68 -12.71
CA ALA CA 132 -77.92 -50.35 -12.68
C ALA CA 132 -78.81 -49.89 -13.82
N MET CA 133 -78.85 -48.57 -14.06
CA MET CA 133 -79.63 -48.04 -15.17
C MET CA 133 -79.11 -48.54 -16.50
N LYS CA 134 -77.78 -48.62 -16.64
CA LYS CA 134 -77.20 -49.16 -17.87
C LYS CA 134 -77.64 -50.59 -18.11
N SER CA 135 -77.57 -51.43 -17.08
CA SER CA 135 -77.98 -52.81 -17.26
C SER CA 135 -79.44 -52.90 -17.65
N VAL CA 136 -80.31 -52.17 -16.95
CA VAL CA 136 -81.75 -52.24 -17.24
C VAL CA 136 -82.03 -51.73 -18.65
N ALA CA 137 -81.39 -50.63 -19.05
CA ALA CA 137 -81.66 -50.04 -20.35
C ALA CA 137 -81.15 -50.92 -21.48
N THR CA 138 -79.91 -51.42 -21.37
CA THR CA 138 -79.39 -52.30 -22.41
C THR CA 138 -80.16 -53.61 -22.47
N GLY CA 139 -80.86 -53.96 -21.38
CA GLY CA 139 -81.79 -55.07 -21.45
C GLY CA 139 -82.91 -54.83 -22.44
N LEU CA 140 -83.37 -53.57 -22.56
CA LEU CA 140 -84.53 -53.29 -23.39
C LEU CA 140 -84.14 -53.05 -24.84
N LEU CA 141 -82.84 -52.95 -25.13
CA LEU CA 141 -82.41 -52.65 -26.48
C LEU CA 141 -81.83 -53.89 -27.16
N SER CA 142 -81.79 -53.84 -28.49
CA SER CA 142 -81.11 -54.87 -29.26
C SER CA 142 -79.59 -54.71 -29.11
N GLY CA 143 -78.86 -55.73 -29.57
CA GLY CA 143 -77.44 -55.81 -29.27
C GLY CA 143 -76.66 -54.60 -29.76
N ASP CA 144 -76.85 -54.22 -31.02
CA ASP CA 144 -76.15 -53.06 -31.55
C ASP CA 144 -76.58 -51.78 -30.86
N ASP CA 145 -77.90 -51.59 -30.69
CA ASP CA 145 -78.39 -50.40 -29.99
C ASP CA 145 -77.96 -50.39 -28.53
N SER CA 146 -78.04 -51.55 -27.87
CA SER CA 146 -77.67 -51.62 -26.46
C SER CA 146 -76.20 -51.29 -26.28
N ALA CA 147 -75.34 -51.71 -27.22
CA ALA CA 147 -73.92 -51.39 -27.10
C ALA CA 147 -73.69 -49.88 -27.12
N GLU CA 148 -74.29 -49.19 -28.09
CA GLU CA 148 -74.02 -47.76 -28.23
C GLU CA 148 -74.64 -46.98 -27.09
N VAL CA 149 -75.77 -47.44 -26.55
CA VAL CA 149 -76.29 -46.83 -25.32
C VAL CA 149 -75.35 -47.12 -24.15
N GLY CA 150 -74.75 -48.31 -24.16
CA GLY CA 150 -73.80 -48.66 -23.13
C GLY CA 150 -72.62 -47.72 -23.07
N TYR CA 151 -72.08 -47.33 -24.22
CA TYR CA 151 -70.92 -46.42 -24.18
C TYR CA 151 -71.29 -45.10 -23.50
N TYR CA 152 -72.47 -44.56 -23.78
CA TYR CA 152 -72.89 -43.33 -23.10
C TYR CA 152 -73.04 -43.55 -21.60
N PHE CA 153 -73.62 -44.69 -21.21
CA PHE CA 153 -73.75 -44.96 -19.78
C PHE CA 153 -72.40 -45.16 -19.11
N ASP CA 154 -71.46 -45.84 -19.76
CA ASP CA 154 -70.12 -45.99 -19.19
C ASP CA 154 -69.43 -44.65 -19.05
N TYR CA 155 -69.61 -43.77 -20.04
CA TYR CA 155 -69.05 -42.44 -19.90
C TYR CA 155 -69.63 -41.72 -18.69
N LEU CA 156 -70.94 -41.84 -18.51
CA LEU CA 156 -71.58 -41.21 -17.35
C LEU CA 156 -71.03 -41.77 -16.04
N ALA CA 157 -70.84 -43.09 -15.98
CA ALA CA 157 -70.29 -43.70 -14.77
C ALA CA 157 -68.86 -43.23 -14.52
N GLY CA 158 -68.04 -43.16 -15.56
CA GLY CA 158 -66.66 -42.73 -15.39
C GLY CA 158 -66.56 -41.27 -14.99
N ALA CA 159 -67.46 -40.43 -15.49
CA ALA CA 159 -67.44 -39.02 -15.13
C ALA CA 159 -67.95 -38.81 -13.71
N LEU CA 160 -68.93 -39.60 -13.29
CA LEU CA 160 -69.46 -39.44 -11.94
C LEU CA 160 -68.43 -39.77 -10.88
N ALA CA 161 -67.69 -40.86 -11.08
CA ALA CA 161 -66.61 -41.24 -10.17
C ALA CA 161 -65.72 -42.30 -10.79
N SER DA 2 -53.68 -39.70 -38.81
CA SER DA 2 -54.87 -40.41 -39.27
C SER DA 2 -56.08 -40.08 -38.39
N VAL DA 3 -57.20 -40.74 -38.66
CA VAL DA 3 -58.39 -40.57 -37.84
C VAL DA 3 -58.10 -40.98 -36.41
N VAL DA 4 -57.48 -42.14 -36.22
CA VAL DA 4 -57.17 -42.64 -34.89
C VAL DA 4 -56.20 -41.70 -34.18
N THR DA 5 -55.17 -41.25 -34.90
CA THR DA 5 -54.20 -40.34 -34.31
C THR DA 5 -54.85 -39.03 -33.89
N LYS DA 6 -55.74 -38.50 -34.74
CA LYS DA 6 -56.41 -37.24 -34.40
C LYS DA 6 -57.30 -37.41 -33.19
N ALA DA 7 -58.02 -38.52 -33.10
CA ALA DA 7 -58.83 -38.77 -31.91
C ALA DA 7 -57.97 -38.89 -30.66
N ILE DA 8 -56.84 -39.59 -30.76
CA ILE DA 8 -55.96 -39.76 -29.60
C ILE DA 8 -55.40 -38.43 -29.14
N VAL DA 9 -54.95 -37.58 -30.07
CA VAL DA 9 -54.38 -36.31 -29.66
C VAL DA 9 -55.46 -35.39 -29.10
N SER DA 10 -56.67 -35.44 -29.66
CA SER DA 10 -57.75 -34.62 -29.11
C SER DA 10 -58.15 -35.08 -27.72
N ALA DA 11 -58.07 -36.39 -27.47
CA ALA DA 11 -58.36 -36.90 -26.12
C ALA DA 11 -57.25 -36.53 -25.15
N ASP DA 12 -56.00 -36.61 -25.59
CA ASP DA 12 -54.87 -36.31 -24.72
C ASP DA 12 -54.79 -34.82 -24.39
N ALA DA 13 -55.27 -33.98 -25.31
CA ALA DA 13 -55.35 -32.55 -25.01
C ALA DA 13 -56.29 -32.28 -23.85
N GLU DA 14 -57.25 -33.17 -23.62
CA GLU DA 14 -58.18 -33.05 -22.52
C GLU DA 14 -57.83 -33.96 -21.34
N ALA DA 15 -56.74 -34.71 -21.44
CA ALA DA 15 -56.32 -35.65 -20.40
C ALA DA 15 -57.45 -36.62 -20.03
N ARG DA 16 -58.02 -37.24 -21.06
CA ARG DA 16 -59.15 -38.13 -20.88
C ARG DA 16 -59.02 -39.30 -21.85
N TYR DA 17 -59.90 -40.28 -21.65
CA TYR DA 17 -60.03 -41.38 -22.59
C TYR DA 17 -60.98 -40.96 -23.71
N LEU DA 18 -60.92 -41.70 -24.81
CA LEU DA 18 -61.71 -41.33 -25.98
C LEU DA 18 -63.20 -41.44 -25.68
N SER DA 19 -63.95 -40.48 -26.20
CA SER DA 19 -65.37 -40.36 -25.94
C SER DA 19 -66.15 -41.38 -26.77
N PRO DA 20 -67.43 -41.60 -26.45
CA PRO DA 20 -68.23 -42.49 -27.30
C PRO DA 20 -68.27 -42.04 -28.75
N GLY DA 21 -68.31 -40.73 -29.00
CA GLY DA 21 -68.28 -40.26 -30.38
C GLY DA 21 -66.97 -40.54 -31.08
N GLU DA 22 -65.86 -40.37 -30.37
CA GLU DA 22 -64.56 -40.69 -30.97
C GLU DA 22 -64.42 -42.17 -31.24
N LEU DA 23 -64.95 -43.01 -30.34
CA LEU DA 23 -64.92 -44.45 -30.56
C LEU DA 23 -65.78 -44.84 -31.75
N ASP DA 24 -66.95 -44.21 -31.90
CA ASP DA 24 -67.77 -44.44 -33.09
C ASP DA 24 -67.04 -44.00 -34.35
N ARG DA 25 -66.33 -42.87 -34.27
CA ARG DA 25 -65.56 -42.41 -35.42
C ARG DA 25 -64.50 -43.43 -35.82
N ILE DA 26 -63.79 -43.98 -34.83
CA ILE DA 26 -62.73 -44.95 -35.15
C ILE DA 26 -63.33 -46.24 -35.67
N ARG DA 27 -64.47 -46.67 -35.11
CA ARG DA 27 -65.15 -47.86 -35.63
C ARG DA 27 -65.58 -47.65 -37.08
N GLY DA 28 -66.15 -46.49 -37.38
CA GLY DA 28 -66.55 -46.20 -38.75
C GLY DA 28 -65.36 -46.17 -39.69
N PHE DA 29 -64.23 -45.62 -39.23
CA PHE DA 29 -63.05 -45.55 -40.06
C PHE DA 29 -62.48 -46.94 -40.36
N VAL DA 30 -62.41 -47.80 -39.33
CA VAL DA 30 -61.79 -49.11 -39.53
C VAL DA 30 -62.73 -50.05 -40.27
N SER DA 31 -64.05 -49.84 -40.13
CA SER DA 31 -65.00 -50.67 -40.84
C SER DA 31 -64.93 -50.42 -42.35
N SER DA 32 -64.70 -49.17 -42.74
CA SER DA 32 -64.61 -48.78 -44.14
C SER DA 32 -63.19 -48.86 -44.68
N GLY DA 33 -62.27 -49.48 -43.96
CA GLY DA 33 -60.88 -49.53 -44.40
C GLY DA 33 -60.71 -50.31 -45.69
N GLU DA 34 -61.51 -51.36 -45.88
CA GLU DA 34 -61.36 -52.21 -47.05
C GLU DA 34 -61.66 -51.44 -48.35
N ARG DA 35 -62.73 -50.65 -48.35
CA ARG DA 35 -63.05 -49.88 -49.55
C ARG DA 35 -62.03 -48.77 -49.77
N ARG DA 36 -61.49 -48.20 -48.69
CA ARG DA 36 -60.39 -47.25 -48.83
C ARG DA 36 -59.19 -47.88 -49.49
N LEU DA 37 -58.85 -49.10 -49.09
CA LEU DA 37 -57.71 -49.78 -49.71
C LEU DA 37 -57.99 -50.12 -51.16
N ARG DA 38 -59.23 -50.49 -51.48
CA ARG DA 38 -59.56 -50.75 -52.88
C ARG DA 38 -59.46 -49.49 -53.72
N VAL DA 39 -59.89 -48.35 -53.18
CA VAL DA 39 -59.78 -47.09 -53.90
C VAL DA 39 -58.32 -46.71 -54.10
N ALA DA 40 -57.50 -46.86 -53.06
CA ALA DA 40 -56.09 -46.56 -53.18
C ALA DA 40 -55.39 -47.47 -54.17
N GLN DA 41 -55.75 -48.74 -54.18
CA GLN DA 41 -55.24 -49.67 -55.19
C GLN DA 41 -55.63 -49.24 -56.59
N THR DA 42 -56.89 -48.83 -56.77
CA THR DA 42 -57.35 -48.39 -58.08
C THR DA 42 -56.56 -47.18 -58.56
N LEU DA 43 -56.36 -46.20 -57.68
CA LEU DA 43 -55.60 -45.02 -58.05
C LEU DA 43 -54.14 -45.36 -58.35
N THR DA 44 -53.56 -46.26 -57.57
CA THR DA 44 -52.17 -46.66 -57.78
C THR DA 44 -51.99 -47.39 -59.11
N GLU DA 45 -52.94 -48.25 -59.48
CA GLU DA 45 -52.81 -49.02 -60.71
C GLU DA 45 -52.82 -48.12 -61.93
N SER DA 46 -53.65 -47.08 -61.92
CA SER DA 46 -53.81 -46.19 -63.07
C SER DA 46 -53.10 -44.85 -62.87
N ARG DA 47 -52.03 -44.82 -62.08
CA ARG DA 47 -51.36 -43.55 -61.83
C ARG DA 47 -50.74 -42.98 -63.10
N GLU DA 48 -50.14 -43.83 -63.93
CA GLU DA 48 -49.54 -43.35 -65.17
C GLU DA 48 -50.58 -42.76 -66.11
N ARG DA 49 -51.71 -43.45 -66.27
CA ARG DA 49 -52.78 -42.93 -67.12
C ARG DA 49 -53.30 -41.62 -66.57
N ILE DA 50 -53.50 -41.55 -65.25
CA ILE DA 50 -54.00 -40.34 -64.62
C ILE DA 50 -53.06 -39.18 -64.86
N ILE DA 51 -51.75 -39.40 -64.69
CA ILE DA 51 -50.80 -38.32 -64.83
C ILE DA 51 -50.73 -37.85 -66.28
N LYS DA 52 -50.72 -38.79 -67.24
CA LYS DA 52 -50.66 -38.37 -68.63
C LYS DA 52 -51.91 -37.58 -69.03
N GLN DA 53 -53.09 -38.07 -68.66
CA GLN DA 53 -54.31 -37.38 -69.03
C GLN DA 53 -54.41 -36.01 -68.34
N ALA DA 54 -54.01 -35.93 -67.06
CA ALA DA 54 -54.06 -34.66 -66.36
C ALA DA 54 -53.07 -33.67 -66.95
N GLY DA 55 -51.88 -34.13 -67.32
CA GLY DA 55 -50.94 -33.24 -67.97
C GLY DA 55 -51.45 -32.72 -69.29
N ASP DA 56 -52.07 -33.60 -70.08
CA ASP DA 56 -52.67 -33.17 -71.34
C ASP DA 56 -53.75 -32.12 -71.10
N GLN DA 57 -54.63 -32.37 -70.15
CA GLN DA 57 -55.72 -31.41 -69.86
C GLN DA 57 -55.15 -30.09 -69.38
N LEU DA 58 -54.16 -30.12 -68.49
CA LEU DA 58 -53.59 -28.91 -67.94
C LEU DA 58 -52.91 -28.08 -69.03
N PHE DA 59 -52.15 -28.73 -69.90
CA PHE DA 59 -51.41 -27.99 -70.92
C PHE DA 59 -52.34 -27.55 -72.04
N GLN DA 60 -53.49 -28.21 -72.19
CA GLN DA 60 -54.50 -27.71 -73.12
C GLN DA 60 -55.21 -26.49 -72.56
N LYS DA 61 -55.54 -26.52 -71.27
CA LYS DA 61 -56.24 -25.38 -70.65
C LYS DA 61 -55.28 -24.23 -70.38
N ARG DA 62 -54.01 -24.52 -70.17
CA ARG DA 62 -52.99 -23.51 -69.91
C ARG DA 62 -51.82 -23.73 -70.86
N PRO DA 63 -51.96 -23.34 -72.14
CA PRO DA 63 -50.86 -23.51 -73.08
C PRO DA 63 -49.64 -22.67 -72.76
N ASP DA 64 -49.79 -21.63 -71.94
CA ASP DA 64 -48.67 -20.74 -71.66
C ASP DA 64 -47.58 -21.43 -70.86
N LEU DA 65 -47.94 -22.45 -70.08
CA LEU DA 65 -46.93 -23.15 -69.28
C LEU DA 65 -45.90 -23.84 -70.15
N VAL DA 66 -46.35 -24.49 -71.22
CA VAL DA 66 -45.42 -25.19 -72.13
C VAL DA 66 -45.02 -24.35 -73.32
N SER DA 67 -45.42 -23.08 -73.38
CA SER DA 67 -44.90 -22.17 -74.37
C SER DA 67 -43.58 -21.57 -73.88
N PRO DA 68 -42.74 -21.08 -74.79
CA PRO DA 68 -41.47 -20.49 -74.36
C PRO DA 68 -41.71 -19.33 -73.40
N GLY DA 69 -40.87 -19.29 -72.36
CA GLY DA 69 -41.08 -18.39 -71.25
C GLY DA 69 -42.01 -18.93 -70.18
N GLY DA 70 -42.71 -20.02 -70.45
CA GLY DA 70 -43.53 -20.64 -69.43
C GLY DA 70 -42.70 -21.43 -68.44
N ASN DA 71 -43.24 -21.56 -67.23
CA ASN DA 71 -42.48 -22.19 -66.15
C ASN DA 71 -42.24 -23.66 -66.43
N ALA DA 72 -43.05 -24.27 -67.29
CA ALA DA 72 -42.89 -25.67 -67.66
C ALA DA 72 -42.45 -25.86 -69.10
N TYR DA 73 -41.80 -24.87 -69.71
CA TYR DA 73 -41.37 -25.00 -71.09
C TYR DA 73 -40.15 -25.91 -71.20
N GLY DA 74 -40.20 -26.83 -72.15
CA GLY DA 74 -39.10 -27.75 -72.36
C GLY DA 74 -39.42 -29.15 -71.87
N ALA DA 75 -38.53 -30.08 -72.20
CA ALA DA 75 -38.75 -31.47 -71.82
C ALA DA 75 -38.52 -31.68 -70.33
N GLU DA 76 -37.45 -31.12 -69.79
CA GLU DA 76 -37.12 -31.35 -68.38
C GLU DA 76 -38.12 -30.67 -67.46
N ARG DA 77 -38.58 -29.47 -67.80
CA ARG DA 77 -39.57 -28.79 -66.97
C ARG DA 77 -40.93 -29.49 -67.05
N THR DA 78 -41.30 -29.99 -68.23
CA THR DA 78 -42.54 -30.77 -68.33
C THR DA 78 -42.44 -32.05 -67.52
N ALA DA 79 -41.25 -32.68 -67.54
CA ALA DA 79 -41.03 -33.86 -66.72
C ALA DA 79 -41.18 -33.53 -65.25
N SER DA 80 -40.64 -32.40 -64.81
CA SER DA 80 -40.76 -31.99 -63.41
C SER DA 80 -42.22 -31.69 -63.05
N CYS DA 81 -42.95 -31.08 -63.97
CA CYS DA 81 -44.38 -30.82 -63.76
C CYS DA 81 -45.16 -32.11 -63.56
N LEU DA 82 -44.98 -33.08 -64.46
CA LEU DA 82 -45.69 -34.34 -64.31
C LEU DA 82 -45.20 -35.10 -63.08
N ARG DA 83 -43.94 -34.90 -62.70
CA ARG DA 83 -43.41 -35.48 -61.48
C ARG DA 83 -44.11 -34.91 -60.25
N ASP DA 84 -44.36 -33.61 -60.23
CA ASP DA 84 -45.11 -33.01 -59.12
C ASP DA 84 -46.53 -33.54 -59.08
N LEU DA 85 -47.16 -33.70 -60.24
CA LEU DA 85 -48.49 -34.29 -60.28
C LEU DA 85 -48.47 -35.71 -59.73
N ASP DA 86 -47.42 -36.47 -60.03
CA ASP DA 86 -47.28 -37.82 -59.50
C ASP DA 86 -47.12 -37.78 -57.98
N TYR DA 87 -46.31 -36.85 -57.47
CA TYR DA 87 -46.18 -36.65 -56.03
C TYR DA 87 -47.54 -36.47 -55.39
N TYR DA 88 -48.35 -35.58 -55.95
CA TYR DA 88 -49.62 -35.26 -55.33
C TYR DA 88 -50.61 -36.40 -55.45
N LEU DA 89 -50.54 -37.16 -56.54
CA LEU DA 89 -51.39 -38.35 -56.64
C LEU DA 89 -51.03 -39.38 -55.57
N ARG DA 90 -49.74 -39.58 -55.33
CA ARG DA 90 -49.33 -40.49 -54.27
C ARG DA 90 -49.81 -39.99 -52.90
N LEU DA 91 -49.70 -38.69 -52.67
CA LEU DA 91 -50.17 -38.12 -51.41
C LEU DA 91 -51.67 -38.30 -51.25
N VAL DA 92 -52.42 -38.17 -52.34
CA VAL DA 92 -53.87 -38.37 -52.26
C VAL DA 92 -54.20 -39.81 -51.91
N THR DA 93 -53.46 -40.77 -52.47
CA THR DA 93 -53.65 -42.16 -52.07
C THR DA 93 -53.35 -42.36 -50.58
N PHE DA 94 -52.27 -41.72 -50.10
CA PHE DA 94 -51.96 -41.77 -48.67
C PHE DA 94 -53.10 -41.20 -47.84
N GLY DA 95 -53.69 -40.10 -48.30
CA GLY DA 95 -54.83 -39.53 -47.59
C GLY DA 95 -56.03 -40.46 -47.59
N ILE DA 96 -56.28 -41.13 -48.70
CA ILE DA 96 -57.37 -42.10 -48.77
C ILE DA 96 -57.19 -43.16 -47.71
N VAL DA 97 -56.00 -43.77 -47.64
CA VAL DA 97 -55.81 -44.85 -46.67
C VAL DA 97 -55.84 -44.32 -45.25
N ALA DA 98 -55.40 -43.07 -45.06
CA ALA DA 98 -55.34 -42.51 -43.71
C ALA DA 98 -56.72 -42.07 -43.23
N GLY DA 99 -57.64 -41.81 -44.15
CA GLY DA 99 -58.95 -41.32 -43.79
C GLY DA 99 -59.01 -39.83 -43.51
N ASP DA 100 -57.88 -39.13 -43.62
CA ASP DA 100 -57.86 -37.69 -43.43
C ASP DA 100 -56.72 -37.13 -44.27
N VAL DA 101 -56.64 -35.81 -44.31
CA VAL DA 101 -55.71 -35.12 -45.21
C VAL DA 101 -54.40 -34.82 -44.48
N THR DA 102 -54.19 -35.45 -43.34
CA THR DA 102 -52.96 -35.21 -42.59
C THR DA 102 -51.71 -35.53 -43.41
N PRO DA 103 -51.47 -36.76 -43.88
CA PRO DA 103 -50.21 -37.02 -44.60
C PRO DA 103 -50.02 -36.08 -45.77
N ILE DA 104 -51.11 -35.79 -46.48
CA ILE DA 104 -51.07 -34.76 -47.51
C ILE DA 104 -50.55 -33.45 -46.94
N GLU DA 105 -51.05 -33.06 -45.76
CA GLU DA 105 -50.67 -31.77 -45.21
C GLU DA 105 -49.18 -31.73 -44.89
N GLU DA 106 -48.67 -32.68 -44.09
CA GLU DA 106 -47.26 -32.58 -43.70
C GLU DA 106 -46.31 -32.83 -44.86
N ILE DA 107 -46.71 -33.64 -45.85
CA ILE DA 107 -45.75 -33.94 -46.91
C ILE DA 107 -45.78 -32.89 -48.00
N GLY DA 108 -46.96 -32.39 -48.36
CA GLY DA 108 -47.03 -31.50 -49.50
C GLY DA 108 -47.94 -30.30 -49.38
N VAL DA 109 -48.27 -29.84 -48.17
CA VAL DA 109 -49.09 -28.65 -48.05
C VAL DA 109 -48.38 -27.60 -47.21
N ILE DA 110 -47.82 -28.01 -46.08
CA ILE DA 110 -47.08 -27.10 -45.21
C ILE DA 110 -45.84 -26.62 -45.96
N GLY DA 111 -45.73 -25.30 -46.12
CA GLY DA 111 -44.61 -24.73 -46.84
C GLY DA 111 -44.72 -24.71 -48.33
N VAL DA 112 -45.85 -25.13 -48.90
CA VAL DA 112 -45.95 -25.31 -50.35
C VAL DA 112 -45.88 -23.98 -51.07
N LYS DA 113 -46.49 -22.94 -50.49
CA LYS DA 113 -46.44 -21.62 -51.11
C LYS DA 113 -45.02 -21.09 -51.16
N GLU DA 114 -44.27 -21.23 -50.06
CA GLU DA 114 -42.87 -20.83 -50.05
C GLU DA 114 -42.06 -21.60 -51.07
N MET DA 115 -42.30 -22.90 -51.19
CA MET DA 115 -41.54 -23.72 -52.15
C MET DA 115 -41.82 -23.30 -53.59
N TYR DA 116 -43.09 -23.21 -53.96
CA TYR DA 116 -43.38 -22.89 -55.36
C TYR DA 116 -43.06 -21.44 -55.67
N ARG DA 117 -43.06 -20.58 -54.65
CA ARG DA 117 -42.52 -19.23 -54.82
C ARG DA 117 -41.02 -19.27 -55.08
N ASN DA 118 -40.30 -20.14 -54.37
CA ASN DA 118 -38.88 -20.32 -54.62
C ASN DA 118 -38.64 -20.98 -55.97
N LEU DA 119 -39.69 -21.51 -56.60
CA LEU DA 119 -39.53 -22.21 -57.86
C LEU DA 119 -40.15 -21.51 -59.07
N GLU DA 120 -40.56 -20.24 -58.96
CA GLU DA 120 -41.33 -19.53 -59.99
C GLU DA 120 -42.53 -20.32 -60.51
N VAL DA 121 -43.13 -21.15 -59.67
CA VAL DA 121 -44.24 -22.00 -60.10
C VAL DA 121 -45.54 -21.28 -59.79
N PRO DA 122 -46.33 -20.91 -60.80
CA PRO DA 122 -47.58 -20.20 -60.52
C PRO DA 122 -48.58 -21.08 -59.80
N LEU DA 123 -49.03 -20.61 -58.65
CA LEU DA 123 -50.04 -21.33 -57.88
C LEU DA 123 -51.34 -21.55 -58.64
N PRO DA 124 -51.86 -20.60 -59.44
CA PRO DA 124 -53.02 -20.93 -60.27
C PRO DA 124 -52.78 -22.10 -61.20
N GLY DA 125 -51.55 -22.24 -61.71
CA GLY DA 125 -51.22 -23.42 -62.48
C GLY DA 125 -51.34 -24.70 -61.68
N MET DA 126 -50.86 -24.69 -60.43
CA MET DA 126 -51.02 -25.85 -59.57
C MET DA 126 -52.49 -26.17 -59.29
N VAL DA 127 -53.30 -25.13 -59.08
CA VAL DA 127 -54.72 -25.36 -58.83
C VAL DA 127 -55.38 -25.98 -60.05
N GLU DA 128 -55.06 -25.47 -61.25
CA GLU DA 128 -55.63 -26.03 -62.47
C GLU DA 128 -55.18 -27.47 -62.68
N ALA DA 129 -53.90 -27.75 -62.40
CA ALA DA 129 -53.40 -29.11 -62.55
C ALA DA 129 -54.07 -30.07 -61.57
N VAL DA 130 -54.29 -29.62 -60.34
CA VAL DA 130 -54.94 -30.48 -59.36
C VAL DA 130 -56.41 -30.70 -59.72
N LYS DA 131 -57.07 -29.68 -60.27
CA LYS DA 131 -58.44 -29.87 -60.73
C LYS DA 131 -58.50 -30.85 -61.89
N ALA DA 132 -57.54 -30.76 -62.82
CA ALA DA 132 -57.49 -31.72 -63.92
C ALA DA 132 -57.27 -33.13 -63.42
N MET DA 133 -56.33 -33.31 -62.49
CA MET DA 133 -56.07 -34.64 -61.94
C MET DA 133 -57.26 -35.15 -61.14
N LYS DA 134 -57.99 -34.23 -60.48
CA LYS DA 134 -59.20 -34.63 -59.78
C LYS DA 134 -60.24 -35.15 -60.75
N SER DA 135 -60.45 -34.46 -61.87
CA SER DA 135 -61.44 -34.92 -62.84
C SER DA 135 -61.03 -36.27 -63.43
N VAL DA 136 -59.77 -36.41 -63.81
CA VAL DA 136 -59.30 -37.66 -64.39
C VAL DA 136 -59.44 -38.81 -63.40
N ALA DA 137 -59.05 -38.58 -62.14
CA ALA DA 137 -59.12 -39.64 -61.14
C ALA DA 137 -60.56 -40.01 -60.81
N THR DA 138 -61.41 -39.01 -60.59
CA THR DA 138 -62.81 -39.27 -60.28
C THR DA 138 -63.52 -39.96 -61.43
N GLY DA 139 -63.01 -39.79 -62.65
CA GLY DA 139 -63.54 -40.55 -63.77
C GLY DA 139 -63.36 -42.04 -63.60
N LEU DA 140 -62.26 -42.44 -62.96
CA LEU DA 140 -61.92 -43.87 -62.88
C LEU DA 140 -62.56 -44.55 -61.68
N LEU DA 141 -63.34 -43.81 -60.91
CA LEU DA 141 -63.96 -44.38 -59.71
C LEU DA 141 -65.47 -44.26 -59.76
N SER DA 142 -66.13 -45.08 -58.94
CA SER DA 142 -67.58 -45.01 -58.79
C SER DA 142 -67.96 -43.79 -57.96
N GLY DA 143 -69.24 -43.42 -58.03
CA GLY DA 143 -69.68 -42.15 -57.47
C GLY DA 143 -69.41 -42.03 -55.97
N ASP DA 144 -69.72 -43.09 -55.22
CA ASP DA 144 -69.53 -43.04 -53.77
C ASP DA 144 -68.06 -42.83 -53.42
N ASP DA 145 -67.16 -43.50 -54.13
CA ASP DA 145 -65.73 -43.31 -53.90
C ASP DA 145 -65.23 -42.03 -54.55
N SER DA 146 -65.84 -41.65 -55.68
CA SER DA 146 -65.41 -40.46 -56.39
C SER DA 146 -65.63 -39.21 -55.55
N ALA DA 147 -66.74 -39.14 -54.82
CA ALA DA 147 -66.97 -37.99 -53.95
C ALA DA 147 -65.90 -37.89 -52.87
N GLU DA 148 -65.55 -39.01 -52.24
CA GLU DA 148 -64.54 -38.99 -51.20
C GLU DA 148 -63.19 -38.54 -51.74
N VAL DA 149 -62.76 -39.11 -52.87
CA VAL DA 149 -61.47 -38.71 -53.41
C VAL DA 149 -61.50 -37.26 -53.89
N GLY DA 150 -62.65 -36.81 -54.41
CA GLY DA 150 -62.77 -35.43 -54.81
C GLY DA 150 -62.65 -34.49 -53.63
N TYR DA 151 -63.05 -34.93 -52.44
CA TYR DA 151 -62.87 -34.08 -51.27
C TYR DA 151 -61.40 -33.88 -50.93
N TYR DA 152 -60.59 -34.94 -51.03
CA TYR DA 152 -59.15 -34.78 -50.84
C TYR DA 152 -58.54 -33.89 -51.91
N PHE DA 153 -58.96 -34.06 -53.17
CA PHE DA 153 -58.44 -33.20 -54.23
C PHE DA 153 -58.87 -31.74 -54.02
N ASP DA 154 -60.09 -31.52 -53.54
CA ASP DA 154 -60.55 -30.16 -53.27
C ASP DA 154 -59.78 -29.54 -52.12
N TYR DA 155 -59.46 -30.32 -51.11
CA TYR DA 155 -58.60 -29.82 -50.04
C TYR DA 155 -57.24 -29.42 -50.60
N LEU DA 156 -56.67 -30.24 -51.48
CA LEU DA 156 -55.38 -29.92 -52.08
C LEU DA 156 -55.47 -28.63 -52.90
N ALA DA 157 -56.52 -28.49 -53.70
CA ALA DA 157 -56.69 -27.28 -54.50
C ALA DA 157 -56.86 -26.04 -53.63
N GLY DA 158 -57.64 -26.16 -52.55
CA GLY DA 158 -57.77 -25.04 -51.64
C GLY DA 158 -56.47 -24.67 -50.97
N ALA DA 159 -55.68 -25.67 -50.58
CA ALA DA 159 -54.38 -25.41 -49.98
C ALA DA 159 -53.45 -24.69 -50.95
N LEU DA 160 -53.48 -25.09 -52.23
CA LEU DA 160 -52.65 -24.41 -53.21
C LEU DA 160 -53.20 -23.04 -53.58
N ALA DA 161 -54.47 -22.79 -53.26
CA ALA DA 161 -55.08 -21.50 -53.55
C ALA DA 161 -54.76 -20.49 -52.46
N SER EA 2 -42.77 10.12 -42.26
CA SER EA 2 -41.57 10.78 -42.75
C SER EA 2 -40.38 10.52 -41.83
N VAL EA 3 -39.29 11.24 -42.05
CA VAL EA 3 -38.14 11.13 -41.16
C VAL EA 3 -38.47 11.71 -39.79
N VAL EA 4 -39.23 12.80 -39.76
CA VAL EA 4 -39.61 13.41 -38.48
C VAL EA 4 -40.48 12.44 -37.69
N THR EA 5 -41.44 11.79 -38.35
CA THR EA 5 -42.33 10.86 -37.67
C THR EA 5 -41.55 9.67 -37.10
N LYS EA 6 -40.61 9.12 -37.87
CA LYS EA 6 -39.86 7.98 -37.39
C LYS EA 6 -38.94 8.37 -36.24
N ALA EA 7 -38.33 9.57 -36.30
CA ALA EA 7 -37.53 10.02 -35.17
C ALA EA 7 -38.40 10.20 -33.92
N ILE EA 8 -39.60 10.75 -34.08
CA ILE EA 8 -40.47 10.95 -32.94
C ILE EA 8 -40.90 9.62 -32.33
N VAL EA 9 -41.26 8.64 -33.16
CA VAL EA 9 -41.71 7.37 -32.60
C VAL EA 9 -40.54 6.63 -31.95
N SER EA 10 -39.34 6.76 -32.53
CA SER EA 10 -38.17 6.19 -31.90
C SER EA 10 -37.91 6.81 -30.53
N ALA EA 11 -38.10 8.13 -30.43
CA ALA EA 11 -37.98 8.79 -29.13
C ALA EA 11 -39.05 8.30 -28.16
N ASP EA 12 -40.28 8.13 -28.63
CA ASP EA 12 -41.37 7.69 -27.77
C ASP EA 12 -41.20 6.23 -27.35
N ALA EA 13 -40.40 5.47 -28.12
CA ALA EA 13 -40.20 4.07 -27.79
C ALA EA 13 -39.55 3.90 -26.41
N GLU EA 14 -38.54 4.71 -26.12
CA GLU EA 14 -37.92 4.71 -24.81
C GLU EA 14 -38.17 6.00 -24.03
N ALA EA 15 -39.13 6.81 -24.46
CA ALA EA 15 -39.71 7.88 -23.65
C ALA EA 15 -38.67 8.91 -23.21
N ARG EA 16 -38.08 9.61 -24.16
CA ARG EA 16 -37.27 10.79 -23.86
C ARG EA 16 -37.28 11.73 -25.05
N TYR EA 17 -36.82 12.95 -24.80
CA TYR EA 17 -36.74 13.96 -25.86
C TYR EA 17 -35.70 13.55 -26.89
N LEU EA 18 -35.84 14.11 -28.10
CA LEU EA 18 -34.97 13.70 -29.19
C LEU EA 18 -33.51 14.04 -28.89
N SER EA 19 -32.64 13.10 -29.20
CA SER EA 19 -31.21 13.27 -29.03
C SER EA 19 -30.67 14.22 -30.10
N PRO EA 20 -29.49 14.80 -29.89
CA PRO EA 20 -28.93 15.69 -30.93
C PRO EA 20 -28.71 15.00 -32.25
N GLY EA 21 -28.48 13.69 -32.26
CA GLY EA 21 -28.35 12.97 -33.51
C GLY EA 21 -29.64 13.00 -34.32
N GLU EA 22 -30.78 12.73 -33.67
CA GLU EA 22 -32.06 12.78 -34.36
C GLU EA 22 -32.41 14.20 -34.79
N LEU EA 23 -32.05 15.19 -33.98
CA LEU EA 23 -32.31 16.58 -34.37
C LEU EA 23 -31.46 16.98 -35.57
N ASP EA 24 -30.21 16.52 -35.62
CA ASP EA 24 -29.38 16.77 -36.79
C ASP EA 24 -29.90 16.04 -38.01
N ARG EA 25 -30.47 14.85 -37.80
CA ARG EA 25 -31.13 14.13 -38.88
C ARG EA 25 -32.30 14.92 -39.44
N ILE EA 26 -33.12 15.49 -38.56
CA ILE EA 26 -34.24 16.30 -39.00
C ILE EA 26 -33.76 17.56 -39.71
N ARG EA 27 -32.66 18.14 -39.21
CA ARG EA 27 -32.10 19.33 -39.83
C ARG EA 27 -31.62 19.03 -41.24
N GLY EA 28 -30.89 17.92 -41.41
CA GLY EA 28 -30.46 17.53 -42.74
C GLY EA 28 -31.63 17.20 -43.66
N PHE EA 29 -32.70 16.64 -43.09
CA PHE EA 29 -33.88 16.35 -43.89
C PHE EA 29 -34.55 17.62 -44.39
N VAL EA 30 -34.78 18.58 -43.51
CA VAL EA 30 -35.47 19.80 -43.93
C VAL EA 30 -34.57 20.65 -44.82
N SER EA 31 -33.26 20.54 -44.66
CA SER EA 31 -32.34 21.22 -45.56
C SER EA 31 -32.42 20.62 -46.97
N SER EA 32 -32.57 19.30 -47.05
CA SER EA 32 -32.68 18.61 -48.33
C SER EA 32 -34.11 18.60 -48.87
N GLY EA 33 -35.01 19.42 -48.32
CA GLY EA 33 -36.38 19.43 -48.79
C GLY EA 33 -36.51 19.91 -50.23
N GLU EA 34 -35.79 20.97 -50.58
CA GLU EA 34 -35.95 21.56 -51.91
C GLU EA 34 -35.51 20.61 -53.01
N ARG EA 35 -34.39 19.92 -52.81
CA ARG EA 35 -33.90 18.99 -53.83
C ARG EA 35 -34.89 17.85 -54.03
N ARG EA 36 -35.48 17.32 -52.96
CA ARG EA 36 -36.40 16.20 -53.12
C ARG EA 36 -37.73 16.65 -53.69
N LEU EA 37 -38.13 17.91 -53.41
CA LEU EA 37 -39.29 18.45 -54.10
C LEU EA 37 -39.03 18.62 -55.59
N ARG EA 38 -37.81 19.04 -55.95
CA ARG EA 38 -37.43 19.10 -57.35
C ARG EA 38 -37.49 17.73 -58.01
N VAL EA 39 -37.00 16.70 -57.32
CA VAL EA 39 -37.05 15.33 -57.84
C VAL EA 39 -38.50 14.90 -58.03
N ALA EA 40 -39.36 15.20 -57.05
CA ALA EA 40 -40.77 14.83 -57.17
C ALA EA 40 -41.43 15.54 -58.35
N GLN EA 41 -41.10 16.82 -58.55
CA GLN EA 41 -41.62 17.53 -59.71
C GLN EA 41 -41.15 16.89 -61.01
N THR EA 42 -39.87 16.52 -61.08
CA THR EA 42 -39.34 15.92 -62.30
C THR EA 42 -40.06 14.61 -62.61
N LEU EA 43 -40.30 13.78 -61.60
CA LEU EA 43 -40.97 12.51 -61.85
C LEU EA 43 -42.46 12.69 -62.07
N THR EA 44 -43.03 13.80 -61.58
CA THR EA 44 -44.47 13.99 -61.71
C THR EA 44 -44.85 14.61 -63.05
N GLU EA 45 -44.08 15.58 -63.52
CA GLU EA 45 -44.39 16.20 -64.80
C GLU EA 45 -44.20 15.22 -65.94
N SER EA 46 -43.27 14.27 -65.79
CA SER EA 46 -43.01 13.24 -66.78
C SER EA 46 -43.69 11.92 -66.45
N ARG EA 47 -44.85 11.98 -65.79
CA ARG EA 47 -45.55 10.76 -65.39
C ARG EA 47 -45.93 9.91 -66.59
N GLU EA 48 -46.47 10.52 -67.66
CA GLU EA 48 -47.02 9.75 -68.76
C GLU EA 48 -45.91 9.03 -69.54
N ARG EA 49 -44.81 9.73 -69.81
CA ARG EA 49 -43.71 9.10 -70.50
C ARG EA 49 -43.17 7.91 -69.71
N ILE EA 50 -43.01 8.09 -68.39
CA ILE EA 50 -42.49 7.03 -67.54
C ILE EA 50 -43.43 5.83 -67.56
N ILE EA 51 -44.73 6.08 -67.41
CA ILE EA 51 -45.68 4.97 -67.34
C ILE EA 51 -45.72 4.23 -68.68
N LYS EA 52 -45.76 4.96 -69.80
CA LYS EA 52 -45.81 4.30 -71.09
C LYS EA 52 -44.54 3.51 -71.38
N GLN EA 53 -43.37 4.06 -71.08
CA GLN EA 53 -42.14 3.33 -71.34
C GLN EA 53 -42.03 2.10 -70.44
N ALA EA 54 -42.40 2.23 -69.17
CA ALA EA 54 -42.36 1.07 -68.28
C ALA EA 54 -43.33 0.00 -68.73
N GLY EA 55 -44.55 0.39 -69.15
CA GLY EA 55 -45.51 -0.60 -69.62
C GLY EA 55 -45.06 -1.28 -70.89
N ASP EA 56 -44.51 -0.53 -71.84
CA ASP EA 56 -44.01 -1.13 -73.06
C ASP EA 56 -42.88 -2.10 -72.77
N GLN EA 57 -41.93 -1.71 -71.91
CA GLN EA 57 -40.83 -2.59 -71.57
C GLN EA 57 -41.34 -3.85 -70.85
N LEU EA 58 -42.32 -3.68 -69.96
CA LEU EA 58 -42.92 -4.82 -69.27
C LEU EA 58 -43.57 -5.78 -70.25
N PHE EA 59 -44.30 -5.25 -71.24
CA PHE EA 59 -44.99 -6.14 -72.18
C PHE EA 59 -44.00 -6.79 -73.14
N GLN EA 60 -42.88 -6.12 -73.42
CA GLN EA 60 -41.83 -6.77 -74.20
C GLN EA 60 -41.23 -7.94 -73.44
N LYS EA 61 -40.86 -7.71 -72.17
CA LYS EA 61 -40.14 -8.75 -71.43
C LYS EA 61 -41.10 -9.85 -70.94
N ARG EA 62 -42.37 -9.51 -70.76
CA ARG EA 62 -43.38 -10.49 -70.33
C ARG EA 62 -44.57 -10.40 -71.25
N PRO EA 63 -44.46 -10.91 -72.48
CA PRO EA 63 -45.58 -10.84 -73.42
C PRO EA 63 -46.78 -11.67 -73.01
N ASP EA 64 -46.58 -12.66 -72.13
CA ASP EA 64 -47.71 -13.51 -71.74
C ASP EA 64 -48.75 -12.75 -70.95
N LEU EA 65 -48.37 -11.61 -70.35
CA LEU EA 65 -49.35 -10.78 -69.65
C LEU EA 65 -50.39 -10.23 -70.61
N VAL EA 66 -49.97 -9.79 -71.79
CA VAL EA 66 -50.90 -9.27 -72.79
C VAL EA 66 -51.28 -10.33 -73.81
N SER EA 67 -50.83 -11.55 -73.64
CA SER EA 67 -51.25 -12.66 -74.47
C SER EA 67 -52.57 -13.24 -73.95
N PRO EA 68 -53.30 -13.97 -74.79
CA PRO EA 68 -54.56 -14.55 -74.31
C PRO EA 68 -54.34 -15.45 -73.12
N GLY EA 69 -55.26 -15.37 -72.16
CA GLY EA 69 -55.08 -16.04 -70.90
C GLY EA 69 -54.18 -15.29 -69.94
N GLY EA 70 -53.66 -14.14 -70.34
CA GLY EA 70 -52.84 -13.32 -69.48
C GLY EA 70 -53.71 -12.34 -68.72
N ASN EA 71 -53.20 -11.88 -67.57
CA ASN EA 71 -53.99 -11.02 -66.72
C ASN EA 71 -54.21 -9.65 -67.36
N ALA EA 72 -53.22 -9.13 -68.07
CA ALA EA 72 -53.36 -7.84 -68.73
C ALA EA 72 -53.86 -7.95 -70.16
N TYR EA 73 -54.37 -9.11 -70.57
CA TYR EA 73 -54.85 -9.28 -71.93
C TYR EA 73 -56.13 -8.48 -72.15
N GLY EA 74 -56.19 -7.76 -73.26
CA GLY EA 74 -57.31 -6.91 -73.57
C GLY EA 74 -57.02 -5.45 -73.28
N ALA EA 75 -57.87 -4.58 -73.84
CA ALA EA 75 -57.67 -3.15 -73.66
C ALA EA 75 -57.95 -2.70 -72.24
N GLU EA 76 -59.06 -3.16 -71.67
CA GLU EA 76 -59.43 -2.76 -70.31
C GLU EA 76 -58.39 -3.24 -69.30
N ARG EA 77 -57.93 -4.47 -69.44
CA ARG EA 77 -57.00 -5.02 -68.48
C ARG EA 77 -55.63 -4.36 -68.60
N THR EA 78 -55.21 -4.04 -69.82
CA THR EA 78 -53.98 -3.27 -70.02
C THR EA 78 -54.11 -1.89 -69.41
N ALA EA 79 -55.29 -1.28 -69.53
CA ALA EA 79 -55.53 0.01 -68.90
C ALA EA 79 -55.39 -0.09 -67.39
N SER EA 80 -55.94 -1.16 -66.80
CA SER EA 80 -55.83 -1.35 -65.35
C SER EA 80 -54.38 -1.57 -64.92
N CYS EA 81 -53.63 -2.33 -65.73
CA CYS EA 81 -52.20 -2.51 -65.51
C CYS EA 81 -51.46 -1.18 -65.47
N LEU EA 82 -51.66 -0.34 -66.49
CA LEU EA 82 -50.96 0.94 -66.53
C LEU EA 82 -51.45 1.85 -65.41
N ARG EA 83 -52.70 1.67 -64.99
CA ARG EA 83 -53.23 2.42 -63.86
C ARG EA 83 -52.49 2.07 -62.56
N ASP EA 84 -52.26 0.78 -62.33
CA ASP EA 84 -51.48 0.39 -61.15
C ASP EA 84 -50.07 0.92 -61.21
N LEU EA 85 -49.47 0.93 -62.41
CA LEU EA 85 -48.16 1.53 -62.55
C LEU EA 85 -48.17 3.00 -62.18
N ASP EA 86 -49.21 3.73 -62.61
CA ASP EA 86 -49.38 5.12 -62.21
C ASP EA 86 -49.50 5.26 -60.70
N TYR EA 87 -50.30 4.39 -60.07
CA TYR EA 87 -50.41 4.39 -58.61
C TYR EA 87 -49.04 4.32 -57.96
N TYR EA 88 -48.23 3.35 -58.39
CA TYR EA 88 -46.96 3.13 -57.72
C TYR EA 88 -45.97 4.27 -58.01
N LEU EA 89 -46.05 4.87 -59.20
CA LEU EA 89 -45.22 6.05 -59.46
C LEU EA 89 -45.59 7.20 -58.54
N ARG EA 90 -46.89 7.42 -58.34
CA ARG EA 90 -47.32 8.44 -57.40
C ARG EA 90 -46.84 8.15 -56.00
N LEU EA 91 -46.88 6.88 -55.59
CA LEU EA 91 -46.40 6.50 -54.27
C LEU EA 91 -44.89 6.73 -54.15
N VAL EA 92 -44.15 6.50 -55.23
CA VAL EA 92 -42.71 6.78 -55.20
C VAL EA 92 -42.44 8.26 -55.02
N THR EA 93 -43.20 9.11 -55.71
CA THR EA 93 -43.04 10.55 -55.50
C THR EA 93 -43.39 10.94 -54.06
N PHE EA 94 -44.45 10.36 -53.51
CA PHE EA 94 -44.79 10.61 -52.11
C PHE EA 94 -43.65 10.21 -51.18
N GLY EA 95 -43.04 9.04 -51.44
CA GLY EA 95 -41.94 8.59 -50.61
C GLY EA 95 -40.70 9.46 -50.73
N ILE EA 96 -40.44 9.98 -51.93
CA ILE EA 96 -39.33 10.91 -52.11
C ILE EA 96 -39.56 12.17 -51.28
N VAL EA 97 -40.77 12.71 -51.33
CA VAL EA 97 -41.07 13.91 -50.56
C VAL EA 97 -40.98 13.63 -49.07
N ALA EA 98 -41.51 12.48 -48.62
CA ALA EA 98 -41.49 12.15 -47.20
C ALA EA 98 -40.07 11.91 -46.70
N GLY EA 99 -39.17 11.48 -47.58
CA GLY EA 99 -37.84 11.09 -47.16
C GLY EA 99 -37.72 9.66 -46.71
N ASP EA 100 -38.79 8.88 -46.77
CA ASP EA 100 -38.71 7.46 -46.44
C ASP EA 100 -39.85 6.73 -47.14
N VAL EA 101 -39.94 5.43 -46.89
CA VAL EA 101 -40.80 4.55 -47.65
C VAL EA 101 -42.15 4.34 -46.96
N THR EA 102 -42.38 5.04 -45.86
CA THR EA 102 -43.63 4.86 -45.11
C THR EA 102 -44.88 5.12 -45.93
N PRO EA 103 -45.00 6.19 -46.73
CA PRO EA 103 -46.21 6.34 -47.55
C PRO EA 103 -46.42 5.18 -48.51
N ILE EA 104 -45.34 4.69 -49.11
CA ILE EA 104 -45.45 3.56 -50.03
C ILE EA 104 -46.02 2.35 -49.30
N GLU EA 105 -45.51 2.07 -48.10
CA GLU EA 105 -46.00 0.93 -47.33
C GLU EA 105 -47.47 1.11 -47.00
N GLU EA 106 -47.83 2.24 -46.38
CA GLU EA 106 -49.16 2.41 -45.83
C GLU EA 106 -50.21 2.55 -46.93
N ILE EA 107 -49.79 2.85 -48.15
CA ILE EA 107 -50.79 3.00 -49.21
C ILE EA 107 -50.80 1.80 -50.14
N GLY EA 108 -49.67 1.11 -50.28
CA GLY EA 108 -49.60 0.10 -51.32
C GLY EA 108 -48.78 -1.14 -51.05
N VAL EA 109 -48.35 -1.39 -49.82
CA VAL EA 109 -47.57 -2.61 -49.59
C VAL EA 109 -48.27 -3.52 -48.60
N ILE EA 110 -48.81 -2.95 -47.52
CA ILE EA 110 -49.54 -3.72 -46.53
C ILE EA 110 -50.76 -4.34 -47.21
N GLY EA 111 -50.80 -5.67 -47.25
CA GLY EA 111 -51.89 -6.38 -47.89
C GLY EA 111 -51.83 -6.42 -49.39
N VAL EA 112 -50.70 -6.06 -50.00
CA VAL EA 112 -50.59 -6.09 -51.46
C VAL EA 112 -50.58 -7.53 -51.95
N LYS EA 113 -50.05 -8.45 -51.15
CA LYS EA 113 -49.93 -9.84 -51.57
C LYS EA 113 -51.32 -10.47 -51.70
N GLU EA 114 -52.14 -10.31 -50.66
CA GLU EA 114 -53.52 -10.80 -50.71
C GLU EA 114 -54.32 -10.09 -51.79
N MET EA 115 -54.12 -8.78 -51.93
CA MET EA 115 -54.84 -8.02 -52.93
C MET EA 115 -54.54 -8.51 -54.34
N TYR EA 116 -53.28 -8.76 -54.65
CA TYR EA 116 -52.94 -9.21 -55.99
C TYR EA 116 -53.23 -10.70 -56.17
N ARG EA 117 -53.32 -11.45 -55.06
CA ARG EA 117 -53.79 -12.83 -55.15
C ARG EA 117 -55.27 -12.88 -55.50
N ASN EA 118 -56.06 -11.97 -54.93
CA ASN EA 118 -57.49 -11.92 -55.26
C ASN EA 118 -57.73 -11.39 -56.66
N LEU EA 119 -56.71 -10.76 -57.25
CA LEU EA 119 -56.83 -10.21 -58.59
C LEU EA 119 -56.14 -11.05 -59.65
N GLU EA 120 -55.56 -12.19 -59.27
CA GLU EA 120 -54.82 -13.06 -60.19
C GLU EA 120 -53.67 -12.31 -60.86
N VAL EA 121 -53.08 -11.37 -60.15
CA VAL EA 121 -51.95 -10.61 -60.67
C VAL EA 121 -50.65 -11.28 -60.25
N PRO EA 122 -49.83 -11.75 -61.19
CA PRO EA 122 -48.55 -12.36 -60.80
C PRO EA 122 -47.63 -11.33 -60.17
N LEU EA 123 -47.01 -11.71 -59.06
CA LEU EA 123 -46.12 -10.81 -58.35
C LEU EA 123 -44.78 -10.65 -59.06
N PRO EA 124 -44.22 -11.69 -59.70
CA PRO EA 124 -43.04 -11.45 -60.54
C PRO EA 124 -43.28 -10.44 -61.66
N GLY EA 125 -44.49 -10.43 -62.23
CA GLY EA 125 -44.82 -9.41 -63.22
C GLY EA 125 -44.76 -8.02 -62.62
N MET EA 126 -45.27 -7.86 -61.40
CA MET EA 126 -45.14 -6.59 -60.69
C MET EA 126 -43.69 -6.21 -60.44
N VAL EA 127 -42.88 -7.18 -60.02
CA VAL EA 127 -41.48 -6.89 -59.74
C VAL EA 127 -40.78 -6.39 -60.99
N GLU EA 128 -41.01 -7.06 -62.12
CA GLU EA 128 -40.34 -6.65 -63.35
C GLU EA 128 -40.88 -5.32 -63.85
N ALA EA 129 -42.18 -5.07 -63.65
CA ALA EA 129 -42.77 -3.79 -64.01
C ALA EA 129 -42.15 -2.65 -63.21
N VAL EA 130 -42.00 -2.82 -61.90
CA VAL EA 130 -41.44 -1.74 -61.09
C VAL EA 130 -39.94 -1.61 -61.33
N LYS EA 131 -39.27 -2.68 -61.76
CA LYS EA 131 -37.88 -2.54 -62.17
C LYS EA 131 -37.76 -1.75 -63.47
N ALA EA 132 -38.66 -2.00 -64.42
CA ALA EA 132 -38.71 -1.19 -65.63
C ALA EA 132 -38.99 0.27 -65.30
N MET EA 133 -39.91 0.51 -64.37
CA MET EA 133 -40.25 1.87 -63.97
C MET EA 133 -39.07 2.53 -63.26
N LYS EA 134 -38.33 1.77 -62.45
CA LYS EA 134 -37.08 2.27 -61.89
C LYS EA 134 -36.11 2.71 -62.96
N SER EA 135 -35.89 1.87 -63.97
CA SER EA 135 -34.94 2.23 -65.01
C SER EA 135 -35.37 3.49 -65.75
N VAL EA 136 -36.66 3.56 -66.12
CA VAL EA 136 -37.16 4.71 -66.87
C VAL EA 136 -37.09 5.97 -66.04
N ALA EA 137 -37.36 5.87 -64.74
CA ALA EA 137 -37.37 7.05 -63.88
C ALA EA 137 -35.97 7.51 -63.54
N THR EA 138 -35.03 6.57 -63.36
CA THR EA 138 -33.66 6.95 -63.06
C THR EA 138 -32.93 7.43 -64.30
N GLY EA 139 -33.45 7.12 -65.49
CA GLY EA 139 -32.91 7.72 -66.69
C GLY EA 139 -33.12 9.22 -66.74
N LEU EA 140 -34.23 9.70 -66.16
CA LEU EA 140 -34.56 11.11 -66.25
C LEU EA 140 -33.80 11.94 -65.21
N LEU EA 141 -33.20 11.28 -64.22
CA LEU EA 141 -32.61 12.00 -63.11
C LEU EA 141 -31.09 11.98 -63.17
N SER EA 142 -30.47 12.86 -62.37
CA SER EA 142 -29.02 12.88 -62.22
C SER EA 142 -28.59 11.84 -61.20
N GLY EA 143 -27.27 11.61 -61.14
CA GLY EA 143 -26.75 10.48 -60.39
C GLY EA 143 -27.13 10.49 -58.92
N ASP EA 144 -26.93 11.62 -58.25
CA ASP EA 144 -27.25 11.70 -56.82
C ASP EA 144 -28.74 11.50 -56.58
N ASP EA 145 -29.58 12.15 -57.39
CA ASP EA 145 -31.02 11.98 -57.28
C ASP EA 145 -31.44 10.57 -57.70
N SER EA 146 -30.79 10.04 -58.74
CA SER EA 146 -31.15 8.72 -59.24
C SER EA 146 -30.88 7.65 -58.18
N ALA EA 147 -29.79 7.78 -57.43
CA ALA EA 147 -29.51 6.79 -56.38
C ALA EA 147 -30.60 6.80 -55.31
N GLU EA 148 -30.99 7.99 -54.86
CA GLU EA 148 -32.04 8.09 -53.85
C GLU EA 148 -33.35 7.52 -54.35
N VAL EA 149 -33.72 7.83 -55.60
CA VAL EA 149 -34.97 7.34 -56.16
C VAL EA 149 -34.91 5.82 -56.35
N GLY EA 150 -33.76 5.32 -56.79
CA GLY EA 150 -33.59 3.90 -56.96
C GLY EA 150 -33.69 3.15 -55.65
N TYR EA 151 -33.33 3.80 -54.54
CA TYR EA 151 -33.54 3.18 -53.24
C TYR EA 151 -35.02 2.85 -53.02
N TYR EA 152 -35.91 3.82 -53.23
CA TYR EA 152 -37.33 3.58 -53.05
C TYR EA 152 -37.84 2.55 -54.04
N PHE EA 153 -37.39 2.64 -55.29
CA PHE EA 153 -37.85 1.69 -56.30
C PHE EA 153 -37.41 0.27 -55.97
N ASP EA 154 -36.15 0.09 -55.54
CA ASP EA 154 -35.67 -1.23 -55.16
C ASP EA 154 -36.43 -1.77 -53.96
N TYR EA 155 -36.70 -0.91 -52.98
CA TYR EA 155 -37.39 -1.40 -51.79
C TYR EA 155 -38.81 -1.82 -52.14
N LEU EA 156 -39.47 -1.07 -53.03
CA LEU EA 156 -40.79 -1.49 -53.50
C LEU EA 156 -40.72 -2.81 -54.26
N ALA EA 157 -39.69 -2.98 -55.10
CA ALA EA 157 -39.53 -4.22 -55.83
C ALA EA 157 -39.34 -5.41 -54.88
N GLY EA 158 -38.52 -5.21 -53.84
CA GLY EA 158 -38.32 -6.27 -52.87
C GLY EA 158 -39.56 -6.56 -52.05
N ALA EA 159 -40.32 -5.51 -51.72
CA ALA EA 159 -41.58 -5.71 -51.01
C ALA EA 159 -42.57 -6.50 -51.84
N LEU EA 160 -42.59 -6.26 -53.15
CA LEU EA 160 -43.47 -7.04 -54.04
C LEU EA 160 -42.93 -8.44 -54.23
N ALA EA 161 -41.66 -8.66 -53.91
CA ALA EA 161 -41.03 -9.98 -54.05
C ALA EA 161 -40.99 -10.71 -52.72
N SER FA 2 -24.23 1.74 -29.88
CA SER FA 2 -23.85 2.32 -31.16
C SER FA 2 -25.05 2.38 -32.10
N VAL FA 3 -24.99 3.31 -33.05
CA VAL FA 3 -26.10 3.49 -34.00
C VAL FA 3 -26.24 2.27 -34.89
N VAL FA 4 -25.12 1.75 -35.39
CA VAL FA 4 -25.15 0.56 -36.24
C VAL FA 4 -25.68 -0.63 -35.44
N THR FA 5 -25.16 -0.81 -34.22
CA THR FA 5 -25.64 -1.90 -33.37
C THR FA 5 -27.12 -1.74 -33.05
N LYS FA 6 -27.56 -0.52 -32.78
CA LYS FA 6 -28.96 -0.29 -32.44
C LYS FA 6 -29.87 -0.62 -33.63
N ALA FA 7 -29.47 -0.19 -34.83
CA ALA FA 7 -30.26 -0.50 -36.01
C ALA FA 7 -30.29 -2.00 -36.30
N ILE FA 8 -29.16 -2.68 -36.14
CA ILE FA 8 -29.12 -4.11 -36.39
C ILE FA 8 -29.96 -4.86 -35.35
N VAL FA 9 -29.89 -4.45 -34.09
CA VAL FA 9 -30.72 -5.07 -33.05
C VAL FA 9 -32.19 -4.87 -33.35
N SER FA 10 -32.57 -3.66 -33.76
CA SER FA 10 -33.96 -3.40 -34.10
C SER FA 10 -34.42 -4.27 -35.27
N ALA FA 11 -33.59 -4.37 -36.31
CA ALA FA 11 -33.96 -5.19 -37.46
C ALA FA 11 -34.06 -6.67 -37.09
N ASP FA 12 -33.13 -7.16 -36.29
CA ASP FA 12 -33.13 -8.57 -35.89
C ASP FA 12 -34.29 -8.90 -34.97
N ALA FA 13 -34.68 -7.95 -34.12
CA ALA FA 13 -35.83 -8.18 -33.25
C ALA FA 13 -37.11 -8.29 -34.08
N GLU FA 14 -37.08 -7.80 -35.31
CA GLU FA 14 -38.21 -7.87 -36.22
C GLU FA 14 -38.04 -8.95 -37.27
N ALA FA 15 -36.91 -9.66 -37.25
CA ALA FA 15 -36.61 -10.72 -38.23
C ALA FA 15 -36.69 -10.22 -39.66
N ARG FA 16 -36.11 -9.04 -39.91
CA ARG FA 16 -36.18 -8.42 -41.22
C ARG FA 16 -34.83 -7.78 -41.55
N TYR FA 17 -34.70 -7.37 -42.80
CA TYR FA 17 -33.54 -6.59 -43.21
C TYR FA 17 -33.72 -5.14 -42.79
N LEU FA 18 -32.60 -4.43 -42.68
CA LEU FA 18 -32.67 -3.01 -42.37
C LEU FA 18 -33.42 -2.27 -43.47
N SER FA 19 -34.38 -1.45 -43.06
CA SER FA 19 -35.17 -0.65 -43.98
C SER FA 19 -34.32 0.49 -44.53
N PRO FA 20 -34.76 1.14 -45.61
CA PRO FA 20 -33.99 2.28 -46.12
C PRO FA 20 -33.81 3.39 -45.11
N GLY FA 21 -34.76 3.53 -44.17
CA GLY FA 21 -34.60 4.54 -43.14
C GLY FA 21 -33.45 4.26 -42.19
N GLU FA 22 -33.33 3.00 -41.74
CA GLU FA 22 -32.20 2.66 -40.87
C GLU FA 22 -30.88 2.74 -41.61
N LEU FA 23 -30.86 2.37 -42.90
CA LEU FA 23 -29.64 2.51 -43.68
C LEU FA 23 -29.28 3.98 -43.87
N ASP FA 24 -30.28 4.85 -43.99
CA ASP FA 24 -30.01 6.29 -44.06
C ASP FA 24 -29.48 6.80 -42.72
N ARG FA 25 -30.01 6.28 -41.61
CA ARG FA 25 -29.48 6.64 -40.30
C ARG FA 25 -28.01 6.25 -40.18
N ILE FA 26 -27.67 5.04 -40.62
CA ILE FA 26 -26.28 4.60 -40.59
C ILE FA 26 -25.43 5.45 -41.51
N ARG FA 27 -25.98 5.85 -42.66
CA ARG FA 27 -25.28 6.77 -43.55
C ARG FA 27 -24.93 8.07 -42.85
N GLY FA 28 -25.91 8.69 -42.20
CA GLY FA 28 -25.66 9.92 -41.49
C GLY FA 28 -24.66 9.75 -40.36
N PHE FA 29 -24.75 8.64 -39.63
CA PHE FA 29 -23.81 8.38 -38.54
C PHE FA 29 -22.39 8.20 -39.06
N VAL FA 30 -22.24 7.48 -40.18
CA VAL FA 30 -20.92 7.22 -40.74
C VAL FA 30 -20.32 8.51 -41.31
N SER FA 31 -21.15 9.36 -41.91
CA SER FA 31 -20.64 10.62 -42.45
C SER FA 31 -20.06 11.50 -41.35
N SER FA 32 -20.74 11.60 -40.22
CA SER FA 32 -20.29 12.42 -39.10
C SER FA 32 -19.19 11.76 -38.28
N GLY FA 33 -18.63 10.65 -38.76
CA GLY FA 33 -17.66 9.93 -37.97
C GLY FA 33 -16.39 10.71 -37.70
N GLU FA 34 -15.87 11.40 -38.72
CA GLU FA 34 -14.60 12.09 -38.56
C GLU FA 34 -14.68 13.24 -37.58
N ARG FA 35 -15.78 14.00 -37.61
CA ARG FA 35 -15.94 15.11 -36.67
C ARG FA 35 -16.01 14.61 -35.23
N ARG FA 36 -16.79 13.55 -34.99
CA ARG FA 36 -16.87 12.98 -33.66
C ARG FA 36 -15.54 12.40 -33.22
N LEU FA 37 -14.80 11.81 -34.16
CA LEU FA 37 -13.46 11.31 -33.84
C LEU FA 37 -12.54 12.45 -33.42
N ARG FA 38 -12.63 13.59 -34.10
CA ARG FA 38 -11.81 14.74 -33.73
C ARG FA 38 -12.17 15.24 -32.34
N VAL FA 39 -13.47 15.30 -32.02
CA VAL FA 39 -13.89 15.72 -30.69
C VAL FA 39 -13.34 14.77 -29.63
N ALA FA 40 -13.47 13.46 -29.87
CA ALA FA 40 -12.99 12.48 -28.91
C ALA FA 40 -11.48 12.54 -28.74
N GLN FA 41 -10.76 12.72 -29.85
CA GLN FA 41 -9.31 12.88 -29.77
C GLN FA 41 -8.93 14.12 -28.97
N THR FA 42 -9.67 15.21 -29.16
CA THR FA 42 -9.41 16.44 -28.41
C THR FA 42 -9.62 16.22 -26.92
N LEU FA 43 -10.68 15.49 -26.55
CA LEU FA 43 -10.90 15.20 -25.14
C LEU FA 43 -9.81 14.27 -24.60
N THR FA 44 -9.39 13.28 -25.39
CA THR FA 44 -8.39 12.34 -24.92
C THR FA 44 -7.04 13.00 -24.70
N GLU FA 45 -6.66 13.93 -25.58
CA GLU FA 45 -5.33 14.53 -25.49
C GLU FA 45 -5.19 15.39 -24.25
N SER FA 46 -6.29 15.90 -23.71
CA SER FA 46 -6.26 16.76 -22.54
C SER FA 46 -7.01 16.17 -21.34
N ARG FA 47 -6.84 14.87 -21.08
CA ARG FA 47 -7.60 14.24 -20.00
C ARG FA 47 -7.09 14.68 -18.63
N GLU FA 48 -5.77 14.76 -18.45
CA GLU FA 48 -5.23 15.13 -17.14
C GLU FA 48 -5.63 16.54 -16.76
N ARG FA 49 -5.57 17.47 -17.72
CA ARG FA 49 -6.00 18.84 -17.45
C ARG FA 49 -7.46 18.87 -17.03
N ILE FA 50 -8.31 18.15 -17.77
CA ILE FA 50 -9.74 18.13 -17.48
C ILE FA 50 -10.01 17.58 -16.09
N ILE FA 51 -9.40 16.43 -15.76
CA ILE FA 51 -9.66 15.80 -14.48
C ILE FA 51 -9.17 16.68 -13.34
N LYS FA 52 -7.96 17.25 -13.47
CA LYS FA 52 -7.42 18.07 -12.40
C LYS FA 52 -8.26 19.32 -12.18
N GLN FA 53 -8.65 20.00 -13.27
CA GLN FA 53 -9.44 21.22 -13.11
C GLN FA 53 -10.84 20.92 -12.58
N ALA FA 54 -11.45 19.82 -13.04
CA ALA FA 54 -12.75 19.43 -12.52
C ALA FA 54 -12.67 19.11 -11.04
N GLY FA 55 -11.60 18.42 -10.62
CA GLY FA 55 -11.44 18.14 -9.21
C GLY FA 55 -11.24 19.39 -8.37
N ASP FA 56 -10.45 20.34 -8.89
CA ASP FA 56 -10.26 21.60 -8.18
C ASP FA 56 -11.57 22.35 -8.01
N GLN FA 57 -12.37 22.44 -9.09
CA GLN FA 57 -13.65 23.12 -9.00
C GLN FA 57 -14.58 22.40 -8.03
N LEU FA 58 -14.60 21.07 -8.07
CA LEU FA 58 -15.45 20.30 -7.16
C LEU FA 58 -15.07 20.52 -5.71
N PHE FA 59 -13.77 20.48 -5.40
CA PHE FA 59 -13.37 20.57 -4.00
C PHE FA 59 -13.45 22.01 -3.49
N GLN FA 60 -13.32 22.99 -4.39
CA GLN FA 60 -13.67 24.36 -4.02
C GLN FA 60 -15.15 24.47 -3.70
N LYS FA 61 -15.98 23.86 -4.53
CA LYS FA 61 -17.43 23.94 -4.35
C LYS FA 61 -17.89 23.12 -3.16
N ARG FA 62 -17.25 21.97 -2.92
CA ARG FA 62 -17.63 21.05 -1.85
C ARG FA 62 -16.39 20.73 -1.02
N PRO FA 63 -15.96 21.66 -0.17
CA PRO FA 63 -14.74 21.41 0.61
C PRO FA 63 -14.88 20.31 1.62
N ASP FA 64 -16.11 19.91 1.95
CA ASP FA 64 -16.32 18.90 2.97
C ASP FA 64 -15.79 17.53 2.54
N LEU FA 65 -15.85 17.24 1.23
CA LEU FA 65 -15.44 15.92 0.76
C LEU FA 65 -13.98 15.63 1.07
N VAL FA 66 -13.12 16.66 1.00
CA VAL FA 66 -11.69 16.46 1.26
C VAL FA 66 -11.29 16.94 2.65
N SER FA 67 -12.22 17.49 3.42
CA SER FA 67 -11.98 17.73 4.83
C SER FA 67 -11.91 16.40 5.56
N PRO FA 68 -11.23 16.33 6.70
CA PRO FA 68 -11.21 15.09 7.48
C PRO FA 68 -12.62 14.64 7.83
N GLY FA 69 -12.84 13.34 7.75
CA GLY FA 69 -14.17 12.78 7.90
C GLY FA 69 -15.00 12.80 6.63
N GLY FA 70 -14.48 13.36 5.54
CA GLY FA 70 -15.19 13.32 4.28
C GLY FA 70 -14.86 12.08 3.48
N ASN FA 71 -15.69 11.83 2.46
CA ASN FA 71 -15.53 10.63 1.66
C ASN FA 71 -14.19 10.62 0.93
N ALA FA 72 -13.78 11.75 0.36
CA ALA FA 72 -12.56 11.83 -0.42
C ALA FA 72 -11.40 12.46 0.35
N TYR FA 73 -11.37 12.35 1.67
CA TYR FA 73 -10.25 12.88 2.44
C TYR FA 73 -9.03 11.99 2.30
N GLY FA 74 -7.87 12.61 2.22
CA GLY FA 74 -6.63 11.88 2.07
C GLY FA 74 -6.17 11.82 0.61
N ALA FA 75 -4.86 11.63 0.45
CA ALA FA 75 -4.30 11.57 -0.90
C ALA FA 75 -4.84 10.38 -1.69
N GLU FA 76 -4.93 9.21 -1.04
CA GLU FA 76 -5.38 8.02 -1.74
C GLU FA 76 -6.86 8.11 -2.10
N ARG FA 77 -7.69 8.61 -1.20
CA ARG FA 77 -9.11 8.70 -1.49
C ARG FA 77 -9.39 9.78 -2.53
N THR FA 78 -8.64 10.88 -2.50
CA THR FA 78 -8.76 11.89 -3.55
C THR FA 78 -8.30 11.33 -4.89
N ALA FA 79 -7.26 10.49 -4.87
CA ALA FA 79 -6.85 9.79 -6.08
C ALA FA 79 -7.97 8.91 -6.61
N SER FA 80 -8.66 8.19 -5.73
CA SER FA 80 -9.78 7.36 -6.15
C SER FA 80 -10.92 8.19 -6.73
N CYS FA 81 -11.20 9.33 -6.10
CA CYS FA 81 -12.18 10.28 -6.63
C CYS FA 81 -11.83 10.71 -8.06
N LEU FA 82 -10.60 11.17 -8.26
CA LEU FA 82 -10.22 11.65 -9.58
C LEU FA 82 -10.16 10.50 -10.57
N ARG FA 83 -9.90 9.28 -10.08
CA ARG FA 83 -9.99 8.10 -10.93
C ARG FA 83 -11.42 7.84 -11.38
N ASP FA 84 -12.40 8.07 -10.50
CA ASP FA 84 -13.80 7.97 -10.92
C ASP FA 84 -14.10 8.98 -12.03
N LEU FA 85 -13.61 10.21 -11.85
CA LEU FA 85 -13.82 11.23 -12.89
C LEU FA 85 -13.16 10.82 -14.20
N ASP FA 86 -11.96 10.23 -14.11
CA ASP FA 86 -11.27 9.73 -15.29
C ASP FA 86 -12.07 8.63 -15.99
N TYR FA 87 -12.62 7.71 -15.19
CA TYR FA 87 -13.51 6.69 -15.75
C TYR FA 87 -14.61 7.32 -16.57
N TYR FA 88 -15.29 8.32 -16.00
CA TYR FA 88 -16.46 8.87 -16.68
C TYR FA 88 -16.06 9.70 -17.89
N LEU FA 89 -14.87 10.32 -17.87
CA LEU FA 89 -14.38 11.01 -19.05
C LEU FA 89 -14.10 10.01 -20.17
N ARG FA 90 -13.54 8.85 -19.82
CA ARG FA 90 -13.31 7.82 -20.82
C ARG FA 90 -14.63 7.31 -21.41
N LEU FA 91 -15.64 7.12 -20.56
CA LEU FA 91 -16.95 6.75 -21.07
C LEU FA 91 -17.57 7.84 -21.94
N VAL FA 92 -17.30 9.11 -21.64
CA VAL FA 92 -17.80 10.19 -22.48
C VAL FA 92 -17.18 10.11 -23.87
N THR FA 93 -15.87 9.89 -23.95
CA THR FA 93 -15.23 9.73 -25.26
C THR FA 93 -15.76 8.50 -25.99
N PHE FA 94 -15.99 7.40 -25.25
CA PHE FA 94 -16.56 6.19 -25.86
C PHE FA 94 -17.94 6.47 -26.44
N GLY FA 95 -18.78 7.20 -25.70
CA GLY FA 95 -20.08 7.53 -26.21
C GLY FA 95 -20.02 8.45 -27.41
N ILE FA 96 -19.06 9.37 -27.41
CA ILE FA 96 -18.91 10.28 -28.54
C ILE FA 96 -18.59 9.50 -29.82
N VAL FA 97 -17.64 8.57 -29.74
CA VAL FA 97 -17.33 7.79 -30.93
C VAL FA 97 -18.47 6.85 -31.29
N ALA FA 98 -19.20 6.35 -30.28
CA ALA FA 98 -20.28 5.41 -30.55
C ALA FA 98 -21.49 6.11 -31.15
N GLY FA 99 -21.65 7.40 -30.87
CA GLY FA 99 -22.81 8.13 -31.34
C GLY FA 99 -24.02 8.08 -30.45
N ASP FA 100 -23.94 7.39 -29.31
CA ASP FA 100 -25.04 7.37 -28.36
C ASP FA 100 -24.49 7.11 -26.96
N VAL FA 101 -25.39 7.14 -25.97
CA VAL FA 101 -25.01 6.98 -24.58
C VAL FA 101 -24.93 5.52 -24.17
N THR FA 102 -25.00 4.59 -25.12
CA THR FA 102 -24.95 3.17 -24.77
C THR FA 102 -23.69 2.77 -24.01
N PRO FA 103 -22.47 3.19 -24.38
CA PRO FA 103 -21.32 2.82 -23.55
C PRO FA 103 -21.41 3.41 -22.15
N ILE FA 104 -21.81 4.67 -22.03
CA ILE FA 104 -21.94 5.30 -20.72
C ILE FA 104 -22.98 4.55 -19.89
N GLU FA 105 -24.13 4.24 -20.49
CA GLU FA 105 -25.20 3.56 -19.76
C GLU FA 105 -24.76 2.17 -19.31
N GLU FA 106 -24.08 1.43 -20.19
CA GLU FA 106 -23.76 0.05 -19.89
C GLU FA 106 -22.59 -0.06 -18.92
N ILE FA 107 -21.68 0.91 -18.90
CA ILE FA 107 -20.54 0.81 -18.01
C ILE FA 107 -20.74 1.56 -16.69
N GLY FA 108 -21.25 2.79 -16.73
CA GLY FA 108 -21.26 3.60 -15.53
C GLY FA 108 -22.58 4.14 -15.05
N VAL FA 109 -23.70 3.62 -15.55
CA VAL FA 109 -25.00 4.18 -15.19
C VAL FA 109 -25.90 3.16 -14.53
N ILE FA 110 -26.00 1.96 -15.11
CA ILE FA 110 -26.87 0.93 -14.55
C ILE FA 110 -26.32 0.49 -13.20
N GLY FA 111 -27.09 0.69 -12.14
CA GLY FA 111 -26.65 0.33 -10.81
C GLY FA 111 -25.65 1.26 -10.19
N VAL FA 112 -25.56 2.51 -10.68
CA VAL FA 112 -24.58 3.44 -10.12
C VAL FA 112 -24.99 3.87 -8.72
N LYS FA 113 -26.30 4.02 -8.47
CA LYS FA 113 -26.76 4.46 -7.17
C LYS FA 113 -26.50 3.40 -6.10
N GLU FA 114 -26.76 2.13 -6.41
CA GLU FA 114 -26.46 1.06 -5.46
C GLU FA 114 -24.96 0.96 -5.19
N MET FA 115 -24.14 1.11 -6.23
CA MET FA 115 -22.69 1.02 -6.05
C MET FA 115 -22.20 2.16 -5.14
N TYR FA 116 -22.63 3.39 -5.42
CA TYR FA 116 -22.14 4.51 -4.63
C TYR FA 116 -22.75 4.50 -3.23
N ARG FA 117 -23.92 3.87 -3.07
CA ARG FA 117 -24.45 3.68 -1.73
C ARG FA 117 -23.63 2.67 -0.95
N ASN FA 118 -23.13 1.62 -1.62
CA ASN FA 118 -22.24 0.70 -0.92
C ASN FA 118 -20.90 1.34 -0.65
N LEU FA 119 -20.53 2.33 -1.44
CA LEU FA 119 -19.29 3.06 -1.22
C LEU FA 119 -19.47 4.27 -0.33
N GLU FA 120 -20.67 4.47 0.21
CA GLU FA 120 -21.03 5.64 1.02
C GLU FA 120 -20.52 6.94 0.38
N VAL FA 121 -20.66 7.01 -0.93
CA VAL FA 121 -20.21 8.16 -1.72
C VAL FA 121 -21.42 9.05 -1.99
N PRO FA 122 -21.32 10.36 -1.74
CA PRO FA 122 -22.46 11.24 -1.98
C PRO FA 122 -22.82 11.30 -3.46
N LEU FA 123 -24.11 11.13 -3.76
CA LEU FA 123 -24.58 11.31 -5.13
C LEU FA 123 -24.62 12.77 -5.55
N PRO FA 124 -25.05 13.73 -4.71
CA PRO FA 124 -24.90 15.13 -5.10
C PRO FA 124 -23.47 15.49 -5.48
N GLY FA 125 -22.49 15.09 -4.67
CA GLY FA 125 -21.10 15.39 -5.01
C GLY FA 125 -20.70 14.82 -6.35
N MET FA 126 -21.20 13.64 -6.68
CA MET FA 126 -21.02 13.10 -8.02
C MET FA 126 -21.62 14.04 -9.06
N VAL FA 127 -22.79 14.61 -8.76
CA VAL FA 127 -23.43 15.51 -9.72
C VAL FA 127 -22.60 16.76 -9.95
N GLU FA 128 -22.11 17.40 -8.88
CA GLU FA 128 -21.26 18.58 -9.11
C GLU FA 128 -19.95 18.20 -9.79
N ALA FA 129 -19.41 17.01 -9.49
CA ALA FA 129 -18.19 16.59 -10.18
C ALA FA 129 -18.42 16.46 -11.68
N VAL FA 130 -19.55 15.88 -12.07
CA VAL FA 130 -19.86 15.73 -13.48
C VAL FA 130 -20.15 17.08 -14.13
N LYS FA 131 -20.82 17.98 -13.41
CA LYS FA 131 -21.04 19.31 -13.96
C LYS FA 131 -19.73 20.07 -14.15
N ALA FA 132 -18.79 19.92 -13.20
CA ALA FA 132 -17.47 20.51 -13.37
C ALA FA 132 -16.75 19.94 -14.57
N MET FA 133 -16.84 18.61 -14.76
CA MET FA 133 -16.27 18.00 -15.95
C MET FA 133 -16.88 18.58 -17.21
N LYS FA 134 -18.21 18.73 -17.23
CA LYS FA 134 -18.87 19.28 -18.40
C LYS FA 134 -18.37 20.69 -18.70
N SER FA 135 -18.29 21.54 -17.68
CA SER FA 135 -17.81 22.90 -17.90
C SER FA 135 -16.39 22.91 -18.44
N VAL FA 136 -15.49 22.19 -17.78
CA VAL FA 136 -14.09 22.21 -18.18
C VAL FA 136 -13.92 21.66 -19.60
N ALA FA 137 -14.62 20.57 -19.92
CA ALA FA 137 -14.44 19.94 -21.22
C ALA FA 137 -15.06 20.78 -22.33
N THR FA 138 -16.28 21.27 -22.12
CA THR FA 138 -16.93 22.10 -23.14
C THR FA 138 -16.20 23.42 -23.33
N GLY FA 139 -15.43 23.84 -22.32
CA GLY FA 139 -14.56 24.99 -22.52
C GLY FA 139 -13.52 24.76 -23.60
N LEU FA 140 -12.97 23.54 -23.65
CA LEU FA 140 -11.89 23.25 -24.60
C LEU FA 140 -12.42 23.14 -26.02
N LEU FA 141 -13.71 22.82 -26.18
CA LEU FA 141 -14.27 22.58 -27.50
C LEU FA 141 -14.81 23.87 -28.10
N SER FA 142 -15.22 23.76 -29.37
CA SER FA 142 -15.88 24.86 -30.06
C SER FA 142 -17.36 24.92 -29.68
N GLY FA 143 -18.07 25.86 -30.29
CA GLY FA 143 -19.48 26.02 -29.97
C GLY FA 143 -20.33 24.84 -30.39
N ASP FA 144 -20.10 24.31 -31.58
CA ASP FA 144 -20.92 23.21 -32.09
C ASP FA 144 -20.66 21.92 -31.32
N ASP FA 145 -19.39 21.60 -31.08
CA ASP FA 145 -19.05 20.34 -30.42
C ASP FA 145 -19.44 20.37 -28.96
N SER FA 146 -19.50 21.56 -28.36
CA SER FA 146 -19.86 21.68 -26.96
C SER FA 146 -21.26 21.16 -26.70
N ALA FA 147 -22.20 21.45 -27.61
CA ALA FA 147 -23.56 20.97 -27.42
C ALA FA 147 -23.62 19.45 -27.41
N GLU FA 148 -22.97 18.81 -28.38
CA GLU FA 148 -23.01 17.35 -28.44
C GLU FA 148 -22.36 16.72 -27.22
N VAL FA 149 -21.21 17.25 -26.79
CA VAL FA 149 -20.52 16.66 -25.64
C VAL FA 149 -21.29 16.93 -24.35
N GLY FA 150 -21.87 18.12 -24.23
CA GLY FA 150 -22.69 18.41 -23.08
C GLY FA 150 -23.95 17.58 -23.04
N TYR FA 151 -24.39 17.07 -24.19
CA TYR FA 151 -25.50 16.12 -24.18
C TYR FA 151 -25.12 14.88 -23.39
N TYR FA 152 -23.94 14.32 -23.63
CA TYR FA 152 -23.50 13.13 -22.91
C TYR FA 152 -23.29 13.45 -21.44
N PHE FA 153 -22.67 14.59 -21.14
CA PHE FA 153 -22.48 14.97 -19.74
C PHE FA 153 -23.81 15.19 -19.03
N ASP FA 154 -24.78 15.79 -19.71
CA ASP FA 154 -26.10 16.00 -19.13
C ASP FA 154 -26.81 14.68 -18.89
N TYR FA 155 -26.70 13.75 -19.83
CA TYR FA 155 -27.30 12.43 -19.61
C TYR FA 155 -26.70 11.77 -18.39
N LEU FA 156 -25.38 11.83 -18.24
CA LEU FA 156 -24.74 11.17 -17.12
C LEU FA 156 -25.13 11.83 -15.81
N ALA FA 157 -25.18 13.17 -15.79
CA ALA FA 157 -25.56 13.90 -14.59
C ALA FA 157 -27.00 13.64 -14.20
N GLY FA 158 -27.90 13.55 -15.19
CA GLY FA 158 -29.27 13.17 -14.90
C GLY FA 158 -29.38 11.76 -14.37
N ALA FA 159 -28.53 10.86 -14.88
CA ALA FA 159 -28.51 9.50 -14.38
C ALA FA 159 -28.08 9.45 -12.92
N LEU FA 160 -27.10 10.28 -12.55
CA LEU FA 160 -26.64 10.26 -11.16
C LEU FA 160 -27.71 10.77 -10.20
N ALA FA 161 -28.40 11.85 -10.55
CA ALA FA 161 -29.46 12.40 -9.71
C ALA FA 161 -30.31 13.40 -10.47
N MET GA 1 -49.67 8.47 -35.85
CA MET GA 1 -49.40 9.89 -35.92
C MET GA 1 -48.96 10.31 -37.32
N GLN GA 2 -49.32 11.52 -37.71
CA GLN GA 2 -48.93 12.08 -39.00
C GLN GA 2 -48.41 13.50 -38.79
N ASP GA 3 -47.32 13.82 -39.46
CA ASP GA 3 -46.79 15.18 -39.45
C ASP GA 3 -47.40 15.98 -40.60
N ALA GA 4 -46.88 17.19 -40.82
CA ALA GA 4 -47.41 18.04 -41.88
C ALA GA 4 -47.16 17.43 -43.24
N ILE GA 5 -45.97 16.86 -43.45
CA ILE GA 5 -45.66 16.21 -44.72
C ILE GA 5 -46.60 15.05 -44.97
N THR GA 6 -46.81 14.20 -43.97
CA THR GA 6 -47.71 13.07 -44.13
C THR GA 6 -49.15 13.54 -44.24
N SER GA 7 -49.49 14.68 -43.65
CA SER GA 7 -50.82 15.24 -43.83
C SER GA 7 -51.06 15.63 -45.28
N VAL GA 8 -50.10 16.32 -45.90
CA VAL GA 8 -50.22 16.67 -47.31
C VAL GA 8 -50.25 15.42 -48.18
N ILE GA 9 -49.42 14.43 -47.83
CA ILE GA 9 -49.40 13.18 -48.59
C ILE GA 9 -50.76 12.51 -48.52
N ASN GA 10 -51.37 12.48 -47.35
CA ASN GA 10 -52.67 11.82 -47.20
C ASN GA 10 -53.77 12.58 -47.93
N THR GA 11 -53.73 13.91 -47.89
CA THR GA 11 -54.79 14.67 -48.55
C THR GA 11 -54.64 14.61 -50.06
N TYR GA 12 -53.44 14.31 -50.56
CA TYR GA 12 -53.31 14.08 -52.00
C TYR GA 12 -53.53 12.62 -52.36
N ASP GA 13 -53.42 11.73 -51.39
CA ASP GA 13 -53.70 10.31 -51.63
C ASP GA 13 -55.21 10.06 -51.69
N VAL GA 14 -55.97 10.73 -50.83
CA VAL GA 14 -57.42 10.53 -50.82
C VAL GA 14 -58.05 11.06 -52.10
N GLN GA 15 -57.35 11.96 -52.78
CA GLN GA 15 -57.81 12.50 -54.05
C GLN GA 15 -57.19 11.79 -55.25
N GLY GA 16 -56.24 10.89 -55.03
CA GLY GA 16 -55.55 10.24 -56.13
C GLY GA 16 -54.77 11.21 -56.99
N LYS GA 17 -54.13 12.19 -56.38
CA LYS GA 17 -53.47 13.26 -57.11
C LYS GA 17 -51.97 13.20 -56.88
N TYR GA 18 -51.21 13.48 -57.95
CA TYR GA 18 -49.80 13.78 -57.81
C TYR GA 18 -49.65 15.17 -57.20
N PHE GA 19 -48.45 15.43 -56.68
CA PHE GA 19 -48.20 16.73 -56.06
C PHE GA 19 -48.20 17.83 -57.10
N ASP GA 20 -48.88 18.92 -56.77
CA ASP GA 20 -48.91 20.11 -57.61
C ASP GA 20 -48.33 21.29 -56.83
N THR GA 21 -48.45 22.49 -57.40
CA THR GA 21 -47.78 23.66 -56.84
C THR GA 21 -48.24 23.95 -55.41
N SER GA 22 -49.53 23.75 -55.12
CA SER GA 22 -50.03 24.02 -53.78
C SER GA 22 -49.38 23.12 -52.74
N ALA GA 23 -49.29 21.82 -53.03
CA ALA GA 23 -48.64 20.90 -52.12
C ALA GA 23 -47.18 21.26 -51.92
N PHE GA 24 -46.51 21.66 -53.01
CA PHE GA 24 -45.11 22.03 -52.90
C PHE GA 24 -44.93 23.29 -52.07
N ASP GA 25 -45.85 24.25 -52.18
CA ASP GA 25 -45.80 25.44 -51.35
C ASP GA 25 -45.96 25.08 -49.87
N LYS GA 26 -46.91 24.19 -49.57
CA LYS GA 26 -47.09 23.79 -48.17
C LYS GA 26 -45.85 23.07 -47.63
N LEU GA 27 -45.26 22.19 -48.45
CA LEU GA 27 -44.06 21.50 -48.03
C LEU GA 27 -42.89 22.46 -47.82
N LYS GA 28 -42.76 23.46 -48.69
CA LYS GA 28 -41.73 24.48 -48.52
C LYS GA 28 -41.96 25.27 -47.23
N ALA GA 29 -43.23 25.57 -46.92
CA ALA GA 29 -43.52 26.27 -45.67
C ALA GA 29 -43.07 25.45 -44.46
N TYR GA 30 -43.36 24.15 -44.47
CA TYR GA 30 -42.90 23.31 -43.37
C TYR GA 30 -41.38 23.26 -43.31
N TYR GA 31 -40.72 23.12 -44.46
CA TYR GA 31 -39.26 23.08 -44.47
C TYR GA 31 -38.67 24.40 -43.98
N ALA GA 32 -39.37 25.51 -44.22
CA ALA GA 32 -38.93 26.79 -43.69
C ALA GA 32 -39.03 26.83 -42.17
N THR GA 33 -40.14 26.35 -41.62
CA THR GA 33 -40.28 26.35 -40.16
C THR GA 33 -39.44 25.27 -39.48
N GLY GA 34 -38.86 24.35 -40.26
CA GLY GA 34 -38.18 23.21 -39.67
C GLY GA 34 -37.03 23.57 -38.75
N GLU GA 35 -36.19 24.52 -39.15
CA GLU GA 35 -35.04 24.88 -38.31
C GLU GA 35 -35.49 25.51 -37.01
N LEU GA 36 -36.51 26.37 -37.05
CA LEU GA 36 -37.07 26.94 -35.83
C LEU GA 36 -37.61 25.85 -34.92
N ARG GA 37 -38.32 24.88 -35.50
CA ARG GA 37 -38.86 23.79 -34.70
C ARG GA 37 -37.73 22.98 -34.05
N VAL GA 38 -36.67 22.71 -34.80
CA VAL GA 38 -35.55 21.94 -34.26
C VAL GA 38 -34.88 22.69 -33.12
N ARG GA 39 -34.69 24.01 -33.30
CA ARG GA 39 -34.07 24.80 -32.24
C ARG GA 39 -34.93 24.80 -30.98
N ALA GA 40 -36.25 24.96 -31.13
CA ALA GA 40 -37.13 24.93 -29.97
C ALA GA 40 -37.10 23.57 -29.28
N ALA GA 41 -37.10 22.49 -30.06
CA ALA GA 41 -37.06 21.15 -29.47
C ALA GA 41 -35.76 20.93 -28.71
N GLY GA 42 -34.64 21.38 -29.27
CA GLY GA 42 -33.38 21.25 -28.56
C GLY GA 42 -33.33 22.06 -27.28
N THR GA 43 -33.87 23.28 -27.32
CA THR GA 43 -33.91 24.11 -26.12
C THR GA 43 -34.74 23.46 -25.04
N ILE GA 44 -35.89 22.88 -25.40
CA ILE GA 44 -36.74 22.24 -24.40
C ILE GA 44 -36.10 20.97 -23.88
N SER GA 45 -35.43 20.22 -24.75
CA SER GA 45 -34.70 19.03 -24.31
C SER GA 45 -33.62 19.40 -23.31
N ALA GA 46 -32.97 20.54 -23.50
CA ALA GA 46 -31.97 20.99 -22.54
C ALA GA 46 -32.60 21.34 -21.19
N ASN GA 47 -33.79 21.94 -21.20
CA ASN GA 47 -34.35 22.54 -19.99
C ASN GA 47 -35.68 21.92 -19.58
N ALA GA 48 -35.94 20.66 -19.92
CA ALA GA 48 -37.24 20.06 -19.62
C ALA GA 48 -37.51 20.02 -18.12
N ALA GA 49 -36.54 19.53 -17.34
CA ALA GA 49 -36.73 19.42 -15.90
C ALA GA 49 -36.93 20.78 -15.26
N THR GA 50 -36.17 21.79 -15.70
CA THR GA 50 -36.35 23.14 -15.17
C THR GA 50 -37.74 23.67 -15.46
N ILE GA 51 -38.23 23.46 -16.67
CA ILE GA 51 -39.57 23.93 -17.04
C ILE GA 51 -40.62 23.25 -16.18
N ILE GA 52 -40.51 21.94 -16.01
CA ILE GA 52 -41.50 21.22 -15.20
C ILE GA 52 -41.45 21.70 -13.76
N LYS GA 53 -40.24 21.91 -13.22
CA LYS GA 53 -40.10 22.40 -11.85
C LYS GA 53 -40.79 23.74 -11.68
N GLU GA 54 -40.49 24.69 -12.58
CA GLU GA 54 -41.07 26.02 -12.46
C GLU GA 54 -42.59 26.00 -12.63
N ALA GA 55 -43.09 25.22 -13.59
CA ALA GA 55 -44.53 25.20 -13.85
C ALA GA 55 -45.28 24.51 -12.72
N SER GA 56 -44.74 23.43 -12.17
CA SER GA 56 -45.39 22.78 -11.03
C SER GA 56 -45.36 23.68 -9.81
N ALA GA 57 -44.25 24.39 -9.58
CA ALA GA 57 -44.21 25.33 -8.47
C ALA GA 57 -45.26 26.41 -8.63
N LYS GA 58 -45.41 26.94 -9.85
CA LYS GA 58 -46.43 27.95 -10.10
C LYS GA 58 -47.83 27.39 -9.87
N LEU GA 59 -48.10 26.19 -10.39
CA LEU GA 59 -49.42 25.58 -10.23
C LEU GA 59 -49.77 25.37 -8.77
N PHE GA 60 -48.82 24.86 -7.98
CA PHE GA 60 -49.12 24.56 -6.59
C PHE GA 60 -49.07 25.82 -5.73
N SER GA 61 -48.45 26.90 -6.24
CA SER GA 61 -48.58 28.18 -5.56
C SER GA 61 -49.96 28.78 -5.80
N ASN GA 62 -50.48 28.65 -7.01
CA ASN GA 62 -51.80 29.19 -7.32
C ASN GA 62 -52.91 28.41 -6.62
N GLN GA 63 -52.75 27.09 -6.52
CA GLN GA 63 -53.77 26.21 -5.93
C GLN GA 63 -53.11 25.35 -4.87
N PRO GA 64 -52.75 25.93 -3.72
CA PRO GA 64 -52.00 25.16 -2.72
C PRO GA 64 -52.82 24.06 -2.05
N ASP GA 65 -54.14 24.08 -2.19
CA ASP GA 65 -54.94 23.02 -1.58
C ASP GA 65 -54.73 21.68 -2.28
N LEU GA 66 -54.14 21.70 -3.48
CA LEU GA 66 -53.91 20.46 -4.22
C LEU GA 66 -52.92 19.56 -3.49
N VAL GA 67 -51.87 20.14 -2.91
CA VAL GA 67 -50.82 19.35 -2.26
C VAL GA 67 -51.01 19.20 -0.77
N ARG GA 68 -51.92 19.96 -0.17
CA ARG GA 68 -52.26 19.77 1.23
C ARG GA 68 -53.11 18.51 1.39
N PRO GA 69 -53.19 17.96 2.60
CA PRO GA 69 -54.02 16.77 2.82
C PRO GA 69 -55.45 17.01 2.39
N GLY GA 70 -56.07 15.99 1.81
CA GLY GA 70 -57.37 16.11 1.20
C GLY GA 70 -57.36 16.50 -0.26
N GLY GA 71 -56.25 17.02 -0.76
CA GLY GA 71 -56.14 17.32 -2.17
C GLY GA 71 -55.81 16.08 -2.99
N ASN GA 72 -55.95 16.23 -4.30
CA ASN GA 72 -55.67 15.10 -5.18
C ASN GA 72 -54.18 14.82 -5.27
N ALA GA 73 -53.35 15.84 -5.07
CA ALA GA 73 -51.91 15.67 -5.14
C ALA GA 73 -51.26 15.41 -3.80
N TYR GA 74 -52.03 15.13 -2.74
CA TYR GA 74 -51.42 14.89 -1.44
C TYR GA 74 -51.04 13.43 -1.26
N THR GA 75 -49.81 13.12 -1.64
CA THR GA 75 -48.92 12.08 -1.14
C THR GA 75 -47.65 12.20 -1.97
N THR GA 76 -46.62 11.43 -1.63
CA THR GA 76 -45.48 11.36 -2.54
C THR GA 76 -45.88 10.72 -3.86
N ARG GA 77 -46.70 9.66 -3.80
CA ARG GA 77 -47.15 8.99 -5.01
C ARG GA 77 -47.93 9.92 -5.92
N ARG GA 78 -48.89 10.67 -5.35
CA ARG GA 78 -49.77 11.48 -6.18
C ARG GA 78 -49.06 12.73 -6.70
N TYR GA 79 -48.17 13.32 -5.90
CA TYR GA 79 -47.36 14.43 -6.39
C TYR GA 79 -46.42 13.98 -7.50
N ALA GA 80 -45.81 12.80 -7.33
CA ALA GA 80 -44.96 12.26 -8.38
C ALA GA 80 -45.77 11.99 -9.64
N ALA GA 81 -46.99 11.48 -9.49
CA ALA GA 81 -47.84 11.22 -10.64
C ALA GA 81 -48.25 12.52 -11.33
N CYS GA 82 -48.48 13.58 -10.55
CA CYS GA 82 -48.78 14.89 -11.13
C CYS GA 82 -47.62 15.41 -11.96
N VAL GA 83 -46.41 15.42 -11.39
CA VAL GA 83 -45.29 15.95 -12.15
C VAL GA 83 -44.94 15.04 -13.32
N ARG GA 84 -45.23 13.74 -13.20
CA ARG GA 84 -45.04 12.82 -14.31
C ARG GA 84 -46.02 13.13 -15.45
N ASP GA 85 -47.27 13.43 -15.11
CA ASP GA 85 -48.24 13.87 -16.11
C ASP GA 85 -47.78 15.14 -16.79
N MET GA 86 -47.25 16.08 -16.01
CA MET GA 86 -46.74 17.33 -16.57
C MET GA 86 -45.57 17.07 -17.51
N ASP GA 87 -44.70 16.13 -17.13
CA ASP GA 87 -43.61 15.71 -18.00
C ASP GA 87 -44.13 15.17 -19.32
N TYR GA 88 -45.15 14.31 -19.26
CA TYR GA 88 -45.74 13.78 -20.47
C TYR GA 88 -46.34 14.87 -21.35
N PHE GA 89 -47.06 15.82 -20.74
CA PHE GA 89 -47.63 16.92 -21.52
C PHE GA 89 -46.54 17.71 -22.22
N LEU GA 90 -45.47 18.05 -21.51
CA LEU GA 90 -44.41 18.85 -22.13
C LEU GA 90 -43.72 18.08 -23.25
N ARG GA 91 -43.38 16.81 -23.01
CA ARG GA 91 -42.66 16.03 -24.01
C ARG GA 91 -43.51 15.81 -25.26
N TYR GA 92 -44.80 15.56 -25.08
CA TYR GA 92 -45.64 15.29 -26.25
C TYR GA 92 -45.99 16.58 -26.98
N ALA GA 93 -46.07 17.70 -26.25
CA ALA GA 93 -46.19 18.98 -26.93
C ALA GA 93 -44.96 19.28 -27.76
N THR GA 94 -43.78 18.94 -27.24
CA THR GA 94 -42.55 19.10 -28.02
C THR GA 94 -42.57 18.21 -29.26
N TYR GA 95 -43.05 16.96 -29.10
CA TYR GA 95 -43.17 16.06 -30.25
C TYR GA 95 -44.10 16.65 -31.31
N ALA GA 96 -45.27 17.16 -30.89
CA ALA GA 96 -46.23 17.72 -31.83
C ALA GA 96 -45.68 18.97 -32.51
N MET GA 97 -44.94 19.78 -31.75
CA MET GA 97 -44.32 20.96 -32.35
C MET GA 97 -43.30 20.58 -33.40
N LEU GA 98 -42.47 19.58 -33.11
CA LEU GA 98 -41.48 19.14 -34.08
C LEU GA 98 -42.15 18.56 -35.33
N ALA GA 99 -43.18 17.73 -35.13
CA ALA GA 99 -43.91 17.19 -36.28
C ALA GA 99 -44.67 18.29 -37.01
N GLY GA 100 -45.07 19.33 -36.30
CA GLY GA 100 -45.87 20.39 -36.89
C GLY GA 100 -47.35 20.09 -36.97
N ASP GA 101 -47.79 18.96 -36.45
CA ASP GA 101 -49.19 18.56 -36.53
C ASP GA 101 -49.63 18.05 -35.16
N THR GA 102 -50.92 18.23 -34.86
CA THR GA 102 -51.46 17.92 -33.55
C THR GA 102 -52.06 16.52 -33.44
N SER GA 103 -51.88 15.68 -34.46
CA SER GA 103 -52.55 14.37 -34.45
C SER GA 103 -52.00 13.46 -33.36
N ILE GA 104 -50.71 13.59 -33.04
CA ILE GA 104 -50.12 12.74 -32.01
C ILE GA 104 -50.80 12.98 -30.66
N LEU GA 105 -51.19 14.23 -30.40
CA LEU GA 105 -51.81 14.55 -29.12
C LEU GA 105 -53.12 13.78 -28.94
N ASP GA 106 -54.02 13.85 -29.93
CA ASP GA 106 -55.24 13.08 -29.86
C ASP GA 106 -54.94 11.59 -29.88
N GLU GA 107 -53.93 11.18 -30.65
CA GLU GA 107 -53.70 9.77 -30.90
C GLU GA 107 -53.24 9.05 -29.63
N ARG GA 108 -52.39 9.71 -28.84
CA ARG GA 108 -51.74 9.07 -27.70
C ARG GA 108 -52.08 9.73 -26.36
N VAL GA 109 -52.08 11.06 -26.29
CA VAL GA 109 -52.24 11.73 -25.01
C VAL GA 109 -53.71 11.85 -24.65
N LEU GA 110 -54.55 12.26 -25.60
CA LEU GA 110 -55.92 12.68 -25.32
C LEU GA 110 -56.93 11.56 -25.46
N ASN GA 111 -56.51 10.33 -25.78
CA ASN GA 111 -57.42 9.21 -25.92
C ASN GA 111 -57.63 8.56 -24.55
N GLY GA 112 -58.82 8.74 -23.99
CA GLY GA 112 -59.15 8.19 -22.70
C GLY GA 112 -58.69 9.00 -21.51
N LEU GA 113 -58.03 10.14 -21.74
CA LEU GA 113 -57.56 10.95 -20.62
C LEU GA 113 -58.71 11.52 -19.82
N LYS GA 114 -59.76 12.00 -20.51
CA LYS GA 114 -60.92 12.56 -19.83
C LYS GA 114 -61.56 11.53 -18.90
N GLU GA 115 -61.86 10.34 -19.43
CA GLU GA 115 -62.51 9.32 -18.63
C GLU GA 115 -61.62 8.85 -17.50
N THR GA 116 -60.32 8.70 -17.75
CA THR GA 116 -59.43 8.23 -16.71
C THR GA 116 -59.33 9.23 -15.56
N TYR GA 117 -59.20 10.52 -15.88
CA TYR GA 117 -59.21 11.53 -14.82
C TYR GA 117 -60.54 11.56 -14.07
N ASN GA 118 -61.66 11.50 -14.79
CA ASN GA 118 -62.94 11.59 -14.09
C ASN GA 118 -63.18 10.39 -13.19
N SER GA 119 -62.77 9.21 -13.63
CA SER GA 119 -62.99 8.01 -12.84
C SER GA 119 -61.96 7.87 -11.73
N LEU GA 120 -60.81 8.53 -11.87
CA LEU GA 120 -59.82 8.49 -10.81
C LEU GA 120 -59.96 9.67 -9.85
N GLY GA 121 -60.85 10.60 -10.17
CA GLY GA 121 -61.01 11.79 -9.37
C GLY GA 121 -60.03 12.90 -9.64
N VAL GA 122 -59.16 12.74 -10.63
CA VAL GA 122 -58.23 13.82 -10.97
C VAL GA 122 -59.02 15.03 -11.47
N PRO GA 123 -58.86 16.21 -10.87
CA PRO GA 123 -59.62 17.39 -11.31
C PRO GA 123 -59.11 17.90 -12.66
N ILE GA 124 -60.05 18.14 -13.58
CA ILE GA 124 -59.68 18.56 -14.93
C ILE GA 124 -59.17 19.99 -14.93
N SER GA 125 -59.84 20.88 -14.20
CA SER GA 125 -59.50 22.30 -14.27
C SER GA 125 -58.08 22.57 -13.78
N SER GA 126 -57.67 21.90 -12.70
CA SER GA 126 -56.32 22.09 -12.19
C SER GA 126 -55.27 21.54 -13.14
N THR GA 127 -55.58 20.43 -13.83
CA THR GA 127 -54.67 19.91 -14.84
C THR GA 127 -54.53 20.88 -16.01
N VAL GA 128 -55.65 21.50 -16.41
CA VAL GA 128 -55.60 22.51 -17.47
C VAL GA 128 -54.77 23.70 -17.02
N GLN GA 129 -54.92 24.12 -15.76
CA GLN GA 129 -54.09 25.21 -15.25
C GLN GA 129 -52.61 24.83 -15.23
N GLY GA 130 -52.31 23.58 -14.90
CA GLY GA 130 -50.93 23.14 -14.97
C GLY GA 130 -50.37 23.17 -16.38
N ILE GA 131 -51.17 22.77 -17.35
CA ILE GA 131 -50.76 22.84 -18.76
C ILE GA 131 -50.53 24.30 -19.15
N GLN GA 132 -51.40 25.19 -18.71
CA GLN GA 132 -51.21 26.62 -18.98
C GLN GA 132 -49.89 27.11 -18.40
N ALA GA 133 -49.67 26.87 -17.11
CA ALA GA 133 -48.43 27.30 -16.47
C ALA GA 133 -47.21 26.74 -17.19
N MET GA 134 -47.33 25.50 -17.67
CA MET GA 134 -46.29 24.95 -18.55
C MET GA 134 -46.11 25.82 -19.78
N LYS GA 135 -47.21 26.29 -20.35
CA LYS GA 135 -47.15 27.09 -21.57
C LYS GA 135 -46.41 28.41 -21.34
N GLU GA 136 -46.74 29.15 -20.28
CA GLU GA 136 -46.02 30.41 -20.05
C GLU GA 136 -44.55 30.16 -19.74
N VAL GA 137 -44.24 29.15 -18.94
CA VAL GA 137 -42.85 28.86 -18.61
C VAL GA 137 -42.06 28.50 -19.87
N THR GA 138 -42.65 27.68 -20.73
CA THR GA 138 -41.95 27.24 -21.94
C THR GA 138 -41.78 28.39 -22.92
N GLY GA 139 -42.78 29.26 -23.03
CA GLY GA 139 -42.69 30.36 -23.98
C GLY GA 139 -41.53 31.28 -23.72
N SER GA 140 -41.23 31.53 -22.44
CA SER GA 140 -40.10 32.38 -22.11
C SER GA 140 -38.78 31.77 -22.53
N LEU GA 141 -38.63 30.46 -22.34
CA LEU GA 141 -37.35 29.81 -22.63
C LEU GA 141 -37.15 29.63 -24.12
N VAL GA 142 -38.18 29.23 -24.86
CA VAL GA 142 -37.99 28.87 -26.27
C VAL GA 142 -37.65 30.10 -27.10
N GLY GA 143 -38.25 31.24 -26.77
CA GLY GA 143 -38.13 32.42 -27.59
C GLY GA 143 -39.48 32.83 -28.14
N SER GA 144 -39.63 34.10 -28.51
CA SER GA 144 -40.93 34.61 -28.91
C SER GA 144 -41.45 33.90 -30.16
N GLY GA 145 -40.56 33.64 -31.12
CA GLY GA 145 -40.98 33.01 -32.37
C GLY GA 145 -41.54 31.62 -32.16
N ALA GA 146 -40.85 30.79 -31.37
CA ALA GA 146 -41.33 29.43 -31.12
C ALA GA 146 -42.40 29.41 -30.03
N ALA GA 147 -42.51 30.50 -29.26
CA ALA GA 147 -43.46 30.54 -28.16
C ALA GA 147 -44.89 30.38 -28.66
N LYS GA 148 -45.26 31.10 -29.72
CA LYS GA 148 -46.61 31.00 -30.25
C LYS GA 148 -46.89 29.62 -30.83
N GLU GA 149 -45.90 29.06 -31.54
CA GLU GA 149 -46.09 27.73 -32.12
C GLU GA 149 -46.29 26.68 -31.04
N MET GA 150 -45.48 26.73 -29.98
CA MET GA 150 -45.66 25.77 -28.88
C MET GA 150 -46.94 26.05 -28.11
N GLY GA 151 -47.34 27.32 -28.03
CA GLY GA 151 -48.60 27.65 -27.40
C GLY GA 151 -49.78 27.05 -28.15
N VAL GA 152 -49.64 26.91 -29.47
CA VAL GA 152 -50.69 26.26 -30.26
C VAL GA 152 -50.96 24.86 -29.73
N TYR GA 153 -49.90 24.08 -29.52
CA TYR GA 153 -50.08 22.69 -29.08
C TYR GA 153 -50.45 22.61 -27.60
N PHE GA 154 -49.94 23.53 -26.78
CA PHE GA 154 -50.38 23.57 -25.39
C PHE GA 154 -51.88 23.89 -25.31
N ASP GA 155 -52.34 24.84 -26.11
CA ASP GA 155 -53.76 25.17 -26.14
C ASP GA 155 -54.57 24.00 -26.67
N TYR GA 156 -54.04 23.26 -27.64
CA TYR GA 156 -54.74 22.07 -28.11
C TYR GA 156 -54.89 21.05 -26.98
N LEU GA 157 -53.82 20.82 -26.22
CA LEU GA 157 -53.90 19.90 -25.07
C LEU GA 157 -54.95 20.37 -24.08
N SER GA 158 -54.91 21.65 -23.70
CA SER GA 158 -55.86 22.17 -22.72
C SER GA 158 -57.29 22.05 -23.22
N SER GA 159 -57.54 22.46 -24.47
CA SER GA 159 -58.88 22.41 -25.02
C SER GA 159 -59.39 20.98 -25.10
N GLY GA 160 -58.50 20.03 -25.42
CA GLY GA 160 -58.89 18.63 -25.38
C GLY GA 160 -59.30 18.19 -23.98
N LEU GA 161 -58.54 18.63 -22.98
CA LEU GA 161 -58.96 18.35 -21.60
C LEU GA 161 -60.13 19.23 -21.18
N SER GA 162 -60.17 20.46 -21.67
CA SER GA 162 -61.25 21.38 -21.30
C SER GA 162 -62.58 20.93 -21.88
N MET HA 1 -57.49 -3.16 -0.14
CA MET HA 1 -58.36 -3.19 1.03
C MET HA 1 -57.76 -2.40 2.19
N GLN HA 2 -58.56 -2.18 3.22
CA GLN HA 2 -58.13 -1.53 4.45
C GLN HA 2 -58.90 -2.13 5.61
N ASP HA 3 -58.25 -2.26 6.76
CA ASP HA 3 -58.92 -2.74 7.96
C ASP HA 3 -59.34 -1.55 8.83
N ALA HA 4 -59.79 -1.85 10.05
CA ALA HA 4 -60.26 -0.79 10.94
C ALA HA 4 -59.13 0.18 11.29
N ILE HA 5 -57.96 -0.35 11.62
CA ILE HA 5 -56.81 0.50 11.95
C ILE HA 5 -56.43 1.34 10.75
N THR HA 6 -56.34 0.73 9.57
CA THR HA 6 -55.99 1.48 8.37
C THR HA 6 -57.09 2.47 8.02
N SER HA 7 -58.34 2.14 8.30
CA SER HA 7 -59.42 3.10 8.07
C SER HA 7 -59.26 4.34 8.93
N VAL HA 8 -58.90 4.17 10.20
CA VAL HA 8 -58.63 5.31 11.06
C VAL HA 8 -57.43 6.10 10.56
N ILE HA 9 -56.38 5.39 10.15
CA ILE HA 9 -55.19 6.05 9.63
C ILE HA 9 -55.54 6.90 8.42
N ASN HA 10 -56.36 6.36 7.51
CA ASN HA 10 -56.73 7.14 6.32
C ASN HA 10 -57.62 8.32 6.67
N THR HA 11 -58.59 8.14 7.57
CA THR HA 11 -59.48 9.26 7.87
C THR HA 11 -58.74 10.37 8.60
N TYR HA 12 -57.63 10.04 9.27
CA TYR HA 12 -56.85 11.10 9.90
C TYR HA 12 -55.79 11.66 8.96
N ASP HA 13 -55.34 10.87 8.00
CA ASP HA 13 -54.37 11.35 7.03
C ASP HA 13 -55.00 12.32 6.04
N VAL HA 14 -56.21 11.99 5.56
CA VAL HA 14 -56.85 12.83 4.55
C VAL HA 14 -57.16 14.21 5.12
N GLN HA 15 -57.39 14.29 6.42
CA GLN HA 15 -57.56 15.57 7.09
C GLN HA 15 -56.25 16.10 7.66
N GLY HA 16 -55.18 15.32 7.61
CA GLY HA 16 -53.87 15.78 8.02
C GLY HA 16 -53.74 16.14 9.48
N LYS HA 17 -54.33 15.33 10.36
CA LYS HA 17 -54.21 15.56 11.79
C LYS HA 17 -53.63 14.34 12.48
N TYR HA 18 -52.98 14.58 13.61
CA TYR HA 18 -52.48 13.52 14.46
C TYR HA 18 -53.62 12.81 15.16
N PHE HA 19 -53.37 11.59 15.59
CA PHE HA 19 -54.37 10.83 16.33
C PHE HA 19 -54.77 11.55 17.61
N ASP HA 20 -56.05 11.90 17.69
CA ASP HA 20 -56.63 12.50 18.89
C ASP HA 20 -57.14 11.40 19.82
N THR HA 21 -57.87 11.81 20.85
CA THR HA 21 -58.40 10.84 21.81
C THR HA 21 -59.39 9.89 21.15
N SER HA 22 -60.24 10.42 20.26
CA SER HA 22 -61.27 9.59 19.63
C SER HA 22 -60.66 8.49 18.77
N ALA HA 23 -59.58 8.80 18.04
CA ALA HA 23 -58.90 7.79 17.24
C ALA HA 23 -58.36 6.67 18.11
N PHE HA 24 -57.74 7.03 19.24
CA PHE HA 24 -57.21 6.02 20.14
C PHE HA 24 -58.33 5.20 20.77
N ASP HA 25 -59.47 5.83 21.06
CA ASP HA 25 -60.61 5.08 21.56
C ASP HA 25 -61.12 4.07 20.52
N LYS HA 26 -61.20 4.49 19.26
CA LYS HA 26 -61.62 3.56 18.22
C LYS HA 26 -60.64 2.39 18.07
N LEU HA 27 -59.35 2.69 18.13
CA LEU HA 27 -58.34 1.63 18.04
C LEU HA 27 -58.43 0.68 19.23
N LYS HA 28 -58.62 1.21 20.43
CA LYS HA 28 -58.81 0.35 21.60
C LYS HA 28 -60.07 -0.52 21.44
N ALA HA 29 -61.15 0.07 20.92
CA ALA HA 29 -62.36 -0.71 20.70
C ALA HA 29 -62.12 -1.84 19.72
N TYR HA 30 -61.37 -1.59 18.65
CA TYR HA 30 -61.07 -2.66 17.71
C TYR HA 30 -60.19 -3.74 18.35
N TYR HA 31 -59.19 -3.32 19.13
CA TYR HA 31 -58.30 -4.30 19.77
C TYR HA 31 -59.06 -5.15 20.79
N ALA HA 32 -60.08 -4.58 21.42
CA ALA HA 32 -60.86 -5.31 22.40
C ALA HA 32 -61.60 -6.47 21.76
N THR HA 33 -62.13 -6.26 20.56
CA THR HA 33 -62.92 -7.26 19.84
C THR HA 33 -62.05 -8.31 19.15
N GLY HA 34 -60.73 -8.14 19.17
CA GLY HA 34 -59.87 -9.00 18.36
C GLY HA 34 -60.00 -10.48 18.70
N GLU HA 35 -60.02 -10.81 19.98
CA GLU HA 35 -60.11 -12.21 20.38
C GLU HA 35 -61.44 -12.83 19.95
N LEU HA 36 -62.53 -12.08 20.12
CA LEU HA 36 -63.84 -12.53 19.66
C LEU HA 36 -63.84 -12.77 18.16
N ARG HA 37 -63.28 -11.83 17.39
CA ARG HA 37 -63.25 -11.98 15.94
C ARG HA 37 -62.41 -13.18 15.52
N VAL HA 38 -61.28 -13.40 16.19
CA VAL HA 38 -60.43 -14.53 15.82
C VAL HA 38 -61.11 -15.85 16.14
N ARG HA 39 -61.80 -15.93 17.28
CA ARG HA 39 -62.56 -17.13 17.58
C ARG HA 39 -63.65 -17.38 16.55
N ALA HA 40 -64.38 -16.33 16.17
CA ALA HA 40 -65.44 -16.49 15.18
C ALA HA 40 -64.89 -16.90 13.83
N ALA HA 41 -63.75 -16.32 13.42
CA ALA HA 41 -63.13 -16.69 12.16
C ALA HA 41 -62.68 -18.15 12.17
N GLY HA 42 -62.08 -18.59 13.27
CA GLY HA 42 -61.69 -19.99 13.37
C GLY HA 42 -62.89 -20.93 13.31
N THR HA 43 -63.97 -20.57 14.00
CA THR HA 43 -65.17 -21.41 13.97
C THR HA 43 -65.76 -21.48 12.57
N ILE HA 44 -65.83 -20.35 11.87
CA ILE HA 44 -66.37 -20.35 10.52
C ILE HA 44 -65.47 -21.14 9.58
N SER HA 45 -64.15 -21.01 9.74
CA SER HA 45 -63.23 -21.78 8.92
C SER HA 45 -63.42 -23.26 9.12
N ALA HA 46 -63.60 -23.69 10.37
CA ALA HA 46 -63.86 -25.10 10.63
C ALA HA 46 -65.14 -25.57 9.98
N ASN HA 47 -66.18 -24.73 10.01
CA ASN HA 47 -67.53 -25.13 9.64
C ASN HA 47 -68.03 -24.47 8.37
N ALA HA 48 -67.13 -23.92 7.54
CA ALA HA 48 -67.56 -23.22 6.33
C ALA HA 48 -68.30 -24.16 5.40
N ALA HA 49 -67.77 -25.38 5.23
CA ALA HA 49 -68.43 -26.34 4.37
C ALA HA 49 -69.85 -26.60 4.83
N THR HA 50 -70.05 -26.86 6.13
CA THR HA 50 -71.37 -27.16 6.66
C THR HA 50 -72.30 -25.96 6.54
N ILE HA 51 -71.79 -24.75 6.80
CA ILE HA 51 -72.61 -23.56 6.65
C ILE HA 51 -73.14 -23.45 5.23
N ILE HA 52 -72.26 -23.65 4.24
CA ILE HA 52 -72.71 -23.60 2.85
C ILE HA 52 -73.70 -24.72 2.57
N LYS HA 53 -73.42 -25.91 3.11
CA LYS HA 53 -74.32 -27.06 2.96
C LYS HA 53 -75.74 -26.68 3.34
N GLU HA 54 -75.92 -26.21 4.57
CA GLU HA 54 -77.26 -26.15 5.12
C GLU HA 54 -77.93 -24.82 4.74
N ALA HA 55 -77.13 -23.78 4.47
CA ALA HA 55 -77.68 -22.55 3.92
C ALA HA 55 -78.20 -22.74 2.50
N SER HA 56 -77.44 -23.45 1.65
CA SER HA 56 -77.96 -23.77 0.33
C SER HA 56 -79.18 -24.67 0.43
N ALA HA 57 -79.18 -25.61 1.38
CA ALA HA 57 -80.37 -26.44 1.58
C ALA HA 57 -81.58 -25.60 1.93
N LYS HA 58 -81.43 -24.64 2.85
CA LYS HA 58 -82.55 -23.76 3.20
C LYS HA 58 -83.00 -22.92 2.02
N LEU HA 59 -82.06 -22.37 1.27
CA LEU HA 59 -82.41 -21.50 0.15
C LEU HA 59 -83.18 -22.27 -0.91
N PHE HA 60 -82.75 -23.49 -1.22
CA PHE HA 60 -83.41 -24.26 -2.26
C PHE HA 60 -84.65 -24.97 -1.72
N SER HA 61 -84.80 -25.03 -0.40
CA SER HA 61 -86.07 -25.47 0.17
C SER HA 61 -87.12 -24.38 0.08
N ASN HA 62 -86.74 -23.13 0.33
CA ASN HA 62 -87.71 -22.05 0.29
C ASN HA 62 -88.06 -21.67 -1.15
N GLN HA 63 -87.12 -21.86 -2.07
CA GLN HA 63 -87.34 -21.59 -3.49
C GLN HA 63 -86.94 -22.83 -4.27
N PRO HA 64 -87.81 -23.85 -4.32
CA PRO HA 64 -87.48 -25.06 -5.08
C PRO HA 64 -87.35 -24.83 -6.58
N ASP HA 65 -87.91 -23.73 -7.09
CA ASP HA 65 -87.85 -23.49 -8.54
C ASP HA 65 -86.45 -23.12 -8.99
N LEU HA 66 -85.58 -22.72 -8.07
CA LEU HA 66 -84.22 -22.35 -8.44
C LEU HA 66 -83.46 -23.54 -9.01
N VAL HA 67 -83.66 -24.73 -8.43
CA VAL HA 67 -82.90 -25.91 -8.84
C VAL HA 67 -83.69 -26.87 -9.70
N ARG HA 68 -84.93 -26.55 -10.05
CA ARG HA 68 -85.71 -27.38 -10.95
C ARG HA 68 -85.53 -26.89 -12.38
N PRO HA 69 -85.83 -27.73 -13.38
CA PRO HA 69 -85.61 -27.33 -14.77
C PRO HA 69 -86.29 -26.00 -15.09
N GLY HA 70 -85.51 -25.11 -15.71
CA GLY HA 70 -85.93 -23.75 -15.94
C GLY HA 70 -85.40 -22.75 -14.94
N GLY HA 71 -84.89 -23.21 -13.79
CA GLY HA 71 -84.34 -22.31 -12.80
C GLY HA 71 -82.93 -21.89 -13.13
N ASN HA 72 -82.48 -20.81 -12.47
CA ASN HA 72 -81.14 -20.31 -12.72
C ASN HA 72 -80.08 -21.24 -12.14
N ALA HA 73 -80.42 -21.98 -11.09
CA ALA HA 73 -79.49 -22.93 -10.50
C ALA HA 73 -79.67 -24.34 -11.02
N TYR HA 74 -80.50 -24.53 -12.06
CA TYR HA 74 -80.70 -25.86 -12.61
C TYR HA 74 -79.62 -26.20 -13.63
N THR HA 75 -78.55 -26.83 -13.15
CA THR HA 75 -77.65 -27.79 -13.78
C THR HA 75 -76.60 -28.11 -12.74
N THR HA 76 -75.79 -29.14 -12.94
CA THR HA 76 -74.67 -29.34 -12.04
C THR HA 76 -73.70 -28.18 -12.14
N ARG HA 77 -73.54 -27.62 -13.34
CA ARG HA 77 -72.67 -26.46 -13.55
C ARG HA 77 -73.20 -25.23 -12.82
N ARG HA 78 -74.48 -24.92 -12.98
CA ARG HA 78 -75.00 -23.69 -12.40
C ARG HA 78 -75.23 -23.83 -10.91
N TYR HA 79 -75.60 -25.04 -10.45
CA TYR HA 79 -75.64 -25.28 -9.01
C TYR HA 79 -74.25 -25.16 -8.40
N ALA HA 80 -73.23 -25.66 -9.09
CA ALA HA 80 -71.86 -25.50 -8.63
C ALA HA 80 -71.47 -24.03 -8.57
N ALA HA 81 -71.87 -23.25 -9.57
CA ALA HA 81 -71.59 -21.83 -9.54
C ALA HA 81 -72.28 -21.14 -8.36
N CYS HA 82 -73.53 -21.53 -8.09
CA CYS HA 82 -74.28 -20.96 -6.98
C CYS HA 82 -73.61 -21.26 -5.64
N VAL HA 83 -73.19 -22.51 -5.43
CA VAL HA 83 -72.58 -22.84 -4.15
C VAL HA 83 -71.17 -22.24 -4.05
N ARG HA 84 -70.47 -22.10 -5.18
CA ARG HA 84 -69.19 -21.40 -5.17
C ARG HA 84 -69.38 -19.95 -4.77
N ASP HA 85 -70.42 -19.30 -5.29
CA ASP HA 85 -70.69 -17.92 -4.93
C ASP HA 85 -71.02 -17.79 -3.45
N MET HA 86 -71.82 -18.72 -2.92
CA MET HA 86 -72.14 -18.67 -1.50
C MET HA 86 -70.90 -18.90 -0.64
N ASP HA 87 -70.02 -19.81 -1.05
CA ASP HA 87 -68.79 -20.04 -0.31
C ASP HA 87 -67.89 -18.80 -0.32
N TYR HA 88 -67.78 -18.15 -1.48
CA TYR HA 88 -66.99 -16.93 -1.56
C TYR HA 88 -67.59 -15.82 -0.70
N PHE HA 89 -68.92 -15.69 -0.70
CA PHE HA 89 -69.57 -14.72 0.17
C PHE HA 89 -69.23 -14.98 1.62
N LEU HA 90 -69.33 -16.23 2.06
CA LEU HA 90 -69.01 -16.56 3.45
C LEU HA 90 -67.56 -16.24 3.78
N ARG HA 91 -66.64 -16.63 2.90
CA ARG HA 91 -65.22 -16.41 3.20
C ARG HA 91 -64.87 -14.93 3.22
N TYR HA 92 -65.47 -14.15 2.32
CA TYR HA 92 -65.14 -12.73 2.27
C TYR HA 92 -65.80 -11.96 3.40
N ALA HA 93 -67.01 -12.36 3.81
CA ALA HA 93 -67.59 -11.78 5.01
C ALA HA 93 -66.77 -12.11 6.24
N THR HA 94 -66.18 -13.32 6.27
CA THR HA 94 -65.28 -13.67 7.36
C THR HA 94 -64.03 -12.79 7.34
N TYR HA 95 -63.45 -12.56 6.16
CA TYR HA 95 -62.36 -11.62 6.04
C TYR HA 95 -62.74 -10.24 6.57
N ALA HA 96 -63.90 -9.74 6.17
CA ALA HA 96 -64.33 -8.41 6.59
C ALA HA 96 -64.55 -8.35 8.10
N MET HA 97 -65.12 -9.40 8.67
CA MET HA 97 -65.31 -9.47 10.11
C MET HA 97 -63.97 -9.44 10.84
N LEU HA 98 -62.99 -10.18 10.33
CA LEU HA 98 -61.66 -10.13 10.93
C LEU HA 98 -61.07 -8.73 10.86
N ALA HA 99 -61.19 -8.09 9.69
CA ALA HA 99 -60.61 -6.77 9.51
C ALA HA 99 -61.36 -5.72 10.31
N GLY HA 100 -62.65 -5.93 10.54
CA GLY HA 100 -63.48 -4.93 11.18
C GLY HA 100 -63.99 -3.85 10.27
N ASP HA 101 -63.88 -4.02 8.95
CA ASP HA 101 -64.26 -2.99 7.99
C ASP HA 101 -64.77 -3.66 6.73
N THR HA 102 -65.66 -2.96 6.02
CA THR HA 102 -66.31 -3.49 4.82
C THR HA 102 -65.61 -3.08 3.53
N SER HA 103 -64.37 -2.62 3.59
CA SER HA 103 -63.68 -2.21 2.38
C SER HA 103 -63.38 -3.41 1.48
N ILE HA 104 -63.05 -4.55 2.07
CA ILE HA 104 -62.74 -5.73 1.26
C ILE HA 104 -63.97 -6.20 0.50
N LEU HA 105 -65.16 -6.01 1.07
CA LEU HA 105 -66.38 -6.36 0.37
C LEU HA 105 -66.59 -5.49 -0.86
N ASP HA 106 -66.28 -4.21 -0.75
CA ASP HA 106 -66.41 -3.32 -1.91
C ASP HA 106 -65.34 -3.62 -2.95
N GLU HA 107 -64.11 -3.85 -2.52
CA GLU HA 107 -63.01 -3.97 -3.47
C GLU HA 107 -63.01 -5.34 -4.15
N ARG HA 108 -63.38 -6.40 -3.43
CA ARG HA 108 -63.18 -7.75 -3.94
C ARG HA 108 -64.46 -8.56 -4.06
N VAL HA 109 -65.62 -8.01 -3.68
CA VAL HA 109 -66.86 -8.75 -3.81
C VAL HA 109 -67.85 -7.95 -4.64
N LEU HA 110 -68.21 -6.77 -4.17
CA LEU HA 110 -69.21 -5.94 -4.83
C LEU HA 110 -68.66 -5.22 -6.05
N ASN HA 111 -67.36 -5.29 -6.28
CA ASN HA 111 -66.72 -4.63 -7.42
C ASN HA 111 -67.09 -5.40 -8.68
N GLY HA 112 -68.18 -4.98 -9.31
CA GLY HA 112 -68.64 -5.60 -10.54
C GLY HA 112 -69.57 -6.78 -10.37
N LEU HA 113 -69.96 -7.13 -9.14
CA LEU HA 113 -70.83 -8.29 -8.96
C LEU HA 113 -72.27 -7.98 -9.35
N LYS HA 114 -72.78 -6.81 -8.97
CA LYS HA 114 -74.14 -6.43 -9.31
C LYS HA 114 -74.42 -6.55 -10.81
N GLU HA 115 -73.57 -5.93 -11.61
CA GLU HA 115 -73.83 -5.88 -13.04
C GLU HA 115 -73.34 -7.15 -13.76
N THR HA 116 -72.41 -7.89 -13.14
CA THR HA 116 -72.11 -9.24 -13.63
C THR HA 116 -73.32 -10.16 -13.50
N TYR HA 117 -73.99 -10.13 -12.33
CA TYR HA 117 -75.22 -10.89 -12.17
C TYR HA 117 -76.31 -10.39 -13.09
N ASN HA 118 -76.40 -9.06 -13.28
CA ASN HA 118 -77.39 -8.52 -14.20
C ASN HA 118 -77.18 -9.06 -15.61
N SER HA 119 -75.92 -9.10 -16.06
CA SER HA 119 -75.63 -9.65 -17.38
C SER HA 119 -75.98 -11.14 -17.43
N LEU HA 120 -75.63 -11.89 -16.40
CA LEU HA 120 -75.89 -13.34 -16.41
C LEU HA 120 -77.37 -13.65 -16.23
N GLY HA 121 -78.16 -12.66 -15.84
CA GLY HA 121 -79.54 -12.90 -15.50
C GLY HA 121 -79.76 -13.57 -14.17
N VAL HA 122 -78.77 -13.54 -13.29
CA VAL HA 122 -78.90 -14.16 -11.96
C VAL HA 122 -79.96 -13.42 -11.15
N PRO HA 123 -80.92 -14.11 -10.54
CA PRO HA 123 -81.95 -13.41 -9.75
C PRO HA 123 -81.37 -12.85 -8.47
N ILE HA 124 -81.47 -11.54 -8.31
CA ILE HA 124 -80.82 -10.85 -7.20
C ILE HA 124 -81.50 -11.19 -5.87
N SER HA 125 -82.83 -11.24 -5.87
CA SER HA 125 -83.55 -11.48 -4.62
C SER HA 125 -83.21 -12.84 -4.04
N SER HA 126 -83.04 -13.85 -4.89
CA SER HA 126 -82.67 -15.18 -4.39
C SER HA 126 -81.26 -15.19 -3.84
N THR HA 127 -80.35 -14.41 -4.44
CA THR HA 127 -79.01 -14.28 -3.88
C THR HA 127 -79.07 -13.61 -2.51
N VAL HA 128 -79.91 -12.59 -2.35
CA VAL HA 128 -80.10 -11.96 -1.05
C VAL HA 128 -80.63 -12.98 -0.05
N GLN HA 129 -81.59 -13.80 -0.46
CA GLN HA 129 -82.12 -14.84 0.43
C GLN HA 129 -81.03 -15.82 0.84
N GLY HA 130 -80.17 -16.21 -0.10
CA GLY HA 130 -79.07 -17.10 0.24
C GLY HA 130 -78.10 -16.48 1.23
N ILE HA 131 -77.79 -15.19 1.05
CA ILE HA 131 -76.93 -14.50 2.00
C ILE HA 131 -77.57 -14.46 3.38
N GLN HA 132 -78.87 -14.17 3.44
CA GLN HA 132 -79.56 -14.20 4.72
C GLN HA 132 -79.50 -15.58 5.35
N ALA HA 133 -79.72 -16.63 4.55
CA ALA HA 133 -79.65 -17.99 5.07
C ALA HA 133 -78.28 -18.28 5.68
N MET HA 134 -77.21 -17.93 4.97
CA MET HA 134 -75.88 -18.07 5.55
C MET HA 134 -75.77 -17.25 6.83
N LYS HA 135 -76.48 -16.13 6.90
CA LYS HA 135 -76.42 -15.31 8.11
C LYS HA 135 -76.99 -16.05 9.32
N GLU HA 136 -78.18 -16.64 9.20
CA GLU HA 136 -78.69 -17.39 10.35
C GLU HA 136 -77.80 -18.60 10.66
N VAL HA 137 -77.32 -19.28 9.62
CA VAL HA 137 -76.55 -20.50 9.83
C VAL HA 137 -75.25 -20.18 10.57
N THR HA 138 -74.57 -19.11 10.15
CA THR HA 138 -73.35 -18.68 10.82
C THR HA 138 -73.64 -18.21 12.24
N GLY HA 139 -74.74 -17.47 12.43
CA GLY HA 139 -75.06 -16.99 13.77
C GLY HA 139 -75.26 -18.12 14.76
N SER HA 140 -75.96 -19.17 14.32
CA SER HA 140 -76.17 -20.31 15.20
C SER HA 140 -74.87 -20.93 15.67
N LEU HA 141 -73.85 -20.93 14.81
CA LEU HA 141 -72.59 -21.59 15.16
C LEU HA 141 -71.65 -20.66 15.92
N VAL HA 142 -71.79 -19.35 15.75
CA VAL HA 142 -70.82 -18.43 16.35
C VAL HA 142 -71.33 -17.77 17.63
N GLY HA 143 -72.61 -17.84 17.93
CA GLY HA 143 -73.10 -17.25 19.16
C GLY HA 143 -73.45 -15.79 18.99
N SER HA 144 -73.82 -15.15 20.12
CA SER HA 144 -74.55 -13.88 20.05
C SER HA 144 -73.73 -12.75 19.47
N GLY HA 145 -72.62 -12.39 20.11
CA GLY HA 145 -71.86 -11.23 19.68
C GLY HA 145 -71.23 -11.42 18.31
N ALA HA 146 -70.63 -12.59 18.09
CA ALA HA 146 -70.07 -12.89 16.79
C ALA HA 146 -71.15 -12.94 15.72
N ALA HA 147 -72.38 -13.32 16.10
CA ALA HA 147 -73.47 -13.37 15.13
C ALA HA 147 -73.92 -11.97 14.75
N LYS HA 148 -73.97 -11.06 15.71
CA LYS HA 148 -74.25 -9.66 15.39
C LYS HA 148 -73.17 -9.09 14.48
N GLU HA 149 -71.90 -9.37 14.79
CA GLU HA 149 -70.80 -8.86 13.98
C GLU HA 149 -70.87 -9.40 12.56
N MET HA 150 -71.11 -10.71 12.41
CA MET HA 150 -71.25 -11.28 11.07
C MET HA 150 -72.49 -10.76 10.37
N GLY HA 151 -73.58 -10.55 11.11
CA GLY HA 151 -74.79 -10.04 10.49
C GLY HA 151 -74.59 -8.65 9.90
N VAL HA 152 -73.72 -7.86 10.52
CA VAL HA 152 -73.40 -6.56 9.94
C VAL HA 152 -72.87 -6.72 8.51
N TYR HA 153 -71.89 -7.59 8.32
CA TYR HA 153 -71.29 -7.76 7.00
C TYR HA 153 -72.22 -8.49 6.05
N PHE HA 154 -73.04 -9.41 6.57
CA PHE HA 154 -74.02 -10.08 5.73
C PHE HA 154 -75.05 -9.09 5.20
N ASP HA 155 -75.52 -8.19 6.06
CA ASP HA 155 -76.47 -7.17 5.61
C ASP HA 155 -75.80 -6.21 4.65
N TYR HA 156 -74.52 -5.92 4.84
CA TYR HA 156 -73.80 -5.11 3.86
C TYR HA 156 -73.76 -5.78 2.51
N LEU HA 157 -73.47 -7.09 2.48
CA LEU HA 157 -73.49 -7.84 1.23
C LEU HA 157 -74.88 -7.85 0.60
N SER HA 158 -75.90 -8.04 1.43
CA SER HA 158 -77.27 -8.05 0.92
C SER HA 158 -77.65 -6.72 0.29
N SER HA 159 -77.27 -5.62 0.93
CA SER HA 159 -77.52 -4.30 0.37
C SER HA 159 -76.74 -4.09 -0.92
N GLY HA 160 -75.48 -4.54 -0.95
CA GLY HA 160 -74.68 -4.35 -2.15
C GLY HA 160 -75.22 -5.11 -3.35
N LEU HA 161 -75.65 -6.36 -3.14
CA LEU HA 161 -76.24 -7.11 -4.23
C LEU HA 161 -77.60 -6.54 -4.62
N SER HA 162 -78.39 -6.09 -3.65
CA SER HA 162 -79.69 -5.52 -3.95
C SER HA 162 -79.54 -4.21 -4.72
N MET IA 1 -71.86 -22.47 -29.31
CA MET IA 1 -72.80 -22.33 -30.42
C MET IA 1 -73.81 -23.47 -30.44
N GLN IA 2 -74.93 -23.24 -31.12
CA GLN IA 2 -76.03 -24.19 -31.18
C GLN IA 2 -76.26 -24.63 -32.62
N ASP IA 3 -76.46 -25.93 -32.80
CA ASP IA 3 -77.05 -26.42 -34.05
C ASP IA 3 -78.53 -26.67 -33.81
N ALA IA 4 -79.19 -27.29 -34.79
CA ALA IA 4 -80.61 -27.62 -34.64
C ALA IA 4 -80.81 -28.61 -33.49
N ILE IA 5 -79.96 -29.63 -33.42
CA ILE IA 5 -80.11 -30.67 -32.41
C ILE IA 5 -79.91 -30.09 -31.01
N THR IA 6 -78.89 -29.24 -30.84
CA THR IA 6 -78.68 -28.62 -29.53
C THR IA 6 -79.80 -27.64 -29.20
N SER IA 7 -80.37 -26.98 -30.21
CA SER IA 7 -81.50 -26.10 -29.94
C SER IA 7 -82.69 -26.90 -29.40
N VAL IA 8 -82.99 -28.04 -30.01
CA VAL IA 8 -84.09 -28.88 -29.55
C VAL IA 8 -83.79 -29.41 -28.15
N ILE IA 9 -82.56 -29.85 -27.91
CA ILE IA 9 -82.16 -30.37 -26.61
C ILE IA 9 -82.29 -29.28 -25.55
N ASN IA 10 -81.86 -28.06 -25.86
CA ASN IA 10 -81.99 -26.96 -24.91
C ASN IA 10 -83.44 -26.66 -24.59
N THR IA 11 -84.31 -26.63 -25.61
CA THR IA 11 -85.72 -26.37 -25.33
C THR IA 11 -86.30 -27.43 -24.41
N TYR IA 12 -86.03 -28.70 -24.71
CA TYR IA 12 -86.66 -29.77 -23.94
C TYR IA 12 -85.96 -29.99 -22.60
N ASP IA 13 -84.79 -29.37 -22.41
CA ASP IA 13 -84.13 -29.49 -21.11
C ASP IA 13 -84.51 -28.32 -20.20
N VAL IA 14 -84.66 -27.12 -20.77
CA VAL IA 14 -85.21 -26.00 -20.02
C VAL IA 14 -86.64 -26.32 -19.57
N GLN IA 15 -87.40 -27.02 -20.42
CA GLN IA 15 -88.70 -27.48 -19.96
C GLN IA 15 -88.63 -28.77 -19.17
N GLY IA 16 -87.45 -29.38 -19.06
CA GLY IA 16 -87.27 -30.57 -18.25
C GLY IA 16 -88.06 -31.77 -18.72
N LYS IA 17 -88.28 -31.89 -20.02
CA LYS IA 17 -89.09 -32.94 -20.58
C LYS IA 17 -88.27 -33.84 -21.48
N TYR IA 18 -88.75 -35.07 -21.64
CA TYR IA 18 -88.22 -35.95 -22.65
C TYR IA 18 -88.73 -35.53 -24.03
N PHE IA 19 -88.06 -36.02 -25.06
CA PHE IA 19 -88.44 -35.69 -26.42
C PHE IA 19 -89.84 -36.20 -26.72
N ASP IA 20 -90.73 -35.29 -27.11
CA ASP IA 20 -92.06 -35.68 -27.55
C ASP IA 20 -92.04 -35.93 -29.05
N THR IA 21 -93.22 -36.11 -29.64
CA THR IA 21 -93.30 -36.43 -31.06
C THR IA 21 -92.77 -35.29 -31.92
N SER IA 22 -93.07 -34.04 -31.54
CA SER IA 22 -92.62 -32.90 -32.33
C SER IA 22 -91.11 -32.78 -32.35
N ALA IA 23 -90.46 -33.04 -31.21
CA ALA IA 23 -89.01 -32.96 -31.16
C ALA IA 23 -88.37 -34.03 -32.05
N PHE IA 24 -88.91 -35.24 -32.01
CA PHE IA 24 -88.43 -36.30 -32.89
C PHE IA 24 -88.66 -35.94 -34.35
N ASP IA 25 -89.77 -35.27 -34.65
CA ASP IA 25 -90.02 -34.80 -36.02
C ASP IA 25 -88.98 -33.78 -36.45
N LYS IA 26 -88.64 -32.83 -35.57
CA LYS IA 26 -87.61 -31.85 -35.91
C LYS IA 26 -86.25 -32.52 -36.10
N LEU IA 27 -85.95 -33.51 -35.26
CA LEU IA 27 -84.68 -34.23 -35.42
C LEU IA 27 -84.63 -34.98 -36.73
N LYS IA 28 -85.74 -35.62 -37.13
CA LYS IA 28 -85.78 -36.25 -38.44
C LYS IA 28 -85.63 -35.24 -39.56
N ALA IA 29 -86.26 -34.07 -39.42
CA ALA IA 29 -86.13 -33.04 -40.44
C ALA IA 29 -84.69 -32.60 -40.61
N TYR IA 30 -83.97 -32.43 -39.49
CA TYR IA 30 -82.56 -32.08 -39.59
C TYR IA 30 -81.74 -33.20 -40.21
N TYR IA 31 -81.96 -34.44 -39.77
CA TYR IA 31 -81.15 -35.55 -40.27
C TYR IA 31 -81.36 -35.77 -41.76
N ALA IA 32 -82.59 -35.59 -42.23
CA ALA IA 32 -82.90 -35.82 -43.64
C ALA IA 32 -82.16 -34.82 -44.54
N THR IA 33 -81.99 -33.60 -44.07
CA THR IA 33 -81.30 -32.56 -44.82
C THR IA 33 -79.80 -32.58 -44.62
N GLY IA 34 -79.27 -33.54 -43.85
CA GLY IA 34 -77.86 -33.51 -43.51
C GLY IA 34 -76.95 -33.71 -44.70
N GLU IA 35 -77.27 -34.69 -45.56
CA GLU IA 35 -76.41 -34.97 -46.70
C GLU IA 35 -76.40 -33.80 -47.68
N LEU IA 36 -77.55 -33.16 -47.87
CA LEU IA 36 -77.60 -31.96 -48.70
C LEU IA 36 -76.64 -30.90 -48.17
N ARG IA 37 -76.66 -30.66 -46.86
CA ARG IA 37 -75.79 -29.67 -46.25
C ARG IA 37 -74.33 -30.06 -46.41
N VAL IA 38 -74.00 -31.34 -46.25
CA VAL IA 38 -72.60 -31.76 -46.38
C VAL IA 38 -72.10 -31.57 -47.80
N ARG IA 39 -72.92 -31.93 -48.80
CA ARG IA 39 -72.52 -31.72 -50.18
C ARG IA 39 -72.37 -30.24 -50.49
N ALA IA 40 -73.29 -29.40 -50.02
CA ALA IA 40 -73.18 -27.98 -50.28
C ALA IA 40 -71.94 -27.38 -49.61
N ALA IA 41 -71.63 -27.83 -48.39
CA ALA IA 41 -70.45 -27.33 -47.69
C ALA IA 41 -69.18 -27.74 -48.40
N GLY IA 42 -69.12 -28.98 -48.89
CA GLY IA 42 -67.95 -29.41 -49.64
C GLY IA 42 -67.79 -28.64 -50.94
N THR IA 43 -68.91 -28.38 -51.62
CA THR IA 43 -68.86 -27.57 -52.84
C THR IA 43 -68.36 -26.17 -52.56
N ILE IA 44 -68.86 -25.55 -51.49
CA ILE IA 44 -68.44 -24.19 -51.15
C ILE IA 44 -66.96 -24.16 -50.78
N SER IA 45 -66.51 -25.14 -50.01
CA SER IA 45 -65.10 -25.21 -49.64
C SER IA 45 -64.23 -25.41 -50.88
N ALA IA 46 -64.69 -26.20 -51.84
CA ALA IA 46 -63.93 -26.41 -53.06
C ALA IA 46 -63.76 -25.12 -53.85
N ASN IA 47 -64.80 -24.28 -53.87
CA ASN IA 47 -64.82 -23.09 -54.70
C ASN IA 47 -64.83 -21.81 -53.89
N ALA IA 48 -64.31 -21.82 -52.65
CA ALA IA 48 -64.36 -20.63 -51.83
C ALA IA 48 -63.56 -19.47 -52.43
N ALA IA 49 -62.35 -19.77 -52.90
CA ALA IA 49 -61.52 -18.73 -53.50
C ALA IA 49 -62.20 -18.14 -54.74
N THR IA 50 -62.75 -19.00 -55.60
CA THR IA 50 -63.45 -18.52 -56.78
C THR IA 50 -64.67 -17.68 -56.41
N ILE IA 51 -65.42 -18.13 -55.41
CA ILE IA 51 -66.62 -17.39 -55.00
C ILE IA 51 -66.22 -15.99 -54.55
N ILE IA 52 -65.17 -15.88 -53.74
CA ILE IA 52 -64.75 -14.56 -53.28
C ILE IA 52 -64.19 -13.73 -54.42
N LYS IA 53 -63.44 -14.36 -55.33
CA LYS IA 53 -62.97 -13.68 -56.54
C LYS IA 53 -64.12 -12.99 -57.24
N GLU IA 54 -65.12 -13.76 -57.64
CA GLU IA 54 -66.19 -13.23 -58.47
C GLU IA 54 -67.10 -12.29 -57.68
N ALA IA 55 -67.31 -12.57 -56.39
CA ALA IA 55 -68.14 -11.70 -55.59
C ALA IA 55 -67.51 -10.32 -55.42
N SER IA 56 -66.21 -10.27 -55.14
CA SER IA 56 -65.53 -8.99 -55.07
C SER IA 56 -65.49 -8.31 -56.43
N ALA IA 57 -65.34 -9.08 -57.50
CA ALA IA 57 -65.36 -8.49 -58.84
C ALA IA 57 -66.69 -7.80 -59.11
N LYS IA 58 -67.81 -8.48 -58.80
CA LYS IA 58 -69.12 -7.88 -58.99
C LYS IA 58 -69.32 -6.67 -58.09
N LEU IA 59 -68.87 -6.76 -56.84
CA LEU IA 59 -69.02 -5.64 -55.92
C LEU IA 59 -68.27 -4.41 -56.41
N PHE IA 60 -67.05 -4.59 -56.90
CA PHE IA 60 -66.25 -3.45 -57.30
C PHE IA 60 -66.54 -3.03 -58.73
N SER IA 61 -67.29 -3.84 -59.48
CA SER IA 61 -67.78 -3.39 -60.78
C SER IA 61 -69.04 -2.56 -60.61
N ASN IA 62 -69.96 -2.99 -59.76
CA ASN IA 62 -71.18 -2.21 -59.52
C ASN IA 62 -70.86 -0.91 -58.80
N GLN IA 63 -69.90 -0.93 -57.89
CA GLN IA 63 -69.48 0.26 -57.14
C GLN IA 63 -67.98 0.43 -57.31
N PRO IA 64 -67.55 1.00 -58.43
CA PRO IA 64 -66.09 1.17 -58.65
C PRO IA 64 -65.47 2.23 -57.77
N ASP IA 65 -66.27 3.13 -57.19
CA ASP IA 65 -65.69 4.19 -56.37
C ASP IA 65 -65.09 3.65 -55.07
N LEU IA 66 -65.46 2.42 -54.70
CA LEU IA 66 -64.93 1.84 -53.46
C LEU IA 66 -63.42 1.65 -53.54
N VAL IA 67 -62.91 1.32 -54.72
CA VAL IA 67 -61.48 0.98 -54.83
C VAL IA 67 -60.71 2.12 -55.45
N ARG IA 68 -61.40 3.14 -55.97
CA ARG IA 68 -60.73 4.35 -56.41
C ARG IA 68 -60.38 5.22 -55.21
N PRO IA 69 -59.43 6.14 -55.37
CA PRO IA 69 -59.03 6.99 -54.24
C PRO IA 69 -60.22 7.72 -53.64
N GLY IA 70 -60.26 7.74 -52.31
CA GLY IA 70 -61.41 8.22 -51.57
C GLY IA 70 -62.41 7.16 -51.20
N GLY IA 71 -62.38 6.00 -51.87
CA GLY IA 71 -63.23 4.90 -51.46
C GLY IA 71 -62.71 4.21 -50.22
N ASN IA 72 -63.62 3.55 -49.50
CA ASN IA 72 -63.23 2.89 -48.27
C ASN IA 72 -62.31 1.71 -48.55
N ALA IA 73 -62.38 1.13 -49.74
CA ALA IA 73 -61.51 0.03 -50.10
C ALA IA 73 -60.32 0.47 -50.94
N TYR IA 74 -59.95 1.75 -50.89
CA TYR IA 74 -58.77 2.22 -51.61
C TYR IA 74 -57.53 2.19 -50.72
N THR IA 75 -56.84 1.05 -50.74
CA THR IA 75 -55.47 0.85 -50.32
C THR IA 75 -55.24 -0.64 -50.53
N THR IA 76 -54.01 -1.11 -50.61
CA THR IA 76 -53.82 -2.56 -50.58
C THR IA 76 -54.32 -3.11 -49.25
N ARG IA 77 -54.08 -2.38 -48.17
CA ARG IA 77 -54.54 -2.79 -46.85
C ARG IA 77 -56.05 -2.85 -46.76
N ARG IA 78 -56.73 -1.83 -47.27
CA ARG IA 78 -58.18 -1.77 -47.11
C ARG IA 78 -58.89 -2.71 -48.08
N TYR IA 79 -58.34 -2.86 -49.29
CA TYR IA 79 -58.86 -3.87 -50.20
C TYR IA 79 -58.67 -5.27 -49.62
N ALA IA 80 -57.51 -5.52 -49.01
CA ALA IA 80 -57.27 -6.80 -48.37
C ALA IA 80 -58.24 -7.04 -47.22
N ALA IA 81 -58.51 -6.01 -46.43
CA ALA IA 81 -59.47 -6.13 -45.34
C ALA IA 81 -60.87 -6.39 -45.88
N CYS IA 82 -61.22 -5.79 -47.02
CA CYS IA 82 -62.52 -6.03 -47.62
C CYS IA 82 -62.68 -7.47 -48.08
N VAL IA 83 -61.70 -7.99 -48.81
CA VAL IA 83 -61.82 -9.37 -49.30
C VAL IA 83 -61.71 -10.36 -48.14
N ARG IA 84 -60.95 -10.02 -47.10
CA ARG IA 84 -60.89 -10.87 -45.93
C ARG IA 84 -62.21 -10.88 -45.17
N ASP IA 85 -62.89 -9.74 -45.11
CA ASP IA 85 -64.23 -9.70 -44.51
C ASP IA 85 -65.20 -10.56 -45.29
N MET IA 86 -65.12 -10.50 -46.63
CA MET IA 86 -65.97 -11.35 -47.45
C MET IA 86 -65.66 -12.83 -47.21
N ASP IA 87 -64.38 -13.16 -47.06
CA ASP IA 87 -63.98 -14.52 -46.68
C ASP IA 87 -64.64 -14.94 -45.38
N TYR IA 88 -64.60 -14.07 -44.37
CA TYR IA 88 -65.24 -14.36 -43.10
C TYR IA 88 -66.72 -14.64 -43.29
N PHE IA 89 -67.41 -13.78 -44.04
CA PHE IA 89 -68.85 -13.95 -44.23
C PHE IA 89 -69.16 -15.28 -44.90
N LEU IA 90 -68.40 -15.63 -45.94
CA LEU IA 90 -68.65 -16.89 -46.64
C LEU IA 90 -68.40 -18.08 -45.72
N ARG IA 91 -67.28 -18.08 -44.99
CA ARG IA 91 -66.95 -19.21 -44.14
C ARG IA 91 -67.98 -19.39 -43.03
N TYR IA 92 -68.43 -18.30 -42.43
CA TYR IA 92 -69.38 -18.41 -41.33
C TYR IA 92 -70.79 -18.71 -41.83
N ALA IA 93 -71.14 -18.26 -43.03
CA ALA IA 93 -72.41 -18.69 -43.60
C ALA IA 93 -72.39 -20.18 -43.91
N THR IA 94 -71.24 -20.71 -44.34
CA THR IA 94 -71.12 -22.14 -44.50
C THR IA 94 -71.25 -22.87 -43.17
N TYR IA 95 -70.60 -22.35 -42.11
CA TYR IA 95 -70.75 -22.94 -40.79
C TYR IA 95 -72.22 -22.96 -40.37
N ALA IA 96 -72.92 -21.86 -40.58
CA ALA IA 96 -74.32 -21.77 -40.18
C ALA IA 96 -75.20 -22.71 -40.98
N MET IA 97 -74.94 -22.84 -42.28
CA MET IA 97 -75.71 -23.78 -43.09
C MET IA 97 -75.47 -25.21 -42.65
N LEU IA 98 -74.23 -25.54 -42.30
CA LEU IA 98 -73.93 -26.90 -41.88
C LEU IA 98 -74.55 -27.19 -40.52
N ALA IA 99 -74.58 -26.21 -39.63
CA ALA IA 99 -75.22 -26.40 -38.33
C ALA IA 99 -76.74 -26.44 -38.46
N GLY IA 100 -77.28 -25.82 -39.50
CA GLY IA 100 -78.70 -25.67 -39.63
C GLY IA 100 -79.31 -24.61 -38.74
N ASP IA 101 -78.49 -23.75 -38.14
CA ASP IA 101 -78.96 -22.77 -37.18
C ASP IA 101 -78.12 -21.50 -37.34
N THR IA 102 -78.71 -20.38 -36.96
CA THR IA 102 -78.08 -19.07 -37.16
C THR IA 102 -77.41 -18.54 -35.91
N SER IA 103 -77.32 -19.32 -34.83
CA SER IA 103 -76.73 -18.82 -33.60
C SER IA 103 -75.25 -18.53 -33.77
N ILE IA 104 -74.56 -19.30 -34.61
CA ILE IA 104 -73.15 -19.02 -34.82
C ILE IA 104 -72.97 -17.68 -35.53
N LEU IA 105 -73.89 -17.35 -36.44
CA LEU IA 105 -73.79 -16.08 -37.16
C LEU IA 105 -73.81 -14.90 -36.21
N ASP IA 106 -74.94 -14.70 -35.51
CA ASP IA 106 -75.02 -13.54 -34.64
C ASP IA 106 -74.03 -13.64 -33.49
N GLU IA 107 -73.74 -14.87 -33.03
CA GLU IA 107 -72.83 -15.06 -31.90
C GLU IA 107 -71.41 -14.62 -32.22
N ARG IA 108 -70.90 -14.97 -33.40
CA ARG IA 108 -69.48 -14.78 -33.67
C ARG IA 108 -69.17 -13.91 -34.89
N VAL IA 109 -70.18 -13.29 -35.50
CA VAL IA 109 -69.95 -12.39 -36.63
C VAL IA 109 -70.60 -11.05 -36.33
N LEU IA 110 -71.82 -11.10 -35.82
CA LEU IA 110 -72.69 -9.93 -35.87
C LEU IA 110 -72.63 -9.08 -34.62
N ASN IA 111 -72.16 -9.64 -33.50
CA ASN IA 111 -72.09 -8.84 -32.28
C ASN IA 111 -71.09 -7.71 -32.44
N GLY IA 112 -71.60 -6.49 -32.54
CA GLY IA 112 -70.76 -5.32 -32.68
C GLY IA 112 -70.28 -5.04 -34.08
N LEU IA 113 -70.64 -5.87 -35.06
CA LEU IA 113 -70.19 -5.65 -36.42
C LEU IA 113 -70.75 -4.35 -36.98
N LYS IA 114 -72.03 -4.08 -36.74
CA LYS IA 114 -72.59 -2.80 -37.16
C LYS IA 114 -71.88 -1.64 -36.49
N GLU IA 115 -71.67 -1.74 -35.18
CA GLU IA 115 -70.96 -0.68 -34.46
C GLU IA 115 -69.53 -0.54 -34.95
N THR IA 116 -68.84 -1.67 -35.18
CA THR IA 116 -67.46 -1.60 -35.64
C THR IA 116 -67.37 -0.95 -37.02
N TYR IA 117 -68.27 -1.33 -37.93
CA TYR IA 117 -68.25 -0.74 -39.27
C TYR IA 117 -68.61 0.73 -39.24
N ASN IA 118 -69.52 1.14 -38.35
CA ASN IA 118 -69.86 2.55 -38.24
C ASN IA 118 -68.69 3.34 -37.65
N SER IA 119 -67.98 2.75 -36.69
CA SER IA 119 -66.80 3.41 -36.13
C SER IA 119 -65.70 3.55 -37.17
N LEU IA 120 -65.51 2.52 -38.00
CA LEU IA 120 -64.44 2.54 -38.99
C LEU IA 120 -64.78 3.42 -40.18
N GLY IA 121 -66.07 3.56 -40.49
CA GLY IA 121 -66.48 4.20 -41.71
C GLY IA 121 -66.79 3.25 -42.83
N VAL IA 122 -66.80 1.95 -42.57
CA VAL IA 122 -67.18 0.95 -43.57
C VAL IA 122 -68.63 1.17 -43.99
N PRO IA 123 -68.92 1.32 -45.28
CA PRO IA 123 -70.33 1.51 -45.69
C PRO IA 123 -71.12 0.22 -45.54
N ILE IA 124 -72.21 0.29 -44.77
CA ILE IA 124 -73.02 -0.89 -44.51
C ILE IA 124 -73.70 -1.38 -45.78
N SER IA 125 -74.23 -0.46 -46.59
CA SER IA 125 -74.97 -0.86 -47.78
C SER IA 125 -74.05 -1.53 -48.80
N SER IA 126 -72.81 -1.04 -48.91
CA SER IA 126 -71.86 -1.67 -49.82
C SER IA 126 -71.49 -3.08 -49.36
N THR IA 127 -71.30 -3.25 -48.05
CA THR IA 127 -71.03 -4.59 -47.54
C THR IA 127 -72.22 -5.52 -47.76
N VAL IA 128 -73.44 -4.98 -47.63
CA VAL IA 128 -74.64 -5.76 -47.89
C VAL IA 128 -74.68 -6.18 -49.36
N GLN IA 129 -74.33 -5.27 -50.26
CA GLN IA 129 -74.28 -5.60 -51.68
C GLN IA 129 -73.22 -6.67 -51.95
N GLY IA 130 -72.07 -6.58 -51.28
CA GLY IA 130 -71.07 -7.62 -51.43
C GLY IA 130 -71.53 -8.98 -50.94
N ILE IA 131 -72.25 -8.99 -49.82
CA ILE IA 131 -72.83 -10.23 -49.33
C ILE IA 131 -73.85 -10.78 -50.31
N GLN IA 132 -74.63 -9.90 -50.94
CA GLN IA 132 -75.60 -10.35 -51.95
C GLN IA 132 -74.89 -10.91 -53.18
N ALA IA 133 -73.76 -10.32 -53.56
CA ALA IA 133 -72.98 -10.88 -54.65
C ALA IA 133 -72.46 -12.28 -54.31
N MET IA 134 -71.96 -12.45 -53.08
CA MET IA 134 -71.58 -13.78 -52.61
C MET IA 134 -72.77 -14.73 -52.68
N LYS IA 135 -73.95 -14.26 -52.26
CA LYS IA 135 -75.16 -15.06 -52.34
C LYS IA 135 -75.42 -15.53 -53.76
N GLU IA 136 -75.38 -14.63 -54.73
CA GLU IA 136 -75.68 -15.00 -56.11
C GLU IA 136 -74.66 -16.00 -56.64
N VAL IA 137 -73.37 -15.74 -56.41
CA VAL IA 137 -72.34 -16.65 -56.93
C VAL IA 137 -72.48 -18.03 -56.29
N THR IA 138 -72.63 -18.07 -54.97
CA THR IA 138 -72.76 -19.35 -54.28
C THR IA 138 -74.02 -20.09 -54.71
N GLY IA 139 -75.13 -19.38 -54.88
CA GLY IA 139 -76.36 -20.03 -55.30
C GLY IA 139 -76.26 -20.58 -56.71
N SER IA 140 -75.68 -19.82 -57.64
CA SER IA 140 -75.49 -20.32 -58.99
C SER IA 140 -74.51 -21.49 -58.99
N LEU IA 141 -73.72 -21.62 -57.93
CA LEU IA 141 -72.74 -22.70 -57.89
C LEU IA 141 -73.31 -23.99 -57.32
N VAL IA 142 -73.91 -23.93 -56.13
CA VAL IA 142 -74.18 -25.14 -55.35
C VAL IA 142 -75.36 -25.92 -55.92
N GLY IA 143 -76.43 -25.24 -56.28
CA GLY IA 143 -77.67 -25.87 -56.68
C GLY IA 143 -78.86 -25.33 -55.91
N SER IA 144 -80.04 -25.52 -56.52
CA SER IA 144 -81.23 -24.76 -56.13
C SER IA 144 -81.57 -24.91 -54.66
N GLY IA 145 -81.67 -26.15 -54.17
CA GLY IA 145 -81.97 -26.36 -52.76
C GLY IA 145 -80.88 -25.83 -51.85
N ALA IA 146 -79.63 -26.17 -52.17
CA ALA IA 146 -78.51 -25.62 -51.42
C ALA IA 146 -78.43 -24.10 -51.59
N ALA IA 147 -78.86 -23.60 -52.75
CA ALA IA 147 -78.90 -22.16 -52.95
C ALA IA 147 -79.87 -21.50 -51.97
N LYS IA 148 -81.05 -22.09 -51.79
CA LYS IA 148 -82.01 -21.56 -50.83
C LYS IA 148 -81.47 -21.66 -49.40
N GLU IA 149 -80.84 -22.80 -49.08
CA GLU IA 149 -80.26 -22.97 -47.76
C GLU IA 149 -79.22 -21.88 -47.47
N MET IA 150 -78.26 -21.70 -48.37
CA MET IA 150 -77.26 -20.65 -48.16
C MET IA 150 -77.89 -19.26 -48.19
N GLY IA 151 -78.95 -19.08 -48.97
CA GLY IA 151 -79.61 -17.80 -49.04
C GLY IA 151 -80.22 -17.39 -47.71
N VAL IA 152 -80.72 -18.37 -46.97
CA VAL IA 152 -81.26 -18.07 -45.63
C VAL IA 152 -80.20 -17.41 -44.75
N TYR IA 153 -79.00 -17.97 -44.72
CA TYR IA 153 -77.96 -17.46 -43.83
C TYR IA 153 -77.32 -16.19 -44.38
N PHE IA 154 -77.20 -16.09 -45.71
CA PHE IA 154 -76.74 -14.84 -46.30
C PHE IA 154 -77.71 -13.71 -46.00
N ASP IA 155 -79.01 -13.99 -46.07
CA ASP IA 155 -80.01 -12.99 -45.73
C ASP IA 155 -79.97 -12.66 -44.24
N TYR IA 156 -79.66 -13.64 -43.39
CA TYR IA 156 -79.49 -13.35 -41.98
C TYR IA 156 -78.34 -12.38 -41.75
N LEU IA 157 -77.21 -12.61 -42.44
CA LEU IA 157 -76.09 -11.67 -42.33
C LEU IA 157 -76.46 -10.29 -42.84
N SER IA 158 -77.15 -10.23 -43.99
CA SER IA 158 -77.51 -8.94 -44.56
C SER IA 158 -78.47 -8.18 -43.66
N SER IA 159 -79.43 -8.89 -43.05
CA SER IA 159 -80.37 -8.24 -42.14
C SER IA 159 -79.68 -7.81 -40.85
N GLY IA 160 -78.71 -8.60 -40.38
CA GLY IA 160 -77.98 -8.20 -39.19
C GLY IA 160 -77.14 -6.97 -39.40
N LEU IA 161 -76.50 -6.85 -40.57
CA LEU IA 161 -75.66 -5.70 -40.84
C LEU IA 161 -76.49 -4.43 -41.03
N SER IA 162 -77.63 -4.55 -41.70
CA SER IA 162 -78.46 -3.37 -41.97
C SER IA 162 -79.63 -3.27 -40.99
N MET JA 1 -39.07 -25.54 2.76
CA MET JA 1 -37.80 -25.68 3.49
C MET JA 1 -37.97 -26.52 4.75
N GLN JA 2 -37.02 -26.38 5.66
CA GLN JA 2 -36.96 -27.21 6.85
C GLN JA 2 -36.24 -26.47 7.96
N ASP JA 3 -36.78 -26.54 9.17
CA ASP JA 3 -36.13 -25.98 10.34
C ASP JA 3 -35.86 -27.11 11.33
N ALA JA 4 -35.38 -26.74 12.52
CA ALA JA 4 -35.08 -27.75 13.52
C ALA JA 4 -36.34 -28.48 13.98
N ILE JA 5 -37.41 -27.74 14.21
CA ILE JA 5 -38.68 -28.35 14.62
C ILE JA 5 -39.15 -29.30 13.53
N THR JA 6 -39.18 -28.83 12.30
CA THR JA 6 -39.60 -29.66 11.18
C THR JA 6 -38.63 -30.81 10.95
N SER JA 7 -37.35 -30.61 11.29
CA SER JA 7 -36.40 -31.71 11.16
C SER JA 7 -36.73 -32.84 12.13
N VAL JA 8 -37.01 -32.52 13.39
CA VAL JA 8 -37.42 -33.54 14.34
C VAL JA 8 -38.72 -34.20 13.88
N ILE JA 9 -39.68 -33.40 13.44
CA ILE JA 9 -40.96 -33.93 13.00
C ILE JA 9 -40.77 -34.90 11.84
N ASN JA 10 -39.94 -34.54 10.87
CA ASN JA 10 -39.72 -35.41 9.72
C ASN JA 10 -38.99 -36.68 10.12
N THR JA 11 -38.00 -36.57 11.00
CA THR JA 11 -37.29 -37.76 11.45
C THR JA 11 -38.24 -38.75 12.11
N TYR JA 12 -39.16 -38.25 12.94
CA TYR JA 12 -40.09 -39.17 13.60
C TYR JA 12 -41.22 -39.60 12.69
N ASP JA 13 -41.52 -38.82 11.65
CA ASP JA 13 -42.56 -39.23 10.70
C ASP JA 13 -42.07 -40.33 9.77
N VAL JA 14 -40.80 -40.28 9.38
CA VAL JA 14 -40.25 -41.34 8.55
C VAL JA 14 -40.23 -42.65 9.31
N GLN JA 15 -40.07 -42.59 10.63
CA GLN JA 15 -40.15 -43.78 11.46
C GLN JA 15 -41.57 -44.13 11.86
N GLY JA 16 -42.54 -43.26 11.60
CA GLY JA 16 -43.92 -43.53 12.01
C GLY JA 16 -44.08 -43.60 13.52
N LYS JA 17 -43.41 -42.71 14.24
CA LYS JA 17 -43.34 -42.78 15.69
C LYS JA 17 -43.87 -41.50 16.30
N TYR JA 18 -44.59 -41.65 17.40
CA TYR JA 18 -44.88 -40.52 18.26
C TYR JA 18 -43.61 -40.04 18.95
N PHE JA 19 -43.64 -38.81 19.44
CA PHE JA 19 -42.45 -38.21 20.02
C PHE JA 19 -41.98 -38.99 21.25
N ASP JA 20 -40.66 -39.10 21.37
CA ASP JA 20 -40.02 -39.74 22.49
C ASP JA 20 -39.35 -38.69 23.37
N THR JA 21 -38.68 -39.15 24.43
CA THR JA 21 -37.98 -38.22 25.31
C THR JA 21 -36.83 -37.53 24.60
N SER JA 22 -36.15 -38.23 23.69
CA SER JA 22 -35.07 -37.61 22.92
C SER JA 22 -35.61 -36.50 22.02
N ALA JA 23 -36.75 -36.75 21.37
CA ALA JA 23 -37.35 -35.73 20.52
C ALA JA 23 -37.73 -34.50 21.34
N PHE JA 24 -38.32 -34.71 22.52
CA PHE JA 24 -38.68 -33.59 23.37
C PHE JA 24 -37.44 -32.85 23.84
N ASP JA 25 -36.35 -33.58 24.09
CA ASP JA 25 -35.10 -32.93 24.48
C ASP JA 25 -34.55 -32.04 23.37
N LYS JA 26 -34.55 -32.54 22.13
CA LYS JA 26 -34.10 -31.72 21.02
C LYS JA 26 -34.98 -30.50 20.83
N LEU JA 27 -36.30 -30.68 20.96
CA LEU JA 27 -37.21 -29.56 20.82
C LEU JA 27 -36.99 -28.52 21.91
N LYS JA 28 -36.74 -28.97 23.14
CA LYS JA 28 -36.42 -28.06 24.23
C LYS JA 28 -35.12 -27.32 23.98
N ALA JA 29 -34.14 -27.99 23.37
CA ALA JA 29 -32.90 -27.30 23.05
C ALA JA 29 -33.12 -26.18 22.05
N TYR JA 30 -33.92 -26.45 21.00
CA TYR JA 30 -34.21 -25.39 20.04
C TYR JA 30 -34.99 -24.25 20.69
N TYR JA 31 -35.96 -24.58 21.55
CA TYR JA 31 -36.73 -23.54 22.22
C TYR JA 31 -35.84 -22.75 23.19
N ALA JA 32 -34.83 -23.41 23.75
CA ALA JA 32 -33.89 -22.70 24.60
C ALA JA 32 -33.08 -21.69 23.82
N THR JA 33 -32.66 -22.06 22.61
CA THR JA 33 -31.82 -21.16 21.82
C THR JA 33 -32.61 -20.17 20.97
N GLY JA 34 -33.93 -20.26 20.96
CA GLY JA 34 -34.73 -19.37 20.11
C GLY JA 34 -34.48 -17.90 20.39
N GLU JA 35 -34.34 -17.52 21.66
CA GLU JA 35 -34.19 -16.11 21.99
C GLU JA 35 -32.84 -15.56 21.51
N LEU JA 36 -31.77 -16.33 21.72
CA LEU JA 36 -30.47 -15.93 21.18
C LEU JA 36 -30.52 -15.82 19.66
N ARG JA 37 -31.20 -16.77 19.02
CA ARG JA 37 -31.33 -16.72 17.57
C ARG JA 37 -32.06 -15.46 17.11
N VAL JA 38 -33.14 -15.10 17.81
CA VAL JA 38 -33.90 -13.91 17.45
C VAL JA 38 -33.07 -12.65 17.65
N ARG JA 39 -32.30 -12.59 18.74
CA ARG JA 39 -31.45 -11.42 18.96
C ARG JA 39 -30.40 -11.29 17.87
N ALA JA 40 -29.76 -12.40 17.50
CA ALA JA 40 -28.77 -12.36 16.43
C ALA JA 40 -29.40 -11.94 15.11
N ALA JA 41 -30.58 -12.48 14.80
CA ALA JA 41 -31.27 -12.11 13.57
C ALA JA 41 -31.63 -10.62 13.55
N GLY JA 42 -32.09 -10.10 14.68
CA GLY JA 42 -32.45 -8.69 14.73
C GLY JA 42 -31.24 -7.78 14.57
N THR JA 43 -30.14 -8.10 15.24
CA THR JA 43 -28.96 -7.25 15.13
C THR JA 43 -28.32 -7.36 13.75
N ILE JA 44 -28.43 -8.53 13.11
CA ILE JA 44 -27.95 -8.65 11.73
C ILE JA 44 -28.83 -7.83 10.79
N SER JA 45 -30.15 -7.92 10.95
CA SER JA 45 -31.05 -7.17 10.08
C SER JA 45 -30.86 -5.67 10.24
N ALA JA 46 -30.61 -5.21 11.46
CA ALA JA 46 -30.44 -3.78 11.69
C ALA JA 46 -29.17 -3.27 11.03
N ASN JA 47 -28.14 -4.12 10.93
CA ASN JA 47 -26.82 -3.71 10.47
C ASN JA 47 -26.41 -4.39 9.18
N ALA JA 48 -27.35 -4.85 8.36
CA ALA JA 48 -27.00 -5.61 7.17
C ALA JA 48 -26.25 -4.75 6.16
N ALA JA 49 -26.71 -3.51 5.95
CA ALA JA 49 -26.05 -2.62 5.01
C ALA JA 49 -24.61 -2.35 5.42
N THR JA 50 -24.37 -2.18 6.72
CA THR JA 50 -23.01 -1.96 7.22
C THR JA 50 -22.12 -3.18 7.00
N ILE JA 51 -22.67 -4.37 7.26
CA ILE JA 51 -21.90 -5.60 7.06
C ILE JA 51 -21.50 -5.73 5.60
N ILE JA 52 -22.42 -5.44 4.69
CA ILE JA 52 -22.07 -5.50 3.27
C ILE JA 52 -21.04 -4.44 2.94
N LYS JA 53 -21.20 -3.22 3.48
CA LYS JA 53 -20.21 -2.15 3.28
C LYS JA 53 -18.82 -2.70 3.52
N GLU JA 54 -18.61 -3.19 4.75
CA GLU JA 54 -17.28 -3.59 5.19
C GLU JA 54 -16.80 -4.83 4.46
N ALA JA 55 -17.67 -5.81 4.23
CA ALA JA 55 -17.25 -7.05 3.59
C ALA JA 55 -16.79 -6.78 2.16
N SER JA 56 -17.56 -6.00 1.41
CA SER JA 56 -17.15 -5.64 0.06
C SER JA 56 -15.87 -4.82 0.08
N ALA JA 57 -15.75 -3.90 1.05
CA ALA JA 57 -14.54 -3.11 1.15
C ALA JA 57 -13.31 -3.99 1.36
N LYS JA 58 -13.41 -4.96 2.26
CA LYS JA 58 -12.28 -5.85 2.52
C LYS JA 58 -11.97 -6.73 1.30
N LEU JA 59 -13.00 -7.25 0.65
CA LEU JA 59 -12.78 -8.12 -0.51
C LEU JA 59 -12.11 -7.34 -1.64
N PHE JA 60 -12.54 -6.12 -1.90
CA PHE JA 60 -11.97 -5.35 -2.99
C PHE JA 60 -10.67 -4.69 -2.59
N SER JA 61 -10.36 -4.64 -1.30
CA SER JA 61 -9.03 -4.25 -0.87
C SER JA 61 -8.04 -5.38 -1.09
N ASN JA 62 -8.42 -6.60 -0.71
CA ASN JA 62 -7.50 -7.73 -0.85
C ASN JA 62 -7.32 -8.12 -2.31
N GLN JA 63 -8.35 -7.93 -3.13
CA GLN JA 63 -8.35 -8.34 -4.53
C GLN JA 63 -8.74 -7.16 -5.40
N PRO JA 64 -7.82 -6.22 -5.60
CA PRO JA 64 -8.16 -5.01 -6.35
C PRO JA 64 -8.57 -5.27 -7.78
N ASP JA 65 -8.05 -6.34 -8.40
CA ASP JA 65 -8.28 -6.57 -9.83
C ASP JA 65 -9.76 -6.86 -10.12
N LEU JA 66 -10.53 -7.24 -9.10
CA LEU JA 66 -11.95 -7.47 -9.31
C LEU JA 66 -12.65 -6.19 -9.75
N VAL JA 67 -12.25 -5.05 -9.19
CA VAL JA 67 -12.88 -3.78 -9.51
C VAL JA 67 -12.04 -2.90 -10.43
N ARG JA 68 -10.86 -3.34 -10.83
CA ARG JA 68 -10.14 -2.67 -11.89
C ARG JA 68 -10.79 -2.97 -13.23
N PRO JA 69 -10.56 -2.14 -14.25
CA PRO JA 69 -11.25 -2.35 -15.53
C PRO JA 69 -10.98 -3.74 -16.09
N GLY JA 70 -12.05 -4.37 -16.57
CA GLY JA 70 -11.98 -5.75 -17.03
C GLY JA 70 -12.21 -6.79 -15.96
N GLY JA 71 -12.31 -6.40 -14.69
CA GLY JA 71 -12.61 -7.35 -13.65
C GLY JA 71 -14.08 -7.72 -13.62
N ASN JA 72 -14.38 -8.81 -12.91
CA ASN JA 72 -15.76 -9.30 -12.89
C ASN JA 72 -16.67 -8.37 -12.11
N ALA JA 73 -16.11 -7.57 -11.21
CA ALA JA 73 -16.87 -6.54 -10.53
C ALA JA 73 -16.59 -5.16 -11.08
N TYR JA 74 -16.10 -5.06 -12.31
CA TYR JA 74 -15.92 -3.77 -12.94
C TYR JA 74 -17.06 -3.47 -13.91
N THR JA 75 -18.06 -2.78 -13.39
CA THR JA 75 -19.01 -1.86 -14.02
C THR JA 75 -19.90 -1.47 -12.87
N THR JA 76 -20.70 -0.41 -13.01
CA THR JA 76 -21.66 -0.13 -11.96
C THR JA 76 -22.65 -1.28 -11.83
N ARG JA 77 -23.02 -1.88 -12.96
CA ARG JA 77 -23.97 -2.98 -12.97
C ARG JA 77 -23.39 -4.24 -12.31
N ARG JA 78 -22.16 -4.60 -12.68
CA ARG JA 78 -21.58 -5.82 -12.12
C ARG JA 78 -21.19 -5.63 -10.66
N TYR JA 79 -20.74 -4.44 -10.28
CA TYR JA 79 -20.50 -4.15 -8.87
C TYR JA 79 -21.78 -4.23 -8.07
N ALA JA 80 -22.87 -3.69 -8.61
CA ALA JA 80 -24.17 -3.79 -7.95
C ALA JA 80 -24.60 -5.24 -7.80
N ALA JA 81 -24.41 -6.05 -8.84
CA ALA JA 81 -24.73 -7.47 -8.76
C ALA JA 81 -23.89 -8.16 -7.70
N CYS JA 82 -22.61 -7.79 -7.60
CA CYS JA 82 -21.74 -8.35 -6.58
C CYS JA 82 -22.25 -8.07 -5.16
N VAL JA 83 -22.54 -6.80 -4.86
CA VAL JA 83 -23.00 -6.50 -3.51
C VAL JA 83 -24.39 -7.08 -3.28
N ARG JA 84 -25.20 -7.19 -4.33
CA ARG JA 84 -26.51 -7.83 -4.21
C ARG JA 84 -26.36 -9.29 -3.85
N ASP JA 85 -25.38 -9.98 -4.45
CA ASP JA 85 -25.13 -11.37 -4.11
C ASP JA 85 -24.68 -11.50 -2.67
N MET JA 86 -23.82 -10.59 -2.22
CA MET JA 86 -23.39 -10.63 -0.82
C MET JA 86 -24.57 -10.42 0.13
N ASP JA 87 -25.47 -9.49 -0.20
CA ASP JA 87 -26.66 -9.31 0.62
C ASP JA 87 -27.55 -10.54 0.59
N TYR JA 88 -27.64 -11.20 -0.57
CA TYR JA 88 -28.35 -12.48 -0.66
C TYR JA 88 -27.78 -13.48 0.34
N PHE JA 89 -26.46 -13.64 0.33
CA PHE JA 89 -25.82 -14.60 1.22
C PHE JA 89 -26.07 -14.26 2.67
N LEU JA 90 -25.97 -12.98 3.03
CA LEU JA 90 -26.22 -12.56 4.40
C LEU JA 90 -27.65 -12.84 4.82
N ARG JA 91 -28.61 -12.50 3.95
CA ARG JA 91 -30.02 -12.71 4.30
C ARG JA 91 -30.34 -14.19 4.47
N TYR JA 92 -29.81 -15.03 3.60
CA TYR JA 92 -30.14 -16.46 3.70
C TYR JA 92 -29.37 -17.12 4.85
N ALA JA 93 -28.19 -16.62 5.19
CA ALA JA 93 -27.51 -17.11 6.37
C ALA JA 93 -28.26 -16.73 7.63
N THR JA 94 -28.85 -15.53 7.65
CA THR JA 94 -29.72 -15.14 8.76
C THR JA 94 -30.95 -16.03 8.83
N TYR JA 95 -31.55 -16.33 7.68
CA TYR JA 95 -32.67 -17.26 7.63
C TYR JA 95 -32.28 -18.61 8.21
N ALA JA 96 -31.11 -19.13 7.83
CA ALA JA 96 -30.68 -20.44 8.29
C ALA JA 96 -30.38 -20.44 9.78
N MET JA 97 -29.73 -19.40 10.28
CA MET JA 97 -29.47 -19.31 11.72
C MET JA 97 -30.76 -19.24 12.51
N LEU JA 98 -31.73 -18.46 12.02
CA LEU JA 98 -33.01 -18.35 12.69
C LEU JA 98 -33.76 -19.69 12.65
N ALA JA 99 -33.61 -20.43 11.56
CA ALA JA 99 -34.24 -21.73 11.43
C ALA JA 99 -33.49 -22.79 12.24
N GLY JA 100 -32.20 -22.61 12.43
CA GLY JA 100 -31.38 -23.61 13.08
C GLY JA 100 -30.98 -24.79 12.22
N ASP JA 101 -31.09 -24.67 10.90
CA ASP JA 101 -30.86 -25.76 9.98
C ASP JA 101 -30.34 -25.19 8.67
N THR JA 102 -29.59 -26.01 7.94
CA THR JA 102 -28.94 -25.58 6.70
C THR JA 102 -29.67 -26.01 5.44
N SER JA 103 -30.89 -26.53 5.56
CA SER JA 103 -31.60 -27.02 4.38
C SER JA 103 -31.99 -25.88 3.46
N ILE JA 104 -32.29 -24.71 4.02
CA ILE JA 104 -32.62 -23.56 3.17
C ILE JA 104 -31.41 -23.14 2.35
N LEU JA 105 -30.20 -23.31 2.91
CA LEU JA 105 -29.01 -22.97 2.14
C LEU JA 105 -28.90 -23.83 0.90
N ASP JA 106 -28.97 -25.15 1.05
CA ASP JA 106 -28.89 -26.05 -0.11
C ASP JA 106 -30.04 -25.81 -1.08
N GLU JA 107 -31.24 -25.57 -0.56
CA GLU JA 107 -32.41 -25.49 -1.42
C GLU JA 107 -32.44 -24.18 -2.21
N ARG JA 108 -32.13 -23.05 -1.56
CA ARG JA 108 -32.35 -21.75 -2.16
C ARG JA 108 -31.09 -20.94 -2.41
N VAL JA 109 -29.90 -21.46 -2.16
CA VAL JA 109 -28.69 -20.70 -2.46
C VAL JA 109 -27.75 -21.56 -3.32
N LEU JA 110 -27.37 -22.72 -2.79
CA LEU JA 110 -26.28 -23.47 -3.38
C LEU JA 110 -26.74 -24.25 -4.60
N ASN JA 111 -28.02 -24.55 -4.69
CA ASN JA 111 -28.54 -25.33 -5.81
C ASN JA 111 -28.35 -24.55 -7.12
N GLY JA 112 -27.42 -25.02 -7.94
CA GLY JA 112 -27.11 -24.37 -9.19
C GLY JA 112 -26.22 -23.15 -9.09
N LEU JA 113 -25.69 -22.85 -7.91
CA LEU JA 113 -24.88 -21.65 -7.77
C LEU JA 113 -23.51 -21.80 -8.40
N LYS JA 114 -22.86 -22.95 -8.22
CA LYS JA 114 -21.53 -23.15 -8.77
C LYS JA 114 -21.54 -23.03 -10.29
N GLU JA 115 -22.52 -23.63 -10.95
CA GLU JA 115 -22.58 -23.56 -12.40
C GLU JA 115 -23.21 -22.26 -12.88
N THR JA 116 -24.02 -21.61 -12.03
CA THR JA 116 -24.40 -20.22 -12.30
C THR JA 116 -23.16 -19.35 -12.44
N TYR JA 117 -22.26 -19.43 -11.47
CA TYR JA 117 -21.07 -18.58 -11.47
C TYR JA 117 -20.09 -19.03 -12.56
N ASN JA 118 -20.00 -20.33 -12.83
CA ASN JA 118 -19.10 -20.80 -13.87
C ASN JA 118 -19.58 -20.41 -15.25
N SER JA 119 -20.90 -20.29 -15.44
CA SER JA 119 -21.40 -19.85 -16.73
C SER JA 119 -21.24 -18.35 -16.91
N LEU JA 120 -20.81 -17.66 -15.86
CA LEU JA 120 -20.70 -16.20 -15.84
C LEU JA 120 -19.27 -15.72 -15.64
N GLY JA 121 -18.34 -16.64 -15.40
CA GLY JA 121 -16.98 -16.22 -15.13
C GLY JA 121 -16.84 -15.45 -13.84
N VAL JA 122 -17.77 -15.64 -12.91
CA VAL JA 122 -17.65 -15.09 -11.56
C VAL JA 122 -16.62 -15.91 -10.82
N PRO JA 123 -15.60 -15.30 -10.21
CA PRO JA 123 -14.60 -16.08 -9.46
C PRO JA 123 -15.21 -16.65 -8.19
N ILE JA 124 -15.31 -17.97 -8.13
CA ILE JA 124 -15.95 -18.64 -7.00
C ILE JA 124 -15.09 -18.49 -5.75
N SER JA 125 -13.77 -18.59 -5.90
CA SER JA 125 -12.88 -18.39 -4.75
C SER JA 125 -13.02 -16.98 -4.19
N SER JA 126 -13.09 -15.98 -5.06
CA SER JA 126 -13.27 -14.61 -4.60
C SER JA 126 -14.60 -14.43 -3.86
N THR JA 127 -15.66 -15.08 -4.35
CA THR JA 127 -16.92 -15.06 -3.64
C THR JA 127 -16.77 -15.71 -2.26
N VAL JA 128 -15.98 -16.77 -2.17
CA VAL JA 128 -15.74 -17.42 -0.90
C VAL JA 128 -15.04 -16.47 0.07
N GLN JA 129 -14.03 -15.74 -0.39
CA GLN JA 129 -13.37 -14.77 0.49
C GLN JA 129 -14.31 -13.62 0.85
N GLY JA 130 -15.22 -13.22 -0.05
CA GLY JA 130 -16.25 -12.27 0.33
C GLY JA 130 -17.12 -12.80 1.45
N ILE JA 131 -17.41 -14.11 1.41
CA ILE JA 131 -18.23 -14.73 2.46
C ILE JA 131 -17.48 -14.76 3.79
N GLN JA 132 -16.17 -15.07 3.77
CA GLN JA 132 -15.41 -14.98 5.02
C GLN JA 132 -15.32 -13.54 5.52
N ALA JA 133 -15.27 -12.56 4.62
CA ALA JA 133 -15.30 -11.17 5.07
C ALA JA 133 -16.60 -10.87 5.79
N MET JA 134 -17.74 -11.33 5.23
CA MET JA 134 -19.00 -11.17 5.92
C MET JA 134 -19.02 -11.90 7.25
N LYS JA 135 -18.44 -13.10 7.29
CA LYS JA 135 -18.33 -13.84 8.54
C LYS JA 135 -17.61 -13.04 9.60
N GLU JA 136 -16.44 -12.49 9.26
CA GLU JA 136 -15.66 -11.74 10.23
C GLU JA 136 -16.38 -10.48 10.69
N VAL JA 137 -17.02 -9.75 9.76
CA VAL JA 137 -17.75 -8.56 10.17
C VAL JA 137 -18.92 -8.92 11.07
N THR JA 138 -19.70 -9.93 10.70
CA THR JA 138 -20.89 -10.28 11.45
C THR JA 138 -20.55 -10.78 12.85
N GLY JA 139 -19.47 -11.55 12.97
CA GLY JA 139 -19.12 -12.11 14.27
C GLY JA 139 -18.84 -11.04 15.30
N SER JA 140 -18.22 -9.94 14.88
CA SER JA 140 -17.89 -8.87 15.82
C SER JA 140 -19.13 -8.15 16.30
N LEU JA 141 -20.19 -8.13 15.48
CA LEU JA 141 -21.41 -7.44 15.89
C LEU JA 141 -22.33 -8.32 16.74
N VAL JA 142 -22.46 -9.60 16.40
CA VAL JA 142 -23.49 -10.41 17.05
C VAL JA 142 -23.05 -10.97 18.40
N GLY JA 143 -21.76 -10.96 18.71
CA GLY JA 143 -21.29 -11.53 19.96
C GLY JA 143 -20.82 -12.97 19.81
N SER JA 144 -20.11 -13.45 20.84
CA SER JA 144 -19.30 -14.65 20.70
C SER JA 144 -20.13 -15.88 20.36
N GLY JA 145 -21.19 -16.15 21.14
CA GLY JA 145 -22.01 -17.33 20.87
C GLY JA 145 -22.72 -17.24 19.54
N ALA JA 146 -23.33 -16.08 19.26
CA ALA JA 146 -23.98 -15.89 17.97
C ALA JA 146 -22.95 -15.84 16.84
N ALA JA 147 -21.71 -15.43 17.14
CA ALA JA 147 -20.66 -15.49 16.13
C ALA JA 147 -20.35 -16.92 15.75
N LYS JA 148 -20.17 -17.78 16.75
CA LYS JA 148 -19.93 -19.20 16.48
C LYS JA 148 -21.12 -19.82 15.76
N GLU JA 149 -22.33 -19.35 16.06
CA GLU JA 149 -23.50 -19.87 15.36
C GLU JA 149 -23.54 -19.43 13.91
N MET JA 150 -23.36 -18.14 13.64
CA MET JA 150 -23.42 -17.64 12.27
C MET JA 150 -22.28 -18.20 11.44
N GLY JA 151 -21.16 -18.51 12.09
CA GLY JA 151 -20.04 -19.09 11.38
C GLY JA 151 -20.35 -20.43 10.77
N VAL JA 152 -21.21 -21.20 11.42
CA VAL JA 152 -21.58 -22.51 10.88
C VAL JA 152 -22.21 -22.35 9.51
N TYR JA 153 -23.17 -21.42 9.38
CA TYR JA 153 -23.87 -21.25 8.11
C TYR JA 153 -22.99 -20.54 7.08
N PHE JA 154 -22.16 -19.60 7.52
CA PHE JA 154 -21.22 -18.98 6.58
C PHE JA 154 -20.25 -20.02 6.03
N ASP JA 155 -19.72 -20.90 6.89
CA ASP JA 155 -18.83 -21.95 6.43
C ASP JA 155 -19.57 -22.97 5.58
N TYR JA 156 -20.86 -23.18 5.85
CA TYR JA 156 -21.65 -24.05 4.99
C TYR JA 156 -21.74 -23.49 3.58
N LEU JA 157 -22.01 -22.19 3.45
CA LEU JA 157 -22.04 -21.57 2.12
C LEU JA 157 -20.66 -21.62 1.48
N SER JA 158 -19.61 -21.38 2.26
CA SER JA 158 -18.26 -21.41 1.73
C SER JA 158 -17.88 -22.79 1.21
N SER JA 159 -18.28 -23.83 1.93
CA SER JA 159 -17.95 -25.20 1.54
C SER JA 159 -18.80 -25.65 0.36
N GLY JA 160 -20.07 -25.24 0.32
CA GLY JA 160 -20.90 -25.58 -0.82
C GLY JA 160 -20.44 -24.91 -2.10
N LEU JA 161 -19.94 -23.67 -1.98
CA LEU JA 161 -19.42 -22.99 -3.17
C LEU JA 161 -18.07 -23.55 -3.58
N SER JA 162 -17.22 -23.88 -2.62
CA SER JA 162 -15.89 -24.41 -2.91
C SER JA 162 -15.98 -25.78 -3.58
N MET KA 1 -47.36 -37.73 -32.69
CA MET KA 1 -47.33 -39.18 -32.54
C MET KA 1 -47.48 -39.89 -33.87
N GLN KA 2 -47.31 -41.21 -33.84
CA GLN KA 2 -47.35 -42.06 -35.01
C GLN KA 2 -48.15 -43.31 -34.68
N ASP KA 3 -49.01 -43.72 -35.60
CA ASP KA 3 -49.73 -44.98 -35.49
C ASP KA 3 -49.30 -45.89 -36.64
N ALA KA 4 -49.92 -47.07 -36.70
CA ALA KA 4 -49.54 -48.08 -37.68
C ALA KA 4 -49.74 -47.56 -39.11
N ILE KA 5 -50.88 -46.93 -39.38
CA ILE KA 5 -51.16 -46.43 -40.72
C ILE KA 5 -50.18 -45.34 -41.11
N THR KA 6 -49.96 -44.37 -40.22
CA THR KA 6 -49.02 -43.30 -40.52
C THR KA 6 -47.60 -43.84 -40.58
N SER KA 7 -47.32 -44.93 -39.87
CA SER KA 7 -46.01 -45.56 -39.96
C SER KA 7 -45.77 -46.14 -41.35
N VAL KA 8 -46.76 -46.87 -41.88
CA VAL KA 8 -46.66 -47.39 -43.24
C VAL KA 8 -46.52 -46.24 -44.22
N ILE KA 9 -47.33 -45.19 -44.03
CA ILE KA 9 -47.29 -44.04 -44.94
C ILE KA 9 -45.92 -43.40 -44.93
N ASN KA 10 -45.33 -43.21 -43.75
CA ASN KA 10 -44.01 -42.60 -43.66
C ASN KA 10 -42.95 -43.49 -44.30
N THR KA 11 -43.05 -44.80 -44.09
CA THR KA 11 -42.09 -45.72 -44.68
C THR KA 11 -42.13 -45.63 -46.19
N TYR KA 12 -43.31 -45.56 -46.78
CA TYR KA 12 -43.40 -45.53 -48.23
C TYR KA 12 -43.13 -44.14 -48.79
N ASP KA 13 -43.41 -43.09 -48.00
CA ASP KA 13 -43.10 -41.74 -48.44
C ASP KA 13 -41.60 -41.49 -48.50
N VAL KA 14 -40.85 -42.03 -47.53
CA VAL KA 14 -39.41 -41.86 -47.56
C VAL KA 14 -38.81 -42.50 -48.80
N GLN KA 15 -39.36 -43.65 -49.21
CA GLN KA 15 -38.93 -44.30 -50.44
C GLN KA 15 -39.54 -43.66 -51.68
N GLY KA 16 -40.48 -42.74 -51.52
CA GLY KA 16 -41.15 -42.14 -52.66
C GLY KA 16 -41.94 -43.15 -53.47
N LYS KA 17 -42.51 -44.14 -52.80
CA LYS KA 17 -43.16 -45.26 -53.46
C LYS KA 17 -44.65 -45.26 -53.16
N TYR KA 18 -45.46 -45.51 -54.19
CA TYR KA 18 -46.85 -45.84 -53.98
C TYR KA 18 -46.98 -47.14 -53.18
N PHE KA 19 -48.17 -47.36 -52.64
CA PHE KA 19 -48.39 -48.54 -51.81
C PHE KA 19 -48.40 -49.80 -52.65
N ASP KA 20 -47.57 -50.76 -52.27
CA ASP KA 20 -47.50 -52.07 -52.90
C ASP KA 20 -48.30 -53.09 -52.09
N THR KA 21 -48.16 -54.36 -52.44
CA THR KA 21 -48.98 -55.41 -51.83
C THR KA 21 -48.68 -55.57 -50.35
N SER KA 22 -47.41 -55.45 -49.95
CA SER KA 22 -47.06 -55.59 -48.55
C SER KA 22 -47.66 -54.45 -47.72
N ALA KA 23 -47.63 -53.23 -48.26
CA ALA KA 23 -48.24 -52.10 -47.55
C ALA KA 23 -49.72 -52.32 -47.35
N PHE KA 24 -50.42 -52.78 -48.39
CA PHE KA 24 -51.84 -53.05 -48.26
C PHE KA 24 -52.09 -54.18 -47.28
N ASP KA 25 -51.18 -55.16 -47.22
CA ASP KA 25 -51.31 -56.23 -46.24
C ASP KA 25 -51.24 -55.70 -44.82
N LYS KA 26 -50.26 -54.83 -44.54
CA LYS KA 26 -50.15 -54.27 -43.20
C LYS KA 26 -51.35 -53.39 -42.86
N LEU KA 27 -51.83 -52.62 -43.83
CA LEU KA 27 -53.01 -51.81 -43.60
C LEU KA 27 -54.23 -52.67 -43.31
N LYS KA 28 -54.39 -53.77 -44.04
CA LYS KA 28 -55.48 -54.71 -43.77
C LYS KA 28 -55.34 -55.30 -42.37
N ALA KA 29 -54.11 -55.61 -41.96
CA ALA KA 29 -53.92 -56.14 -40.61
C ALA KA 29 -54.38 -55.16 -39.55
N TYR KA 30 -54.01 -53.89 -39.69
CA TYR KA 30 -54.47 -52.91 -38.72
C TYR KA 30 -55.99 -52.74 -38.76
N TYR KA 31 -56.57 -52.69 -39.96
CA TYR KA 31 -58.01 -52.54 -40.07
C TYR KA 31 -58.73 -53.75 -39.49
N ALA KA 32 -58.09 -54.92 -39.51
CA ALA KA 32 -58.69 -56.13 -38.97
C ALA KA 32 -58.64 -56.13 -37.45
N THR KA 33 -57.55 -55.63 -36.87
CA THR KA 33 -57.48 -55.54 -35.41
C THR KA 33 -58.15 -54.29 -34.84
N GLY KA 34 -58.64 -53.40 -35.70
CA GLY KA 34 -59.20 -52.14 -35.23
C GLY KA 34 -60.39 -52.30 -34.29
N GLU KA 35 -61.33 -53.19 -34.63
CA GLU KA 35 -62.52 -53.32 -33.79
C GLU KA 35 -62.18 -53.90 -32.43
N LEU KA 36 -61.24 -54.86 -32.37
CA LEU KA 36 -60.77 -55.36 -31.09
C LEU KA 36 -60.12 -54.25 -30.27
N ARG KA 37 -59.29 -53.43 -30.92
CA ARG KA 37 -58.65 -52.33 -30.20
C ARG KA 37 -59.68 -51.36 -29.66
N VAL KA 38 -60.71 -51.07 -30.45
CA VAL KA 38 -61.73 -50.11 -30.02
C VAL KA 38 -62.52 -50.67 -28.84
N ARG KA 39 -62.86 -51.96 -28.88
CA ARG KA 39 -63.56 -52.56 -27.75
C ARG KA 39 -62.71 -52.53 -26.49
N ALA KA 40 -61.42 -52.85 -26.61
CA ALA KA 40 -60.54 -52.80 -25.45
C ALA KA 40 -60.44 -51.39 -24.90
N ALA KA 41 -60.30 -50.39 -25.78
CA ALA KA 41 -60.19 -49.02 -25.32
C ALA KA 41 -61.47 -48.57 -24.62
N GLY KA 42 -62.64 -48.96 -25.15
CA GLY KA 42 -63.88 -48.60 -24.51
C GLY KA 42 -64.04 -49.24 -23.14
N THR KA 43 -63.64 -50.52 -23.03
CA THR KA 43 -63.68 -51.18 -21.73
C THR KA 43 -62.75 -50.50 -20.73
N ILE KA 44 -61.55 -50.14 -21.16
CA ILE KA 44 -60.61 -49.48 -20.25
C ILE KA 44 -61.13 -48.10 -19.85
N SER KA 45 -61.74 -47.38 -20.79
CA SER KA 45 -62.38 -46.13 -20.44
C SER KA 45 -63.45 -46.33 -19.39
N ALA KA 46 -64.24 -47.38 -19.54
CA ALA KA 46 -65.31 -47.65 -18.57
C ALA KA 46 -64.76 -47.99 -17.20
N ASN KA 47 -63.66 -48.74 -17.13
CA ASN KA 47 -63.18 -49.26 -15.86
C ASN KA 47 -61.82 -48.74 -15.43
N ALA KA 48 -61.42 -47.54 -15.89
CA ALA KA 48 -60.08 -47.04 -15.56
C ALA KA 48 -59.91 -46.80 -14.07
N ALA KA 49 -60.92 -46.22 -13.42
CA ALA KA 49 -60.84 -45.98 -11.98
C ALA KA 49 -60.69 -47.29 -11.23
N THR KA 50 -61.48 -48.30 -11.60
CA THR KA 50 -61.36 -49.62 -10.96
C THR KA 50 -60.01 -50.25 -11.24
N ILE KA 51 -59.49 -50.09 -12.46
CA ILE KA 51 -58.18 -50.64 -12.79
C ILE KA 51 -57.12 -50.04 -11.88
N ILE KA 52 -57.16 -48.72 -11.70
CA ILE KA 52 -56.14 -48.07 -10.87
C ILE KA 52 -56.31 -48.47 -9.42
N LYS KA 53 -57.56 -48.54 -8.95
CA LYS KA 53 -57.84 -49.04 -7.60
C LYS KA 53 -57.19 -50.39 -7.37
N GLU KA 54 -57.54 -51.37 -8.20
CA GLU KA 54 -57.09 -52.74 -7.96
C GLU KA 54 -55.59 -52.88 -8.19
N ALA KA 55 -55.04 -52.19 -9.19
CA ALA KA 55 -53.61 -52.27 -9.43
C ALA KA 55 -52.81 -51.67 -8.26
N SER KA 56 -53.23 -50.50 -7.77
CA SER KA 56 -52.54 -49.92 -6.62
C SER KA 56 -52.70 -50.79 -5.38
N ALA KA 57 -53.89 -51.35 -5.18
CA ALA KA 57 -54.09 -52.23 -4.04
C ALA KA 57 -53.18 -53.44 -4.10
N LYS KA 58 -53.05 -54.03 -5.29
CA LYS KA 58 -52.18 -55.20 -5.43
C LYS KA 58 -50.72 -54.82 -5.20
N LEU KA 59 -50.29 -53.70 -5.78
CA LEU KA 59 -48.90 -53.28 -5.60
C LEU KA 59 -48.58 -53.00 -4.14
N PHE KA 60 -49.51 -52.36 -3.42
CA PHE KA 60 -49.24 -52.01 -2.03
C PHE KA 60 -49.45 -53.21 -1.11
N SER KA 61 -50.17 -54.23 -1.58
CA SER KA 61 -50.25 -55.48 -0.82
C SER KA 61 -48.96 -56.28 -0.97
N ASN KA 62 -48.39 -56.32 -2.17
CA ASN KA 62 -47.14 -57.05 -2.37
C ASN KA 62 -45.98 -56.33 -1.72
N GLN KA 63 -46.02 -55.00 -1.69
CA GLN KA 63 -44.95 -54.18 -1.12
C GLN KA 63 -45.56 -53.24 -0.10
N PRO KA 64 -45.93 -53.76 1.08
CA PRO KA 64 -46.57 -52.89 2.09
C PRO KA 64 -45.68 -51.77 2.58
N ASP KA 65 -44.36 -51.91 2.41
CA ASP KA 65 -43.43 -50.89 2.87
C ASP KA 65 -43.63 -49.57 2.14
N LEU KA 66 -44.17 -49.62 0.91
CA LEU KA 66 -44.27 -48.42 0.09
C LEU KA 66 -45.23 -47.40 0.71
N VAL KA 67 -46.29 -47.87 1.35
CA VAL KA 67 -47.29 -46.96 1.92
C VAL KA 67 -47.19 -46.82 3.42
N ARG KA 68 -46.27 -47.53 4.06
CA ARG KA 68 -46.00 -47.35 5.47
C ARG KA 68 -44.91 -46.29 5.66
N PRO KA 69 -44.82 -45.70 6.85
CA PRO KA 69 -43.84 -44.62 7.07
C PRO KA 69 -42.43 -45.03 6.67
N GLY KA 70 -41.77 -44.15 5.91
CA GLY KA 70 -40.50 -44.43 5.31
C GLY KA 70 -40.57 -44.86 3.86
N GLY KA 71 -41.74 -45.23 3.36
CA GLY KA 71 -41.87 -45.60 1.97
C GLY KA 71 -42.08 -44.40 1.07
N ASN KA 72 -41.70 -44.56 -0.20
CA ASN KA 72 -41.81 -43.44 -1.13
C ASN KA 72 -43.27 -43.07 -1.40
N ALA KA 73 -44.18 -44.00 -1.17
CA ALA KA 73 -45.60 -43.71 -1.29
C ALA KA 73 -46.27 -43.43 0.04
N TYR KA 74 -45.51 -43.23 1.11
CA TYR KA 74 -46.12 -42.84 2.38
C TYR KA 74 -46.16 -41.33 2.51
N THR KA 75 -47.32 -40.76 2.16
CA THR KA 75 -47.96 -39.56 2.64
C THR KA 75 -49.22 -39.45 1.79
N THR KA 76 -50.12 -38.54 2.10
CA THR KA 76 -51.24 -38.35 1.19
C THR KA 76 -50.77 -37.77 -0.14
N ARG KA 77 -49.79 -36.87 -0.10
CA ARG KA 77 -49.28 -36.26 -1.33
C ARG KA 77 -48.57 -37.27 -2.20
N ARG KA 78 -47.70 -38.09 -1.61
CA ARG KA 78 -46.95 -39.04 -2.42
C ARG KA 78 -47.83 -40.21 -2.85
N TYR KA 79 -48.84 -40.55 -2.06
CA TYR KA 79 -49.79 -41.57 -2.50
C TYR KA 79 -50.59 -41.08 -3.69
N ALA KA 80 -51.04 -39.82 -3.64
CA ALA KA 80 -51.74 -39.24 -4.79
C ALA KA 80 -50.83 -39.16 -6.00
N ALA KA 81 -49.55 -38.84 -5.79
CA ALA KA 81 -48.61 -38.78 -6.91
C ALA KA 81 -48.41 -40.16 -7.54
N CYS KA 82 -48.31 -41.19 -6.70
CA CYS KA 82 -48.21 -42.55 -7.21
C CYS KA 82 -49.44 -42.94 -8.04
N VAL KA 83 -50.62 -42.62 -7.53
CA VAL KA 83 -51.84 -42.96 -8.25
C VAL KA 83 -51.94 -42.15 -9.54
N ARG KA 84 -51.46 -40.91 -9.53
CA ARG KA 84 -51.47 -40.09 -10.74
C ARG KA 84 -50.51 -40.64 -11.79
N ASP KA 85 -49.35 -41.13 -11.36
CA ASP KA 85 -48.43 -41.77 -12.29
C ASP KA 85 -49.05 -43.02 -12.91
N MET KA 86 -49.72 -43.83 -12.10
CA MET KA 86 -50.34 -45.03 -12.64
C MET KA 86 -51.48 -44.68 -13.60
N ASP KA 87 -52.18 -43.58 -13.34
CA ASP KA 87 -53.23 -43.13 -14.24
C ASP KA 87 -52.65 -42.68 -15.58
N TYR KA 88 -51.58 -41.88 -15.55
CA TYR KA 88 -50.74 -41.66 -16.73
C TYR KA 88 -50.47 -42.95 -17.48
N PHE KA 89 -49.89 -43.93 -16.80
CA PHE KA 89 -49.43 -45.12 -17.50
C PHE KA 89 -50.59 -45.85 -18.16
N LEU KA 90 -51.71 -45.98 -17.45
CA LEU KA 90 -52.87 -46.65 -18.03
C LEU KA 90 -53.39 -45.90 -19.24
N ARG KA 91 -53.61 -44.59 -19.13
CA ARG KA 91 -54.17 -43.83 -20.23
C ARG KA 91 -53.26 -43.88 -21.46
N TYR KA 92 -51.95 -43.74 -21.27
CA TYR KA 92 -51.06 -43.70 -22.42
C TYR KA 92 -50.87 -45.08 -23.04
N ALA KA 93 -50.89 -46.13 -22.21
CA ALA KA 93 -50.87 -47.48 -22.77
C ALA KA 93 -52.14 -47.75 -23.57
N THR KA 94 -53.27 -47.21 -23.11
CA THR KA 94 -54.50 -47.32 -23.89
C THR KA 94 -54.38 -46.59 -25.22
N TYR KA 95 -53.80 -45.39 -25.21
CA TYR KA 95 -53.55 -44.67 -26.45
C TYR KA 95 -52.67 -45.48 -27.39
N ALA KA 96 -51.59 -46.06 -26.88
CA ALA KA 96 -50.68 -46.81 -27.72
C ALA KA 96 -51.33 -48.07 -28.27
N MET KA 97 -52.21 -48.69 -27.49
CA MET KA 97 -52.94 -49.85 -27.99
C MET KA 97 -53.91 -49.45 -29.09
N LEU KA 98 -54.60 -48.32 -28.90
CA LEU KA 98 -55.56 -47.86 -29.90
C LEU KA 98 -54.85 -47.40 -31.16
N ALA KA 99 -53.58 -47.00 -31.04
CA ALA KA 99 -52.82 -46.57 -32.21
C ALA KA 99 -52.13 -47.74 -32.89
N GLY KA 100 -51.86 -48.80 -32.13
CA GLY KA 100 -51.04 -49.89 -32.63
C GLY KA 100 -49.57 -49.55 -32.75
N ASP KA 101 -49.10 -48.56 -32.01
CA ASP KA 101 -47.72 -48.08 -32.11
C ASP KA 101 -47.29 -47.55 -30.75
N THR KA 102 -46.01 -47.78 -30.43
CA THR KA 102 -45.44 -47.39 -29.15
C THR KA 102 -44.77 -46.02 -29.19
N SER KA 103 -44.89 -45.29 -30.30
CA SER KA 103 -44.21 -44.01 -30.42
C SER KA 103 -44.70 -43.01 -29.39
N ILE KA 104 -46.02 -42.95 -29.18
CA ILE KA 104 -46.58 -42.02 -28.20
C ILE KA 104 -46.02 -42.32 -26.82
N LEU KA 105 -45.71 -43.60 -26.54
CA LEU KA 105 -45.12 -43.93 -25.26
C LEU KA 105 -43.76 -43.28 -25.10
N ASP KA 106 -42.87 -43.45 -26.08
CA ASP KA 106 -41.56 -42.81 -26.02
C ASP KA 106 -41.68 -41.30 -25.88
N GLU KA 107 -42.61 -40.69 -26.62
CA GLU KA 107 -42.54 -39.25 -26.78
C GLU KA 107 -43.44 -38.51 -25.79
N ARG KA 108 -44.23 -39.23 -25.00
CA ARG KA 108 -44.96 -38.56 -23.93
C ARG KA 108 -44.74 -39.14 -22.53
N VAL KA 109 -44.07 -40.29 -22.40
CA VAL KA 109 -43.96 -40.92 -21.09
C VAL KA 109 -42.51 -41.17 -20.73
N LEU KA 110 -41.78 -41.87 -21.60
CA LEU KA 110 -40.49 -42.41 -21.20
C LEU KA 110 -39.38 -41.36 -21.26
N ASN KA 111 -39.54 -40.33 -22.08
CA ASN KA 111 -38.49 -39.33 -22.21
C ASN KA 111 -38.32 -38.59 -20.90
N GLY KA 112 -37.17 -38.82 -20.25
CA GLY KA 112 -36.86 -38.15 -19.00
C GLY KA 112 -37.52 -38.71 -17.77
N LEU KA 113 -38.28 -39.80 -17.90
CA LEU KA 113 -38.99 -40.35 -16.74
C LEU KA 113 -38.03 -40.99 -15.75
N LYS KA 114 -37.01 -41.69 -16.26
CA LYS KA 114 -36.00 -42.27 -15.39
C LYS KA 114 -35.23 -41.19 -14.65
N GLU KA 115 -34.89 -40.09 -15.32
CA GLU KA 115 -34.21 -38.99 -14.65
C GLU KA 115 -35.10 -38.34 -13.61
N THR KA 116 -36.39 -38.18 -13.90
CA THR KA 116 -37.31 -37.63 -12.92
C THR KA 116 -37.41 -38.52 -11.69
N TYR KA 117 -37.51 -39.83 -11.90
CA TYR KA 117 -37.65 -40.74 -10.78
C TYR KA 117 -36.35 -40.86 -9.99
N ASN KA 118 -35.21 -40.70 -10.66
CA ASN KA 118 -33.93 -40.77 -9.96
C ASN KA 118 -33.66 -39.48 -9.19
N SER KA 119 -34.09 -38.34 -9.73
CA SER KA 119 -34.00 -37.09 -9.00
C SER KA 119 -34.89 -37.13 -7.76
N LEU KA 120 -36.07 -37.71 -7.88
CA LEU KA 120 -37.00 -37.69 -6.75
C LEU KA 120 -36.73 -38.81 -5.76
N GLY KA 121 -35.93 -39.80 -6.13
CA GLY KA 121 -35.78 -40.98 -5.31
C GLY KA 121 -36.87 -42.01 -5.48
N VAL KA 122 -37.68 -41.90 -6.52
CA VAL KA 122 -38.76 -42.86 -6.77
C VAL KA 122 -38.16 -44.21 -7.12
N PRO KA 123 -38.56 -45.29 -6.44
CA PRO KA 123 -38.00 -46.62 -6.77
C PRO KA 123 -38.51 -47.10 -8.12
N ILE KA 124 -37.57 -47.39 -9.02
CA ILE KA 124 -37.92 -47.82 -10.38
C ILE KA 124 -38.52 -49.23 -10.36
N SER KA 125 -37.96 -50.11 -9.54
CA SER KA 125 -38.46 -51.48 -9.49
C SER KA 125 -39.92 -51.54 -9.06
N SER KA 126 -40.30 -50.72 -8.08
CA SER KA 126 -41.67 -50.74 -7.61
C SER KA 126 -42.62 -50.10 -8.61
N THR KA 127 -42.15 -49.11 -9.36
CA THR KA 127 -42.97 -48.56 -10.43
C THR KA 127 -43.20 -49.60 -11.52
N VAL KA 128 -42.16 -50.37 -11.85
CA VAL KA 128 -42.30 -51.44 -12.82
C VAL KA 128 -43.29 -52.49 -12.31
N GLN KA 129 -43.21 -52.82 -11.03
CA GLN KA 129 -44.16 -53.76 -10.43
C GLN KA 129 -45.59 -53.24 -10.51
N GLY KA 130 -45.78 -51.94 -10.26
CA GLY KA 130 -47.11 -51.36 -10.41
C GLY KA 130 -47.60 -51.43 -11.83
N ILE KA 131 -46.70 -51.28 -12.80
CA ILE KA 131 -47.10 -51.41 -14.20
C ILE KA 131 -47.50 -52.85 -14.51
N GLN KA 132 -46.79 -53.82 -13.93
CA GLN KA 132 -47.21 -55.22 -14.08
C GLN KA 132 -48.58 -55.45 -13.46
N ALA KA 133 -48.85 -54.86 -12.31
CA ALA KA 133 -50.16 -55.00 -11.69
C ALA KA 133 -51.25 -54.41 -12.57
N MET KA 134 -51.01 -53.23 -13.15
CA MET KA 134 -51.94 -52.67 -14.11
C MET KA 134 -52.11 -53.60 -15.30
N LYS KA 135 -51.01 -54.21 -15.76
CA LYS KA 135 -51.10 -55.13 -16.88
C LYS KA 135 -52.00 -56.31 -16.57
N GLU KA 136 -51.87 -56.88 -15.37
CA GLU KA 136 -52.68 -58.03 -15.00
C GLU KA 136 -54.16 -57.65 -14.90
N VAL KA 137 -54.46 -56.55 -14.21
CA VAL KA 137 -55.85 -56.14 -14.06
C VAL KA 137 -56.47 -55.79 -15.42
N THR KA 138 -55.75 -55.02 -16.23
CA THR KA 138 -56.26 -54.64 -17.54
C THR KA 138 -56.47 -55.85 -18.44
N GLY KA 139 -55.51 -56.79 -18.42
CA GLY KA 139 -55.67 -57.99 -19.23
C GLY KA 139 -56.84 -58.83 -18.79
N SER KA 140 -57.09 -58.90 -17.48
CA SER KA 140 -58.26 -59.61 -16.98
C SER KA 140 -59.54 -58.95 -17.47
N LEU KA 141 -59.59 -57.62 -17.48
CA LEU KA 141 -60.83 -56.95 -17.87
C LEU KA 141 -61.06 -56.97 -19.38
N VAL KA 142 -60.01 -56.82 -20.19
CA VAL KA 142 -60.22 -56.63 -21.61
C VAL KA 142 -60.49 -57.95 -22.31
N GLY KA 143 -60.06 -59.06 -21.72
CA GLY KA 143 -60.28 -60.37 -22.29
C GLY KA 143 -59.03 -60.91 -22.96
N SER KA 144 -59.09 -62.21 -23.26
CA SER KA 144 -57.93 -62.91 -23.79
C SER KA 144 -57.47 -62.33 -25.12
N GLY KA 145 -58.43 -61.93 -25.96
CA GLY KA 145 -58.06 -61.42 -27.28
C GLY KA 145 -57.24 -60.15 -27.22
N ALA KA 146 -57.65 -59.20 -26.36
CA ALA KA 146 -56.96 -57.92 -26.31
C ALA KA 146 -55.89 -57.89 -25.22
N ALA KA 147 -55.87 -58.90 -24.33
CA ALA KA 147 -54.89 -58.91 -23.26
C ALA KA 147 -53.48 -59.00 -23.81
N LYS KA 148 -53.27 -59.84 -24.82
CA LYS KA 148 -51.93 -60.00 -25.40
C LYS KA 148 -51.47 -58.69 -26.04
N GLU KA 149 -52.36 -58.01 -26.75
CA GLU KA 149 -52.00 -56.73 -27.37
C GLU KA 149 -51.70 -55.67 -26.33
N MET KA 150 -52.55 -55.56 -25.30
CA MET KA 150 -52.36 -54.53 -24.28
C MET KA 150 -51.08 -54.78 -23.47
N GLY KA 151 -50.76 -56.06 -23.23
CA GLY KA 151 -49.55 -56.39 -22.52
C GLY KA 151 -48.31 -55.96 -23.28
N VAL KA 152 -48.41 -55.85 -24.60
CA VAL KA 152 -47.26 -55.40 -25.39
C VAL KA 152 -46.87 -53.98 -24.99
N TYR KA 153 -47.86 -53.10 -24.86
CA TYR KA 153 -47.57 -51.71 -24.52
C TYR KA 153 -47.22 -51.56 -23.05
N PHE KA 154 -47.87 -52.35 -22.18
CA PHE KA 154 -47.46 -52.34 -20.78
C PHE KA 154 -46.02 -52.82 -20.61
N ASP KA 155 -45.65 -53.88 -21.34
CA ASP KA 155 -44.29 -54.40 -21.29
C ASP KA 155 -43.30 -53.42 -21.88
N TYR KA 156 -43.70 -52.72 -22.94
CA TYR KA 156 -42.85 -51.68 -23.51
C TYR KA 156 -42.55 -50.61 -22.47
N LEU KA 157 -43.58 -50.18 -21.75
CA LEU KA 157 -43.38 -49.15 -20.72
C LEU KA 157 -42.49 -49.66 -19.59
N SER KA 158 -42.71 -50.91 -19.17
CA SER KA 158 -41.90 -51.50 -18.10
C SER KA 158 -40.44 -51.63 -18.51
N SER KA 159 -40.20 -52.05 -19.75
CA SER KA 159 -38.82 -52.18 -20.23
C SER KA 159 -38.18 -50.81 -20.42
N GLY KA 160 -38.98 -49.81 -20.75
CA GLY KA 160 -38.47 -48.46 -20.84
C GLY KA 160 -38.01 -47.92 -19.50
N LEU KA 161 -38.77 -48.20 -18.45
CA LEU KA 161 -38.30 -47.81 -17.12
C LEU KA 161 -37.15 -48.69 -16.64
N SER KA 162 -37.29 -50.01 -16.79
CA SER KA 162 -36.29 -50.94 -16.29
C SER KA 162 -35.28 -51.29 -17.37
N MET LA 1 -23.78 -8.96 -29.29
CA MET LA 1 -23.13 -8.73 -30.56
C MET LA 1 -22.35 -7.43 -30.54
N GLN LA 2 -21.34 -7.32 -31.40
CA GLN LA 2 -20.51 -6.14 -31.49
C GLN LA 2 -20.36 -5.72 -32.93
N ASP LA 3 -20.44 -4.42 -33.17
CA ASP LA 3 -19.92 -3.85 -34.39
C ASP LA 3 -18.44 -3.48 -34.19
N ALA LA 4 -17.84 -2.95 -35.26
CA ALA LA 4 -16.41 -2.60 -35.19
C ALA LA 4 -16.15 -1.54 -34.13
N ILE LA 5 -17.00 -0.50 -34.09
CA ILE LA 5 -16.82 0.59 -33.14
C ILE LA 5 -16.94 0.08 -31.71
N THR LA 6 -18.01 -0.68 -31.42
CA THR LA 6 -18.19 -1.19 -30.07
C THR LA 6 -17.17 -2.27 -29.75
N SER LA 7 -16.62 -2.93 -30.76
CA SER LA 7 -15.51 -3.84 -30.52
C SER LA 7 -14.30 -3.09 -30.00
N VAL LA 8 -13.94 -1.98 -30.66
CA VAL LA 8 -12.84 -1.16 -30.19
C VAL LA 8 -13.11 -0.61 -28.80
N ILE LA 9 -14.35 -0.14 -28.58
CA ILE LA 9 -14.73 0.38 -27.27
C ILE LA 9 -14.60 -0.68 -26.19
N ASN LA 10 -15.04 -1.90 -26.49
CA ASN LA 10 -14.97 -2.98 -25.50
C ASN LA 10 -13.53 -3.35 -25.18
N THR LA 11 -12.67 -3.44 -26.20
CA THR LA 11 -11.28 -3.75 -25.92
C THR LA 11 -10.63 -2.69 -25.05
N TYR LA 12 -10.87 -1.41 -25.38
CA TYR LA 12 -10.22 -0.36 -24.63
C TYR LA 12 -10.84 -0.17 -23.26
N ASP LA 13 -12.11 -0.55 -23.10
CA ASP LA 13 -12.74 -0.52 -21.78
C ASP LA 13 -12.19 -1.61 -20.88
N VAL LA 14 -12.10 -2.84 -21.38
CA VAL LA 14 -11.57 -3.90 -20.53
C VAL LA 14 -10.09 -3.69 -20.27
N GLN LA 15 -9.39 -2.97 -21.15
CA GLN LA 15 -8.02 -2.61 -20.86
C GLN LA 15 -7.88 -1.33 -20.07
N GLY LA 16 -8.97 -0.58 -19.88
CA GLY LA 16 -8.93 0.67 -19.13
C GLY LA 16 -8.11 1.75 -19.78
N LYS LA 17 -8.11 1.82 -21.10
CA LYS LA 17 -7.29 2.76 -21.84
C LYS LA 17 -8.15 3.72 -22.64
N TYR LA 18 -7.67 4.94 -22.79
CA TYR LA 18 -8.25 5.89 -23.72
C TYR LA 18 -7.83 5.55 -25.14
N PHE LA 19 -8.62 6.03 -26.10
CA PHE LA 19 -8.34 5.76 -27.50
C PHE LA 19 -6.98 6.33 -27.89
N ASP LA 20 -6.12 5.47 -28.43
CA ASP LA 20 -4.83 5.88 -28.94
C ASP LA 20 -4.88 5.98 -30.46
N THR LA 21 -3.71 6.15 -31.07
CA THR LA 21 -3.64 6.28 -32.53
C THR LA 21 -4.17 5.04 -33.23
N SER LA 22 -3.88 3.85 -32.69
CA SER LA 22 -4.34 2.62 -33.32
C SER LA 22 -5.87 2.51 -33.28
N ALA LA 23 -6.47 2.87 -32.16
CA ALA LA 23 -7.93 2.80 -32.05
C ALA LA 23 -8.59 3.76 -33.01
N PHE LA 24 -8.07 4.99 -33.11
CA PHE LA 24 -8.63 5.96 -34.03
C PHE LA 24 -8.43 5.52 -35.47
N ASP LA 25 -7.29 4.89 -35.76
CA ASP LA 25 -7.06 4.34 -37.10
C ASP LA 25 -8.11 3.30 -37.45
N LYS LA 26 -8.40 2.39 -36.53
CA LYS LA 26 -9.40 1.36 -36.79
C LYS LA 26 -10.79 1.96 -36.96
N LEU LA 27 -11.13 2.95 -36.13
CA LEU LA 27 -12.43 3.60 -36.26
C LEU LA 27 -12.56 4.32 -37.59
N LYS LA 28 -11.49 4.99 -38.03
CA LYS LA 28 -11.47 5.64 -39.33
C LYS LA 28 -11.62 4.63 -40.46
N ALA LA 29 -10.94 3.49 -40.33
CA ALA LA 29 -11.05 2.44 -41.35
C ALA LA 29 -12.48 1.92 -41.45
N TYR LA 30 -13.17 1.80 -40.31
CA TYR LA 30 -14.57 1.39 -40.36
C TYR LA 30 -15.45 2.47 -40.99
N TYR LA 31 -15.21 3.73 -40.64
CA TYR LA 31 -16.04 4.81 -41.18
C TYR LA 31 -15.83 4.97 -42.68
N ALA LA 32 -14.64 4.67 -43.18
CA ALA LA 32 -14.36 4.81 -44.60
C ALA LA 32 -15.16 3.81 -45.42
N THR LA 33 -15.37 2.61 -44.89
CA THR LA 33 -16.07 1.56 -45.60
C THR LA 33 -17.56 1.54 -45.36
N GLY LA 34 -18.08 2.46 -44.55
CA GLY LA 34 -19.50 2.42 -44.19
C GLY LA 34 -20.41 2.66 -45.37
N GLU LA 35 -20.01 3.53 -46.29
CA GLU LA 35 -20.80 3.78 -47.49
C GLU LA 35 -20.95 2.51 -48.33
N LEU LA 36 -19.83 1.84 -48.58
CA LEU LA 36 -19.83 0.55 -49.25
C LEU LA 36 -20.74 -0.44 -48.55
N ARG LA 37 -20.62 -0.52 -47.21
CA ARG LA 37 -21.41 -1.48 -46.46
C ARG LA 37 -22.89 -1.21 -46.57
N VAL LA 38 -23.29 0.07 -46.52
CA VAL LA 38 -24.70 0.42 -46.57
C VAL LA 38 -25.28 0.12 -47.95
N ARG LA 39 -24.54 0.45 -49.01
CA ARG LA 39 -25.04 0.13 -50.36
C ARG LA 39 -25.13 -1.37 -50.58
N ALA LA 40 -24.15 -2.14 -50.11
CA ALA LA 40 -24.24 -3.59 -50.23
C ALA LA 40 -25.43 -4.12 -49.46
N ALA LA 41 -25.67 -3.60 -48.26
CA ALA LA 41 -26.81 -4.06 -47.46
C ALA LA 41 -28.13 -3.76 -48.16
N GLY LA 42 -28.28 -2.55 -48.68
CA GLY LA 42 -29.51 -2.21 -49.38
C GLY LA 42 -29.74 -3.06 -50.61
N THR LA 43 -28.69 -3.28 -51.40
CA THR LA 43 -28.81 -4.12 -52.58
C THR LA 43 -29.19 -5.55 -52.22
N ILE LA 44 -28.56 -6.10 -51.18
CA ILE LA 44 -28.88 -7.47 -50.78
C ILE LA 44 -30.31 -7.56 -50.30
N SER LA 45 -30.75 -6.59 -49.49
CA SER LA 45 -32.11 -6.59 -48.99
C SER LA 45 -33.12 -6.47 -50.12
N ALA LA 46 -32.77 -5.76 -51.20
CA ALA LA 46 -33.69 -5.64 -52.32
C ALA LA 46 -33.72 -6.92 -53.15
N ASN LA 47 -32.63 -7.68 -53.15
CA ASN LA 47 -32.50 -8.86 -54.00
C ASN LA 47 -32.42 -10.15 -53.21
N ALA LA 48 -32.82 -10.13 -51.94
CA ALA LA 48 -32.64 -11.30 -51.07
C ALA LA 48 -33.40 -12.51 -51.61
N ALA LA 49 -34.65 -12.31 -52.02
CA ALA LA 49 -35.42 -13.41 -52.60
C ALA LA 49 -34.72 -13.98 -53.82
N THR LA 50 -34.16 -13.11 -54.67
CA THR LA 50 -33.44 -13.56 -55.86
C THR LA 50 -32.17 -14.31 -55.50
N ILE LA 51 -31.43 -13.85 -54.50
CA ILE LA 51 -30.21 -14.54 -54.09
C ILE LA 51 -30.53 -15.93 -53.60
N ILE LA 52 -31.50 -16.06 -52.69
CA ILE LA 52 -31.89 -17.36 -52.19
C ILE LA 52 -32.41 -18.23 -53.34
N LYS LA 53 -33.18 -17.63 -54.24
CA LYS LA 53 -33.64 -18.29 -55.44
C LYS LA 53 -32.50 -19.02 -56.14
N GLU LA 54 -31.52 -18.25 -56.62
CA GLU LA 54 -30.44 -18.81 -57.41
C GLU LA 54 -29.57 -19.77 -56.61
N ALA LA 55 -29.29 -19.43 -55.35
CA ALA LA 55 -28.41 -20.28 -54.55
C ALA LA 55 -29.05 -21.63 -54.26
N SER LA 56 -30.34 -21.65 -53.92
CA SER LA 56 -31.01 -22.92 -53.73
C SER LA 56 -31.08 -23.71 -55.03
N ALA LA 57 -31.27 -23.01 -56.15
CA ALA LA 57 -31.25 -23.72 -57.44
C ALA LA 57 -29.90 -24.36 -57.69
N LYS LA 58 -28.82 -23.66 -57.39
CA LYS LA 58 -27.48 -24.22 -57.58
C LYS LA 58 -27.24 -25.39 -56.65
N LEU LA 59 -27.62 -25.27 -55.38
CA LEU LA 59 -27.40 -26.34 -54.42
C LEU LA 59 -28.19 -27.60 -54.79
N PHE LA 60 -29.41 -27.43 -55.28
CA PHE LA 60 -30.24 -28.60 -55.57
C PHE LA 60 -29.96 -29.13 -56.96
N SER LA 61 -29.29 -28.35 -57.81
CA SER LA 61 -28.77 -28.89 -59.05
C SER LA 61 -27.52 -29.73 -58.79
N ASN LA 62 -26.65 -29.25 -57.91
CA ASN LA 62 -25.42 -29.99 -57.64
C ASN LA 62 -25.69 -31.21 -56.77
N GLN LA 63 -26.73 -31.16 -55.95
CA GLN LA 63 -27.09 -32.28 -55.06
C GLN LA 63 -28.56 -32.60 -55.26
N PRO LA 64 -28.90 -33.29 -56.35
CA PRO LA 64 -30.32 -33.59 -56.61
C PRO LA 64 -30.96 -34.46 -55.57
N ASP LA 65 -30.17 -35.23 -54.80
CA ASP LA 65 -30.73 -36.17 -53.84
C ASP LA 65 -31.39 -35.47 -52.66
N LEU LA 66 -31.03 -34.21 -52.40
CA LEU LA 66 -31.56 -33.51 -51.24
C LEU LA 66 -33.07 -33.31 -51.33
N VAL LA 67 -33.58 -33.00 -52.54
CA VAL LA 67 -35.00 -32.75 -52.70
C VAL LA 67 -35.79 -33.95 -53.22
N ARG LA 68 -35.11 -35.02 -53.62
CA ARG LA 68 -35.80 -36.25 -53.97
C ARG LA 68 -36.09 -37.07 -52.71
N PRO LA 69 -37.05 -37.99 -52.77
CA PRO LA 69 -37.42 -38.74 -51.57
C PRO LA 69 -36.22 -39.44 -50.94
N GLY LA 70 -36.17 -39.40 -49.61
CA GLY LA 70 -35.00 -39.83 -48.88
C GLY LA 70 -33.99 -38.74 -48.60
N GLY LA 71 -34.22 -37.52 -49.09
CA GLY LA 71 -33.33 -36.41 -48.82
C GLY LA 71 -33.83 -35.57 -47.67
N ASN LA 72 -32.94 -34.86 -46.99
CA ASN LA 72 -33.37 -34.05 -45.85
C ASN LA 72 -34.23 -32.89 -46.29
N ALA LA 73 -34.13 -32.49 -47.56
CA ALA LA 73 -34.95 -31.40 -48.08
C ALA LA 73 -36.15 -31.92 -48.87
N TYR LA 74 -36.45 -33.21 -48.83
CA TYR LA 74 -37.64 -33.72 -49.48
C TYR LA 74 -38.84 -33.64 -48.54
N THR LA 75 -39.59 -32.55 -48.70
CA THR LA 75 -41.02 -32.35 -48.47
C THR LA 75 -41.24 -30.88 -48.76
N THR LA 76 -42.48 -30.42 -48.85
CA THR LA 76 -42.68 -28.98 -48.91
C THR LA 76 -42.26 -28.33 -47.61
N ARG LA 77 -42.53 -28.99 -46.49
CA ARG LA 77 -42.16 -28.46 -45.18
C ARG LA 77 -40.64 -28.39 -45.03
N ARG LA 78 -39.92 -29.44 -45.43
CA ARG LA 78 -38.49 -29.46 -45.21
C ARG LA 78 -37.76 -28.62 -46.25
N TYR LA 79 -38.27 -28.57 -47.48
CA TYR LA 79 -37.74 -27.64 -48.46
C TYR LA 79 -37.91 -26.20 -47.98
N ALA LA 80 -39.09 -25.87 -47.46
CA ALA LA 80 -39.33 -24.54 -46.94
C ALA LA 80 -38.40 -24.23 -45.77
N ALA LA 81 -38.17 -25.21 -44.90
CA ALA LA 81 -37.25 -25.01 -43.79
C ALA LA 81 -35.84 -24.75 -44.30
N CYS LA 82 -35.41 -25.48 -45.34
CA CYS LA 82 -34.09 -25.27 -45.92
C CYS LA 82 -33.93 -23.88 -46.51
N VAL LA 83 -34.89 -23.43 -47.32
CA VAL LA 83 -34.75 -22.11 -47.91
C VAL LA 83 -34.90 -21.02 -46.85
N ARG LA 84 -35.67 -21.30 -45.81
CA ARG LA 84 -35.74 -20.41 -44.66
C ARG LA 84 -34.39 -20.29 -43.98
N ASP LA 85 -33.67 -21.40 -43.86
CA ASP LA 85 -32.32 -21.36 -43.30
C ASP LA 85 -31.38 -20.54 -44.17
N MET LA 86 -31.50 -20.68 -45.49
CA MET LA 86 -30.66 -19.88 -46.37
C MET LA 86 -30.98 -18.40 -46.25
N ASP LA 87 -32.25 -18.07 -46.04
CA ASP LA 87 -32.64 -16.70 -45.74
C ASP LA 87 -32.01 -16.23 -44.43
N TYR LA 88 -32.01 -17.10 -43.41
CA TYR LA 88 -31.30 -16.80 -42.17
C TYR LA 88 -29.85 -16.44 -42.43
N PHE LA 89 -29.14 -17.28 -43.18
CA PHE LA 89 -27.72 -17.06 -43.38
C PHE LA 89 -27.47 -15.78 -44.16
N LEU LA 90 -28.28 -15.51 -45.18
CA LEU LA 90 -28.11 -14.28 -45.94
C LEU LA 90 -28.38 -13.06 -45.08
N ARG LA 91 -29.45 -13.07 -44.30
CA ARG LA 91 -29.81 -11.92 -43.48
C ARG LA 91 -28.75 -11.66 -42.41
N TYR LA 92 -28.26 -12.71 -41.77
CA TYR LA 92 -27.31 -12.50 -40.69
C TYR LA 92 -25.93 -12.16 -41.23
N ALA LA 93 -25.58 -12.67 -42.42
CA ALA LA 93 -24.34 -12.24 -43.05
C ALA LA 93 -24.42 -10.78 -43.45
N THR LA 94 -25.59 -10.30 -43.85
CA THR LA 94 -25.76 -8.88 -44.12
C THR LA 94 -25.66 -8.05 -42.84
N TYR LA 95 -26.23 -8.56 -41.74
CA TYR LA 95 -26.04 -7.89 -40.45
C TYR LA 95 -24.57 -7.78 -40.09
N ALA LA 96 -23.84 -8.90 -40.21
CA ALA LA 96 -22.43 -8.90 -39.82
C ALA LA 96 -21.60 -8.04 -40.76
N MET LA 97 -22.05 -7.90 -42.01
CA MET LA 97 -21.37 -7.04 -42.97
C MET LA 97 -21.59 -5.57 -42.62
N LEU LA 98 -22.81 -5.21 -42.24
CA LEU LA 98 -23.06 -3.85 -41.78
C LEU LA 98 -22.28 -3.54 -40.50
N ALA LA 99 -22.25 -4.49 -39.56
CA ALA LA 99 -21.58 -4.26 -38.29
C ALA LA 99 -20.06 -4.27 -38.46
N GLY LA 100 -19.58 -4.91 -39.50
CA GLY LA 100 -18.16 -5.10 -39.68
C GLY LA 100 -17.50 -6.01 -38.66
N ASP LA 101 -18.20 -7.03 -38.18
CA ASP LA 101 -17.69 -7.90 -37.12
C ASP LA 101 -18.51 -9.18 -37.13
N THR LA 102 -17.81 -10.32 -37.02
CA THR LA 102 -18.41 -11.64 -37.01
C THR LA 102 -19.06 -11.99 -35.68
N SER LA 103 -19.10 -11.06 -34.73
CA SER LA 103 -19.56 -11.38 -33.38
C SER LA 103 -21.02 -11.81 -33.38
N ILE LA 104 -21.86 -11.12 -34.15
CA ILE LA 104 -23.28 -11.46 -34.17
C ILE LA 104 -23.48 -12.86 -34.73
N LEU LA 105 -22.60 -13.31 -35.61
CA LEU LA 105 -22.72 -14.66 -36.13
C LEU LA 105 -22.58 -15.69 -35.03
N ASP LA 106 -21.51 -15.61 -34.24
CA ASP LA 106 -21.34 -16.53 -33.13
C ASP LA 106 -22.48 -16.41 -32.14
N GLU LA 107 -22.91 -15.18 -31.85
CA GLU LA 107 -23.91 -15.00 -30.81
C GLU LA 107 -25.29 -15.55 -31.23
N ARG LA 108 -25.69 -15.31 -32.48
CA ARG LA 108 -27.09 -15.49 -32.86
C ARG LA 108 -27.31 -16.49 -34.00
N VAL LA 109 -26.28 -17.13 -34.53
CA VAL LA 109 -26.43 -18.07 -35.63
C VAL LA 109 -25.77 -19.41 -35.32
N LEU LA 110 -24.50 -19.38 -34.92
CA LEU LA 110 -23.74 -20.60 -34.78
C LEU LA 110 -23.95 -21.23 -33.41
N ASN LA 111 -24.56 -20.51 -32.48
CA ASN LA 111 -24.76 -21.03 -31.14
C ASN LA 111 -25.74 -22.19 -31.16
N GLY LA 112 -25.23 -23.40 -30.95
CA GLY LA 112 -26.05 -24.58 -30.98
C GLY LA 112 -26.49 -25.05 -32.36
N LEU LA 113 -25.85 -24.56 -33.43
CA LEU LA 113 -26.31 -24.91 -34.77
C LEU LA 113 -25.81 -26.27 -35.21
N LYS LA 114 -24.55 -26.59 -34.94
CA LYS LA 114 -23.98 -27.86 -35.39
C LYS LA 114 -24.74 -29.04 -34.78
N GLU LA 115 -24.97 -28.99 -33.48
CA GLU LA 115 -25.67 -30.06 -32.79
C GLU LA 115 -27.18 -30.02 -33.03
N THR LA 116 -27.76 -28.85 -33.28
CA THR LA 116 -29.15 -28.84 -33.75
C THR LA 116 -29.29 -29.55 -35.09
N TYR LA 117 -28.40 -29.26 -36.03
CA TYR LA 117 -28.42 -29.93 -37.32
C TYR LA 117 -28.19 -31.43 -37.15
N ASN LA 118 -27.27 -31.81 -36.26
CA ASN LA 118 -27.02 -33.22 -36.02
C ASN LA 118 -28.24 -33.92 -35.44
N SER LA 119 -28.92 -33.28 -34.50
CA SER LA 119 -30.13 -33.86 -33.91
C SER LA 119 -31.24 -33.98 -34.95
N LEU LA 120 -31.39 -32.98 -35.81
CA LEU LA 120 -32.42 -32.99 -36.83
C LEU LA 120 -32.10 -33.91 -38.00
N GLY LA 121 -30.82 -34.17 -38.26
CA GLY LA 121 -30.42 -34.88 -39.45
C GLY LA 121 -30.10 -34.01 -40.64
N VAL LA 122 -29.95 -32.70 -40.45
CA VAL LA 122 -29.55 -31.81 -41.55
C VAL LA 122 -28.09 -32.06 -41.90
N PRO LA 123 -27.76 -32.33 -43.16
CA PRO LA 123 -26.36 -32.53 -43.55
C PRO LA 123 -25.61 -31.20 -43.57
N ILE LA 124 -24.57 -31.10 -42.73
CA ILE LA 124 -23.87 -29.85 -42.53
C ILE LA 124 -23.04 -29.48 -43.77
N SER LA 125 -22.45 -30.47 -44.43
CA SER LA 125 -21.65 -30.19 -45.62
C SER LA 125 -22.51 -29.61 -46.73
N SER LA 126 -23.72 -30.13 -46.91
CA SER LA 126 -24.63 -29.59 -47.91
C SER LA 126 -25.03 -28.16 -47.56
N THR LA 127 -25.22 -27.88 -46.27
CA THR LA 127 -25.51 -26.52 -45.84
C THR LA 127 -24.35 -25.59 -46.15
N VAL LA 128 -23.12 -26.05 -45.95
CA VAL LA 128 -21.95 -25.26 -46.30
C VAL LA 128 -21.91 -24.99 -47.81
N GLN LA 129 -22.27 -25.99 -48.61
CA GLN LA 129 -22.33 -25.78 -50.05
C GLN LA 129 -23.38 -24.74 -50.43
N GLY LA 130 -24.53 -24.77 -49.75
CA GLY LA 130 -25.54 -23.75 -49.99
C GLY LA 130 -25.07 -22.36 -49.60
N ILE LA 131 -24.34 -22.26 -48.48
CA ILE LA 131 -23.78 -20.98 -48.07
C ILE LA 131 -22.78 -20.48 -49.12
N GLN LA 132 -21.99 -21.39 -49.70
CA GLN LA 132 -21.05 -21.02 -50.74
C GLN LA 132 -21.79 -20.54 -51.99
N ALA LA 133 -22.90 -21.19 -52.34
CA ALA LA 133 -23.70 -20.75 -53.46
C ALA LA 133 -24.26 -19.34 -53.24
N MET LA 134 -24.76 -19.08 -52.02
CA MET LA 134 -25.19 -17.72 -51.70
C MET LA 134 -24.03 -16.74 -51.78
N LYS LA 135 -22.84 -17.15 -51.35
CA LYS LA 135 -21.67 -16.30 -51.50
C LYS LA 135 -21.46 -15.91 -52.95
N GLU LA 136 -21.53 -16.88 -53.86
CA GLU LA 136 -21.30 -16.61 -55.26
C GLU LA 136 -22.36 -15.66 -55.83
N VAL LA 137 -23.63 -15.91 -55.52
CA VAL LA 137 -24.70 -15.06 -56.06
C VAL LA 137 -24.60 -13.65 -55.51
N THR LA 138 -24.42 -13.50 -54.20
CA THR LA 138 -24.29 -12.18 -53.59
C THR LA 138 -23.09 -11.43 -54.16
N GLY LA 139 -21.95 -12.10 -54.28
CA GLY LA 139 -20.78 -11.46 -54.83
C GLY LA 139 -20.99 -11.00 -56.26
N SER LA 140 -21.74 -11.78 -57.05
CA SER LA 140 -22.06 -11.33 -58.39
C SER LA 140 -22.92 -10.08 -58.36
N LEU LA 141 -23.89 -10.02 -57.45
CA LEU LA 141 -24.84 -8.90 -57.48
C LEU LA 141 -24.25 -7.61 -56.95
N VAL LA 142 -23.49 -7.65 -55.84
CA VAL LA 142 -23.17 -6.40 -55.14
C VAL LA 142 -21.85 -5.77 -55.59
N GLY LA 143 -21.10 -6.40 -56.48
CA GLY LA 143 -19.85 -5.85 -56.93
C GLY LA 143 -18.67 -6.31 -56.09
N SER LA 144 -17.48 -6.23 -56.70
CA SER LA 144 -16.30 -6.88 -56.15
C SER LA 144 -15.93 -6.35 -54.77
N GLY LA 145 -15.95 -5.04 -54.59
CA GLY LA 145 -15.55 -4.46 -53.31
C GLY LA 145 -16.42 -4.95 -52.18
N ALA LA 146 -17.74 -4.98 -52.39
CA ALA LA 146 -18.62 -5.57 -51.41
C ALA LA 146 -18.58 -7.09 -51.46
N ALA LA 147 -18.22 -7.66 -52.62
CA ALA LA 147 -18.19 -9.12 -52.76
C ALA LA 147 -17.19 -9.75 -51.82
N LYS LA 148 -15.97 -9.22 -51.78
CA LYS LA 148 -14.95 -9.80 -50.91
C LYS LA 148 -15.35 -9.69 -49.43
N GLU LA 149 -15.93 -8.55 -49.06
CA GLU LA 149 -16.22 -8.30 -47.66
C GLU LA 149 -17.50 -9.00 -47.20
N MET LA 150 -18.37 -9.37 -48.14
CA MET LA 150 -19.44 -10.32 -47.82
C MET LA 150 -18.91 -11.75 -47.76
N GLY LA 151 -17.95 -12.06 -48.62
CA GLY LA 151 -17.38 -13.40 -48.61
C GLY LA 151 -16.66 -13.70 -47.32
N VAL LA 152 -16.10 -12.69 -46.68
CA VAL LA 152 -15.49 -12.89 -45.37
C VAL LA 152 -16.49 -13.51 -44.39
N TYR LA 153 -17.69 -12.95 -44.30
CA TYR LA 153 -18.67 -13.45 -43.34
C TYR LA 153 -19.30 -14.76 -43.82
N PHE LA 154 -19.42 -14.95 -45.14
CA PHE LA 154 -19.89 -16.24 -45.63
C PHE LA 154 -18.91 -17.35 -45.28
N ASP LA 155 -17.60 -17.09 -45.44
CA ASP LA 155 -16.59 -18.05 -45.00
C ASP LA 155 -16.65 -18.25 -43.49
N TYR LA 156 -16.90 -17.19 -42.74
CA TYR LA 156 -17.00 -17.35 -41.29
C TYR LA 156 -18.11 -18.31 -40.92
N LEU LA 157 -19.28 -18.14 -41.55
CA LEU LA 157 -20.39 -19.05 -41.29
C LEU LA 157 -20.06 -20.47 -41.73
N SER LA 158 -19.42 -20.63 -42.90
CA SER LA 158 -19.08 -21.95 -43.39
C SER LA 158 -18.10 -22.66 -42.45
N SER LA 159 -17.06 -21.95 -42.02
CA SER LA 159 -16.09 -22.54 -41.11
C SER LA 159 -16.71 -22.85 -39.76
N GLY LA 160 -17.63 -22.00 -39.30
CA GLY LA 160 -18.32 -22.29 -38.07
C GLY LA 160 -19.17 -23.54 -38.15
N LEU LA 161 -19.84 -23.74 -39.28
CA LEU LA 161 -20.60 -24.97 -39.47
C LEU LA 161 -19.70 -26.16 -39.74
N SER LA 162 -18.67 -25.98 -40.57
CA SER LA 162 -17.73 -27.06 -40.88
C SER LA 162 -16.92 -27.46 -39.66
N THR MA 2 -73.80 -17.89 -23.69
CA THR MA 2 -73.08 -16.88 -22.92
C THR MA 2 -71.73 -16.62 -23.59
N ARG MA 3 -70.68 -17.19 -22.99
CA ARG MA 3 -69.42 -17.46 -23.68
C ARG MA 3 -68.56 -16.21 -23.92
N LEU MA 4 -69.09 -15.01 -23.72
CA LEU MA 4 -68.25 -13.81 -23.79
C LEU MA 4 -68.80 -12.70 -22.91
N PHE MA 5 -67.92 -12.07 -22.14
CA PHE MA 5 -68.18 -10.82 -21.44
C PHE MA 5 -67.36 -9.71 -22.09
N LYS MA 6 -67.89 -8.49 -22.08
CA LYS MA 6 -67.14 -7.31 -22.49
C LYS MA 6 -66.92 -6.44 -21.25
N VAL MA 7 -65.67 -6.31 -20.83
CA VAL MA 7 -65.33 -5.77 -19.52
C VAL MA 7 -64.68 -4.41 -19.67
N THR MA 8 -65.15 -3.43 -18.91
CA THR MA 8 -64.55 -2.11 -18.84
C THR MA 8 -64.14 -1.83 -17.39
N ALA MA 9 -62.83 -1.83 -17.13
CA ALA MA 9 -62.32 -1.68 -15.78
C ALA MA 9 -61.13 -0.73 -15.75
N LEU MA 10 -61.03 0.04 -14.67
CA LEU MA 10 -59.86 0.86 -14.39
C LEU MA 10 -58.99 0.12 -13.38
N ILE MA 11 -57.69 0.07 -13.64
CA ILE MA 11 -56.72 -0.54 -12.74
C ILE MA 11 -55.72 0.52 -12.33
N PRO MA 12 -55.89 1.15 -11.16
CA PRO MA 12 -54.94 2.17 -10.71
C PRO MA 12 -53.61 1.58 -10.30
N SER MA 13 -52.59 2.43 -10.13
CA SER MA 13 -51.28 2.01 -9.69
C SER MA 13 -51.02 2.56 -8.29
N TYR MA 14 -50.59 1.68 -7.39
CA TYR MA 14 -50.32 2.08 -6.02
C TYR MA 14 -48.91 1.69 -5.59
N LYS MA 15 -48.34 0.67 -6.24
CA LYS MA 15 -47.03 0.18 -5.83
C LYS MA 15 -45.93 1.12 -6.27
N LYS MA 16 -46.04 1.71 -7.46
CA LYS MA 16 -44.99 2.57 -7.99
C LYS MA 16 -45.56 3.50 -9.04
N VAL MA 17 -44.84 4.59 -9.27
CA VAL MA 17 -45.11 5.50 -10.38
C VAL MA 17 -44.19 5.09 -11.53
N ARG MA 18 -44.77 4.64 -12.63
CA ARG MA 18 -44.02 3.95 -13.67
C ARG MA 18 -43.43 4.93 -14.68
N GLY MA 19 -42.19 4.66 -15.10
CA GLY MA 19 -41.53 5.52 -16.05
C GLY MA 19 -42.19 5.50 -17.43
N GLY MA 20 -42.61 4.32 -17.87
CA GLY MA 20 -43.40 4.23 -19.08
C GLY MA 20 -44.77 4.85 -18.92
N ARG MA 21 -45.44 5.09 -20.05
CA ARG MA 21 -46.73 5.79 -20.00
C ARG MA 21 -47.77 5.00 -19.22
N GLU MA 22 -47.89 3.70 -19.50
CA GLU MA 22 -48.89 2.79 -18.94
C GLU MA 22 -50.32 3.12 -19.34
N LEU MA 23 -50.52 4.19 -20.10
CA LEU MA 23 -51.88 4.48 -20.59
C LEU MA 23 -52.27 3.61 -21.77
N GLN MA 24 -51.53 2.53 -21.98
CA GLN MA 24 -52.14 1.30 -22.47
C GLN MA 24 -53.06 0.68 -21.42
N ASN MA 25 -52.56 0.45 -20.20
CA ASN MA 25 -53.14 -0.53 -19.29
C ASN MA 25 -54.02 0.04 -18.19
N THR MA 26 -54.26 1.35 -18.13
CA THR MA 26 -55.02 1.87 -16.99
C THR MA 26 -56.53 1.75 -17.22
N TYR MA 27 -57.04 2.41 -18.26
CA TYR MA 27 -58.45 2.37 -18.60
C TYR MA 27 -58.62 1.60 -19.90
N PHE MA 28 -59.48 0.60 -19.89
CA PHE MA 28 -59.56 -0.31 -21.02
C PHE MA 28 -60.94 -0.95 -21.11
N THR MA 29 -61.24 -1.46 -22.30
CA THR MA 29 -62.41 -2.31 -22.54
C THR MA 29 -61.93 -3.57 -23.26
N LYS MA 30 -62.28 -4.73 -22.71
CA LYS MA 30 -61.72 -5.98 -23.18
C LYS MA 30 -62.82 -7.03 -23.29
N LEU MA 31 -62.63 -7.96 -24.21
CA LEU MA 31 -63.54 -9.09 -24.41
C LEU MA 31 -62.92 -10.30 -23.73
N VAL MA 32 -63.65 -10.90 -22.79
CA VAL MA 32 -63.16 -12.03 -22.01
C VAL MA 32 -64.20 -13.15 -22.12
N GLU MA 33 -63.73 -14.37 -22.34
CA GLU MA 33 -64.63 -15.50 -22.52
C GLU MA 33 -65.21 -15.91 -21.17
N TYR MA 34 -66.33 -16.64 -21.19
CA TYR MA 34 -67.11 -16.85 -19.98
C TYR MA 34 -66.32 -17.57 -18.90
N ASP MA 35 -65.65 -18.67 -19.24
CA ASP MA 35 -65.02 -19.42 -18.16
C ASP MA 35 -63.81 -18.71 -17.61
N ARG MA 36 -63.49 -17.55 -18.16
CA ARG MA 36 -62.28 -16.82 -17.85
C ARG MA 36 -62.57 -15.75 -16.81
N TRP MA 37 -63.85 -15.36 -16.72
CA TRP MA 37 -64.25 -14.11 -16.09
C TRP MA 37 -64.14 -14.16 -14.57
N PHE MA 38 -64.43 -15.31 -13.96
CA PHE MA 38 -64.29 -15.37 -12.50
C PHE MA 38 -62.86 -15.05 -12.09
N ALA MA 39 -61.90 -15.74 -12.70
CA ALA MA 39 -60.50 -15.50 -12.40
C ALA MA 39 -60.07 -14.09 -12.80
N GLU MA 40 -60.55 -13.62 -13.94
CA GLU MA 40 -60.16 -12.29 -14.41
C GLU MA 40 -60.66 -11.21 -13.46
N GLN MA 41 -61.95 -11.24 -13.14
CA GLN MA 41 -62.54 -10.31 -12.19
C GLN MA 41 -61.85 -10.38 -10.84
N GLN MA 42 -61.51 -11.59 -10.40
CA GLN MA 42 -60.75 -11.74 -9.17
C GLN MA 42 -59.43 -11.00 -9.26
N ARG MA 43 -58.76 -11.11 -10.41
CA ARG MA 43 -57.49 -10.42 -10.57
C ARG MA 43 -57.66 -8.91 -10.50
N ILE MA 44 -58.56 -8.34 -11.31
CA ILE MA 44 -58.75 -6.88 -11.26
C ILE MA 44 -59.15 -6.43 -9.86
N GLN MA 45 -59.94 -7.23 -9.15
CA GLN MA 45 -60.24 -6.88 -7.76
C GLN MA 45 -59.00 -6.89 -6.89
N LYS MA 46 -58.09 -7.84 -7.10
CA LYS MA 46 -56.88 -7.93 -6.26
C LYS MA 46 -55.92 -6.76 -6.47
N GLN MA 47 -55.69 -6.31 -7.71
CA GLN MA 47 -54.88 -5.12 -7.89
C GLN MA 47 -55.64 -3.83 -7.62
N GLY MA 48 -56.81 -3.93 -6.98
CA GLY MA 48 -57.51 -2.74 -6.52
C GLY MA 48 -58.31 -2.03 -7.58
N GLY MA 49 -58.52 -2.63 -8.74
CA GLY MA 49 -59.25 -1.98 -9.80
C GLY MA 49 -60.74 -1.88 -9.51
N LYS MA 50 -61.39 -1.00 -10.27
CA LYS MA 50 -62.84 -0.82 -10.20
C LYS MA 50 -63.44 -1.35 -11.49
N ILE MA 51 -64.39 -2.27 -11.37
CA ILE MA 51 -65.13 -2.77 -12.52
C ILE MA 51 -66.24 -1.78 -12.83
N LEU MA 52 -66.13 -1.10 -13.98
CA LEU MA 52 -67.12 -0.08 -14.33
C LEU MA 52 -68.36 -0.69 -14.97
N SER MA 53 -68.19 -1.69 -15.83
CA SER MA 53 -69.31 -2.41 -16.41
C SER MA 53 -68.80 -3.67 -17.08
N VAL MA 54 -69.68 -4.67 -17.17
CA VAL MA 54 -69.47 -5.83 -18.03
C VAL MA 54 -70.80 -6.14 -18.70
N LYS MA 55 -70.76 -6.59 -19.94
CA LYS MA 55 -71.97 -6.85 -20.69
C LYS MA 55 -71.91 -8.22 -21.35
N MET MA 56 -73.08 -8.82 -21.49
CA MET MA 56 -73.26 -9.93 -22.42
C MET MA 56 -73.10 -9.42 -23.85
N VAL MA 57 -72.33 -10.14 -24.66
CA VAL MA 57 -72.19 -9.78 -26.06
C VAL MA 57 -72.52 -10.97 -26.96
N ALA MA 58 -71.88 -12.11 -26.73
CA ALA MA 58 -71.96 -13.23 -27.66
C ALA MA 58 -73.22 -14.08 -27.45
N GLY MA 59 -73.34 -14.70 -26.28
CA GLY MA 59 -74.38 -15.68 -26.05
C GLY MA 59 -75.59 -15.12 -25.34
N LYS MA 60 -76.47 -16.03 -24.94
CA LYS MA 60 -77.72 -15.68 -24.28
C LYS MA 60 -77.75 -16.29 -22.88
N PRO MA 61 -78.15 -15.52 -21.87
CA PRO MA 61 -78.15 -16.06 -20.50
C PRO MA 61 -79.16 -17.19 -20.34
N GLY MA 62 -78.85 -18.12 -19.44
CA GLY MA 62 -79.73 -19.21 -19.11
C GLY MA 62 -79.64 -20.43 -20.00
N LEU MA 63 -78.75 -20.43 -20.98
CA LEU MA 63 -78.58 -21.59 -21.84
C LEU MA 63 -78.05 -22.77 -21.05
N ASN MA 64 -78.56 -23.96 -21.34
CA ASN MA 64 -78.14 -25.17 -20.65
C ASN MA 64 -77.04 -25.91 -21.39
N THR MA 65 -77.11 -25.97 -22.71
CA THR MA 65 -76.00 -26.45 -23.55
C THR MA 65 -75.63 -25.36 -24.55
N GLY MA 66 -74.67 -25.68 -25.41
CA GLY MA 66 -74.18 -24.69 -26.34
C GLY MA 66 -73.38 -23.57 -25.73
N VAL MA 67 -72.87 -23.77 -24.51
CA VAL MA 67 -72.07 -22.76 -23.83
C VAL MA 67 -70.59 -23.13 -23.93
N SER NA 2 -8.60 -64.48 84.72
CA SER NA 2 -7.32 -63.84 84.94
C SER NA 2 -6.32 -64.27 83.87
N VAL NA 3 -5.10 -63.75 83.96
CA VAL NA 3 -4.05 -64.19 83.04
C VAL NA 3 -3.80 -65.68 83.21
N VAL NA 4 -3.75 -66.14 84.46
CA VAL NA 4 -3.53 -67.56 84.74
C VAL NA 4 -4.68 -68.39 84.20
N THR NA 5 -5.91 -67.94 84.40
CA THR NA 5 -7.07 -68.68 83.91
C THR NA 5 -7.04 -68.82 82.40
N LYS NA 6 -6.79 -67.73 81.68
CA LYS NA 6 -6.77 -67.80 80.22
C LYS NA 6 -5.63 -68.68 79.72
N ALA NA 7 -4.46 -68.55 80.35
CA ALA NA 7 -3.32 -69.38 79.93
C ALA NA 7 -3.61 -70.86 80.17
N ILE NA 8 -4.24 -71.19 81.29
CA ILE NA 8 -4.53 -72.59 81.60
C ILE NA 8 -5.60 -73.12 80.66
N VAL NA 9 -6.63 -72.32 80.37
CA VAL NA 9 -7.66 -72.77 79.44
C VAL NA 9 -7.08 -73.00 78.06
N SER NA 10 -6.21 -72.09 77.61
CA SER NA 10 -5.58 -72.26 76.30
C SER NA 10 -4.70 -73.50 76.27
N ALA NA 11 -3.94 -73.75 77.33
CA ALA NA 11 -3.11 -74.95 77.37
C ALA NA 11 -3.98 -76.21 77.36
N ASP NA 12 -5.05 -76.21 78.14
CA ASP NA 12 -5.95 -77.36 78.20
C ASP NA 12 -6.69 -77.54 76.88
N ALA NA 13 -6.76 -76.50 76.05
CA ALA NA 13 -7.41 -76.64 74.75
C ALA NA 13 -6.67 -77.63 73.85
N GLU NA 14 -5.34 -77.56 73.81
CA GLU NA 14 -4.55 -78.54 73.08
C GLU NA 14 -4.17 -79.75 73.93
N ALA NA 15 -4.67 -79.84 75.16
CA ALA NA 15 -4.37 -80.95 76.05
C ALA NA 15 -2.86 -81.11 76.23
N ARG NA 16 -2.23 -80.03 76.70
CA ARG NA 16 -0.79 -79.96 76.83
C ARG NA 16 -0.45 -79.10 78.04
N TYR NA 17 0.78 -79.27 78.52
CA TYR NA 17 1.30 -78.38 79.56
C TYR NA 17 1.56 -77.00 78.97
N LEU NA 18 1.69 -76.01 79.85
CA LEU NA 18 1.93 -74.65 79.40
C LEU NA 18 3.29 -74.55 78.72
N SER NA 19 3.33 -73.81 77.62
CA SER NA 19 4.57 -73.57 76.89
C SER NA 19 5.35 -72.46 77.57
N PRO NA 20 6.62 -72.28 77.21
CA PRO NA 20 7.39 -71.16 77.79
C PRO NA 20 6.71 -69.82 77.64
N GLY NA 21 5.93 -69.61 76.57
CA GLY NA 21 5.22 -68.36 76.43
C GLY NA 21 4.22 -68.10 77.53
N GLU NA 22 3.34 -69.07 77.81
CA GLU NA 22 2.35 -68.89 78.87
C GLU NA 22 3.00 -68.83 80.24
N LEU NA 23 4.05 -69.61 80.46
CA LEU NA 23 4.74 -69.58 81.76
C LEU NA 23 5.39 -68.21 81.99
N ASP NA 24 6.06 -67.67 80.98
CA ASP NA 24 6.65 -66.35 81.10
C ASP NA 24 5.58 -65.28 81.22
N ARG NA 25 4.43 -65.50 80.59
CA ARG NA 25 3.30 -64.60 80.73
C ARG NA 25 2.79 -64.55 82.16
N ILE NA 26 2.64 -65.72 82.79
CA ILE NA 26 2.21 -65.77 84.18
C ILE NA 26 3.27 -65.16 85.08
N ARG NA 27 4.55 -65.41 84.77
CA ARG NA 27 5.64 -64.80 85.52
C ARG NA 27 5.56 -63.29 85.49
N GLY NA 28 5.44 -62.72 84.29
CA GLY NA 28 5.35 -61.27 84.16
C GLY NA 28 4.10 -60.71 84.80
N PHE NA 29 3.01 -61.47 84.78
CA PHE NA 29 1.79 -61.02 85.44
C PHE NA 29 1.96 -60.95 86.94
N VAL NA 30 2.49 -62.01 87.56
CA VAL NA 30 2.59 -62.05 89.02
C VAL NA 30 3.70 -61.13 89.50
N SER NA 31 4.66 -60.79 88.63
CA SER NA 31 5.71 -59.87 89.03
C SER NA 31 5.16 -58.46 89.19
N SER NA 32 4.10 -58.13 88.45
CA SER NA 32 3.51 -56.79 88.50
C SER NA 32 2.29 -56.70 89.41
N GLY NA 33 2.06 -57.72 90.24
CA GLY NA 33 0.84 -57.73 91.04
C GLY NA 33 0.75 -56.60 92.04
N GLU NA 34 1.90 -56.20 92.61
CA GLU NA 34 1.88 -55.18 93.66
C GLU NA 34 1.41 -53.84 93.14
N ARG NA 35 1.85 -53.44 91.94
CA ARG NA 35 1.41 -52.17 91.39
C ARG NA 35 -0.04 -52.24 90.91
N ARG NA 36 -0.49 -53.42 90.48
CA ARG NA 36 -1.90 -53.60 90.20
C ARG NA 36 -2.74 -53.41 91.45
N LEU NA 37 -2.29 -53.96 92.58
CA LEU NA 37 -3.01 -53.78 93.83
C LEU NA 37 -3.00 -52.32 94.28
N ARG NA 38 -1.87 -51.64 94.08
CA ARG NA 38 -1.83 -50.21 94.41
C ARG NA 38 -2.82 -49.42 93.56
N VAL NA 39 -2.89 -49.70 92.26
CA VAL NA 39 -3.83 -49.02 91.40
C VAL NA 39 -5.28 -49.31 91.81
N ALA NA 40 -5.58 -50.59 92.09
CA ALA NA 40 -6.93 -50.96 92.49
C ALA NA 40 -7.31 -50.28 93.79
N GLN NA 41 -6.38 -50.19 94.74
CA GLN NA 41 -6.60 -49.38 95.92
C GLN NA 41 -6.98 -47.96 95.54
N THR NA 42 -6.09 -47.27 94.83
CA THR NA 42 -6.31 -45.86 94.52
C THR NA 42 -7.66 -45.63 93.87
N LEU NA 43 -8.12 -46.59 93.07
CA LEU NA 43 -9.50 -46.54 92.57
C LEU NA 43 -10.50 -46.78 93.70
N THR NA 44 -10.14 -47.63 94.66
CA THR NA 44 -11.11 -48.06 95.67
C THR NA 44 -11.42 -46.96 96.68
N GLU NA 45 -10.39 -46.29 97.23
CA GLU NA 45 -10.69 -45.28 98.24
C GLU NA 45 -11.15 -43.97 97.63
N SER NA 46 -11.12 -43.86 96.31
CA SER NA 46 -11.59 -42.66 95.62
C SER NA 46 -13.05 -42.74 95.23
N ARG NA 47 -13.86 -43.45 96.01
CA ARG NA 47 -15.20 -43.85 95.60
C ARG NA 47 -16.02 -42.67 95.11
N GLU NA 48 -16.33 -41.75 96.03
CA GLU NA 48 -17.31 -40.71 95.74
C GLU NA 48 -16.77 -39.75 94.70
N ARG NA 49 -15.49 -39.38 94.81
CA ARG NA 49 -14.96 -38.41 93.85
C ARG NA 49 -15.17 -38.89 92.42
N ILE NA 50 -14.74 -40.13 92.14
CA ILE NA 50 -14.88 -40.67 90.79
C ILE NA 50 -16.35 -40.74 90.39
N ILE NA 51 -17.18 -41.36 91.24
CA ILE NA 51 -18.55 -41.61 90.80
C ILE NA 51 -19.33 -40.31 90.63
N LYS NA 52 -19.28 -39.41 91.62
CA LYS NA 52 -20.07 -38.19 91.52
C LYS NA 52 -19.54 -37.28 90.41
N GLN NA 53 -18.22 -37.17 90.25
CA GLN NA 53 -17.71 -36.32 89.19
C GLN NA 53 -18.09 -36.87 87.82
N ALA NA 54 -18.02 -38.19 87.64
CA ALA NA 54 -18.42 -38.78 86.37
C ALA NA 54 -19.90 -38.55 86.11
N GLY NA 55 -20.74 -38.73 87.12
CA GLY NA 55 -22.16 -38.50 86.94
C GLY NA 55 -22.47 -37.05 86.62
N ASP NA 56 -21.80 -36.13 87.30
CA ASP NA 56 -22.00 -34.70 87.03
C ASP NA 56 -21.61 -34.37 85.61
N GLN NA 57 -20.47 -34.86 85.14
CA GLN NA 57 -20.03 -34.53 83.79
C GLN NA 57 -20.96 -35.16 82.76
N LEU NA 58 -21.42 -36.39 83.02
CA LEU NA 58 -22.40 -37.02 82.16
C LEU NA 58 -23.67 -36.19 82.04
N PHE NA 59 -24.25 -35.79 83.16
CA PHE NA 59 -25.50 -35.04 83.13
C PHE NA 59 -25.29 -33.65 82.55
N GLN NA 60 -24.07 -33.11 82.67
CA GLN NA 60 -23.76 -31.83 82.04
C GLN NA 60 -23.74 -31.97 80.52
N LYS NA 61 -23.08 -33.01 80.02
CA LYS NA 61 -23.00 -33.18 78.58
C LYS NA 61 -24.31 -33.68 77.99
N ARG NA 62 -25.08 -34.45 78.76
CA ARG NA 62 -26.36 -35.01 78.30
C ARG NA 62 -27.45 -34.64 79.30
N PRO NA 63 -27.97 -33.41 79.23
CA PRO NA 63 -29.02 -33.01 80.18
C PRO NA 63 -30.32 -33.75 79.98
N ASP NA 64 -30.52 -34.38 78.82
CA ASP NA 64 -31.80 -35.04 78.53
C ASP NA 64 -32.09 -36.16 79.52
N LEU NA 65 -31.04 -36.85 79.99
CA LEU NA 65 -31.24 -38.00 80.85
C LEU NA 65 -31.93 -37.62 82.16
N VAL NA 66 -31.54 -36.48 82.74
CA VAL NA 66 -32.16 -36.03 83.99
C VAL NA 66 -33.22 -34.98 83.76
N SER NA 67 -33.42 -34.54 82.52
CA SER NA 67 -34.53 -33.67 82.19
C SER NA 67 -35.84 -34.45 82.24
N PRO NA 68 -36.97 -33.77 82.37
CA PRO NA 68 -38.25 -34.49 82.43
C PRO NA 68 -38.46 -35.36 81.20
N GLY NA 69 -38.97 -36.57 81.43
CA GLY NA 69 -39.06 -37.57 80.40
C GLY NA 69 -37.78 -38.34 80.16
N GLY NA 70 -36.71 -38.01 80.86
CA GLY NA 70 -35.46 -38.72 80.69
C GLY NA 70 -35.43 -40.04 81.44
N ASN NA 71 -34.49 -40.89 81.03
CA ASN NA 71 -34.36 -42.20 81.66
C ASN NA 71 -33.91 -42.07 83.11
N ALA NA 72 -33.02 -41.12 83.39
CA ALA NA 72 -32.50 -40.92 84.73
C ALA NA 72 -33.19 -39.78 85.48
N TYR NA 73 -34.26 -39.23 84.90
CA TYR NA 73 -35.00 -38.16 85.58
C TYR NA 73 -35.60 -38.67 86.88
N GLY NA 74 -35.46 -37.89 87.94
CA GLY NA 74 -35.90 -38.30 89.24
C GLY NA 74 -34.74 -38.66 90.16
N ALA NA 75 -35.01 -38.61 91.47
CA ALA NA 75 -33.95 -38.90 92.43
C ALA NA 75 -33.60 -40.39 92.45
N GLU NA 76 -34.62 -41.25 92.46
CA GLU NA 76 -34.37 -42.69 92.48
C GLU NA 76 -33.70 -43.16 91.20
N ARG NA 77 -34.09 -42.58 90.06
CA ARG NA 77 -33.49 -43.01 88.79
C ARG NA 77 -32.06 -42.52 88.66
N THR NA 78 -31.77 -41.31 89.16
CA THR NA 78 -30.40 -40.85 89.21
C THR NA 78 -29.56 -41.70 90.17
N ALA NA 79 -30.18 -42.16 91.27
CA ALA NA 79 -29.50 -43.09 92.16
C ALA NA 79 -29.18 -44.39 91.43
N SER NA 80 -30.10 -44.88 90.61
CA SER NA 80 -29.85 -46.09 89.82
C SER NA 80 -28.74 -45.88 88.81
N CYS NA 81 -28.71 -44.70 88.18
CA CYS NA 81 -27.64 -44.37 87.25
C CYS NA 81 -26.28 -44.38 87.94
N LEU NA 82 -26.18 -43.70 89.08
CA LEU NA 82 -24.92 -43.66 89.80
C LEU NA 82 -24.55 -45.04 90.34
N ARG NA 83 -25.56 -45.85 90.65
CA ARG NA 83 -25.31 -47.21 91.12
C ARG NA 83 -24.74 -48.08 90.01
N ASP NA 84 -25.24 -47.91 88.78
CA ASP NA 84 -24.65 -48.61 87.64
C ASP NA 84 -23.20 -48.19 87.43
N LEU NA 85 -22.93 -46.90 87.55
CA LEU NA 85 -21.54 -46.43 87.44
C LEU NA 85 -20.66 -47.04 88.52
N ASP NA 86 -21.18 -47.13 89.76
CA ASP NA 86 -20.43 -47.77 90.83
C ASP NA 86 -20.16 -49.24 90.52
N TYR NA 87 -21.16 -49.94 90.01
CA TYR NA 87 -20.99 -51.32 89.55
C TYR NA 87 -19.81 -51.43 88.60
N TYR NA 88 -19.78 -50.55 87.60
CA TYR NA 88 -18.77 -50.70 86.56
C TYR NA 88 -17.39 -50.29 87.05
N LEU NA 89 -17.32 -49.34 87.99
CA LEU NA 89 -16.02 -49.03 88.59
C LEU NA 89 -15.49 -50.22 89.39
N ARG NA 90 -16.37 -50.91 90.13
CA ARG NA 90 -15.94 -52.11 90.83
C ARG NA 90 -15.47 -53.18 89.86
N LEU NA 91 -16.17 -53.32 88.74
CA LEU NA 91 -15.77 -54.28 87.72
C LEU NA 91 -14.41 -53.92 87.14
N VAL NA 92 -14.13 -52.62 86.99
CA VAL NA 92 -12.83 -52.20 86.45
C VAL NA 92 -11.71 -52.52 87.43
N THR NA 93 -11.94 -52.31 88.72
CA THR NA 93 -10.93 -52.71 89.71
C THR NA 93 -10.71 -54.22 89.70
N PHE NA 94 -11.78 -55.00 89.55
CA PHE NA 94 -11.64 -56.45 89.44
C PHE NA 94 -10.81 -56.83 88.22
N GLY NA 95 -11.09 -56.21 87.08
CA GLY NA 95 -10.31 -56.49 85.89
C GLY NA 95 -8.86 -56.09 86.03
N ILE NA 96 -8.61 -55.02 86.77
CA ILE NA 96 -7.23 -54.60 87.03
C ILE NA 96 -6.49 -55.67 87.82
N VAL NA 97 -7.09 -56.17 88.90
CA VAL NA 97 -6.38 -57.14 89.72
C VAL NA 97 -6.23 -58.47 88.97
N ALA NA 98 -7.22 -58.82 88.14
CA ALA NA 98 -7.17 -60.11 87.46
C ALA NA 98 -6.16 -60.10 86.31
N GLY NA 99 -5.88 -58.92 85.77
CA GLY NA 99 -4.97 -58.81 84.65
C GLY NA 99 -5.62 -58.94 83.29
N ASP NA 100 -6.92 -59.17 83.23
CA ASP NA 100 -7.64 -59.21 81.96
C ASP NA 100 -9.02 -58.58 82.16
N VAL NA 101 -9.84 -58.70 81.13
CA VAL NA 101 -11.19 -58.13 81.15
C VAL NA 101 -12.20 -59.21 81.49
N THR NA 102 -11.71 -60.41 81.80
CA THR NA 102 -12.61 -61.52 82.08
C THR NA 102 -13.61 -61.24 83.20
N PRO NA 103 -13.23 -60.65 84.34
CA PRO NA 103 -14.27 -60.29 85.32
C PRO NA 103 -15.25 -59.27 84.79
N ILE NA 104 -14.75 -58.20 84.15
CA ILE NA 104 -15.63 -57.21 83.54
C ILE NA 104 -16.56 -57.89 82.55
N GLU NA 105 -16.00 -58.70 81.65
CA GLU NA 105 -16.79 -59.36 80.62
C GLU NA 105 -17.89 -60.22 81.23
N GLU NA 106 -17.51 -61.09 82.17
CA GLU NA 106 -18.44 -62.08 82.70
C GLU NA 106 -19.51 -61.45 83.58
N ILE NA 107 -19.18 -60.37 84.29
CA ILE NA 107 -20.14 -59.83 85.24
C ILE NA 107 -21.01 -58.74 84.59
N GLY NA 108 -20.46 -58.00 83.63
CA GLY NA 108 -21.20 -56.86 83.13
C GLY NA 108 -21.28 -56.67 81.62
N VAL NA 109 -20.65 -57.53 80.82
CA VAL NA 109 -20.64 -57.33 79.38
C VAL NA 109 -21.53 -58.33 78.63
N ILE NA 110 -21.55 -59.60 79.02
CA ILE NA 110 -22.39 -60.59 78.37
C ILE NA 110 -23.85 -60.25 78.65
N GLY NA 111 -24.59 -59.89 77.61
CA GLY NA 111 -26.00 -59.61 77.78
C GLY NA 111 -26.33 -58.20 78.23
N VAL NA 112 -25.35 -57.30 78.31
CA VAL NA 112 -25.61 -55.95 78.80
C VAL NA 112 -26.51 -55.20 77.83
N LYS NA 113 -26.36 -55.48 76.53
CA LYS NA 113 -27.16 -54.81 75.52
C LYS NA 113 -28.63 -55.15 75.67
N GLU NA 114 -28.94 -56.44 75.84
CA GLU NA 114 -30.32 -56.86 76.08
C GLU NA 114 -30.84 -56.32 77.40
N MET NA 115 -30.00 -56.32 78.43
CA MET NA 115 -30.40 -55.78 79.73
C MET NA 115 -30.83 -54.33 79.61
N TYR NA 116 -30.01 -53.49 78.97
CA TYR NA 116 -30.31 -52.08 78.90
C TYR NA 116 -31.40 -51.79 77.88
N ARG NA 117 -31.61 -52.70 76.93
CA ARG NA 117 -32.78 -52.60 76.05
C ARG NA 117 -34.06 -52.84 76.82
N ASN NA 118 -34.06 -53.85 77.70
CA ASN NA 118 -35.23 -54.09 78.55
C ASN NA 118 -35.47 -52.94 79.51
N LEU NA 119 -34.42 -52.23 79.88
CA LEU NA 119 -34.49 -51.11 80.79
C LEU NA 119 -34.62 -49.76 80.09
N GLU NA 120 -34.81 -49.77 78.77
CA GLU NA 120 -34.82 -48.57 77.93
C GLU NA 120 -33.77 -47.55 78.36
N VAL NA 121 -32.55 -48.04 78.55
CA VAL NA 121 -31.40 -47.20 78.87
C VAL NA 121 -30.62 -46.93 77.59
N PRO NA 122 -30.34 -45.68 77.26
CA PRO NA 122 -29.57 -45.40 76.03
C PRO NA 122 -28.11 -45.81 76.19
N LEU NA 123 -27.68 -46.75 75.34
CA LEU NA 123 -26.29 -47.18 75.35
C LEU NA 123 -25.29 -46.07 75.10
N PRO NA 124 -25.54 -45.07 74.24
CA PRO NA 124 -24.63 -43.92 74.20
C PRO NA 124 -24.48 -43.23 75.54
N GLY NA 125 -25.52 -43.21 76.37
CA GLY NA 125 -25.37 -42.73 77.73
C GLY NA 125 -24.39 -43.57 78.54
N MET NA 126 -24.49 -44.89 78.41
CA MET NA 126 -23.48 -45.79 78.97
C MET NA 126 -22.08 -45.37 78.54
N VAL NA 127 -21.88 -45.16 77.24
CA VAL NA 127 -20.54 -44.94 76.72
C VAL NA 127 -20.01 -43.61 77.23
N GLU NA 128 -20.86 -42.59 77.27
CA GLU NA 128 -20.42 -41.28 77.76
C GLU NA 128 -20.10 -41.34 79.24
N ALA NA 129 -20.91 -42.06 80.02
CA ALA NA 129 -20.62 -42.21 81.44
C ALA NA 129 -19.31 -42.94 81.67
N VAL NA 130 -19.05 -43.97 80.86
CA VAL NA 130 -17.80 -44.72 81.02
C VAL NA 130 -16.60 -43.88 80.62
N LYS NA 131 -16.76 -43.04 79.59
CA LYS NA 131 -15.68 -42.13 79.23
C LYS NA 131 -15.43 -41.10 80.32
N ALA NA 132 -16.50 -40.63 80.97
CA ALA NA 132 -16.34 -39.73 82.12
C ALA NA 132 -15.58 -40.42 83.25
N MET NA 133 -15.96 -41.66 83.56
CA MET NA 133 -15.25 -42.42 84.59
C MET NA 133 -13.80 -42.62 84.21
N LYS NA 134 -13.52 -42.88 82.93
CA LYS NA 134 -12.15 -43.03 82.49
C LYS NA 134 -11.35 -41.76 82.72
N SER NA 135 -11.92 -40.61 82.33
CA SER NA 135 -11.21 -39.35 82.53
C SER NA 135 -10.91 -39.11 84.00
N VAL NA 136 -11.91 -39.27 84.86
CA VAL NA 136 -11.73 -39.00 86.28
C VAL NA 136 -10.72 -39.97 86.89
N ALA NA 137 -10.86 -41.27 86.60
CA ALA NA 137 -9.96 -42.26 87.19
C ALA NA 137 -8.54 -42.11 86.68
N THR NA 138 -8.38 -41.76 85.40
CA THR NA 138 -7.06 -41.52 84.84
C THR NA 138 -6.42 -40.29 85.46
N GLY NA 139 -7.23 -39.29 85.80
CA GLY NA 139 -6.67 -38.09 86.43
C GLY NA 139 -6.01 -38.38 87.76
N LEU NA 140 -6.46 -39.42 88.46
CA LEU NA 140 -5.96 -39.68 89.81
C LEU NA 140 -4.73 -40.56 89.81
N LEU NA 141 -4.35 -41.09 88.65
CA LEU NA 141 -3.26 -42.04 88.62
C LEU NA 141 -2.05 -41.47 87.88
N SER NA 142 -0.91 -42.15 88.04
CA SER NA 142 0.29 -41.80 87.29
C SER NA 142 0.16 -42.30 85.85
N GLY NA 143 1.03 -41.78 84.99
CA GLY NA 143 0.88 -42.00 83.56
C GLY NA 143 0.92 -43.47 83.17
N ASP NA 144 1.90 -44.21 83.70
CA ASP NA 144 2.01 -45.64 83.38
C ASP NA 144 0.77 -46.39 83.83
N ASP NA 145 0.28 -46.10 85.04
CA ASP NA 145 -0.94 -46.75 85.52
C ASP NA 145 -2.17 -46.18 84.83
N SER NA 146 -2.13 -44.90 84.48
CA SER NA 146 -3.26 -44.27 83.80
C SER NA 146 -3.53 -44.92 82.47
N ALA NA 147 -2.47 -45.24 81.71
CA ALA NA 147 -2.65 -45.90 80.42
C ALA NA 147 -3.32 -47.26 80.59
N GLU NA 148 -2.86 -48.06 81.55
CA GLU NA 148 -3.45 -49.38 81.75
C GLU NA 148 -4.91 -49.28 82.16
N VAL NA 149 -5.23 -48.38 83.09
CA VAL NA 149 -6.61 -48.24 83.53
C VAL NA 149 -7.49 -47.74 82.40
N GLY NA 150 -6.95 -46.83 81.59
CA GLY NA 150 -7.68 -46.36 80.43
C GLY NA 150 -7.94 -47.46 79.43
N TYR NA 151 -7.05 -48.46 79.36
CA TYR NA 151 -7.29 -49.60 78.49
C TYR NA 151 -8.54 -50.36 78.91
N TYR NA 152 -8.71 -50.59 80.22
CA TYR NA 152 -9.88 -51.30 80.71
C TYR NA 152 -11.15 -50.47 80.49
N PHE NA 153 -11.07 -49.17 80.75
CA PHE NA 153 -12.23 -48.32 80.49
C PHE NA 153 -12.57 -48.27 79.00
N ASP NA 154 -11.56 -48.28 78.14
CA ASP NA 154 -11.80 -48.32 76.70
C ASP NA 154 -12.43 -49.64 76.29
N TYR NA 155 -12.02 -50.74 76.92
CA TYR NA 155 -12.68 -52.01 76.65
C TYR NA 155 -14.15 -51.94 77.02
N LEU NA 156 -14.45 -51.38 78.18
CA LEU NA 156 -15.84 -51.28 78.61
C LEU NA 156 -16.64 -50.40 77.66
N ALA NA 157 -16.07 -49.27 77.24
CA ALA NA 157 -16.77 -48.40 76.30
C ALA NA 157 -17.00 -49.09 74.96
N GLY NA 158 -16.02 -49.85 74.48
CA GLY NA 158 -16.20 -50.60 73.25
C GLY NA 158 -17.23 -51.69 73.37
N ALA NA 159 -17.31 -52.33 74.53
CA ALA NA 159 -18.32 -53.35 74.76
C ALA NA 159 -19.71 -52.73 74.78
N LEU NA 160 -19.85 -51.53 75.37
CA LEU NA 160 -21.14 -50.86 75.36
C LEU NA 160 -21.45 -50.26 74.00
N ALA NA 161 -20.41 -49.84 73.27
CA ALA NA 161 -20.58 -49.30 71.92
C ALA NA 161 -20.04 -50.27 70.88
N SER OA 2 5.26 -66.73 67.31
CA SER OA 2 5.69 -65.61 68.13
C SER OA 2 4.60 -65.22 69.10
N VAL OA 3 4.97 -64.44 70.13
CA VAL OA 3 3.98 -63.96 71.09
C VAL OA 3 2.95 -63.09 70.39
N VAL OA 4 3.41 -62.21 69.50
CA VAL OA 4 2.51 -61.36 68.72
C VAL OA 4 1.60 -62.21 67.85
N THR OA 5 2.15 -63.24 67.20
CA THR OA 5 1.34 -64.11 66.36
C THR OA 5 0.30 -64.87 67.18
N LYS OA 6 0.69 -65.41 68.34
CA LYS OA 6 -0.27 -66.11 69.18
C LYS OA 6 -1.39 -65.18 69.62
N ALA OA 7 -1.04 -63.96 70.05
CA ALA OA 7 -2.06 -63.01 70.48
C ALA OA 7 -3.00 -62.65 69.34
N ILE OA 8 -2.45 -62.38 68.16
CA ILE OA 8 -3.28 -61.97 67.02
C ILE OA 8 -4.19 -63.11 66.58
N VAL OA 9 -3.67 -64.33 66.53
CA VAL OA 9 -4.47 -65.48 66.12
C VAL OA 9 -5.59 -65.72 67.13
N SER OA 10 -5.28 -65.64 68.42
CA SER OA 10 -6.31 -65.82 69.43
C SER OA 10 -7.39 -64.76 69.30
N ALA OA 11 -6.98 -63.49 69.10
CA ALA OA 11 -7.98 -62.43 68.94
C ALA OA 11 -8.82 -62.65 67.69
N ASP OA 12 -8.19 -63.09 66.60
CA ASP OA 12 -8.92 -63.30 65.35
C ASP OA 12 -9.87 -64.48 65.44
N ALA OA 13 -9.59 -65.42 66.35
CA ALA OA 13 -10.51 -66.55 66.53
C ALA OA 13 -11.88 -66.09 67.01
N GLU OA 14 -11.93 -65.14 67.94
CA GLU OA 14 -13.18 -64.55 68.39
C GLU OA 14 -13.55 -63.29 67.64
N ALA OA 15 -12.89 -62.97 66.53
CA ALA OA 15 -13.20 -61.82 65.71
C ALA OA 15 -13.25 -60.54 66.53
N ARG OA 16 -12.21 -60.33 67.34
CA ARG OA 16 -12.16 -59.19 68.24
C ARG OA 16 -10.77 -58.57 68.20
N TYR OA 17 -10.71 -57.29 68.53
CA TYR OA 17 -9.42 -56.65 68.74
C TYR OA 17 -8.72 -57.28 69.93
N LEU OA 18 -7.42 -57.05 70.03
CA LEU OA 18 -6.67 -57.58 71.15
C LEU OA 18 -7.15 -56.99 72.45
N SER OA 19 -7.29 -57.83 73.46
CA SER OA 19 -7.74 -57.43 74.78
C SER OA 19 -6.61 -56.69 75.50
N PRO OA 20 -6.93 -55.97 76.57
CA PRO OA 20 -5.87 -55.30 77.34
C PRO OA 20 -4.78 -56.24 77.82
N GLY OA 21 -5.14 -57.46 78.21
CA GLY OA 21 -4.13 -58.40 78.67
C GLY OA 21 -3.17 -58.80 77.57
N GLU OA 22 -3.68 -59.02 76.36
CA GLU OA 22 -2.80 -59.36 75.24
C GLU OA 22 -1.86 -58.20 74.91
N LEU OA 23 -2.36 -56.97 74.97
CA LEU OA 23 -1.51 -55.82 74.75
C LEU OA 23 -0.43 -55.72 75.82
N ASP OA 24 -0.79 -55.98 77.09
CA ASP OA 24 0.20 -55.97 78.16
C ASP OA 24 1.26 -57.02 77.95
N ARG OA 25 0.87 -58.23 77.55
CA ARG OA 25 1.86 -59.29 77.40
C ARG OA 25 2.73 -59.07 76.16
N ILE OA 26 2.18 -58.42 75.14
CA ILE OA 26 3.02 -58.03 74.00
C ILE OA 26 4.02 -56.96 74.42
N ARG OA 27 3.60 -56.01 75.27
CA ARG OA 27 4.56 -55.04 75.79
C ARG OA 27 5.64 -55.71 76.61
N GLY OA 28 5.26 -56.67 77.46
CA GLY OA 28 6.26 -57.38 78.25
C GLY OA 28 7.22 -58.18 77.39
N PHE OA 29 6.72 -58.76 76.30
CA PHE OA 29 7.57 -59.48 75.38
C PHE OA 29 8.55 -58.53 74.67
N VAL OA 30 8.04 -57.40 74.17
CA VAL OA 30 8.86 -56.50 73.38
C VAL OA 30 9.91 -55.82 74.25
N SER OA 31 9.56 -55.47 75.49
CA SER OA 31 10.52 -54.82 76.37
C SER OA 31 11.66 -55.76 76.74
N SER OA 32 11.41 -57.06 76.73
CA SER OA 32 12.40 -58.07 77.05
C SER OA 32 13.21 -58.51 75.84
N GLY OA 33 13.05 -57.84 74.69
CA GLY OA 33 13.67 -58.33 73.48
C GLY OA 33 15.19 -58.31 73.52
N GLU OA 34 15.77 -57.28 74.14
CA GLU OA 34 17.22 -57.15 74.19
C GLU OA 34 17.86 -58.33 74.92
N ARG OA 35 17.26 -58.74 76.04
CA ARG OA 35 17.77 -59.90 76.78
C ARG OA 35 17.69 -61.17 75.94
N ARG OA 36 16.58 -61.35 75.21
CA ARG OA 36 16.44 -62.54 74.37
C ARG OA 36 17.47 -62.55 73.26
N LEU OA 37 17.74 -61.39 72.66
CA LEU OA 37 18.79 -61.32 71.65
C LEU OA 37 20.16 -61.58 72.23
N ARG OA 38 20.43 -61.10 73.44
CA ARG OA 38 21.71 -61.41 74.07
C ARG OA 38 21.87 -62.91 74.28
N VAL OA 39 20.81 -63.57 74.74
CA VAL OA 39 20.84 -65.03 74.89
C VAL OA 39 21.06 -65.69 73.53
N ALA OA 40 20.45 -65.14 72.48
CA ALA OA 40 20.62 -65.69 71.14
C ALA OA 40 22.06 -65.55 70.65
N GLN OA 41 22.67 -64.38 70.84
CA GLN OA 41 24.12 -64.25 70.68
C GLN OA 41 24.86 -65.39 71.35
N THR OA 42 24.65 -65.52 72.67
CA THR OA 42 25.48 -66.43 73.44
C THR OA 42 25.35 -67.85 72.91
N LEU OA 43 24.14 -68.30 72.63
CA LEU OA 43 23.96 -69.66 72.12
C LEU OA 43 24.52 -69.79 70.70
N THR OA 44 24.46 -68.72 69.91
CA THR OA 44 24.92 -68.81 68.52
C THR OA 44 26.44 -68.92 68.43
N GLU OA 45 27.18 -68.07 69.16
CA GLU OA 45 28.63 -68.14 69.07
C GLU OA 45 29.18 -69.35 69.83
N SER OA 46 28.41 -69.89 70.77
CA SER OA 46 28.76 -71.13 71.45
C SER OA 46 28.28 -72.37 70.68
N ARG OA 47 28.12 -72.21 69.36
CA ARG OA 47 27.67 -73.29 68.47
C ARG OA 47 28.42 -74.60 68.70
N GLU OA 48 29.71 -74.61 68.38
CA GLU OA 48 30.43 -75.88 68.29
C GLU OA 48 30.69 -76.47 69.66
N ARG OA 49 30.93 -75.60 70.64
CA ARG OA 49 31.18 -76.08 72.00
C ARG OA 49 29.98 -76.85 72.52
N ILE OA 50 28.78 -76.27 72.36
CA ILE OA 50 27.55 -76.93 72.79
C ILE OA 50 27.35 -78.22 72.02
N ILE OA 51 27.47 -78.18 70.69
CA ILE OA 51 27.19 -79.38 69.91
C ILE OA 51 28.14 -80.51 70.31
N LYS OA 52 29.43 -80.22 70.39
CA LYS OA 52 30.42 -81.25 70.68
C LYS OA 52 30.23 -81.82 72.08
N GLN OA 53 30.05 -80.96 73.09
CA GLN OA 53 29.89 -81.47 74.44
C GLN OA 53 28.59 -82.26 74.59
N ALA OA 54 27.51 -81.80 73.94
CA ALA OA 54 26.25 -82.53 74.01
C ALA OA 54 26.39 -83.90 73.37
N GLY OA 55 27.07 -83.98 72.23
CA GLY OA 55 27.32 -85.27 71.62
C GLY OA 55 28.13 -86.19 72.50
N ASP OA 56 29.17 -85.65 73.13
CA ASP OA 56 29.99 -86.46 74.03
C ASP OA 56 29.18 -87.00 75.20
N GLN OA 57 28.39 -86.13 75.84
CA GLN OA 57 27.58 -86.60 76.97
C GLN OA 57 26.54 -87.61 76.53
N LEU OA 58 25.93 -87.41 75.36
CA LEU OA 58 24.95 -88.36 74.87
C LEU OA 58 25.57 -89.72 74.62
N PHE OA 59 26.77 -89.74 74.03
CA PHE OA 59 27.38 -91.03 73.68
C PHE OA 59 28.05 -91.67 74.88
N GLN OA 60 28.29 -90.90 75.94
CA GLN OA 60 28.78 -91.51 77.18
C GLN OA 60 27.62 -92.08 77.99
N LYS OA 61 26.58 -91.29 78.21
CA LYS OA 61 25.43 -91.75 78.99
C LYS OA 61 24.70 -92.89 78.29
N ARG OA 62 24.59 -92.82 76.96
CA ARG OA 62 23.79 -93.77 76.19
C ARG OA 62 24.67 -94.31 75.08
N PRO OA 63 25.61 -95.20 75.41
CA PRO OA 63 26.61 -95.62 74.41
C PRO OA 63 26.10 -96.65 73.42
N ASP OA 64 24.87 -97.13 73.57
CA ASP OA 64 24.36 -98.13 72.63
C ASP OA 64 24.05 -97.50 71.27
N LEU OA 65 23.93 -96.18 71.23
CA LEU OA 65 23.66 -95.49 69.96
C LEU OA 65 24.82 -95.65 68.99
N VAL OA 66 26.05 -95.52 69.47
CA VAL OA 66 27.22 -95.63 68.60
C VAL OA 66 27.82 -97.02 68.61
N SER OA 67 27.36 -97.91 69.49
CA SER OA 67 27.77 -99.29 69.44
C SER OA 67 27.14 -99.98 68.22
N PRO OA 68 27.71 -101.10 67.77
CA PRO OA 68 27.12 -101.80 66.63
C PRO OA 68 25.67 -102.17 66.89
N GLY OA 69 24.83 -102.02 65.86
CA GLY OA 69 23.40 -102.13 66.01
C GLY OA 69 22.71 -100.84 66.39
N GLY OA 70 23.47 -99.83 66.86
CA GLY OA 70 22.88 -98.54 67.14
C GLY OA 70 22.75 -97.69 65.90
N ASN OA 71 21.78 -96.78 65.93
CA ASN OA 71 21.50 -95.96 64.76
C ASN OA 71 22.62 -94.95 64.52
N ALA OA 72 23.31 -94.53 65.57
CA ALA OA 72 24.41 -93.57 65.41
C ALA OA 72 25.74 -94.25 65.11
N TYR OA 73 25.77 -95.58 65.04
CA TYR OA 73 27.01 -96.30 64.74
C TYR OA 73 27.55 -95.88 63.38
N GLY OA 74 28.83 -95.53 63.35
CA GLY OA 74 29.48 -95.09 62.13
C GLY OA 74 29.78 -93.60 62.14
N ALA OA 75 30.72 -93.20 61.29
CA ALA OA 75 31.12 -91.80 61.22
C ALA OA 75 30.02 -90.94 60.60
N GLU OA 76 29.46 -91.39 59.47
CA GLU OA 76 28.44 -90.60 58.80
C GLU OA 76 27.17 -90.48 59.65
N ARG OA 77 26.77 -91.56 60.30
CA ARG OA 77 25.58 -91.51 61.13
C ARG OA 77 25.81 -90.68 62.39
N THR OA 78 27.04 -90.70 62.93
CA THR OA 78 27.35 -89.80 64.04
C THR OA 78 27.31 -88.34 63.60
N ALA OA 79 27.81 -88.06 62.40
CA ALA OA 79 27.71 -86.71 61.86
C ALA OA 79 26.26 -86.30 61.68
N SER OA 80 25.41 -87.24 61.26
CA SER OA 80 23.98 -86.95 61.13
C SER OA 80 23.34 -86.66 62.49
N CYS OA 81 23.73 -87.42 63.51
CA CYS OA 81 23.30 -87.14 64.87
C CYS OA 81 23.68 -85.73 65.30
N LEU OA 82 24.93 -85.34 65.06
CA LEU OA 82 25.38 -84.00 65.42
C LEU OA 82 24.65 -82.93 64.61
N ARG OA 83 24.33 -83.22 63.36
CA ARG OA 83 23.59 -82.27 62.54
C ARG OA 83 22.16 -82.10 63.06
N ASP OA 84 21.54 -83.17 63.55
CA ASP OA 84 20.22 -83.03 64.16
C ASP OA 84 20.28 -82.17 65.41
N LEU OA 85 21.32 -82.39 66.23
CA LEU OA 85 21.51 -81.53 67.39
C LEU OA 85 21.69 -80.07 66.97
N ASP OA 86 22.42 -79.84 65.88
CA ASP OA 86 22.61 -78.49 65.38
C ASP OA 86 21.30 -77.88 64.93
N TYR OA 87 20.48 -78.64 64.21
CA TYR OA 87 19.12 -78.21 63.86
C TYR OA 87 18.37 -77.74 65.09
N TYR OA 88 18.38 -78.55 66.14
CA TYR OA 88 17.55 -78.24 67.30
C TYR OA 88 18.11 -77.06 68.09
N LEU OA 89 19.43 -76.87 68.07
CA LEU OA 89 19.99 -75.66 68.67
C LEU OA 89 19.51 -74.42 67.94
N ARG OA 90 19.55 -74.46 66.61
CA ARG OA 90 19.07 -73.32 65.84
C ARG OA 90 17.60 -73.06 66.10
N LEU OA 91 16.80 -74.13 66.21
CA LEU OA 91 15.38 -73.96 66.53
C LEU OA 91 15.19 -73.35 67.92
N VAL OA 92 16.02 -73.75 68.89
CA VAL OA 92 15.92 -73.17 70.23
C VAL OA 92 16.21 -71.67 70.18
N THR OA 93 17.23 -71.27 69.42
CA THR OA 93 17.52 -69.84 69.28
C THR OA 93 16.35 -69.11 68.62
N PHE OA 94 15.75 -69.72 67.59
CA PHE OA 94 14.57 -69.14 66.96
C PHE OA 94 13.45 -68.93 67.96
N GLY OA 95 13.18 -69.95 68.78
CA GLY OA 95 12.13 -69.83 69.78
C GLY OA 95 12.44 -68.79 70.84
N ILE OA 96 13.73 -68.65 71.17
CA ILE OA 96 14.13 -67.64 72.14
C ILE OA 96 13.84 -66.25 71.62
N VAL OA 97 14.22 -65.96 70.38
CA VAL OA 97 13.98 -64.62 69.84
C VAL OA 97 12.50 -64.43 69.55
N ALA OA 98 11.75 -65.52 69.40
CA ALA OA 98 10.33 -65.40 69.09
C ALA OA 98 9.49 -65.18 70.34
N GLY OA 99 9.97 -65.65 71.48
CA GLY OA 99 9.20 -65.58 72.70
C GLY OA 99 8.24 -66.71 72.91
N ASP OA 100 8.09 -67.59 71.93
CA ASP OA 100 7.24 -68.77 72.06
C ASP OA 100 7.86 -69.87 71.23
N VAL OA 101 7.27 -71.07 71.33
CA VAL OA 101 7.83 -72.25 70.70
C VAL OA 101 7.19 -72.46 69.33
N THR OA 102 6.51 -71.44 68.81
CA THR OA 102 5.90 -71.55 67.49
C THR OA 102 6.90 -71.89 66.39
N PRO OA 103 8.06 -71.24 66.27
CA PRO OA 103 9.04 -71.72 65.28
C PRO OA 103 9.47 -73.15 65.54
N ILE OA 104 9.64 -73.51 66.81
CA ILE OA 104 10.08 -74.87 67.13
C ILE OA 104 9.04 -75.89 66.69
N GLU OA 105 7.77 -75.63 66.97
CA GLU OA 105 6.74 -76.59 66.58
C GLU OA 105 6.58 -76.63 65.06
N GLU OA 106 6.64 -75.47 64.41
CA GLU OA 106 6.41 -75.43 62.98
C GLU OA 106 7.52 -76.12 62.21
N ILE OA 107 8.76 -75.98 62.68
CA ILE OA 107 9.88 -76.53 61.93
C ILE OA 107 10.23 -77.93 62.40
N GLY OA 108 10.39 -78.13 63.70
CA GLY OA 108 10.88 -79.40 64.18
C GLY OA 108 10.11 -80.09 65.28
N VAL OA 109 8.78 -79.95 65.33
CA VAL OA 109 7.98 -80.73 66.26
C VAL OA 109 6.84 -81.49 65.58
N ILE OA 110 6.06 -80.86 64.72
CA ILE OA 110 4.97 -81.56 64.04
C ILE OA 110 5.57 -82.63 63.14
N GLY OA 111 5.32 -83.90 63.48
CA GLY OA 111 5.79 -85.00 62.70
C GLY OA 111 7.15 -85.56 63.07
N VAL OA 112 7.72 -85.17 64.21
CA VAL OA 112 9.01 -85.71 64.61
C VAL OA 112 8.92 -87.21 64.83
N LYS OA 113 7.79 -87.67 65.35
CA LYS OA 113 7.63 -89.07 65.70
C LYS OA 113 7.63 -89.94 64.44
N GLU OA 114 6.84 -89.55 63.44
CA GLU OA 114 6.81 -90.24 62.17
C GLU OA 114 8.17 -90.18 61.48
N MET OA 115 8.79 -89.01 61.49
CA MET OA 115 10.11 -88.86 60.86
C MET OA 115 11.14 -89.78 61.49
N TYR OA 116 11.22 -89.76 62.82
CA TYR OA 116 12.28 -90.50 63.50
C TYR OA 116 11.97 -91.99 63.52
N ARG OA 117 10.70 -92.36 63.34
CA ARG OA 117 10.39 -93.77 63.19
C ARG OA 117 10.71 -94.27 61.80
N ASN OA 118 10.40 -93.48 60.77
CA ASN OA 118 10.82 -93.84 59.42
C ASN OA 118 12.33 -93.91 59.33
N LEU OA 119 13.02 -93.13 60.15
CA LEU OA 119 14.47 -93.22 60.26
C LEU OA 119 14.93 -94.20 61.34
N GLU OA 120 14.00 -94.71 62.16
CA GLU OA 120 14.34 -95.58 63.29
C GLU OA 120 15.41 -94.96 64.19
N VAL OA 121 15.21 -93.70 64.52
CA VAL OA 121 15.94 -93.02 65.59
C VAL OA 121 15.19 -93.26 66.88
N PRO OA 122 15.83 -93.84 67.91
CA PRO OA 122 15.14 -94.02 69.19
C PRO OA 122 14.82 -92.67 69.83
N LEU OA 123 13.54 -92.46 70.09
CA LEU OA 123 13.04 -91.22 70.67
C LEU OA 123 13.65 -90.94 72.05
N PRO OA 124 13.77 -91.94 72.95
CA PRO OA 124 14.46 -91.67 74.22
C PRO OA 124 15.90 -91.21 74.03
N GLY OA 125 16.57 -91.69 72.99
CA GLY OA 125 17.89 -91.16 72.67
C GLY OA 125 17.84 -89.69 72.28
N MET OA 126 16.81 -89.29 71.54
CA MET OA 126 16.62 -87.88 71.23
C MET OA 126 16.39 -87.08 72.50
N VAL OA 127 15.59 -87.63 73.42
CA VAL OA 127 15.32 -86.94 74.68
C VAL OA 127 16.61 -86.77 75.48
N GLU OA 128 17.44 -87.81 75.52
CA GLU OA 128 18.71 -87.71 76.23
C GLU OA 128 19.64 -86.70 75.57
N ALA OA 129 19.67 -86.67 74.23
CA ALA OA 129 20.46 -85.67 73.53
C ALA OA 129 20.02 -84.27 73.89
N VAL OA 130 18.70 -84.04 73.91
CA VAL OA 130 18.18 -82.72 74.24
C VAL OA 130 18.48 -82.37 75.69
N LYS OA 131 18.45 -83.36 76.59
CA LYS OA 131 18.77 -83.08 77.99
C LYS OA 131 20.23 -82.72 78.17
N ALA OA 132 21.14 -83.47 77.54
CA ALA OA 132 22.56 -83.15 77.64
C ALA OA 132 22.85 -81.79 77.02
N MET OA 133 22.19 -81.50 75.91
CA MET OA 133 22.34 -80.22 75.24
C MET OA 133 21.78 -79.08 76.09
N LYS OA 134 20.67 -79.33 76.79
CA LYS OA 134 20.16 -78.41 77.79
C LYS OA 134 21.20 -78.12 78.85
N SER OA 135 21.85 -79.16 79.37
CA SER OA 135 22.86 -78.95 80.41
C SER OA 135 24.01 -78.10 79.89
N VAL OA 136 24.52 -78.41 78.70
CA VAL OA 136 25.63 -77.65 78.15
C VAL OA 136 25.23 -76.21 77.90
N ALA OA 137 24.04 -75.98 77.32
CA ALA OA 137 23.63 -74.63 76.97
C ALA OA 137 23.36 -73.79 78.22
N THR OA 138 22.71 -74.38 79.22
CA THR OA 138 22.46 -73.64 80.45
C THR OA 138 23.75 -73.40 81.23
N GLY OA 139 24.75 -74.24 81.04
CA GLY OA 139 26.02 -74.03 81.71
C GLY OA 139 26.72 -72.76 81.28
N LEU OA 140 26.43 -72.28 80.06
CA LEU OA 140 27.09 -71.10 79.51
C LEU OA 140 26.24 -69.84 79.65
N LEU OA 141 25.19 -69.86 80.46
CA LEU OA 141 24.28 -68.74 80.58
C LEU OA 141 24.06 -68.37 82.03
N SER OA 142 23.61 -67.13 82.25
CA SER OA 142 23.23 -66.67 83.58
C SER OA 142 21.99 -67.42 84.05
N GLY OA 143 21.73 -67.33 85.36
CA GLY OA 143 20.66 -68.12 85.96
C GLY OA 143 19.29 -67.80 85.39
N ASP OA 144 18.96 -66.50 85.32
CA ASP OA 144 17.68 -66.10 84.76
C ASP OA 144 17.57 -66.50 83.29
N ASP OA 145 18.65 -66.32 82.54
CA ASP OA 145 18.69 -66.78 81.16
C ASP OA 145 18.57 -68.30 81.09
N SER OA 146 19.25 -68.99 82.00
CA SER OA 146 19.26 -70.45 82.01
C SER OA 146 17.86 -71.00 82.24
N ALA OA 147 17.07 -70.34 83.09
CA ALA OA 147 15.72 -70.82 83.35
C ALA OA 147 14.87 -70.83 82.08
N GLU OA 148 14.87 -69.74 81.32
CA GLU OA 148 14.06 -69.67 80.12
C GLU OA 148 14.59 -70.60 79.03
N VAL OA 149 15.92 -70.64 78.86
CA VAL OA 149 16.49 -71.54 77.86
C VAL OA 149 16.17 -72.99 78.21
N GLY OA 150 16.21 -73.32 79.51
CA GLY OA 150 15.82 -74.64 79.93
C GLY OA 150 14.35 -74.92 79.69
N TYR OA 151 13.50 -73.90 79.81
CA TYR OA 151 12.09 -74.09 79.47
C TYR OA 151 11.92 -74.45 78.00
N TYR OA 152 12.65 -73.78 77.12
CA TYR OA 152 12.56 -74.12 75.69
C TYR OA 152 13.10 -75.53 75.42
N PHE OA 153 14.25 -75.87 76.02
CA PHE OA 153 14.78 -77.22 75.85
C PHE OA 153 13.85 -78.26 76.44
N ASP OA 154 13.15 -77.93 77.52
CA ASP OA 154 12.19 -78.84 78.12
C ASP OA 154 10.99 -79.03 77.22
N TYR OA 155 10.55 -77.96 76.54
CA TYR OA 155 9.51 -78.14 75.53
C TYR OA 155 9.96 -79.10 74.45
N LEU OA 156 11.19 -78.96 73.98
CA LEU OA 156 11.71 -79.90 72.98
C LEU OA 156 11.72 -81.32 73.50
N ALA OA 157 12.21 -81.52 74.72
CA ALA OA 157 12.28 -82.86 75.29
C ALA OA 157 10.89 -83.46 75.44
N GLY OA 158 9.93 -82.68 75.93
CA GLY OA 158 8.57 -83.17 76.05
C GLY OA 158 7.96 -83.50 74.70
N ALA OA 159 8.27 -82.71 73.68
CA ALA OA 159 7.75 -82.98 72.35
C ALA OA 159 8.31 -84.28 71.79
N LEU OA 160 9.61 -84.55 72.03
CA LEU OA 160 10.20 -85.77 71.50
C LEU OA 160 9.68 -87.01 72.23
N ALA OA 161 9.44 -86.89 73.53
CA ALA OA 161 8.96 -88.03 74.31
C ALA OA 161 7.45 -88.10 74.30
N SER PA 2 -14.56 -112.95 65.43
CA SER PA 2 -14.16 -113.99 64.50
C SER PA 2 -14.70 -113.70 63.10
N VAL PA 3 -14.57 -114.69 62.21
CA VAL PA 3 -15.14 -114.57 60.87
C VAL PA 3 -16.65 -114.44 60.95
N VAL PA 4 -17.28 -115.27 61.77
CA VAL PA 4 -18.72 -115.22 61.94
C VAL PA 4 -19.15 -113.86 62.51
N THR PA 5 -18.42 -113.38 63.50
CA THR PA 5 -18.75 -112.08 64.10
C THR PA 5 -18.59 -110.96 63.10
N LYS PA 6 -17.52 -110.98 62.29
CA LYS PA 6 -17.35 -109.96 61.28
C LYS PA 6 -18.51 -109.96 60.29
N ALA PA 7 -18.89 -111.15 59.81
CA ALA PA 7 -19.98 -111.23 58.84
C ALA PA 7 -21.30 -110.75 59.45
N ILE PA 8 -21.58 -111.15 60.68
CA ILE PA 8 -22.81 -110.73 61.33
C ILE PA 8 -22.83 -109.21 61.53
N VAL PA 9 -21.71 -108.65 61.97
CA VAL PA 9 -21.64 -107.21 62.21
C VAL PA 9 -21.81 -106.45 60.89
N SER PA 10 -21.19 -106.95 59.82
CA SER PA 10 -21.32 -106.29 58.52
C SER PA 10 -22.76 -106.34 58.04
N ALA PA 11 -23.42 -107.49 58.15
CA ALA PA 11 -24.82 -107.58 57.75
C ALA PA 11 -25.70 -106.70 58.62
N ASP PA 12 -25.41 -106.64 59.91
CA ASP PA 12 -26.21 -105.87 60.85
C ASP PA 12 -26.13 -104.37 60.54
N ALA PA 13 -24.92 -103.88 60.25
CA ALA PA 13 -24.75 -102.44 60.03
C ALA PA 13 -25.63 -101.93 58.91
N GLU PA 14 -25.91 -102.78 57.92
CA GLU PA 14 -26.83 -102.44 56.84
C GLU PA 14 -28.24 -102.96 57.07
N ALA PA 15 -28.51 -103.53 58.24
CA ALA PA 15 -29.84 -104.04 58.59
C ALA PA 15 -30.37 -105.00 57.54
N ARG PA 16 -29.62 -106.09 57.32
CA ARG PA 16 -29.96 -107.05 56.29
C ARG PA 16 -29.52 -108.44 56.72
N TYR PA 17 -30.08 -109.44 56.07
CA TYR PA 17 -29.61 -110.80 56.26
C TYR PA 17 -28.27 -111.00 55.56
N LEU PA 18 -27.57 -112.06 55.95
CA LEU PA 18 -26.29 -112.36 55.33
C LEU PA 18 -26.49 -112.75 53.88
N SER PA 19 -25.62 -112.25 53.01
CA SER PA 19 -25.68 -112.51 51.59
C SER PA 19 -25.15 -113.89 51.30
N PRO PA 20 -25.40 -114.41 50.08
CA PRO PA 20 -24.77 -115.69 49.71
C PRO PA 20 -23.26 -115.67 49.81
N GLY PA 21 -22.62 -114.54 49.53
CA GLY PA 21 -21.18 -114.46 49.69
C GLY PA 21 -20.73 -114.57 51.14
N GLU PA 22 -21.45 -113.91 52.05
CA GLU PA 22 -21.11 -113.98 53.46
C GLU PA 22 -21.33 -115.40 54.01
N LEU PA 23 -22.42 -116.04 53.60
CA LEU PA 23 -22.66 -117.42 54.00
C LEU PA 23 -21.61 -118.35 53.43
N ASP PA 24 -21.15 -118.09 52.20
CA ASP PA 24 -20.07 -118.87 51.62
C ASP PA 24 -18.79 -118.69 52.43
N ARG PA 25 -18.51 -117.46 52.86
CA ARG PA 25 -17.35 -117.20 53.71
C ARG PA 25 -17.44 -117.98 55.02
N ILE PA 26 -18.62 -117.98 55.66
CA ILE PA 26 -18.78 -118.68 56.92
C ILE PA 26 -18.66 -120.19 56.70
N ARG PA 27 -19.15 -120.69 55.57
CA ARG PA 27 -19.01 -122.11 55.26
C ARG PA 27 -17.55 -122.50 55.07
N GLY PA 28 -16.80 -121.67 54.34
CA GLY PA 28 -15.38 -121.92 54.20
C GLY PA 28 -14.65 -121.87 55.53
N PHE PA 29 -15.09 -120.98 56.43
CA PHE PA 29 -14.47 -120.88 57.74
C PHE PA 29 -14.74 -122.13 58.58
N VAL PA 30 -16.00 -122.56 58.65
CA VAL PA 30 -16.34 -123.71 59.47
C VAL PA 30 -15.73 -124.99 58.89
N SER PA 31 -15.56 -125.03 57.56
CA SER PA 31 -14.91 -126.19 56.95
C SER PA 31 -13.47 -126.34 57.41
N SER PA 32 -12.75 -125.22 57.54
CA SER PA 32 -11.36 -125.23 57.96
C SER PA 32 -11.19 -125.31 59.47
N GLY PA 33 -12.24 -125.68 60.20
CA GLY PA 33 -12.16 -125.68 61.65
C GLY PA 33 -11.15 -126.67 62.20
N GLU PA 34 -11.08 -127.85 61.59
CA GLU PA 34 -10.22 -128.90 62.14
C GLU PA 34 -8.74 -128.57 61.93
N ARG PA 35 -8.38 -128.02 60.77
CA ARG PA 35 -6.99 -127.64 60.55
C ARG PA 35 -6.57 -126.52 61.50
N ARG PA 36 -7.46 -125.54 61.72
CA ARG PA 36 -7.16 -124.47 62.66
C ARG PA 36 -7.00 -125.00 64.07
N LEU PA 37 -7.86 -125.95 64.47
CA LEU PA 37 -7.76 -126.54 65.79
C LEU PA 37 -6.46 -127.31 65.95
N ARG PA 38 -6.08 -128.08 64.92
CA ARG PA 38 -4.81 -128.82 64.98
C ARG PA 38 -3.63 -127.87 65.09
N VAL PA 39 -3.66 -126.79 64.31
CA VAL PA 39 -2.57 -125.80 64.34
C VAL PA 39 -2.46 -125.17 65.73
N ALA PA 40 -3.59 -124.71 66.26
CA ALA PA 40 -3.57 -124.08 67.57
C ALA PA 40 -3.12 -125.05 68.65
N GLN PA 41 -3.57 -126.31 68.57
CA GLN PA 41 -3.19 -127.29 69.57
C GLN PA 41 -1.70 -127.62 69.50
N THR PA 42 -1.15 -127.70 68.29
CA THR PA 42 0.27 -128.04 68.18
C THR PA 42 1.16 -126.86 68.56
N LEU PA 43 0.67 -125.63 68.38
CA LEU PA 43 1.40 -124.49 68.93
C LEU PA 43 1.28 -124.43 70.44
N THR PA 44 0.14 -124.85 70.98
CA THR PA 44 -0.06 -124.82 72.43
C THR PA 44 0.80 -125.87 73.12
N GLU PA 45 0.92 -127.06 72.53
CA GLU PA 45 1.64 -128.15 73.18
C GLU PA 45 3.14 -127.90 73.20
N SER PA 46 3.64 -127.12 72.26
CA SER PA 46 5.07 -126.83 72.16
C SER PA 46 5.40 -125.38 72.48
N ARG PA 47 4.56 -124.70 73.26
CA ARG PA 47 4.74 -123.27 73.48
C ARG PA 47 6.03 -123.00 74.26
N GLU PA 48 6.42 -123.90 75.15
CA GLU PA 48 7.64 -123.70 75.92
C GLU PA 48 8.87 -123.71 75.03
N ARG PA 49 8.97 -124.70 74.13
CA ARG PA 49 10.07 -124.75 73.19
C ARG PA 49 10.08 -123.53 72.27
N ILE PA 50 8.91 -123.16 71.77
CA ILE PA 50 8.82 -122.00 70.88
C ILE PA 50 9.33 -120.75 71.58
N ILE PA 51 8.85 -120.50 72.81
CA ILE PA 51 9.26 -119.31 73.53
C ILE PA 51 10.76 -119.35 73.82
N LYS PA 52 11.26 -120.50 74.26
CA LYS PA 52 12.68 -120.60 74.62
C LYS PA 52 13.58 -120.31 73.44
N GLN PA 53 13.37 -121.00 72.31
CA GLN PA 53 14.30 -120.81 71.21
C GLN PA 53 14.02 -119.54 70.44
N ALA PA 54 12.78 -119.02 70.50
CA ALA PA 54 12.51 -117.70 69.95
C ALA PA 54 13.25 -116.61 70.72
N GLY PA 55 13.25 -116.70 72.05
CA GLY PA 55 14.01 -115.75 72.84
C GLY PA 55 15.49 -115.86 72.61
N ASP PA 56 16.00 -117.08 72.49
CA ASP PA 56 17.41 -117.27 72.15
C ASP PA 56 17.75 -116.58 70.83
N GLN PA 57 16.94 -116.84 69.79
CA GLN PA 57 17.21 -116.26 68.48
C GLN PA 57 17.10 -114.73 68.52
N LEU PA 58 16.12 -114.22 69.26
CA LEU PA 58 15.96 -112.77 69.39
C LEU PA 58 17.19 -112.13 70.03
N PHE PA 59 17.67 -112.71 71.13
CA PHE PA 59 18.80 -112.08 71.83
C PHE PA 59 20.10 -112.31 71.08
N GLN PA 60 20.18 -113.33 70.22
CA GLN PA 60 21.34 -113.47 69.36
C GLN PA 60 21.31 -112.46 68.22
N LYS PA 61 20.12 -112.15 67.71
CA LYS PA 61 20.04 -111.21 66.59
C LYS PA 61 20.40 -109.79 67.01
N ARG PA 62 19.84 -109.31 68.12
CA ARG PA 62 19.97 -107.92 68.54
C ARG PA 62 20.37 -107.93 70.01
N PRO PA 63 21.67 -108.10 70.29
CA PRO PA 63 22.10 -108.38 71.68
C PRO PA 63 21.93 -107.22 72.63
N ASP PA 64 21.72 -105.99 72.14
CA ASP PA 64 21.76 -104.83 73.03
C ASP PA 64 20.60 -104.85 74.03
N LEU PA 65 19.61 -105.71 73.81
CA LEU PA 65 18.56 -105.92 74.80
C LEU PA 65 19.12 -106.49 76.09
N VAL PA 66 19.97 -107.53 75.99
CA VAL PA 66 20.50 -108.18 77.17
C VAL PA 66 21.86 -107.64 77.58
N SER PA 67 22.41 -106.68 76.86
CA SER PA 67 23.61 -105.99 77.28
C SER PA 67 23.28 -105.01 78.39
N PRO PA 68 24.27 -104.61 79.21
CA PRO PA 68 24.00 -103.61 80.23
C PRO PA 68 23.47 -102.32 79.62
N GLY PA 69 22.46 -101.76 80.28
CA GLY PA 69 21.75 -100.61 79.75
C GLY PA 69 20.59 -100.95 78.83
N GLY PA 70 20.41 -102.22 78.48
CA GLY PA 70 19.30 -102.61 77.65
C GLY PA 70 18.02 -102.82 78.43
N ASN PA 71 16.91 -102.85 77.70
CA ASN PA 71 15.60 -102.96 78.35
C ASN PA 71 15.42 -104.34 78.98
N ALA PA 72 16.07 -105.35 78.44
CA ALA PA 72 15.92 -106.72 78.93
C ALA PA 72 17.13 -107.21 79.71
N TYR PA 73 17.88 -106.31 80.34
CA TYR PA 73 19.03 -106.72 81.14
C TYR PA 73 18.58 -107.47 82.39
N GLY PA 74 19.31 -108.53 82.71
CA GLY PA 74 19.00 -109.25 83.94
C GLY PA 74 18.05 -110.40 83.72
N ALA PA 75 17.96 -111.26 84.74
CA ALA PA 75 17.09 -112.43 84.64
C ALA PA 75 15.62 -112.04 84.71
N GLU PA 76 15.28 -111.06 85.56
CA GLU PA 76 13.88 -110.67 85.72
C GLU PA 76 13.33 -110.00 84.46
N ARG PA 77 14.12 -109.11 83.86
CA ARG PA 77 13.65 -108.41 82.67
C ARG PA 77 13.58 -109.36 81.47
N THR PA 78 14.53 -110.29 81.36
CA THR PA 78 14.45 -111.30 80.32
C THR PA 78 13.24 -112.22 80.55
N ALA PA 79 12.92 -112.50 81.82
CA ALA PA 79 11.72 -113.26 82.13
C ALA PA 79 10.48 -112.52 81.70
N SER PA 80 10.44 -111.21 81.92
CA SER PA 80 9.30 -110.42 81.45
C SER PA 80 9.21 -110.41 79.93
N CYS PA 81 10.35 -110.33 79.26
CA CYS PA 81 10.40 -110.46 77.81
C CYS PA 81 9.79 -111.79 77.35
N LEU PA 82 10.20 -112.89 77.96
CA LEU PA 82 9.70 -114.20 77.56
C LEU PA 82 8.22 -114.34 77.88
N ARG PA 83 7.78 -113.73 78.98
CA ARG PA 83 6.36 -113.74 79.31
C ARG PA 83 5.54 -112.96 78.29
N ASP PA 84 6.08 -111.84 77.81
CA ASP PA 84 5.41 -111.10 76.73
C ASP PA 84 5.31 -111.96 75.47
N LEU PA 85 6.39 -112.68 75.15
CA LEU PA 85 6.34 -113.58 74.00
C LEU PA 85 5.29 -114.67 74.19
N ASP PA 86 5.18 -115.20 75.41
CA ASP PA 86 4.16 -116.22 75.69
C ASP PA 86 2.76 -115.64 75.54
N TYR PA 87 2.55 -114.41 76.03
CA TYR PA 87 1.30 -113.71 75.74
C TYR PA 87 0.99 -113.73 74.27
N TYR PA 88 1.93 -113.27 73.45
CA TYR PA 88 1.61 -113.09 72.03
C TYR PA 88 1.44 -114.42 71.32
N LEU PA 89 2.13 -115.47 71.78
CA LEU PA 89 1.87 -116.79 71.22
C LEU PA 89 0.45 -117.26 71.56
N ARG PA 90 0.01 -117.01 72.79
CA ARG PA 90 -1.37 -117.34 73.15
C ARG PA 90 -2.37 -116.57 72.29
N LEU PA 91 -2.12 -115.29 72.05
CA LEU PA 91 -3.00 -114.50 71.20
C LEU PA 91 -2.97 -115.00 69.76
N VAL PA 92 -1.82 -115.48 69.28
CA VAL PA 92 -1.76 -116.04 67.94
C VAL PA 92 -2.61 -117.29 67.86
N THR PA 93 -2.58 -118.14 68.89
CA THR PA 93 -3.47 -119.30 68.91
C THR PA 93 -4.94 -118.88 68.93
N PHE PA 94 -5.26 -117.85 69.71
CA PHE PA 94 -6.63 -117.33 69.73
C PHE PA 94 -7.05 -116.87 68.35
N GLY PA 95 -6.18 -116.14 67.65
CA GLY PA 95 -6.51 -115.69 66.31
C GLY PA 95 -6.64 -116.83 65.32
N ILE PA 96 -5.82 -117.86 65.48
CA ILE PA 96 -5.91 -119.03 64.60
C ILE PA 96 -7.27 -119.69 64.74
N VAL PA 97 -7.73 -119.89 65.97
CA VAL PA 97 -9.04 -120.52 66.14
C VAL PA 97 -10.16 -119.56 65.71
N ALA PA 98 -9.94 -118.26 65.88
CA ALA PA 98 -11.00 -117.30 65.55
C ALA PA 98 -11.11 -117.09 64.04
N GLY PA 99 -10.04 -117.35 63.30
CA GLY PA 99 -10.02 -117.07 61.89
C GLY PA 99 -9.73 -115.64 61.54
N ASP PA 100 -9.46 -114.78 62.52
CA ASP PA 100 -9.09 -113.41 62.26
C ASP PA 100 -8.15 -112.94 63.37
N VAL PA 101 -7.86 -111.64 63.34
CA VAL PA 101 -6.88 -111.06 64.25
C VAL PA 101 -7.59 -110.23 65.31
N THR PA 102 -8.92 -110.35 65.35
CA THR PA 102 -9.68 -109.56 66.32
C THR PA 102 -9.30 -109.85 67.77
N PRO PA 103 -9.12 -111.10 68.23
CA PRO PA 103 -8.62 -111.29 69.60
C PRO PA 103 -7.27 -110.65 69.84
N ILE PA 104 -6.33 -110.82 68.90
CA ILE PA 104 -5.03 -110.18 69.01
C ILE PA 104 -5.18 -108.68 69.08
N GLU PA 105 -6.08 -108.12 68.27
CA GLU PA 105 -6.25 -106.67 68.24
C GLU PA 105 -6.81 -106.17 69.56
N GLU PA 106 -7.81 -106.87 70.11
CA GLU PA 106 -8.50 -106.38 71.30
C GLU PA 106 -7.66 -106.59 72.55
N ILE PA 107 -6.78 -107.59 72.55
CA ILE PA 107 -6.05 -107.90 73.78
C ILE PA 107 -4.66 -107.29 73.75
N GLY PA 108 -3.97 -107.33 72.61
CA GLY PA 108 -2.57 -106.98 72.60
C GLY PA 108 -2.06 -106.09 71.49
N VAL PA 109 -2.94 -105.37 70.81
CA VAL PA 109 -2.48 -104.42 69.78
C VAL PA 109 -2.95 -103.02 70.12
N ILE PA 110 -4.23 -102.88 70.50
CA ILE PA 110 -4.75 -101.56 70.83
C ILE PA 110 -4.07 -101.06 72.09
N GLY PA 111 -3.38 -99.94 71.97
CA GLY PA 111 -2.64 -99.36 73.08
C GLY PA 111 -1.28 -99.98 73.34
N VAL PA 112 -0.85 -100.94 72.53
CA VAL PA 112 0.48 -101.52 72.74
C VAL PA 112 1.56 -100.48 72.52
N LYS PA 113 1.28 -99.51 71.66
CA LYS PA 113 2.24 -98.44 71.36
C LYS PA 113 2.50 -97.61 72.61
N GLU PA 114 1.43 -97.09 73.22
CA GLU PA 114 1.54 -96.32 74.45
C GLU PA 114 2.05 -97.17 75.59
N MET PA 115 1.61 -98.43 75.67
CA MET PA 115 2.08 -99.32 76.71
C MET PA 115 3.59 -99.49 76.68
N TYR PA 116 4.14 -99.81 75.51
CA TYR PA 116 5.57 -100.08 75.43
C TYR PA 116 6.38 -98.80 75.49
N ARG PA 117 5.76 -97.65 75.14
CA ARG PA 117 6.40 -96.38 75.47
C ARG PA 117 6.52 -96.19 76.97
N ASN PA 118 5.45 -96.47 77.71
CA ASN PA 118 5.47 -96.34 79.15
C ASN PA 118 6.40 -97.38 79.79
N LEU PA 119 6.69 -98.46 79.06
CA LEU PA 119 7.61 -99.46 79.59
C LEU PA 119 9.02 -99.29 79.05
N GLU PA 120 9.25 -98.32 78.17
CA GLU PA 120 10.54 -98.05 77.56
C GLU PA 120 11.02 -99.23 76.69
N VAL PA 121 10.10 -100.09 76.27
CA VAL PA 121 10.44 -101.22 75.41
C VAL PA 121 10.61 -100.73 73.98
N PRO PA 122 11.69 -101.07 73.30
CA PRO PA 122 11.83 -100.66 71.89
C PRO PA 122 10.94 -101.49 70.98
N LEU PA 123 10.10 -100.79 70.21
CA LEU PA 123 9.22 -101.47 69.27
C LEU PA 123 9.97 -102.26 68.19
N PRO PA 124 11.08 -101.78 67.61
CA PRO PA 124 11.82 -102.65 66.68
C PRO PA 124 12.26 -103.96 67.31
N GLY PA 125 12.62 -103.93 68.59
CA GLY PA 125 12.92 -105.18 69.28
C GLY PA 125 11.70 -106.09 69.36
N MET PA 126 10.53 -105.51 69.60
CA MET PA 126 9.30 -106.29 69.62
C MET PA 126 9.04 -106.93 68.26
N VAL PA 127 9.26 -106.17 67.18
CA VAL PA 127 9.08 -106.69 65.84
C VAL PA 127 10.04 -107.84 65.57
N GLU PA 128 11.30 -107.68 65.97
CA GLU PA 128 12.28 -108.74 65.78
C GLU PA 128 11.90 -109.98 66.58
N ALA PA 129 11.39 -109.79 67.80
CA ALA PA 129 10.93 -110.92 68.61
C ALA PA 129 9.79 -111.65 67.93
N VAL PA 130 8.82 -110.91 67.37
CA VAL PA 130 7.71 -111.54 66.68
C VAL PA 130 8.20 -112.29 65.44
N LYS PA 131 9.18 -111.72 64.73
CA LYS PA 131 9.75 -112.42 63.58
C LYS PA 131 10.42 -113.71 63.98
N ALA PA 132 11.20 -113.68 65.06
CA ALA PA 132 11.87 -114.89 65.54
C ALA PA 132 10.86 -115.95 65.96
N MET PA 133 9.81 -115.54 66.66
CA MET PA 133 8.81 -116.49 67.11
C MET PA 133 8.00 -117.03 65.94
N LYS PA 134 7.79 -116.21 64.91
CA LYS PA 134 7.18 -116.71 63.68
C LYS PA 134 8.04 -117.78 63.03
N SER PA 135 9.34 -117.51 62.90
CA SER PA 135 10.23 -118.50 62.28
C SER PA 135 10.23 -119.80 63.08
N VAL PA 136 10.30 -119.69 64.40
CA VAL PA 136 10.30 -120.88 65.24
C VAL PA 136 9.00 -121.65 65.10
N ALA PA 137 7.86 -120.97 65.22
CA ALA PA 137 6.56 -121.64 65.17
C ALA PA 137 6.31 -122.26 63.81
N THR PA 138 6.66 -121.57 62.73
CA THR PA 138 6.50 -122.14 61.40
C THR PA 138 7.50 -123.27 61.17
N GLY PA 139 8.56 -123.33 61.98
CA GLY PA 139 9.53 -124.39 61.83
C GLY PA 139 8.96 -125.77 62.11
N LEU PA 140 8.04 -125.87 63.08
CA LEU PA 140 7.54 -127.16 63.53
C LEU PA 140 6.10 -127.45 63.09
N LEU PA 141 5.64 -126.83 62.00
CA LEU PA 141 4.33 -127.12 61.45
C LEU PA 141 4.44 -127.45 59.97
N SER PA 142 3.39 -128.08 59.45
CA SER PA 142 3.34 -128.42 58.04
C SER PA 142 3.23 -127.16 57.19
N GLY PA 143 3.51 -127.32 55.89
CA GLY PA 143 3.68 -126.16 55.02
C GLY PA 143 2.45 -125.26 54.96
N ASP PA 144 1.26 -125.86 54.73
CA ASP PA 144 0.04 -125.06 54.72
C ASP PA 144 -0.24 -124.48 56.10
N ASP PA 145 -0.06 -125.30 57.14
CA ASP PA 145 -0.20 -124.80 58.50
C ASP PA 145 0.84 -123.74 58.81
N SER PA 146 2.07 -123.93 58.29
CA SER PA 146 3.11 -122.92 58.47
C SER PA 146 2.70 -121.59 57.85
N ALA PA 147 2.14 -121.62 56.64
CA ALA PA 147 1.68 -120.39 56.01
C ALA PA 147 0.56 -119.74 56.81
N GLU PA 148 -0.37 -120.57 57.32
CA GLU PA 148 -1.49 -120.05 58.10
C GLU PA 148 -1.00 -119.34 59.35
N VAL PA 149 -0.04 -119.93 60.05
CA VAL PA 149 0.51 -119.31 61.25
C VAL PA 149 1.31 -118.06 60.89
N GLY PA 150 2.04 -118.12 59.77
CA GLY PA 150 2.87 -117.01 59.36
C GLY PA 150 2.06 -115.77 59.03
N TYR PA 151 0.85 -115.96 58.49
CA TYR PA 151 0.01 -114.79 58.22
C TYR PA 151 -0.32 -114.03 59.49
N TYR PA 152 -0.70 -114.73 60.55
CA TYR PA 152 -1.03 -114.05 61.81
C TYR PA 152 0.21 -113.44 62.45
N PHE PA 153 1.34 -114.13 62.40
CA PHE PA 153 2.56 -113.55 62.94
C PHE PA 153 3.00 -112.32 62.14
N ASP PA 154 2.80 -112.35 60.82
CA ASP PA 154 3.08 -111.20 59.98
C ASP PA 154 2.18 -110.04 60.34
N TYR PA 155 0.89 -110.31 60.61
CA TYR PA 155 0.00 -109.26 61.06
C TYR PA 155 0.52 -108.64 62.36
N LEU PA 156 0.94 -109.48 63.30
CA LEU PA 156 1.42 -108.98 64.58
C LEU PA 156 2.67 -108.11 64.40
N ALA PA 157 3.60 -108.56 63.55
CA ALA PA 157 4.80 -107.78 63.29
C ALA PA 157 4.46 -106.45 62.63
N GLY PA 158 3.53 -106.46 61.68
CA GLY PA 158 3.12 -105.21 61.06
C GLY PA 158 2.44 -104.27 62.03
N ALA PA 159 1.65 -104.81 62.96
CA ALA PA 159 0.98 -103.98 63.95
C ALA PA 159 1.98 -103.38 64.92
N LEU PA 160 3.02 -104.13 65.28
CA LEU PA 160 4.04 -103.60 66.18
C LEU PA 160 4.89 -102.53 65.49
N ALA PA 161 5.09 -102.66 64.19
CA ALA PA 161 5.89 -101.72 63.43
C ALA PA 161 5.10 -100.46 63.11
N SER QA 2 -17.43 -107.71 43.56
CA SER QA 2 -16.95 -109.06 43.85
C SER QA 2 -16.44 -109.15 45.28
N VAL QA 3 -16.00 -110.35 45.66
CA VAL QA 3 -15.47 -110.57 47.00
C VAL QA 3 -14.23 -109.71 47.22
N VAL QA 4 -13.33 -109.69 46.24
CA VAL QA 4 -12.08 -108.95 46.37
C VAL QA 4 -12.35 -107.46 46.52
N THR QA 5 -13.28 -106.92 45.72
CA THR QA 5 -13.61 -105.52 45.83
C THR QA 5 -14.21 -105.19 47.19
N LYS QA 6 -15.05 -106.07 47.73
CA LYS QA 6 -15.61 -105.84 49.06
C LYS QA 6 -14.51 -105.79 50.11
N ALA QA 7 -13.58 -106.75 50.06
CA ALA QA 7 -12.47 -106.74 51.01
C ALA QA 7 -11.64 -105.48 50.87
N ILE QA 8 -11.36 -105.05 49.64
CA ILE QA 8 -10.48 -103.91 49.45
C ILE QA 8 -11.14 -102.63 49.92
N VAL QA 9 -12.45 -102.45 49.65
CA VAL QA 9 -13.11 -101.22 50.09
C VAL QA 9 -13.28 -101.21 51.60
N SER QA 10 -13.48 -102.39 52.21
CA SER QA 10 -13.52 -102.43 53.67
C SER QA 10 -12.18 -102.06 54.28
N ALA QA 11 -11.09 -102.58 53.71
CA ALA QA 11 -9.76 -102.22 54.18
C ALA QA 11 -9.48 -100.73 53.95
N ASP QA 12 -9.95 -100.20 52.84
CA ASP QA 12 -9.66 -98.81 52.49
C ASP QA 12 -10.43 -97.84 53.38
N ALA QA 13 -11.64 -98.23 53.79
CA ALA QA 13 -12.41 -97.38 54.69
C ALA QA 13 -11.72 -97.25 56.04
N GLU QA 14 -10.84 -98.19 56.38
CA GLU QA 14 -10.08 -98.15 57.62
C GLU QA 14 -8.63 -97.75 57.42
N ALA QA 15 -8.24 -97.36 56.21
CA ALA QA 15 -6.87 -96.91 55.91
C ALA QA 15 -5.83 -97.94 56.34
N ARG QA 16 -6.07 -99.20 55.99
CA ARG QA 16 -5.21 -100.29 56.41
C ARG QA 16 -5.03 -101.29 55.27
N TYR QA 17 -4.07 -102.19 55.45
CA TYR QA 17 -3.93 -103.31 54.54
C TYR QA 17 -4.88 -104.43 54.93
N LEU QA 18 -5.14 -105.34 53.99
CA LEU QA 18 -6.09 -106.39 54.25
C LEU QA 18 -5.58 -107.34 55.32
N SER QA 19 -6.43 -107.62 56.30
CA SER QA 19 -6.10 -108.47 57.43
C SER QA 19 -6.03 -109.92 56.99
N PRO QA 20 -5.41 -110.79 57.81
CA PRO QA 20 -5.32 -112.20 57.43
C PRO QA 20 -6.66 -112.86 57.17
N GLY QA 21 -7.72 -112.41 57.86
CA GLY QA 21 -9.04 -112.95 57.58
C GLY QA 21 -9.53 -112.61 56.19
N GLU QA 22 -9.34 -111.36 55.77
CA GLU QA 22 -9.74 -110.96 54.43
C GLU QA 22 -8.91 -111.66 53.37
N LEU QA 23 -7.61 -111.83 53.62
CA LEU QA 23 -6.76 -112.54 52.67
C LEU QA 23 -7.13 -114.01 52.59
N ASP QA 24 -7.53 -114.62 53.72
CA ASP QA 24 -8.03 -115.98 53.70
C ASP QA 24 -9.33 -116.08 52.93
N ARG QA 25 -10.21 -115.09 53.10
CA ARG QA 25 -11.46 -115.07 52.34
C ARG QA 25 -11.20 -115.00 50.84
N ILE QA 26 -10.26 -114.15 50.44
CA ILE QA 26 -9.91 -114.05 49.03
C ILE QA 26 -9.28 -115.34 48.53
N ARG QA 27 -8.41 -115.95 49.34
CA ARG QA 27 -7.80 -117.23 48.99
C ARG QA 27 -8.87 -118.30 48.74
N GLY QA 28 -9.83 -118.40 49.65
CA GLY QA 28 -10.90 -119.36 49.49
C GLY QA 28 -11.76 -119.07 48.27
N PHE QA 29 -11.99 -117.79 47.99
CA PHE QA 29 -12.76 -117.43 46.80
C PHE QA 29 -12.03 -117.85 45.52
N VAL QA 30 -10.73 -117.59 45.46
CA VAL QA 30 -10.02 -117.84 44.21
C VAL QA 30 -9.70 -119.33 44.06
N SER QA 31 -9.75 -120.08 45.16
CA SER QA 31 -9.58 -121.52 45.05
C SER QA 31 -10.81 -122.19 44.44
N SER QA 32 -11.97 -121.55 44.53
CA SER QA 32 -13.21 -122.11 44.02
C SER QA 32 -13.62 -121.52 42.67
N GLY QA 33 -12.72 -120.84 41.99
CA GLY QA 33 -13.10 -120.16 40.75
C GLY QA 33 -13.51 -121.10 39.64
N GLU QA 34 -12.84 -122.24 39.52
CA GLU QA 34 -13.17 -123.20 38.46
C GLU QA 34 -14.58 -123.74 38.63
N ARG QA 35 -15.00 -124.00 39.86
CA ARG QA 35 -16.37 -124.45 40.10
C ARG QA 35 -17.38 -123.39 39.69
N ARG QA 36 -17.10 -122.12 40.05
CA ARG QA 36 -18.02 -121.04 39.71
C ARG QA 36 -18.12 -120.88 38.19
N LEU QA 37 -16.98 -120.95 37.50
CA LEU QA 37 -17.01 -120.82 36.05
C LEU QA 37 -17.72 -121.99 35.39
N ARG QA 38 -17.56 -123.19 35.94
CA ARG QA 38 -18.30 -124.34 35.42
C ARG QA 38 -19.81 -124.12 35.58
N VAL QA 39 -20.24 -123.65 36.75
CA VAL QA 39 -21.65 -123.40 36.97
C VAL QA 39 -22.17 -122.31 36.04
N ALA QA 40 -21.41 -121.23 35.88
CA ALA QA 40 -21.83 -120.15 35.01
C ALA QA 40 -21.90 -120.60 33.56
N GLN QA 41 -20.93 -121.40 33.12
CA GLN QA 41 -20.94 -121.90 31.75
C GLN QA 41 -22.14 -122.81 31.51
N THR QA 42 -22.45 -123.66 32.49
CA THR QA 42 -23.63 -124.52 32.37
C THR QA 42 -24.92 -123.69 32.29
N LEU QA 43 -25.02 -122.64 33.11
CA LEU QA 43 -26.21 -121.79 33.05
C LEU QA 43 -26.26 -121.00 31.75
N THR QA 44 -25.10 -120.73 31.15
CA THR QA 44 -25.06 -120.00 29.89
C THR QA 44 -25.49 -120.89 28.73
N GLU QA 45 -25.05 -122.16 28.73
CA GLU QA 45 -25.45 -123.08 27.67
C GLU QA 45 -26.95 -123.27 27.65
N SER QA 46 -27.56 -123.45 28.81
CA SER QA 46 -28.99 -123.71 28.93
C SER QA 46 -29.81 -122.44 29.01
N ARG QA 47 -29.31 -121.34 28.47
CA ARG QA 47 -30.00 -120.06 28.59
C ARG QA 47 -31.36 -120.09 27.91
N GLU QA 48 -31.41 -120.54 26.65
CA GLU QA 48 -32.67 -120.53 25.91
C GLU QA 48 -33.67 -121.50 26.52
N ARG QA 49 -33.22 -122.70 26.91
CA ARG QA 49 -34.12 -123.65 27.53
C ARG QA 49 -34.68 -123.10 28.83
N ILE QA 50 -33.83 -122.50 29.66
CA ILE QA 50 -34.27 -121.96 30.94
C ILE QA 50 -35.31 -120.87 30.72
N ILE QA 51 -35.03 -119.93 29.81
CA ILE QA 51 -35.98 -118.85 29.57
C ILE QA 51 -37.29 -119.40 29.02
N LYS QA 52 -37.22 -120.35 28.08
CA LYS QA 52 -38.44 -120.89 27.48
C LYS QA 52 -39.32 -121.56 28.53
N GLN QA 53 -38.75 -122.47 29.33
CA GLN QA 53 -39.56 -123.16 30.32
C GLN QA 53 -40.05 -122.23 31.42
N ALA QA 54 -39.22 -121.27 31.85
CA ALA QA 54 -39.66 -120.33 32.88
C ALA QA 54 -40.80 -119.46 32.38
N GLY QA 55 -40.71 -118.97 31.14
CA GLY QA 55 -41.80 -118.19 30.59
C GLY QA 55 -43.08 -119.00 30.43
N ASP QA 56 -42.95 -120.26 29.99
CA ASP QA 56 -44.12 -121.11 29.87
C ASP QA 56 -44.78 -121.35 31.23
N GLN QA 57 -43.98 -121.61 32.26
CA GLN QA 57 -44.53 -121.81 33.59
C GLN QA 57 -45.21 -120.55 34.11
N LEU QA 58 -44.58 -119.40 33.89
CA LEU QA 58 -45.21 -118.14 34.30
C LEU QA 58 -46.53 -117.93 33.60
N PHE QA 59 -46.60 -118.20 32.29
CA PHE QA 59 -47.79 -117.86 31.53
C PHE QA 59 -48.92 -118.85 31.79
N GLN QA 60 -48.59 -120.11 32.06
CA GLN QA 60 -49.65 -121.09 32.29
C GLN QA 60 -50.31 -120.88 33.64
N LYS QA 61 -49.62 -120.24 34.58
CA LYS QA 61 -50.26 -119.86 35.84
C LYS QA 61 -51.06 -118.57 35.69
N ARG QA 62 -50.61 -117.66 34.83
CA ARG QA 62 -51.22 -116.33 34.68
C ARG QA 62 -51.60 -116.11 33.22
N PRO QA 63 -52.70 -116.72 32.78
CA PRO QA 63 -53.12 -116.51 31.38
C PRO QA 63 -53.51 -115.07 31.07
N ASP QA 64 -53.95 -114.31 32.08
CA ASP QA 64 -54.40 -112.95 31.84
C ASP QA 64 -53.29 -112.06 31.33
N LEU QA 65 -52.04 -112.33 31.74
CA LEU QA 65 -50.92 -111.50 31.32
C LEU QA 65 -50.74 -111.54 29.81
N VAL QA 66 -50.98 -112.69 29.19
CA VAL QA 66 -50.86 -112.82 27.74
C VAL QA 66 -52.20 -112.77 27.03
N SER QA 67 -53.29 -112.53 27.76
CA SER QA 67 -54.61 -112.38 27.17
C SER QA 67 -54.84 -110.92 26.82
N PRO QA 68 -55.83 -110.64 25.96
CA PRO QA 68 -56.18 -109.24 25.67
C PRO QA 68 -56.42 -108.45 26.95
N GLY QA 69 -55.64 -107.39 27.13
CA GLY QA 69 -55.69 -106.58 28.32
C GLY QA 69 -54.59 -106.85 29.33
N GLY QA 70 -53.70 -107.81 29.07
CA GLY QA 70 -52.61 -108.07 29.98
C GLY QA 70 -51.40 -107.21 29.69
N ASN QA 71 -50.49 -107.17 30.67
CA ASN QA 71 -49.28 -106.37 30.52
C ASN QA 71 -48.39 -106.91 29.41
N ALA QA 72 -48.22 -108.23 29.35
CA ALA QA 72 -47.37 -108.87 28.35
C ALA QA 72 -48.14 -109.36 27.15
N TYR QA 73 -49.33 -108.82 26.89
CA TYR QA 73 -50.12 -109.26 25.75
C TYR QA 73 -49.43 -108.93 24.44
N GLY QA 74 -49.46 -109.88 23.51
CA GLY QA 74 -48.87 -109.68 22.20
C GLY QA 74 -47.47 -110.28 22.11
N ALA QA 75 -47.03 -110.48 20.87
CA ALA QA 75 -45.73 -111.08 20.64
C ALA QA 75 -44.61 -110.18 21.14
N GLU QA 76 -44.71 -108.87 20.90
CA GLU QA 76 -43.64 -107.96 21.28
C GLU QA 76 -43.52 -107.83 22.80
N ARG QA 77 -44.65 -107.72 23.50
CA ARG QA 77 -44.58 -107.58 24.95
C ARG QA 77 -44.17 -108.88 25.62
N THR QA 78 -44.60 -110.03 25.08
CA THR QA 78 -44.11 -111.30 25.58
C THR QA 78 -42.62 -111.46 25.32
N ALA QA 79 -42.14 -110.94 24.20
CA ALA QA 79 -40.70 -110.93 23.94
C ALA QA 79 -39.97 -110.07 24.96
N SER QA 80 -40.55 -108.92 25.33
CA SER QA 80 -39.95 -108.09 26.37
C SER QA 80 -39.90 -108.83 27.71
N CYS QA 81 -40.98 -109.55 28.03
CA CYS QA 81 -40.99 -110.45 29.19
C CYS QA 81 -39.81 -111.42 29.18
N LEU QA 82 -39.65 -112.14 28.07
CA LEU QA 82 -38.59 -113.14 28.00
C LEU QA 82 -37.22 -112.48 28.03
N ARG QA 83 -37.13 -111.27 27.48
CA ARG QA 83 -35.89 -110.52 27.50
C ARG QA 83 -35.51 -110.11 28.92
N ASP QA 84 -36.49 -109.72 29.74
CA ASP QA 84 -36.20 -109.42 31.14
C ASP QA 84 -35.74 -110.66 31.88
N LEU QA 85 -36.39 -111.79 31.63
CA LEU QA 85 -35.92 -113.05 32.23
C LEU QA 85 -34.48 -113.33 31.83
N ASP QA 86 -34.13 -113.06 30.57
CA ASP QA 86 -32.76 -113.23 30.09
C ASP QA 86 -31.80 -112.30 30.81
N TYR QA 87 -32.20 -111.03 30.99
CA TYR QA 87 -31.40 -110.10 31.77
C TYR QA 87 -31.06 -110.68 33.14
N TYR QA 88 -32.08 -111.21 33.82
CA TYR QA 88 -31.84 -111.67 35.19
C TYR QA 88 -31.01 -112.95 35.24
N LEU QA 89 -31.17 -113.82 34.23
CA LEU QA 89 -30.30 -114.99 34.16
C LEU QA 89 -28.84 -114.58 33.94
N ARG QA 90 -28.62 -113.59 33.07
CA ARG QA 90 -27.27 -113.07 32.86
C ARG QA 90 -26.71 -112.49 34.14
N LEU QA 91 -27.54 -111.78 34.90
CA LEU QA 91 -27.08 -111.20 36.16
C LEU QA 91 -26.73 -112.29 37.17
N VAL QA 92 -27.49 -113.39 37.20
CA VAL QA 92 -27.16 -114.48 38.10
C VAL QA 92 -25.82 -115.11 37.73
N THR QA 93 -25.56 -115.28 36.44
CA THR QA 93 -24.24 -115.78 36.04
C THR QA 93 -23.13 -114.82 36.45
N PHE QA 94 -23.37 -113.51 36.30
CA PHE QA 94 -22.40 -112.52 36.74
C PHE QA 94 -22.16 -112.62 38.24
N GLY QA 95 -23.22 -112.83 39.02
CA GLY QA 95 -23.07 -112.97 40.45
C GLY QA 95 -22.30 -114.21 40.83
N ILE QA 96 -22.53 -115.31 40.11
CA ILE QA 96 -21.81 -116.55 40.40
C ILE QA 96 -20.31 -116.37 40.14
N VAL QA 97 -19.96 -115.76 39.01
CA VAL QA 97 -18.53 -115.58 38.73
C VAL QA 97 -17.92 -114.57 39.70
N ALA QA 98 -18.71 -113.56 40.13
CA ALA QA 98 -18.19 -112.56 41.04
C ALA QA 98 -18.15 -113.05 42.48
N GLY QA 99 -18.88 -114.11 42.79
CA GLY QA 99 -18.95 -114.60 44.15
C GLY QA 99 -19.85 -113.81 45.07
N ASP QA 100 -20.66 -112.90 44.54
CA ASP QA 100 -21.60 -112.13 45.34
C ASP QA 100 -22.71 -111.60 44.45
N VAL QA 101 -23.77 -111.11 45.09
CA VAL QA 101 -24.95 -110.65 44.38
C VAL QA 101 -24.83 -109.16 44.06
N THR QA 102 -23.64 -108.60 44.23
CA THR QA 102 -23.44 -107.18 43.95
C THR QA 102 -23.71 -106.81 42.49
N PRO QA 103 -23.24 -107.56 41.48
CA PRO QA 103 -23.68 -107.24 40.11
C PRO QA 103 -25.18 -107.32 39.94
N ILE QA 104 -25.81 -108.38 40.45
CA ILE QA 104 -27.27 -108.47 40.42
C ILE QA 104 -27.88 -107.26 41.10
N GLU QA 105 -27.39 -106.94 42.30
CA GLU QA 105 -27.95 -105.85 43.09
C GLU QA 105 -27.93 -104.55 42.31
N GLU QA 106 -26.76 -104.14 41.82
CA GLU QA 106 -26.63 -102.79 41.30
C GLU QA 106 -26.71 -102.75 39.77
N ILE QA 107 -27.13 -103.85 39.15
CA ILE QA 107 -27.60 -103.72 37.77
C ILE QA 107 -29.13 -103.87 37.70
N GLY QA 108 -29.72 -104.74 38.52
CA GLY QA 108 -31.13 -104.96 38.37
C GLY QA 108 -31.95 -105.08 39.64
N VAL QA 109 -31.50 -104.49 40.75
CA VAL QA 109 -32.29 -104.53 41.97
C VAL QA 109 -32.55 -103.12 42.50
N ILE QA 110 -31.51 -102.29 42.53
CA ILE QA 110 -31.67 -100.91 42.98
C ILE QA 110 -32.61 -100.18 42.02
N GLY QA 111 -33.72 -99.68 42.56
CA GLY QA 111 -34.68 -99.00 41.73
C GLY QA 111 -35.52 -99.89 40.85
N VAL QA 112 -35.55 -101.20 41.12
CA VAL QA 112 -36.32 -102.10 40.29
C VAL QA 112 -37.82 -101.89 40.52
N LYS QA 113 -38.21 -101.63 41.77
CA LYS QA 113 -39.62 -101.38 42.04
C LYS QA 113 -40.09 -100.10 41.38
N GLU QA 114 -39.27 -99.04 41.42
CA GLU QA 114 -39.61 -97.81 40.71
C GLU QA 114 -39.75 -98.07 39.22
N MET QA 115 -38.82 -98.82 38.64
CA MET QA 115 -38.85 -99.08 37.21
C MET QA 115 -40.10 -99.86 36.81
N TYR QA 116 -40.42 -100.92 37.55
CA TYR QA 116 -41.55 -101.75 37.16
C TYR QA 116 -42.87 -101.08 37.48
N ARG QA 117 -42.89 -100.20 38.49
CA ARG QA 117 -44.07 -99.38 38.73
C ARG QA 117 -44.29 -98.40 37.60
N ASN QA 118 -43.22 -97.76 37.12
CA ASN QA 118 -43.34 -96.86 35.98
C ASN QA 118 -43.76 -97.61 34.73
N LEU QA 119 -43.39 -98.89 34.64
CA LEU QA 119 -43.78 -99.72 33.50
C LEU QA 119 -45.12 -100.39 33.69
N GLU QA 120 -45.74 -100.24 34.87
CA GLU QA 120 -46.99 -100.94 35.20
C GLU QA 120 -46.84 -102.44 35.03
N VAL QA 121 -45.69 -102.96 35.43
CA VAL QA 121 -45.43 -104.39 35.45
C VAL QA 121 -45.65 -104.89 36.87
N PRO QA 122 -46.54 -105.86 37.10
CA PRO QA 122 -46.80 -106.31 38.46
C PRO QA 122 -45.62 -107.07 39.04
N LEU QA 123 -45.15 -106.62 40.20
CA LEU QA 123 -44.03 -107.29 40.88
C LEU QA 123 -44.30 -108.75 41.23
N PRO QA 124 -45.51 -109.15 41.68
CA PRO QA 124 -45.74 -110.59 41.91
C PRO QA 124 -45.48 -111.43 40.68
N GLY QA 125 -45.79 -110.92 39.49
CA GLY QA 125 -45.44 -111.63 38.28
C GLY QA 125 -43.95 -111.86 38.15
N MET QA 126 -43.16 -110.83 38.45
CA MET QA 126 -41.71 -110.98 38.45
C MET QA 126 -41.25 -112.01 39.47
N VAL QA 127 -41.82 -111.99 40.67
CA VAL QA 127 -41.39 -112.92 41.70
C VAL QA 127 -41.69 -114.35 41.28
N GLU QA 128 -42.89 -114.59 40.73
CA GLU QA 128 -43.24 -115.92 40.28
C GLU QA 128 -42.37 -116.36 39.10
N ALA QA 129 -42.08 -115.44 38.18
CA ALA QA 129 -41.23 -115.77 37.05
C ALA QA 129 -39.81 -116.13 37.51
N VAL QA 130 -39.28 -115.40 38.49
CA VAL QA 130 -37.96 -115.69 39.00
C VAL QA 130 -37.95 -117.03 39.74
N LYS QA 131 -39.04 -117.35 40.44
CA LYS QA 131 -39.14 -118.67 41.06
C LYS QA 131 -39.16 -119.77 40.01
N ALA QA 132 -39.88 -119.55 38.90
CA ALA QA 132 -39.88 -120.53 37.81
C ALA QA 132 -38.48 -120.70 37.22
N MET QA 133 -37.78 -119.59 37.03
CA MET QA 133 -36.41 -119.65 36.53
C MET QA 133 -35.50 -120.39 37.51
N LYS QA 134 -35.69 -120.14 38.81
CA LYS QA 134 -34.98 -120.92 39.83
C LYS QA 134 -35.19 -122.40 39.65
N SER QA 135 -36.45 -122.83 39.57
CA SER QA 135 -36.73 -124.26 39.47
C SER QA 135 -36.08 -124.85 38.22
N VAL QA 136 -36.26 -124.20 37.07
CA VAL QA 136 -35.73 -124.74 35.83
C VAL QA 136 -34.21 -124.79 35.86
N ALA QA 137 -33.56 -123.74 36.37
CA ALA QA 137 -32.11 -123.68 36.38
C ALA QA 137 -31.51 -124.68 37.36
N THR QA 138 -32.08 -124.76 38.57
CA THR QA 138 -31.54 -125.69 39.57
C THR QA 138 -31.80 -127.13 39.18
N GLY QA 139 -32.81 -127.38 38.32
CA GLY QA 139 -32.98 -128.71 37.79
C GLY QA 139 -31.79 -129.16 36.94
N LEU QA 140 -31.18 -128.22 36.21
CA LEU QA 140 -30.13 -128.57 35.29
C LEU QA 140 -28.80 -128.84 36.00
N LEU QA 141 -28.50 -128.07 37.04
CA LEU QA 141 -27.24 -128.22 37.74
C LEU QA 141 -27.29 -129.41 38.70
N SER QA 142 -26.10 -129.81 39.16
CA SER QA 142 -25.99 -130.82 40.21
C SER QA 142 -26.34 -130.19 41.56
N GLY QA 143 -26.53 -131.06 42.56
CA GLY QA 143 -27.06 -130.60 43.83
C GLY QA 143 -26.20 -129.56 44.51
N ASP QA 144 -24.89 -129.78 44.58
CA ASP QA 144 -24.01 -128.82 45.21
C ASP QA 144 -24.04 -127.48 44.46
N ASP QA 145 -24.03 -127.53 43.13
CA ASP QA 145 -24.18 -126.32 42.35
C ASP QA 145 -25.61 -125.79 42.42
N SER QA 146 -26.57 -126.70 42.58
CA SER QA 146 -27.97 -126.30 42.68
C SER QA 146 -28.20 -125.40 43.89
N ALA QA 147 -27.61 -125.74 45.03
CA ALA QA 147 -27.77 -124.91 46.21
C ALA QA 147 -27.18 -123.52 46.00
N GLU QA 148 -25.99 -123.45 45.38
CA GLU QA 148 -25.36 -122.16 45.14
C GLU QA 148 -26.20 -121.29 44.22
N VAL QA 149 -26.67 -121.86 43.11
CA VAL QA 149 -27.52 -121.09 42.19
C VAL QA 149 -28.81 -120.70 42.88
N GLY QA 150 -29.33 -121.58 43.73
CA GLY QA 150 -30.56 -121.28 44.45
C GLY QA 150 -30.42 -120.10 45.39
N TYR QA 151 -29.24 -119.94 46.00
CA TYR QA 151 -29.06 -118.77 46.86
C TYR QA 151 -29.22 -117.47 46.07
N TYR QA 152 -28.60 -117.40 44.89
CA TYR QA 152 -28.70 -116.18 44.08
C TYR QA 152 -30.13 -115.96 43.60
N PHE QA 153 -30.82 -117.03 43.21
CA PHE QA 153 -32.21 -116.87 42.79
C PHE QA 153 -33.11 -116.47 43.95
N ASP QA 154 -32.85 -117.00 45.15
CA ASP QA 154 -33.60 -116.57 46.33
C ASP QA 154 -33.36 -115.10 46.62
N TYR QA 155 -32.12 -114.65 46.50
CA TYR QA 155 -31.84 -113.23 46.72
C TYR QA 155 -32.60 -112.38 45.73
N LEU QA 156 -32.60 -112.77 44.45
CA LEU QA 156 -33.32 -112.01 43.44
C LEU QA 156 -34.82 -111.98 43.72
N ALA QA 157 -35.40 -113.14 44.05
CA ALA QA 157 -36.84 -113.21 44.30
C ALA QA 157 -37.24 -112.40 45.51
N GLY QA 158 -36.44 -112.46 46.58
CA GLY QA 158 -36.73 -111.66 47.75
C GLY QA 158 -36.58 -110.17 47.49
N ALA QA 159 -35.58 -109.79 46.70
CA ALA QA 159 -35.36 -108.39 46.41
C ALA QA 159 -36.48 -107.82 45.54
N LEU QA 160 -37.03 -108.64 44.64
CA LEU QA 160 -38.15 -108.17 43.83
C LEU QA 160 -39.43 -108.10 44.65
N ALA QA 161 -39.56 -108.95 45.66
CA ALA QA 161 -40.74 -108.95 46.52
C ALA QA 161 -40.69 -107.76 47.48
N SER RA 2 -53.20 -79.55 62.11
CA SER RA 2 -54.07 -78.79 61.23
C SER RA 2 -53.35 -77.57 60.66
N VAL RA 3 -54.13 -76.64 60.11
CA VAL RA 3 -53.55 -75.40 59.60
C VAL RA 3 -52.87 -74.63 60.72
N VAL RA 4 -53.55 -74.53 61.87
CA VAL RA 4 -53.00 -73.80 63.01
C VAL RA 4 -51.71 -74.45 63.50
N THR RA 5 -51.67 -75.78 63.55
CA THR RA 5 -50.46 -76.48 63.99
C THR RA 5 -49.30 -76.20 63.04
N LYS RA 6 -49.56 -76.25 61.74
CA LYS RA 6 -48.49 -75.99 60.77
C LYS RA 6 -47.97 -74.56 60.91
N ALA RA 7 -48.87 -73.59 61.05
CA ALA RA 7 -48.44 -72.21 61.22
C ALA RA 7 -47.62 -72.04 62.49
N ILE RA 8 -48.05 -72.67 63.60
CA ILE RA 8 -47.34 -72.51 64.86
C ILE RA 8 -45.97 -73.17 64.79
N VAL RA 9 -45.88 -74.36 64.18
CA VAL RA 9 -44.60 -75.02 64.06
C VAL RA 9 -43.65 -74.22 63.18
N SER RA 10 -44.16 -73.63 62.10
CA SER RA 10 -43.33 -72.79 61.25
C SER RA 10 -42.81 -71.57 62.01
N ALA RA 11 -43.67 -70.94 62.81
CA ALA RA 11 -43.23 -69.79 63.60
C ALA RA 11 -42.21 -70.21 64.66
N ASP RA 12 -42.41 -71.40 65.26
CA ASP RA 12 -41.54 -71.84 66.34
C ASP RA 12 -40.17 -72.25 65.82
N ALA RA 13 -40.10 -72.75 64.59
CA ALA RA 13 -38.81 -73.11 64.01
C ALA RA 13 -37.88 -71.92 63.93
N GLU RA 14 -38.43 -70.73 63.68
CA GLU RA 14 -37.65 -69.50 63.62
C GLU RA 14 -37.67 -68.73 64.93
N ALA RA 15 -38.28 -69.27 65.98
CA ALA RA 15 -38.32 -68.64 67.30
C ALA RA 15 -38.91 -67.24 67.24
N ARG RA 16 -40.02 -67.10 66.51
CA ARG RA 16 -40.68 -65.82 66.31
C ARG RA 16 -42.17 -65.97 66.54
N TYR RA 17 -42.81 -64.83 66.79
CA TYR RA 17 -44.26 -64.80 66.79
C TYR RA 17 -44.78 -64.93 65.36
N LEU RA 18 -46.06 -65.30 65.25
CA LEU RA 18 -46.66 -65.46 63.92
C LEU RA 18 -46.78 -64.11 63.23
N SER RA 19 -46.41 -64.09 61.96
CA SER RA 19 -46.45 -62.87 61.15
C SER RA 19 -47.88 -62.58 60.71
N PRO RA 20 -48.14 -61.37 60.20
CA PRO RA 20 -49.49 -61.09 59.68
C PRO RA 20 -49.94 -62.05 58.62
N GLY RA 21 -49.03 -62.59 57.81
CA GLY RA 21 -49.42 -63.59 56.83
C GLY RA 21 -49.94 -64.86 57.46
N GLU RA 22 -49.24 -65.37 58.48
CA GLU RA 22 -49.70 -66.57 59.18
C GLU RA 22 -51.03 -66.32 59.87
N LEU RA 23 -51.16 -65.16 60.52
CA LEU RA 23 -52.41 -64.82 61.20
C LEU RA 23 -53.55 -64.72 60.21
N ASP RA 24 -53.28 -64.17 59.01
CA ASP RA 24 -54.31 -64.06 57.98
C ASP RA 24 -54.70 -65.44 57.47
N ARG RA 25 -53.72 -66.34 57.33
CA ARG RA 25 -54.02 -67.71 56.96
C ARG RA 25 -54.94 -68.38 57.98
N ILE RA 26 -54.62 -68.22 59.27
CA ILE RA 26 -55.45 -68.83 60.31
C ILE RA 26 -56.83 -68.18 60.35
N ARG RA 27 -56.89 -66.87 60.09
CA ARG RA 27 -58.18 -66.18 60.06
C ARG RA 27 -59.04 -66.71 58.92
N GLY RA 28 -58.44 -66.91 57.74
CA GLY RA 28 -59.18 -67.49 56.63
C GLY RA 28 -59.62 -68.91 56.91
N PHE RA 29 -58.79 -69.66 57.64
CA PHE RA 29 -59.18 -71.02 58.01
C PHE RA 29 -60.37 -71.03 58.96
N VAL RA 30 -60.34 -70.21 60.01
CA VAL RA 30 -61.42 -70.23 60.99
C VAL RA 30 -62.69 -69.63 60.40
N SER RA 31 -62.55 -68.67 59.48
CA SER RA 31 -63.72 -68.07 58.85
C SER RA 31 -64.46 -69.08 58.00
N SER RA 32 -63.74 -70.04 57.43
CA SER RA 32 -64.32 -71.07 56.58
C SER RA 32 -64.69 -72.33 57.35
N GLY RA 33 -64.72 -72.29 58.68
CA GLY RA 33 -64.95 -73.49 59.45
C GLY RA 33 -66.34 -74.07 59.27
N GLU RA 34 -67.35 -73.21 59.23
CA GLU RA 34 -68.73 -73.70 59.12
C GLU RA 34 -68.95 -74.42 57.79
N ARG RA 35 -68.34 -73.91 56.72
CA ARG RA 35 -68.51 -74.54 55.41
C ARG RA 35 -67.93 -75.95 55.39
N ARG RA 36 -66.69 -76.11 55.86
CA ARG RA 36 -66.09 -77.44 55.88
C ARG RA 36 -66.76 -78.35 56.88
N LEU RA 37 -67.32 -77.78 57.96
CA LEU RA 37 -68.08 -78.58 58.90
C LEU RA 37 -69.36 -79.12 58.25
N ARG RA 38 -70.05 -78.29 57.46
CA ARG RA 38 -71.22 -78.78 56.75
C ARG RA 38 -70.85 -79.84 55.73
N VAL RA 39 -69.72 -79.64 55.04
CA VAL RA 39 -69.26 -80.65 54.08
C VAL RA 39 -68.98 -81.98 54.79
N ALA RA 40 -68.29 -81.92 55.93
CA ALA RA 40 -67.97 -83.15 56.67
C ALA RA 40 -69.23 -83.82 57.20
N GLN RA 41 -70.20 -83.02 57.67
CA GLN RA 41 -71.45 -83.60 58.15
C GLN RA 41 -72.21 -84.27 57.01
N THR RA 42 -72.21 -83.66 55.82
CA THR RA 42 -72.86 -84.30 54.67
C THR RA 42 -72.16 -85.60 54.31
N LEU RA 43 -70.83 -85.62 54.34
CA LEU RA 43 -70.11 -86.84 54.02
C LEU RA 43 -70.37 -87.95 55.04
N THR RA 44 -70.42 -87.60 56.33
CA THR RA 44 -70.59 -88.64 57.35
C THR RA 44 -72.03 -89.12 57.43
N GLU RA 45 -72.99 -88.25 57.12
CA GLU RA 45 -74.39 -88.65 57.24
C GLU RA 45 -74.80 -89.60 56.11
N SER RA 46 -74.04 -89.60 55.01
CA SER RA 46 -74.29 -90.49 53.89
C SER RA 46 -73.13 -91.46 53.65
N ARG RA 47 -72.42 -91.85 54.71
CA ARG RA 47 -71.20 -92.64 54.55
C ARG RA 47 -71.51 -94.05 54.04
N GLU RA 48 -72.60 -94.66 54.52
CA GLU RA 48 -72.91 -96.02 54.10
C GLU RA 48 -73.15 -96.09 52.60
N ARG RA 49 -73.88 -95.12 52.05
CA ARG RA 49 -74.11 -95.08 50.61
C ARG RA 49 -72.81 -94.91 49.86
N ILE RA 50 -71.94 -94.02 50.34
CA ILE RA 50 -70.66 -93.78 49.67
C ILE RA 50 -69.85 -95.07 49.63
N ILE RA 51 -69.77 -95.76 50.76
CA ILE RA 51 -68.96 -96.97 50.82
C ILE RA 51 -69.53 -98.05 49.91
N LYS RA 52 -70.84 -98.27 49.97
CA LYS RA 52 -71.44 -99.33 49.15
C LYS RA 52 -71.25 -99.04 47.67
N GLN RA 53 -71.56 -97.81 47.23
CA GLN RA 53 -71.41 -97.48 45.82
C GLN RA 53 -69.95 -97.58 45.39
N ALA RA 54 -69.03 -97.02 46.17
CA ALA RA 54 -67.62 -97.04 45.79
C ALA RA 54 -67.09 -98.45 45.70
N GLY RA 55 -67.49 -99.32 46.62
CA GLY RA 55 -67.15 -100.73 46.49
C GLY RA 55 -67.71 -101.33 45.22
N ASP RA 56 -68.91 -100.91 44.84
CA ASP RA 56 -69.50 -101.41 43.59
C ASP RA 56 -68.66 -101.02 42.37
N GLN RA 57 -68.29 -99.74 42.26
CA GLN RA 57 -67.44 -99.36 41.12
C GLN RA 57 -66.08 -100.04 41.18
N LEU RA 58 -65.50 -100.16 42.37
CA LEU RA 58 -64.22 -100.83 42.51
C LEU RA 58 -64.28 -102.27 42.01
N PHE RA 59 -65.33 -103.00 42.38
CA PHE RA 59 -65.43 -104.39 41.98
C PHE RA 59 -65.80 -104.53 40.51
N GLN RA 60 -66.56 -103.57 39.97
CA GLN RA 60 -66.81 -103.58 38.53
C GLN RA 60 -65.53 -103.37 37.73
N LYS RA 61 -64.71 -102.40 38.14
CA LYS RA 61 -63.48 -102.11 37.40
C LYS RA 61 -62.48 -103.25 37.51
N ARG RA 62 -62.39 -103.86 38.69
CA ARG RA 62 -61.44 -104.95 38.94
C ARG RA 62 -62.17 -106.14 39.53
N PRO RA 63 -62.88 -106.91 38.72
CA PRO RA 63 -63.55 -108.12 39.24
C PRO RA 63 -62.58 -109.16 39.74
N ASP RA 64 -61.31 -109.09 39.33
CA ASP RA 64 -60.33 -110.09 39.75
C ASP RA 64 -60.09 -110.03 41.25
N LEU RA 65 -60.33 -108.87 41.87
CA LEU RA 65 -60.16 -108.75 43.30
C LEU RA 65 -61.14 -109.67 44.04
N VAL RA 66 -62.41 -109.69 43.61
CA VAL RA 66 -63.41 -110.55 44.22
C VAL RA 66 -63.55 -111.89 43.49
N SER RA 67 -62.69 -112.18 42.52
CA SER RA 67 -62.71 -113.43 41.81
C SER RA 67 -61.89 -114.48 42.54
N PRO RA 68 -62.07 -115.76 42.24
CA PRO RA 68 -61.23 -116.80 42.85
C PRO RA 68 -59.76 -116.51 42.60
N GLY RA 69 -58.95 -116.67 43.64
CA GLY RA 69 -57.57 -116.24 43.61
C GLY RA 69 -57.37 -114.76 43.86
N GLY RA 70 -58.45 -114.01 44.08
CA GLY RA 70 -58.32 -112.61 44.38
C GLY RA 70 -58.21 -112.33 45.86
N ASN RA 71 -57.75 -111.12 46.18
CA ASN RA 71 -57.50 -110.79 47.57
C ASN RA 71 -58.80 -110.51 48.32
N ALA RA 72 -59.83 -110.09 47.60
CA ALA RA 72 -61.10 -109.74 48.22
C ALA RA 72 -62.15 -110.84 48.06
N TYR RA 73 -61.77 -112.03 47.59
CA TYR RA 73 -62.75 -113.09 47.41
C TYR RA 73 -63.27 -113.57 48.75
N GLY RA 74 -64.59 -113.70 48.85
CA GLY RA 74 -65.23 -114.10 50.07
C GLY RA 74 -66.00 -112.96 50.73
N ALA RA 75 -66.86 -113.33 51.67
CA ALA RA 75 -67.64 -112.32 52.39
C ALA RA 75 -66.77 -111.51 53.33
N GLU RA 76 -65.93 -112.19 54.12
CA GLU RA 76 -65.12 -111.50 55.12
C GLU RA 76 -64.07 -110.61 54.48
N ARG RA 77 -63.49 -111.05 53.37
CA ARG RA 77 -62.45 -110.25 52.73
C ARG RA 77 -63.05 -109.02 52.03
N THR RA 78 -64.22 -109.19 51.41
CA THR RA 78 -64.93 -108.04 50.85
C THR RA 78 -65.34 -107.08 51.96
N ALA RA 79 -65.74 -107.61 53.12
CA ALA RA 79 -66.05 -106.76 54.26
C ALA RA 79 -64.83 -105.99 54.73
N SER RA 80 -63.67 -106.63 54.75
CA SER RA 80 -62.44 -105.94 55.10
C SER RA 80 -62.12 -104.83 54.09
N CYS RA 81 -62.34 -105.10 52.80
CA CYS RA 81 -62.16 -104.09 51.76
C CYS RA 81 -63.08 -102.89 51.99
N LEU RA 82 -64.36 -103.15 52.24
CA LEU RA 82 -65.30 -102.07 52.49
C LEU RA 82 -64.95 -101.31 53.76
N ARG RA 83 -64.46 -102.02 54.77
CA ARG RA 83 -64.08 -101.37 56.03
C ARG RA 83 -62.86 -100.48 55.84
N ASP RA 84 -61.92 -100.88 54.98
CA ASP RA 84 -60.81 -100.01 54.64
C ASP RA 84 -61.29 -98.75 53.92
N LEU RA 85 -62.24 -98.92 52.99
CA LEU RA 85 -62.84 -97.76 52.34
C LEU RA 85 -63.48 -96.83 53.38
N ASP RA 86 -64.14 -97.41 54.37
CA ASP RA 86 -64.76 -96.62 55.43
C ASP RA 86 -63.71 -95.88 56.25
N TYR RA 87 -62.61 -96.57 56.58
CA TYR RA 87 -61.48 -95.92 57.25
C TYR RA 87 -61.05 -94.67 56.50
N TYR RA 88 -60.85 -94.80 55.19
CA TYR RA 88 -60.30 -93.69 54.44
C TYR RA 88 -61.33 -92.59 54.23
N LEU RA 89 -62.61 -92.93 54.18
CA LEU RA 89 -63.65 -91.91 54.19
C LEU RA 89 -63.63 -91.11 55.48
N ARG RA 90 -63.45 -91.80 56.61
CA ARG RA 90 -63.33 -91.11 57.90
C ARG RA 90 -62.11 -90.19 57.91
N LEU RA 91 -61.00 -90.66 57.35
CA LEU RA 91 -59.80 -89.83 57.30
C LEU RA 91 -60.02 -88.60 56.43
N VAL RA 92 -60.77 -88.75 55.33
CA VAL RA 92 -61.05 -87.61 54.46
C VAL RA 92 -61.89 -86.58 55.20
N THR RA 93 -62.89 -87.03 55.97
CA THR RA 93 -63.67 -86.08 56.76
C THR RA 93 -62.81 -85.38 57.80
N PHE RA 94 -61.90 -86.13 58.44
CA PHE RA 94 -60.96 -85.51 59.39
C PHE RA 94 -60.11 -84.45 58.69
N GLY RA 95 -59.63 -84.76 57.49
CA GLY RA 95 -58.84 -83.79 56.76
C GLY RA 95 -59.64 -82.55 56.41
N ILE RA 96 -60.91 -82.74 56.04
CA ILE RA 96 -61.77 -81.60 55.76
C ILE RA 96 -61.86 -80.68 56.97
N VAL RA 97 -62.15 -81.24 58.15
CA VAL RA 97 -62.31 -80.38 59.31
C VAL RA 97 -60.97 -79.77 59.72
N ALA RA 98 -59.87 -80.48 59.45
CA ALA RA 98 -58.57 -79.99 59.88
C ALA RA 98 -58.04 -78.88 58.97
N GLY RA 99 -58.46 -78.87 57.71
CA GLY RA 99 -57.97 -77.90 56.76
C GLY RA 99 -56.74 -78.34 55.99
N ASP RA 100 -56.18 -79.50 56.31
CA ASP RA 100 -55.08 -80.05 55.53
C ASP RA 100 -55.11 -81.57 55.67
N VAL RA 101 -54.15 -82.22 55.01
CA VAL RA 101 -54.13 -83.67 54.92
C VAL RA 101 -53.33 -84.32 56.02
N THR RA 102 -53.00 -83.59 57.08
CA THR RA 102 -52.23 -84.18 58.18
C THR RA 102 -52.92 -85.36 58.86
N PRO RA 103 -54.21 -85.33 59.19
CA PRO RA 103 -54.84 -86.54 59.75
C PRO RA 103 -54.74 -87.73 58.82
N ILE RA 104 -54.98 -87.53 57.52
CA ILE RA 104 -54.87 -88.62 56.56
C ILE RA 104 -53.44 -89.12 56.51
N GLU RA 105 -52.48 -88.20 56.47
CA GLU RA 105 -51.08 -88.56 56.36
C GLU RA 105 -50.61 -89.35 57.58
N GLU RA 106 -51.18 -89.04 58.75
CA GLU RA 106 -50.66 -89.61 59.98
C GLU RA 106 -51.38 -90.90 60.36
N ILE RA 107 -52.62 -91.07 59.91
CA ILE RA 107 -53.33 -92.30 60.28
C ILE RA 107 -53.28 -93.31 59.15
N GLY RA 108 -53.37 -92.86 57.90
CA GLY RA 108 -53.52 -93.81 56.80
C GLY RA 108 -52.43 -93.86 55.75
N VAL RA 109 -51.39 -93.03 55.85
CA VAL RA 109 -50.38 -92.95 54.80
C VAL RA 109 -48.98 -93.35 55.27
N ILE RA 110 -48.53 -92.89 56.42
CA ILE RA 110 -47.18 -93.19 56.90
C ILE RA 110 -47.10 -94.68 57.18
N GLY RA 111 -46.33 -95.40 56.36
CA GLY RA 111 -46.23 -96.84 56.49
C GLY RA 111 -47.32 -97.64 55.83
N VAL RA 112 -48.10 -97.04 54.93
CA VAL RA 112 -49.20 -97.77 54.30
C VAL RA 112 -48.67 -98.80 53.31
N LYS RA 113 -47.56 -98.48 52.62
CA LYS RA 113 -47.00 -99.43 51.67
C LYS RA 113 -46.53 -100.70 52.36
N GLU RA 114 -45.85 -100.57 53.49
CA GLU RA 114 -45.43 -101.75 54.25
C GLU RA 114 -46.63 -102.52 54.77
N MET RA 115 -47.67 -101.80 55.22
CA MET RA 115 -48.89 -102.46 55.68
C MET RA 115 -49.50 -103.32 54.58
N TYR RA 116 -49.71 -102.72 53.41
CA TYR RA 116 -50.44 -103.44 52.36
C TYR RA 116 -49.54 -104.45 51.66
N ARG RA 117 -48.22 -104.29 51.79
CA ARG RA 117 -47.32 -105.34 51.33
C ARG RA 117 -47.38 -106.55 52.25
N ASN RA 118 -47.39 -106.33 53.56
CA ASN RA 118 -47.47 -107.44 54.50
C ASN RA 118 -48.83 -108.11 54.44
N LEU RA 119 -49.81 -107.46 53.83
CA LEU RA 119 -51.16 -107.99 53.74
C LEU RA 119 -51.52 -108.54 52.37
N GLU RA 120 -50.61 -108.44 51.39
CA GLU RA 120 -50.86 -108.88 50.02
C GLU RA 120 -52.06 -108.15 49.41
N VAL RA 121 -52.05 -106.83 49.50
CA VAL RA 121 -53.10 -105.99 48.93
C VAL RA 121 -52.50 -105.17 47.80
N PRO RA 122 -53.02 -105.27 46.59
CA PRO RA 122 -52.44 -104.50 45.47
C PRO RA 122 -52.73 -103.01 45.62
N LEU RA 123 -51.67 -102.22 45.54
CA LEU RA 123 -51.74 -100.76 45.66
C LEU RA 123 -52.57 -100.11 44.57
N PRO RA 124 -52.44 -100.51 43.29
CA PRO RA 124 -53.35 -99.95 42.27
C PRO RA 124 -54.81 -100.21 42.57
N GLY RA 125 -55.13 -101.35 43.16
CA GLY RA 125 -56.49 -101.57 43.64
C GLY RA 125 -56.93 -100.52 44.65
N MET RA 126 -56.03 -100.18 45.58
CA MET RA 126 -56.33 -99.10 46.53
C MET RA 126 -56.50 -97.77 45.82
N VAL RA 127 -55.65 -97.48 44.83
CA VAL RA 127 -55.73 -96.20 44.14
C VAL RA 127 -57.07 -96.07 43.44
N GLU RA 128 -57.52 -97.12 42.76
CA GLU RA 128 -58.78 -97.03 42.04
C GLU RA 128 -59.97 -97.07 42.98
N ALA RA 129 -59.85 -97.76 44.12
CA ALA RA 129 -60.91 -97.69 45.13
C ALA RA 129 -61.04 -96.26 45.67
N VAL RA 130 -59.91 -95.60 45.90
CA VAL RA 130 -59.92 -94.21 46.35
C VAL RA 130 -60.54 -93.33 45.28
N LYS RA 131 -60.23 -93.59 44.01
CA LYS RA 131 -60.84 -92.82 42.93
C LYS RA 131 -62.35 -93.01 42.90
N ALA RA 132 -62.82 -94.24 43.12
CA ALA RA 132 -64.24 -94.50 43.18
C ALA RA 132 -64.90 -93.76 44.33
N MET RA 133 -64.27 -93.78 45.52
CA MET RA 133 -64.83 -93.00 46.63
C MET RA 133 -64.85 -91.51 46.30
N LYS RA 134 -63.80 -91.02 45.63
CA LYS RA 134 -63.78 -89.62 45.23
C LYS RA 134 -64.95 -89.28 44.35
N SER RA 135 -65.21 -90.11 43.33
CA SER RA 135 -66.33 -89.85 42.43
C SER RA 135 -67.66 -89.88 43.18
N VAL RA 136 -67.90 -90.93 43.95
CA VAL RA 136 -69.18 -91.04 44.65
C VAL RA 136 -69.36 -89.90 45.64
N ALA RA 137 -68.33 -89.58 46.42
CA ALA RA 137 -68.46 -88.55 47.45
C ALA RA 137 -68.65 -87.17 46.83
N THR RA 138 -67.93 -86.88 45.75
CA THR RA 138 -68.11 -85.59 45.09
C THR RA 138 -69.46 -85.52 44.40
N GLY RA 139 -70.08 -86.67 44.13
CA GLY RA 139 -71.44 -86.67 43.63
C GLY RA 139 -72.43 -86.06 44.62
N LEU RA 140 -72.24 -86.35 45.91
CA LEU RA 140 -73.19 -85.88 46.91
C LEU RA 140 -73.10 -84.38 47.12
N LEU RA 141 -71.90 -83.81 46.99
CA LEU RA 141 -71.70 -82.41 47.31
C LEU RA 141 -71.96 -81.52 46.10
N SER RA 142 -72.12 -80.23 46.37
CA SER RA 142 -72.20 -79.23 45.32
C SER RA 142 -70.84 -79.05 44.68
N GLY RA 143 -70.82 -78.31 43.56
CA GLY RA 143 -69.57 -78.13 42.83
C GLY RA 143 -68.48 -77.49 43.67
N ASP RA 144 -68.83 -76.45 44.43
CA ASP RA 144 -67.84 -75.76 45.24
C ASP RA 144 -67.26 -76.67 46.32
N ASP RA 145 -68.11 -77.44 47.00
CA ASP RA 145 -67.63 -78.32 48.06
C ASP RA 145 -66.87 -79.51 47.49
N SER RA 146 -67.41 -80.13 46.44
CA SER RA 146 -66.72 -81.21 45.76
C SER RA 146 -65.35 -80.75 45.27
N ALA RA 147 -65.21 -79.45 44.99
CA ALA RA 147 -63.92 -78.93 44.55
C ALA RA 147 -62.84 -79.19 45.59
N GLU RA 148 -63.05 -78.78 46.85
CA GLU RA 148 -62.00 -79.00 47.85
C GLU RA 148 -61.92 -80.47 48.26
N VAL RA 149 -63.04 -81.18 48.26
CA VAL RA 149 -63.00 -82.58 48.64
C VAL RA 149 -62.18 -83.40 47.65
N GLY RA 150 -62.24 -83.02 46.37
CA GLY RA 150 -61.46 -83.69 45.36
C GLY RA 150 -59.96 -83.61 45.62
N TYR RA 151 -59.49 -82.47 46.12
CA TYR RA 151 -58.06 -82.35 46.40
C TYR RA 151 -57.61 -83.31 47.49
N TYR RA 152 -58.41 -83.48 48.55
CA TYR RA 152 -58.06 -84.44 49.59
C TYR RA 152 -58.05 -85.85 49.04
N PHE RA 153 -59.07 -86.20 48.24
CA PHE RA 153 -59.10 -87.56 47.68
C PHE RA 153 -57.94 -87.79 46.71
N ASP RA 154 -57.59 -86.77 45.93
CA ASP RA 154 -56.45 -86.88 45.01
C ASP RA 154 -55.15 -87.03 45.78
N TYR RA 155 -55.01 -86.30 46.89
CA TYR RA 155 -53.84 -86.49 47.73
C TYR RA 155 -53.75 -87.93 48.22
N LEU RA 156 -54.86 -88.48 48.69
CA LEU RA 156 -54.86 -89.86 49.16
C LEU RA 156 -54.49 -90.83 48.05
N ALA RA 157 -55.05 -90.63 46.86
CA ALA RA 157 -54.73 -91.49 45.73
C ALA RA 157 -53.25 -91.42 45.37
N GLY RA 158 -52.69 -90.20 45.35
CA GLY RA 158 -51.27 -90.06 45.06
C GLY RA 158 -50.40 -90.68 46.13
N ALA RA 159 -50.82 -90.56 47.40
CA ALA RA 159 -50.05 -91.13 48.49
C ALA RA 159 -50.02 -92.65 48.41
N LEU RA 160 -51.16 -93.28 48.11
CA LEU RA 160 -51.16 -94.72 47.91
C LEU RA 160 -50.36 -95.11 46.67
N ALA RA 161 -50.44 -94.32 45.61
CA ALA RA 161 -49.69 -94.59 44.40
C ALA RA 161 -48.23 -94.22 44.54
N SER SA 2 -43.56 -63.21 49.10
CA SER SA 2 -45.01 -63.11 49.21
C SER SA 2 -45.61 -64.43 49.66
N VAL SA 3 -46.94 -64.49 49.70
CA VAL SA 3 -47.63 -65.70 50.15
C VAL SA 3 -47.29 -66.87 49.24
N VAL SA 4 -47.30 -66.64 47.93
CA VAL SA 4 -46.96 -67.69 46.97
C VAL SA 4 -45.52 -68.14 47.17
N THR SA 5 -44.60 -67.20 47.35
CA THR SA 5 -43.21 -67.56 47.56
C THR SA 5 -43.02 -68.38 48.83
N LYS SA 6 -43.68 -67.98 49.92
CA LYS SA 6 -43.59 -68.74 51.16
C LYS SA 6 -44.11 -70.16 50.98
N ALA SA 7 -45.27 -70.31 50.34
CA ALA SA 7 -45.82 -71.64 50.14
C ALA SA 7 -44.92 -72.51 49.26
N ILE SA 8 -44.39 -71.93 48.18
CA ILE SA 8 -43.54 -72.70 47.28
C ILE SA 8 -42.24 -73.09 47.97
N VAL SA 9 -41.66 -72.18 48.74
CA VAL SA 9 -40.41 -72.48 49.44
C VAL SA 9 -40.63 -73.57 50.48
N SER SA 10 -41.75 -73.51 51.20
CA SER SA 10 -42.06 -74.56 52.16
C SER SA 10 -42.25 -75.90 51.46
N ALA SA 11 -42.93 -75.90 50.31
CA ALA SA 11 -43.13 -77.16 49.58
C ALA SA 11 -41.83 -77.67 48.98
N ASP SA 12 -40.88 -76.77 48.72
CA ASP SA 12 -39.63 -77.16 48.09
C ASP SA 12 -38.65 -77.71 49.11
N ALA SA 13 -38.63 -77.13 50.31
CA ALA SA 13 -37.75 -77.62 51.36
C ALA SA 13 -38.10 -79.05 51.76
N GLU SA 14 -39.34 -79.45 51.50
CA GLU SA 14 -39.77 -80.82 51.76
C GLU SA 14 -39.81 -81.67 50.50
N ALA SA 15 -39.44 -81.11 49.35
CA ALA SA 15 -39.39 -81.84 48.08
C ALA SA 15 -40.73 -82.50 47.75
N ARG SA 16 -41.80 -81.71 47.85
CA ARG SA 16 -43.14 -82.19 47.56
C ARG SA 16 -43.91 -81.13 46.80
N TYR SA 17 -44.99 -81.56 46.17
CA TYR SA 17 -45.97 -80.64 45.60
C TYR SA 17 -46.70 -79.92 46.72
N LEU SA 18 -47.30 -78.78 46.37
CA LEU SA 18 -48.02 -78.01 47.37
C LEU SA 18 -49.25 -78.77 47.84
N SER SA 19 -49.52 -78.67 49.14
CA SER SA 19 -50.63 -79.37 49.75
C SER SA 19 -51.94 -78.70 49.38
N PRO SA 20 -53.07 -79.40 49.53
CA PRO SA 20 -54.36 -78.74 49.29
C PRO SA 20 -54.56 -77.51 50.16
N GLY SA 21 -54.07 -77.51 51.39
CA GLY SA 21 -54.18 -76.33 52.23
C GLY SA 21 -53.36 -75.16 51.72
N GLU SA 22 -52.17 -75.44 51.20
CA GLU SA 22 -51.35 -74.38 50.62
C GLU SA 22 -52.01 -73.80 49.37
N LEU SA 23 -52.59 -74.65 48.53
CA LEU SA 23 -53.33 -74.16 47.38
C LEU SA 23 -54.55 -73.36 47.83
N ASP SA 24 -55.15 -73.75 48.94
CA ASP SA 24 -56.29 -73.00 49.46
C ASP SA 24 -55.88 -71.63 49.96
N ARG SA 25 -54.73 -71.52 50.65
CA ARG SA 25 -54.27 -70.22 51.10
C ARG SA 25 -53.89 -69.33 49.91
N ILE SA 26 -53.32 -69.93 48.86
CA ILE SA 26 -53.01 -69.15 47.66
C ILE SA 26 -54.30 -68.69 46.99
N ARG SA 27 -55.31 -69.55 46.95
CA ARG SA 27 -56.60 -69.17 46.37
C ARG SA 27 -57.21 -68.01 47.14
N GLY SA 28 -57.19 -68.08 48.47
CA GLY SA 28 -57.71 -66.99 49.28
C GLY SA 28 -56.91 -65.71 49.11
N PHE SA 29 -55.59 -65.84 48.93
CA PHE SA 29 -54.74 -64.67 48.75
C PHE SA 29 -55.04 -63.96 47.43
N VAL SA 30 -55.19 -64.73 46.35
CA VAL SA 30 -55.44 -64.11 45.05
C VAL SA 30 -56.88 -63.63 44.97
N SER SA 31 -57.78 -64.23 45.76
CA SER SA 31 -59.17 -63.79 45.76
C SER SA 31 -59.31 -62.43 46.44
N SER SA 32 -58.47 -62.16 47.44
CA SER SA 32 -58.47 -60.88 48.14
C SER SA 32 -57.45 -59.91 47.58
N GLY SA 33 -56.95 -60.13 46.37
CA GLY SA 33 -55.94 -59.26 45.82
C GLY SA 33 -56.45 -57.87 45.51
N GLU SA 34 -57.70 -57.76 45.07
CA GLU SA 34 -58.24 -56.47 44.67
C GLU SA 34 -58.39 -55.53 45.86
N ARG SA 35 -58.86 -56.05 47.00
CA ARG SA 35 -59.08 -55.18 48.14
C ARG SA 35 -57.76 -54.65 48.70
N ARG SA 36 -56.78 -55.55 48.89
CA ARG SA 36 -55.46 -55.11 49.34
C ARG SA 36 -54.79 -54.23 48.29
N LEU SA 37 -55.17 -54.40 47.03
CA LEU SA 37 -54.58 -53.61 45.96
C LEU SA 37 -55.11 -52.17 46.00
N ARG SA 38 -56.41 -52.02 46.26
CA ARG SA 38 -56.97 -50.69 46.50
C ARG SA 38 -56.42 -50.09 47.78
N VAL SA 39 -56.15 -50.91 48.80
CA VAL SA 39 -55.54 -50.40 50.02
C VAL SA 39 -54.17 -49.79 49.72
N ALA SA 40 -53.35 -50.49 48.94
CA ALA SA 40 -52.05 -49.96 48.55
C ALA SA 40 -52.20 -48.71 47.70
N GLN SA 41 -53.19 -48.69 46.81
CA GLN SA 41 -53.50 -47.51 46.01
C GLN SA 41 -53.80 -46.31 46.89
N THR SA 42 -54.67 -46.51 47.89
CA THR SA 42 -55.06 -45.41 48.78
C THR SA 42 -53.87 -44.89 49.57
N LEU SA 43 -53.03 -45.79 50.10
CA LEU SA 43 -51.87 -45.34 50.85
C LEU SA 43 -50.86 -44.66 49.94
N THR SA 44 -50.79 -45.06 48.67
CA THR SA 44 -49.82 -44.47 47.76
C THR SA 44 -50.23 -43.08 47.34
N GLU SA 45 -51.53 -42.85 47.10
CA GLU SA 45 -51.97 -41.52 46.71
C GLU SA 45 -51.65 -40.49 47.78
N SER SA 46 -51.70 -40.88 49.05
CA SER SA 46 -51.56 -39.96 50.16
C SER SA 46 -50.20 -40.05 50.83
N ARG SA 47 -49.12 -40.27 50.08
CA ARG SA 47 -47.79 -40.36 50.66
C ARG SA 47 -47.41 -39.09 51.41
N GLU SA 48 -47.55 -37.93 50.75
CA GLU SA 48 -47.04 -36.69 51.31
C GLU SA 48 -47.74 -36.32 52.60
N ARG SA 49 -49.07 -36.46 52.63
CA ARG SA 49 -49.83 -36.12 53.82
C ARG SA 49 -49.47 -37.05 54.98
N ILE SA 50 -49.33 -38.35 54.70
CA ILE SA 50 -48.97 -39.29 55.75
C ILE SA 50 -47.60 -38.95 56.33
N ILE SA 51 -46.62 -38.71 55.46
CA ILE SA 51 -45.28 -38.45 55.94
C ILE SA 51 -45.24 -37.15 56.73
N LYS SA 52 -45.90 -36.11 56.23
CA LYS SA 52 -45.90 -34.82 56.92
C LYS SA 52 -46.56 -34.92 58.29
N GLN SA 53 -47.74 -35.55 58.36
CA GLN SA 53 -48.44 -35.65 59.63
C GLN SA 53 -47.70 -36.55 60.61
N ALA SA 54 -47.15 -37.67 60.14
CA ALA SA 54 -46.40 -38.57 61.01
C ALA SA 54 -45.15 -37.89 61.54
N GLY SA 55 -44.46 -37.12 60.70
CA GLY SA 55 -43.33 -36.35 61.19
C GLY SA 55 -43.73 -35.33 62.24
N ASP SA 56 -44.86 -34.67 62.02
CA ASP SA 56 -45.33 -33.68 63.00
C ASP SA 56 -45.61 -34.33 64.35
N GLN SA 57 -46.34 -35.45 64.35
CA GLN SA 57 -46.63 -36.12 65.62
C GLN SA 57 -45.37 -36.69 66.25
N LEU SA 58 -44.44 -37.18 65.43
CA LEU SA 58 -43.17 -37.69 65.96
C LEU SA 58 -42.38 -36.60 66.66
N PHE SA 59 -42.32 -35.42 66.04
CA PHE SA 59 -41.49 -34.35 66.61
C PHE SA 59 -42.18 -33.67 67.78
N GLN SA 60 -43.52 -33.71 67.80
CA GLN SA 60 -44.23 -33.17 68.96
C GLN SA 60 -44.14 -34.13 70.14
N LYS SA 61 -44.24 -35.43 69.88
CA LYS SA 61 -44.11 -36.42 70.95
C LYS SA 61 -42.67 -36.49 71.46
N ARG SA 62 -41.70 -36.23 70.57
CA ARG SA 62 -40.28 -36.35 70.89
C ARG SA 62 -39.55 -35.10 70.45
N PRO SA 63 -39.65 -34.00 71.20
CA PRO SA 63 -38.94 -32.78 70.82
C PRO SA 63 -37.43 -32.94 70.84
N ASP SA 64 -36.90 -33.89 71.63
CA ASP SA 64 -35.46 -34.02 71.76
C ASP SA 64 -34.79 -34.49 70.47
N LEU SA 65 -35.54 -35.16 69.60
CA LEU SA 65 -34.97 -35.61 68.33
C LEU SA 65 -34.60 -34.42 67.45
N VAL SA 66 -35.43 -33.37 67.44
CA VAL SA 66 -35.15 -32.20 66.62
C VAL SA 66 -34.53 -31.07 67.42
N SER SA 67 -34.35 -31.23 68.72
CA SER SA 67 -33.63 -30.24 69.49
C SER SA 67 -32.13 -30.33 69.22
N PRO SA 68 -31.39 -29.25 69.45
CA PRO SA 68 -29.94 -29.29 69.27
C PRO SA 68 -29.32 -30.42 70.07
N GLY SA 69 -28.45 -31.18 69.41
CA GLY SA 69 -27.93 -32.41 69.96
C GLY SA 69 -28.77 -33.63 69.66
N GLY SA 70 -29.96 -33.46 69.08
CA GLY SA 70 -30.75 -34.59 68.64
C GLY SA 70 -30.27 -35.12 67.31
N ASN SA 71 -30.56 -36.40 67.06
CA ASN SA 71 -30.08 -37.04 65.85
C ASN SA 71 -30.68 -36.41 64.61
N ALA SA 72 -31.95 -36.01 64.68
CA ALA SA 72 -32.63 -35.37 63.55
C ALA SA 72 -32.59 -33.84 63.64
N TYR SA 73 -31.61 -33.27 64.33
CA TYR SA 73 -31.52 -31.82 64.47
C TYR SA 73 -31.06 -31.19 63.17
N GLY SA 74 -31.71 -30.10 62.79
CA GLY SA 74 -31.43 -29.44 61.54
C GLY SA 74 -32.41 -29.82 60.45
N ALA SA 75 -32.36 -29.08 59.34
CA ALA SA 75 -33.30 -29.32 58.25
C ALA SA 75 -32.95 -30.60 57.49
N GLU SA 76 -31.67 -30.80 57.19
CA GLU SA 76 -31.30 -31.93 56.34
C GLU SA 76 -31.42 -33.26 57.08
N ARG SA 77 -31.08 -33.28 58.38
CA ARG SA 77 -31.25 -34.52 59.13
C ARG SA 77 -32.72 -34.81 59.37
N THR SA 78 -33.54 -33.76 59.53
CA THR SA 78 -34.99 -33.96 59.63
C THR SA 78 -35.54 -34.52 58.33
N ALA SA 79 -35.03 -34.04 57.19
CA ALA SA 79 -35.45 -34.59 55.90
C ALA SA 79 -35.03 -36.05 55.77
N SER SA 80 -33.84 -36.40 56.26
CA SER SA 80 -33.41 -37.79 56.24
C SER SA 80 -34.33 -38.66 57.11
N CYS SA 81 -34.72 -38.14 58.27
CA CYS SA 81 -35.73 -38.78 59.10
C CYS SA 81 -37.03 -39.04 58.32
N LEU SA 82 -37.54 -38.00 57.67
CA LEU SA 82 -38.81 -38.13 56.98
C LEU SA 82 -38.71 -39.08 55.79
N ARG SA 83 -37.54 -39.13 55.14
CA ARG SA 83 -37.42 -40.02 54.00
C ARG SA 83 -37.18 -41.46 54.44
N ASP SA 84 -36.63 -41.67 55.63
CA ASP SA 84 -36.68 -43.03 56.20
C ASP SA 84 -38.11 -43.46 56.46
N LEU SA 85 -38.92 -42.56 57.03
CA LEU SA 85 -40.34 -42.87 57.19
C LEU SA 85 -41.00 -43.18 55.86
N ASP SA 86 -40.64 -42.42 54.83
CA ASP SA 86 -41.17 -42.65 53.49
C ASP SA 86 -40.74 -44.01 52.94
N TYR SA 87 -39.48 -44.38 53.15
CA TYR SA 87 -39.00 -45.72 52.83
C TYR SA 87 -39.91 -46.76 53.45
N TYR SA 88 -40.23 -46.59 54.73
CA TYR SA 88 -40.97 -47.64 55.43
C TYR SA 88 -42.42 -47.68 55.00
N LEU SA 89 -43.00 -46.52 54.65
CA LEU SA 89 -44.34 -46.51 54.06
C LEU SA 89 -44.36 -47.23 52.73
N ARG SA 90 -43.34 -47.04 51.91
CA ARG SA 90 -43.22 -47.76 50.65
C ARG SA 90 -43.10 -49.27 50.87
N LEU SA 91 -42.31 -49.67 51.87
CA LEU SA 91 -42.20 -51.09 52.20
C LEU SA 91 -43.52 -51.65 52.69
N VAL SA 92 -44.30 -50.84 53.41
CA VAL SA 92 -45.60 -51.28 53.90
C VAL SA 92 -46.56 -51.51 52.74
N THR SA 93 -46.53 -50.62 51.74
CA THR SA 93 -47.34 -50.86 50.55
C THR SA 93 -46.91 -52.13 49.83
N PHE SA 94 -45.60 -52.33 49.70
CA PHE SA 94 -45.10 -53.56 49.09
C PHE SA 94 -45.58 -54.79 49.84
N GLY SA 95 -45.56 -54.73 51.17
CA GLY SA 95 -46.02 -55.85 51.96
C GLY SA 95 -47.52 -56.08 51.83
N ILE SA 96 -48.28 -54.99 51.69
CA ILE SA 96 -49.72 -55.12 51.53
C ILE SA 96 -50.04 -55.85 50.22
N VAL SA 97 -49.37 -55.48 49.13
CA VAL SA 97 -49.65 -56.18 47.88
C VAL SA 97 -49.07 -57.59 47.92
N ALA SA 98 -48.00 -57.80 48.70
CA ALA SA 98 -47.37 -59.11 48.75
C ALA SA 98 -48.21 -60.10 49.57
N GLY SA 99 -49.00 -59.60 50.50
CA GLY SA 99 -49.76 -60.46 51.38
C GLY SA 99 -49.01 -60.96 52.59
N ASP SA 100 -47.72 -60.63 52.71
CA ASP SA 100 -46.93 -60.97 53.88
C ASP SA 100 -45.95 -59.82 54.11
N VAL SA 101 -45.24 -59.89 55.23
CA VAL SA 101 -44.33 -58.82 55.63
C VAL SA 101 -42.94 -59.13 55.12
N THR SA 102 -42.83 -60.04 54.16
CA THR SA 102 -41.53 -60.40 53.61
C THR SA 102 -40.78 -59.21 53.00
N PRO SA 103 -41.38 -58.38 52.13
CA PRO SA 103 -40.62 -57.22 51.64
C PRO SA 103 -40.12 -56.31 52.74
N ILE SA 104 -40.96 -56.03 53.75
CA ILE SA 104 -40.51 -55.24 54.88
C ILE SA 104 -39.39 -55.94 55.63
N GLU SA 105 -39.56 -57.25 55.87
CA GLU SA 105 -38.60 -58.02 56.64
C GLU SA 105 -37.23 -57.98 56.00
N GLU SA 106 -37.17 -58.04 54.69
CA GLU SA 106 -35.87 -58.25 54.05
C GLU SA 106 -35.32 -56.98 53.40
N ILE SA 107 -36.12 -55.92 53.31
CA ILE SA 107 -35.55 -54.65 52.86
C ILE SA 107 -35.25 -53.74 54.05
N GLY SA 108 -36.08 -53.72 55.07
CA GLY SA 108 -35.88 -52.77 56.14
C GLY SA 108 -35.85 -53.30 57.56
N VAL SA 109 -35.57 -54.58 57.74
CA VAL SA 109 -35.53 -55.18 59.06
C VAL SA 109 -34.20 -55.90 59.32
N ILE SA 110 -33.80 -56.79 58.41
CA ILE SA 110 -32.57 -57.53 58.59
C ILE SA 110 -31.39 -56.57 58.57
N GLY SA 111 -30.68 -56.49 59.70
CA GLY SA 111 -29.60 -55.55 59.83
C GLY SA 111 -30.01 -54.14 60.11
N VAL SA 112 -31.24 -53.90 60.57
CA VAL SA 112 -31.67 -52.54 60.86
C VAL SA 112 -31.02 -52.03 62.13
N LYS SA 113 -30.75 -52.94 63.08
CA LYS SA 113 -30.14 -52.54 64.34
C LYS SA 113 -28.72 -52.04 64.12
N GLU SA 114 -27.92 -52.79 63.34
CA GLU SA 114 -26.56 -52.34 63.03
C GLU SA 114 -26.57 -51.06 62.23
N MET SA 115 -27.49 -50.95 61.26
CA MET SA 115 -27.54 -49.75 60.44
C MET SA 115 -27.83 -48.52 61.28
N TYR SA 116 -28.79 -48.62 62.21
CA TYR SA 116 -29.18 -47.45 62.97
C TYR SA 116 -28.23 -47.20 64.13
N ARG SA 117 -27.51 -48.24 64.57
CA ARG SA 117 -26.45 -48.04 65.55
C ARG SA 117 -25.28 -47.30 64.95
N ASN SA 118 -24.94 -47.62 63.70
CA ASN SA 118 -23.86 -46.91 63.01
C ASN SA 118 -24.24 -45.46 62.76
N LEU SA 119 -25.54 -45.17 62.70
CA LEU SA 119 -26.06 -43.84 62.40
C LEU SA 119 -26.44 -43.04 63.64
N GLU SA 120 -26.22 -43.58 64.84
CA GLU SA 120 -26.62 -42.93 66.10
C GLU SA 120 -28.11 -42.63 66.13
N VAL SA 121 -28.92 -43.47 65.51
CA VAL SA 121 -30.36 -43.27 65.44
C VAL SA 121 -31.01 -44.09 66.54
N PRO SA 122 -31.77 -43.47 67.44
CA PRO SA 122 -32.41 -44.26 68.51
C PRO SA 122 -33.53 -45.13 67.95
N LEU SA 123 -33.44 -46.42 68.23
CA LEU SA 123 -34.46 -47.39 67.86
C LEU SA 123 -35.82 -47.07 68.48
N PRO SA 124 -35.89 -46.65 69.76
CA PRO SA 124 -37.18 -46.17 70.25
C PRO SA 124 -37.78 -45.11 69.36
N GLY SA 125 -36.97 -44.13 68.92
CA GLY SA 125 -37.47 -43.11 68.02
C GLY SA 125 -38.09 -43.69 66.77
N MET SA 126 -37.44 -44.70 66.19
CA MET SA 126 -38.08 -45.50 65.16
C MET SA 126 -39.44 -46.01 65.59
N VAL SA 127 -39.55 -46.50 66.84
CA VAL SA 127 -40.79 -47.13 67.24
C VAL SA 127 -41.94 -46.13 67.28
N GLU SA 128 -41.74 -44.98 67.92
CA GLU SA 128 -42.86 -44.03 67.93
C GLU SA 128 -43.05 -43.39 66.56
N ALA SA 129 -42.00 -43.34 65.74
CA ALA SA 129 -42.18 -42.83 64.38
C ALA SA 129 -43.11 -43.72 63.57
N VAL SA 130 -42.90 -45.04 63.64
CA VAL SA 130 -43.75 -45.94 62.87
C VAL SA 130 -45.12 -46.06 63.53
N LYS SA 131 -45.22 -45.85 64.84
CA LYS SA 131 -46.53 -45.79 65.46
C LYS SA 131 -47.32 -44.56 65.00
N ALA SA 132 -46.66 -43.43 64.88
CA ALA SA 132 -47.32 -42.23 64.37
C ALA SA 132 -47.74 -42.42 62.92
N MET SA 133 -46.87 -43.05 62.12
CA MET SA 133 -47.24 -43.34 60.74
C MET SA 133 -48.39 -44.32 60.67
N LYS SA 134 -48.44 -45.29 61.59
CA LYS SA 134 -49.62 -46.14 61.74
C LYS SA 134 -50.87 -45.32 61.98
N SER SA 135 -50.82 -44.41 62.96
CA SER SA 135 -52.02 -43.63 63.28
C SER SA 135 -52.50 -42.85 62.07
N VAL SA 136 -51.59 -42.14 61.41
CA VAL SA 136 -51.97 -41.37 60.23
C VAL SA 136 -52.51 -42.28 59.14
N ALA SA 137 -51.85 -43.41 58.88
CA ALA SA 137 -52.19 -44.24 57.73
C ALA SA 137 -53.50 -45.00 57.94
N THR SA 138 -53.77 -45.40 59.18
CA THR SA 138 -55.02 -46.09 59.47
C THR SA 138 -56.15 -45.10 59.68
N GLY SA 139 -55.83 -43.81 59.82
CA GLY SA 139 -56.87 -42.80 59.78
C GLY SA 139 -57.57 -42.71 58.44
N LEU SA 140 -56.80 -42.88 57.35
CA LEU SA 140 -57.36 -42.68 56.02
C LEU SA 140 -58.12 -43.90 55.53
N LEU SA 141 -57.90 -45.05 56.15
CA LEU SA 141 -58.51 -46.28 55.64
C LEU SA 141 -59.75 -46.64 56.44
N SER SA 142 -60.59 -47.47 55.83
CA SER SA 142 -61.76 -48.01 56.53
C SER SA 142 -61.32 -49.03 57.57
N GLY SA 143 -62.28 -49.47 58.37
CA GLY SA 143 -61.94 -50.25 59.57
C GLY SA 143 -61.20 -51.53 59.26
N ASP SA 144 -61.70 -52.33 58.30
CA ASP SA 144 -61.02 -53.57 57.96
C ASP SA 144 -59.67 -53.30 57.31
N ASP SA 145 -59.64 -52.36 56.35
CA ASP SA 145 -58.38 -51.97 55.74
C ASP SA 145 -57.42 -51.39 56.77
N SER SA 146 -57.94 -50.59 57.70
CA SER SA 146 -57.10 -50.02 58.74
C SER SA 146 -56.48 -51.11 59.61
N ALA SA 147 -57.27 -52.12 59.99
CA ALA SA 147 -56.74 -53.22 60.79
C ALA SA 147 -55.67 -54.00 60.02
N GLU SA 148 -55.95 -54.27 58.74
CA GLU SA 148 -55.01 -55.03 57.92
C GLU SA 148 -53.68 -54.30 57.79
N VAL SA 149 -53.73 -52.98 57.58
CA VAL SA 149 -52.52 -52.17 57.47
C VAL SA 149 -51.83 -52.05 58.82
N GLY SA 150 -52.61 -51.93 59.89
CA GLY SA 150 -52.03 -51.80 61.21
C GLY SA 150 -51.27 -53.04 61.63
N TYR SA 151 -51.67 -54.20 61.12
CA TYR SA 151 -50.89 -55.40 61.41
C TYR SA 151 -49.46 -55.27 60.87
N TYR SA 152 -49.32 -54.75 59.65
CA TYR SA 152 -47.98 -54.54 59.08
C TYR SA 152 -47.20 -53.48 59.85
N PHE SA 153 -47.88 -52.39 60.23
CA PHE SA 153 -47.18 -51.37 61.00
C PHE SA 153 -46.76 -51.89 62.37
N ASP SA 154 -47.59 -52.70 63.02
CA ASP SA 154 -47.22 -53.32 64.28
C ASP SA 154 -46.03 -54.25 64.11
N TYR SA 155 -46.01 -55.01 63.02
CA TYR SA 155 -44.85 -55.86 62.76
C TYR SA 155 -43.59 -55.04 62.63
N LEU SA 156 -43.65 -53.93 61.89
CA LEU SA 156 -42.47 -53.07 61.75
C LEU SA 156 -42.03 -52.50 63.09
N ALA SA 157 -42.99 -52.02 63.89
CA ALA SA 157 -42.65 -51.47 65.19
C ALA SA 157 -42.01 -52.51 66.09
N GLY SA 158 -42.53 -53.74 66.05
CA GLY SA 158 -41.90 -54.81 66.82
C GLY SA 158 -40.51 -55.16 66.32
N ALA SA 159 -40.30 -55.09 65.01
CA ALA SA 159 -38.98 -55.37 64.45
C ALA SA 159 -37.96 -54.32 64.88
N LEU SA 160 -38.36 -53.05 64.88
CA LEU SA 160 -37.46 -51.99 65.32
C LEU SA 160 -37.23 -52.05 66.83
N ALA SA 161 -38.18 -52.63 67.56
CA ALA SA 161 -38.04 -52.77 69.01
C ALA SA 161 -37.31 -54.06 69.35
N MET TA 1 -47.00 -81.36 68.86
CA MET TA 1 -48.00 -80.50 69.49
C MET TA 1 -49.39 -80.82 68.94
N GLN TA 2 -50.42 -80.32 69.62
CA GLN TA 2 -51.80 -80.64 69.29
C GLN TA 2 -52.65 -79.37 69.33
N ASP TA 3 -53.61 -79.29 68.42
CA ASP TA 3 -54.63 -78.25 68.47
C ASP TA 3 -55.94 -78.82 68.99
N ALA TA 4 -56.92 -77.93 69.19
CA ALA TA 4 -58.25 -78.38 69.56
C ALA TA 4 -58.85 -79.29 68.50
N ILE TA 5 -58.73 -78.89 67.23
CA ILE TA 5 -59.25 -79.69 66.13
C ILE TA 5 -58.54 -81.04 66.06
N THR TA 6 -57.21 -81.03 66.16
CA THR TA 6 -56.46 -82.27 66.14
C THR TA 6 -56.80 -83.14 67.35
N SER TA 7 -57.07 -82.52 68.50
CA SER TA 7 -57.46 -83.28 69.67
C SER TA 7 -58.78 -84.01 69.44
N VAL TA 8 -59.77 -83.31 68.87
CA VAL TA 8 -61.05 -83.97 68.57
C VAL TA 8 -60.85 -85.08 67.55
N ILE TA 9 -60.03 -84.82 66.53
CA ILE TA 9 -59.76 -85.82 65.50
C ILE TA 9 -59.16 -87.07 66.13
N ASN TA 10 -58.19 -86.90 67.03
CA ASN TA 10 -57.54 -88.04 67.67
C ASN TA 10 -58.51 -88.80 68.57
N THR TA 11 -59.35 -88.07 69.32
CA THR TA 11 -60.32 -88.75 70.17
C THR TA 11 -61.29 -89.58 69.36
N TYR TA 12 -61.75 -89.07 68.22
CA TYR TA 12 -62.69 -89.84 67.41
C TYR TA 12 -61.96 -90.88 66.56
N ASP TA 13 -60.65 -90.75 66.43
CA ASP TA 13 -59.88 -91.75 65.69
C ASP TA 13 -59.60 -92.98 66.55
N VAL TA 14 -59.26 -92.77 67.83
CA VAL TA 14 -58.97 -93.90 68.70
C VAL TA 14 -60.24 -94.70 68.97
N GLN TA 15 -61.40 -94.07 68.77
CA GLN TA 15 -62.66 -94.80 68.84
C GLN TA 15 -63.05 -95.41 67.51
N GLY TA 16 -62.40 -95.00 66.42
CA GLY TA 16 -62.83 -95.43 65.11
C GLY TA 16 -64.22 -94.96 64.75
N LYS TA 17 -64.59 -93.77 65.21
CA LYS TA 17 -65.93 -93.23 65.00
C LYS TA 17 -65.88 -91.98 64.16
N TYR TA 18 -66.94 -91.77 63.39
CA TYR TA 18 -67.13 -90.52 62.65
C TYR TA 18 -67.53 -89.41 63.61
N PHE TA 19 -67.45 -88.18 63.12
CA PHE TA 19 -67.87 -87.04 63.91
C PHE TA 19 -69.37 -87.07 64.13
N ASP TA 20 -69.79 -86.62 65.30
CA ASP TA 20 -71.19 -86.53 65.69
C ASP TA 20 -71.49 -85.10 66.15
N THR TA 21 -72.66 -84.91 66.75
CA THR TA 21 -73.09 -83.57 67.14
C THR TA 21 -72.12 -82.95 68.14
N SER TA 22 -71.59 -83.74 69.08
CA SER TA 22 -70.68 -83.20 70.09
C SER TA 22 -69.38 -82.72 69.46
N ALA TA 23 -68.82 -83.52 68.56
CA ALA TA 23 -67.58 -83.12 67.90
C ALA TA 23 -67.79 -81.88 67.05
N PHE TA 24 -68.90 -81.83 66.30
CA PHE TA 24 -69.19 -80.66 65.49
C PHE TA 24 -69.39 -79.43 66.37
N ASP TA 25 -70.02 -79.60 67.53
CA ASP TA 25 -70.19 -78.48 68.45
C ASP TA 25 -68.85 -77.96 68.96
N LYS TA 26 -67.94 -78.86 69.33
CA LYS TA 26 -66.62 -78.42 69.79
C LYS TA 26 -65.86 -77.71 68.68
N LEU TA 27 -65.92 -78.24 67.46
CA LEU TA 27 -65.24 -77.59 66.34
C LEU TA 27 -65.84 -76.22 66.08
N LYS TA 28 -67.17 -76.09 66.15
CA LYS TA 28 -67.80 -74.79 65.98
C LYS TA 28 -67.36 -73.82 67.07
N ALA TA 29 -67.23 -74.30 68.31
CA ALA TA 29 -66.76 -73.43 69.38
C ALA TA 29 -65.38 -72.91 69.09
N TYR TA 30 -64.47 -73.78 68.63
CA TYR TA 30 -63.13 -73.31 68.29
C TYR TA 30 -63.16 -72.32 67.13
N TYR TA 31 -63.95 -72.61 66.10
CA TYR TA 31 -64.02 -71.72 64.95
C TYR TA 31 -64.57 -70.35 65.36
N ALA TA 32 -65.53 -70.34 66.28
CA ALA TA 32 -66.09 -69.07 66.76
C ALA TA 32 -65.06 -68.28 67.56
N THR TA 33 -64.27 -68.95 68.39
CA THR TA 33 -63.23 -68.26 69.15
C THR TA 33 -62.01 -67.90 68.30
N GLY TA 34 -61.94 -68.41 67.05
CA GLY TA 34 -60.74 -68.23 66.25
C GLY TA 34 -60.34 -66.78 66.02
N GLU TA 35 -61.31 -65.93 65.64
CA GLU TA 35 -60.96 -64.54 65.33
C GLU TA 35 -60.52 -63.79 66.58
N LEU TA 36 -61.16 -64.07 67.72
CA LEU TA 36 -60.70 -63.50 68.98
C LEU TA 36 -59.26 -63.94 69.28
N ARG TA 37 -58.96 -65.21 69.07
CA ARG TA 37 -57.61 -65.70 69.31
C ARG TA 37 -56.59 -65.02 68.41
N VAL TA 38 -56.95 -64.82 67.14
CA VAL TA 38 -56.02 -64.19 66.20
C VAL TA 38 -55.79 -62.73 66.59
N ARG TA 39 -56.85 -62.03 66.99
CA ARG TA 39 -56.68 -60.65 67.45
C ARG TA 39 -55.78 -60.59 68.67
N ALA TA 40 -55.97 -61.49 69.63
CA ALA TA 40 -55.13 -61.50 70.82
C ALA TA 40 -53.68 -61.82 70.47
N ALA TA 41 -53.46 -62.76 69.55
CA ALA TA 41 -52.11 -63.12 69.16
C ALA TA 41 -51.40 -61.95 68.48
N GLY TA 42 -52.12 -61.24 67.61
CA GLY TA 42 -51.53 -60.07 66.97
C GLY TA 42 -51.20 -58.97 67.96
N THR TA 43 -52.14 -58.70 68.88
CA THR TA 43 -51.89 -57.66 69.88
C THR TA 43 -50.69 -58.02 70.76
N ILE TA 44 -50.56 -59.29 71.14
CA ILE TA 44 -49.44 -59.71 71.98
C ILE TA 44 -48.13 -59.64 71.21
N SER TA 45 -48.13 -60.10 69.96
CA SER TA 45 -46.92 -60.08 69.16
C SER TA 45 -46.43 -58.66 68.93
N ALA TA 46 -47.36 -57.74 68.71
CA ALA TA 46 -46.97 -56.34 68.53
C ALA TA 46 -46.31 -55.78 69.77
N ASN TA 47 -46.80 -56.16 70.95
CA ASN TA 47 -46.39 -55.55 72.21
C ASN TA 47 -45.57 -56.49 73.09
N ALA TA 48 -44.86 -57.44 72.49
CA ALA TA 48 -44.12 -58.41 73.30
C ALA TA 48 -43.03 -57.74 74.11
N ALA TA 49 -42.29 -56.82 73.50
CA ALA TA 49 -41.23 -56.12 74.22
C ALA TA 49 -41.80 -55.28 75.37
N THR TA 50 -42.92 -54.61 75.12
CA THR TA 50 -43.53 -53.81 76.17
C THR TA 50 -44.07 -54.67 77.30
N ILE TA 51 -44.69 -55.80 76.96
CA ILE TA 51 -45.20 -56.71 77.99
C ILE TA 51 -44.05 -57.23 78.85
N ILE TA 52 -42.94 -57.61 78.21
CA ILE TA 52 -41.80 -58.12 78.95
C ILE TA 52 -41.20 -57.04 79.82
N LYS TA 53 -41.09 -55.81 79.30
CA LYS TA 53 -40.57 -54.71 80.11
C LYS TA 53 -41.42 -54.49 81.34
N GLU TA 54 -42.73 -54.34 81.17
CA GLU TA 54 -43.60 -54.07 82.31
C GLU TA 54 -43.59 -55.22 83.32
N ALA TA 55 -43.66 -56.46 82.83
CA ALA TA 55 -43.72 -57.60 83.74
C ALA TA 55 -42.41 -57.77 84.50
N SER TA 56 -41.27 -57.61 83.82
CA SER TA 56 -40.00 -57.74 84.50
C SER TA 56 -39.79 -56.60 85.49
N ALA TA 57 -40.24 -55.38 85.15
CA ALA TA 57 -40.15 -54.28 86.09
C ALA TA 57 -40.99 -54.56 87.33
N LYS TA 58 -42.21 -55.05 87.15
CA LYS TA 58 -43.04 -55.38 88.29
C LYS TA 58 -42.41 -56.48 89.15
N LEU TA 59 -41.85 -57.51 88.51
CA LEU TA 59 -41.23 -58.60 89.26
C LEU TA 59 -40.02 -58.12 90.04
N PHE TA 60 -39.20 -57.26 89.45
CA PHE TA 60 -37.98 -56.83 90.12
C PHE TA 60 -38.25 -55.70 91.10
N SER TA 61 -39.43 -55.07 91.04
CA SER TA 61 -39.81 -54.15 92.08
C SER TA 61 -40.42 -54.89 93.26
N ASN TA 62 -41.17 -55.96 92.99
CA ASN TA 62 -41.70 -56.78 94.08
C ASN TA 62 -40.59 -57.57 94.77
N GLN TA 63 -39.61 -58.03 94.01
CA GLN TA 63 -38.50 -58.82 94.53
C GLN TA 63 -37.19 -58.17 94.08
N PRO TA 64 -36.79 -57.07 94.72
CA PRO TA 64 -35.57 -56.39 94.27
C PRO TA 64 -34.31 -57.19 94.54
N ASP TA 65 -34.35 -58.17 95.45
CA ASP TA 65 -33.15 -58.90 95.80
C ASP TA 65 -32.65 -59.76 94.65
N LEU TA 66 -33.50 -60.02 93.64
CA LEU TA 66 -33.09 -60.83 92.52
C LEU TA 66 -32.00 -60.16 91.69
N VAL TA 67 -32.00 -58.82 91.66
CA VAL TA 67 -31.06 -58.11 90.79
C VAL TA 67 -29.92 -57.43 91.55
N ARG TA 68 -29.98 -57.36 92.87
CA ARG TA 68 -28.81 -56.96 93.64
C ARG TA 68 -27.86 -58.13 93.80
N PRO TA 69 -26.58 -57.85 94.07
CA PRO TA 69 -25.59 -58.94 94.20
C PRO TA 69 -26.05 -60.03 95.14
N GLY TA 70 -25.88 -61.27 94.70
CA GLY TA 70 -26.40 -62.43 95.37
C GLY TA 70 -27.71 -62.94 94.82
N GLY TA 71 -28.47 -62.10 94.12
CA GLY TA 71 -29.68 -62.57 93.48
C GLY TA 71 -29.41 -63.39 92.23
N ASN TA 72 -30.36 -64.24 91.89
CA ASN TA 72 -30.17 -65.11 90.72
C ASN TA 72 -30.22 -64.32 89.43
N ALA TA 73 -30.72 -63.10 89.45
CA ALA TA 73 -30.70 -62.26 88.26
C ALA TA 73 -29.62 -61.19 88.32
N TYR TA 74 -28.67 -61.30 89.25
CA TYR TA 74 -27.58 -60.34 89.29
C TYR TA 74 -26.42 -60.80 88.44
N THR TA 75 -26.43 -60.37 87.19
CA THR TA 75 -25.34 -60.09 86.25
C THR TA 75 -26.03 -59.67 84.97
N THR TA 76 -25.33 -59.04 84.04
CA THR TA 76 -25.96 -58.75 82.77
C THR TA 76 -26.36 -60.04 82.07
N ARG TA 77 -25.52 -61.06 82.15
CA ARG TA 77 -25.84 -62.35 81.56
C ARG TA 77 -27.06 -62.97 82.22
N ARG TA 78 -27.13 -62.92 83.55
CA ARG TA 78 -28.22 -63.58 84.25
C ARG TA 78 -29.52 -62.80 84.12
N TYR TA 79 -29.45 -61.46 84.14
CA TYR TA 79 -30.63 -60.64 83.89
C TYR TA 79 -31.14 -60.87 82.47
N ALA TA 80 -30.23 -60.93 81.50
CA ALA TA 80 -30.63 -61.18 80.12
C ALA TA 80 -31.25 -62.57 79.98
N ALA TA 81 -30.71 -63.56 80.68
CA ALA TA 81 -31.30 -64.89 80.66
C ALA TA 81 -32.70 -64.87 81.26
N CYS TA 82 -32.90 -64.08 82.32
CA CYS TA 82 -34.22 -64.00 82.95
C CYS TA 82 -35.25 -63.37 82.02
N VAL TA 83 -34.93 -62.24 81.42
CA VAL TA 83 -35.89 -61.60 80.51
C VAL TA 83 -36.08 -62.46 79.26
N ARG TA 84 -35.04 -63.20 78.87
CA ARG TA 84 -35.14 -64.16 77.77
C ARG TA 84 -36.13 -65.28 78.10
N ASP TA 85 -36.09 -65.78 79.32
CA ASP TA 85 -37.06 -66.78 79.76
C ASP TA 85 -38.48 -66.22 79.77
N MET TA 86 -38.61 -64.96 80.17
CA MET TA 86 -39.92 -64.31 80.13
C MET TA 86 -40.43 -64.22 78.70
N ASP TA 87 -39.54 -63.90 77.75
CA ASP TA 87 -39.89 -63.95 76.34
C ASP TA 87 -40.36 -65.33 75.93
N TYR TA 88 -39.66 -66.38 76.36
CA TYR TA 88 -40.08 -67.75 76.06
C TYR TA 88 -41.49 -67.99 76.51
N PHE TA 89 -41.77 -67.69 77.78
CA PHE TA 89 -43.09 -67.98 78.33
C PHE TA 89 -44.17 -67.22 77.57
N LEU TA 90 -43.93 -65.95 77.27
CA LEU TA 90 -44.93 -65.18 76.54
C LEU TA 90 -45.18 -65.75 75.15
N ARG TA 91 -44.11 -66.04 74.41
CA ARG TA 91 -44.28 -66.54 73.04
C ARG TA 91 -44.97 -67.89 73.02
N TYR TA 92 -44.61 -68.78 73.93
CA TYR TA 92 -45.21 -70.11 73.92
C TYR TA 92 -46.64 -70.08 74.45
N ALA TA 93 -46.94 -69.17 75.38
CA ALA TA 93 -48.32 -68.99 75.79
C ALA TA 93 -49.17 -68.46 74.64
N THR TA 94 -48.59 -67.59 73.80
CA THR TA 94 -49.31 -67.14 72.61
C THR TA 94 -49.54 -68.30 71.64
N TYR TA 95 -48.53 -69.14 71.44
CA TYR TA 95 -48.70 -70.33 70.61
C TYR TA 95 -49.82 -71.21 71.14
N ALA TA 96 -49.83 -71.46 72.45
CA ALA TA 96 -50.86 -72.30 73.05
C ALA TA 96 -52.24 -71.68 72.92
N MET TA 97 -52.34 -70.36 73.10
CA MET TA 97 -53.62 -69.68 72.96
C MET TA 97 -54.15 -69.81 71.54
N LEU TA 98 -53.30 -69.65 70.54
CA LEU TA 98 -53.72 -69.89 69.17
C LEU TA 98 -54.13 -71.34 68.97
N ALA TA 99 -53.37 -72.27 69.54
CA ALA TA 99 -53.63 -73.69 69.33
C ALA TA 99 -54.94 -74.13 69.97
N GLY TA 100 -55.27 -73.56 71.13
CA GLY TA 100 -56.38 -74.03 71.92
C GLY TA 100 -56.08 -75.22 72.80
N ASP TA 101 -54.83 -75.66 72.85
CA ASP TA 101 -54.41 -76.69 73.80
C ASP TA 101 -53.13 -76.28 74.48
N THR TA 102 -52.80 -77.00 75.55
CA THR TA 102 -51.57 -76.82 76.30
C THR TA 102 -50.51 -77.84 75.93
N SER TA 103 -50.71 -78.59 74.85
CA SER TA 103 -49.77 -79.65 74.49
C SER TA 103 -48.40 -79.08 74.17
N ILE TA 104 -48.37 -77.93 73.50
CA ILE TA 104 -47.08 -77.29 73.20
C ILE TA 104 -46.39 -76.87 74.48
N LEU TA 105 -47.16 -76.46 75.49
CA LEU TA 105 -46.58 -76.07 76.77
C LEU TA 105 -45.88 -77.25 77.45
N ASP TA 106 -46.48 -78.44 77.39
CA ASP TA 106 -45.84 -79.62 77.95
C ASP TA 106 -44.63 -80.03 77.13
N GLU TA 107 -44.79 -80.10 75.81
CA GLU TA 107 -43.77 -80.71 74.97
C GLU TA 107 -42.54 -79.82 74.83
N ARG TA 108 -42.74 -78.51 74.68
CA ARG TA 108 -41.69 -77.62 74.23
C ARG TA 108 -41.24 -76.63 75.30
N VAL TA 109 -41.89 -76.61 76.45
CA VAL TA 109 -41.52 -75.68 77.51
C VAL TA 109 -41.23 -76.43 78.80
N LEU TA 110 -42.22 -77.15 79.30
CA LEU TA 110 -42.15 -77.77 80.62
C LEU TA 110 -41.46 -79.12 80.63
N ASN TA 111 -40.94 -79.56 79.48
CA ASN TA 111 -40.27 -80.85 79.39
C ASN TA 111 -38.88 -80.73 80.00
N GLY TA 112 -38.76 -81.08 81.29
CA GLY TA 112 -37.50 -81.00 81.98
C GLY TA 112 -37.09 -79.62 82.42
N LEU TA 113 -38.02 -78.67 82.52
CA LEU TA 113 -37.66 -77.33 82.93
C LEU TA 113 -37.42 -77.25 84.43
N LYS TA 114 -38.19 -78.01 85.22
CA LYS TA 114 -38.09 -77.92 86.67
C LYS TA 114 -36.72 -78.37 87.14
N GLU TA 115 -36.24 -79.51 86.64
CA GLU TA 115 -34.92 -80.00 87.07
C GLU TA 115 -33.80 -79.14 86.48
N THR TA 116 -34.04 -78.55 85.30
CA THR TA 116 -33.05 -77.63 84.75
C THR TA 116 -32.87 -76.41 85.64
N TYR TA 117 -33.97 -75.81 86.09
CA TYR TA 117 -33.88 -74.72 87.06
C TYR TA 117 -33.27 -75.19 88.37
N ASN TA 118 -33.63 -76.40 88.82
CA ASN TA 118 -33.11 -76.89 90.09
C ASN TA 118 -31.58 -77.02 90.03
N SER TA 119 -31.06 -77.56 88.95
CA SER TA 119 -29.61 -77.71 88.82
C SER TA 119 -28.92 -76.37 88.60
N LEU TA 120 -29.58 -75.46 87.88
CA LEU TA 120 -29.00 -74.14 87.64
C LEU TA 120 -29.04 -73.27 88.87
N GLY TA 121 -30.05 -73.46 89.72
CA GLY TA 121 -30.27 -72.60 90.85
C GLY TA 121 -31.27 -71.49 90.63
N VAL TA 122 -32.12 -71.60 89.62
CA VAL TA 122 -33.14 -70.58 89.35
C VAL TA 122 -34.26 -70.72 90.37
N PRO TA 123 -34.68 -69.64 91.03
CA PRO TA 123 -35.79 -69.71 91.98
C PRO TA 123 -37.11 -69.91 91.23
N ILE TA 124 -37.70 -71.09 91.38
CA ILE TA 124 -38.91 -71.43 90.64
C ILE TA 124 -40.08 -70.53 91.06
N SER TA 125 -40.18 -70.25 92.35
CA SER TA 125 -41.29 -69.41 92.83
C SER TA 125 -41.20 -68.00 92.24
N SER TA 126 -40.00 -67.44 92.16
CA SER TA 126 -39.83 -66.12 91.56
C SER TA 126 -40.18 -66.15 90.08
N THR TA 127 -39.81 -67.22 89.38
CA THR TA 127 -40.18 -67.35 87.97
C THR TA 127 -41.69 -67.43 87.81
N VAL TA 128 -42.37 -68.12 88.72
CA VAL TA 128 -43.82 -68.21 88.69
C VAL TA 128 -44.44 -66.83 88.90
N GLN TA 129 -43.88 -66.05 89.82
CA GLN TA 129 -44.37 -64.69 90.02
C GLN TA 129 -44.11 -63.82 88.79
N GLY TA 130 -43.01 -64.06 88.07
CA GLY TA 130 -42.79 -63.37 86.81
C GLY TA 130 -43.83 -63.73 85.76
N ILE TA 131 -44.19 -65.01 85.70
CA ILE TA 131 -45.26 -65.43 84.80
C ILE TA 131 -46.58 -64.77 85.19
N GLN TA 132 -46.82 -64.63 86.50
CA GLN TA 132 -48.02 -63.95 86.97
C GLN TA 132 -48.03 -62.48 86.56
N ALA TA 133 -46.86 -61.83 86.63
CA ALA TA 133 -46.74 -60.45 86.19
C ALA TA 133 -47.02 -60.34 84.70
N MET TA 134 -46.51 -61.27 83.89
CA MET TA 134 -46.85 -61.28 82.47
C MET TA 134 -48.34 -61.48 82.26
N LYS TA 135 -48.97 -62.33 83.07
CA LYS TA 135 -50.40 -62.53 82.93
C LYS TA 135 -51.16 -61.24 83.17
N GLU TA 136 -50.81 -60.52 84.23
CA GLU TA 136 -51.50 -59.26 84.52
C GLU TA 136 -51.27 -58.23 83.42
N VAL TA 137 -50.02 -58.09 82.96
CA VAL TA 137 -49.72 -57.13 81.91
C VAL TA 137 -50.46 -57.45 80.63
N THR TA 138 -50.48 -58.73 80.24
CA THR TA 138 -51.14 -59.14 79.01
C THR TA 138 -52.64 -58.97 79.10
N GLY TA 139 -53.22 -59.30 80.26
CA GLY TA 139 -54.65 -59.12 80.43
C GLY TA 139 -55.05 -57.66 80.37
N SER TA 140 -54.20 -56.77 80.90
CA SER TA 140 -54.47 -55.34 80.77
C SER TA 140 -54.40 -54.88 79.32
N LEU TA 141 -53.85 -55.71 78.44
CA LEU TA 141 -53.55 -55.26 77.08
C LEU TA 141 -54.57 -55.80 76.08
N VAL TA 142 -54.76 -57.12 76.05
CA VAL TA 142 -55.57 -57.73 75.00
C VAL TA 142 -57.04 -57.38 75.19
N GLY TA 143 -57.49 -57.26 76.43
CA GLY TA 143 -58.88 -56.97 76.73
C GLY TA 143 -59.48 -58.01 77.65
N SER TA 144 -60.69 -57.68 78.13
CA SER TA 144 -61.35 -58.52 79.12
C SER TA 144 -61.67 -59.90 78.56
N GLY TA 145 -62.13 -59.95 77.30
CA GLY TA 145 -62.55 -61.22 76.73
C GLY TA 145 -61.39 -62.19 76.53
N ALA TA 146 -60.27 -61.68 76.01
CA ALA TA 146 -59.14 -62.56 75.72
C ALA TA 146 -58.26 -62.74 76.95
N ALA TA 147 -58.51 -61.96 78.00
CA ALA TA 147 -57.67 -62.03 79.19
C ALA TA 147 -57.76 -63.41 79.85
N LYS TA 148 -58.98 -63.95 79.97
CA LYS TA 148 -59.12 -65.27 80.58
C LYS TA 148 -58.54 -66.37 79.69
N GLU TA 149 -58.70 -66.23 78.38
CA GLU TA 149 -58.13 -67.20 77.46
C GLU TA 149 -56.61 -67.23 77.58
N MET TA 150 -55.99 -66.07 77.71
CA MET TA 150 -54.54 -66.01 77.91
C MET TA 150 -54.15 -66.52 79.30
N GLY TA 151 -54.95 -66.18 80.31
CA GLY TA 151 -54.62 -66.57 81.67
C GLY TA 151 -54.71 -68.06 81.89
N VAL TA 152 -55.53 -68.74 81.08
CA VAL TA 152 -55.58 -70.19 81.16
C VAL TA 152 -54.20 -70.79 80.91
N TYR TA 153 -53.53 -70.37 79.83
CA TYR TA 153 -52.24 -70.93 79.51
C TYR TA 153 -51.14 -70.37 80.40
N PHE TA 154 -51.27 -69.11 80.84
CA PHE TA 154 -50.32 -68.60 81.81
C PHE TA 154 -50.38 -69.40 83.12
N ASP TA 155 -51.59 -69.71 83.58
CA ASP TA 155 -51.75 -70.51 84.78
C ASP TA 155 -51.27 -71.93 84.56
N TYR TA 156 -51.44 -72.45 83.34
CA TYR TA 156 -50.89 -73.77 83.04
C TYR TA 156 -49.38 -73.78 83.18
N LEU TA 157 -48.71 -72.75 82.67
CA LEU TA 157 -47.26 -72.66 82.84
C LEU TA 157 -46.88 -72.54 84.31
N SER TA 158 -47.60 -71.71 85.06
CA SER TA 158 -47.30 -71.53 86.47
C SER TA 158 -47.45 -72.83 87.24
N SER TA 159 -48.52 -73.58 86.98
CA SER TA 159 -48.74 -74.85 87.67
C SER TA 159 -47.73 -75.89 87.22
N GLY TA 160 -47.29 -75.82 85.96
CA GLY TA 160 -46.26 -76.73 85.50
C GLY TA 160 -44.95 -76.53 86.22
N LEU TA 161 -44.57 -75.27 86.45
CA LEU TA 161 -43.36 -75.04 87.24
C LEU TA 161 -43.55 -75.46 88.69
N SER TA 162 -44.65 -75.04 89.31
CA SER TA 162 -44.90 -75.36 90.71
C SER TA 162 -45.46 -76.76 90.87
N MET UA 1 -13.42 -71.76 84.76
CA MET UA 1 -12.46 -72.12 85.80
C MET UA 1 -12.03 -70.86 86.54
N GLN UA 2 -11.81 -70.99 87.84
CA GLN UA 2 -11.38 -69.87 88.67
C GLN UA 2 -10.08 -70.20 89.37
N ASP UA 3 -9.17 -69.24 89.41
CA ASP UA 3 -7.98 -69.35 90.22
C ASP UA 3 -8.18 -68.63 91.55
N ALA UA 4 -7.10 -68.43 92.31
CA ALA UA 4 -7.20 -67.70 93.56
C ALA UA 4 -7.71 -66.29 93.32
N ILE UA 5 -7.17 -65.62 92.29
CA ILE UA 5 -7.59 -64.26 92.00
C ILE UA 5 -9.08 -64.22 91.68
N THR UA 6 -9.53 -65.13 90.82
CA THR UA 6 -10.94 -65.19 90.46
C THR UA 6 -11.80 -65.61 91.63
N SER UA 7 -11.26 -66.47 92.51
CA SER UA 7 -12.01 -66.85 93.70
C SER UA 7 -12.29 -65.64 94.58
N VAL UA 8 -11.28 -64.82 94.83
CA VAL UA 8 -11.49 -63.60 95.61
C VAL UA 8 -12.45 -62.66 94.90
N ILE UA 9 -12.29 -62.53 93.57
CA ILE UA 9 -13.15 -61.62 92.82
C ILE UA 9 -14.62 -62.04 92.91
N ASN UA 10 -14.90 -63.33 92.74
CA ASN UA 10 -16.29 -63.79 92.86
C ASN UA 10 -16.80 -63.65 94.28
N THR UA 11 -15.95 -63.93 95.27
CA THR UA 11 -16.37 -63.77 96.66
C THR UA 11 -16.80 -62.34 96.95
N TYR UA 12 -16.07 -61.37 96.40
CA TYR UA 12 -16.45 -59.98 96.64
C TYR UA 12 -17.58 -59.53 95.72
N ASP UA 13 -17.74 -60.18 94.57
CA ASP UA 13 -18.80 -59.80 93.64
C ASP UA 13 -20.16 -60.26 94.13
N VAL UA 14 -20.23 -61.44 94.75
CA VAL UA 14 -21.51 -61.93 95.25
C VAL UA 14 -21.98 -61.08 96.42
N GLN UA 15 -21.05 -60.36 97.06
CA GLN UA 15 -21.44 -59.48 98.15
C GLN UA 15 -21.64 -58.04 97.68
N GLY UA 16 -21.13 -57.70 96.51
CA GLY UA 16 -21.24 -56.36 96.00
C GLY UA 16 -20.35 -55.34 96.65
N LYS UA 17 -19.30 -55.77 97.35
CA LYS UA 17 -18.37 -54.84 97.97
C LYS UA 17 -17.10 -54.70 97.15
N TYR UA 18 -16.33 -53.66 97.45
CA TYR UA 18 -15.03 -53.50 96.83
C TYR UA 18 -13.99 -54.28 97.62
N PHE UA 19 -12.78 -54.33 97.07
CA PHE UA 19 -11.69 -55.05 97.73
C PHE UA 19 -11.32 -54.37 99.05
N ASP UA 20 -11.23 -55.18 100.10
CA ASP UA 20 -10.80 -54.73 101.42
C ASP UA 20 -9.37 -55.16 101.67
N THR UA 21 -8.90 -54.93 102.90
CA THR UA 21 -7.54 -55.31 103.25
C THR UA 21 -7.36 -56.82 103.21
N SER UA 22 -8.38 -57.58 103.60
CA SER UA 22 -8.30 -59.03 103.52
C SER UA 22 -8.14 -59.51 102.08
N ALA UA 23 -8.91 -58.91 101.16
CA ALA UA 23 -8.81 -59.29 99.76
C ALA UA 23 -7.42 -58.95 99.21
N PHE UA 24 -6.91 -57.77 99.52
CA PHE UA 24 -5.58 -57.39 99.05
C PHE UA 24 -4.51 -58.30 99.65
N ASP UA 25 -4.67 -58.73 100.90
CA ASP UA 25 -3.71 -59.65 101.50
C ASP UA 25 -3.71 -60.99 100.78
N LYS UA 26 -4.90 -61.52 100.46
CA LYS UA 26 -4.96 -62.77 99.71
C LYS UA 26 -4.34 -62.61 98.32
N LEU UA 27 -4.60 -61.47 97.67
CA LEU UA 27 -4.01 -61.22 96.36
C LEU UA 27 -2.49 -61.16 96.44
N LYS UA 28 -1.97 -60.47 97.46
CA LYS UA 28 -0.52 -60.41 97.65
C LYS UA 28 0.06 -61.80 97.90
N ALA UA 29 -0.64 -62.62 98.68
CA ALA UA 29 -0.16 -63.97 98.92
C ALA UA 29 -0.04 -64.76 97.63
N TYR UA 30 -1.08 -64.70 96.79
CA TYR UA 30 -1.02 -65.43 95.53
C TYR UA 30 0.10 -64.91 94.63
N TYR UA 31 0.24 -63.57 94.55
CA TYR UA 31 1.30 -63.01 93.72
C TYR UA 31 2.67 -63.42 94.23
N ALA UA 32 2.84 -63.50 95.55
CA ALA UA 32 4.11 -63.93 96.13
C ALA UA 32 4.42 -65.37 95.77
N THR UA 33 3.41 -66.24 95.80
CA THR UA 33 3.63 -67.64 95.46
C THR UA 33 3.65 -67.91 93.96
N GLY UA 34 3.34 -66.91 93.14
CA GLY UA 34 3.27 -67.13 91.70
C GLY UA 34 4.56 -67.61 91.08
N GLU UA 35 5.70 -67.01 91.46
CA GLU UA 35 6.98 -67.41 90.89
C GLU UA 35 7.31 -68.86 91.22
N LEU UA 36 7.10 -69.26 92.48
CA LEU UA 36 7.31 -70.64 92.89
C LEU UA 36 6.39 -71.58 92.12
N ARG UA 37 5.13 -71.18 91.93
CA ARG UA 37 4.20 -72.02 91.19
C ARG UA 37 4.65 -72.19 89.73
N VAL UA 38 5.13 -71.12 89.11
CA VAL UA 38 5.58 -71.21 87.72
C VAL UA 38 6.79 -72.12 87.62
N ARG UA 39 7.74 -71.98 88.54
CA ARG UA 39 8.93 -72.83 88.52
C ARG UA 39 8.54 -74.30 88.71
N ALA UA 40 7.63 -74.56 89.65
CA ALA UA 40 7.18 -75.93 89.88
C ALA UA 40 6.48 -76.50 88.65
N ALA UA 41 5.62 -75.70 88.02
CA ALA UA 41 4.91 -76.17 86.83
C ALA UA 41 5.88 -76.48 85.70
N GLY UA 42 6.89 -75.63 85.52
CA GLY UA 42 7.89 -75.91 84.50
C GLY UA 42 8.65 -77.20 84.77
N THR UA 43 9.07 -77.40 86.02
CA THR UA 43 9.77 -78.63 86.36
C THR UA 43 8.89 -79.86 86.12
N ILE UA 44 7.62 -79.78 86.50
CA ILE UA 44 6.71 -80.91 86.31
C ILE UA 44 6.48 -81.18 84.83
N SER UA 45 6.29 -80.12 84.03
CA SER UA 45 6.15 -80.28 82.60
C SER UA 45 7.37 -80.95 81.99
N ALA UA 46 8.56 -80.63 82.52
CA ALA UA 46 9.78 -81.23 81.99
C ALA UA 46 9.78 -82.75 82.20
N ASN UA 47 9.31 -83.20 83.35
CA ASN UA 47 9.48 -84.58 83.78
C ASN UA 47 8.20 -85.41 83.75
N ALA UA 48 7.17 -84.95 83.04
CA ALA UA 48 5.88 -85.61 83.11
C ALA UA 48 5.94 -87.05 82.63
N ALA UA 49 6.63 -87.29 81.51
CA ALA UA 49 6.77 -88.65 81.02
C ALA UA 49 7.50 -89.53 82.02
N THR UA 50 8.59 -89.02 82.60
CA THR UA 50 9.32 -89.78 83.61
C THR UA 50 8.49 -89.98 84.87
N ILE UA 51 7.73 -88.96 85.27
CA ILE UA 51 6.90 -89.09 86.48
C ILE UA 51 5.88 -90.19 86.29
N ILE UA 52 5.22 -90.23 85.13
CA ILE UA 52 4.22 -91.27 84.89
C ILE UA 52 4.88 -92.63 84.74
N LYS UA 53 6.01 -92.67 84.04
CA LYS UA 53 6.88 -93.85 84.03
C LYS UA 53 7.01 -94.45 85.42
N GLU UA 54 7.61 -93.70 86.34
CA GLU UA 54 7.96 -94.25 87.65
C GLU UA 54 6.72 -94.51 88.50
N ALA UA 55 5.72 -93.64 88.42
CA ALA UA 55 4.53 -93.81 89.25
C ALA UA 55 3.78 -95.07 88.85
N SER UA 56 3.59 -95.29 87.54
CA SER UA 56 2.95 -96.53 87.10
C SER UA 56 3.80 -97.74 87.43
N ALA UA 57 5.13 -97.62 87.33
CA ALA UA 57 6.00 -98.72 87.70
C ALA UA 57 5.79 -99.12 89.16
N LYS UA 58 5.79 -98.15 90.07
CA LYS UA 58 5.57 -98.47 91.48
C LYS UA 58 4.17 -99.02 91.72
N LEU UA 59 3.16 -98.44 91.07
CA LEU UA 59 1.79 -98.92 91.27
C LEU UA 59 1.65 -100.38 90.84
N PHE UA 60 2.27 -100.76 89.72
CA PHE UA 60 2.12 -102.13 89.25
C PHE UA 60 3.07 -103.08 89.96
N SER UA 61 4.12 -102.56 90.58
CA SER UA 61 4.95 -103.40 91.45
C SER UA 61 4.23 -103.69 92.76
N ASN UA 62 3.54 -102.70 93.31
CA ASN UA 62 2.83 -102.89 94.57
C ASN UA 62 1.61 -103.77 94.40
N GLN UA 63 0.93 -103.67 93.25
CA GLN UA 63 -0.24 -104.47 92.93
C GLN UA 63 0.01 -105.17 91.60
N PRO UA 64 0.79 -106.25 91.59
CA PRO UA 64 1.06 -106.94 90.33
C PRO UA 64 -0.17 -107.54 89.68
N ASP UA 65 -1.22 -107.82 90.46
CA ASP UA 65 -2.42 -108.41 89.89
C ASP UA 65 -3.20 -107.42 89.04
N LEU UA 66 -2.86 -106.13 89.13
CA LEU UA 66 -3.52 -105.13 88.29
C LEU UA 66 -3.20 -105.37 86.81
N VAL UA 67 -1.94 -105.72 86.51
CA VAL UA 67 -1.52 -105.89 85.12
C VAL UA 67 -1.50 -107.34 84.67
N ARG UA 68 -1.69 -108.28 85.59
CA ARG UA 68 -1.73 -109.69 85.23
C ARG UA 68 -3.14 -110.07 84.77
N PRO UA 69 -3.28 -111.18 84.04
CA PRO UA 69 -4.60 -111.55 83.51
C PRO UA 69 -5.67 -111.61 84.59
N GLY UA 70 -6.82 -111.02 84.28
CA GLY UA 70 -7.88 -110.83 85.24
C GLY UA 70 -7.86 -109.49 85.94
N GLY UA 71 -6.77 -108.73 85.82
CA GLY UA 71 -6.70 -107.42 86.43
C GLY UA 71 -7.42 -106.38 85.62
N ASN UA 72 -7.74 -105.26 86.29
CA ASN UA 72 -8.42 -104.17 85.62
C ASN UA 72 -7.53 -103.51 84.57
N ALA UA 73 -6.22 -103.48 84.82
CA ALA UA 73 -5.28 -102.96 83.85
C ALA UA 73 -4.64 -104.05 83.00
N TYR UA 74 -5.31 -105.19 82.82
CA TYR UA 74 -4.76 -106.24 81.98
C TYR UA 74 -5.38 -106.19 80.59
N THR UA 75 -4.70 -105.48 79.70
CA THR UA 75 -4.61 -105.62 78.25
C THR UA 75 -3.71 -104.48 77.81
N THR UA 76 -3.27 -104.46 76.57
CA THR UA 76 -2.60 -103.26 76.08
C THR UA 76 -3.56 -102.08 76.11
N ARG UA 77 -4.83 -102.34 75.81
CA ARG UA 77 -5.83 -101.28 75.79
C ARG UA 77 -6.07 -100.71 77.18
N ARG UA 78 -6.31 -101.58 78.16
CA ARG UA 78 -6.62 -101.10 79.50
C ARG UA 78 -5.38 -100.55 80.19
N TYR UA 79 -4.21 -101.10 79.90
CA TYR UA 79 -2.98 -100.50 80.41
C TYR UA 79 -2.78 -99.10 79.85
N ALA UA 80 -3.02 -98.93 78.55
CA ALA UA 80 -2.95 -97.61 77.95
C ALA UA 80 -3.95 -96.66 78.59
N ALA UA 81 -5.16 -97.15 78.87
CA ALA UA 81 -6.16 -96.34 79.56
C ALA UA 81 -5.67 -95.90 80.93
N CYS UA 82 -5.06 -96.83 81.67
CA CYS UA 82 -4.52 -96.52 82.99
C CYS UA 82 -3.46 -95.42 82.92
N VAL UA 83 -2.46 -95.59 82.05
CA VAL UA 83 -1.38 -94.61 82.00
C VAL UA 83 -1.90 -93.28 81.44
N ARG UA 84 -2.91 -93.33 80.57
CA ARG UA 84 -3.51 -92.11 80.07
C ARG UA 84 -4.21 -91.34 81.19
N ASP UA 85 -4.96 -92.05 82.03
CA ASP UA 85 -5.60 -91.41 83.18
C ASP UA 85 -4.58 -90.81 84.11
N MET UA 86 -3.46 -91.51 84.31
CA MET UA 86 -2.39 -90.98 85.15
C MET UA 86 -1.80 -89.71 84.56
N ASP UA 87 -1.57 -89.70 83.24
CA ASP UA 87 -1.12 -88.50 82.55
C ASP UA 87 -2.07 -87.33 82.79
N TYR UA 88 -3.37 -87.58 82.62
CA TYR UA 88 -4.35 -86.51 82.76
C TYR UA 88 -4.42 -86.00 84.18
N PHE UA 89 -4.33 -86.90 85.17
CA PHE UA 89 -4.28 -86.48 86.56
C PHE UA 89 -3.08 -85.59 86.83
N LEU UA 90 -1.90 -85.98 86.33
CA LEU UA 90 -0.71 -85.17 86.56
C LEU UA 90 -0.84 -83.80 85.93
N ARG UA 91 -1.30 -83.73 84.68
CA ARG UA 91 -1.40 -82.43 84.02
C ARG UA 91 -2.43 -81.54 84.70
N TYR UA 92 -3.57 -82.10 85.11
CA TYR UA 92 -4.59 -81.27 85.73
C TYR UA 92 -4.20 -80.86 87.15
N ALA UA 93 -3.44 -81.70 87.85
CA ALA UA 93 -2.90 -81.29 89.14
C ALA UA 93 -1.91 -80.14 88.96
N THR UA 94 -1.11 -80.19 87.90
CA THR UA 94 -0.21 -79.08 87.61
C THR UA 94 -1.00 -77.81 87.29
N TYR UA 95 -2.08 -77.93 86.51
CA TYR UA 95 -2.94 -76.78 86.27
C TYR UA 95 -3.47 -76.20 87.57
N ALA UA 96 -3.98 -77.06 88.45
CA ALA UA 96 -4.56 -76.60 89.71
C ALA UA 96 -3.51 -75.92 90.58
N MET UA 97 -2.30 -76.48 90.63
CA MET UA 97 -1.24 -75.87 91.42
C MET UA 97 -0.86 -74.51 90.85
N LEU UA 98 -0.76 -74.41 89.53
CA LEU UA 98 -0.42 -73.13 88.90
C LEU UA 98 -1.54 -72.11 89.12
N ALA UA 99 -2.78 -72.57 89.21
CA ALA UA 99 -3.90 -71.67 89.42
C ALA UA 99 -3.97 -71.18 90.86
N GLY UA 100 -3.58 -72.02 91.81
CA GLY UA 100 -3.79 -71.72 93.20
C GLY UA 100 -5.16 -72.08 93.72
N ASP UA 101 -5.96 -72.80 92.94
CA ASP UA 101 -7.31 -73.18 93.30
C ASP UA 101 -7.58 -74.60 92.85
N THR UA 102 -8.49 -75.27 93.55
CA THR UA 102 -8.85 -76.64 93.26
C THR UA 102 -10.09 -76.77 92.39
N SER UA 103 -10.57 -75.69 91.80
CA SER UA 103 -11.79 -75.75 91.00
C SER UA 103 -11.60 -76.61 89.75
N ILE UA 104 -10.53 -76.35 88.99
CA ILE UA 104 -10.34 -77.04 87.73
C ILE UA 104 -10.39 -78.55 87.91
N LEU UA 105 -9.97 -79.03 89.09
CA LEU UA 105 -10.16 -80.44 89.41
C LEU UA 105 -11.64 -80.78 89.48
N ASP UA 106 -12.46 -79.85 90.00
CA ASP UA 106 -13.88 -80.12 90.12
C ASP UA 106 -14.57 -80.18 88.76
N GLU UA 107 -14.35 -79.17 87.90
CA GLU UA 107 -15.15 -79.16 86.66
C GLU UA 107 -14.48 -79.94 85.53
N ARG UA 108 -13.19 -80.24 85.62
CA ARG UA 108 -12.51 -80.87 84.50
C ARG UA 108 -11.86 -82.20 84.82
N VAL UA 109 -11.92 -82.67 86.07
CA VAL UA 109 -11.47 -84.01 86.43
C VAL UA 109 -12.57 -84.79 87.13
N LEU UA 110 -13.00 -84.32 88.30
CA LEU UA 110 -13.97 -85.04 89.11
C LEU UA 110 -15.40 -84.87 88.60
N ASN UA 111 -15.58 -84.16 87.49
CA ASN UA 111 -16.90 -83.95 86.90
C ASN UA 111 -17.32 -85.24 86.22
N GLY UA 112 -17.92 -86.14 87.00
CA GLY UA 112 -18.43 -87.39 86.48
C GLY UA 112 -17.43 -88.53 86.40
N LEU UA 113 -16.22 -88.36 86.94
CA LEU UA 113 -15.22 -89.42 86.85
C LEU UA 113 -15.51 -90.54 87.83
N LYS UA 114 -15.97 -90.22 89.04
CA LYS UA 114 -16.25 -91.26 90.02
C LYS UA 114 -17.37 -92.16 89.53
N GLU UA 115 -18.40 -91.58 88.92
CA GLU UA 115 -19.48 -92.38 88.36
C GLU UA 115 -18.97 -93.26 87.23
N THR UA 116 -18.08 -92.75 86.38
CA THR UA 116 -17.53 -93.56 85.29
C THR UA 116 -16.73 -94.73 85.84
N TYR UA 117 -15.88 -94.49 86.84
CA TYR UA 117 -15.09 -95.56 87.41
C TYR UA 117 -15.97 -96.60 88.10
N ASN UA 118 -17.01 -96.14 88.80
CA ASN UA 118 -17.93 -97.08 89.43
C ASN UA 118 -18.66 -97.90 88.40
N SER UA 119 -19.07 -97.30 87.29
CA SER UA 119 -19.76 -98.03 86.24
C SER UA 119 -18.83 -99.06 85.60
N LEU UA 120 -17.56 -98.72 85.43
CA LEU UA 120 -16.64 -99.66 84.79
C LEU UA 120 -16.05 -100.64 85.79
N GLY UA 121 -16.12 -100.34 87.08
CA GLY UA 121 -15.49 -101.17 88.08
C GLY UA 121 -14.03 -100.88 88.32
N VAL UA 122 -13.56 -99.69 87.96
CA VAL UA 122 -12.17 -99.31 88.22
C VAL UA 122 -11.93 -99.30 89.73
N PRO UA 123 -10.90 -99.98 90.22
CA PRO UA 123 -10.66 -100.00 91.67
C PRO UA 123 -10.26 -98.61 92.19
N ILE UA 124 -11.09 -98.07 93.07
CA ILE UA 124 -10.81 -96.74 93.63
C ILE UA 124 -9.56 -96.77 94.49
N SER UA 125 -9.36 -97.86 95.24
CA SER UA 125 -8.17 -97.96 96.09
C SER UA 125 -6.90 -97.94 95.25
N SER UA 126 -6.87 -98.69 94.15
CA SER UA 126 -5.69 -98.73 93.31
C SER UA 126 -5.46 -97.38 92.62
N THR UA 127 -6.55 -96.69 92.26
CA THR UA 127 -6.42 -95.35 91.70
C THR UA 127 -5.82 -94.39 92.70
N VAL UA 128 -6.26 -94.47 93.96
CA VAL UA 128 -5.70 -93.62 95.01
C VAL UA 128 -4.22 -93.94 95.21
N GLN UA 129 -3.86 -95.22 95.16
CA GLN UA 129 -2.47 -95.60 95.29
C GLN UA 129 -1.64 -95.05 94.13
N GLY UA 130 -2.17 -95.08 92.91
CA GLY UA 130 -1.46 -94.51 91.78
C GLY UA 130 -1.28 -93.01 91.90
N ILE UA 131 -2.31 -92.32 92.40
CA ILE UA 131 -2.21 -90.88 92.61
C ILE UA 131 -1.16 -90.57 93.68
N GLN UA 132 -1.13 -91.38 94.75
CA GLN UA 132 -0.09 -91.21 95.75
C GLN UA 132 1.29 -91.47 95.17
N ALA UA 133 1.40 -92.43 94.24
CA ALA UA 133 2.67 -92.68 93.57
C ALA UA 133 3.12 -91.47 92.76
N MET UA 134 2.19 -90.85 92.02
CA MET UA 134 2.52 -89.62 91.31
C MET UA 134 2.92 -88.52 92.28
N LYS UA 135 2.22 -88.41 93.40
CA LYS UA 135 2.58 -87.44 94.43
C LYS UA 135 4.01 -87.65 94.91
N GLU UA 136 4.37 -88.90 95.23
CA GLU UA 136 5.71 -89.20 95.71
C GLU UA 136 6.76 -88.88 94.67
N VAL UA 137 6.53 -89.27 93.42
CA VAL UA 137 7.52 -89.01 92.38
C VAL UA 137 7.66 -87.51 92.13
N THR UA 138 6.54 -86.79 92.09
CA THR UA 138 6.59 -85.36 91.81
C THR UA 138 7.31 -84.60 92.92
N GLY UA 139 7.01 -84.93 94.17
CA GLY UA 139 7.62 -84.21 95.28
C GLY UA 139 9.13 -84.39 95.33
N SER UA 140 9.62 -85.53 94.86
CA SER UA 140 11.06 -85.77 94.87
C SER UA 140 11.77 -84.85 93.89
N LEU UA 141 11.09 -84.48 92.80
CA LEU UA 141 11.75 -83.69 91.76
C LEU UA 141 11.52 -82.19 91.95
N VAL UA 142 10.31 -81.79 92.33
CA VAL UA 142 9.97 -80.37 92.27
C VAL UA 142 10.69 -79.58 93.36
N GLY UA 143 10.75 -80.13 94.57
CA GLY UA 143 11.25 -79.41 95.73
C GLY UA 143 10.19 -79.27 96.80
N SER UA 144 10.66 -79.27 98.06
CA SER UA 144 9.76 -79.44 99.20
C SER UA 144 8.71 -78.33 99.28
N GLY UA 145 9.12 -77.08 99.07
CA GLY UA 145 8.18 -75.99 99.16
C GLY UA 145 7.04 -76.11 98.17
N ALA UA 146 7.35 -76.57 96.95
CA ALA UA 146 6.31 -76.77 95.95
C ALA UA 146 5.73 -78.19 96.01
N ALA UA 147 6.50 -79.12 96.58
CA ALA UA 147 5.97 -80.47 96.80
C ALA UA 147 4.78 -80.44 97.75
N LYS UA 148 4.88 -79.62 98.80
CA LYS UA 148 3.75 -79.48 99.72
C LYS UA 148 2.52 -78.94 98.99
N GLU UA 149 2.72 -77.95 98.12
CA GLU UA 149 1.59 -77.39 97.38
C GLU UA 149 0.97 -78.42 96.44
N MET UA 150 1.80 -79.15 95.69
CA MET UA 150 1.27 -80.22 94.83
C MET UA 150 0.55 -81.28 95.65
N GLY UA 151 0.98 -81.49 96.89
CA GLY UA 151 0.30 -82.45 97.74
C GLY UA 151 -1.15 -82.10 97.97
N VAL UA 152 -1.45 -80.80 98.07
CA VAL UA 152 -2.83 -80.37 98.29
C VAL UA 152 -3.72 -80.86 97.15
N TYR UA 153 -3.30 -80.65 95.91
CA TYR UA 153 -4.14 -80.98 94.77
C TYR UA 153 -4.16 -82.48 94.50
N PHE UA 154 -3.04 -83.16 94.74
CA PHE UA 154 -3.06 -84.62 94.66
C PHE UA 154 -4.01 -85.20 95.69
N ASP UA 155 -4.00 -84.67 96.92
CA ASP UA 155 -4.92 -85.14 97.95
C ASP UA 155 -6.36 -84.81 97.60
N TYR UA 156 -6.58 -83.65 96.99
CA TYR UA 156 -7.92 -83.31 96.52
C TYR UA 156 -8.43 -84.33 95.52
N LEU UA 157 -7.58 -84.72 94.55
CA LEU UA 157 -7.99 -85.73 93.59
C LEU UA 157 -8.25 -87.07 94.26
N SER UA 158 -7.38 -87.47 95.18
CA SER UA 158 -7.58 -88.74 95.89
C SER UA 158 -8.88 -88.74 96.67
N SER UA 159 -9.17 -87.63 97.36
CA SER UA 159 -10.41 -87.55 98.14
C SER UA 159 -11.63 -87.53 97.23
N GLY UA 160 -11.56 -86.82 96.11
CA GLY UA 160 -12.69 -86.77 95.21
C GLY UA 160 -13.00 -88.10 94.57
N LEU UA 161 -11.96 -88.84 94.17
CA LEU UA 161 -12.19 -90.16 93.57
C LEU UA 161 -12.62 -91.17 94.63
N SER UA 162 -12.23 -90.95 95.88
CA SER UA 162 -12.60 -91.86 96.96
C SER UA 162 -14.11 -91.94 97.15
N MET VA 1 -20.33 -107.57 69.90
CA MET VA 1 -20.90 -108.88 70.19
C MET VA 1 -19.83 -109.95 70.26
N GLN VA 2 -20.21 -111.12 70.77
CA GLN VA 2 -19.33 -112.28 70.83
C GLN VA 2 -20.08 -113.50 70.37
N ASP VA 3 -19.39 -114.38 69.65
CA ASP VA 3 -19.92 -115.68 69.29
C ASP VA 3 -19.33 -116.75 70.21
N ALA VA 4 -19.60 -118.02 69.88
CA ALA VA 4 -19.13 -119.12 70.72
C ALA VA 4 -17.60 -119.14 70.80
N ILE VA 5 -16.93 -118.98 69.66
CA ILE VA 5 -15.48 -118.93 69.64
C ILE VA 5 -14.97 -117.77 70.48
N THR VA 6 -15.58 -116.59 70.31
CA THR VA 6 -15.13 -115.42 71.06
C THR VA 6 -15.44 -115.56 72.54
N SER VA 7 -16.54 -116.25 72.87
CA SER VA 7 -16.83 -116.53 74.28
C SER VA 7 -15.74 -117.40 74.91
N VAL VA 8 -15.34 -118.46 74.21
CA VAL VA 8 -14.28 -119.33 74.74
C VAL VA 8 -12.98 -118.56 74.85
N ILE VA 9 -12.67 -117.74 73.84
CA ILE VA 9 -11.45 -116.94 73.88
C ILE VA 9 -11.47 -115.99 75.06
N ASN VA 10 -12.61 -115.34 75.31
CA ASN VA 10 -12.72 -114.41 76.43
C ASN VA 10 -12.52 -115.14 77.75
N THR VA 11 -13.14 -116.32 77.89
CA THR VA 11 -12.99 -117.09 79.12
C THR VA 11 -11.52 -117.44 79.38
N TYR VA 12 -10.83 -117.95 78.36
CA TYR VA 12 -9.46 -118.39 78.59
C TYR VA 12 -8.50 -117.21 78.65
N ASP VA 13 -8.88 -116.06 78.10
CA ASP VA 13 -8.04 -114.88 78.21
C ASP VA 13 -8.15 -114.25 79.60
N VAL VA 14 -9.35 -114.22 80.17
CA VAL VA 14 -9.47 -113.72 81.54
C VAL VA 14 -8.83 -114.69 82.51
N GLN VA 15 -8.93 -115.99 82.24
CA GLN VA 15 -8.21 -116.95 83.08
C GLN VA 15 -6.71 -116.88 82.85
N GLY VA 16 -6.27 -116.20 81.80
CA GLY VA 16 -4.87 -116.14 81.45
C GLY VA 16 -4.30 -117.44 80.93
N LYS VA 17 -5.12 -118.31 80.36
CA LYS VA 17 -4.70 -119.66 80.04
C LYS VA 17 -4.70 -119.91 78.55
N TYR VA 18 -3.84 -120.82 78.12
CA TYR VA 18 -3.91 -121.36 76.77
C TYR VA 18 -5.14 -122.26 76.64
N PHE VA 19 -5.46 -122.63 75.42
CA PHE VA 19 -6.61 -123.47 75.18
C PHE VA 19 -6.37 -124.88 75.72
N ASP VA 20 -7.37 -125.43 76.38
CA ASP VA 20 -7.30 -126.75 76.98
C ASP VA 20 -8.09 -127.75 76.13
N THR VA 21 -8.20 -128.97 76.63
CA THR VA 21 -8.94 -130.01 75.92
C THR VA 21 -10.43 -129.67 75.86
N SER VA 22 -10.99 -129.17 76.96
CA SER VA 22 -12.41 -128.80 76.99
C SER VA 22 -12.70 -127.64 76.04
N ALA VA 23 -11.80 -126.66 75.99
CA ALA VA 23 -11.97 -125.55 75.05
C ALA VA 23 -11.97 -126.06 73.61
N PHE VA 24 -11.04 -126.96 73.28
CA PHE VA 24 -11.00 -127.51 71.94
C PHE VA 24 -12.24 -128.35 71.65
N ASP VA 25 -12.79 -129.00 72.68
CA ASP VA 25 -14.03 -129.75 72.50
C ASP VA 25 -15.19 -128.84 72.18
N LYS VA 26 -15.28 -127.71 72.90
CA LYS VA 26 -16.33 -126.73 72.59
C LYS VA 26 -16.16 -126.17 71.19
N LEU VA 27 -14.93 -125.90 70.79
CA LEU VA 27 -14.67 -125.40 69.44
C LEU VA 27 -15.05 -126.43 68.38
N LYS VA 28 -14.75 -127.71 68.63
CA LYS VA 28 -15.17 -128.77 67.72
C LYS VA 28 -16.68 -128.84 67.63
N ALA VA 29 -17.36 -128.72 68.76
CA ALA VA 29 -18.82 -128.78 68.76
C ALA VA 29 -19.41 -127.62 67.96
N TYR VA 30 -18.82 -126.43 68.08
CA TYR VA 30 -19.33 -125.30 67.31
C TYR VA 30 -19.02 -125.44 65.82
N TYR VA 31 -17.81 -125.90 65.48
CA TYR VA 31 -17.46 -126.08 64.08
C TYR VA 31 -18.32 -127.15 63.43
N ALA VA 32 -18.71 -128.17 64.20
CA ALA VA 32 -19.46 -129.28 63.63
C ALA VA 32 -20.88 -128.87 63.25
N THR VA 33 -21.38 -127.80 63.85
CA THR VA 33 -22.72 -127.30 63.58
C THR VA 33 -22.72 -126.17 62.57
N GLY VA 34 -21.57 -125.83 62.00
CA GLY VA 34 -21.49 -124.67 61.12
C GLY VA 34 -22.34 -124.80 59.88
N GLU VA 35 -22.27 -125.95 59.20
CA GLU VA 35 -23.02 -126.14 57.97
C GLU VA 35 -24.53 -126.13 58.22
N LEU VA 36 -24.97 -126.77 59.31
CA LEU VA 36 -26.39 -126.74 59.66
C LEU VA 36 -26.86 -125.31 59.91
N ARG VA 37 -26.06 -124.53 60.65
CA ARG VA 37 -26.42 -123.15 60.92
C ARG VA 37 -26.46 -122.32 59.65
N VAL VA 38 -25.50 -122.53 58.75
CA VAL VA 38 -25.46 -121.76 57.50
C VAL VA 38 -26.68 -122.09 56.65
N ARG VA 39 -27.03 -123.37 56.54
CA ARG VA 39 -28.20 -123.74 55.76
C ARG VA 39 -29.48 -123.16 56.35
N ALA VA 40 -29.61 -123.22 57.68
CA ALA VA 40 -30.78 -122.63 58.32
C ALA VA 40 -30.85 -121.13 58.09
N ALA VA 41 -29.71 -120.44 58.21
CA ALA VA 41 -29.69 -119.00 58.02
C ALA VA 41 -30.04 -118.62 56.58
N GLY VA 42 -29.52 -119.37 55.61
CA GLY VA 42 -29.88 -119.10 54.22
C GLY VA 42 -31.35 -119.34 53.95
N THR VA 43 -31.90 -120.42 54.49
CA THR VA 43 -33.33 -120.68 54.32
C THR VA 43 -34.17 -119.57 54.93
N ILE VA 44 -33.81 -119.12 56.14
CA ILE VA 44 -34.57 -118.06 56.79
C ILE VA 44 -34.47 -116.77 56.01
N SER VA 45 -33.27 -116.43 55.53
CA SER VA 45 -33.11 -115.21 54.73
C SER VA 45 -33.92 -115.27 53.45
N ALA VA 46 -33.99 -116.45 52.83
CA ALA VA 46 -34.74 -116.58 51.58
C ALA VA 46 -36.24 -116.49 51.81
N ASN VA 47 -36.70 -116.75 53.03
CA ASN VA 47 -38.12 -116.84 53.34
C ASN VA 47 -38.55 -115.87 54.42
N ALA VA 48 -37.76 -114.82 54.69
CA ALA VA 48 -38.06 -113.96 55.84
C ALA VA 48 -39.39 -113.24 55.66
N ALA VA 49 -39.67 -112.72 54.47
CA ALA VA 49 -40.91 -112.00 54.24
C ALA VA 49 -42.12 -112.92 54.42
N THR VA 50 -42.03 -114.15 53.92
CA THR VA 50 -43.12 -115.10 54.13
C THR VA 50 -43.33 -115.40 55.60
N ILE VA 51 -42.24 -115.58 56.35
CA ILE VA 51 -42.36 -115.85 57.79
C ILE VA 51 -43.05 -114.69 58.49
N ILE VA 52 -42.63 -113.46 58.18
CA ILE VA 52 -43.23 -112.29 58.82
C ILE VA 52 -44.70 -112.17 58.47
N LYS VA 53 -45.05 -112.37 57.20
CA LYS VA 53 -46.45 -112.26 56.79
C LYS VA 53 -47.31 -113.31 57.49
N GLU VA 54 -46.84 -114.56 57.52
CA GLU VA 54 -47.62 -115.63 58.14
C GLU VA 54 -47.75 -115.41 59.64
N ALA VA 55 -46.66 -115.02 60.31
CA ALA VA 55 -46.69 -114.83 61.75
C ALA VA 55 -47.56 -113.64 62.14
N SER VA 56 -47.46 -112.53 61.40
CA SER VA 56 -48.30 -111.38 61.70
C SER VA 56 -49.76 -111.70 61.44
N ALA VA 57 -50.06 -112.45 60.38
CA ALA VA 57 -51.43 -112.85 60.14
C ALA VA 57 -51.97 -113.72 61.27
N LYS VA 58 -51.15 -114.66 61.75
CA LYS VA 58 -51.56 -115.49 62.88
C LYS VA 58 -51.81 -114.65 64.14
N LEU VA 59 -50.89 -113.72 64.43
CA LEU VA 59 -51.02 -112.91 65.64
C LEU VA 59 -52.25 -112.02 65.59
N PHE VA 60 -52.53 -111.43 64.41
CA PHE VA 60 -53.64 -110.51 64.32
C PHE VA 60 -54.96 -111.25 64.14
N SER VA 61 -54.92 -112.51 63.69
CA SER VA 61 -56.13 -113.31 63.66
C SER VA 61 -56.50 -113.79 65.05
N ASN VA 62 -55.51 -114.11 65.88
CA ASN VA 62 -55.81 -114.52 67.24
C ASN VA 62 -56.24 -113.34 68.10
N GLN VA 63 -55.68 -112.15 67.84
CA GLN VA 63 -55.98 -110.94 68.59
C GLN VA 63 -56.38 -109.86 67.61
N PRO VA 64 -57.63 -109.90 67.12
CA PRO VA 64 -58.04 -108.92 66.10
C PRO VA 64 -58.07 -107.50 66.61
N ASP VA 65 -58.22 -107.29 67.92
CA ASP VA 65 -58.39 -105.94 68.43
C ASP VA 65 -57.07 -105.20 68.57
N LEU VA 66 -55.95 -105.86 68.26
CA LEU VA 66 -54.67 -105.17 68.22
C LEU VA 66 -54.63 -104.14 67.10
N VAL VA 67 -55.22 -104.46 65.95
CA VAL VA 67 -55.16 -103.58 64.78
C VAL VA 67 -56.48 -102.87 64.50
N ARG VA 68 -57.53 -103.15 65.25
CA ARG VA 68 -58.75 -102.37 65.16
C ARG VA 68 -58.57 -101.07 65.93
N PRO VA 69 -59.43 -100.07 65.69
CA PRO VA 69 -59.26 -98.78 66.37
C PRO VA 69 -59.20 -98.93 67.87
N GLY VA 70 -58.27 -98.22 68.49
CA GLY VA 70 -58.00 -98.33 69.90
C GLY VA 70 -56.93 -99.34 70.25
N GLY VA 71 -56.53 -100.20 69.31
CA GLY VA 71 -55.43 -101.09 69.55
C GLY VA 71 -54.09 -100.41 69.38
N ASN VA 72 -53.04 -101.07 69.87
CA ASN VA 72 -51.71 -100.47 69.81
C ASN VA 72 -51.17 -100.51 68.38
N ALA VA 73 -51.66 -101.43 67.56
CA ALA VA 73 -51.24 -101.51 66.17
C ALA VA 73 -52.22 -100.84 65.22
N TYR VA 74 -53.16 -100.04 65.73
CA TYR VA 74 -54.09 -99.36 64.85
C TYR VA 74 -53.53 -98.03 64.37
N THR VA 75 -52.84 -98.10 63.23
CA THR VA 75 -52.68 -97.12 62.16
C THR VA 75 -51.72 -97.78 61.18
N THR VA 76 -51.60 -97.26 59.97
CA THR VA 76 -50.57 -97.78 59.07
C THR VA 76 -49.18 -97.57 59.67
N ARG VA 77 -49.00 -96.47 60.41
CA ARG VA 77 -47.76 -96.23 61.12
C ARG VA 77 -47.52 -97.29 62.19
N ARG VA 78 -48.52 -97.55 63.03
CA ARG VA 78 -48.39 -98.54 64.10
C ARG VA 78 -48.23 -99.95 63.54
N TYR VA 79 -49.04 -100.31 62.53
CA TYR VA 79 -48.91 -101.63 61.93
C TYR VA 79 -47.53 -101.81 61.33
N ALA VA 80 -47.03 -100.77 60.64
CA ALA VA 80 -45.70 -100.82 60.07
C ALA VA 80 -44.64 -101.01 61.15
N ALA VA 81 -44.77 -100.30 62.26
CA ALA VA 81 -43.80 -100.45 63.35
C ALA VA 81 -43.85 -101.85 63.93
N CYS VA 82 -45.05 -102.41 64.06
CA CYS VA 82 -45.20 -103.77 64.54
C CYS VA 82 -44.49 -104.79 63.65
N VAL VA 83 -44.76 -104.75 62.34
CA VAL VA 83 -44.16 -105.74 61.47
C VAL VA 83 -42.65 -105.51 61.35
N ARG VA 84 -42.22 -104.25 61.41
CA ARG VA 84 -40.79 -103.97 61.45
C ARG VA 84 -40.12 -104.58 62.68
N ASP VA 85 -40.79 -104.50 63.83
CA ASP VA 85 -40.25 -105.13 65.03
C ASP VA 85 -40.16 -106.63 64.86
N MET VA 86 -41.16 -107.23 64.22
CA MET VA 86 -41.12 -108.67 63.97
C MET VA 86 -39.96 -109.03 63.06
N ASP VA 87 -39.71 -108.24 62.01
CA ASP VA 87 -38.53 -108.46 61.18
C ASP VA 87 -37.26 -108.35 61.99
N TYR VA 88 -37.18 -107.37 62.90
CA TYR VA 88 -36.02 -107.23 63.75
C TYR VA 88 -35.79 -108.50 64.56
N PHE VA 89 -36.84 -109.01 65.20
CA PHE VA 89 -36.70 -110.21 66.03
C PHE VA 89 -36.24 -111.39 65.20
N LEU VA 90 -36.82 -111.58 64.01
CA LEU VA 90 -36.41 -112.71 63.17
C LEU VA 90 -34.96 -112.59 62.74
N ARG VA 91 -34.55 -111.41 62.27
CA ARG VA 91 -33.18 -111.22 61.80
C ARG VA 91 -32.18 -111.40 62.92
N TYR VA 92 -32.49 -110.91 64.11
CA TYR VA 92 -31.56 -111.02 65.21
C TYR VA 92 -31.52 -112.42 65.79
N ALA VA 93 -32.63 -113.15 65.75
CA ALA VA 93 -32.60 -114.56 66.08
C ALA VA 93 -31.72 -115.33 65.10
N THR VA 94 -31.77 -114.96 63.83
CA THR VA 94 -30.90 -115.60 62.84
C THR VA 94 -29.43 -115.29 63.10
N TYR VA 95 -29.11 -114.04 63.43
CA TYR VA 95 -27.74 -113.68 63.78
C TYR VA 95 -27.26 -114.48 64.99
N ALA VA 96 -28.07 -114.54 66.04
CA ALA VA 96 -27.69 -115.25 67.25
C ALA VA 96 -27.54 -116.74 66.97
N MET VA 97 -28.38 -117.29 66.10
CA MET VA 97 -28.25 -118.68 65.71
C MET VA 97 -26.93 -118.94 65.00
N LEU VA 98 -26.53 -118.03 64.11
CA LEU VA 98 -25.25 -118.17 63.42
C LEU VA 98 -24.10 -118.07 64.39
N ALA VA 99 -24.16 -117.12 65.33
CA ALA VA 99 -23.05 -116.92 66.25
C ALA VA 99 -22.96 -118.05 67.28
N GLY VA 100 -24.05 -118.74 67.51
CA GLY VA 100 -24.09 -119.69 68.61
C GLY VA 100 -24.10 -119.05 69.98
N ASP VA 101 -24.46 -117.76 70.07
CA ASP VA 101 -24.47 -117.04 71.32
C ASP VA 101 -25.67 -116.10 71.33
N THR VA 102 -26.23 -115.90 72.52
CA THR VA 102 -27.39 -115.03 72.70
C THR VA 102 -27.00 -113.60 73.04
N SER VA 103 -25.72 -113.27 73.00
CA SER VA 103 -25.29 -111.94 73.40
C SER VA 103 -25.90 -110.86 72.51
N ILE VA 104 -25.75 -111.00 71.19
CA ILE VA 104 -26.19 -109.95 70.27
C ILE VA 104 -27.63 -109.56 70.56
N LEU VA 105 -28.46 -110.54 70.95
CA LEU VA 105 -29.80 -110.23 71.43
C LEU VA 105 -29.73 -109.28 72.61
N ASP VA 106 -28.94 -109.63 73.64
CA ASP VA 106 -28.88 -108.81 74.83
C ASP VA 106 -28.46 -107.38 74.52
N GLU VA 107 -27.33 -107.19 73.84
CA GLU VA 107 -26.83 -105.83 73.71
C GLU VA 107 -27.40 -105.09 72.51
N ARG VA 108 -28.25 -105.73 71.71
CA ARG VA 108 -28.68 -105.00 70.54
C ARG VA 108 -30.20 -104.99 70.35
N VAL VA 109 -30.94 -105.82 71.09
CA VAL VA 109 -32.39 -105.83 70.99
C VAL VA 109 -33.02 -105.66 72.38
N LEU VA 110 -32.64 -106.53 73.31
CA LEU VA 110 -33.39 -106.65 74.56
C LEU VA 110 -33.06 -105.53 75.54
N ASN VA 111 -31.94 -104.84 75.33
CA ASN VA 111 -31.53 -103.79 76.26
C ASN VA 111 -32.48 -102.60 76.16
N GLY VA 112 -33.30 -102.42 77.20
CA GLY VA 112 -34.26 -101.34 77.24
C GLY VA 112 -35.58 -101.62 76.56
N LEU VA 113 -35.72 -102.78 75.90
CA LEU VA 113 -36.94 -103.05 75.13
C LEU VA 113 -38.16 -103.15 76.03
N LYS VA 114 -38.03 -103.80 77.18
CA LYS VA 114 -39.15 -103.87 78.12
C LYS VA 114 -39.56 -102.48 78.57
N GLU VA 115 -38.60 -101.65 78.94
CA GLU VA 115 -38.90 -100.29 79.36
C GLU VA 115 -39.49 -99.47 78.22
N THR VA 116 -38.94 -99.62 77.01
CA THR VA 116 -39.47 -98.89 75.86
C THR VA 116 -40.91 -99.27 75.58
N TYR VA 117 -41.21 -100.56 75.63
CA TYR VA 117 -42.56 -101.03 75.33
C TYR VA 117 -43.53 -100.66 76.45
N ASN VA 118 -43.05 -100.64 77.70
CA ASN VA 118 -43.91 -100.21 78.80
C ASN VA 118 -44.19 -98.72 78.74
N SER VA 119 -43.21 -97.93 78.32
CA SER VA 119 -43.42 -96.50 78.19
C SER VA 119 -44.33 -96.17 77.01
N LEU VA 120 -44.27 -96.99 75.96
CA LEU VA 120 -45.08 -96.72 74.78
C LEU VA 120 -46.48 -97.29 74.90
N GLY VA 121 -46.65 -98.30 75.75
CA GLY VA 121 -47.89 -99.03 75.82
C GLY VA 121 -47.96 -100.26 74.94
N VAL VA 122 -46.84 -100.73 74.43
CA VAL VA 122 -46.82 -101.93 73.59
C VAL VA 122 -47.14 -103.15 74.44
N PRO VA 123 -48.14 -103.96 74.08
CA PRO VA 123 -48.48 -105.13 74.91
C PRO VA 123 -47.40 -106.20 74.81
N ILE VA 124 -46.80 -106.52 75.96
CA ILE VA 124 -45.69 -107.48 75.99
C ILE VA 124 -46.19 -108.88 75.68
N SER VA 125 -47.38 -109.24 76.17
CA SER VA 125 -47.92 -110.57 75.92
C SER VA 125 -48.17 -110.79 74.43
N SER VA 126 -48.70 -109.79 73.74
CA SER VA 126 -48.98 -109.93 72.32
C SER VA 126 -47.68 -109.96 71.51
N THR VA 127 -46.67 -109.21 71.94
CA THR VA 127 -45.37 -109.30 71.30
C THR VA 127 -44.77 -110.68 71.46
N VAL VA 128 -44.93 -111.28 72.65
CA VAL VA 128 -44.45 -112.63 72.87
C VAL VA 128 -45.19 -113.62 71.98
N GLN VA 129 -46.50 -113.44 71.82
CA GLN VA 129 -47.26 -114.32 70.94
C GLN VA 129 -46.82 -114.18 69.49
N GLY VA 130 -46.50 -112.96 69.05
CA GLY VA 130 -45.97 -112.77 67.71
C GLY VA 130 -44.62 -113.44 67.54
N ILE VA 131 -43.76 -113.36 68.54
CA ILE VA 131 -42.47 -114.03 68.48
C ILE VA 131 -42.64 -115.53 68.41
N GLN VA 132 -43.59 -116.08 69.18
CA GLN VA 132 -43.84 -117.52 69.14
C GLN VA 132 -44.41 -117.95 67.79
N ALA VA 133 -45.24 -117.09 67.18
CA ALA VA 133 -45.75 -117.39 65.84
C ALA VA 133 -44.61 -117.43 64.82
N MET VA 134 -43.69 -116.47 64.90
CA MET VA 134 -42.50 -116.55 64.04
C MET VA 134 -41.72 -117.83 64.32
N LYS VA 135 -41.65 -118.23 65.59
CA LYS VA 135 -40.94 -119.46 65.92
C LYS VA 135 -41.58 -120.66 65.23
N GLU VA 136 -42.90 -120.75 65.27
CA GLU VA 136 -43.59 -121.87 64.64
C GLU VA 136 -43.38 -121.87 63.13
N VAL VA 137 -43.54 -120.72 62.48
CA VAL VA 137 -43.36 -120.67 61.04
C VAL VA 137 -41.92 -121.02 60.66
N THR VA 138 -40.95 -120.43 61.35
CA THR VA 138 -39.55 -120.70 61.06
C THR VA 138 -39.20 -122.15 61.27
N GLY VA 139 -39.72 -122.76 62.33
CA GLY VA 139 -39.46 -124.16 62.58
C GLY VA 139 -40.07 -125.06 61.52
N SER VA 140 -41.24 -124.67 61.00
CA SER VA 140 -41.82 -125.40 59.89
C SER VA 140 -40.93 -125.32 58.66
N LEU VA 141 -40.35 -124.13 58.40
CA LEU VA 141 -39.54 -123.97 57.19
C LEU VA 141 -38.18 -124.66 57.28
N VAL VA 142 -37.50 -124.57 58.42
CA VAL VA 142 -36.08 -124.88 58.48
C VAL VA 142 -35.81 -126.35 58.74
N GLY VA 143 -36.79 -127.10 59.26
CA GLY VA 143 -36.56 -128.48 59.62
C GLY VA 143 -36.27 -128.66 61.10
N SER VA 144 -36.18 -129.92 61.51
CA SER VA 144 -36.21 -130.25 62.94
C SER VA 144 -34.98 -129.74 63.69
N GLY VA 145 -33.78 -130.06 63.20
CA GLY VA 145 -32.58 -129.67 63.91
C GLY VA 145 -32.37 -128.16 63.93
N ALA VA 146 -32.59 -127.54 62.77
CA ALA VA 146 -32.49 -126.09 62.68
C ALA VA 146 -33.55 -125.41 63.55
N ALA VA 147 -34.74 -126.00 63.66
CA ALA VA 147 -35.77 -125.44 64.54
C ALA VA 147 -35.37 -125.58 65.99
N LYS VA 148 -34.75 -126.71 66.35
CA LYS VA 148 -34.26 -126.87 67.71
C LYS VA 148 -33.22 -125.82 68.04
N GLU VA 149 -32.36 -125.49 67.08
CA GLU VA 149 -31.35 -124.47 67.33
C GLU VA 149 -31.98 -123.07 67.40
N MET VA 150 -32.93 -122.79 66.52
CA MET VA 150 -33.54 -121.46 66.45
C MET VA 150 -34.46 -121.19 67.64
N GLY VA 151 -35.09 -122.25 68.17
CA GLY VA 151 -36.01 -122.07 69.27
C GLY VA 151 -35.33 -121.55 70.52
N VAL VA 152 -34.05 -121.88 70.69
CA VAL VA 152 -33.29 -121.34 71.82
C VAL VA 152 -33.34 -119.81 71.82
N TYR VA 153 -33.09 -119.20 70.66
CA TYR VA 153 -33.00 -117.76 70.59
C TYR VA 153 -34.38 -117.11 70.52
N PHE VA 154 -35.36 -117.79 69.93
CA PHE VA 154 -36.72 -117.28 70.00
C PHE VA 154 -37.24 -117.26 71.44
N ASP VA 155 -36.99 -118.34 72.19
CA ASP VA 155 -37.35 -118.37 73.60
C ASP VA 155 -36.57 -117.36 74.39
N TYR VA 156 -35.30 -117.13 74.03
CA TYR VA 156 -34.50 -116.13 74.72
C TYR VA 156 -35.08 -114.73 74.52
N LEU VA 157 -35.52 -114.41 73.30
CA LEU VA 157 -36.16 -113.13 73.05
C LEU VA 157 -37.44 -112.99 73.86
N SER VA 158 -38.31 -114.02 73.80
CA SER VA 158 -39.57 -113.95 74.52
C SER VA 158 -39.35 -113.82 76.03
N SER VA 159 -38.35 -114.51 76.56
CA SER VA 159 -38.10 -114.46 78.00
C SER VA 159 -37.46 -113.14 78.40
N GLY VA 160 -36.62 -112.57 77.54
CA GLY VA 160 -36.02 -111.29 77.86
C GLY VA 160 -37.01 -110.15 77.78
N LEU VA 161 -38.09 -110.34 77.02
CA LEU VA 161 -39.18 -109.37 77.08
C LEU VA 161 -39.84 -109.38 78.44
N SER VA 162 -40.04 -110.55 79.03
CA SER VA 162 -40.69 -110.66 80.32
C SER VA 162 -39.67 -110.86 81.44
N MET WA 1 0.29 -67.38 60.31
CA MET WA 1 0.65 -66.06 59.82
C MET WA 1 2.08 -65.69 60.19
N GLN WA 2 2.61 -64.67 59.53
CA GLN WA 2 3.97 -64.21 59.74
C GLN WA 2 3.95 -62.80 60.31
N ASP WA 3 4.85 -62.55 61.26
CA ASP WA 3 5.17 -61.21 61.69
C ASP WA 3 6.64 -60.95 61.35
N ALA WA 4 7.14 -59.81 61.79
CA ALA WA 4 8.53 -59.45 61.47
C ALA WA 4 9.51 -60.48 62.03
N ILE WA 5 9.31 -60.89 63.28
CA ILE WA 5 10.16 -61.90 63.89
C ILE WA 5 10.06 -63.21 63.14
N THR WA 6 8.84 -63.65 62.83
CA THR WA 6 8.65 -64.90 62.13
C THR WA 6 9.14 -64.81 60.68
N SER WA 7 9.03 -63.63 60.07
CA SER WA 7 9.59 -63.46 58.74
C SER WA 7 11.10 -63.63 58.74
N VAL WA 8 11.78 -63.05 59.74
CA VAL WA 8 13.23 -63.22 59.85
C VAL WA 8 13.57 -64.68 60.10
N ILE WA 9 12.81 -65.33 60.99
CA ILE WA 9 13.05 -66.73 61.31
C ILE WA 9 12.92 -67.59 60.06
N ASN WA 10 11.87 -67.37 59.28
CA ASN WA 10 11.65 -68.18 58.08
C ASN WA 10 12.72 -67.91 57.03
N THR WA 11 13.13 -66.64 56.89
CA THR WA 11 14.18 -66.30 55.94
C THR WA 11 15.48 -67.03 56.28
N TYR WA 12 15.80 -67.12 57.57
CA TYR WA 12 17.04 -67.81 57.93
C TYR WA 12 16.86 -69.32 57.97
N ASP WA 13 15.62 -69.79 58.16
CA ASP WA 13 15.38 -71.23 58.25
C ASP WA 13 15.34 -71.87 56.87
N VAL WA 14 14.93 -71.12 55.85
CA VAL WA 14 14.96 -71.67 54.50
C VAL WA 14 16.40 -71.86 54.03
N GLN WA 15 17.34 -71.11 54.61
CA GLN WA 15 18.75 -71.26 54.30
C GLN WA 15 19.47 -72.20 55.26
N GLY WA 16 18.81 -72.65 56.32
CA GLY WA 16 19.47 -73.45 57.34
C GLY WA 16 20.57 -72.70 58.05
N LYS WA 17 20.41 -71.40 58.24
CA LYS WA 17 21.42 -70.56 58.84
C LYS WA 17 20.99 -70.13 60.24
N TYR WA 18 21.97 -70.06 61.14
CA TYR WA 18 21.78 -69.34 62.38
C TYR WA 18 21.62 -67.86 62.12
N PHE WA 19 21.16 -67.15 63.15
CA PHE WA 19 20.98 -65.72 63.02
C PHE WA 19 22.32 -65.02 62.92
N ASP WA 20 22.39 -64.02 62.03
CA ASP WA 20 23.56 -63.20 61.86
C ASP WA 20 23.26 -61.78 62.34
N THR WA 21 24.23 -60.89 62.17
CA THR WA 21 24.09 -59.54 62.72
C THR WA 21 22.99 -58.75 62.04
N SER WA 22 22.76 -58.99 60.75
CA SER WA 22 21.65 -58.33 60.06
C SER WA 22 20.31 -58.74 60.63
N ALA WA 23 20.14 -60.04 60.93
CA ALA WA 23 18.89 -60.50 61.51
C ALA WA 23 18.66 -59.90 62.89
N PHE WA 24 19.70 -59.86 63.71
CA PHE WA 24 19.58 -59.26 65.03
C PHE WA 24 19.28 -57.76 64.93
N ASP WA 25 19.84 -57.09 63.92
CA ASP WA 25 19.51 -55.69 63.69
C ASP WA 25 18.03 -55.53 63.35
N LYS WA 26 17.50 -56.39 62.50
CA LYS WA 26 16.09 -56.32 62.15
C LYS WA 26 15.21 -56.59 63.37
N LEU WA 27 15.59 -57.57 64.19
CA LEU WA 27 14.83 -57.86 65.39
C LEU WA 27 14.86 -56.69 66.36
N LYS WA 28 16.02 -56.04 66.51
CA LYS WA 28 16.09 -54.83 67.33
C LYS WA 28 15.19 -53.74 66.77
N ALA WA 29 15.18 -53.58 65.45
CA ALA WA 29 14.31 -52.57 64.84
C ALA WA 29 12.85 -52.84 65.14
N TYR WA 30 12.45 -54.11 65.18
CA TYR WA 30 11.06 -54.42 65.53
C TYR WA 30 10.79 -54.17 67.02
N TYR WA 31 11.69 -54.61 67.89
CA TYR WA 31 11.47 -54.42 69.32
C TYR WA 31 11.49 -52.95 69.70
N ALA WA 32 12.14 -52.11 68.90
CA ALA WA 32 12.15 -50.68 69.19
C ALA WA 32 10.78 -50.06 68.93
N THR WA 33 10.07 -50.55 67.91
CA THR WA 33 8.77 -50.01 67.54
C THR WA 33 7.62 -50.77 68.18
N GLY WA 34 7.89 -51.83 68.93
CA GLY WA 34 6.82 -52.60 69.54
C GLY WA 34 5.90 -51.77 70.42
N GLU WA 35 6.47 -50.88 71.24
CA GLU WA 35 5.65 -50.08 72.15
C GLU WA 35 4.75 -49.12 71.40
N LEU WA 36 5.29 -48.47 70.37
CA LEU WA 36 4.47 -47.60 69.52
C LEU WA 36 3.35 -48.39 68.86
N ARG WA 37 3.67 -49.60 68.37
CA ARG WA 37 2.65 -50.42 67.74
C ARG WA 37 1.54 -50.78 68.73
N VAL WA 38 1.92 -51.13 69.97
CA VAL WA 38 0.92 -51.50 70.97
C VAL WA 38 0.05 -50.30 71.34
N ARG WA 39 0.66 -49.12 71.50
CA ARG WA 39 -0.12 -47.94 71.82
C ARG WA 39 -1.10 -47.60 70.70
N ALA WA 40 -0.63 -47.69 69.45
CA ALA WA 40 -1.52 -47.42 68.32
C ALA WA 40 -2.64 -48.45 68.24
N ALA WA 41 -2.34 -49.72 68.53
CA ALA WA 41 -3.37 -50.75 68.47
C ALA WA 41 -4.42 -50.52 69.54
N GLY WA 42 -4.00 -50.14 70.74
CA GLY WA 42 -4.98 -49.81 71.78
C GLY WA 42 -5.80 -48.59 71.43
N THR WA 43 -5.17 -47.59 70.81
CA THR WA 43 -5.90 -46.41 70.37
C THR WA 43 -6.94 -46.76 69.31
N ILE WA 44 -6.60 -47.65 68.38
CA ILE WA 44 -7.56 -48.10 67.38
C ILE WA 44 -8.71 -48.85 68.05
N SER WA 45 -8.38 -49.76 68.96
CA SER WA 45 -9.42 -50.53 69.63
C SER WA 45 -10.37 -49.62 70.40
N ALA WA 46 -9.84 -48.52 70.97
CA ALA WA 46 -10.69 -47.59 71.69
C ALA WA 46 -11.69 -46.90 70.77
N ASN WA 47 -11.27 -46.56 69.55
CA ASN WA 47 -12.06 -45.70 68.67
C ASN WA 47 -12.61 -46.42 67.45
N ALA WA 48 -12.64 -47.76 67.47
CA ALA WA 48 -13.00 -48.49 66.26
C ALA WA 48 -14.42 -48.17 65.80
N ALA WA 49 -15.37 -48.16 66.74
CA ALA WA 49 -16.75 -47.83 66.38
C ALA WA 49 -16.84 -46.43 65.81
N THR WA 50 -16.16 -45.47 66.44
CA THR WA 50 -16.15 -44.11 65.92
C THR WA 50 -15.55 -44.08 64.53
N ILE WA 51 -14.33 -44.60 64.38
CA ILE WA 51 -13.66 -44.56 63.08
C ILE WA 51 -14.56 -45.11 61.99
N ILE WA 52 -15.21 -46.24 62.27
CA ILE WA 52 -16.10 -46.83 61.28
C ILE WA 52 -17.28 -45.90 60.98
N LYS WA 53 -17.84 -45.27 62.01
CA LYS WA 53 -19.01 -44.42 61.79
C LYS WA 53 -18.68 -43.21 60.92
N GLU WA 54 -17.65 -42.43 61.29
CA GLU WA 54 -17.27 -41.30 60.43
C GLU WA 54 -16.79 -41.74 59.05
N ALA WA 55 -16.04 -42.84 58.96
CA ALA WA 55 -15.56 -43.25 57.64
C ALA WA 55 -16.72 -43.64 56.72
N SER WA 56 -17.68 -44.42 57.24
CA SER WA 56 -18.84 -44.80 56.44
C SER WA 56 -19.68 -43.58 56.09
N ALA WA 57 -19.84 -42.65 57.04
CA ALA WA 57 -20.59 -41.44 56.75
C ALA WA 57 -19.96 -40.65 55.61
N LYS WA 58 -18.64 -40.47 55.65
CA LYS WA 58 -18.00 -39.67 54.61
C LYS WA 58 -18.07 -40.40 53.27
N LEU WA 59 -17.89 -41.72 53.28
CA LEU WA 59 -17.99 -42.50 52.05
C LEU WA 59 -19.36 -42.37 51.42
N PHE WA 60 -20.42 -42.53 52.22
CA PHE WA 60 -21.77 -42.45 51.65
C PHE WA 60 -22.14 -41.01 51.32
N SER WA 61 -21.45 -40.04 51.91
CA SER WA 61 -21.65 -38.66 51.49
C SER WA 61 -21.03 -38.39 50.12
N ASN WA 62 -19.82 -38.89 49.90
CA ASN WA 62 -19.16 -38.69 48.62
C ASN WA 62 -19.82 -39.51 47.52
N GLN WA 63 -20.38 -40.68 47.87
CA GLN WA 63 -21.05 -41.56 46.93
C GLN WA 63 -22.45 -41.83 47.43
N PRO WA 64 -23.39 -40.90 47.25
CA PRO WA 64 -24.75 -41.12 47.73
C PRO WA 64 -25.47 -42.28 47.06
N ASP WA 65 -25.08 -42.64 45.83
CA ASP WA 65 -25.80 -43.69 45.11
C ASP WA 65 -25.65 -45.04 45.79
N LEU WA 66 -24.67 -45.18 46.70
CA LEU WA 66 -24.44 -46.46 47.35
C LEU WA 66 -25.58 -46.82 48.30
N VAL WA 67 -26.18 -45.83 48.95
CA VAL WA 67 -27.24 -46.08 49.93
C VAL WA 67 -28.60 -45.59 49.47
N ARG WA 68 -28.68 -44.92 48.33
CA ARG WA 68 -29.97 -44.63 47.72
C ARG WA 68 -30.55 -45.90 47.14
N PRO WA 69 -31.86 -45.95 46.91
CA PRO WA 69 -32.47 -47.18 46.38
C PRO WA 69 -31.80 -47.64 45.11
N GLY WA 70 -31.52 -48.94 45.04
CA GLY WA 70 -30.76 -49.51 43.95
C GLY WA 70 -29.26 -49.57 44.17
N GLY WA 71 -28.75 -48.94 45.23
CA GLY WA 71 -27.34 -49.03 45.51
C GLY WA 71 -26.95 -50.37 46.09
N ASN WA 72 -25.64 -50.65 46.06
CA ASN WA 72 -25.17 -51.91 46.62
C ASN WA 72 -25.26 -51.91 48.14
N ALA WA 73 -25.13 -50.74 48.77
CA ALA WA 73 -25.31 -50.63 50.20
C ALA WA 73 -26.73 -50.22 50.57
N TYR WA 74 -27.68 -50.37 49.66
CA TYR WA 74 -29.07 -50.06 49.96
C TYR WA 74 -29.85 -51.31 50.29
N THR WA 75 -29.87 -51.62 51.58
CA THR WA 75 -30.89 -52.32 52.37
C THR WA 75 -30.24 -52.40 53.73
N THR WA 76 -31.00 -52.57 54.80
CA THR WA 76 -30.38 -52.72 56.11
C THR WA 76 -29.42 -53.91 56.12
N ARG WA 77 -29.83 -54.96 55.41
CA ARG WA 77 -28.96 -56.10 55.09
C ARG WA 77 -27.62 -55.65 54.53
N ARG WA 78 -27.66 -54.95 53.40
CA ARG WA 78 -26.44 -54.66 52.67
C ARG WA 78 -25.66 -53.53 53.33
N TYR WA 79 -26.36 -52.55 53.91
CA TYR WA 79 -25.68 -51.51 54.68
C TYR WA 79 -24.92 -52.11 55.86
N ALA WA 80 -25.57 -53.00 56.60
CA ALA WA 80 -24.92 -53.63 57.74
C ALA WA 80 -23.72 -54.45 57.30
N ALA WA 81 -23.84 -55.18 56.19
CA ALA WA 81 -22.70 -55.93 55.68
C ALA WA 81 -21.56 -55.00 55.26
N CYS WA 82 -21.90 -53.85 54.69
CA CYS WA 82 -20.88 -52.88 54.28
C CYS WA 82 -20.08 -52.36 55.47
N VAL WA 83 -20.77 -51.90 56.51
CA VAL WA 83 -20.04 -51.37 57.66
C VAL WA 83 -19.33 -52.50 58.40
N ARG WA 84 -19.87 -53.71 58.33
CA ARG WA 84 -19.17 -54.88 58.86
C ARG WA 84 -17.86 -55.13 58.11
N ASP WA 85 -17.88 -54.98 56.78
CA ASP WA 85 -16.65 -55.17 56.01
C ASP WA 85 -15.61 -54.11 56.38
N MET WA 86 -16.05 -52.87 56.58
CA MET WA 86 -15.09 -51.84 56.97
C MET WA 86 -14.52 -52.13 58.36
N ASP WA 87 -15.34 -52.68 59.25
CA ASP WA 87 -14.82 -53.14 60.54
C ASP WA 87 -13.77 -54.24 60.36
N TYR WA 88 -14.03 -55.18 59.45
CA TYR WA 88 -13.04 -56.21 59.15
C TYR WA 88 -11.73 -55.59 58.67
N PHE WA 89 -11.81 -54.62 57.76
CA PHE WA 89 -10.61 -53.99 57.24
C PHE WA 89 -9.83 -53.30 58.35
N LEU WA 90 -10.54 -52.56 59.22
CA LEU WA 90 -9.86 -51.89 60.32
C LEU WA 90 -9.20 -52.89 61.26
N ARG WA 91 -9.90 -53.97 61.61
CA ARG WA 91 -9.36 -54.94 62.54
C ARG WA 91 -8.12 -55.62 61.98
N TYR WA 92 -8.15 -55.99 60.69
CA TYR WA 92 -7.01 -56.68 60.12
C TYR WA 92 -5.85 -55.74 59.85
N ALA WA 93 -6.14 -54.48 59.52
CA ALA WA 93 -5.05 -53.50 59.41
C ALA WA 93 -4.38 -53.29 60.76
N THR WA 94 -5.17 -53.28 61.83
CA THR WA 94 -4.60 -53.19 63.17
C THR WA 94 -3.75 -54.41 63.48
N TYR WA 95 -4.21 -55.60 63.10
CA TYR WA 95 -3.39 -56.81 63.25
C TYR WA 95 -2.07 -56.67 62.52
N ALA WA 96 -2.11 -56.26 61.25
CA ALA WA 96 -0.89 -56.16 60.46
C ALA WA 96 0.05 -55.11 61.03
N MET WA 97 -0.50 -54.00 61.52
CA MET WA 97 0.33 -52.98 62.16
C MET WA 97 1.00 -53.53 63.41
N LEU WA 98 0.26 -54.27 64.22
CA LEU WA 98 0.82 -54.84 65.44
C LEU WA 98 1.88 -55.88 65.13
N ALA WA 99 1.69 -56.64 64.05
CA ALA WA 99 2.64 -57.70 63.70
C ALA WA 99 3.84 -57.13 62.94
N GLY WA 100 3.70 -55.94 62.38
CA GLY WA 100 4.77 -55.35 61.61
C GLY WA 100 4.95 -55.93 60.22
N ASP WA 101 4.00 -56.73 59.74
CA ASP WA 101 4.13 -57.39 58.45
C ASP WA 101 2.77 -57.32 57.77
N THR WA 102 2.80 -57.34 56.43
CA THR WA 102 1.59 -57.34 55.62
C THR WA 102 1.17 -58.72 55.18
N SER WA 103 1.84 -59.77 55.70
CA SER WA 103 1.49 -61.14 55.33
C SER WA 103 0.06 -61.48 55.76
N ILE WA 104 -0.33 -61.05 56.96
CA ILE WA 104 -1.68 -61.32 57.44
C ILE WA 104 -2.71 -60.70 56.52
N LEU WA 105 -2.43 -59.48 56.01
CA LEU WA 105 -3.36 -58.87 55.07
C LEU WA 105 -3.51 -59.73 53.83
N ASP WA 106 -2.40 -60.15 53.25
CA ASP WA 106 -2.45 -60.99 52.06
C ASP WA 106 -3.28 -62.25 52.29
N GLU WA 107 -2.97 -62.98 53.36
CA GLU WA 107 -3.51 -64.33 53.46
C GLU WA 107 -4.79 -64.40 54.29
N ARG WA 108 -5.29 -63.26 54.78
CA ARG WA 108 -6.58 -63.27 55.45
C ARG WA 108 -7.55 -62.20 54.97
N VAL WA 109 -7.15 -61.33 54.04
CA VAL WA 109 -8.06 -60.31 53.54
C VAL WA 109 -8.10 -60.33 52.03
N LEU WA 110 -6.92 -60.28 51.40
CA LEU WA 110 -6.85 -60.02 49.97
C LEU WA 110 -6.93 -61.31 49.16
N ASN WA 111 -6.78 -62.45 49.81
CA ASN WA 111 -6.79 -63.71 49.09
C ASN WA 111 -8.21 -64.04 48.64
N GLY WA 112 -8.50 -63.78 47.37
CA GLY WA 112 -9.82 -64.03 46.83
C GLY WA 112 -10.85 -62.96 47.11
N LEU WA 113 -10.44 -61.79 47.62
CA LEU WA 113 -11.40 -60.74 47.91
C LEU WA 113 -11.97 -60.14 46.63
N LYS WA 114 -11.12 -59.96 45.61
CA LYS WA 114 -11.58 -59.32 44.38
C LYS WA 114 -12.68 -60.12 43.72
N GLU WA 115 -12.47 -61.41 43.50
CA GLU WA 115 -13.49 -62.19 42.80
C GLU WA 115 -14.65 -62.54 43.70
N THR WA 116 -14.47 -62.46 45.03
CA THR WA 116 -15.61 -62.53 45.93
C THR WA 116 -16.54 -61.34 45.71
N TYR WA 117 -15.98 -60.13 45.76
CA TYR WA 117 -16.79 -58.94 45.51
C TYR WA 117 -17.35 -58.94 44.10
N ASN WA 118 -16.60 -59.47 43.14
CA ASN WA 118 -17.09 -59.54 41.76
C ASN WA 118 -18.28 -60.46 41.64
N SER WA 119 -18.24 -61.61 42.32
CA SER WA 119 -19.40 -62.49 42.35
C SER WA 119 -20.56 -61.83 43.08
N LEU WA 120 -20.27 -60.95 44.03
CA LEU WA 120 -21.35 -60.33 44.81
C LEU WA 120 -21.93 -59.11 44.09
N GLY WA 121 -21.13 -58.44 43.28
CA GLY WA 121 -21.51 -57.15 42.75
C GLY WA 121 -21.07 -55.97 43.57
N VAL WA 122 -20.19 -56.17 44.54
CA VAL WA 122 -19.71 -55.07 45.38
C VAL WA 122 -18.75 -54.21 44.58
N PRO WA 123 -18.98 -52.91 44.46
CA PRO WA 123 -18.06 -52.02 43.73
C PRO WA 123 -16.72 -51.93 44.45
N ILE WA 124 -15.66 -52.44 43.80
CA ILE WA 124 -14.36 -52.53 44.45
C ILE WA 124 -13.75 -51.14 44.60
N SER WA 125 -13.98 -50.25 43.65
CA SER WA 125 -13.47 -48.89 43.76
C SER WA 125 -14.10 -48.16 44.94
N SER WA 126 -15.39 -48.40 45.18
CA SER WA 126 -16.04 -47.80 46.33
C SER WA 126 -15.52 -48.37 47.64
N THR WA 127 -15.15 -49.66 47.63
CA THR WA 127 -14.51 -50.25 48.80
C THR WA 127 -13.14 -49.63 49.05
N VAL WA 128 -12.39 -49.38 47.98
CA VAL WA 128 -11.11 -48.69 48.10
C VAL WA 128 -11.32 -47.30 48.69
N GLN WA 129 -12.35 -46.59 48.23
CA GLN WA 129 -12.64 -45.27 48.76
C GLN WA 129 -13.03 -45.32 50.24
N GLY WA 130 -13.79 -46.33 50.64
CA GLY WA 130 -14.10 -46.48 52.05
C GLY WA 130 -12.88 -46.78 52.90
N ILE WA 131 -11.96 -47.57 52.35
CA ILE WA 131 -10.72 -47.86 53.07
C ILE WA 131 -9.89 -46.58 53.21
N GLN WA 132 -9.86 -45.76 52.17
CA GLN WA 132 -9.21 -44.45 52.26
C GLN WA 132 -9.89 -43.58 53.31
N ALA WA 133 -11.22 -43.65 53.39
CA ALA WA 133 -11.95 -42.90 54.41
C ALA WA 133 -11.52 -43.33 55.80
N MET WA 134 -11.42 -44.64 56.04
CA MET WA 134 -10.96 -45.11 57.34
C MET WA 134 -9.55 -44.64 57.63
N LYS WA 135 -8.68 -44.65 56.60
CA LYS WA 135 -7.31 -44.20 56.81
C LYS WA 135 -7.28 -42.73 57.22
N GLU WA 136 -8.05 -41.89 56.52
CA GLU WA 136 -8.08 -40.47 56.82
C GLU WA 136 -8.63 -40.22 58.22
N VAL WA 137 -9.67 -40.95 58.61
CA VAL WA 137 -10.24 -40.77 59.94
C VAL WA 137 -9.27 -41.25 61.02
N THR WA 138 -8.56 -42.34 60.74
CA THR WA 138 -7.67 -42.94 61.74
C THR WA 138 -6.43 -42.09 61.98
N GLY WA 139 -5.88 -41.50 60.92
CA GLY WA 139 -4.65 -40.76 61.05
C GLY WA 139 -4.75 -39.61 62.03
N SER WA 140 -5.90 -38.95 62.07
CA SER WA 140 -6.10 -37.86 63.03
C SER WA 140 -6.03 -38.37 64.47
N LEU WA 141 -6.66 -39.52 64.74
CA LEU WA 141 -6.74 -39.99 66.12
C LEU WA 141 -5.42 -40.56 66.61
N VAL WA 142 -4.73 -41.33 65.76
CA VAL WA 142 -3.53 -42.03 66.24
C VAL WA 142 -2.38 -41.06 66.48
N GLY WA 143 -2.22 -40.06 65.61
CA GLY WA 143 -1.04 -39.23 65.62
C GLY WA 143 -0.08 -39.62 64.51
N SER WA 144 0.68 -38.61 64.05
CA SER WA 144 1.41 -38.74 62.79
C SER WA 144 2.39 -39.92 62.81
N GLY WA 145 3.14 -40.08 63.90
CA GLY WA 145 4.06 -41.21 63.97
C GLY WA 145 3.36 -42.54 63.85
N ALA WA 146 2.22 -42.70 64.53
CA ALA WA 146 1.42 -43.90 64.35
C ALA WA 146 0.62 -43.83 63.05
N ALA WA 147 0.33 -42.62 62.57
CA ALA WA 147 -0.48 -42.48 61.36
C ALA WA 147 0.24 -43.05 60.15
N LYS WA 148 1.55 -42.81 60.03
CA LYS WA 148 2.30 -43.37 58.92
C LYS WA 148 2.29 -44.90 58.97
N GLU WA 149 2.48 -45.46 60.16
CA GLU WA 149 2.52 -46.91 60.31
C GLU WA 149 1.17 -47.53 59.98
N MET WA 150 0.08 -46.92 60.43
CA MET WA 150 -1.23 -47.45 60.09
C MET WA 150 -1.54 -47.22 58.61
N GLY WA 151 -0.99 -46.15 58.04
CA GLY WA 151 -1.28 -45.82 56.67
C GLY WA 151 -0.61 -46.75 55.68
N VAL WA 152 0.54 -47.31 56.05
CA VAL WA 152 1.19 -48.25 55.13
C VAL WA 152 0.31 -49.50 54.95
N TYR WA 153 -0.35 -49.95 56.02
CA TYR WA 153 -1.22 -51.12 55.92
C TYR WA 153 -2.55 -50.76 55.26
N PHE WA 154 -3.08 -49.56 55.52
CA PHE WA 154 -4.25 -49.13 54.76
C PHE WA 154 -3.94 -49.06 53.27
N ASP WA 155 -2.77 -48.53 52.91
CA ASP WA 155 -2.38 -48.44 51.51
C ASP WA 155 -2.14 -49.81 50.92
N TYR WA 156 -1.65 -50.76 51.73
CA TYR WA 156 -1.51 -52.12 51.24
C TYR WA 156 -2.86 -52.71 50.89
N LEU WA 157 -3.86 -52.53 51.75
CA LEU WA 157 -5.21 -53.02 51.43
C LEU WA 157 -5.76 -52.34 50.18
N SER WA 158 -5.59 -51.01 50.08
CA SER WA 158 -6.13 -50.29 48.95
C SER WA 158 -5.47 -50.71 47.64
N SER WA 159 -4.15 -50.91 47.65
CA SER WA 159 -3.45 -51.31 46.44
C SER WA 159 -3.77 -52.76 46.08
N GLY WA 160 -3.96 -53.62 47.07
CA GLY WA 160 -4.35 -54.99 46.79
C GLY WA 160 -5.73 -55.09 46.19
N LEU WA 161 -6.66 -54.24 46.64
CA LEU WA 161 -8.00 -54.26 46.07
C LEU WA 161 -8.05 -53.58 44.72
N SER WA 162 -7.30 -52.48 44.55
CA SER WA 162 -7.28 -51.74 43.29
C SER WA 162 -6.74 -52.61 42.16
N MET XA 1 -14.93 -98.78 42.57
CA MET XA 1 -13.75 -99.33 41.91
C MET XA 1 -14.08 -100.64 41.21
N GLN XA 2 -13.25 -101.00 40.23
CA GLN XA 2 -13.40 -102.24 39.48
C GLN XA 2 -12.26 -103.18 39.86
N ASP XA 3 -12.52 -104.48 39.73
CA ASP XA 3 -11.44 -105.45 39.69
C ASP XA 3 -11.48 -106.18 38.36
N ALA XA 4 -10.63 -107.21 38.21
CA ALA XA 4 -10.58 -107.94 36.96
C ALA XA 4 -11.92 -108.58 36.62
N ILE XA 5 -12.56 -109.20 37.62
CA ILE XA 5 -13.87 -109.79 37.42
C ILE XA 5 -14.89 -108.71 37.05
N THR XA 6 -14.87 -107.59 37.75
CA THR XA 6 -15.79 -106.50 37.44
C THR XA 6 -15.52 -105.94 36.05
N SER XA 7 -14.25 -105.90 35.65
CA SER XA 7 -13.93 -105.44 34.31
C SER XA 7 -14.53 -106.35 33.25
N VAL XA 8 -14.39 -107.66 33.42
CA VAL XA 8 -14.94 -108.61 32.46
C VAL XA 8 -16.46 -108.52 32.44
N ILE XA 9 -17.08 -108.42 33.62
CA ILE XA 9 -18.53 -108.29 33.71
C ILE XA 9 -18.99 -107.03 32.99
N ASN XA 10 -18.29 -105.91 33.19
CA ASN XA 10 -18.67 -104.65 32.55
C ASN XA 10 -18.54 -104.74 31.03
N THR XA 11 -17.44 -105.32 30.55
CA THR XA 11 -17.26 -105.46 29.11
C THR XA 11 -18.38 -106.27 28.49
N TYR XA 12 -18.79 -107.36 29.15
CA TYR XA 12 -19.84 -108.18 28.54
C TYR XA 12 -21.22 -107.65 28.85
N ASP XA 13 -21.34 -106.69 29.77
CA ASP XA 13 -22.66 -106.21 30.15
C ASP XA 13 -23.05 -104.96 29.36
N VAL XA 14 -22.07 -104.16 28.93
CA VAL XA 14 -22.42 -102.98 28.16
C VAL XA 14 -22.91 -103.35 26.77
N GLN XA 15 -22.68 -104.59 26.35
CA GLN XA 15 -23.18 -105.06 25.07
C GLN XA 15 -24.24 -106.15 25.22
N GLY XA 16 -24.75 -106.36 26.43
CA GLY XA 16 -25.86 -107.29 26.63
C GLY XA 16 -25.55 -108.72 26.24
N LYS XA 17 -24.37 -109.20 26.60
CA LYS XA 17 -23.91 -110.52 26.19
C LYS XA 17 -23.65 -111.41 27.39
N TYR XA 18 -23.89 -112.69 27.21
CA TYR XA 18 -23.46 -113.68 28.19
C TYR XA 18 -21.97 -113.95 28.02
N PHE XA 19 -21.39 -114.60 29.02
CA PHE XA 19 -19.95 -114.86 28.99
C PHE XA 19 -19.59 -115.81 27.87
N ASP XA 20 -18.54 -115.46 27.13
CA ASP XA 20 -17.98 -116.29 26.08
C ASP XA 20 -16.71 -116.96 26.60
N THR XA 21 -16.08 -117.74 25.72
CA THR XA 21 -14.88 -118.46 26.12
C THR XA 21 -13.73 -117.52 26.44
N SER XA 22 -13.68 -116.36 25.78
CA SER XA 22 -12.67 -115.37 26.11
C SER XA 22 -12.85 -114.85 27.53
N ALA XA 23 -14.11 -114.59 27.93
CA ALA XA 23 -14.38 -114.15 29.28
C ALA XA 23 -13.98 -115.20 30.31
N PHE XA 24 -14.30 -116.46 30.03
CA PHE XA 24 -13.93 -117.51 30.97
C PHE XA 24 -12.42 -117.69 31.04
N ASP XA 25 -11.73 -117.48 29.93
CA ASP XA 25 -10.27 -117.53 29.95
C ASP XA 25 -9.69 -116.41 30.80
N LYS XA 26 -10.22 -115.19 30.67
CA LYS XA 26 -9.75 -114.09 31.51
C LYS XA 26 -10.01 -114.39 32.98
N LEU XA 27 -11.19 -114.94 33.29
CA LEU XA 27 -11.52 -115.24 34.68
C LEU XA 27 -10.62 -116.34 35.24
N LYS XA 28 -10.31 -117.34 34.42
CA LYS XA 28 -9.37 -118.37 34.84
C LYS XA 28 -8.00 -117.78 35.12
N ALA XA 29 -7.56 -116.85 34.27
CA ALA XA 29 -6.27 -116.21 34.50
C ALA XA 29 -6.25 -115.47 35.83
N TYR XA 30 -7.33 -114.74 36.13
CA TYR XA 30 -7.39 -114.04 37.42
C TYR XA 30 -7.39 -115.01 38.59
N TYR XA 31 -8.17 -116.09 38.49
CA TYR XA 31 -8.24 -117.06 39.59
C TYR XA 31 -6.92 -117.78 39.76
N ALA XA 32 -6.17 -117.96 38.67
CA ALA XA 32 -4.86 -118.58 38.78
C ALA XA 32 -3.86 -117.65 39.44
N THR XA 33 -3.93 -116.36 39.14
CA THR XA 33 -3.02 -115.40 39.75
C THR XA 33 -3.41 -115.04 41.18
N GLY XA 34 -4.61 -115.42 41.62
CA GLY XA 34 -5.09 -114.99 42.93
C GLY XA 34 -4.21 -115.40 44.08
N GLU XA 35 -3.70 -116.65 44.07
CA GLU XA 35 -2.85 -117.11 45.16
C GLU XA 35 -1.57 -116.29 45.25
N LEU XA 36 -0.93 -116.05 44.11
CA LEU XA 36 0.27 -115.20 44.08
C LEU XA 36 -0.04 -113.80 44.57
N ARG XA 37 -1.17 -113.24 44.14
CA ARG XA 37 -1.54 -111.89 44.55
C ARG XA 37 -1.75 -111.80 46.06
N VAL XA 38 -2.42 -112.80 46.63
CA VAL XA 38 -2.67 -112.81 48.07
C VAL XA 38 -1.36 -112.95 48.84
N ARG XA 39 -0.46 -113.81 48.36
CA ARG XA 39 0.84 -113.94 49.02
C ARG XA 39 1.61 -112.63 48.97
N ALA XA 40 1.60 -111.96 47.82
CA ALA XA 40 2.30 -110.68 47.70
C ALA XA 40 1.71 -109.64 48.63
N ALA XA 41 0.37 -109.58 48.72
CA ALA XA 41 -0.26 -108.61 49.59
C ALA XA 41 0.09 -108.86 51.05
N GLY XA 42 0.09 -110.14 51.47
CA GLY XA 42 0.48 -110.46 52.83
C GLY XA 42 1.91 -110.06 53.12
N THR XA 43 2.81 -110.35 52.18
CA THR XA 43 4.21 -109.99 52.38
C THR XA 43 4.39 -108.47 52.47
N ILE XA 44 3.73 -107.72 51.59
CA ILE XA 44 3.85 -106.27 51.61
C ILE XA 44 3.30 -105.70 52.91
N SER XA 45 2.14 -106.19 53.34
CA SER XA 45 1.56 -105.71 54.59
C SER XA 45 2.48 -106.02 55.77
N ALA XA 46 3.16 -107.16 55.73
CA ALA XA 46 4.08 -107.50 56.80
C ALA XA 46 5.27 -106.54 56.83
N ASN XA 47 5.65 -105.98 55.68
CA ASN XA 47 6.87 -105.20 55.56
C ASN XA 47 6.62 -103.77 55.07
N ALA XA 48 5.42 -103.23 55.29
CA ALA XA 48 5.11 -101.91 54.75
C ALA XA 48 6.02 -100.84 55.34
N ALA XA 49 6.22 -100.86 56.65
CA ALA XA 49 7.11 -99.90 57.29
C ALA XA 49 8.53 -100.02 56.76
N THR XA 50 9.01 -101.25 56.58
CA THR XA 50 10.34 -101.43 56.01
C THR XA 50 10.43 -100.87 54.60
N ILE XA 51 9.47 -101.22 53.74
CA ILE XA 51 9.52 -100.74 52.37
C ILE XA 51 9.56 -99.22 52.34
N ILE XA 52 8.70 -98.57 53.13
CA ILE XA 52 8.69 -97.12 53.15
C ILE XA 52 10.01 -96.58 53.68
N LYS XA 53 10.59 -97.27 54.68
CA LYS XA 53 11.90 -96.91 55.20
C LYS XA 53 12.94 -96.80 54.10
N GLU XA 54 13.31 -97.93 53.49
CA GLU XA 54 14.44 -97.84 52.57
C GLU XA 54 14.04 -97.23 51.23
N ALA XA 55 12.76 -97.18 50.89
CA ALA XA 55 12.35 -96.40 49.72
C ALA XA 55 12.63 -94.92 49.95
N SER XA 56 12.24 -94.39 51.12
CA SER XA 56 12.52 -92.98 51.41
C SER XA 56 14.02 -92.75 51.58
N ALA XA 57 14.73 -93.70 52.18
CA ALA XA 57 16.18 -93.57 52.30
C ALA XA 57 16.84 -93.48 50.93
N LYS XA 58 16.42 -94.34 50.00
CA LYS XA 58 16.96 -94.29 48.65
C LYS XA 58 16.62 -92.98 47.96
N LEU XA 59 15.38 -92.51 48.11
CA LEU XA 59 14.98 -91.28 47.46
C LEU XA 59 15.76 -90.08 47.98
N PHE XA 60 16.01 -90.05 49.29
CA PHE XA 60 16.70 -88.90 49.87
C PHE XA 60 18.21 -89.05 49.78
N SER XA 61 18.70 -90.24 49.44
CA SER XA 61 20.11 -90.39 49.09
C SER XA 61 20.36 -89.95 47.66
N ASN XA 62 19.41 -90.23 46.76
CA ASN XA 62 19.57 -89.81 45.37
C ASN XA 62 19.31 -88.32 45.22
N GLN XA 63 18.40 -87.76 46.02
CA GLN XA 63 18.05 -86.33 45.98
C GLN XA 63 18.22 -85.77 47.38
N PRO XA 64 19.45 -85.50 47.81
CA PRO XA 64 19.66 -84.99 49.17
C PRO XA 64 19.06 -83.63 49.43
N ASP XA 65 18.86 -82.83 48.37
CA ASP XA 65 18.38 -81.46 48.56
C ASP XA 65 16.93 -81.42 48.99
N LEU XA 66 16.23 -82.56 48.93
CA LEU XA 66 14.82 -82.59 49.32
C LEU XA 66 14.67 -82.39 50.83
N VAL XA 67 15.62 -82.91 51.60
CA VAL XA 67 15.49 -82.85 53.06
C VAL XA 67 16.43 -81.82 53.66
N ARG XA 68 17.38 -81.31 52.88
CA ARG XA 68 18.20 -80.21 53.35
C ARG XA 68 17.37 -78.92 53.34
N PRO XA 69 17.77 -77.92 54.14
CA PRO XA 69 17.00 -76.68 54.18
C PRO XA 69 16.78 -76.09 52.79
N GLY XA 70 15.54 -75.70 52.53
CA GLY XA 70 15.11 -75.27 51.22
C GLY XA 70 14.41 -76.34 50.41
N GLY XA 71 14.43 -77.59 50.85
CA GLY XA 71 13.76 -78.64 50.12
C GLY XA 71 12.31 -78.80 50.52
N ASN XA 72 11.53 -79.44 49.65
CA ASN XA 72 10.11 -79.62 49.92
C ASN XA 72 9.88 -80.56 51.10
N ALA XA 73 10.80 -81.48 51.33
CA ALA XA 73 10.71 -82.38 52.48
C ALA XA 73 11.46 -81.85 53.69
N TYR XA 74 11.94 -80.61 53.65
CA TYR XA 74 12.65 -80.05 54.78
C TYR XA 74 11.68 -79.37 55.75
N THR XA 75 11.19 -80.16 56.70
CA THR XA 75 10.83 -79.87 58.08
C THR XA 75 10.30 -81.18 58.59
N THR XA 76 10.01 -81.29 59.89
CA THR XA 76 9.40 -82.52 60.37
C THR XA 76 8.01 -82.70 59.78
N ARG XA 77 7.26 -81.61 59.66
CA ARG XA 77 5.91 -81.70 59.09
C ARG XA 77 5.95 -82.15 57.64
N ARG XA 78 6.81 -81.56 56.83
CA ARG XA 78 6.84 -81.90 55.41
C ARG XA 78 7.47 -83.26 55.17
N TYR XA 79 8.47 -83.63 55.98
CA TYR XA 79 9.01 -84.99 55.88
C TYR XA 79 7.94 -86.02 56.22
N ALA XA 80 7.16 -85.77 57.27
CA ALA XA 80 6.10 -86.69 57.64
C ALA XA 80 5.03 -86.74 56.57
N ALA XA 81 4.76 -85.61 55.91
CA ALA XA 81 3.83 -85.59 54.80
C ALA XA 81 4.36 -86.41 53.62
N CYS XA 82 5.67 -86.33 53.36
CA CYS XA 82 6.29 -87.12 52.30
C CYS XA 82 6.15 -88.62 52.56
N VAL XA 83 6.48 -89.06 53.78
CA VAL XA 83 6.36 -90.48 54.07
C VAL XA 83 4.89 -90.91 54.09
N ARG XA 84 3.99 -89.99 54.45
CA ARG XA 84 2.57 -90.31 54.42
C ARG XA 84 2.09 -90.52 52.97
N ASP XA 85 2.56 -89.67 52.06
CA ASP XA 85 2.23 -89.88 50.65
C ASP XA 85 2.79 -91.20 50.15
N MET XA 86 3.99 -91.57 50.60
CA MET XA 86 4.55 -92.85 50.18
C MET XA 86 3.73 -94.02 50.72
N ASP XA 87 3.23 -93.90 51.95
CA ASP XA 87 2.34 -94.92 52.50
C ASP XA 87 1.06 -95.04 51.67
N TYR XA 88 0.44 -93.91 51.34
CA TYR XA 88 -0.62 -93.90 50.32
C TYR XA 88 -0.26 -94.71 49.09
N PHE XA 89 0.87 -94.36 48.44
CA PHE XA 89 1.20 -95.00 47.17
C PHE XA 89 1.35 -96.50 47.34
N LEU XA 90 2.06 -96.94 48.37
CA LEU XA 90 2.27 -98.36 48.57
C LEU XA 90 0.96 -99.09 48.85
N ARG XA 91 0.11 -98.53 49.71
CA ARG XA 91 -1.13 -99.21 50.07
C ARG XA 91 -2.08 -99.33 48.88
N TYR XA 92 -2.19 -98.26 48.08
CA TYR XA 92 -3.08 -98.33 46.94
C TYR XA 92 -2.50 -99.18 45.82
N ALA XA 93 -1.17 -99.22 45.70
CA ALA XA 93 -0.55 -100.16 44.77
C ALA XA 93 -0.87 -101.60 45.16
N THR XA 94 -0.84 -101.90 46.46
CA THR XA 94 -1.21 -103.24 46.92
C THR XA 94 -2.67 -103.53 46.62
N TYR XA 95 -3.56 -102.55 46.85
CA TYR XA 95 -4.96 -102.74 46.49
C TYR XA 95 -5.12 -103.05 45.01
N ALA XA 96 -4.43 -102.30 44.15
CA ALA XA 96 -4.58 -102.47 42.71
C ALA XA 96 -3.99 -103.80 42.26
N MET XA 97 -2.90 -104.24 42.89
CA MET XA 97 -2.36 -105.56 42.57
C MET XA 97 -3.32 -106.66 42.97
N LEU XA 98 -3.94 -106.53 44.14
CA LEU XA 98 -4.86 -107.56 44.60
C LEU XA 98 -6.12 -107.59 43.75
N ALA XA 99 -6.59 -106.44 43.28
CA ALA XA 99 -7.79 -106.40 42.46
C ALA XA 99 -7.51 -106.91 41.06
N GLY XA 100 -6.29 -106.73 40.57
CA GLY XA 100 -5.98 -106.99 39.18
C GLY XA 100 -6.43 -105.91 38.23
N ASP XA 101 -6.57 -104.67 38.71
CA ASP XA 101 -7.12 -103.58 37.93
C ASP XA 101 -6.53 -102.27 38.44
N THR XA 102 -6.44 -101.28 37.55
CA THR XA 102 -5.88 -99.97 37.89
C THR XA 102 -6.95 -98.93 38.14
N SER XA 103 -8.21 -99.33 38.27
CA SER XA 103 -9.27 -98.35 38.49
C SER XA 103 -9.10 -97.64 39.81
N ILE XA 104 -8.71 -98.37 40.87
CA ILE XA 104 -8.62 -97.75 42.19
C ILE XA 104 -7.54 -96.68 42.19
N LEU XA 105 -6.48 -96.85 41.39
CA LEU XA 105 -5.45 -95.82 41.32
C LEU XA 105 -6.00 -94.55 40.66
N ASP XA 106 -6.54 -94.68 39.46
CA ASP XA 106 -7.08 -93.51 38.75
C ASP XA 106 -8.20 -92.87 39.56
N GLU XA 107 -8.76 -93.62 40.50
CA GLU XA 107 -10.07 -93.31 41.02
C GLU XA 107 -9.98 -92.79 42.46
N ARG XA 108 -8.89 -93.12 43.16
CA ARG XA 108 -8.66 -92.67 44.52
C ARG XA 108 -7.34 -91.92 44.69
N VAL XA 109 -6.43 -91.98 43.72
CA VAL XA 109 -5.08 -91.45 43.92
C VAL XA 109 -4.77 -90.42 42.85
N LEU XA 110 -4.82 -90.84 41.58
CA LEU XA 110 -4.36 -89.97 40.50
C LEU XA 110 -5.40 -88.92 40.14
N ASN XA 111 -6.63 -89.08 40.61
CA ASN XA 111 -7.69 -88.13 40.30
C ASN XA 111 -7.41 -86.79 40.98
N GLY XA 112 -6.94 -85.82 40.20
CA GLY XA 112 -6.63 -84.51 40.71
C GLY XA 112 -5.37 -84.43 41.54
N LEU XA 113 -4.49 -85.43 41.48
CA LEU XA 113 -3.30 -85.43 42.33
C LEU XA 113 -2.26 -84.45 41.81
N LYS XA 114 -2.10 -84.37 40.49
CA LYS XA 114 -1.17 -83.40 39.92
C LYS XA 114 -1.57 -81.97 40.25
N GLU XA 115 -2.87 -81.68 40.20
CA GLU XA 115 -3.36 -80.38 40.63
C GLU XA 115 -3.03 -80.12 42.10
N THR XA 116 -3.21 -81.14 42.95
CA THR XA 116 -2.91 -80.99 44.37
C THR XA 116 -1.44 -80.66 44.59
N TYR XA 117 -0.54 -81.38 43.92
CA TYR XA 117 0.88 -81.11 44.07
C TYR XA 117 1.29 -79.76 43.49
N ASN XA 118 0.70 -79.35 42.37
CA ASN XA 118 1.01 -78.03 41.84
C ASN XA 118 0.55 -76.94 42.80
N SER XA 119 -0.63 -77.10 43.39
CA SER XA 119 -1.09 -76.11 44.37
C SER XA 119 -0.17 -76.10 45.59
N LEU XA 120 0.28 -77.27 46.04
CA LEU XA 120 1.12 -77.34 47.23
C LEU XA 120 2.55 -76.92 46.93
N GLY XA 121 3.00 -77.11 45.69
CA GLY XA 121 4.39 -76.89 45.36
C GLY XA 121 5.24 -78.13 45.33
N VAL XA 122 4.63 -79.30 45.48
CA VAL XA 122 5.37 -80.56 45.60
C VAL XA 122 6.08 -80.86 44.28
N PRO XA 123 7.36 -81.21 44.31
CA PRO XA 123 8.06 -81.65 43.08
C PRO XA 123 7.55 -83.02 42.65
N ILE XA 124 6.99 -83.08 41.45
CA ILE XA 124 6.33 -84.30 41.00
C ILE XA 124 7.34 -85.31 40.49
N SER XA 125 8.41 -84.84 39.84
CA SER XA 125 9.45 -85.75 39.37
C SER XA 125 10.10 -86.50 40.52
N SER XA 126 10.32 -85.81 41.65
CA SER XA 126 10.89 -86.48 42.82
C SER XA 126 9.92 -87.46 43.42
N THR XA 127 8.62 -87.16 43.37
CA THR XA 127 7.62 -88.12 43.82
C THR XA 127 7.64 -89.37 42.94
N VAL XA 128 7.83 -89.18 41.63
CA VAL XA 128 7.93 -90.32 40.74
C VAL XA 128 9.16 -91.14 41.07
N GLN XA 129 10.27 -90.48 41.38
CA GLN XA 129 11.47 -91.20 41.80
C GLN XA 129 11.24 -91.98 43.09
N GLY XA 130 10.49 -91.40 44.03
CA GLY XA 130 10.15 -92.12 45.24
C GLY XA 130 9.30 -93.34 44.96
N ILE XA 131 8.36 -93.24 44.01
CA ILE XA 131 7.54 -94.39 43.65
C ILE XA 131 8.40 -95.47 43.00
N GLN XA 132 9.33 -95.08 42.13
CA GLN XA 132 10.24 -96.08 41.55
C GLN XA 132 11.05 -96.77 42.64
N ALA XA 133 11.60 -95.99 43.58
CA ALA XA 133 12.39 -96.58 44.66
C ALA XA 133 11.57 -97.57 45.47
N MET XA 134 10.33 -97.20 45.76
CA MET XA 134 9.39 -98.15 46.37
C MET XA 134 9.27 -99.40 45.51
N LYS XA 135 9.31 -99.25 44.19
CA LYS XA 135 9.19 -100.40 43.31
C LYS XA 135 10.37 -101.35 43.46
N GLU XA 136 11.61 -100.82 43.43
CA GLU XA 136 12.74 -101.74 43.59
C GLU XA 136 12.78 -102.36 44.98
N VAL XA 137 12.40 -101.61 46.02
CA VAL XA 137 12.35 -102.20 47.35
C VAL XA 137 11.31 -103.31 47.42
N THR XA 138 10.12 -103.07 46.86
CA THR XA 138 9.06 -104.06 46.96
C THR XA 138 9.38 -105.31 46.15
N GLY XA 139 9.99 -105.14 44.98
CA GLY XA 139 10.27 -106.29 44.13
C GLY XA 139 11.21 -107.28 44.79
N SER XA 140 12.12 -106.79 45.62
CA SER XA 140 13.00 -107.69 46.35
C SER XA 140 12.22 -108.55 47.36
N LEU XA 141 11.30 -107.93 48.09
CA LEU XA 141 10.60 -108.66 49.15
C LEU XA 141 9.57 -109.63 48.59
N VAL XA 142 8.79 -109.20 47.60
CA VAL XA 142 7.67 -110.04 47.17
C VAL XA 142 8.16 -111.26 46.40
N GLY XA 143 9.24 -111.12 45.64
CA GLY XA 143 9.66 -112.15 44.73
C GLY XA 143 9.33 -111.80 43.29
N SER XA 144 10.06 -112.43 42.36
CA SER XA 144 10.06 -111.99 40.97
C SER XA 144 8.67 -112.06 40.35
N GLY XA 145 7.94 -113.16 40.58
CA GLY XA 145 6.60 -113.28 40.02
C GLY XA 145 5.68 -112.19 40.52
N ALA XA 146 5.72 -111.94 41.84
CA ALA XA 146 4.96 -110.82 42.39
C ALA XA 146 5.63 -109.49 42.07
N ALA XA 147 6.94 -109.49 41.83
CA ALA XA 147 7.64 -108.26 41.49
C ALA XA 147 7.13 -107.67 40.19
N LYS XA 148 6.94 -108.51 39.18
CA LYS XA 148 6.40 -108.02 37.90
C LYS XA 148 4.99 -107.48 38.08
N GLU XA 149 4.17 -108.19 38.86
CA GLU XA 149 2.79 -107.76 39.06
C GLU XA 149 2.72 -106.42 39.77
N MET XA 150 3.47 -106.25 40.86
CA MET XA 150 3.51 -104.96 41.54
C MET XA 150 4.14 -103.89 40.67
N GLY XA 151 5.11 -104.27 39.82
CA GLY XA 151 5.73 -103.32 38.94
C GLY XA 151 4.74 -102.74 37.94
N VAL XA 152 3.76 -103.54 37.52
CA VAL XA 152 2.71 -103.01 36.66
C VAL XA 152 2.04 -101.78 37.29
N TYR XA 153 1.66 -101.89 38.56
CA TYR XA 153 0.88 -100.82 39.18
C TYR XA 153 1.76 -99.68 39.65
N PHE XA 154 2.99 -99.98 40.07
CA PHE XA 154 3.95 -98.92 40.34
C PHE XA 154 4.23 -98.12 39.08
N ASP XA 155 4.41 -98.79 37.94
CA ASP XA 155 4.59 -98.11 36.67
C ASP XA 155 3.36 -97.29 36.32
N TYR XA 156 2.18 -97.81 36.62
CA TYR XA 156 0.96 -97.04 36.36
C TYR XA 156 0.95 -95.75 37.16
N LEU XA 157 1.27 -95.82 38.45
CA LEU XA 157 1.32 -94.61 39.27
C LEU XA 157 2.37 -93.64 38.78
N SER XA 158 3.55 -94.15 38.43
CA SER XA 158 4.62 -93.28 37.95
C SER XA 158 4.25 -92.59 36.64
N SER XA 159 3.63 -93.34 35.72
CA SER XA 159 3.23 -92.75 34.45
C SER XA 159 2.12 -91.73 34.63
N GLY XA 160 1.13 -92.04 35.46
CA GLY XA 160 0.04 -91.10 35.67
C GLY XA 160 0.49 -89.84 36.39
N LEU XA 161 1.47 -89.97 37.29
CA LEU XA 161 1.98 -88.81 37.99
C LEU XA 161 2.91 -88.00 37.11
N SER XA 162 3.68 -88.67 36.25
CA SER XA 162 4.58 -87.99 35.34
C SER XA 162 4.00 -87.96 33.94
N MET YA 1 -35.90 -67.62 45.16
CA MET YA 1 -36.92 -67.46 44.13
C MET YA 1 -37.70 -66.18 44.32
N GLN YA 2 -38.30 -65.71 43.22
CA GLN YA 2 -39.21 -64.58 43.25
C GLN YA 2 -40.39 -64.89 42.36
N ASP YA 3 -41.57 -64.42 42.76
CA ASP YA 3 -42.77 -64.58 41.95
C ASP YA 3 -43.02 -63.30 41.14
N ALA YA 4 -44.18 -63.24 40.50
CA ALA YA 4 -44.53 -62.05 39.72
C ALA YA 4 -44.65 -60.82 40.63
N ILE YA 5 -45.31 -60.99 41.78
CA ILE YA 5 -45.49 -59.88 42.71
C ILE YA 5 -44.14 -59.35 43.18
N THR YA 6 -43.24 -60.25 43.57
CA THR YA 6 -41.93 -59.81 44.05
C THR YA 6 -41.07 -59.29 42.90
N SER YA 7 -41.34 -59.73 41.67
CA SER YA 7 -40.65 -59.15 40.53
C SER YA 7 -41.05 -57.69 40.33
N VAL YA 8 -42.35 -57.39 40.42
CA VAL YA 8 -42.79 -56.01 40.35
C VAL YA 8 -42.24 -55.20 41.51
N ILE YA 9 -42.25 -55.78 42.71
CA ILE YA 9 -41.69 -55.12 43.88
C ILE YA 9 -40.22 -54.79 43.66
N ASN YA 10 -39.46 -55.72 43.07
CA ASN YA 10 -38.07 -55.46 42.72
C ASN YA 10 -37.94 -54.31 41.76
N THR YA 11 -38.71 -54.33 40.67
CA THR YA 11 -38.58 -53.30 39.65
C THR YA 11 -38.85 -51.92 40.23
N TYR YA 12 -39.79 -51.83 41.17
CA TYR YA 12 -40.11 -50.52 41.73
C TYR YA 12 -39.21 -50.16 42.90
N ASP YA 13 -38.61 -51.16 43.56
CA ASP YA 13 -37.72 -50.89 44.67
C ASP YA 13 -36.38 -50.38 44.18
N VAL YA 14 -35.85 -50.95 43.09
CA VAL YA 14 -34.55 -50.51 42.59
C VAL YA 14 -34.64 -49.06 42.11
N GLN YA 15 -35.85 -48.61 41.78
CA GLN YA 15 -36.07 -47.24 41.36
C GLN YA 15 -36.54 -46.34 42.49
N GLY YA 16 -36.79 -46.91 43.67
CA GLY YA 16 -37.26 -46.12 44.80
C GLY YA 16 -38.62 -45.50 44.57
N LYS YA 17 -39.50 -46.19 43.87
CA LYS YA 17 -40.81 -45.67 43.50
C LYS YA 17 -41.90 -46.42 44.23
N TYR YA 18 -42.96 -45.70 44.58
CA TYR YA 18 -44.22 -46.33 44.92
C TYR YA 18 -44.87 -46.92 43.68
N PHE YA 19 -45.90 -47.72 43.89
CA PHE YA 19 -46.53 -48.43 42.79
C PHE YA 19 -47.27 -47.45 41.88
N ASP YA 20 -47.10 -47.64 40.58
CA ASP YA 20 -47.74 -46.81 39.56
C ASP YA 20 -48.95 -47.54 38.98
N THR YA 21 -49.57 -46.90 37.99
CA THR YA 21 -50.72 -47.53 37.34
C THR YA 21 -50.30 -48.78 36.56
N SER YA 22 -49.08 -48.78 36.01
CA SER YA 22 -48.59 -49.96 35.32
C SER YA 22 -48.29 -51.09 36.30
N ALA YA 23 -47.75 -50.74 37.48
CA ALA YA 23 -47.53 -51.75 38.50
C ALA YA 23 -48.84 -52.38 38.94
N PHE YA 24 -49.86 -51.55 39.16
CA PHE YA 24 -51.17 -52.08 39.55
C PHE YA 24 -51.78 -52.90 38.42
N ASP YA 25 -51.50 -52.53 37.16
CA ASP YA 25 -51.95 -53.35 36.05
C ASP YA 25 -51.31 -54.72 36.07
N LYS YA 26 -50.00 -54.79 36.30
CA LYS YA 26 -49.32 -56.09 36.35
C LYS YA 26 -49.79 -56.92 37.54
N LEU YA 27 -50.01 -56.27 38.68
CA LEU YA 27 -50.51 -57.01 39.85
C LEU YA 27 -51.93 -57.52 39.62
N LYS YA 28 -52.77 -56.72 38.96
CA LYS YA 28 -54.10 -57.20 38.57
C LYS YA 28 -53.98 -58.40 37.63
N ALA YA 29 -53.06 -58.32 36.67
CA ALA YA 29 -52.87 -59.42 35.74
C ALA YA 29 -52.48 -60.70 36.47
N TYR YA 30 -51.60 -60.59 37.46
CA TYR YA 30 -51.24 -61.80 38.21
C TYR YA 30 -52.39 -62.30 39.05
N TYR YA 31 -53.11 -61.42 39.74
CA TYR YA 31 -54.22 -61.85 40.58
C TYR YA 31 -55.31 -62.51 39.76
N ALA YA 32 -55.53 -62.04 38.53
CA ALA YA 32 -56.58 -62.59 37.69
C ALA YA 32 -56.29 -64.04 37.31
N THR YA 33 -55.02 -64.38 37.11
CA THR YA 33 -54.63 -65.72 36.71
C THR YA 33 -54.42 -66.66 37.89
N GLY YA 34 -54.65 -66.20 39.13
CA GLY YA 34 -54.31 -67.00 40.28
C GLY YA 34 -55.10 -68.29 40.39
N GLU YA 35 -56.42 -68.22 40.20
CA GLU YA 35 -57.25 -69.41 40.33
C GLU YA 35 -56.93 -70.43 39.23
N LEU YA 36 -56.65 -69.95 38.02
CA LEU YA 36 -56.18 -70.82 36.96
C LEU YA 36 -54.91 -71.57 37.36
N ARG YA 37 -53.94 -70.84 37.92
CA ARG YA 37 -52.69 -71.46 38.33
C ARG YA 37 -52.91 -72.47 39.44
N VAL YA 38 -53.77 -72.15 40.41
CA VAL YA 38 -54.00 -73.08 41.52
C VAL YA 38 -54.67 -74.35 41.01
N ARG YA 39 -55.66 -74.20 40.13
CA ARG YA 39 -56.32 -75.37 39.56
C ARG YA 39 -55.35 -76.22 38.76
N ALA YA 40 -54.50 -75.59 37.96
CA ALA YA 40 -53.52 -76.33 37.18
C ALA YA 40 -52.52 -77.06 38.07
N ALA YA 41 -52.07 -76.41 39.14
CA ALA YA 41 -51.13 -77.06 40.04
C ALA YA 41 -51.77 -78.24 40.74
N GLY YA 42 -53.02 -78.09 41.17
CA GLY YA 42 -53.72 -79.23 41.75
C GLY YA 42 -53.87 -80.39 40.79
N THR YA 43 -54.22 -80.09 39.53
CA THR YA 43 -54.34 -81.14 38.52
C THR YA 43 -53.01 -81.83 38.28
N ILE YA 44 -51.92 -81.08 38.15
CA ILE YA 44 -50.62 -81.69 37.90
C ILE YA 44 -50.19 -82.54 39.07
N SER YA 45 -50.35 -82.04 40.29
CA SER YA 45 -49.97 -82.81 41.48
C SER YA 45 -50.81 -84.07 41.59
N ALA YA 46 -52.08 -84.02 41.17
CA ALA YA 46 -52.92 -85.20 41.21
C ALA YA 46 -52.41 -86.28 40.26
N ASN YA 47 -51.96 -85.88 39.07
CA ASN YA 47 -51.58 -86.83 38.03
C ASN YA 47 -50.09 -86.85 37.74
N ALA YA 48 -49.24 -86.63 38.75
CA ALA YA 48 -47.81 -86.55 38.50
C ALA YA 48 -47.24 -87.89 38.06
N ALA YA 49 -47.60 -88.97 38.76
CA ALA YA 49 -47.10 -90.29 38.39
C ALA YA 49 -47.59 -90.69 37.00
N THR YA 50 -48.85 -90.40 36.68
CA THR YA 50 -49.39 -90.68 35.36
C THR YA 50 -48.64 -89.91 34.29
N ILE YA 51 -48.43 -88.61 34.50
CA ILE YA 51 -47.73 -87.78 33.53
C ILE YA 51 -46.32 -88.31 33.29
N ILE YA 52 -45.63 -88.68 34.37
CA ILE YA 52 -44.28 -89.20 34.24
C ILE YA 52 -44.30 -90.53 33.49
N LYS YA 53 -45.34 -91.34 33.72
CA LYS YA 53 -45.46 -92.61 32.99
C LYS YA 53 -45.56 -92.38 31.49
N GLU YA 54 -46.50 -91.53 31.06
CA GLU YA 54 -46.59 -91.29 29.61
C GLU YA 54 -45.32 -90.64 29.06
N ALA YA 55 -44.74 -89.68 29.78
CA ALA YA 55 -43.55 -89.02 29.27
C ALA YA 55 -42.39 -90.00 29.12
N SER YA 56 -42.17 -90.86 30.11
CA SER YA 56 -41.09 -91.83 30.03
C SER YA 56 -41.36 -92.86 28.94
N ALA YA 57 -42.62 -93.29 28.80
CA ALA YA 57 -42.94 -94.24 27.74
C ALA YA 57 -42.67 -93.66 26.38
N LYS YA 58 -43.06 -92.40 26.15
CA LYS YA 58 -42.80 -91.76 24.87
C LYS YA 58 -41.31 -91.61 24.63
N LEU YA 59 -40.57 -91.17 25.65
CA LEU YA 59 -39.13 -90.96 25.46
C LEU YA 59 -38.41 -92.26 25.15
N PHE YA 60 -38.77 -93.34 25.83
CA PHE YA 60 -38.07 -94.60 25.62
C PHE YA 60 -38.59 -95.32 24.37
N SER YA 61 -39.78 -94.95 23.90
CA SER YA 61 -40.25 -95.47 22.62
C SER YA 61 -39.54 -94.80 21.46
N ASN YA 62 -39.37 -93.47 21.53
CA ASN YA 62 -38.69 -92.77 20.45
C ASN YA 62 -37.20 -93.07 20.45
N GLN YA 63 -36.62 -93.32 21.62
CA GLN YA 63 -35.20 -93.61 21.76
C GLN YA 63 -35.03 -94.88 22.56
N PRO YA 64 -35.23 -96.04 21.93
CA PRO YA 64 -34.99 -97.32 22.64
C PRO YA 64 -33.53 -97.52 22.95
N ASP YA 65 -32.65 -96.67 22.42
CA ASP YA 65 -31.23 -96.82 22.64
C ASP YA 65 -30.82 -96.36 24.04
N LEU YA 66 -31.72 -95.67 24.74
CA LEU YA 66 -31.42 -95.25 26.11
C LEU YA 66 -31.52 -96.42 27.08
N VAL YA 67 -32.44 -97.35 26.81
CA VAL YA 67 -32.71 -98.46 27.72
C VAL YA 67 -32.14 -99.78 27.24
N ARG YA 68 -31.46 -99.79 26.09
CA ARG YA 68 -30.69 -100.94 25.65
C ARG YA 68 -29.42 -101.06 26.49
N PRO YA 69 -28.82 -102.25 26.54
CA PRO YA 69 -27.57 -102.42 27.27
C PRO YA 69 -26.50 -101.44 26.79
N GLY YA 70 -26.00 -100.64 27.73
CA GLY YA 70 -25.01 -99.63 27.44
C GLY YA 70 -25.56 -98.23 27.23
N GLY YA 71 -26.87 -98.04 27.36
CA GLY YA 71 -27.42 -96.71 27.36
C GLY YA 71 -27.37 -96.06 28.73
N ASN YA 72 -27.69 -94.77 28.78
CA ASN YA 72 -27.63 -94.07 30.05
C ASN YA 72 -28.85 -94.36 30.91
N ALA YA 73 -29.91 -94.88 30.32
CA ALA YA 73 -31.07 -95.32 31.09
C ALA YA 73 -31.08 -96.83 31.28
N TYR YA 74 -29.97 -97.50 31.00
CA TYR YA 74 -29.90 -98.94 31.17
C TYR YA 74 -29.26 -99.31 32.50
N THR YA 75 -30.13 -99.48 33.49
CA THR YA 75 -30.08 -100.38 34.64
C THR YA 75 -31.35 -100.03 35.40
N THR YA 76 -31.72 -100.83 36.40
CA THR YA 76 -32.84 -100.40 37.24
C THR YA 76 -32.49 -99.13 37.99
N ARG YA 77 -31.23 -99.02 38.42
CA ARG YA 77 -30.78 -97.81 39.10
C ARG YA 77 -30.86 -96.60 38.18
N ARG YA 78 -30.39 -96.73 36.94
CA ARG YA 78 -30.35 -95.57 36.06
C ARG YA 78 -31.73 -95.26 35.46
N TYR YA 79 -32.55 -96.29 35.23
CA TYR YA 79 -33.94 -96.02 34.86
C TYR YA 79 -34.66 -95.26 35.97
N ALA YA 80 -34.44 -95.69 37.22
CA ALA YA 80 -35.05 -94.99 38.35
C ALA YA 80 -34.55 -93.56 38.46
N ALA YA 81 -33.25 -93.35 38.25
CA ALA YA 81 -32.69 -92.00 38.31
C ALA YA 81 -33.26 -91.13 37.18
N CYS YA 82 -33.49 -91.70 36.01
CA CYS YA 82 -34.10 -90.96 34.91
C CYS YA 82 -35.52 -90.50 35.26
N VAL YA 83 -36.37 -91.42 35.72
CA VAL YA 83 -37.73 -91.03 36.05
C VAL YA 83 -37.74 -90.09 37.25
N ARG YA 84 -36.75 -90.20 38.13
CA ARG YA 84 -36.57 -89.26 39.23
C ARG YA 84 -36.26 -87.86 38.72
N ASP YA 85 -35.39 -87.75 37.72
CA ASP YA 85 -35.10 -86.44 37.13
C ASP YA 85 -36.33 -85.84 36.47
N MET YA 86 -37.13 -86.70 35.82
CA MET YA 86 -38.36 -86.22 35.22
C MET YA 86 -39.33 -85.73 36.28
N ASP YA 87 -39.39 -86.40 37.43
CA ASP YA 87 -40.15 -85.90 38.56
C ASP YA 87 -39.66 -84.53 38.99
N TYR YA 88 -38.34 -84.36 39.08
CA TYR YA 88 -37.75 -83.06 39.40
C TYR YA 88 -38.28 -81.98 38.47
N PHE YA 89 -38.19 -82.23 37.16
CA PHE YA 89 -38.57 -81.23 36.18
C PHE YA 89 -40.04 -80.89 36.28
N LEU YA 90 -40.90 -81.91 36.41
CA LEU YA 90 -42.33 -81.65 36.54
C LEU YA 90 -42.65 -80.82 37.79
N ARG YA 91 -42.07 -81.21 38.93
CA ARG YA 91 -42.38 -80.50 40.18
C ARG YA 91 -41.90 -79.05 40.13
N TYR YA 92 -40.69 -78.82 39.64
CA TYR YA 92 -40.19 -77.45 39.62
C TYR YA 92 -40.90 -76.60 38.57
N ALA YA 93 -41.33 -77.22 37.46
CA ALA YA 93 -42.17 -76.49 36.52
C ALA YA 93 -43.49 -76.09 37.14
N THR YA 94 -44.08 -76.96 37.96
CA THR YA 94 -45.29 -76.60 38.68
C THR YA 94 -45.03 -75.45 39.65
N TYR YA 95 -43.90 -75.49 40.36
CA TYR YA 95 -43.53 -74.38 41.23
C TYR YA 95 -43.47 -73.07 40.46
N ALA YA 96 -42.74 -73.06 39.33
CA ALA YA 96 -42.57 -71.84 38.57
C ALA YA 96 -43.90 -71.35 38.01
N MET YA 97 -44.77 -72.28 37.61
CA MET YA 97 -46.07 -71.88 37.11
C MET YA 97 -46.91 -71.24 38.22
N LEU YA 98 -46.85 -71.76 39.43
CA LEU YA 98 -47.53 -71.12 40.55
C LEU YA 98 -46.94 -69.75 40.85
N ALA YA 99 -45.61 -69.62 40.75
CA ALA YA 99 -44.97 -68.34 41.03
C ALA YA 99 -45.23 -67.34 39.92
N GLY YA 100 -45.53 -67.82 38.72
CA GLY YA 100 -45.64 -66.92 37.59
C GLY YA 100 -44.32 -66.40 37.09
N ASP YA 101 -43.21 -66.99 37.52
CA ASP YA 101 -41.87 -66.52 37.19
C ASP YA 101 -40.93 -67.71 37.13
N THR YA 102 -39.84 -67.54 36.38
CA THR YA 102 -38.91 -68.63 36.12
C THR YA 102 -37.65 -68.56 36.99
N SER YA 103 -37.64 -67.74 38.03
CA SER YA 103 -36.44 -67.60 38.86
C SER YA 103 -36.10 -68.89 39.59
N ILE YA 104 -37.12 -69.60 40.10
CA ILE YA 104 -36.86 -70.82 40.84
C ILE YA 104 -36.21 -71.86 39.93
N LEU YA 105 -36.61 -71.88 38.67
CA LEU YA 105 -35.97 -72.79 37.71
C LEU YA 105 -34.48 -72.52 37.64
N ASP YA 106 -34.10 -71.26 37.38
CA ASP YA 106 -32.70 -70.91 37.25
C ASP YA 106 -31.91 -71.25 38.52
N GLU YA 107 -32.48 -70.94 39.69
CA GLU YA 107 -31.67 -71.09 40.89
C GLU YA 107 -31.57 -72.55 41.33
N ARG YA 108 -32.63 -73.35 41.12
CA ARG YA 108 -32.65 -74.66 41.76
C ARG YA 108 -32.47 -75.83 40.80
N VAL YA 109 -32.71 -75.65 39.50
CA VAL YA 109 -32.61 -76.75 38.55
C VAL YA 109 -31.46 -76.53 37.56
N LEU YA 110 -31.49 -75.41 36.84
CA LEU YA 110 -30.58 -75.19 35.73
C LEU YA 110 -29.16 -74.84 36.17
N ASN YA 111 -28.98 -74.39 37.41
CA ASN YA 111 -27.68 -73.91 37.86
C ASN YA 111 -26.70 -75.08 37.91
N GLY YA 112 -25.74 -75.10 36.99
CA GLY YA 112 -24.76 -76.15 36.94
C GLY YA 112 -25.26 -77.46 36.40
N LEU YA 113 -26.50 -77.52 35.90
CA LEU YA 113 -27.06 -78.80 35.48
C LEU YA 113 -26.39 -79.32 34.21
N LYS YA 114 -26.05 -78.44 33.27
CA LYS YA 114 -25.45 -78.88 32.03
C LYS YA 114 -24.12 -79.57 32.26
N GLU YA 115 -23.26 -78.96 33.09
CA GLU YA 115 -21.97 -79.57 33.40
C GLU YA 115 -22.15 -80.81 34.27
N THR YA 116 -23.14 -80.81 35.16
CA THR YA 116 -23.41 -82.00 35.94
C THR YA 116 -23.77 -83.17 35.05
N TYR YA 117 -24.69 -82.96 34.10
CA TYR YA 117 -25.04 -84.00 33.15
C TYR YA 117 -23.86 -84.42 32.29
N ASN YA 118 -23.06 -83.45 31.84
CA ASN YA 118 -21.89 -83.78 31.02
C ASN YA 118 -20.91 -84.66 31.79
N SER YA 119 -20.75 -84.39 33.09
CA SER YA 119 -19.86 -85.22 33.90
C SER YA 119 -20.49 -86.58 34.19
N LEU YA 120 -21.82 -86.64 34.28
CA LEU YA 120 -22.47 -87.90 34.57
C LEU YA 120 -22.56 -88.78 33.34
N GLY YA 121 -22.41 -88.18 32.15
CA GLY YA 121 -22.68 -88.87 30.91
C GLY YA 121 -24.13 -88.88 30.51
N VAL YA 122 -24.96 -88.08 31.14
CA VAL YA 122 -26.40 -88.03 30.84
C VAL YA 122 -26.60 -87.27 29.53
N PRO YA 123 -27.31 -87.84 28.55
CA PRO YA 123 -27.52 -87.14 27.28
C PRO YA 123 -28.51 -86.00 27.45
N ILE YA 124 -28.11 -84.81 27.00
CA ILE YA 124 -28.91 -83.61 27.23
C ILE YA 124 -30.01 -83.49 26.18
N SER YA 125 -29.71 -83.92 24.95
CA SER YA 125 -30.74 -83.91 23.91
C SER YA 125 -31.90 -84.85 24.30
N SER YA 126 -31.58 -86.03 24.83
CA SER YA 126 -32.62 -86.94 25.26
C SER YA 126 -33.39 -86.39 26.46
N THR YA 127 -32.71 -85.66 27.34
CA THR YA 127 -33.40 -85.04 28.47
C THR YA 127 -34.36 -83.96 27.99
N VAL YA 128 -33.96 -83.20 26.97
CA VAL YA 128 -34.86 -82.21 26.38
C VAL YA 128 -36.04 -82.90 25.71
N GLN YA 129 -35.81 -84.05 25.07
CA GLN YA 129 -36.94 -84.79 24.49
C GLN YA 129 -37.90 -85.26 25.58
N GLY YA 130 -37.37 -85.76 26.69
CA GLY YA 130 -38.24 -86.15 27.79
C GLY YA 130 -39.02 -84.99 28.37
N ILE YA 131 -38.38 -83.83 28.51
CA ILE YA 131 -39.08 -82.66 29.01
C ILE YA 131 -40.18 -82.22 28.04
N GLN YA 132 -39.88 -82.23 26.74
CA GLN YA 132 -40.91 -81.87 25.77
C GLN YA 132 -42.08 -82.84 25.81
N ALA YA 133 -41.79 -84.15 25.83
CA ALA YA 133 -42.85 -85.15 25.93
C ALA YA 133 -43.71 -84.92 27.16
N MET YA 134 -43.07 -84.62 28.29
CA MET YA 134 -43.82 -84.29 29.50
C MET YA 134 -44.66 -83.05 29.29
N LYS YA 135 -44.18 -82.10 28.49
CA LYS YA 135 -44.98 -80.91 28.18
C LYS YA 135 -46.26 -81.28 27.44
N GLU YA 136 -46.16 -82.09 26.38
CA GLU YA 136 -47.40 -82.44 25.67
C GLU YA 136 -48.32 -83.27 26.55
N VAL YA 137 -47.76 -84.18 27.36
CA VAL YA 137 -48.62 -84.98 28.23
C VAL YA 137 -49.36 -84.10 29.23
N THR YA 138 -48.66 -83.13 29.82
CA THR YA 138 -49.27 -82.28 30.85
C THR YA 138 -50.29 -81.33 30.24
N GLY YA 139 -49.99 -80.79 29.06
CA GLY YA 139 -50.87 -79.79 28.47
C GLY YA 139 -52.27 -80.32 28.19
N SER YA 140 -52.36 -81.60 27.82
CA SER YA 140 -53.68 -82.19 27.59
C SER YA 140 -54.52 -82.21 28.86
N LEU YA 141 -53.90 -82.55 30.00
CA LEU YA 141 -54.64 -82.64 31.24
C LEU YA 141 -54.99 -81.28 31.81
N VAL YA 142 -54.09 -80.29 31.68
CA VAL YA 142 -54.32 -79.03 32.36
C VAL YA 142 -55.35 -78.18 31.61
N GLY YA 143 -55.41 -78.31 30.29
CA GLY YA 143 -56.31 -77.50 29.50
C GLY YA 143 -55.58 -76.37 28.79
N SER YA 144 -56.21 -75.88 27.72
CA SER YA 144 -55.53 -74.97 26.79
C SER YA 144 -54.99 -73.73 27.50
N GLY YA 145 -55.84 -73.06 28.29
CA GLY YA 145 -55.38 -71.87 28.99
C GLY YA 145 -54.24 -72.16 29.93
N ALA YA 146 -54.33 -73.29 30.64
CA ALA YA 146 -53.24 -73.67 31.53
C ALA YA 146 -52.06 -74.25 30.75
N ALA YA 147 -52.33 -74.92 29.64
CA ALA YA 147 -51.26 -75.51 28.84
C ALA YA 147 -50.36 -74.45 28.25
N LYS YA 148 -50.93 -73.34 27.79
CA LYS YA 148 -50.12 -72.27 27.21
C LYS YA 148 -49.16 -71.70 28.25
N GLU YA 149 -49.62 -71.56 29.50
CA GLU YA 149 -48.75 -71.03 30.55
C GLU YA 149 -47.71 -72.05 30.99
N MET YA 150 -48.11 -73.32 31.09
CA MET YA 150 -47.20 -74.35 31.59
C MET YA 150 -46.11 -74.65 30.57
N GLY YA 151 -46.45 -74.55 29.29
CA GLY YA 151 -45.45 -74.74 28.25
C GLY YA 151 -44.35 -73.69 28.29
N VAL YA 152 -44.66 -72.52 28.84
CA VAL YA 152 -43.64 -71.49 29.00
C VAL YA 152 -42.50 -72.00 29.88
N TYR YA 153 -42.85 -72.60 31.02
CA TYR YA 153 -41.83 -73.07 31.95
C TYR YA 153 -41.17 -74.36 31.45
N PHE YA 154 -41.93 -75.22 30.78
CA PHE YA 154 -41.29 -76.39 30.17
C PHE YA 154 -40.29 -75.97 29.10
N ASP YA 155 -40.64 -74.98 28.27
CA ASP YA 155 -39.71 -74.50 27.26
C ASP YA 155 -38.54 -73.77 27.88
N TYR YA 156 -38.76 -73.12 29.03
CA TYR YA 156 -37.63 -72.52 29.75
C TYR YA 156 -36.64 -73.58 30.18
N LEU YA 157 -37.14 -74.69 30.73
CA LEU YA 157 -36.23 -75.78 31.10
C LEU YA 157 -35.51 -76.33 29.87
N SER YA 158 -36.24 -76.52 28.77
CA SER YA 158 -35.62 -77.06 27.56
C SER YA 158 -34.55 -76.13 27.01
N SER YA 159 -34.80 -74.81 27.03
CA SER YA 159 -33.82 -73.87 26.52
C SER YA 159 -32.61 -73.75 27.45
N GLY YA 160 -32.85 -73.82 28.75
CA GLY YA 160 -31.73 -73.81 29.69
C GLY YA 160 -30.84 -75.02 29.53
N LEU YA 161 -31.44 -76.18 29.26
CA LEU YA 161 -30.65 -77.38 29.02
C LEU YA 161 -29.89 -77.29 27.70
N SER YA 162 -30.53 -76.79 26.65
CA SER YA 162 -29.90 -76.70 25.34
C SER YA 162 -28.72 -75.74 25.36
N THR ZA 2 -15.64 -101.18 76.38
CA THR ZA 2 -16.72 -102.09 76.78
C THR ZA 2 -17.94 -101.88 75.89
N ARG ZA 3 -18.93 -101.14 76.37
CA ARG ZA 3 -20.17 -100.95 75.61
C ARG ZA 3 -20.76 -99.60 76.01
N LEU ZA 4 -22.06 -99.43 75.77
CA LEU ZA 4 -22.72 -98.13 75.88
C LEU ZA 4 -22.65 -97.56 77.29
N PHE ZA 5 -22.71 -96.23 77.37
CA PHE ZA 5 -23.01 -95.50 78.59
C PHE ZA 5 -24.34 -94.76 78.42
N LYS ZA 6 -25.02 -94.52 79.54
CA LYS ZA 6 -26.17 -93.63 79.56
C LYS ZA 6 -25.78 -92.44 80.43
N VAL ZA 7 -25.54 -91.30 79.78
CA VAL ZA 7 -24.97 -90.13 80.42
C VAL ZA 7 -26.02 -89.02 80.47
N THR ZA 8 -26.16 -88.40 81.64
CA THR ZA 8 -26.99 -87.23 81.83
C THR ZA 8 -26.10 -86.08 82.25
N ALA ZA 9 -26.14 -84.98 81.50
CA ALA ZA 9 -25.29 -83.83 81.78
C ALA ZA 9 -26.08 -82.56 81.49
N LEU ZA 10 -25.73 -81.50 82.21
CA LEU ZA 10 -26.31 -80.18 82.02
C LEU ZA 10 -25.20 -79.22 81.60
N ILE ZA 11 -25.37 -78.59 80.45
CA ILE ZA 11 -24.38 -77.65 79.93
C ILE ZA 11 -24.96 -76.25 79.94
N PRO ZA 12 -24.60 -75.40 80.90
CA PRO ZA 12 -25.08 -74.02 80.89
C PRO ZA 12 -24.36 -73.19 79.84
N SER ZA 13 -24.87 -71.98 79.64
CA SER ZA 13 -24.32 -71.06 78.66
C SER ZA 13 -23.63 -69.90 79.37
N TYR ZA 14 -22.36 -69.68 79.05
CA TYR ZA 14 -21.57 -68.65 79.71
C TYR ZA 14 -21.02 -67.59 78.78
N LYS ZA 15 -21.02 -67.81 77.47
CA LYS ZA 15 -20.44 -66.86 76.53
C LYS ZA 15 -21.45 -65.93 75.89
N LYS ZA 16 -22.74 -66.27 75.94
CA LYS ZA 16 -23.76 -65.48 75.26
C LYS ZA 16 -25.13 -65.88 75.82
N VAL ZA 17 -26.15 -65.12 75.45
CA VAL ZA 17 -27.54 -65.43 75.75
C VAL ZA 17 -28.22 -65.76 74.44
N ARG ZA 18 -28.67 -67.00 74.29
CA ARG ZA 18 -29.10 -67.53 73.00
C ARG ZA 18 -30.60 -67.34 72.82
N GLY ZA 19 -31.00 -67.03 71.59
CA GLY ZA 19 -32.37 -66.62 71.32
C GLY ZA 19 -33.33 -67.77 71.04
N GLY ZA 20 -32.83 -68.85 70.45
CA GLY ZA 20 -33.65 -70.05 70.30
C GLY ZA 20 -33.98 -70.61 71.66
N ARG ZA 21 -34.62 -71.78 71.67
CA ARG ZA 21 -35.03 -72.32 72.95
C ARG ZA 21 -33.88 -73.04 73.65
N GLU ZA 22 -33.19 -73.97 72.96
CA GLU ZA 22 -32.06 -74.72 73.52
C GLU ZA 22 -32.29 -75.26 74.94
N LEU ZA 23 -33.52 -75.63 75.29
CA LEU ZA 23 -33.71 -76.41 76.50
C LEU ZA 23 -33.10 -77.80 76.36
N GLN ZA 24 -33.23 -78.40 75.17
CA GLN ZA 24 -32.67 -79.72 74.91
C GLN ZA 24 -31.15 -79.70 74.78
N ASN ZA 25 -30.56 -78.58 74.37
CA ASN ZA 25 -29.11 -78.45 74.32
C ASN ZA 25 -28.49 -78.16 75.68
N THR ZA 26 -29.30 -77.81 76.68
CA THR ZA 26 -28.81 -77.56 78.02
C THR ZA 26 -28.89 -78.79 78.91
N TYR ZA 27 -30.07 -79.40 79.01
CA TYR ZA 27 -30.25 -80.66 79.73
C TYR ZA 27 -30.49 -81.75 78.71
N PHE ZA 28 -29.75 -82.85 78.82
CA PHE ZA 28 -29.90 -83.93 77.84
C PHE ZA 28 -29.37 -85.23 78.43
N THR ZA 29 -30.07 -86.31 78.12
CA THR ZA 29 -29.62 -87.67 78.41
C THR ZA 29 -29.47 -88.40 77.08
N LYS ZA 30 -28.29 -88.97 76.85
CA LYS ZA 30 -28.08 -89.70 75.60
C LYS ZA 30 -27.26 -90.95 75.89
N LEU ZA 31 -27.19 -91.82 74.89
CA LEU ZA 31 -26.36 -93.00 74.95
C LEU ZA 31 -25.04 -92.72 74.27
N VAL ZA 32 -23.94 -92.89 75.00
CA VAL ZA 32 -22.59 -92.70 74.47
C VAL ZA 32 -21.85 -94.02 74.60
N GLU ZA 33 -21.50 -94.62 73.48
CA GLU ZA 33 -20.78 -95.87 73.51
C GLU ZA 33 -19.28 -95.64 73.75
N TYR ZA 34 -18.62 -96.71 74.15
CA TYR ZA 34 -17.41 -96.62 74.97
C TYR ZA 34 -16.30 -95.81 74.32
N ASP ZA 35 -15.97 -96.12 73.06
CA ASP ZA 35 -14.75 -95.51 72.51
C ASP ZA 35 -14.89 -94.01 72.25
N ARG ZA 36 -16.08 -93.44 72.47
CA ARG ZA 36 -16.27 -92.00 72.36
C ARG ZA 36 -16.51 -91.32 73.70
N TRP ZA 37 -16.68 -92.08 74.79
CA TRP ZA 37 -17.09 -91.48 76.05
C TRP ZA 37 -15.99 -90.60 76.65
N PHE ZA 38 -14.73 -90.99 76.55
CA PHE ZA 38 -13.67 -90.15 77.10
C PHE ZA 38 -13.68 -88.78 76.42
N ALA ZA 39 -13.75 -88.77 75.09
CA ALA ZA 39 -13.80 -87.52 74.36
C ALA ZA 39 -15.05 -86.71 74.70
N GLU ZA 40 -16.21 -87.37 74.77
CA GLU ZA 40 -17.44 -86.64 75.06
C GLU ZA 40 -17.44 -86.06 76.46
N GLN ZA 41 -17.00 -86.84 77.45
CA GLN ZA 41 -16.88 -86.34 78.81
C GLN ZA 41 -15.93 -85.16 78.88
N GLN ZA 42 -14.81 -85.24 78.17
CA GLN ZA 42 -13.84 -84.16 78.21
C GLN ZA 42 -14.39 -82.90 77.54
N ARG ZA 43 -15.14 -83.06 76.45
CA ARG ZA 43 -15.78 -81.90 75.81
C ARG ZA 43 -16.84 -81.28 76.72
N ILE ZA 44 -17.65 -82.11 77.39
CA ILE ZA 44 -18.65 -81.57 78.30
C ILE ZA 44 -17.98 -80.80 79.42
N GLN ZA 45 -16.90 -81.36 79.97
CA GLN ZA 45 -16.17 -80.66 81.03
C GLN ZA 45 -15.60 -79.34 80.52
N LYS ZA 46 -15.03 -79.32 79.32
CA LYS ZA 46 -14.43 -78.10 78.80
C LYS ZA 46 -15.47 -77.07 78.37
N GLN ZA 47 -16.71 -77.48 78.16
CA GLN ZA 47 -17.79 -76.53 77.86
C GLN ZA 47 -18.33 -75.87 79.12
N GLY ZA 48 -17.86 -76.27 80.29
CA GLY ZA 48 -18.39 -75.76 81.54
C GLY ZA 48 -19.57 -76.53 82.08
N GLY ZA 49 -20.07 -77.52 81.36
CA GLY ZA 49 -21.18 -78.29 81.85
C GLY ZA 49 -20.79 -79.26 82.94
N LYS ZA 50 -21.79 -79.70 83.70
CA LYS ZA 50 -21.60 -80.67 84.75
C LYS ZA 50 -22.30 -81.97 84.36
N ILE ZA 51 -21.67 -83.09 84.71
CA ILE ZA 51 -22.19 -84.41 84.38
C ILE ZA 51 -22.99 -84.90 85.58
N LEU ZA 52 -24.28 -85.19 85.36
CA LEU ZA 52 -25.17 -85.48 86.48
C LEU ZA 52 -25.14 -86.96 86.86
N SER ZA 53 -25.12 -87.85 85.87
CA SER ZA 53 -25.07 -89.27 86.16
C SER ZA 53 -24.38 -90.00 85.02
N VAL ZA 54 -23.72 -91.11 85.37
CA VAL ZA 54 -23.11 -92.01 84.40
C VAL ZA 54 -23.54 -93.43 84.74
N LYS ZA 55 -24.08 -94.14 83.76
CA LYS ZA 55 -24.56 -95.50 83.94
C LYS ZA 55 -24.07 -96.37 82.79
N MET ZA 56 -23.84 -97.64 83.10
CA MET ZA 56 -23.41 -98.63 82.11
C MET ZA 56 -24.63 -99.45 81.71
N VAL ZA 57 -25.19 -99.14 80.55
CA VAL ZA 57 -26.39 -99.84 80.08
C VAL ZA 57 -26.04 -101.25 79.65
N ALA ZA 58 -25.07 -101.39 78.75
CA ALA ZA 58 -24.66 -102.67 78.22
C ALA ZA 58 -23.19 -102.91 78.54
N GLY ZA 59 -22.82 -104.18 78.65
CA GLY ZA 59 -21.46 -104.56 78.94
C GLY ZA 59 -21.28 -105.27 80.26
#